data_7KZP
#
_entry.id   7KZP
#
_cell.length_a   1.00
_cell.length_b   1.00
_cell.length_c   1.00
_cell.angle_alpha   90.00
_cell.angle_beta   90.00
_cell.angle_gamma   90.00
#
_symmetry.space_group_name_H-M   'P 1'
#
loop_
_entity.id
_entity.type
_entity.pdbx_description
1 polymer 'Fanconi anemia group A protein'
2 polymer 'Fanconi anemia group B protein'
3 polymer 'Fanconi anemia group C protein'
4 polymer 'Fanconi anemia group E protein'
5 polymer 'Fanconi anemia group F protein'
6 polymer 'Fanconi anemia group G protein'
7 polymer 'E3 ubiquitin-protein ligase FANCL'
8 polymer 'Fanconi anemia core complex-associated protein 100'
9 polymer 'Fanconi anemia core complex-associated protein 20'
10 non-polymer 'ZINC ION'
#
loop_
_entity_poly.entity_id
_entity_poly.type
_entity_poly.pdbx_seq_one_letter_code
_entity_poly.pdbx_strand_id
1 'polypeptide(L)'
;MSDSWVPNSASGQDPGGRRRAWAELLAGRVKREKYNPERAQKLKESAVRLLRSHQDLNALLLEVEGPLCKKLSLSKVIDC
DSSEAYANHSSSFIGSALQDQASRLGVPVGILSAGMVASSVGQICTAPAETSHPVLLTVEQRKKLSSLLEFAQYLLAHSM
FSRLSFCQELWKIQSSLLLEAVWHLHVQGIVSLQELLESHPDMHAVGSWLFRNLCCLCEQMEASCQHADVARAMLSDFVQ
MFVLRGFQKNSDLRRTVEPEKMPQVTVDVLQRMLIFALDALAAGVQEESSTHKIVRCWFGVFSGHTLGSVISTDPLKRFF
SHTLTQILTHSPVLKASDAVQMQREWSFARTHPLLTSLYRRLFVMLSAEELVGHLQEVLETQEVHWQRVLSFVSALVVCF
PEAQQLLEDWVARLMAQAFESCQLDSMVTAFLVVRQAALEGPSAFLSYADWFKASFGSTRGYHGCSKKALVFLFTFLSEL
VPFESPRYLQVHILHPPLVPGKYRSLLTDYISLAKTRLADLKVSIENMGLYEDLSSAGDITEPHSQALQDVEKAIMVFEH
TGNIPVTVMEASIFRRPYYVSHFLPALLTPRVLPKVPDSRVAFIESLKRADKIPPSLYSTYCQACSAAEEKPEDAALGVR
AEPNSAEEPLGQLTAALGELRASMTDPSQRDVISAQVAVISERLRAVLGHNEDDSSVEISKIQLSINTPRLEPREHMAVD
LLLTSFCQNLMAASSVAPPERQGPWAALFVRTMCGRVLPAVLTRLCQLLRHQGPSLSAPHVLGLAALAVHLGESRSALPE
VDVGPPAPGAGLPVPALFDSLLTCRTRDSLFFCLKFCTAAISYSLCKFSSQSRDTLCSCLSPGLIKKFQFLMFRLFSEAR
QPLSEEDVASLSWRPLHLPSADWQRAALSLWTHRTFREVLKEEDVHLTYQDWLHLELEIQPEADALSDTERQDFHQWAIH
EHFLPESSASGGCDGDLQAACTILVNALMDFHQSSRSYDHSENSDLVFGGRTGNEDIISRLQEMVADLELQQDLIVPLGH
TPSQEHFLFEIFRRRLQALTSGWSVAASLQRQRELLMYKRILLRLPSSVLCGSSFQAEQPITARCEQFFHLVNSEMRNFC
SHGGALTQDITAHFFRGLLNACLRSRDPSLMVDFILAKCQTKCPLILTSALVWWPSLEPVLLCRWRRHCQSPLPRELQKL
QEGRQFASDFLSPEAASPAPNPDWLSAAALHFAIQQVREENIRKQLKKLDCEREELLVFLFFFSLMGLLSSHLTSNSTTD
LPKAFHVCAAILECLEKRKISWLALFQLTESDLRLGRLLLRVAPDQHTRLLPFAFYSLLSYFHEDAAIREEAFLHVAVDM
YLKLVQLFVAGDTSTVSPPAGRSLELKGQGNPVELITKARLFLLQLIPRCPKKSFSHVAELLADRGDCDPEVSAALQSRQ
QAAPDADLSQEPHLFAAAKLVDEDLYFQSDYKDDDDK
;
A,S
2 'polypeptide(L)'
;MDYKDDDDKENLYFQGGGRKLGTGSMTSKQAMSSNEQERLLCYNGEVLVFQLSKGNFADKEPTKTPILHVRRMVFDRGTK
VFVQKSTGFFTIKEENSHLKIMCCNCVSDFRTGINLPYIVIEKNKKNNVFEYFLLILHSTNKFEMRLSFKLGYEMKDGLR
VLNGPLILWRHVKAFFFISSQTGKVVSVSGNFSSIQWAGEIENLGMVLLGLKECCLSEEECTQEPSKSDYAIWNTKFCVY
SLESQEVLSDIYIIPPAYSSVVTYVHICATEIIKNQLRISLIALTRKNQLISFQNGTPKNVCQLPFGDPCAVQLMDSGGG
NLFFVVSFISNNACAVWKESFQVAAKWEKLSLVLIDDFIGSGTEQVLLLFKDSLNSDCLTSFKITDLGKINYSSEPSDCN
EDDLFEDKQENRYLVVPPLETGLKVCFSSFRELRQHLLLKEKIISKSYKALINLVQGKDDNTSSAEEKECLVPLCGEEEN
SVHILDEKLSDNFQDSEQLVEKIWYRVIDDSLVVGVKTTSSLKLSLNDVTLSLLMDQAHDSRFRLLKCQNRVIKLSTNPF
PAPYLMPCEIGLEAKRVTLTPDSKKEESFVCEHPSKKECVQIITAVTSLSPLLTFSKFCCTVLLQIMERESGNCPKDRYV
VCGRVFLSLEDLSTGKYLLTFPKKKPIEHMEDLFALLAAFHKSCFQITSPGYALNSMKVWLLEHMKCEIIKEFPEVYFCE
RPGSFYGTLFTWKQRTPFEGILIIYSRNQTVMFQCLHNLIRILPINCFLKNLKSGSENFLIDNMAFTLEKELVTLSSLSS
AIAKHESNFMQRCEVSKGKSSVVAAALSDRRENIHPYRKELQREKKKMLQTNLKVSGALYREITLKVAEVQLKSDFAAQK
LSNL
;
B,O
3 'polypeptide(L)'
;MDYKDDDDKENLYFQGGGRKLGTGSMAQDSVDLSCDYQFWMQKLSVWDQASTLETQQDTCLHVAQFQEFLRKMYEALKEM
DSNTVIERFPTIGQLLAKACWNPFILAYDESQKILIWCLCCLINKEPQNSGQSKLNSWIQGVLSHILSALRFDKEVALFT
QGLGYAPIDYYPGLLKNMVLSLASELRENHLNGFNTQRRMAPERVASLSRVCVPLITLTDVDPLVEALLICHGREPQEIL
QPEFFEAVNEAILLKKISLPMSAVVCLWLRHLPSLEKAMLHLFEKLISSERNCLRRIECFIKDSSLPQAACHPAIFRVVD
EMFRCALLETDGALEIIATIQVFTQCFVEALEKASKQLRFALKTYFPYTSPSLAMVLLQDPQDIPRGHWLQTLKHISELL
REAVEDQTHGSCGGPFESWFLFIHFGGWAEMVAEQLLMSAAEPPTALLWLLAFYYGPRDGRQQRAQTMVQVKAVLGHLLA
MSRSSSLSAQDLQTVAGQGTDTDLRAPAQQLIRHLLLNFLLWAPGGHTIAWDVITLMAHTAEITHEIIGFLDQTLYRWNR
LGIESPRSEKLARELLKELRTQV
;
C
4 'polypeptide(L)'
;MDYKDDDDKENLYFQGGGRMATPDAGLPGAEGVEPAPWAQLEAPARLLLQALQAGPEGARRGLGVLRALGSRGWEPFDWG
RLLEALCREEPVVQGPDGRLELKPLLLRLPRICQRNLMSLLMAVRPSLPESGLLSVLQIAQQDLAPDPDAWLRALGELLR
RDLGVGTSMEGASPLSERCQRQLQSLCRGLGLGGRRLKSPQAPDPEEEENRDSQQPGKRRKDSEEEAASPEGKRVPKRLR
CWEEEEDHEKERPEHKSLESLADGGSASPIKDQPVMAVKTGEDGSNLDDAKGLAESLELPKAIQDQLPRLQQLLKTLEEG
LEGLEDAPPVELQLLHECSPSQMDLLCAQLQLPQLSDLGLLRLCTWLLALSPDLSLSNATVLTRSLFLGRILSLTSSASR
LLTTALTSFCAKYTYPVCSALLDPVLQAPGTGPAQTELLCCLVKMESLEPDAQVLMLGQILELPWKEETFLVLQSLLERQ
VEMTPEKFSVLMEKLCKKGLAATTSMAYAKLMLTVMTKYQANITETQRLGLAMALEPNTTFLRKSLKAALKHLGP
;
E
5 'polypeptide(L)'
;MDYKDDDDKENLYFQGGGRKLGTGSMESLLQHLDRFSELLAVSSTTYVSTWDPATVRRALQWARYLRHIHRRFGRHGPIR
TALERRLHNQWRQEGGFGRGPVPGLANFQALGHCDVLLSLRLLENRALGDAARYHLVQQLFPGPGVRDADEETLQESLAR
LARRRSAVHMLRFNGYRENPNLQEDSLMKTQAELLLERLQEVGKAEAERPARFLSSLWERLPQNNFLKVIAVALLQPPLS
RRPQEELEPGIHKSPGEGSQVLVHWLLGNSEVFAAFCRALPAGLLTLVTSRHPALSPVYLGLLTDWGQRLHYDLQKGIWV
GTESQDVPWEELHNRFQSLCQAPPPLKDKVLTALETCKAQDGDFEVPGLSIWTDLLLALRSGAFRKRQVLGLSAGLSSV
;
F
6 'polypeptide(L)'
;MDYKDDDDKENLYFQGGGRMSRQTTSVGSSCLDLWREKNDRLVRQAKVAQNSGLTLRRQQLAQDALEGLRGLLHSLQGLP
AAVPVLPLELTVTCNFIILRASLAQGFTEDQAQDIQRSLERVLETQEQQGPRLEQGLRELWDSVLRASCLLPELLSALHR
LVGLQAALWLSADRLGDLALLLETLNGSQSGASKDLLLLLKTWSPPAEELDAPLTLQDAQGLKDVLLTAFAYRQGLQELI
TGNPDKALSSLHEAASGLCPRPVLVQVYTALGSCHRKMGNPQRALLYLVAALKEGSAWGPPLLEASRLYQQLGDTTAELE
SLELLVEALNVPCSSKAPQFLIEVELLLPPPDLASPLHCGTQSQTKHILASRCLQTGRAGDAAEHYLDLLALLLDSSEPR
FSPPPSPPGPCMPEVFLEAAVALIQAGRAQDALTLCEELLSRTSSLLPKMSRLWEDARKGTKELPYCPLWVSATHLLQGQ
AWVQLGAQKVAISEFSRCLELLFRATPEEKEQGAAFNCEQGCKSDAALQQLRAAALISRGLEWVASGQDTKALQDFLLSV
QMCPGNRDTYFHLLQTLKRLDRRDEATALWWRLEAQTKGSHEDALWSLPLYLESYLSWIRPSDRDAFLEEFRTSLPKSCD
L
;
G,H
7 'polypeptide(L)'
;MDYKDDDDKENLYFQGGGRMAVTEASLLRQCPLLLPQNRSKTVYEGFISAQGRDFHLRIVLPEDLQLKNARLLCSWQLRT
ILSGYHRIVQQRMQHSPDLMSFMMELKMLLEVALKNRQELYALPPPPQFYSSLIEEIGTLGWDKLVYADTCFSTIKLKAE
DASGREHLITLKLKAKYPAESPDYFVDFPVPFCASWTPQSSLISIYSQFLAAIESLKAFWDVMDEIDEKTWVLEPEKPPR
SATARRIALGNNVSINIEVDPRHPTMLPECFFLGADHVVKPLGIKLSRNIHLWDPENSVLQNLKDVLEIDFPARAILEKS
DFTMDCGICYAYQLDGTIPDQVCDNSQCGQPFHQICLYEWLRGLLTSRQSFNIIFGECPYCSKPITLKMSGRKH
;
L,M
8 'polypeptide(L)'
;MDYKDHDGDYKDHDIDYKDDDDKGSMAGAAPRVRYLAGFCCPLGGLAAGKPRVLCHEAEVFLSTGSELVYVYDQEGGLLT
AAFRFPDQVWHLELLAPRRLLYALCARRGLYCLSLDHPGRSRSTSQDDRDSEDGDQPSPVIPVDPDACILPDAALCAFTL
LDSVLVTLVQGPARWKMQLFEQPCPGEDPRPGGQIGEVELSSYTPPAGVPGKPAAPHFLPVLCSVSPSGSRVPHDLLGGS
GGFTLEDALFGLLFGADATLLQSPVVLCGLPDGQLCCVILKALVTSRSAPGDPNALVKILHHLEEPVIFIGALKTEPQAA
EAAENFLPDEDVHCDCLVAFGHHGRMLAIKASWDESGKLVPELREYCLPGPVLCAACGGGGRVYHSTPSDLCVVDLSRGS
TPLGPEQPEEGPGGLPPMLCPASLNICSVVSLSASPRTHEGGTKLLALSAKGRLMTCSLDLDSEMPGPARMTTESAGQKI
KELLSGIGNISERVSFLKKAVDQRNKALTSLNEAMNVSCALLSSGTGPRPISCTTSTTWSRLQTQDVLMATCVLENSSSF
SLDQGWTLCIQVLTSSCALDLDSACSAITYTIPVDQLGPGARREVTLPLGPGENGGLDLPVTVSCTLFYSLREVVGGALA
PSDSEDPFLDECPSDVLPEQEGVCLPLSRHTVDMLQCLRFPGLAPPHTRAPSPLGPTRDPVATFLETCREPGSQPAGPAS
LRAEYLPPSVASIKVSAELLRAALKDGHSGVPLCCATLQWLLAENAAVDVVRARALSSIQGVAPDGANVHLIVREVAMTD
LCPAGPIQAVEIQVESSSLADICRAHHAVVGRMQTMVTEQATQGSSAPDLRVQYLRQIHANHETLLREVQTLRDRLCTED
EASSCATAQRLLQVYRQLRHPSLILL
;
P,Q
9 'polypeptide(L)'
;(UNK)(UNK)(UNK)(UNK)(UNK)(UNK)(UNK)(UNK)(UNK)EPTEVFTVGPKTFSWTPFPPDLW(UNK)(UNK)
(UNK)(UNK)(UNK)(UNK)(UNK)
;
W
#
# COMPACT_ATOMS: atom_id res chain seq x y z
N ARG A 19 -63.24 -29.55 24.57
CA ARG A 19 -63.50 -29.42 23.11
C ARG A 19 -63.35 -27.96 22.67
N ARG A 20 -63.93 -27.03 23.44
CA ARG A 20 -63.60 -25.60 23.27
C ARG A 20 -62.11 -25.39 23.51
N ALA A 21 -61.54 -26.12 24.47
CA ALA A 21 -60.09 -26.12 24.72
C ALA A 21 -59.35 -26.55 23.45
N TRP A 22 -59.80 -27.64 22.82
CA TRP A 22 -59.22 -28.10 21.54
C TRP A 22 -59.28 -26.97 20.52
N ALA A 23 -60.48 -26.49 20.23
CA ALA A 23 -60.73 -25.46 19.20
C ALA A 23 -59.84 -24.23 19.43
N GLU A 24 -59.60 -23.87 20.69
CA GLU A 24 -58.70 -22.74 21.02
C GLU A 24 -57.25 -23.15 20.74
N LEU A 25 -56.90 -24.39 21.05
CA LEU A 25 -55.53 -24.89 20.80
C LEU A 25 -55.23 -24.97 19.31
N LEU A 26 -56.26 -25.22 18.49
CA LEU A 26 -56.07 -25.57 17.07
C LEU A 26 -55.33 -24.44 16.34
N ALA A 27 -54.04 -24.69 16.04
CA ALA A 27 -53.17 -23.75 15.30
C ALA A 27 -53.30 -24.02 13.80
N GLY A 28 -53.55 -22.97 13.01
CA GLY A 28 -53.73 -23.06 11.55
C GLY A 28 -52.47 -23.51 10.83
N ARG A 29 -51.31 -22.97 11.22
CA ARG A 29 -50.07 -22.95 10.38
C ARG A 29 -49.20 -24.20 10.59
N VAL A 30 -49.70 -25.16 11.38
CA VAL A 30 -48.95 -26.39 11.77
C VAL A 30 -48.48 -27.16 10.53
N LYS A 31 -48.96 -26.80 9.33
CA LYS A 31 -48.57 -27.48 8.09
C LYS A 31 -47.73 -26.55 7.21
N ARG A 32 -46.56 -27.05 6.81
CA ARG A 32 -45.65 -26.39 5.85
C ARG A 32 -45.56 -27.25 4.59
N GLU A 33 -44.85 -26.74 3.58
CA GLU A 33 -44.67 -27.44 2.28
C GLU A 33 -43.19 -27.39 1.87
N LYS A 34 -42.79 -28.29 0.97
CA LYS A 34 -41.49 -28.29 0.27
C LYS A 34 -41.12 -26.87 -0.16
N TYR A 35 -39.96 -26.40 0.31
CA TYR A 35 -39.45 -25.03 0.06
C TYR A 35 -39.13 -24.86 -1.43
N ASN A 36 -39.47 -23.69 -1.95
CA ASN A 36 -39.01 -23.23 -3.28
C ASN A 36 -37.49 -23.12 -3.20
N PRO A 37 -36.76 -23.45 -4.27
CA PRO A 37 -35.33 -23.73 -4.14
C PRO A 37 -34.50 -22.48 -3.90
N GLU A 38 -35.05 -21.27 -4.08
CA GLU A 38 -34.35 -20.01 -3.74
C GLU A 38 -34.42 -19.73 -2.23
N ARG A 39 -35.45 -20.21 -1.54
CA ARG A 39 -35.54 -20.11 -0.07
C ARG A 39 -34.42 -20.93 0.58
N ALA A 40 -34.07 -22.06 -0.02
CA ALA A 40 -32.94 -22.87 0.46
C ALA A 40 -31.64 -22.08 0.42
N GLN A 41 -31.34 -21.43 -0.69
CA GLN A 41 -30.12 -20.62 -0.79
C GLN A 41 -30.18 -19.45 0.20
N LYS A 42 -31.36 -18.86 0.38
CA LYS A 42 -31.48 -17.74 1.33
C LYS A 42 -31.17 -18.23 2.75
N LEU A 43 -31.74 -19.35 3.12
CA LEU A 43 -31.44 -20.02 4.40
C LEU A 43 -29.94 -20.25 4.55
N LYS A 44 -29.29 -20.80 3.53
CA LYS A 44 -27.85 -21.11 3.63
C LYS A 44 -27.03 -19.83 3.73
N GLU A 45 -27.39 -18.79 2.99
CA GLU A 45 -26.71 -17.49 3.09
C GLU A 45 -26.83 -16.96 4.51
N SER A 46 -28.01 -17.07 5.10
CA SER A 46 -28.24 -16.58 6.48
C SER A 46 -27.44 -17.42 7.48
N ALA A 47 -27.35 -18.72 7.25
CA ALA A 47 -26.52 -19.61 8.07
C ALA A 47 -25.05 -19.18 8.08
N VAL A 48 -24.49 -18.94 6.90
CA VAL A 48 -23.07 -18.59 6.80
C VAL A 48 -22.83 -17.17 7.33
N ARG A 49 -23.74 -16.26 7.02
CA ARG A 49 -23.74 -14.91 7.60
C ARG A 49 -23.61 -14.99 9.11
N LEU A 50 -24.46 -15.82 9.72
CA LEU A 50 -24.45 -16.02 11.18
C LEU A 50 -23.11 -16.58 11.63
N LEU A 51 -22.67 -17.69 11.03
CA LEU A 51 -21.43 -18.32 11.52
C LEU A 51 -20.20 -17.46 11.27
N ARG A 52 -20.27 -16.44 10.42
CA ARG A 52 -19.12 -15.55 10.20
C ARG A 52 -19.20 -14.35 11.13
N SER A 53 -20.40 -13.85 11.42
CA SER A 53 -20.56 -12.64 12.25
C SER A 53 -19.90 -12.83 13.61
N HIS A 54 -19.84 -14.06 14.11
CA HIS A 54 -19.21 -14.37 15.40
C HIS A 54 -17.72 -14.63 15.29
N GLN A 55 -17.08 -14.24 14.18
CA GLN A 55 -15.66 -14.52 13.94
C GLN A 55 -14.80 -13.36 14.43
N ASP A 56 -13.59 -13.69 14.88
CA ASP A 56 -12.52 -12.73 15.19
C ASP A 56 -11.22 -13.29 14.61
N LEU A 57 -10.31 -12.39 14.27
CA LEU A 57 -9.04 -12.75 13.61
C LEU A 57 -7.89 -12.77 14.60
N ASN A 58 -7.89 -11.87 15.59
CA ASN A 58 -6.83 -11.87 16.61
C ASN A 58 -6.85 -13.21 17.36
N ALA A 59 -8.04 -13.65 17.76
CA ALA A 59 -8.24 -14.97 18.40
C ALA A 59 -7.72 -16.09 17.50
N LEU A 60 -7.92 -15.98 16.19
CA LEU A 60 -7.34 -16.94 15.24
C LEU A 60 -5.81 -16.90 15.28
N LEU A 61 -5.22 -15.71 15.42
CA LEU A 61 -3.75 -15.61 15.51
C LEU A 61 -3.25 -16.13 16.86
N LEU A 62 -4.09 -16.21 17.87
CA LEU A 62 -3.71 -16.88 19.14
C LEU A 62 -3.88 -18.40 19.02
N GLU A 63 -4.86 -18.89 18.27
CA GLU A 63 -5.19 -20.32 18.18
C GLU A 63 -4.32 -21.03 17.14
N VAL A 64 -4.40 -20.62 15.87
CA VAL A 64 -3.61 -21.24 14.79
C VAL A 64 -2.13 -20.95 15.01
N GLU A 65 -1.77 -19.68 14.98
CA GLU A 65 -0.41 -19.23 15.31
C GLU A 65 -0.28 -19.19 16.85
N GLY A 66 0.91 -19.46 17.37
CA GLY A 66 1.12 -19.60 18.81
C GLY A 66 1.28 -18.25 19.50
N PRO A 67 0.98 -18.13 20.81
CA PRO A 67 1.23 -16.85 21.50
C PRO A 67 2.73 -16.55 21.66
N VAL A 77 -3.95 -8.06 15.68
CA VAL A 77 -3.35 -8.12 14.32
C VAL A 77 -3.11 -6.70 13.83
N ILE A 78 -1.90 -6.46 13.30
CA ILE A 78 -1.49 -5.15 12.76
C ILE A 78 -0.71 -5.43 11.49
N ASP A 79 -0.60 -4.40 10.64
CA ASP A 79 0.29 -4.41 9.46
C ASP A 79 1.72 -4.80 9.84
N CYS A 80 2.20 -4.42 11.03
CA CYS A 80 3.54 -4.81 11.53
C CYS A 80 3.67 -6.34 11.56
N ASP A 81 2.61 -7.04 11.94
CA ASP A 81 2.64 -8.52 12.00
C ASP A 81 2.83 -9.08 10.60
N SER A 82 1.97 -8.70 9.66
CA SER A 82 2.02 -9.23 8.28
C SER A 82 3.32 -8.85 7.58
N SER A 83 3.72 -7.58 7.72
CA SER A 83 4.91 -7.03 7.05
C SER A 83 6.21 -7.44 7.78
N GLU A 84 6.11 -8.05 8.98
CA GLU A 84 7.26 -8.63 9.73
C GLU A 84 8.26 -7.54 10.12
N ALA A 85 7.84 -6.67 11.05
CA ALA A 85 8.73 -5.77 11.82
C ALA A 85 9.36 -4.71 10.93
N TYR A 86 8.54 -3.91 10.25
CA TYR A 86 8.94 -2.65 9.58
C TYR A 86 9.98 -2.90 8.48
N ALA A 87 9.88 -4.05 7.79
CA ALA A 87 10.78 -4.40 6.67
C ALA A 87 10.73 -3.29 5.61
N ASN A 88 9.54 -3.09 5.02
CA ASN A 88 9.31 -2.11 3.93
C ASN A 88 7.85 -1.61 4.03
N HIS A 89 7.40 -0.87 3.00
CA HIS A 89 6.07 -0.24 2.97
C HIS A 89 5.34 -0.42 1.63
N SER A 90 5.83 -1.26 0.72
CA SER A 90 5.26 -1.35 -0.64
C SER A 90 3.90 -2.06 -0.60
N SER A 91 2.96 -1.60 -1.42
CA SER A 91 1.59 -2.14 -1.51
C SER A 91 1.63 -3.63 -1.84
N SER A 92 2.34 -4.00 -2.90
CA SER A 92 2.41 -5.41 -3.34
C SER A 92 3.07 -6.29 -2.29
N PHE A 93 4.09 -5.77 -1.60
CA PHE A 93 4.73 -6.49 -0.48
C PHE A 93 3.68 -6.83 0.58
N ILE A 94 2.95 -5.82 1.04
CA ILE A 94 1.96 -6.05 2.12
C ILE A 94 0.84 -6.95 1.59
N GLY A 95 0.48 -6.83 0.32
CA GLY A 95 -0.58 -7.66 -0.27
C GLY A 95 -0.20 -9.13 -0.27
N SER A 96 1.02 -9.43 -0.72
CA SER A 96 1.55 -10.80 -0.68
C SER A 96 1.62 -11.30 0.77
N ALA A 97 1.95 -10.42 1.71
CA ALA A 97 1.96 -10.79 3.13
C ALA A 97 0.57 -11.24 3.57
N LEU A 98 -0.45 -10.46 3.20
CA LEU A 98 -1.85 -10.80 3.53
C LEU A 98 -2.19 -12.17 2.97
N GLN A 99 -1.89 -12.40 1.70
CA GLN A 99 -2.18 -13.69 1.05
C GLN A 99 -1.52 -14.82 1.82
N ASP A 100 -0.25 -14.65 2.22
CA ASP A 100 0.48 -15.73 2.90
C ASP A 100 -0.13 -16.00 4.28
N GLN A 101 -0.33 -14.96 5.06
CA GLN A 101 -0.97 -15.07 6.38
C GLN A 101 -2.33 -15.77 6.25
N ALA A 102 -3.11 -15.43 5.24
CA ALA A 102 -4.44 -16.05 5.06
C ALA A 102 -4.31 -17.50 4.62
N SER A 103 -3.26 -17.83 3.87
CA SER A 103 -2.98 -19.24 3.54
C SER A 103 -2.76 -20.02 4.83
N ARG A 104 -2.03 -19.43 5.78
CA ARG A 104 -1.76 -20.09 7.07
C ARG A 104 -3.06 -20.29 7.84
N LEU A 105 -3.86 -19.23 7.96
CA LEU A 105 -5.01 -19.24 8.87
C LEU A 105 -6.26 -19.91 8.29
N GLY A 106 -6.30 -20.16 6.98
CA GLY A 106 -7.50 -20.71 6.34
C GLY A 106 -8.67 -19.74 6.30
N VAL A 107 -8.42 -18.45 6.52
CA VAL A 107 -9.43 -17.39 6.32
C VAL A 107 -9.25 -16.90 4.89
N PRO A 108 -10.31 -16.47 4.18
CA PRO A 108 -10.10 -15.77 2.90
C PRO A 108 -9.49 -14.39 3.12
N VAL A 109 -8.83 -13.90 2.09
CA VAL A 109 -7.91 -12.76 2.19
C VAL A 109 -8.69 -11.47 2.39
N GLY A 110 -9.86 -11.38 1.78
CA GLY A 110 -10.64 -10.16 1.90
C GLY A 110 -10.97 -9.83 3.34
N ILE A 111 -11.26 -10.84 4.14
CA ILE A 111 -11.68 -10.61 5.53
C ILE A 111 -10.49 -10.14 6.35
N LEU A 112 -9.33 -10.78 6.17
CA LEU A 112 -8.11 -10.32 6.84
C LEU A 112 -7.88 -8.86 6.50
N SER A 113 -7.84 -8.56 5.20
CA SER A 113 -7.43 -7.23 4.73
C SER A 113 -8.39 -6.18 5.28
N ALA A 114 -9.69 -6.46 5.25
CA ALA A 114 -10.70 -5.53 5.77
C ALA A 114 -10.54 -5.34 7.29
N GLY A 115 -10.40 -6.42 8.04
CA GLY A 115 -10.23 -6.31 9.49
C GLY A 115 -8.98 -5.54 9.86
N MET A 116 -7.89 -5.76 9.12
CA MET A 116 -6.63 -5.06 9.38
C MET A 116 -6.79 -3.57 9.10
N VAL A 117 -7.38 -3.24 7.97
CA VAL A 117 -7.61 -1.83 7.60
C VAL A 117 -8.48 -1.17 8.66
N ALA A 118 -9.47 -1.88 9.18
CA ALA A 118 -10.35 -1.30 10.23
C ALA A 118 -9.58 -1.09 11.55
N SER A 119 -8.75 -2.06 11.92
CA SER A 119 -7.91 -1.97 13.11
C SER A 119 -6.98 -0.77 13.01
N SER A 120 -6.35 -0.61 11.86
CA SER A 120 -5.42 0.52 11.62
C SER A 120 -6.19 1.85 11.63
N VAL A 121 -7.42 1.88 11.14
CA VAL A 121 -8.24 3.11 11.24
C VAL A 121 -8.49 3.44 12.70
N GLY A 122 -8.83 2.44 13.52
CA GLY A 122 -9.01 2.65 14.95
C GLY A 122 -7.76 3.23 15.58
N GLN A 123 -6.61 2.63 15.27
CA GLN A 123 -5.30 3.12 15.75
C GLN A 123 -5.12 4.59 15.38
N ILE A 124 -5.29 4.90 14.10
CA ILE A 124 -4.99 6.26 13.57
C ILE A 124 -5.89 7.27 14.25
N CYS A 125 -7.19 7.00 14.29
CA CYS A 125 -8.16 7.96 14.84
C CYS A 125 -8.12 8.02 16.37
N THR A 126 -7.48 7.07 17.05
CA THR A 126 -7.25 7.16 18.51
C THR A 126 -6.06 8.07 18.80
N ALA A 127 -4.91 7.83 18.15
CA ALA A 127 -3.62 8.47 18.46
C ALA A 127 -3.74 9.99 18.38
N PRO A 128 -3.76 10.74 19.51
CA PRO A 128 -3.91 12.19 19.47
C PRO A 128 -2.58 12.95 19.45
N PRO A 134 -15.07 16.96 19.54
CA PRO A 134 -14.13 16.51 18.52
C PRO A 134 -14.80 15.59 17.50
N VAL A 135 -14.72 15.95 16.23
CA VAL A 135 -15.20 15.13 15.09
C VAL A 135 -14.12 15.00 14.04
N LEU A 136 -13.59 16.12 13.59
CA LEU A 136 -12.63 16.14 12.48
C LEU A 136 -11.25 15.74 12.99
N LEU A 137 -10.31 15.68 12.07
CA LEU A 137 -8.89 15.41 12.35
C LEU A 137 -8.10 15.94 11.16
N THR A 138 -7.31 16.98 11.36
CA THR A 138 -6.46 17.52 10.28
C THR A 138 -5.15 18.03 10.85
N VAL A 139 -4.22 17.11 11.05
CA VAL A 139 -2.80 17.25 10.72
C VAL A 139 -2.24 15.83 10.83
N GLU A 140 -1.68 15.32 9.74
CA GLU A 140 -0.92 14.05 9.73
C GLU A 140 -1.79 12.81 9.92
N GLN A 141 -2.96 12.93 10.56
CA GLN A 141 -3.91 11.83 10.64
C GLN A 141 -4.49 11.64 9.25
N ARG A 142 -4.79 12.76 8.59
CA ARG A 142 -5.24 12.76 7.19
C ARG A 142 -4.18 12.14 6.28
N LYS A 143 -2.91 12.40 6.54
CA LYS A 143 -1.82 11.80 5.74
C LYS A 143 -1.81 10.29 5.90
N LYS A 144 -1.78 9.82 7.15
CA LYS A 144 -1.83 8.38 7.44
C LYS A 144 -3.05 7.74 6.80
N LEU A 145 -4.21 8.37 6.95
CA LEU A 145 -5.48 7.80 6.51
C LEU A 145 -5.52 7.75 4.98
N SER A 146 -5.11 8.82 4.30
CA SER A 146 -5.10 8.84 2.82
C SER A 146 -4.10 7.83 2.26
N SER A 147 -2.97 7.60 2.92
CA SER A 147 -2.03 6.56 2.48
C SER A 147 -2.67 5.18 2.65
N LEU A 148 -3.27 4.93 3.82
CA LEU A 148 -4.03 3.67 4.06
C LEU A 148 -5.15 3.49 3.02
N LEU A 149 -5.82 4.57 2.65
CA LEU A 149 -6.98 4.50 1.75
C LEU A 149 -6.51 4.22 0.33
N GLU A 150 -5.40 4.82 -0.09
CA GLU A 150 -4.78 4.53 -1.40
C GLU A 150 -4.24 3.12 -1.43
N PHE A 151 -4.02 2.51 -0.27
CA PHE A 151 -3.70 1.07 -0.22
C PHE A 151 -4.96 0.25 -0.35
N ALA A 152 -6.04 0.71 0.27
CA ALA A 152 -7.32 0.01 0.18
C ALA A 152 -7.85 -0.05 -1.26
N GLN A 153 -7.67 1.03 -2.03
CA GLN A 153 -8.07 1.02 -3.45
C GLN A 153 -7.29 0.00 -4.27
N TYR A 154 -5.99 -0.14 -4.02
CA TYR A 154 -5.21 -1.21 -4.67
C TYR A 154 -5.76 -2.57 -4.28
N LEU A 155 -6.04 -2.77 -3.00
CA LEU A 155 -6.61 -4.04 -2.53
C LEU A 155 -7.94 -4.36 -3.23
N LEU A 156 -8.81 -3.36 -3.31
CA LEU A 156 -10.06 -3.52 -4.03
C LEU A 156 -9.84 -3.88 -5.48
N ALA A 157 -8.93 -3.19 -6.15
CA ALA A 157 -8.76 -3.41 -7.59
C ALA A 157 -8.22 -4.82 -7.84
N HIS A 158 -7.41 -5.35 -6.92
CA HIS A 158 -6.90 -6.71 -7.03
C HIS A 158 -7.84 -7.73 -6.35
N SER A 159 -9.04 -7.32 -5.93
CA SER A 159 -10.12 -8.23 -5.47
C SER A 159 -9.71 -8.91 -4.15
N MET A 160 -9.26 -8.13 -3.17
CA MET A 160 -8.81 -8.62 -1.86
C MET A 160 -9.35 -7.70 -0.78
N PHE A 161 -10.63 -7.39 -0.87
CA PHE A 161 -11.27 -6.47 0.10
C PHE A 161 -12.78 -6.70 0.10
N SER A 162 -13.27 -7.46 1.09
CA SER A 162 -14.72 -7.61 1.26
C SER A 162 -15.27 -6.33 1.88
N ARG A 163 -16.20 -5.68 1.19
CA ARG A 163 -16.81 -4.44 1.69
C ARG A 163 -17.69 -4.64 2.92
N LEU A 164 -18.56 -5.64 2.88
CA LEU A 164 -19.53 -5.84 3.98
C LEU A 164 -18.78 -6.22 5.25
N SER A 165 -17.80 -7.11 5.12
CA SER A 165 -16.93 -7.48 6.24
C SER A 165 -16.28 -6.23 6.82
N PHE A 166 -15.80 -5.34 5.94
CA PHE A 166 -15.15 -4.10 6.38
C PHE A 166 -16.14 -3.26 7.19
N CYS A 167 -17.36 -3.06 6.68
CA CYS A 167 -18.38 -2.26 7.40
C CYS A 167 -18.68 -2.87 8.78
N GLN A 168 -18.79 -4.20 8.84
CA GLN A 168 -19.08 -4.91 10.09
C GLN A 168 -17.94 -4.66 11.08
N GLU A 169 -16.71 -4.85 10.65
CA GLU A 169 -15.54 -4.67 11.53
C GLU A 169 -15.32 -3.20 11.86
N LEU A 170 -15.95 -2.27 11.15
CA LEU A 170 -15.94 -0.86 11.57
C LEU A 170 -16.92 -0.65 12.70
N TRP A 171 -18.17 -1.08 12.51
CA TRP A 171 -19.18 -0.92 13.59
C TRP A 171 -18.80 -1.71 14.84
N LYS A 172 -17.98 -2.73 14.74
CA LYS A 172 -17.39 -3.33 15.95
C LYS A 172 -16.62 -2.27 16.73
N ILE A 173 -15.91 -1.39 16.03
CA ILE A 173 -15.07 -0.37 16.70
C ILE A 173 -15.98 0.76 17.16
N GLN A 174 -16.52 1.51 16.21
CA GLN A 174 -17.71 2.37 16.37
C GLN A 174 -17.55 3.55 17.34
N SER A 175 -16.46 3.63 18.08
CA SER A 175 -16.23 4.73 19.02
C SER A 175 -14.96 5.49 18.65
N SER A 176 -13.89 4.75 18.38
CA SER A 176 -12.65 5.27 17.80
C SER A 176 -12.92 6.03 16.50
N LEU A 177 -13.94 5.64 15.73
CA LEU A 177 -14.19 6.22 14.40
C LEU A 177 -14.65 7.67 14.49
N LEU A 178 -14.36 8.43 13.45
CA LEU A 178 -14.84 9.82 13.28
C LEU A 178 -15.63 9.96 11.98
N LEU A 179 -16.54 10.93 12.01
CA LEU A 179 -17.40 11.20 10.86
C LEU A 179 -16.55 11.67 9.66
N GLU A 180 -15.45 12.35 9.91
CA GLU A 180 -14.55 12.72 8.81
C GLU A 180 -13.96 11.46 8.19
N ALA A 181 -13.64 10.47 9.01
CA ALA A 181 -13.11 9.21 8.49
C ALA A 181 -14.14 8.57 7.55
N VAL A 182 -15.38 8.43 7.99
CA VAL A 182 -16.39 7.73 7.15
C VAL A 182 -16.69 8.54 5.88
N TRP A 183 -16.63 9.88 5.97
CA TRP A 183 -16.83 10.73 4.78
C TRP A 183 -15.68 10.54 3.79
N HIS A 184 -14.47 10.35 4.29
CA HIS A 184 -13.32 10.07 3.42
C HIS A 184 -13.50 8.72 2.73
N LEU A 185 -13.91 7.71 3.50
CA LEU A 185 -14.25 6.39 2.95
C LEU A 185 -15.23 6.57 1.77
N HIS A 186 -16.32 7.31 2.01
CA HIS A 186 -17.37 7.55 0.99
C HIS A 186 -16.78 8.19 -0.25
N VAL A 187 -16.12 9.33 -0.09
CA VAL A 187 -15.75 10.17 -1.27
C VAL A 187 -14.61 9.52 -2.04
N GLN A 188 -13.72 8.80 -1.36
CA GLN A 188 -12.60 8.11 -2.02
C GLN A 188 -12.99 6.70 -2.42
N GLY A 189 -14.23 6.28 -2.16
CA GLY A 189 -14.85 5.16 -2.88
C GLY A 189 -14.43 3.81 -2.33
N ILE A 190 -14.61 3.63 -1.04
CA ILE A 190 -14.21 2.37 -0.37
C ILE A 190 -15.45 1.62 0.08
N VAL A 191 -16.32 2.38 0.73
CA VAL A 191 -17.72 2.00 0.99
C VAL A 191 -18.51 3.24 0.59
N SER A 192 -19.78 3.28 0.92
CA SER A 192 -20.52 4.54 0.94
C SER A 192 -21.30 4.58 2.24
N LEU A 193 -21.52 5.80 2.75
CA LEU A 193 -22.38 6.09 3.93
C LEU A 193 -23.68 5.29 3.92
N GLN A 194 -24.34 5.17 2.77
CA GLN A 194 -25.53 4.30 2.62
C GLN A 194 -25.21 2.82 2.89
N GLU A 195 -24.07 2.31 2.42
CA GLU A 195 -23.66 0.92 2.72
C GLU A 195 -23.27 0.75 4.20
N LEU A 196 -22.73 1.78 4.85
CA LEU A 196 -22.39 1.69 6.28
C LEU A 196 -23.70 1.62 7.04
N LEU A 197 -24.48 2.69 6.95
CA LEU A 197 -25.67 2.87 7.81
C LEU A 197 -26.66 1.73 7.61
N GLU A 198 -26.69 1.13 6.41
CA GLU A 198 -27.52 -0.05 6.11
C GLU A 198 -26.78 -1.36 6.40
N SER A 199 -25.76 -1.34 7.26
CA SER A 199 -25.01 -2.55 7.63
C SER A 199 -24.65 -2.57 9.13
N HIS A 200 -25.48 -1.94 9.97
CA HIS A 200 -25.40 -1.99 11.44
C HIS A 200 -26.62 -2.74 11.96
N PRO A 201 -26.50 -3.67 12.92
CA PRO A 201 -27.67 -4.40 13.39
C PRO A 201 -28.72 -3.51 14.09
N ASP A 202 -28.29 -2.79 15.14
CA ASP A 202 -29.19 -1.96 15.98
C ASP A 202 -29.27 -0.56 15.39
N MET A 203 -30.38 -0.24 14.71
CA MET A 203 -30.56 1.04 14.01
C MET A 203 -30.54 2.23 14.98
N HIS A 204 -31.04 2.03 16.20
CA HIS A 204 -31.09 3.10 17.22
C HIS A 204 -29.69 3.59 17.56
N ALA A 205 -28.73 2.67 17.66
CA ALA A 205 -27.33 3.03 17.98
C ALA A 205 -26.77 3.94 16.89
N VAL A 206 -27.07 3.64 15.63
CA VAL A 206 -26.60 4.47 14.50
C VAL A 206 -27.28 5.83 14.58
N GLY A 207 -28.58 5.85 14.86
CA GLY A 207 -29.31 7.12 15.02
C GLY A 207 -28.66 8.02 16.04
N SER A 208 -28.42 7.50 17.25
CA SER A 208 -27.81 8.28 18.34
C SER A 208 -26.38 8.68 17.95
N TRP A 209 -25.64 7.77 17.33
CA TRP A 209 -24.25 8.05 16.93
C TRP A 209 -24.21 9.23 15.96
N LEU A 210 -25.05 9.18 14.93
CA LEU A 210 -25.14 10.29 13.97
C LEU A 210 -25.49 11.56 14.72
N PHE A 211 -26.60 11.56 15.46
CA PHE A 211 -27.13 12.76 16.13
C PHE A 211 -26.03 13.45 16.95
N ARG A 212 -25.28 12.66 17.73
CA ARG A 212 -24.16 13.21 18.52
C ARG A 212 -23.11 13.82 17.60
N ASN A 213 -22.72 13.10 16.54
CA ASN A 213 -21.59 13.55 15.69
C ASN A 213 -22.01 14.80 14.91
N LEU A 214 -23.22 14.81 14.36
CA LEU A 214 -23.74 15.99 13.65
C LEU A 214 -23.85 17.19 14.59
N CYS A 215 -24.24 16.96 15.85
CA CYS A 215 -24.34 18.07 16.81
C CYS A 215 -22.97 18.66 17.08
N CYS A 216 -21.97 17.81 17.31
CA CYS A 216 -20.60 18.31 17.55
C CYS A 216 -20.06 18.98 16.29
N LEU A 217 -20.49 18.55 15.10
CA LEU A 217 -20.07 19.23 13.85
C LEU A 217 -20.65 20.62 13.78
N CYS A 218 -21.95 20.75 13.93
CA CYS A 218 -22.60 22.08 13.92
C CYS A 218 -22.10 22.97 15.06
N GLU A 219 -21.58 22.38 16.14
CA GLU A 219 -20.74 23.11 17.13
C GLU A 219 -19.45 23.59 16.45
N GLN A 220 -18.82 22.70 15.69
CA GLN A 220 -17.64 23.04 14.85
C GLN A 220 -18.12 23.88 13.66
N MET A 221 -17.26 24.03 12.64
CA MET A 221 -17.40 24.94 11.48
C MET A 221 -17.63 26.40 11.91
N GLU A 222 -17.19 26.77 13.12
CA GLU A 222 -16.98 28.18 13.53
C GLU A 222 -15.63 28.38 14.22
N ALA A 223 -14.80 27.33 14.37
CA ALA A 223 -13.44 27.42 14.92
C ALA A 223 -12.50 28.07 13.91
N SER A 224 -12.76 27.89 12.62
CA SER A 224 -12.03 28.56 11.53
C SER A 224 -12.86 28.47 10.25
N CYS A 225 -12.65 29.42 9.34
CA CYS A 225 -13.25 29.37 7.98
C CYS A 225 -12.57 28.28 7.13
N GLN A 226 -11.38 27.80 7.53
CA GLN A 226 -10.69 26.70 6.81
C GLN A 226 -11.34 25.37 7.16
N HIS A 227 -11.47 25.06 8.44
CA HIS A 227 -12.16 23.83 8.90
C HIS A 227 -13.63 23.87 8.49
N ALA A 228 -14.22 25.06 8.44
CA ALA A 228 -15.64 25.22 8.06
C ALA A 228 -15.88 24.73 6.64
N ASP A 229 -14.89 24.86 5.76
CA ASP A 229 -15.02 24.36 4.37
C ASP A 229 -15.25 22.85 4.37
N VAL A 230 -14.37 22.10 5.02
CA VAL A 230 -14.45 20.62 5.06
C VAL A 230 -15.73 20.21 5.80
N ALA A 231 -16.03 20.86 6.92
CA ALA A 231 -17.22 20.51 7.72
C ALA A 231 -18.49 20.78 6.92
N ARG A 232 -18.57 21.89 6.20
CA ARG A 232 -19.73 22.19 5.36
C ARG A 232 -19.81 21.23 4.18
N ALA A 233 -18.66 20.82 3.64
CA ALA A 233 -18.63 19.81 2.54
C ALA A 233 -19.26 18.51 3.01
N MET A 234 -18.79 17.97 4.13
CA MET A 234 -19.30 16.68 4.62
C MET A 234 -20.75 16.82 5.08
N LEU A 235 -21.14 17.96 5.63
CA LEU A 235 -22.51 18.12 6.12
C LEU A 235 -23.47 18.26 4.95
N SER A 236 -23.09 19.00 3.92
CA SER A 236 -23.90 19.06 2.69
C SER A 236 -23.99 17.68 2.02
N ASP A 237 -22.89 16.92 2.03
CA ASP A 237 -22.85 15.53 1.52
C ASP A 237 -23.90 14.68 2.24
N PHE A 238 -23.83 14.66 3.57
CA PHE A 238 -24.77 13.88 4.39
C PHE A 238 -26.21 14.27 4.08
N VAL A 239 -26.48 15.56 4.05
CA VAL A 239 -27.88 16.00 3.87
C VAL A 239 -28.34 15.65 2.46
N GLN A 240 -27.47 15.75 1.48
CA GLN A 240 -27.80 15.33 0.11
C GLN A 240 -28.23 13.87 0.10
N MET A 241 -27.41 13.01 0.69
CA MET A 241 -27.67 11.56 0.69
C MET A 241 -28.97 11.26 1.44
N PHE A 242 -29.18 11.87 2.60
CA PHE A 242 -30.40 11.66 3.41
C PHE A 242 -31.64 12.04 2.61
N VAL A 243 -31.68 13.27 2.12
CA VAL A 243 -32.90 13.78 1.47
C VAL A 243 -33.11 13.01 0.17
N LEU A 244 -32.03 12.58 -0.47
CA LEU A 244 -32.14 11.80 -1.72
C LEU A 244 -32.82 10.47 -1.43
N ARG A 245 -32.29 9.71 -0.48
CA ARG A 245 -32.79 8.34 -0.26
C ARG A 245 -34.18 8.36 0.37
N GLY A 246 -34.33 9.10 1.46
CA GLY A 246 -35.51 9.00 2.33
C GLY A 246 -36.77 9.63 1.79
N PHE A 247 -36.81 10.00 0.50
CA PHE A 247 -38.00 10.63 -0.10
C PHE A 247 -38.34 10.13 -1.50
N GLN A 248 -37.41 9.54 -2.25
CA GLN A 248 -37.69 9.06 -3.62
C GLN A 248 -38.17 7.60 -3.56
N MET A 262 -32.40 1.53 6.99
CA MET A 262 -33.35 1.84 5.90
C MET A 262 -33.61 3.35 5.87
N PRO A 263 -34.32 3.88 4.85
CA PRO A 263 -34.71 5.30 4.84
C PRO A 263 -35.52 5.77 6.05
N GLN A 264 -36.12 4.86 6.83
CA GLN A 264 -36.72 5.24 8.12
C GLN A 264 -35.65 5.79 9.05
N VAL A 265 -34.43 5.24 9.00
CA VAL A 265 -33.27 5.78 9.74
C VAL A 265 -33.10 7.24 9.37
N THR A 266 -33.07 7.51 8.06
CA THR A 266 -32.84 8.85 7.51
C THR A 266 -33.91 9.83 8.00
N VAL A 267 -35.16 9.49 7.75
CA VAL A 267 -36.30 10.37 8.13
C VAL A 267 -36.28 10.61 9.64
N ASP A 268 -35.96 9.60 10.43
CA ASP A 268 -35.89 9.78 11.89
C ASP A 268 -34.75 10.72 12.27
N VAL A 269 -33.62 10.65 11.57
CA VAL A 269 -32.48 11.55 11.88
C VAL A 269 -32.92 12.99 11.62
N LEU A 270 -33.61 13.23 10.51
CA LEU A 270 -34.03 14.59 10.15
C LEU A 270 -35.09 15.09 11.13
N GLN A 271 -36.04 14.23 11.51
CA GLN A 271 -37.06 14.61 12.50
C GLN A 271 -36.40 14.92 13.84
N ARG A 272 -35.39 14.15 14.23
CA ARG A 272 -34.68 14.39 15.50
C ARG A 272 -34.00 15.75 15.47
N MET A 273 -33.36 16.08 14.37
CA MET A 273 -32.74 17.41 14.20
C MET A 273 -33.79 18.51 14.34
N LEU A 274 -34.93 18.35 13.66
CA LEU A 274 -36.02 19.37 13.74
C LEU A 274 -36.47 19.54 15.19
N ILE A 275 -36.70 18.44 15.90
CA ILE A 275 -37.29 18.51 17.26
C ILE A 275 -36.28 19.15 18.21
N PHE A 276 -35.01 18.79 18.09
CA PHE A 276 -33.94 19.43 18.87
C PHE A 276 -33.97 20.95 18.64
N ALA A 277 -34.09 21.37 17.38
CA ALA A 277 -34.06 22.80 17.05
C ALA A 277 -35.30 23.51 17.61
N LEU A 278 -36.47 22.89 17.50
CA LEU A 278 -37.72 23.49 18.02
C LEU A 278 -37.61 23.67 19.53
N ASP A 279 -37.12 22.66 20.25
CA ASP A 279 -36.96 22.77 21.72
C ASP A 279 -35.86 23.78 22.06
N ALA A 280 -34.88 23.99 21.17
CA ALA A 280 -33.82 24.98 21.42
C ALA A 280 -34.40 26.39 21.34
N LEU A 281 -35.26 26.64 20.34
CA LEU A 281 -35.74 28.02 20.08
C LEU A 281 -36.99 28.32 20.90
N ALA A 282 -38.08 27.59 20.65
CA ALA A 282 -39.39 27.83 21.29
C ALA A 282 -39.26 27.66 22.81
N ALA A 283 -38.76 26.51 23.26
CA ALA A 283 -38.70 26.14 24.70
C ALA A 283 -37.31 26.43 25.27
N GLY A 284 -37.05 27.69 25.58
CA GLY A 284 -35.91 28.09 26.42
C GLY A 284 -35.05 29.18 25.84
N VAL A 285 -33.90 29.40 26.49
CA VAL A 285 -32.99 30.55 26.24
C VAL A 285 -31.65 29.97 25.80
N GLN A 286 -30.90 30.74 25.01
CA GLN A 286 -29.72 30.26 24.26
C GLN A 286 -28.45 31.07 24.58
N GLU A 287 -28.57 32.38 24.83
CA GLU A 287 -27.43 33.33 25.04
C GLU A 287 -26.53 33.45 23.79
N GLU A 288 -26.92 32.86 22.66
CA GLU A 288 -26.08 32.76 21.43
C GLU A 288 -24.68 32.28 21.80
N SER A 289 -24.62 31.31 22.69
CA SER A 289 -23.35 30.74 23.18
C SER A 289 -23.17 29.31 22.72
N SER A 290 -24.18 28.48 22.91
CA SER A 290 -24.16 27.09 22.46
C SER A 290 -25.57 26.69 22.08
N THR A 291 -25.67 25.77 21.11
CA THR A 291 -26.92 25.17 20.58
C THR A 291 -27.65 26.12 19.62
N HIS A 292 -27.47 27.42 19.75
CA HIS A 292 -28.00 28.36 18.75
C HIS A 292 -27.14 28.32 17.49
N LYS A 293 -25.82 28.25 17.67
CA LYS A 293 -24.91 27.97 16.54
C LYS A 293 -25.29 26.67 15.86
N ILE A 294 -25.73 25.67 16.62
CA ILE A 294 -26.12 24.36 16.07
C ILE A 294 -27.34 24.54 15.16
N VAL A 295 -28.40 25.11 15.69
CA VAL A 295 -29.64 25.32 14.89
C VAL A 295 -29.32 26.25 13.72
N ARG A 296 -28.43 27.24 13.91
CA ARG A 296 -28.01 28.15 12.84
C ARG A 296 -27.44 27.37 11.67
N CYS A 297 -26.43 26.55 11.94
CA CYS A 297 -25.73 25.81 10.87
C CYS A 297 -26.65 24.76 10.26
N TRP A 298 -27.56 24.18 11.05
CA TRP A 298 -28.53 23.22 10.51
C TRP A 298 -29.43 23.91 9.49
N PHE A 299 -29.97 25.07 9.86
CA PHE A 299 -30.77 25.87 8.91
C PHE A 299 -29.91 26.32 7.73
N GLY A 300 -28.61 26.55 7.95
CA GLY A 300 -27.71 26.97 6.89
C GLY A 300 -27.58 25.92 5.81
N VAL A 301 -27.33 24.66 6.17
CA VAL A 301 -27.27 23.58 5.16
C VAL A 301 -28.67 23.34 4.60
N PHE A 302 -29.68 23.44 5.45
CA PHE A 302 -31.10 23.30 5.05
C PHE A 302 -31.46 24.27 3.93
N SER A 303 -30.89 25.48 3.95
CA SER A 303 -31.02 26.47 2.85
C SER A 303 -30.54 25.83 1.55
N GLY A 304 -31.44 25.66 0.60
CA GLY A 304 -31.27 24.73 -0.54
C GLY A 304 -30.67 25.39 -1.77
N HIS A 305 -29.54 26.07 -1.61
CA HIS A 305 -28.69 26.51 -2.74
C HIS A 305 -27.55 25.51 -2.92
N THR A 306 -26.93 25.08 -1.83
CA THR A 306 -25.93 24.01 -1.86
C THR A 306 -26.59 22.68 -2.26
N LEU A 307 -27.85 22.49 -1.87
CA LEU A 307 -28.55 21.19 -1.99
C LEU A 307 -29.38 21.14 -3.26
N GLY A 308 -30.25 22.14 -3.46
CA GLY A 308 -31.22 22.15 -4.56
C GLY A 308 -30.57 22.12 -5.93
N SER A 309 -29.33 22.60 -6.04
CA SER A 309 -28.55 22.50 -7.29
C SER A 309 -28.46 21.05 -7.75
N VAL A 310 -28.04 20.16 -6.85
CA VAL A 310 -27.84 18.73 -7.19
C VAL A 310 -29.19 18.02 -7.16
N ILE A 311 -29.97 18.23 -6.11
CA ILE A 311 -31.15 17.39 -5.80
C ILE A 311 -32.31 17.91 -6.65
N SER A 312 -32.93 17.00 -7.42
CA SER A 312 -34.17 17.28 -8.17
C SER A 312 -35.24 17.70 -7.18
N THR A 313 -35.95 18.79 -7.47
CA THR A 313 -36.96 19.34 -6.53
C THR A 313 -38.35 18.77 -6.85
N ASP A 314 -38.46 17.47 -7.07
CA ASP A 314 -39.69 16.73 -6.73
C ASP A 314 -39.62 16.25 -5.28
N PRO A 315 -38.63 15.44 -4.89
CA PRO A 315 -38.59 14.96 -3.51
C PRO A 315 -38.15 16.00 -2.49
N LEU A 316 -37.32 16.96 -2.89
CA LEU A 316 -36.95 18.07 -2.01
C LEU A 316 -38.19 18.88 -1.61
N LYS A 317 -39.15 19.01 -2.51
CA LYS A 317 -40.45 19.63 -2.17
C LYS A 317 -41.16 18.85 -1.07
N ARG A 318 -41.24 17.54 -1.20
CA ARG A 318 -41.90 16.70 -0.18
C ARG A 318 -41.15 16.82 1.15
N PHE A 319 -39.82 16.92 1.08
CA PHE A 319 -39.00 17.11 2.28
C PHE A 319 -39.43 18.39 2.99
N PHE A 320 -39.52 19.49 2.25
CA PHE A 320 -39.91 20.78 2.87
C PHE A 320 -41.34 20.72 3.38
N SER A 321 -42.24 20.04 2.67
CA SER A 321 -43.65 19.96 3.09
C SER A 321 -43.77 19.20 4.41
N HIS A 322 -43.18 18.00 4.48
CA HIS A 322 -43.16 17.21 5.73
C HIS A 322 -42.44 18.00 6.82
N THR A 323 -41.43 18.79 6.45
CA THR A 323 -40.70 19.61 7.44
C THR A 323 -41.64 20.65 8.04
N LEU A 324 -42.43 21.31 7.19
CA LEU A 324 -43.43 22.28 7.66
C LEU A 324 -44.41 21.59 8.61
N THR A 325 -44.96 20.45 8.19
CA THR A 325 -45.96 19.73 9.00
C THR A 325 -45.35 19.31 10.34
N GLN A 326 -44.09 18.88 10.34
CA GLN A 326 -43.43 18.40 11.56
C GLN A 326 -43.05 19.57 12.46
N ILE A 327 -42.83 20.76 11.89
CA ILE A 327 -42.63 21.98 12.71
C ILE A 327 -43.94 22.35 13.37
N LEU A 328 -45.05 22.26 12.64
CA LEU A 328 -46.40 22.54 13.17
C LEU A 328 -46.75 21.61 14.33
N THR A 329 -46.76 20.30 14.06
CA THR A 329 -47.47 19.30 14.88
C THR A 329 -46.82 19.16 16.25
N HIS A 330 -45.48 19.14 16.32
CA HIS A 330 -44.77 18.66 17.53
C HIS A 330 -44.99 19.61 18.70
N SER A 331 -45.27 19.04 19.87
CA SER A 331 -45.44 19.74 21.16
C SER A 331 -46.58 20.76 21.06
N PRO A 332 -47.85 20.32 20.94
CA PRO A 332 -48.98 21.26 20.92
C PRO A 332 -49.39 21.67 22.35
N VAL A 333 -48.45 22.32 23.04
CA VAL A 333 -48.66 22.92 24.37
C VAL A 333 -49.04 24.37 24.12
N LEU A 334 -49.60 25.02 25.12
CA LEU A 334 -50.19 26.36 24.96
C LEU A 334 -51.30 26.28 23.92
N LYS A 335 -52.11 25.23 24.00
CA LYS A 335 -53.36 25.09 23.22
C LYS A 335 -54.47 25.98 23.80
N ALA A 336 -54.19 26.74 24.87
CA ALA A 336 -55.12 27.69 25.48
C ALA A 336 -55.76 28.56 24.39
N SER A 337 -57.07 28.38 24.17
CA SER A 337 -57.85 29.18 23.19
C SER A 337 -57.77 30.67 23.53
N ASP A 338 -57.66 31.00 24.82
CA ASP A 338 -57.20 32.32 25.30
C ASP A 338 -55.66 32.34 25.18
N ALA A 339 -55.19 32.52 23.95
CA ALA A 339 -53.77 32.78 23.63
C ALA A 339 -53.70 34.07 22.80
N VAL A 340 -54.38 35.10 23.30
CA VAL A 340 -54.62 36.35 22.57
C VAL A 340 -53.50 37.34 22.85
N GLN A 341 -53.24 37.67 24.12
CA GLN A 341 -52.20 38.64 24.50
C GLN A 341 -50.81 38.12 24.11
N MET A 342 -50.63 36.81 23.98
CA MET A 342 -49.35 36.23 23.54
C MET A 342 -49.07 36.53 22.06
N GLN A 343 -50.06 37.04 21.29
CA GLN A 343 -49.82 37.55 19.92
C GLN A 343 -48.82 38.70 19.93
N ARG A 344 -48.88 39.55 20.96
CA ARG A 344 -47.94 40.67 21.14
C ARG A 344 -46.50 40.15 21.27
N GLU A 345 -46.30 39.03 21.97
CA GLU A 345 -44.97 38.42 22.15
C GLU A 345 -44.57 37.58 20.94
N TRP A 346 -45.54 37.04 20.19
CA TRP A 346 -45.30 36.39 18.87
C TRP A 346 -45.21 37.41 17.74
N SER A 347 -45.23 38.72 18.05
CA SER A 347 -44.93 39.80 17.10
C SER A 347 -43.64 39.49 16.34
N PHE A 348 -43.57 39.96 15.10
CA PHE A 348 -42.52 39.57 14.13
C PHE A 348 -41.12 39.88 14.68
N ALA A 349 -40.92 41.08 15.22
CA ALA A 349 -39.59 41.51 15.72
C ALA A 349 -39.18 40.72 16.97
N ARG A 350 -40.14 40.19 17.74
CA ARG A 350 -39.86 39.42 18.96
C ARG A 350 -39.60 37.95 18.66
N THR A 351 -40.27 37.38 17.65
CA THR A 351 -40.02 36.00 17.20
C THR A 351 -38.60 35.90 16.67
N HIS A 352 -37.92 34.81 17.02
CA HIS A 352 -36.46 34.69 16.82
C HIS A 352 -36.12 34.81 15.35
N PRO A 353 -34.99 35.46 15.00
CA PRO A 353 -34.65 35.67 13.59
C PRO A 353 -34.37 34.37 12.85
N LEU A 354 -33.99 33.31 13.55
CA LEU A 354 -33.72 32.02 12.89
C LEU A 354 -35.01 31.30 12.56
N LEU A 355 -36.01 31.38 13.44
CA LEU A 355 -37.38 30.96 13.07
C LEU A 355 -37.80 31.71 11.81
N THR A 356 -37.65 33.04 11.82
CA THR A 356 -38.00 33.90 10.68
C THR A 356 -37.28 33.40 9.42
N SER A 357 -35.98 33.12 9.53
CA SER A 357 -35.15 32.75 8.37
C SER A 357 -35.60 31.40 7.81
N LEU A 358 -35.91 30.45 8.70
CA LEU A 358 -36.33 29.12 8.23
C LEU A 358 -37.69 29.23 7.53
N TYR A 359 -38.61 30.00 8.09
CA TYR A 359 -39.89 30.25 7.41
C TYR A 359 -39.63 30.85 6.03
N ARG A 360 -38.78 31.87 5.97
CA ARG A 360 -38.40 32.53 4.70
C ARG A 360 -37.89 31.51 3.70
N ARG A 361 -37.06 30.56 4.14
CA ARG A 361 -36.40 29.61 3.23
C ARG A 361 -37.38 28.54 2.76
N LEU A 362 -38.28 28.12 3.64
CA LEU A 362 -39.37 27.20 3.22
C LEU A 362 -40.29 27.90 2.24
N PHE A 363 -40.39 29.24 2.32
CA PHE A 363 -41.12 30.02 1.30
C PHE A 363 -40.31 30.10 0.01
N VAL A 364 -38.99 30.18 0.13
CA VAL A 364 -38.10 30.26 -1.06
C VAL A 364 -38.31 29.02 -1.92
N MET A 365 -38.14 27.84 -1.32
CA MET A 365 -38.09 26.60 -2.10
C MET A 365 -39.50 26.10 -2.50
N LEU A 366 -40.57 26.74 -2.01
CA LEU A 366 -41.98 26.41 -2.37
C LEU A 366 -42.65 27.63 -3.00
N SER A 367 -43.92 27.48 -3.36
CA SER A 367 -44.78 28.53 -3.96
C SER A 367 -45.86 28.96 -2.96
N ALA A 368 -46.51 30.10 -3.24
CA ALA A 368 -47.43 30.77 -2.31
C ALA A 368 -48.79 30.07 -2.24
N GLU A 369 -49.49 29.98 -3.37
CA GLU A 369 -50.90 29.51 -3.39
C GLU A 369 -50.99 28.06 -2.93
N GLU A 370 -50.03 27.23 -3.35
CA GLU A 370 -49.96 25.83 -2.89
C GLU A 370 -49.73 25.81 -1.37
N LEU A 371 -48.90 26.71 -0.86
CA LEU A 371 -48.64 26.80 0.58
C LEU A 371 -49.94 27.13 1.32
N VAL A 372 -50.70 28.11 0.81
CA VAL A 372 -51.93 28.57 1.49
C VAL A 372 -52.95 27.43 1.50
N GLY A 373 -53.16 26.77 0.36
CA GLY A 373 -54.09 25.63 0.30
C GLY A 373 -53.67 24.51 1.23
N HIS A 374 -52.38 24.14 1.20
CA HIS A 374 -51.83 23.07 2.05
C HIS A 374 -52.02 23.43 3.52
N LEU A 375 -51.84 24.70 3.87
CA LEU A 375 -52.01 25.16 5.27
C LEU A 375 -53.47 25.05 5.68
N GLN A 376 -54.38 25.49 4.82
CA GLN A 376 -55.83 25.33 5.06
C GLN A 376 -56.13 23.87 5.39
N GLU A 377 -55.65 22.94 4.57
CA GLU A 377 -55.95 21.51 4.76
C GLU A 377 -55.32 21.00 6.06
N VAL A 378 -54.06 21.36 6.34
CA VAL A 378 -53.36 20.84 7.53
C VAL A 378 -54.03 21.36 8.81
N LEU A 379 -54.23 22.67 8.90
CA LEU A 379 -54.83 23.29 10.09
C LEU A 379 -56.31 22.89 10.20
N GLU A 380 -56.93 22.43 9.12
CA GLU A 380 -58.26 21.79 9.18
C GLU A 380 -58.13 20.38 9.77
N THR A 381 -57.04 19.68 9.44
CA THR A 381 -56.95 18.23 9.66
C THR A 381 -56.59 17.93 11.11
N GLN A 382 -55.52 18.53 11.63
CA GLN A 382 -54.84 18.06 12.85
C GLN A 382 -54.54 19.24 13.78
N GLU A 383 -54.30 18.92 15.04
CA GLU A 383 -53.99 19.87 16.14
C GLU A 383 -52.75 20.69 15.82
N VAL A 384 -52.54 21.73 16.62
CA VAL A 384 -51.66 22.87 16.29
C VAL A 384 -50.86 23.25 17.53
N HIS A 385 -49.64 23.73 17.29
CA HIS A 385 -48.89 24.61 18.22
C HIS A 385 -49.04 26.04 17.71
N TRP A 386 -49.74 26.87 18.48
CA TRP A 386 -50.20 28.19 18.00
C TRP A 386 -49.04 29.18 17.84
N GLN A 387 -47.97 29.05 18.63
CA GLN A 387 -46.83 29.99 18.55
C GLN A 387 -46.25 30.00 17.14
N ARG A 388 -45.93 28.80 16.65
CA ARG A 388 -45.30 28.64 15.33
C ARG A 388 -46.26 29.12 14.24
N VAL A 389 -47.53 28.73 14.31
CA VAL A 389 -48.50 29.10 13.24
C VAL A 389 -48.68 30.61 13.22
N LEU A 390 -48.67 31.25 14.38
CA LEU A 390 -48.97 32.70 14.45
C LEU A 390 -47.78 33.51 13.94
N SER A 391 -46.56 33.20 14.40
CA SER A 391 -45.35 33.82 13.83
C SER A 391 -45.24 33.49 12.34
N PHE A 392 -45.72 32.30 11.96
CA PHE A 392 -45.62 31.83 10.57
C PHE A 392 -46.49 32.68 9.66
N VAL A 393 -47.74 32.91 10.04
CA VAL A 393 -48.63 33.81 9.25
C VAL A 393 -48.06 35.23 9.29
N SER A 394 -47.55 35.66 10.45
CA SER A 394 -46.97 37.02 10.62
C SER A 394 -45.87 37.25 9.59
N ALA A 395 -45.02 36.24 9.36
CA ALA A 395 -43.98 36.33 8.31
C ALA A 395 -44.59 36.13 6.92
N LEU A 396 -45.61 35.27 6.82
CA LEU A 396 -46.20 34.87 5.53
C LEU A 396 -46.75 36.07 4.78
N VAL A 397 -47.63 36.82 5.40
CA VAL A 397 -48.47 37.82 4.68
C VAL A 397 -47.56 38.88 4.06
N VAL A 398 -46.51 39.26 4.78
CA VAL A 398 -45.57 40.29 4.31
C VAL A 398 -44.56 39.66 3.35
N CYS A 399 -44.28 38.36 3.49
CA CYS A 399 -43.27 37.68 2.65
C CYS A 399 -43.77 37.56 1.20
N PHE A 400 -44.95 36.98 0.99
CA PHE A 400 -45.42 36.62 -0.37
C PHE A 400 -46.10 37.81 -1.04
N PRO A 401 -46.04 37.90 -2.39
CA PRO A 401 -46.47 39.11 -3.09
C PRO A 401 -48.00 39.17 -3.19
N GLU A 402 -48.61 39.98 -2.32
CA GLU A 402 -50.05 40.31 -2.35
C GLU A 402 -50.88 39.02 -2.32
N ALA A 403 -50.83 38.32 -1.19
CA ALA A 403 -51.72 37.19 -0.87
C ALA A 403 -52.54 37.47 0.39
N GLN A 404 -52.75 38.74 0.75
CA GLN A 404 -53.66 39.13 1.84
C GLN A 404 -55.10 38.71 1.47
N GLN A 405 -55.48 38.93 0.21
CA GLN A 405 -56.83 38.55 -0.28
C GLN A 405 -57.00 37.03 -0.24
N LEU A 406 -55.94 36.28 -0.55
CA LEU A 406 -56.01 34.80 -0.56
C LEU A 406 -55.97 34.24 0.86
N LEU A 407 -55.41 34.97 1.81
CA LEU A 407 -55.53 34.62 3.24
C LEU A 407 -56.96 34.87 3.72
N GLU A 408 -57.48 36.06 3.42
CA GLU A 408 -58.88 36.40 3.76
C GLU A 408 -59.85 35.42 3.10
N ASP A 409 -59.48 34.85 1.95
CA ASP A 409 -60.35 33.90 1.23
C ASP A 409 -60.64 32.68 2.10
N TRP A 410 -59.59 31.98 2.56
CA TRP A 410 -59.80 30.77 3.37
C TRP A 410 -60.25 31.13 4.78
N VAL A 411 -59.94 32.34 5.26
CA VAL A 411 -60.53 32.81 6.54
C VAL A 411 -62.06 32.91 6.37
N ALA A 412 -62.51 33.49 5.26
CA ALA A 412 -63.95 33.63 4.98
C ALA A 412 -64.58 32.25 4.82
N ARG A 413 -63.89 31.33 4.15
CA ARG A 413 -64.39 29.96 3.99
C ARG A 413 -64.52 29.29 5.35
N LEU A 414 -63.54 29.49 6.24
CA LEU A 414 -63.58 28.87 7.58
C LEU A 414 -64.73 29.46 8.39
N MET A 415 -64.94 30.78 8.31
CA MET A 415 -66.05 31.41 9.06
C MET A 415 -67.38 30.94 8.51
N ALA A 416 -67.51 30.80 7.19
CA ALA A 416 -68.73 30.26 6.56
C ALA A 416 -69.01 28.86 7.07
N GLN A 417 -68.02 27.96 6.96
CA GLN A 417 -68.17 26.57 7.45
C GLN A 417 -68.50 26.59 8.95
N ALA A 418 -67.87 27.47 9.72
CA ALA A 418 -68.02 27.52 11.18
C ALA A 418 -69.44 27.92 11.57
N PHE A 419 -69.99 28.93 10.90
CA PHE A 419 -71.34 29.42 11.21
C PHE A 419 -72.41 28.49 10.64
N GLU A 420 -72.11 27.77 9.55
CA GLU A 420 -73.04 26.76 9.02
C GLU A 420 -73.12 25.57 9.98
N SER A 421 -71.97 25.08 10.46
CA SER A 421 -71.88 23.84 11.25
C SER A 421 -72.01 24.09 12.77
N CYS A 422 -71.94 25.34 13.23
CA CYS A 422 -72.08 25.71 14.66
C CYS A 422 -70.92 25.12 15.48
N GLN A 423 -69.70 25.53 15.13
CA GLN A 423 -68.44 25.10 15.79
C GLN A 423 -67.62 26.36 16.09
N LEU A 424 -67.17 26.50 17.34
CA LEU A 424 -66.55 27.77 17.84
C LEU A 424 -65.03 27.78 17.65
N ASP A 425 -64.39 26.61 17.61
CA ASP A 425 -62.91 26.54 17.62
C ASP A 425 -62.35 27.15 16.34
N SER A 426 -62.96 26.81 15.21
CA SER A 426 -62.57 27.38 13.90
C SER A 426 -62.80 28.89 13.88
N MET A 427 -63.85 29.37 14.54
CA MET A 427 -64.10 30.83 14.66
C MET A 427 -62.94 31.47 15.42
N VAL A 428 -62.52 30.86 16.53
CA VAL A 428 -61.42 31.40 17.35
C VAL A 428 -60.15 31.44 16.49
N THR A 429 -59.92 30.39 15.71
CA THR A 429 -58.75 30.31 14.82
C THR A 429 -58.78 31.46 13.81
N ALA A 430 -59.91 31.62 13.12
CA ALA A 430 -60.09 32.71 12.14
C ALA A 430 -59.82 34.06 12.79
N PHE A 431 -60.36 34.26 13.99
CA PHE A 431 -60.22 35.53 14.73
C PHE A 431 -58.75 35.83 15.00
N LEU A 432 -58.05 34.88 15.61
CA LEU A 432 -56.62 35.08 15.93
C LEU A 432 -55.82 35.29 14.66
N VAL A 433 -56.21 34.62 13.56
CA VAL A 433 -55.52 34.76 12.26
C VAL A 433 -55.62 36.21 11.78
N VAL A 434 -56.85 36.73 11.71
CA VAL A 434 -57.06 38.12 11.24
C VAL A 434 -56.39 39.11 12.20
N ARG A 435 -56.36 38.79 13.48
CA ARG A 435 -55.73 39.68 14.48
C ARG A 435 -54.22 39.78 14.22
N GLN A 436 -53.55 38.65 14.01
CA GLN A 436 -52.11 38.68 13.70
C GLN A 436 -51.88 39.27 12.31
N ALA A 437 -52.84 39.16 11.40
CA ALA A 437 -52.75 39.84 10.09
C ALA A 437 -52.74 41.36 10.31
N ALA A 438 -53.59 41.85 11.21
CA ALA A 438 -53.66 43.29 11.52
C ALA A 438 -52.35 43.74 12.16
N LEU A 439 -51.92 43.07 13.23
CA LEU A 439 -50.68 43.43 13.95
C LEU A 439 -49.47 43.30 13.01
N LEU A 446 -55.85 49.20 10.89
CA LEU A 446 -57.24 48.92 11.34
C LEU A 446 -57.88 47.89 10.38
N SER A 447 -57.14 46.86 9.99
CA SER A 447 -57.64 45.79 9.11
C SER A 447 -58.62 44.90 9.84
N TYR A 448 -58.51 44.78 11.17
CA TYR A 448 -59.53 44.12 12.00
C TYR A 448 -60.88 44.80 11.80
N ALA A 449 -60.92 46.13 11.87
CA ALA A 449 -62.17 46.89 11.72
C ALA A 449 -62.68 46.80 10.28
N ASP A 450 -61.76 46.77 9.31
CA ASP A 450 -62.15 46.58 7.89
C ASP A 450 -62.84 45.23 7.70
N TRP A 451 -62.22 44.17 8.20
CA TRP A 451 -62.81 42.82 8.14
C TRP A 451 -64.12 42.77 8.92
N PHE A 452 -64.24 43.55 10.00
CA PHE A 452 -65.44 43.53 10.85
C PHE A 452 -66.60 44.20 10.13
N LYS A 453 -66.35 45.33 9.47
CA LYS A 453 -67.41 45.99 8.67
C LYS A 453 -67.74 45.14 7.44
N ALA A 454 -66.76 44.41 6.90
CA ALA A 454 -67.03 43.42 5.83
C ALA A 454 -67.94 42.32 6.37
N SER A 455 -67.74 41.88 7.61
CA SER A 455 -68.63 40.91 8.26
C SER A 455 -70.04 41.50 8.37
N PHE A 456 -70.15 42.70 8.91
CA PHE A 456 -71.46 43.38 9.12
C PHE A 456 -72.22 43.54 7.80
N GLY A 457 -71.53 43.56 6.65
CA GLY A 457 -72.17 43.53 5.32
C GLY A 457 -72.36 42.12 4.79
N SER A 458 -73.55 41.55 5.01
CA SER A 458 -74.02 40.29 4.38
C SER A 458 -73.27 39.06 4.90
N THR A 459 -72.60 39.15 6.06
CA THR A 459 -72.07 37.98 6.79
C THR A 459 -72.65 37.95 8.20
N ARG A 460 -72.56 39.07 8.93
CA ARG A 460 -72.97 39.16 10.34
C ARG A 460 -74.49 39.39 10.47
N GLY A 461 -75.16 39.84 9.40
CA GLY A 461 -76.62 39.89 9.35
C GLY A 461 -77.23 38.51 9.53
N TYR A 462 -76.65 37.51 8.85
CA TYR A 462 -76.98 36.07 9.04
C TYR A 462 -75.68 35.26 9.03
N HIS A 463 -75.14 34.98 10.22
CA HIS A 463 -74.06 33.98 10.38
C HIS A 463 -74.63 32.60 10.07
N GLY A 464 -75.67 32.20 10.81
CA GLY A 464 -76.47 31.02 10.54
C GLY A 464 -77.91 31.38 10.22
N CYS A 465 -78.61 30.47 9.55
CA CYS A 465 -80.06 30.60 9.26
C CYS A 465 -80.84 30.70 10.57
N SER A 466 -80.38 30.01 11.62
CA SER A 466 -80.89 30.17 12.99
C SER A 466 -80.16 31.33 13.67
N LYS A 467 -80.90 32.13 14.44
CA LYS A 467 -80.36 33.33 15.11
C LYS A 467 -79.62 33.01 16.41
N LYS A 468 -79.47 31.73 16.77
CA LYS A 468 -78.62 31.32 17.90
C LYS A 468 -77.13 31.41 17.55
N ALA A 469 -76.79 31.58 16.27
CA ALA A 469 -75.41 31.87 15.85
C ALA A 469 -74.92 33.16 16.53
N LEU A 470 -75.79 34.15 16.66
CA LEU A 470 -75.43 35.42 17.33
C LEU A 470 -75.24 35.18 18.83
N VAL A 471 -76.06 34.29 19.41
CA VAL A 471 -75.96 33.95 20.85
C VAL A 471 -74.61 33.30 21.11
N PHE A 472 -74.22 32.36 20.24
CA PHE A 472 -72.92 31.69 20.35
C PHE A 472 -71.78 32.67 20.06
N LEU A 473 -71.99 33.60 19.14
CA LEU A 473 -70.99 34.64 18.83
C LEU A 473 -70.68 35.45 20.08
N PHE A 474 -71.70 35.94 20.76
CA PHE A 474 -71.47 36.79 21.95
C PHE A 474 -71.12 35.95 23.17
N THR A 475 -71.47 34.66 23.19
CA THR A 475 -70.87 33.71 24.13
C THR A 475 -69.36 33.68 23.94
N PHE A 476 -68.91 33.57 22.69
CA PHE A 476 -67.48 33.56 22.38
C PHE A 476 -66.84 34.91 22.74
N LEU A 477 -67.57 36.01 22.54
CA LEU A 477 -67.02 37.33 22.89
C LEU A 477 -66.96 37.52 24.41
N SER A 478 -67.88 36.90 25.15
CA SER A 478 -67.77 36.84 26.62
C SER A 478 -66.64 35.92 27.04
N GLU A 479 -66.29 34.94 26.21
CA GLU A 479 -65.11 34.07 26.43
C GLU A 479 -63.82 34.74 25.91
N LEU A 480 -63.91 35.90 25.26
CA LEU A 480 -62.71 36.65 24.81
C LEU A 480 -62.43 37.82 25.74
N VAL A 481 -63.41 38.70 25.91
CA VAL A 481 -63.16 40.08 26.42
C VAL A 481 -62.69 40.07 27.87
N PRO A 482 -63.19 39.23 28.80
CA PRO A 482 -62.52 39.11 30.10
C PRO A 482 -61.13 38.48 30.07
N PHE A 483 -60.75 37.78 28.99
CA PHE A 483 -59.53 36.93 28.93
C PHE A 483 -58.54 37.52 27.93
N GLU A 484 -57.61 38.33 28.44
CA GLU A 484 -56.38 38.81 27.78
C GLU A 484 -56.65 39.99 26.82
N SER A 485 -57.90 40.13 26.34
CA SER A 485 -58.58 41.41 26.04
C SER A 485 -57.68 42.45 25.38
N PRO A 486 -57.32 42.29 24.10
CA PRO A 486 -56.38 43.24 23.50
C PRO A 486 -57.01 44.63 23.32
N ARG A 487 -56.21 45.66 23.65
CA ARG A 487 -56.70 47.01 23.96
C ARG A 487 -57.55 47.60 22.84
N TYR A 488 -57.01 47.62 21.62
CA TYR A 488 -57.70 48.22 20.46
C TYR A 488 -58.92 47.38 20.09
N LEU A 489 -58.80 46.07 20.16
CA LEU A 489 -59.92 45.21 19.71
C LEU A 489 -61.08 45.25 20.70
N GLN A 490 -60.84 45.62 21.96
CA GLN A 490 -61.96 45.92 22.88
C GLN A 490 -62.89 46.95 22.23
N VAL A 491 -62.35 48.11 21.88
CA VAL A 491 -63.18 49.20 21.31
C VAL A 491 -63.64 48.82 19.90
N HIS A 492 -62.89 47.99 19.18
CA HIS A 492 -63.32 47.55 17.83
C HIS A 492 -64.56 46.66 17.94
N ILE A 493 -64.62 45.81 18.96
CA ILE A 493 -65.83 45.00 19.23
C ILE A 493 -66.95 45.94 19.67
N LEU A 494 -66.63 46.92 20.51
CA LEU A 494 -67.67 47.77 21.15
C LEU A 494 -68.33 48.70 20.12
N HIS A 495 -67.56 49.22 19.16
CA HIS A 495 -67.98 50.39 18.36
C HIS A 495 -69.13 50.05 17.43
N PRO A 496 -69.05 49.03 16.53
CA PRO A 496 -70.25 48.43 15.94
C PRO A 496 -70.67 47.18 16.70
N PRO A 497 -71.99 46.91 16.89
CA PRO A 497 -72.37 45.75 17.68
C PRO A 497 -72.15 44.42 16.95
N TYR A 503 -82.65 38.94 18.35
CA TYR A 503 -83.68 40.01 18.29
C TYR A 503 -83.12 41.27 18.97
N ARG A 504 -83.95 42.32 19.07
CA ARG A 504 -83.52 43.60 19.63
C ARG A 504 -83.16 43.44 21.11
N SER A 505 -83.95 42.65 21.84
CA SER A 505 -83.64 42.31 23.24
C SER A 505 -82.26 41.67 23.34
N LEU A 506 -81.96 40.71 22.47
CA LEU A 506 -80.69 39.97 22.53
C LEU A 506 -79.53 40.91 22.18
N LEU A 507 -79.70 41.76 21.17
CA LEU A 507 -78.64 42.70 20.76
C LEU A 507 -78.36 43.70 21.88
N THR A 508 -79.41 44.23 22.52
CA THR A 508 -79.23 45.13 23.67
C THR A 508 -78.53 44.41 24.83
N ASP A 509 -78.91 43.16 25.08
CA ASP A 509 -78.24 42.35 26.12
C ASP A 509 -76.76 42.19 25.80
N TYR A 510 -76.43 41.94 24.52
CA TYR A 510 -75.02 41.78 24.10
C TYR A 510 -74.24 43.06 24.32
N ILE A 511 -74.84 44.20 23.96
CA ILE A 511 -74.19 45.52 24.18
C ILE A 511 -73.94 45.71 25.68
N SER A 512 -74.95 45.44 26.50
CA SER A 512 -74.83 45.62 27.96
C SER A 512 -73.73 44.72 28.52
N LEU A 513 -73.68 43.46 28.07
CA LEU A 513 -72.65 42.52 28.53
C LEU A 513 -71.26 43.01 28.11
N ALA A 514 -71.13 43.53 26.90
CA ALA A 514 -69.86 44.10 26.42
C ALA A 514 -69.40 45.24 27.33
N LYS A 515 -70.33 46.13 27.68
CA LYS A 515 -69.99 47.29 28.56
C LYS A 515 -69.60 46.78 29.95
N THR A 516 -70.26 45.73 30.44
CA THR A 516 -69.95 45.16 31.76
C THR A 516 -68.53 44.58 31.76
N ARG A 517 -68.18 43.84 30.71
CA ARG A 517 -66.79 43.31 30.61
C ARG A 517 -65.80 44.47 30.50
N LEU A 518 -66.19 45.54 29.80
CA LEU A 518 -65.29 46.72 29.64
C LEU A 518 -65.03 47.37 30.99
N ALA A 519 -66.06 47.44 31.85
CA ALA A 519 -65.88 48.01 33.21
C ALA A 519 -64.87 47.19 34.01
N ASP A 520 -65.00 45.87 33.98
CA ASP A 520 -64.07 44.99 34.71
C ASP A 520 -62.66 45.14 34.14
N LEU A 521 -62.54 45.28 32.82
CA LEU A 521 -61.21 45.50 32.21
C LEU A 521 -60.60 46.82 32.68
N LYS A 522 -61.41 47.88 32.71
CA LYS A 522 -60.92 49.19 33.17
C LYS A 522 -60.49 49.12 34.63
N VAL A 523 -61.18 48.30 35.43
CA VAL A 523 -60.72 48.01 36.81
C VAL A 523 -59.36 47.30 36.75
N SER A 524 -59.19 46.35 35.82
CA SER A 524 -57.92 45.62 35.63
C SER A 524 -56.87 46.53 34.99
N GLU A 648 -49.49 44.10 51.87
CA GLU A 648 -50.61 44.98 51.47
C GLU A 648 -51.93 44.57 52.14
N PRO A 649 -52.41 43.32 51.95
CA PRO A 649 -53.69 42.93 52.56
C PRO A 649 -53.68 42.98 54.09
N LEU A 650 -52.55 42.69 54.75
CA LEU A 650 -52.51 42.71 56.23
C LEU A 650 -52.51 44.15 56.75
N GLY A 651 -51.69 45.02 56.16
CA GLY A 651 -51.71 46.45 56.51
C GLY A 651 -53.08 47.06 56.26
N GLN A 652 -53.74 46.65 55.17
CA GLN A 652 -55.10 47.12 54.88
C GLN A 652 -56.09 46.52 55.89
N LEU A 653 -55.90 45.25 56.28
CA LEU A 653 -56.78 44.58 57.26
C LEU A 653 -56.72 45.30 58.62
N THR A 654 -55.56 45.85 58.98
CA THR A 654 -55.46 46.71 60.17
C THR A 654 -56.37 47.94 60.06
N ALA A 655 -56.64 48.41 58.83
CA ALA A 655 -57.26 49.73 58.59
C ALA A 655 -58.68 49.78 59.16
N ALA A 656 -59.58 48.95 58.65
CA ALA A 656 -60.99 48.99 59.08
C ALA A 656 -61.14 48.44 60.51
N LEU A 657 -60.19 47.63 60.98
CA LEU A 657 -60.12 47.32 62.42
C LEU A 657 -59.95 48.61 63.22
N GLY A 658 -59.02 49.47 62.82
CA GLY A 658 -58.86 50.77 63.46
C GLY A 658 -60.09 51.64 63.31
N GLU A 659 -60.72 51.61 62.13
CA GLU A 659 -61.94 52.42 61.92
C GLU A 659 -63.07 51.91 62.82
N LEU A 660 -63.13 50.60 63.07
CA LEU A 660 -64.16 50.05 63.97
C LEU A 660 -63.82 50.42 65.42
N ARG A 661 -62.55 50.48 65.78
CA ARG A 661 -62.15 51.03 67.09
C ARG A 661 -62.67 52.46 67.23
N ALA A 662 -62.55 53.26 66.18
CA ALA A 662 -63.07 54.64 66.19
C ALA A 662 -64.59 54.63 66.31
N SER A 663 -65.25 53.71 65.60
CA SER A 663 -66.73 53.62 65.59
C SER A 663 -67.27 53.13 66.94
N MET A 664 -66.46 52.44 67.73
CA MET A 664 -66.91 51.87 69.02
C MET A 664 -67.22 52.94 70.07
N THR A 665 -66.96 54.22 69.80
CA THR A 665 -67.42 55.34 70.65
C THR A 665 -68.91 55.21 71.00
N ASP A 666 -69.73 54.79 70.03
CA ASP A 666 -71.18 54.61 70.17
C ASP A 666 -71.59 53.28 69.55
N PRO A 667 -71.66 52.17 70.30
CA PRO A 667 -72.09 50.89 69.72
C PRO A 667 -73.60 50.74 69.48
N SER A 668 -74.39 51.81 69.68
CA SER A 668 -75.85 51.78 69.50
C SER A 668 -76.27 52.05 68.07
N GLN A 669 -75.34 52.38 67.17
CA GLN A 669 -75.74 52.73 65.79
C GLN A 669 -76.16 51.47 65.02
N ARG A 670 -75.27 50.48 64.94
CA ARG A 670 -75.44 49.20 64.24
C ARG A 670 -75.34 49.33 62.71
N ASP A 671 -75.54 50.52 62.15
CA ASP A 671 -75.65 50.65 60.69
C ASP A 671 -74.25 50.85 60.09
N VAL A 672 -73.38 51.56 60.79
CA VAL A 672 -71.97 51.68 60.40
C VAL A 672 -71.23 50.42 60.83
N ILE A 673 -71.67 49.77 61.91
CA ILE A 673 -70.96 48.58 62.44
C ILE A 673 -71.22 47.39 61.54
N SER A 674 -72.44 47.22 61.02
CA SER A 674 -72.72 46.17 60.03
C SER A 674 -71.80 46.34 58.82
N ALA A 675 -71.68 47.56 58.33
CA ALA A 675 -70.84 47.87 57.15
C ALA A 675 -69.37 47.56 57.47
N GLN A 676 -68.88 48.01 58.63
CA GLN A 676 -67.48 47.79 59.00
C GLN A 676 -67.19 46.31 59.19
N VAL A 677 -68.13 45.57 59.76
CA VAL A 677 -67.92 44.12 60.01
C VAL A 677 -67.90 43.37 58.67
N ALA A 678 -68.84 43.68 57.78
CA ALA A 678 -68.86 43.08 56.43
C ALA A 678 -67.59 43.45 55.69
N VAL A 679 -67.11 44.69 55.86
CA VAL A 679 -65.83 45.14 55.26
C VAL A 679 -64.69 44.26 55.77
N ILE A 680 -64.61 44.09 57.09
CA ILE A 680 -63.54 43.28 57.71
C ILE A 680 -63.59 41.87 57.13
N SER A 681 -64.77 41.28 57.04
CA SER A 681 -64.91 39.90 56.53
C SER A 681 -64.46 39.82 55.07
N GLU A 682 -64.97 40.70 54.21
CA GLU A 682 -64.67 40.61 52.77
C GLU A 682 -63.21 40.94 52.49
N ARG A 683 -62.52 41.61 53.43
CA ARG A 683 -61.06 41.80 53.33
C ARG A 683 -60.31 40.59 53.89
N LEU A 684 -60.83 39.94 54.94
CA LEU A 684 -60.23 38.68 55.44
C LEU A 684 -60.20 37.64 54.31
N ARG A 685 -61.21 37.66 53.43
CA ARG A 685 -61.22 36.78 52.25
C ARG A 685 -59.94 36.97 51.43
N ALA A 686 -59.43 38.19 51.32
CA ALA A 686 -58.25 38.48 50.50
C ALA A 686 -57.01 37.80 51.08
N VAL A 687 -56.78 37.95 52.38
CA VAL A 687 -55.61 37.33 53.04
C VAL A 687 -55.79 35.80 53.07
N LEU A 688 -57.02 35.30 53.21
CA LEU A 688 -57.26 33.84 53.17
C LEU A 688 -57.01 33.28 51.77
N GLY A 689 -57.23 34.10 50.72
CA GLY A 689 -57.17 33.67 49.32
C GLY A 689 -58.55 33.33 48.78
N HIS A 690 -58.57 32.76 47.58
CA HIS A 690 -59.80 32.37 46.85
C HIS A 690 -60.70 33.60 46.63
N GLU A 712 -49.08 27.91 61.40
CA GLU A 712 -48.47 28.59 60.23
C GLU A 712 -48.14 30.03 60.62
N PRO A 713 -47.16 30.69 59.98
CA PRO A 713 -46.79 32.06 60.37
C PRO A 713 -47.82 33.10 59.92
N ARG A 714 -48.30 33.04 58.67
CA ARG A 714 -49.27 34.01 58.12
C ARG A 714 -50.62 33.86 58.85
N GLU A 715 -51.10 32.63 59.01
CA GLU A 715 -52.34 32.34 59.76
C GLU A 715 -52.19 32.80 61.20
N HIS A 716 -50.99 32.64 61.79
CA HIS A 716 -50.72 33.15 63.15
C HIS A 716 -50.86 34.66 63.17
N MET A 717 -50.29 35.35 62.19
CA MET A 717 -50.39 36.83 62.12
C MET A 717 -51.85 37.24 62.04
N ALA A 718 -52.62 36.59 61.18
CA ALA A 718 -54.04 36.95 60.98
C ALA A 718 -54.83 36.73 62.27
N VAL A 719 -54.65 35.57 62.91
CA VAL A 719 -55.43 35.25 64.14
C VAL A 719 -55.00 36.20 65.27
N ASP A 720 -53.71 36.49 65.40
CA ASP A 720 -53.22 37.42 66.44
C ASP A 720 -53.84 38.80 66.21
N LEU A 721 -53.87 39.25 64.96
CA LEU A 721 -54.49 40.55 64.62
C LEU A 721 -55.97 40.53 65.03
N LEU A 722 -56.69 39.49 64.66
CA LEU A 722 -58.14 39.36 64.98
C LEU A 722 -58.34 39.45 66.50
N LEU A 723 -57.59 38.65 67.24
CA LEU A 723 -57.77 38.57 68.70
C LEU A 723 -57.43 39.92 69.35
N THR A 724 -56.30 40.51 68.99
CA THR A 724 -55.86 41.78 69.60
C THR A 724 -56.85 42.89 69.26
N SER A 725 -57.34 42.92 68.01
CA SER A 725 -58.38 43.87 67.61
C SER A 725 -59.62 43.70 68.48
N PHE A 726 -60.00 42.46 68.77
CA PHE A 726 -61.16 42.21 69.64
C PHE A 726 -60.86 42.63 71.08
N CYS A 727 -59.62 42.48 71.55
CA CYS A 727 -59.23 42.92 72.90
C CYS A 727 -59.38 44.44 73.01
N GLN A 728 -58.97 45.16 71.97
CA GLN A 728 -59.11 46.63 71.97
C GLN A 728 -60.58 47.03 71.80
N ASN A 729 -61.33 46.27 71.01
CA ASN A 729 -62.79 46.46 70.92
C ASN A 729 -63.41 46.34 72.31
N LEU A 730 -62.96 45.36 73.09
CA LEU A 730 -63.51 45.15 74.45
C LEU A 730 -63.05 46.27 75.39
N MET A 731 -61.83 46.79 75.21
CA MET A 731 -61.38 47.94 76.00
C MET A 731 -62.31 49.13 75.75
N ALA A 732 -62.53 49.47 74.48
CA ALA A 732 -63.48 50.54 74.12
C ALA A 732 -64.88 50.21 74.65
N ALA A 733 -65.28 48.93 74.61
CA ALA A 733 -66.60 48.49 75.08
C ALA A 733 -66.74 48.72 76.58
N SER A 734 -65.71 48.38 77.36
CA SER A 734 -65.70 48.67 78.80
C SER A 734 -65.75 50.19 79.03
N SER A 735 -65.13 50.97 78.15
CA SER A 735 -65.31 52.43 78.16
C SER A 735 -66.80 52.80 77.97
N VAL A 736 -67.55 51.95 77.24
CA VAL A 736 -69.01 52.08 77.00
C VAL A 736 -69.74 50.99 77.78
N ALA A 737 -69.27 50.70 78.99
CA ALA A 737 -69.54 49.53 79.84
C ALA A 737 -70.91 48.84 79.76
N PRO A 738 -72.05 49.57 79.73
CA PRO A 738 -73.36 48.88 79.78
C PRO A 738 -73.49 47.76 78.74
N PRO A 739 -73.46 46.48 79.16
CA PRO A 739 -73.34 45.40 78.19
C PRO A 739 -74.67 44.94 77.59
N GLU A 740 -75.76 45.07 78.33
CA GLU A 740 -77.11 44.74 77.81
C GLU A 740 -77.51 45.75 76.73
N ARG A 741 -76.95 46.96 76.80
CA ARG A 741 -77.26 48.07 75.88
C ARG A 741 -76.18 48.25 74.82
N GLN A 742 -75.00 47.64 74.98
CA GLN A 742 -73.92 47.69 73.97
C GLN A 742 -74.41 47.23 72.60
N GLY A 743 -74.82 45.97 72.49
CA GLY A 743 -75.35 45.38 71.26
C GLY A 743 -74.53 44.18 70.81
N PRO A 744 -74.96 43.49 69.73
CA PRO A 744 -74.29 42.27 69.26
C PRO A 744 -73.09 42.51 68.34
N TRP A 745 -72.25 43.49 68.66
CA TRP A 745 -71.02 43.76 67.87
C TRP A 745 -70.07 42.57 67.98
N ALA A 746 -70.01 41.95 69.16
CA ALA A 746 -69.19 40.76 69.37
C ALA A 746 -69.78 39.58 68.57
N ALA A 747 -71.10 39.49 68.48
CA ALA A 747 -71.75 38.46 67.66
C ALA A 747 -71.39 38.65 66.19
N LEU A 748 -71.45 39.89 65.70
CA LEU A 748 -71.10 40.17 64.29
C LEU A 748 -69.60 39.94 64.07
N PHE A 749 -68.76 40.19 65.07
CA PHE A 749 -67.33 39.88 64.99
C PHE A 749 -67.13 38.36 64.83
N VAL A 750 -67.77 37.57 65.68
CA VAL A 750 -67.70 36.10 65.60
C VAL A 750 -68.23 35.61 64.26
N ARG A 751 -69.21 36.31 63.69
CA ARG A 751 -69.69 36.02 62.32
C ARG A 751 -68.61 36.28 61.26
N THR A 752 -67.50 36.94 61.62
CA THR A 752 -66.27 36.99 60.80
C THR A 752 -65.41 35.75 61.04
N MET A 753 -65.44 35.21 62.25
CA MET A 753 -64.68 33.99 62.63
C MET A 753 -65.42 32.72 62.20
N CYS A 754 -66.65 32.84 61.69
CA CYS A 754 -67.60 31.72 61.41
C CYS A 754 -66.94 30.54 60.71
N GLY A 755 -66.43 30.76 59.50
CA GLY A 755 -65.95 29.68 58.64
C GLY A 755 -64.58 29.93 58.06
N ARG A 756 -63.70 28.95 58.20
CA ARG A 756 -62.34 28.96 57.60
C ARG A 756 -61.43 30.00 58.26
N VAL A 757 -61.87 30.60 59.37
CA VAL A 757 -60.97 31.28 60.33
C VAL A 757 -61.06 30.60 61.70
N LEU A 758 -62.23 30.04 62.01
CA LEU A 758 -62.54 29.28 63.24
C LEU A 758 -61.41 28.35 63.68
N PRO A 759 -60.92 27.41 62.85
CA PRO A 759 -59.96 26.42 63.38
C PRO A 759 -58.64 27.05 63.82
N ALA A 760 -58.14 28.03 63.08
CA ALA A 760 -56.91 28.75 63.46
C ALA A 760 -57.13 29.51 64.76
N VAL A 761 -58.31 30.10 64.94
CA VAL A 761 -58.66 30.79 66.20
C VAL A 761 -58.63 29.78 67.34
N LEU A 762 -59.18 28.58 67.12
CA LEU A 762 -59.18 27.52 68.15
C LEU A 762 -57.74 27.14 68.49
N THR A 763 -56.88 26.96 67.48
CA THR A 763 -55.46 26.64 67.70
C THR A 763 -54.80 27.72 68.55
N ARG A 764 -55.03 28.98 68.24
CA ARG A 764 -54.38 30.07 69.00
C ARG A 764 -54.91 30.12 70.43
N LEU A 765 -56.21 29.93 70.63
CA LEU A 765 -56.78 30.03 71.99
C LEU A 765 -56.29 28.88 72.87
N CYS A 766 -56.17 27.68 72.29
CA CYS A 766 -55.51 26.54 72.98
C CYS A 766 -54.06 26.91 73.30
N GLN A 767 -53.34 27.44 72.32
CA GLN A 767 -51.93 27.88 72.52
C GLN A 767 -51.87 28.92 73.65
N LEU A 768 -52.91 29.74 73.80
CA LEU A 768 -52.91 30.82 74.80
C LEU A 768 -53.09 30.25 76.20
N LEU A 769 -54.20 29.55 76.41
CA LEU A 769 -54.62 29.16 77.77
C LEU A 769 -53.83 27.93 78.23
N ARG A 770 -53.41 27.09 77.29
CA ARG A 770 -52.48 26.01 77.58
C ARG A 770 -51.05 26.44 77.26
N HIS A 771 -50.15 26.11 78.18
CA HIS A 771 -48.70 26.32 78.05
C HIS A 771 -48.28 27.79 78.25
N GLN A 772 -49.22 28.75 78.24
CA GLN A 772 -48.91 30.17 78.50
C GLN A 772 -50.08 30.80 79.27
N GLY A 773 -50.56 30.07 80.28
CA GLY A 773 -51.69 30.51 81.10
C GLY A 773 -51.39 31.79 81.88
N PRO A 774 -50.45 31.74 82.87
CA PRO A 774 -50.40 32.78 83.91
C PRO A 774 -50.00 34.18 83.45
N SER A 775 -49.24 34.29 82.35
CA SER A 775 -48.77 35.59 81.82
C SER A 775 -49.95 36.46 81.37
N LEU A 776 -51.02 35.83 80.87
CA LEU A 776 -52.17 36.54 80.28
C LEU A 776 -52.80 37.44 81.35
N SER A 777 -52.73 38.75 81.14
CA SER A 777 -53.08 39.78 82.15
C SER A 777 -54.58 40.07 82.09
N ALA A 778 -55.06 40.81 83.10
CA ALA A 778 -56.49 40.98 83.44
C ALA A 778 -57.41 41.28 82.24
N PRO A 779 -57.19 42.34 81.45
CA PRO A 779 -58.13 42.65 80.37
C PRO A 779 -58.09 41.62 79.24
N HIS A 780 -56.90 41.13 78.89
CA HIS A 780 -56.74 40.00 77.95
C HIS A 780 -57.54 38.80 78.45
N VAL A 781 -57.49 38.55 79.76
CA VAL A 781 -58.17 37.39 80.38
C VAL A 781 -59.68 37.56 80.23
N LEU A 782 -60.21 38.71 80.61
CA LEU A 782 -61.64 38.98 80.47
C LEU A 782 -62.05 38.87 79.00
N GLY A 783 -61.19 39.31 78.08
CA GLY A 783 -61.49 39.21 76.65
C GLY A 783 -61.56 37.78 76.17
N LEU A 784 -60.62 36.95 76.61
CA LEU A 784 -60.63 35.52 76.24
C LEU A 784 -61.90 34.85 76.77
N ALA A 785 -62.31 35.19 77.99
CA ALA A 785 -63.51 34.61 78.60
C ALA A 785 -64.77 35.05 77.84
N ALA A 786 -64.95 36.34 77.62
CA ALA A 786 -66.12 36.87 76.89
C ALA A 786 -66.16 36.31 75.47
N LEU A 787 -65.00 36.22 74.82
CA LEU A 787 -64.86 35.57 73.50
C LEU A 787 -65.43 34.16 73.57
N ALA A 788 -64.95 33.34 74.51
CA ALA A 788 -65.35 31.92 74.63
C ALA A 788 -66.87 31.82 74.83
N VAL A 789 -67.44 32.71 75.63
CA VAL A 789 -68.91 32.73 75.84
C VAL A 789 -69.60 33.02 74.51
N HIS A 790 -69.08 33.99 73.76
CA HIS A 790 -69.67 34.35 72.46
C HIS A 790 -69.56 33.19 71.47
N LEU A 791 -68.46 32.45 71.51
CA LEU A 791 -68.29 31.27 70.61
C LEU A 791 -69.32 30.20 70.98
N GLY A 792 -69.48 29.92 72.27
CA GLY A 792 -70.48 28.96 72.74
C GLY A 792 -71.90 29.39 72.41
N GLU A 793 -72.15 30.70 72.26
CA GLU A 793 -73.47 31.21 71.87
C GLU A 793 -73.81 30.79 70.43
N SER A 794 -72.94 31.14 69.48
CA SER A 794 -73.14 30.84 68.05
C SER A 794 -72.62 29.44 67.66
N ARG A 795 -72.28 28.60 68.66
CA ARG A 795 -71.92 27.16 68.53
C ARG A 795 -72.76 26.42 67.49
N SER A 796 -74.08 26.64 67.48
CA SER A 796 -75.08 25.84 66.72
C SER A 796 -74.70 25.64 65.25
N ALA A 797 -74.13 26.67 64.61
CA ALA A 797 -73.67 26.62 63.20
C ALA A 797 -72.22 26.15 63.07
N LEU A 798 -71.46 26.07 64.16
CA LEU A 798 -70.03 25.70 64.12
C LEU A 798 -69.88 24.20 63.96
N PRO A 799 -68.71 23.71 63.50
CA PRO A 799 -68.46 22.27 63.42
C PRO A 799 -68.08 21.67 64.76
N GLU A 800 -68.41 20.38 64.92
CA GLU A 800 -67.94 19.59 66.07
C GLU A 800 -66.44 19.38 65.93
N VAL A 801 -65.71 19.59 67.01
CA VAL A 801 -64.23 19.51 67.02
C VAL A 801 -63.81 18.62 68.18
N ASP A 802 -62.74 17.86 67.97
CA ASP A 802 -62.21 16.88 68.92
C ASP A 802 -60.69 17.00 68.93
N VAL A 803 -60.05 16.19 69.78
CA VAL A 803 -58.58 16.14 69.90
C VAL A 803 -58.04 15.06 68.96
N PRO A 813 -67.12 22.49 70.70
CA PRO A 813 -66.05 23.42 70.39
C PRO A 813 -65.53 24.12 71.66
N VAL A 814 -66.38 24.94 72.27
CA VAL A 814 -66.05 25.58 73.58
C VAL A 814 -66.04 24.51 74.66
N PRO A 815 -66.96 23.52 74.65
CA PRO A 815 -66.80 22.36 75.52
C PRO A 815 -65.42 21.70 75.48
N ALA A 816 -64.92 21.39 74.30
CA ALA A 816 -63.58 20.79 74.17
C ALA A 816 -62.52 21.82 74.58
N LEU A 817 -62.74 23.09 74.27
CA LEU A 817 -61.78 24.17 74.56
C LEU A 817 -61.51 24.23 76.07
N PHE A 818 -62.57 24.29 76.87
CA PHE A 818 -62.38 24.51 78.31
C PHE A 818 -61.92 23.22 79.00
N ASP A 819 -62.40 22.04 78.59
CA ASP A 819 -61.98 20.80 79.26
C ASP A 819 -60.50 20.53 78.95
N SER A 820 -60.04 20.94 77.77
CA SER A 820 -58.59 21.03 77.50
C SER A 820 -57.96 22.07 78.42
N LEU A 821 -58.55 23.27 78.48
CA LEU A 821 -58.04 24.43 79.25
C LEU A 821 -57.74 24.07 80.71
N LEU A 822 -58.52 23.13 81.29
CA LEU A 822 -58.56 22.85 82.74
C LEU A 822 -57.16 22.91 83.35
N THR A 823 -56.93 23.90 84.22
CA THR A 823 -55.66 24.08 84.91
C THR A 823 -55.64 23.16 86.12
N CYS A 824 -54.74 22.20 86.11
CA CYS A 824 -54.81 21.10 87.08
C CYS A 824 -54.01 21.41 88.35
N ARG A 825 -52.76 21.83 88.20
CA ARG A 825 -51.78 21.64 89.29
C ARG A 825 -51.51 22.92 90.07
N THR A 826 -51.06 23.98 89.39
CA THR A 826 -50.49 25.17 90.05
C THR A 826 -51.60 25.99 90.72
N ARG A 827 -51.26 26.65 91.83
CA ARG A 827 -52.22 27.45 92.60
C ARG A 827 -52.41 28.83 91.95
N ASP A 828 -51.36 29.39 91.36
CA ASP A 828 -51.50 30.58 90.51
C ASP A 828 -52.50 30.28 89.40
N SER A 829 -52.43 29.06 88.86
CA SER A 829 -53.39 28.61 87.83
C SER A 829 -54.76 28.36 88.44
N LEU A 830 -54.83 27.98 89.72
CA LEU A 830 -56.14 27.88 90.41
C LEU A 830 -56.79 29.26 90.46
N PHE A 831 -56.05 30.27 90.91
CA PHE A 831 -56.55 31.65 90.94
C PHE A 831 -56.91 32.11 89.53
N PHE A 832 -56.11 31.72 88.55
CA PHE A 832 -56.36 32.08 87.15
C PHE A 832 -57.67 31.47 86.68
N CYS A 833 -57.85 30.17 86.93
CA CYS A 833 -59.09 29.47 86.56
C CYS A 833 -60.28 30.12 87.26
N LEU A 834 -60.09 30.55 88.50
CA LEU A 834 -61.18 31.18 89.26
C LEU A 834 -61.56 32.49 88.60
N LYS A 835 -60.58 33.33 88.30
CA LYS A 835 -60.87 34.63 87.69
C LYS A 835 -61.47 34.43 86.30
N PHE A 836 -60.97 33.45 85.57
CA PHE A 836 -61.44 33.20 84.21
C PHE A 836 -62.89 32.74 84.22
N CYS A 837 -63.19 31.76 85.07
CA CYS A 837 -64.56 31.24 85.23
C CYS A 837 -65.48 32.35 85.71
N THR A 838 -64.98 33.19 86.61
CA THR A 838 -65.81 34.28 87.18
C THR A 838 -66.16 35.28 86.09
N ALA A 839 -65.16 35.75 85.35
CA ALA A 839 -65.37 36.72 84.26
C ALA A 839 -66.31 36.12 83.21
N ALA A 840 -66.04 34.89 82.81
CA ALA A 840 -66.88 34.19 81.81
C ALA A 840 -68.33 34.13 82.26
N ILE A 841 -68.53 33.61 83.46
CA ILE A 841 -69.90 33.39 84.00
C ILE A 841 -70.58 34.74 84.16
N SER A 842 -69.87 35.72 84.70
CA SER A 842 -70.46 37.05 84.97
C SER A 842 -70.83 37.74 83.66
N TYR A 843 -70.04 37.58 82.61
CA TYR A 843 -70.38 38.18 81.31
C TYR A 843 -71.59 37.46 80.71
N SER A 844 -71.68 36.15 80.89
CA SER A 844 -72.89 35.42 80.44
C SER A 844 -74.11 35.97 81.18
N LEU A 845 -73.97 36.21 82.49
CA LEU A 845 -75.09 36.77 83.28
C LEU A 845 -75.46 38.15 82.75
N CYS A 846 -74.46 38.97 82.43
CA CYS A 846 -74.68 40.32 81.84
C CYS A 846 -75.42 40.21 80.51
N LYS A 847 -74.97 39.33 79.64
CA LYS A 847 -75.56 39.16 78.29
C LYS A 847 -77.01 38.71 78.39
N PHE A 848 -77.29 37.72 79.25
CA PHE A 848 -78.61 37.05 79.37
C PHE A 848 -79.45 37.60 80.52
N SER A 849 -79.07 38.73 81.13
CA SER A 849 -79.98 39.49 82.01
C SER A 849 -81.09 40.15 81.19
N SER A 850 -80.86 40.41 79.90
CA SER A 850 -81.89 40.88 78.94
C SER A 850 -82.88 39.76 78.62
N GLN A 851 -82.39 38.52 78.51
CA GLN A 851 -83.19 37.35 78.13
C GLN A 851 -83.65 36.59 79.37
N SER A 852 -84.97 36.45 79.54
CA SER A 852 -85.56 35.64 80.64
C SER A 852 -85.23 34.15 80.49
N ARG A 853 -84.76 33.72 79.31
CA ARG A 853 -84.39 32.32 79.03
C ARG A 853 -83.25 31.91 79.98
N ASP A 854 -83.27 30.65 80.43
CA ASP A 854 -82.12 30.00 81.10
C ASP A 854 -81.29 29.33 80.01
N THR A 855 -80.78 30.13 79.07
CA THR A 855 -79.85 29.72 78.00
C THR A 855 -78.40 29.79 78.51
N LEU A 856 -78.16 30.24 79.74
CA LEU A 856 -76.80 30.31 80.32
C LEU A 856 -76.16 28.92 80.36
N CYS A 857 -76.90 27.93 80.83
CA CYS A 857 -76.40 26.54 80.94
C CYS A 857 -76.07 25.94 79.55
N SER A 858 -76.72 26.42 78.48
CA SER A 858 -76.48 25.97 77.11
C SER A 858 -75.28 26.71 76.50
N CYS A 859 -75.32 28.04 76.53
CA CYS A 859 -74.24 28.93 76.03
C CYS A 859 -72.92 28.58 76.72
N LEU A 860 -72.86 28.71 78.04
CA LEU A 860 -71.72 28.23 78.83
C LEU A 860 -71.79 26.71 78.92
N SER A 861 -70.67 26.10 79.28
CA SER A 861 -70.60 24.67 79.59
C SER A 861 -70.99 24.45 81.05
N PRO A 862 -71.25 23.19 81.46
CA PRO A 862 -71.39 22.88 82.87
C PRO A 862 -70.05 22.85 83.63
N GLY A 863 -69.00 22.32 83.01
CA GLY A 863 -67.75 22.03 83.72
C GLY A 863 -67.08 23.27 84.29
N LEU A 864 -67.13 24.39 83.57
CA LEU A 864 -66.65 25.68 84.11
C LEU A 864 -67.37 25.98 85.42
N ILE A 865 -68.69 25.79 85.43
CA ILE A 865 -69.51 26.14 86.60
C ILE A 865 -69.15 25.20 87.75
N LYS A 866 -68.89 23.94 87.44
CA LYS A 866 -68.52 22.95 88.47
C LYS A 866 -67.17 23.31 89.07
N LYS A 867 -66.21 23.70 88.23
CA LYS A 867 -64.88 24.11 88.72
C LYS A 867 -64.97 25.37 89.58
N PHE A 868 -65.83 26.31 89.18
CA PHE A 868 -66.02 27.54 89.95
C PHE A 868 -66.58 27.22 91.33
N GLN A 869 -67.64 26.40 91.36
CA GLN A 869 -68.23 25.95 92.63
C GLN A 869 -67.18 25.29 93.50
N PHE A 870 -66.38 24.42 92.90
CA PHE A 870 -65.34 23.66 93.63
C PHE A 870 -64.33 24.62 94.26
N LEU A 871 -63.88 25.62 93.51
CA LEU A 871 -62.84 26.53 94.05
C LEU A 871 -63.43 27.48 95.08
N MET A 872 -64.68 27.90 94.90
CA MET A 872 -65.38 28.69 95.94
C MET A 872 -65.40 27.91 97.24
N PHE A 873 -65.83 26.65 97.19
CA PHE A 873 -65.88 25.80 98.40
C PHE A 873 -64.49 25.63 98.98
N ARG A 874 -63.47 25.50 98.12
CA ARG A 874 -62.11 25.16 98.61
C ARG A 874 -61.49 26.35 99.35
N LEU A 875 -61.64 27.57 98.82
CA LEU A 875 -60.91 28.74 99.33
C LEU A 875 -61.72 29.49 100.38
N PHE A 876 -63.00 29.77 100.09
CA PHE A 876 -63.83 30.67 100.92
C PHE A 876 -64.66 29.84 101.90
N SER A 877 -64.34 29.94 103.19
CA SER A 877 -65.12 29.33 104.29
C SER A 877 -66.51 29.95 104.38
N GLU A 878 -66.62 31.24 104.09
CA GLU A 878 -67.92 31.97 104.05
C GLU A 878 -68.76 31.57 102.83
N ALA A 879 -68.29 30.63 101.99
CA ALA A 879 -69.07 29.99 100.92
C ALA A 879 -69.51 28.59 101.32
N ARG A 880 -68.72 27.89 102.15
CA ARG A 880 -69.10 26.55 102.67
C ARG A 880 -70.15 26.72 103.77
N GLN A 881 -69.96 27.69 104.66
CA GLN A 881 -70.81 27.79 105.85
C GLN A 881 -72.24 28.20 105.50
N PRO A 882 -72.49 29.38 104.89
CA PRO A 882 -73.87 29.82 104.75
C PRO A 882 -74.56 29.02 103.65
N LEU A 883 -75.84 29.29 103.41
CA LEU A 883 -76.69 28.54 102.47
C LEU A 883 -77.57 29.50 101.69
N HIS A 897 -57.28 37.57 103.02
CA HIS A 897 -56.23 36.53 103.08
C HIS A 897 -55.43 36.46 101.78
N LEU A 898 -56.11 36.03 100.73
CA LEU A 898 -55.56 35.53 99.45
C LEU A 898 -55.40 36.69 98.48
N PRO A 899 -54.85 36.48 97.25
CA PRO A 899 -54.65 37.58 96.31
C PRO A 899 -55.88 38.43 95.95
N SER A 900 -55.63 39.41 95.10
CA SER A 900 -56.28 40.74 95.04
C SER A 900 -57.74 40.75 95.49
N ALA A 901 -58.04 41.66 96.41
CA ALA A 901 -59.39 41.85 96.96
C ALA A 901 -60.41 42.18 95.86
N ASP A 902 -59.97 42.72 94.73
CA ASP A 902 -60.92 43.01 93.63
C ASP A 902 -61.47 41.71 93.06
N TRP A 903 -60.61 40.74 92.81
CA TRP A 903 -61.06 39.43 92.32
C TRP A 903 -61.94 38.76 93.38
N GLN A 904 -61.58 38.95 94.64
CA GLN A 904 -62.36 38.38 95.75
C GLN A 904 -63.77 38.99 95.78
N ARG A 905 -63.86 40.30 95.67
CA ARG A 905 -65.17 40.97 95.66
C ARG A 905 -65.98 40.54 94.43
N ALA A 906 -65.30 40.34 93.31
CA ALA A 906 -65.97 39.84 92.09
C ALA A 906 -66.58 38.47 92.36
N ALA A 907 -65.80 37.57 92.97
CA ALA A 907 -66.26 36.22 93.30
C ALA A 907 -67.45 36.29 94.26
N LEU A 908 -67.35 37.15 95.27
CA LEU A 908 -68.43 37.28 96.28
C LEU A 908 -69.69 37.83 95.62
N SER A 909 -69.56 38.83 94.75
CA SER A 909 -70.71 39.41 94.04
C SER A 909 -71.42 38.34 93.23
N LEU A 910 -70.65 37.54 92.50
CA LEU A 910 -71.24 36.46 91.69
C LEU A 910 -71.91 35.43 92.59
N TRP A 911 -71.28 35.11 93.71
CA TRP A 911 -71.81 34.09 94.64
C TRP A 911 -73.14 34.54 95.22
N THR A 912 -73.22 35.81 95.61
CA THR A 912 -74.41 36.36 96.27
C THR A 912 -75.53 36.63 95.25
N HIS A 913 -75.15 36.91 94.00
CA HIS A 913 -76.08 37.30 92.92
C HIS A 913 -77.17 36.25 92.77
N ARG A 914 -78.39 36.71 92.51
CA ARG A 914 -79.62 35.88 92.59
C ARG A 914 -79.60 34.79 91.54
N THR A 915 -79.52 35.17 90.26
CA THR A 915 -79.74 34.25 89.12
C THR A 915 -78.76 33.08 89.16
N PHE A 916 -77.56 33.27 89.71
CA PHE A 916 -76.65 32.14 89.99
C PHE A 916 -77.36 31.11 90.88
N ARG A 917 -77.99 31.56 91.96
CA ARG A 917 -78.62 30.67 92.95
C ARG A 917 -79.86 30.00 92.35
N GLU A 918 -80.74 30.76 91.70
CA GLU A 918 -81.95 30.16 91.08
C GLU A 918 -81.58 29.25 89.92
N VAL A 919 -80.45 29.50 89.23
CA VAL A 919 -79.97 28.62 88.14
C VAL A 919 -79.43 27.32 88.74
N LEU A 920 -78.75 27.38 89.89
CA LEU A 920 -78.02 26.22 90.47
C LEU A 920 -78.90 25.00 90.76
N LYS A 921 -80.23 25.13 90.78
CA LYS A 921 -81.14 24.11 91.36
C LYS A 921 -81.49 23.00 90.36
N GLU A 922 -81.88 23.37 89.14
CA GLU A 922 -82.47 22.43 88.12
C GLU A 922 -81.36 21.76 87.30
N GLU A 923 -80.34 21.23 87.97
CA GLU A 923 -78.97 21.16 87.42
C GLU A 923 -78.37 19.77 87.52
N ASP A 924 -77.84 19.29 86.40
CA ASP A 924 -76.66 18.42 86.35
C ASP A 924 -75.40 19.20 86.76
N VAL A 925 -75.45 20.53 86.68
CA VAL A 925 -74.36 21.45 87.09
C VAL A 925 -74.09 21.42 88.59
N HIS A 926 -74.88 20.69 89.38
CA HIS A 926 -74.81 20.79 90.84
C HIS A 926 -73.64 20.03 91.45
N LEU A 927 -72.59 19.71 90.69
CA LEU A 927 -71.32 19.24 91.26
C LEU A 927 -71.51 17.93 92.02
N THR A 928 -71.80 16.87 91.29
CA THR A 928 -71.85 15.52 91.85
C THR A 928 -70.54 15.21 92.60
N TYR A 929 -70.68 14.40 93.65
CA TYR A 929 -69.57 13.94 94.50
C TYR A 929 -68.41 13.40 93.65
N GLN A 930 -68.73 12.62 92.63
CA GLN A 930 -67.67 12.08 91.76
C GLN A 930 -66.95 13.21 91.01
N ASP A 931 -67.68 14.24 90.60
CA ASP A 931 -67.06 15.36 89.87
C ASP A 931 -66.14 16.13 90.81
N TRP A 932 -66.64 16.43 92.00
CA TRP A 932 -65.81 17.00 93.08
C TRP A 932 -64.52 16.19 93.25
N LEU A 933 -64.63 14.87 93.27
CA LEU A 933 -63.47 14.00 93.47
C LEU A 933 -62.50 14.17 92.32
N HIS A 934 -63.01 14.18 91.09
CA HIS A 934 -62.17 14.38 89.90
C HIS A 934 -61.32 15.64 90.03
N LEU A 935 -61.93 16.74 90.47
CA LEU A 935 -61.20 18.02 90.54
C LEU A 935 -60.22 18.02 91.70
N GLU A 936 -60.63 17.52 92.87
CA GLU A 936 -59.74 17.49 94.04
C GLU A 936 -58.57 16.52 93.82
N LEU A 937 -58.73 15.53 92.96
CA LEU A 937 -57.59 14.65 92.61
C LEU A 937 -56.73 15.33 91.55
N GLU A 938 -57.36 16.10 90.65
CA GLU A 938 -56.63 16.85 89.61
C GLU A 938 -55.63 17.81 90.26
N ILE A 939 -56.01 18.46 91.36
CA ILE A 939 -55.07 19.36 92.08
C ILE A 939 -54.01 18.50 92.78
N GLN A 940 -52.97 19.15 93.25
CA GLN A 940 -51.68 18.50 93.52
C GLN A 940 -51.36 18.56 95.01
N PRO A 941 -50.32 17.81 95.46
CA PRO A 941 -49.73 18.04 96.77
C PRO A 941 -48.60 19.08 96.77
N GLU A 942 -48.42 19.81 95.66
CA GLU A 942 -47.25 20.65 95.39
C GLU A 942 -47.65 22.13 95.52
N ALA A 943 -48.64 22.56 94.73
CA ALA A 943 -49.31 23.86 94.89
C ALA A 943 -50.51 23.64 95.80
N ASP A 944 -50.41 24.11 97.04
CA ASP A 944 -51.39 23.82 98.10
C ASP A 944 -52.58 24.78 98.03
N ALA A 945 -52.32 26.09 98.10
CA ALA A 945 -53.34 27.17 98.18
C ALA A 945 -54.13 27.11 99.50
N LEU A 946 -53.68 26.33 100.47
CA LEU A 946 -54.37 26.15 101.77
C LEU A 946 -53.41 25.60 102.82
N SER A 947 -53.69 25.95 104.06
CA SER A 947 -53.05 25.26 105.19
C SER A 947 -53.55 23.83 105.25
N ASP A 948 -52.75 22.94 105.81
CA ASP A 948 -53.10 21.51 105.92
C ASP A 948 -54.40 21.31 106.68
N THR A 949 -54.60 22.06 107.75
CA THR A 949 -55.85 21.96 108.51
C THR A 949 -57.03 22.39 107.65
N GLU A 950 -56.86 23.45 106.87
CA GLU A 950 -57.94 23.90 105.97
C GLU A 950 -58.21 22.82 104.92
N ARG A 951 -57.16 22.14 104.46
CA ARG A 951 -57.30 21.05 103.48
C ARG A 951 -58.15 19.93 104.06
N GLN A 952 -57.80 19.47 105.25
CA GLN A 952 -58.53 18.38 105.91
C GLN A 952 -59.96 18.82 106.23
N ASP A 953 -60.13 20.07 106.63
CA ASP A 953 -61.48 20.61 106.94
C ASP A 953 -62.33 20.61 105.67
N PHE A 954 -61.74 21.00 104.54
CA PHE A 954 -62.47 20.99 103.26
C PHE A 954 -62.85 19.57 102.90
N HIS A 955 -61.92 18.62 103.03
CA HIS A 955 -62.19 17.20 102.75
C HIS A 955 -63.39 16.71 103.56
N GLN A 956 -63.32 16.92 104.87
CA GLN A 956 -64.38 16.44 105.79
C GLN A 956 -65.70 17.15 105.50
N TRP A 957 -65.65 18.45 105.21
CA TRP A 957 -66.87 19.21 104.91
C TRP A 957 -67.54 18.67 103.65
N ALA A 958 -66.76 18.44 102.60
CA ALA A 958 -67.32 17.95 101.33
C ALA A 958 -67.95 16.58 101.53
N ILE A 959 -67.25 15.68 102.19
CA ILE A 959 -67.74 14.29 102.37
C ILE A 959 -69.01 14.32 103.24
N HIS A 960 -69.01 15.11 104.31
CA HIS A 960 -70.15 15.18 105.25
C HIS A 960 -71.22 16.17 104.81
N GLU A 961 -71.05 16.83 103.65
CA GLU A 961 -72.11 17.58 102.95
C GLU A 961 -72.67 16.78 101.78
N HIS A 962 -71.92 15.79 101.27
CA HIS A 962 -72.38 14.88 100.21
C HIS A 962 -73.11 13.66 100.77
N PHE A 963 -72.79 13.23 102.00
CA PHE A 963 -73.59 12.21 102.71
C PHE A 963 -75.06 12.60 102.74
N LEU A 964 -75.35 13.84 103.11
CA LEU A 964 -76.73 14.23 103.48
C LEU A 964 -77.68 14.17 102.29
N PRO A 965 -77.42 14.84 101.15
CA PRO A 965 -78.41 14.86 100.06
C PRO A 965 -78.59 13.49 99.43
N GLU A 966 -79.76 13.30 98.86
CA GLU A 966 -80.16 12.05 98.19
C GLU A 966 -79.30 11.83 96.95
N SER A 967 -79.46 10.66 96.35
CA SER A 967 -78.79 10.31 95.08
C SER A 967 -79.46 10.98 93.88
N SER A 968 -80.63 11.63 94.05
CA SER A 968 -81.44 12.14 92.93
C SER A 968 -81.09 13.60 92.60
N ALA A 969 -81.22 14.51 93.57
CA ALA A 969 -80.95 15.95 93.39
C ALA A 969 -79.52 16.19 92.89
N SER A 970 -78.53 15.82 93.71
CA SER A 970 -77.15 15.57 93.29
C SER A 970 -76.93 14.07 93.26
N GLY A 971 -76.06 13.58 92.36
CA GLY A 971 -75.72 12.15 92.28
C GLY A 971 -75.29 11.61 93.62
N GLY A 972 -74.46 12.38 94.34
CA GLY A 972 -74.25 12.24 95.78
C GLY A 972 -74.08 10.85 96.34
N CYS A 973 -74.44 10.71 97.61
CA CYS A 973 -74.39 9.43 98.31
C CYS A 973 -75.11 9.57 99.63
N ASP A 974 -75.94 8.60 100.01
CA ASP A 974 -76.69 8.64 101.29
C ASP A 974 -75.73 8.29 102.43
N GLY A 975 -76.27 8.05 103.62
CA GLY A 975 -75.48 7.76 104.83
C GLY A 975 -74.58 6.54 104.74
N ASP A 976 -74.74 5.70 103.71
CA ASP A 976 -73.91 4.49 103.51
C ASP A 976 -72.45 4.90 103.29
N LEU A 977 -71.59 4.50 104.22
CA LEU A 977 -70.13 4.56 104.02
C LEU A 977 -69.72 3.67 102.85
N GLN A 978 -70.46 2.58 102.62
CA GLN A 978 -70.20 1.69 101.46
C GLN A 978 -70.25 2.49 100.16
N ALA A 979 -71.28 3.30 99.98
CA ALA A 979 -71.46 4.06 98.73
C ALA A 979 -70.36 5.10 98.58
N ALA A 980 -70.06 5.82 99.65
CA ALA A 980 -68.99 6.84 99.63
C ALA A 980 -67.66 6.20 99.27
N CYS A 981 -67.25 5.16 99.99
CA CYS A 981 -65.97 4.47 99.73
C CYS A 981 -65.98 3.86 98.33
N THR A 982 -67.12 3.33 97.90
CA THR A 982 -67.27 2.76 96.54
C THR A 982 -66.94 3.81 95.49
N ILE A 983 -67.65 4.93 95.53
CA ILE A 983 -67.45 5.99 94.51
C ILE A 983 -66.04 6.55 94.63
N LEU A 984 -65.49 6.61 95.84
CA LEU A 984 -64.14 7.14 96.04
C LEU A 984 -63.13 6.27 95.31
N VAL A 985 -63.16 4.97 95.54
CA VAL A 985 -62.22 4.05 94.89
C VAL A 985 -62.48 4.07 93.38
N ASN A 986 -63.74 4.19 92.97
CA ASN A 986 -64.09 4.21 91.53
C ASN A 986 -63.43 5.41 90.86
N ALA A 987 -63.51 6.58 91.49
CA ALA A 987 -62.91 7.79 90.92
C ALA A 987 -61.39 7.70 90.93
N LEU A 988 -60.80 7.09 91.97
CA LEU A 988 -59.35 6.83 91.95
C LEU A 988 -58.97 5.98 90.75
N MET A 989 -59.71 4.91 90.49
CA MET A 989 -59.40 4.02 89.34
C MET A 989 -59.49 4.81 88.04
N ASP A 990 -60.59 5.53 87.84
CA ASP A 990 -60.85 6.23 86.58
C ASP A 990 -59.80 7.30 86.36
N PHE A 991 -59.39 7.99 87.41
CA PHE A 991 -58.34 9.03 87.32
C PHE A 991 -57.01 8.39 86.96
N HIS A 992 -56.65 7.31 87.66
CA HIS A 992 -55.31 6.72 87.55
C HIS A 992 -55.12 6.08 86.18
N GLN A 993 -56.15 5.41 85.65
CA GLN A 993 -56.08 4.76 84.33
C GLN A 993 -56.64 5.67 83.24
N SER A 994 -56.59 6.98 83.43
CA SER A 994 -56.90 7.99 82.40
C SER A 994 -55.76 9.00 82.25
N SER A 995 -55.21 9.47 83.37
CA SER A 995 -54.25 10.58 83.40
C SER A 995 -52.82 10.04 83.57
N ARG A 996 -51.86 10.97 83.70
CA ARG A 996 -50.40 10.69 83.79
C ARG A 996 -49.90 10.19 82.43
N THR A 1012 -49.56 11.76 93.28
CA THR A 1012 -49.55 13.21 92.95
C THR A 1012 -50.98 13.72 92.76
N GLY A 1013 -51.70 13.86 93.88
CA GLY A 1013 -53.10 14.30 93.92
C GLY A 1013 -53.99 13.49 94.85
N ASN A 1014 -53.46 12.41 95.43
CA ASN A 1014 -54.24 11.32 96.04
C ASN A 1014 -54.02 11.22 97.55
N GLU A 1015 -52.86 11.66 98.06
CA GLU A 1015 -52.34 11.21 99.37
C GLU A 1015 -53.03 11.89 100.55
N ASP A 1016 -54.14 12.60 100.34
CA ASP A 1016 -55.08 12.94 101.42
C ASP A 1016 -56.36 12.13 101.29
N ILE A 1017 -56.84 11.96 100.06
CA ILE A 1017 -58.09 11.21 99.81
C ILE A 1017 -57.89 9.74 100.17
N ILE A 1018 -56.68 9.21 99.96
CA ILE A 1018 -56.40 7.83 100.39
C ILE A 1018 -56.49 7.76 101.92
N SER A 1019 -56.10 8.81 102.62
CA SER A 1019 -56.20 8.82 104.09
C SER A 1019 -57.67 8.90 104.52
N ARG A 1020 -58.49 9.64 103.78
CA ARG A 1020 -59.95 9.67 104.05
C ARG A 1020 -60.54 8.27 103.86
N LEU A 1021 -60.05 7.55 102.86
CA LEU A 1021 -60.49 6.16 102.64
C LEU A 1021 -60.11 5.31 103.84
N GLN A 1022 -58.88 5.44 104.34
CA GLN A 1022 -58.45 4.71 105.55
C GLN A 1022 -59.41 4.98 106.70
N GLU A 1023 -59.73 6.26 106.90
CA GLU A 1023 -60.65 6.69 107.95
C GLU A 1023 -61.98 5.93 107.84
N MET A 1024 -62.61 6.01 106.69
CA MET A 1024 -63.95 5.40 106.53
C MET A 1024 -63.88 3.89 106.65
N VAL A 1025 -62.78 3.29 106.20
CA VAL A 1025 -62.66 1.82 106.23
C VAL A 1025 -62.50 1.34 107.67
N ALA A 1026 -61.66 2.01 108.46
CA ALA A 1026 -61.54 1.67 109.89
C ALA A 1026 -62.89 1.90 110.60
N ASP A 1027 -63.63 2.94 110.21
CA ASP A 1027 -64.98 3.19 110.76
C ASP A 1027 -65.88 1.98 110.48
N LEU A 1028 -65.86 1.48 109.26
CA LEU A 1028 -66.71 0.33 108.90
C LEU A 1028 -66.21 -0.94 109.60
N GLU A 1029 -64.91 -1.04 109.85
CA GLU A 1029 -64.36 -2.19 110.62
C GLU A 1029 -64.96 -2.18 112.03
N LEU A 1030 -64.97 -1.02 112.67
CA LEU A 1030 -65.63 -0.88 113.99
C LEU A 1030 -67.12 -1.23 113.89
N GLN A 1031 -67.77 -0.74 112.84
CA GLN A 1031 -69.21 -1.02 112.61
C GLN A 1031 -69.44 -2.53 112.50
N GLN A 1032 -68.50 -3.26 111.92
CA GLN A 1032 -68.64 -4.72 111.75
C GLN A 1032 -68.34 -5.44 113.06
N ASP A 1033 -67.34 -4.97 113.81
CA ASP A 1033 -67.04 -5.52 115.14
C ASP A 1033 -68.26 -5.35 116.06
N LEU A 1034 -69.01 -4.27 115.87
CA LEU A 1034 -70.26 -4.04 116.63
C LEU A 1034 -71.32 -5.03 116.14
N SER A 1043 -68.28 -11.87 109.73
CA SER A 1043 -69.07 -12.92 109.04
C SER A 1043 -69.29 -12.54 107.57
N GLN A 1044 -69.69 -11.28 107.35
CA GLN A 1044 -69.99 -10.77 106.01
C GLN A 1044 -68.69 -10.50 105.28
N GLU A 1045 -68.79 -10.42 103.96
CA GLU A 1045 -67.62 -10.23 103.09
C GLU A 1045 -67.44 -8.76 102.78
N HIS A 1046 -66.20 -8.41 102.43
CA HIS A 1046 -65.76 -7.02 102.25
C HIS A 1046 -66.12 -6.57 100.84
N PHE A 1047 -66.50 -5.32 100.69
CA PHE A 1047 -66.97 -4.77 99.40
C PHE A 1047 -65.82 -4.58 98.42
N LEU A 1048 -64.59 -4.38 98.91
CA LEU A 1048 -63.45 -4.07 98.01
C LEU A 1048 -63.27 -5.18 96.99
N PHE A 1049 -63.28 -6.44 97.43
CA PHE A 1049 -63.01 -7.56 96.53
C PHE A 1049 -64.10 -7.67 95.47
N GLU A 1050 -65.33 -7.29 95.82
CA GLU A 1050 -66.43 -7.27 94.84
C GLU A 1050 -66.18 -6.18 93.80
N ILE A 1051 -65.71 -5.01 94.23
CA ILE A 1051 -65.35 -3.93 93.26
C ILE A 1051 -64.27 -4.45 92.33
N PHE A 1052 -63.28 -5.14 92.88
CA PHE A 1052 -62.16 -5.67 92.08
C PHE A 1052 -62.69 -6.65 91.04
N ARG A 1053 -63.58 -7.54 91.49
CA ARG A 1053 -64.21 -8.52 90.60
C ARG A 1053 -64.95 -7.81 89.48
N ARG A 1054 -65.71 -6.76 89.81
CA ARG A 1054 -66.52 -6.06 88.82
C ARG A 1054 -65.65 -5.43 87.75
N ARG A 1055 -64.58 -4.74 88.16
CA ARG A 1055 -63.72 -4.06 87.18
C ARG A 1055 -62.95 -5.05 86.34
N LEU A 1056 -62.45 -6.12 86.95
CA LEU A 1056 -61.69 -7.12 86.18
C LEU A 1056 -62.60 -7.85 85.19
N GLN A 1057 -63.84 -8.09 85.57
CA GLN A 1057 -64.81 -8.69 84.64
C GLN A 1057 -65.11 -7.74 83.49
N ALA A 1058 -65.43 -6.49 83.81
CA ALA A 1058 -65.77 -5.46 82.80
C ALA A 1058 -64.56 -4.98 82.00
N LEU A 1059 -63.34 -5.41 82.32
CA LEU A 1059 -62.22 -5.26 81.37
C LEU A 1059 -62.49 -6.11 80.13
N THR A 1060 -61.78 -5.78 79.04
CA THR A 1060 -61.75 -6.64 77.85
C THR A 1060 -61.19 -8.01 78.25
N SER A 1061 -61.89 -9.07 77.88
CA SER A 1061 -61.48 -10.45 78.20
C SER A 1061 -60.29 -10.90 77.35
N GLY A 1062 -59.90 -10.13 76.32
CA GLY A 1062 -58.87 -10.52 75.36
C GLY A 1062 -57.51 -10.79 76.00
N TRP A 1063 -56.65 -11.48 75.24
CA TRP A 1063 -55.26 -11.78 75.61
C TRP A 1063 -54.27 -10.77 75.01
N SER A 1064 -54.75 -9.79 74.23
CA SER A 1064 -53.90 -8.75 73.62
C SER A 1064 -53.04 -8.09 74.69
N VAL A 1065 -51.79 -7.78 74.37
CA VAL A 1065 -50.82 -7.23 75.34
C VAL A 1065 -51.34 -5.89 75.87
N ALA A 1066 -52.14 -5.16 75.10
CA ALA A 1066 -52.85 -3.98 75.61
C ALA A 1066 -53.69 -4.36 76.83
N ALA A 1067 -54.50 -5.41 76.69
CA ALA A 1067 -55.38 -5.88 77.78
C ALA A 1067 -54.54 -6.40 78.94
N SER A 1068 -53.49 -7.16 78.66
CA SER A 1068 -52.62 -7.72 79.72
C SER A 1068 -51.94 -6.60 80.50
N LEU A 1069 -51.43 -5.59 79.82
CA LEU A 1069 -50.78 -4.44 80.48
C LEU A 1069 -51.82 -3.68 81.30
N GLN A 1070 -53.02 -3.50 80.77
CA GLN A 1070 -54.11 -2.82 81.49
C GLN A 1070 -54.42 -3.57 82.78
N ARG A 1071 -54.53 -4.89 82.69
CA ARG A 1071 -54.78 -5.75 83.86
C ARG A 1071 -53.64 -5.63 84.86
N GLN A 1072 -52.41 -5.57 84.39
CA GLN A 1072 -51.25 -5.45 85.30
C GLN A 1072 -51.30 -4.13 86.05
N ARG A 1073 -51.53 -3.03 85.34
CA ARG A 1073 -51.71 -1.71 85.99
C ARG A 1073 -52.78 -1.79 87.07
N GLU A 1074 -53.93 -2.35 86.72
CA GLU A 1074 -55.08 -2.35 87.65
C GLU A 1074 -54.78 -3.22 88.87
N LEU A 1075 -54.06 -4.33 88.69
CA LEU A 1075 -53.74 -5.19 89.83
C LEU A 1075 -52.66 -4.60 90.72
N LEU A 1076 -51.67 -3.91 90.16
CA LEU A 1076 -50.70 -3.23 91.03
C LEU A 1076 -51.39 -2.13 91.82
N MET A 1077 -52.34 -1.42 91.23
CA MET A 1077 -53.12 -0.44 91.99
C MET A 1077 -53.92 -1.11 93.10
N TYR A 1078 -54.54 -2.26 92.84
CA TYR A 1078 -55.26 -2.99 93.90
C TYR A 1078 -54.33 -3.39 95.02
N LYS A 1079 -53.16 -3.93 94.69
CA LYS A 1079 -52.17 -4.27 95.70
C LYS A 1079 -51.80 -3.04 96.54
N ARG A 1080 -51.63 -1.90 95.89
CA ARG A 1080 -51.26 -0.65 96.58
C ARG A 1080 -52.33 -0.28 97.59
N ILE A 1081 -53.59 -0.30 97.16
CA ILE A 1081 -54.71 0.05 98.07
C ILE A 1081 -54.76 -0.92 99.23
N LEU A 1082 -54.56 -2.21 98.99
CA LEU A 1082 -54.63 -3.19 100.09
C LEU A 1082 -53.48 -2.99 101.06
N LEU A 1083 -52.31 -2.58 100.57
CA LEU A 1083 -51.15 -2.38 101.45
C LEU A 1083 -51.32 -1.12 102.27
N ARG A 1084 -52.02 -0.13 101.73
CA ARG A 1084 -52.33 1.08 102.50
C ARG A 1084 -53.33 0.78 103.60
N LEU A 1085 -54.46 0.21 103.24
CA LEU A 1085 -55.51 -0.17 104.20
C LEU A 1085 -54.98 -1.24 105.14
N PRO A 1086 -55.62 -1.45 106.32
CA PRO A 1086 -55.08 -2.39 107.30
C PRO A 1086 -55.14 -3.84 106.83
N SER A 1087 -54.42 -4.69 107.54
CA SER A 1087 -54.34 -6.15 107.27
C SER A 1087 -55.57 -6.88 107.79
N SER A 1088 -56.56 -6.18 108.36
CA SER A 1088 -57.85 -6.81 108.74
C SER A 1088 -58.74 -7.06 107.54
N VAL A 1089 -58.50 -6.35 106.44
CA VAL A 1089 -59.38 -6.45 105.26
C VAL A 1089 -59.16 -7.79 104.57
N LEU A 1090 -57.95 -8.31 104.64
CA LEU A 1090 -57.67 -9.60 104.00
C LEU A 1090 -58.24 -10.76 104.80
N CYS A 1091 -57.77 -10.95 106.02
CA CYS A 1091 -58.13 -12.13 106.83
C CYS A 1091 -59.34 -11.88 107.70
N GLY A 1092 -60.02 -10.76 107.55
CA GLY A 1092 -61.01 -10.38 108.55
C GLY A 1092 -60.35 -10.20 109.90
N SER A 1093 -61.13 -10.33 110.95
CA SER A 1093 -60.61 -10.25 112.32
C SER A 1093 -61.46 -11.12 113.23
N SER A 1094 -60.83 -11.73 114.21
CA SER A 1094 -61.56 -12.47 115.25
C SER A 1094 -62.38 -13.63 114.67
N PHE A 1095 -61.72 -14.66 114.14
CA PHE A 1095 -62.44 -15.89 113.78
C PHE A 1095 -63.02 -16.45 115.06
N GLN A 1096 -64.34 -16.42 115.18
CA GLN A 1096 -64.99 -16.74 116.46
C GLN A 1096 -64.90 -18.24 116.75
N ALA A 1097 -65.49 -19.07 115.89
CA ALA A 1097 -65.58 -20.51 116.12
C ALA A 1097 -65.20 -21.24 114.85
N GLU A 1098 -65.25 -22.56 114.92
CA GLU A 1098 -64.71 -23.39 113.84
C GLU A 1098 -65.64 -23.41 112.63
N GLN A 1099 -66.95 -23.45 112.87
CA GLN A 1099 -67.89 -23.45 111.73
C GLN A 1099 -67.85 -22.10 111.00
N PRO A 1100 -68.03 -20.94 111.67
CA PRO A 1100 -67.77 -19.67 110.96
C PRO A 1100 -66.27 -19.41 110.84
N ILE A 1101 -65.67 -20.04 109.83
CA ILE A 1101 -64.21 -19.94 109.57
C ILE A 1101 -63.99 -19.70 108.07
N THR A 1102 -62.85 -19.09 107.74
CA THR A 1102 -62.38 -18.89 106.35
C THR A 1102 -63.34 -17.93 105.63
N ALA A 1103 -63.61 -16.78 106.24
CA ALA A 1103 -64.46 -15.72 105.67
C ALA A 1103 -63.56 -14.54 105.33
N ARG A 1104 -63.62 -14.08 104.06
CA ARG A 1104 -62.74 -13.07 103.43
C ARG A 1104 -61.37 -13.64 103.08
N CYS A 1105 -60.95 -14.75 103.69
CA CYS A 1105 -59.70 -15.40 103.29
C CYS A 1105 -59.92 -16.08 101.93
N GLU A 1106 -61.06 -16.75 101.78
CA GLU A 1106 -61.44 -17.38 100.50
C GLU A 1106 -61.62 -16.30 99.42
N GLN A 1107 -62.20 -15.16 99.81
CA GLN A 1107 -62.33 -13.99 98.94
C GLN A 1107 -60.96 -13.53 98.43
N PHE A 1108 -59.99 -13.49 99.32
CA PHE A 1108 -58.62 -13.08 98.97
C PHE A 1108 -57.97 -14.15 98.12
N PHE A 1109 -58.23 -15.42 98.44
CA PHE A 1109 -57.58 -16.54 97.73
C PHE A 1109 -58.04 -16.59 96.29
N HIS A 1110 -59.32 -16.33 96.05
CA HIS A 1110 -59.85 -16.28 94.68
C HIS A 1110 -59.07 -15.24 93.88
N LEU A 1111 -58.79 -14.10 94.50
CA LEU A 1111 -58.00 -13.05 93.82
C LEU A 1111 -56.57 -13.51 93.56
N VAL A 1112 -55.93 -14.06 94.58
CA VAL A 1112 -54.53 -14.51 94.45
C VAL A 1112 -54.40 -15.56 93.35
N ASN A 1113 -55.42 -16.40 93.19
CA ASN A 1113 -55.36 -17.49 92.21
C ASN A 1113 -55.71 -16.94 90.83
N SER A 1114 -56.81 -16.22 90.72
CA SER A 1114 -57.28 -15.77 89.40
C SER A 1114 -56.31 -14.78 88.77
N GLU A 1115 -55.79 -13.83 89.56
CA GLU A 1115 -55.22 -12.59 89.00
C GLU A 1115 -53.78 -12.39 89.43
N MET A 1116 -53.50 -12.42 90.72
CA MET A 1116 -52.18 -12.00 91.20
C MET A 1116 -51.07 -12.95 90.79
N ARG A 1117 -51.35 -14.24 90.65
CA ARG A 1117 -50.27 -15.19 90.26
C ARG A 1117 -49.76 -14.88 88.85
N ASN A 1118 -50.60 -14.33 87.98
CA ASN A 1118 -50.19 -13.93 86.62
C ASN A 1118 -49.23 -12.75 86.68
N PHE A 1119 -49.66 -11.65 87.30
CA PHE A 1119 -49.00 -10.33 87.19
C PHE A 1119 -48.18 -9.97 88.42
N CYS A 1120 -48.82 -9.93 89.59
CA CYS A 1120 -48.13 -9.62 90.87
C CYS A 1120 -47.38 -10.83 91.43
N SER A 1121 -46.43 -11.37 90.67
CA SER A 1121 -45.70 -12.60 91.02
C SER A 1121 -44.31 -12.57 90.40
N HIS A 1122 -43.41 -13.37 90.95
CA HIS A 1122 -42.10 -13.63 90.32
C HIS A 1122 -41.42 -14.83 90.96
N GLY A 1123 -41.05 -15.81 90.15
CA GLY A 1123 -40.39 -17.04 90.62
C GLY A 1123 -41.38 -18.02 91.19
N GLY A 1124 -42.63 -18.01 90.71
CA GLY A 1124 -43.72 -18.81 91.29
C GLY A 1124 -43.93 -18.46 92.74
N ALA A 1125 -43.81 -17.18 93.06
CA ALA A 1125 -44.02 -16.66 94.41
C ALA A 1125 -44.65 -15.29 94.32
N LEU A 1126 -45.28 -14.92 95.40
CA LEU A 1126 -46.02 -13.67 95.48
C LEU A 1126 -45.00 -12.60 95.83
N THR A 1127 -45.46 -11.37 96.08
CA THR A 1127 -44.59 -10.25 96.46
C THR A 1127 -44.49 -10.08 97.98
N GLN A 1128 -43.30 -9.69 98.45
CA GLN A 1128 -43.02 -9.48 99.89
C GLN A 1128 -44.05 -8.57 100.53
N ASP A 1129 -44.51 -7.57 99.81
CA ASP A 1129 -45.44 -6.55 100.32
C ASP A 1129 -46.71 -7.23 100.81
N ILE A 1130 -47.47 -7.81 99.88
CA ILE A 1130 -48.82 -8.31 100.20
C ILE A 1130 -48.69 -9.58 101.02
N THR A 1131 -47.63 -10.35 100.82
CA THR A 1131 -47.37 -11.53 101.66
C THR A 1131 -47.31 -11.14 103.14
N ALA A 1132 -46.49 -10.14 103.46
CA ALA A 1132 -46.33 -9.72 104.86
C ALA A 1132 -47.61 -9.09 105.37
N HIS A 1133 -48.28 -8.29 104.54
CA HIS A 1133 -49.58 -7.72 104.91
C HIS A 1133 -50.54 -8.83 105.38
N PHE A 1134 -50.62 -9.89 104.59
CA PHE A 1134 -51.49 -11.04 104.90
C PHE A 1134 -51.09 -11.65 106.22
N PHE A 1135 -49.84 -12.10 106.34
CA PHE A 1135 -49.41 -12.82 107.54
C PHE A 1135 -49.57 -11.96 108.80
N ARG A 1136 -49.39 -10.65 108.68
CA ARG A 1136 -49.56 -9.76 109.84
C ARG A 1136 -51.02 -9.73 110.28
N GLY A 1137 -51.94 -9.52 109.33
CA GLY A 1137 -53.38 -9.62 109.62
C GLY A 1137 -53.77 -10.97 110.21
N LEU A 1138 -53.13 -12.03 109.73
CA LEU A 1138 -53.41 -13.40 110.18
C LEU A 1138 -53.05 -13.55 111.65
N LEU A 1139 -51.82 -13.24 112.01
CA LEU A 1139 -51.38 -13.36 113.41
C LEU A 1139 -52.21 -12.46 114.30
N ASN A 1140 -52.57 -11.28 113.79
CA ASN A 1140 -53.39 -10.34 114.57
C ASN A 1140 -54.72 -10.98 114.93
N ALA A 1141 -55.46 -11.45 113.92
CA ALA A 1141 -56.79 -12.01 114.15
C ALA A 1141 -56.69 -13.28 115.00
N CYS A 1142 -55.70 -14.12 114.72
CA CYS A 1142 -55.57 -15.41 115.42
C CYS A 1142 -55.26 -15.19 116.90
N LEU A 1143 -54.32 -14.29 117.21
CA LEU A 1143 -54.00 -13.98 118.61
C LEU A 1143 -55.17 -13.29 119.30
N ARG A 1144 -55.96 -12.54 118.54
CA ARG A 1144 -57.19 -11.95 119.10
C ARG A 1144 -58.22 -13.03 119.43
N SER A 1145 -58.21 -14.13 118.67
CA SER A 1145 -59.09 -15.27 118.89
C SER A 1145 -58.45 -16.29 119.83
N ARG A 1146 -59.28 -17.21 120.32
CA ARG A 1146 -58.87 -18.29 121.23
C ARG A 1146 -58.39 -19.50 120.42
N ASP A 1147 -57.61 -20.37 121.06
CA ASP A 1147 -56.92 -21.53 120.44
C ASP A 1147 -56.12 -21.03 119.24
N PRO A 1148 -55.24 -20.05 119.43
CA PRO A 1148 -54.67 -19.31 118.30
C PRO A 1148 -53.73 -20.19 117.47
N SER A 1149 -52.88 -20.99 118.12
CA SER A 1149 -51.97 -21.90 117.41
C SER A 1149 -52.77 -22.88 116.55
N LEU A 1150 -53.85 -23.42 117.10
CA LEU A 1150 -54.66 -24.44 116.39
C LEU A 1150 -55.37 -23.79 115.20
N MET A 1151 -55.88 -22.58 115.37
CA MET A 1151 -56.58 -21.89 114.29
C MET A 1151 -55.61 -21.50 113.17
N VAL A 1152 -54.43 -21.00 113.53
CA VAL A 1152 -53.34 -20.70 112.57
C VAL A 1152 -53.04 -21.96 111.77
N ASP A 1153 -52.82 -23.07 112.47
CA ASP A 1153 -52.49 -24.35 111.82
C ASP A 1153 -53.61 -24.75 110.87
N PHE A 1154 -54.85 -24.51 111.27
CA PHE A 1154 -56.01 -24.86 110.43
C PHE A 1154 -55.99 -24.09 109.13
N ILE A 1155 -55.83 -22.77 109.20
CA ILE A 1155 -55.89 -21.93 107.98
C ILE A 1155 -54.69 -22.24 107.09
N LEU A 1156 -53.51 -22.44 107.67
CA LEU A 1156 -52.32 -22.75 106.84
C LEU A 1156 -52.33 -24.18 106.33
N ALA A 1157 -53.18 -25.05 106.86
CA ALA A 1157 -53.42 -26.37 106.24
C ALA A 1157 -54.39 -26.20 105.07
N LYS A 1158 -55.39 -25.33 105.22
CA LYS A 1158 -56.35 -25.06 104.13
C LYS A 1158 -55.66 -24.36 102.96
N CYS A 1159 -54.62 -23.59 103.23
CA CYS A 1159 -53.87 -22.90 102.15
C CYS A 1159 -53.24 -23.93 101.20
N GLN A 1160 -52.95 -25.14 101.66
CA GLN A 1160 -52.44 -26.19 100.75
C GLN A 1160 -53.48 -26.55 99.69
N THR A 1161 -54.75 -26.30 99.96
CA THR A 1161 -55.89 -26.74 99.13
C THR A 1161 -56.54 -25.59 98.37
N LYS A 1162 -56.51 -24.36 98.90
CA LYS A 1162 -57.24 -23.23 98.28
C LYS A 1162 -56.28 -22.21 97.64
N CYS A 1163 -55.12 -21.97 98.24
CA CYS A 1163 -54.16 -20.95 97.76
C CYS A 1163 -52.75 -21.34 98.17
N PRO A 1164 -52.09 -22.22 97.42
CA PRO A 1164 -50.75 -22.66 97.79
C PRO A 1164 -49.68 -21.65 97.45
N LEU A 1165 -50.01 -20.66 96.61
CA LEU A 1165 -49.04 -19.62 96.23
C LEU A 1165 -48.61 -18.83 97.47
N ILE A 1166 -49.51 -18.67 98.44
CA ILE A 1166 -49.19 -17.99 99.71
C ILE A 1166 -48.08 -18.74 100.43
N LEU A 1167 -48.23 -20.04 100.57
CA LEU A 1167 -47.18 -20.82 101.25
C LEU A 1167 -45.88 -20.79 100.46
N THR A 1168 -45.98 -20.86 99.14
CA THR A 1168 -44.79 -20.83 98.28
C THR A 1168 -44.13 -19.47 98.35
N SER A 1169 -44.89 -18.42 98.69
CA SER A 1169 -44.35 -17.06 98.84
C SER A 1169 -43.67 -16.91 100.20
N ALA A 1170 -44.35 -17.37 101.23
CA ALA A 1170 -43.84 -17.33 102.60
C ALA A 1170 -42.58 -18.18 102.75
N LEU A 1171 -42.33 -19.14 101.88
CA LEU A 1171 -41.02 -19.82 101.89
C LEU A 1171 -39.92 -18.87 101.42
N VAL A 1172 -40.22 -17.99 100.48
CA VAL A 1172 -39.18 -17.09 99.92
C VAL A 1172 -38.92 -15.97 100.90
N TRP A 1173 -40.00 -15.34 101.37
CA TRP A 1173 -39.96 -14.12 102.21
C TRP A 1173 -39.95 -14.42 103.69
N TRP A 1174 -39.37 -15.55 104.08
CA TRP A 1174 -39.43 -15.99 105.49
C TRP A 1174 -38.46 -15.21 106.36
N PRO A 1175 -37.18 -15.00 105.95
CA PRO A 1175 -36.25 -14.26 106.79
C PRO A 1175 -36.64 -12.81 107.05
N SER A 1176 -37.56 -12.27 106.23
CA SER A 1176 -38.26 -11.01 106.49
C SER A 1176 -39.26 -11.17 107.62
N LEU A 1177 -40.15 -12.15 107.50
CA LEU A 1177 -41.35 -12.18 108.37
C LEU A 1177 -41.01 -12.70 109.76
N GLU A 1178 -40.11 -13.67 109.86
CA GLU A 1178 -39.93 -14.43 111.10
C GLU A 1178 -39.60 -13.53 112.28
N PRO A 1179 -38.73 -12.51 112.15
CA PRO A 1179 -38.58 -11.52 113.22
C PRO A 1179 -39.90 -10.84 113.62
N VAL A 1180 -40.62 -10.36 112.61
CA VAL A 1180 -41.89 -9.65 112.85
C VAL A 1180 -42.86 -10.57 113.60
N LEU A 1181 -43.03 -11.79 113.12
CA LEU A 1181 -44.04 -12.71 113.68
C LEU A 1181 -43.59 -13.16 115.05
N LEU A 1182 -42.30 -13.43 115.24
CA LEU A 1182 -41.79 -13.83 116.56
C LEU A 1182 -42.06 -12.74 117.58
N CYS A 1183 -41.78 -11.49 117.24
CA CYS A 1183 -41.99 -10.38 118.20
C CYS A 1183 -43.49 -10.21 118.47
N ARG A 1184 -44.28 -10.13 117.41
CA ARG A 1184 -45.75 -9.99 117.50
C ARG A 1184 -46.38 -11.12 118.31
N TRP A 1185 -45.78 -12.31 118.25
CA TRP A 1185 -46.26 -13.49 118.98
C TRP A 1185 -45.84 -13.38 120.44
N ARG A 1186 -44.54 -13.38 120.70
CA ARG A 1186 -43.98 -13.43 122.07
C ARG A 1186 -44.52 -12.29 122.92
N ARG A 1187 -44.80 -11.15 122.31
CA ARG A 1187 -45.32 -9.99 123.05
C ARG A 1187 -46.66 -10.33 123.70
N HIS A 1188 -47.67 -10.61 122.90
CA HIS A 1188 -49.05 -10.81 123.39
C HIS A 1188 -49.23 -12.20 124.02
N CYS A 1189 -48.61 -13.23 123.44
CA CYS A 1189 -48.74 -14.63 123.89
C CYS A 1189 -47.36 -15.28 123.98
N GLN A 1190 -47.06 -15.90 125.11
CA GLN A 1190 -45.72 -16.47 125.39
C GLN A 1190 -45.54 -17.84 124.71
N SER A 1191 -46.58 -18.40 124.08
CA SER A 1191 -46.54 -19.74 123.45
C SER A 1191 -45.42 -19.81 122.40
N PRO A 1192 -44.98 -21.02 121.98
CA PRO A 1192 -44.07 -21.15 120.85
C PRO A 1192 -44.79 -20.92 119.53
N LEU A 1193 -44.02 -20.85 118.43
CA LEU A 1193 -44.62 -20.66 117.10
C LEU A 1193 -45.51 -21.86 116.77
N PRO A 1194 -46.67 -21.67 116.11
CA PRO A 1194 -47.46 -22.82 115.65
C PRO A 1194 -46.72 -23.76 114.69
N ARG A 1195 -47.27 -24.96 114.55
CA ARG A 1195 -46.55 -26.09 113.95
C ARG A 1195 -46.41 -25.90 112.45
N GLU A 1196 -47.36 -25.24 111.80
CA GLU A 1196 -47.27 -25.00 110.34
C GLU A 1196 -46.12 -24.04 110.02
N LEU A 1197 -45.94 -22.99 110.82
CA LEU A 1197 -44.82 -22.07 110.60
C LEU A 1197 -43.51 -22.76 110.96
N GLN A 1198 -43.53 -23.64 111.97
CA GLN A 1198 -42.36 -24.49 112.22
C GLN A 1198 -42.07 -25.37 111.02
N LYS A 1199 -43.10 -25.85 110.31
CA LYS A 1199 -42.91 -26.67 109.10
C LYS A 1199 -42.28 -25.84 107.99
N LEU A 1200 -42.69 -24.57 107.83
CA LEU A 1200 -42.06 -23.69 106.84
C LEU A 1200 -40.57 -23.52 107.13
N GLN A 1201 -40.24 -23.21 108.37
CA GLN A 1201 -38.83 -23.11 108.79
C GLN A 1201 -38.12 -24.46 108.55
N GLU A 1202 -38.81 -25.57 108.78
CA GLU A 1202 -38.21 -26.92 108.63
C GLU A 1202 -37.92 -27.20 107.15
N GLY A 1203 -38.83 -26.83 106.27
CA GLY A 1203 -38.61 -26.96 104.82
C GLY A 1203 -37.41 -26.14 104.37
N ARG A 1204 -37.27 -24.93 104.91
CA ARG A 1204 -36.09 -24.09 104.59
C ARG A 1204 -34.82 -24.79 105.07
N GLN A 1205 -34.83 -25.33 106.30
CA GLN A 1205 -33.66 -26.06 106.83
C GLN A 1205 -33.35 -27.26 105.94
N PHE A 1206 -34.38 -27.93 105.45
CA PHE A 1206 -34.20 -29.13 104.60
C PHE A 1206 -33.56 -28.74 103.27
N ALA A 1207 -34.07 -27.67 102.65
CA ALA A 1207 -33.48 -27.13 101.43
C ALA A 1207 -32.01 -26.84 101.64
N SER A 1208 -31.67 -26.16 102.73
CA SER A 1208 -30.28 -25.76 103.01
C SER A 1208 -29.42 -26.97 103.32
N ASP A 1209 -30.00 -28.04 103.87
CA ASP A 1209 -29.25 -29.24 104.25
C ASP A 1209 -29.01 -30.14 103.04
N PHE A 1210 -29.93 -30.13 102.09
CA PHE A 1210 -29.71 -30.79 100.78
C PHE A 1210 -28.45 -30.23 100.13
N LEU A 1211 -28.33 -28.91 100.06
CA LEU A 1211 -27.21 -28.20 99.40
C LEU A 1211 -26.05 -28.04 100.40
N SER A 1212 -25.61 -29.16 100.94
CA SER A 1212 -24.57 -29.22 101.99
C SER A 1212 -24.02 -30.63 102.02
N PRO A 1213 -22.88 -30.86 102.71
CA PRO A 1213 -22.43 -32.23 102.97
C PRO A 1213 -23.52 -33.05 103.68
N GLU A 1214 -23.71 -34.29 103.23
CA GLU A 1214 -24.83 -35.14 103.66
C GLU A 1214 -24.58 -35.62 105.09
N ALA A 1215 -24.70 -34.71 106.05
CA ALA A 1215 -24.60 -35.03 107.48
C ALA A 1215 -25.89 -35.74 107.92
N ALA A 1216 -27.04 -35.24 107.46
CA ALA A 1216 -28.35 -35.87 107.64
C ALA A 1216 -29.17 -35.75 106.35
N SER A 1217 -30.31 -36.44 106.33
CA SER A 1217 -31.19 -36.52 105.16
C SER A 1217 -32.63 -36.65 105.62
N PRO A 1218 -33.21 -35.59 106.21
CA PRO A 1218 -34.56 -35.70 106.77
C PRO A 1218 -35.63 -35.66 105.68
N ALA A 1219 -36.69 -36.44 105.89
CA ALA A 1219 -37.83 -36.49 104.98
C ALA A 1219 -38.91 -35.52 105.46
N PRO A 1220 -39.31 -34.51 104.67
CA PRO A 1220 -40.42 -33.64 105.08
C PRO A 1220 -41.76 -34.15 104.57
N ASN A 1221 -42.82 -33.67 105.19
CA ASN A 1221 -44.14 -34.27 105.02
C ASN A 1221 -44.83 -33.82 103.74
N PRO A 1222 -45.01 -32.51 103.48
CA PRO A 1222 -45.60 -32.10 102.20
C PRO A 1222 -44.56 -32.01 101.09
N ASP A 1223 -44.73 -32.87 100.10
CA ASP A 1223 -43.70 -33.08 99.08
C ASP A 1223 -43.53 -31.86 98.20
N TRP A 1224 -44.63 -31.29 97.73
CA TRP A 1224 -44.56 -30.14 96.81
C TRP A 1224 -44.01 -28.91 97.51
N LEU A 1225 -44.28 -28.76 98.79
CA LEU A 1225 -43.77 -27.60 99.55
C LEU A 1225 -42.27 -27.74 99.77
N SER A 1226 -41.83 -28.90 100.23
CA SER A 1226 -40.40 -29.16 100.39
C SER A 1226 -39.67 -29.16 99.05
N ALA A 1227 -40.39 -29.32 97.94
CA ALA A 1227 -39.81 -29.19 96.59
C ALA A 1227 -39.65 -27.73 96.20
N ALA A 1228 -40.68 -26.92 96.44
CA ALA A 1228 -40.60 -25.46 96.22
C ALA A 1228 -39.41 -24.88 96.99
N ALA A 1229 -39.21 -25.29 98.24
CA ALA A 1229 -38.08 -24.83 99.04
C ALA A 1229 -36.77 -25.19 98.35
N LEU A 1230 -36.66 -26.43 97.86
CA LEU A 1230 -35.41 -26.86 97.21
C LEU A 1230 -35.20 -26.10 95.91
N HIS A 1231 -36.29 -25.72 95.25
CA HIS A 1231 -36.22 -24.91 94.03
C HIS A 1231 -35.64 -23.54 94.36
N PHE A 1232 -36.17 -22.88 95.39
CA PHE A 1232 -35.70 -21.54 95.77
C PHE A 1232 -34.26 -21.56 96.30
N ALA A 1233 -33.82 -22.68 96.86
CA ALA A 1233 -32.44 -22.79 97.35
C ALA A 1233 -31.50 -23.07 96.18
N ILE A 1234 -31.93 -23.87 95.20
CA ILE A 1234 -31.12 -24.12 93.98
C ILE A 1234 -31.06 -22.86 93.14
N GLN A 1235 -32.07 -22.00 93.26
CA GLN A 1235 -32.10 -20.71 92.55
C GLN A 1235 -30.97 -19.76 92.98
N GLN A 1236 -30.18 -20.09 94.02
CA GLN A 1236 -29.08 -19.24 94.53
C GLN A 1236 -27.80 -20.07 94.60
N VAL A 1237 -27.49 -20.79 93.53
CA VAL A 1237 -26.33 -21.70 93.47
C VAL A 1237 -25.52 -21.37 92.22
N ARG A 1238 -24.23 -21.66 92.28
CA ARG A 1238 -23.33 -21.49 91.14
C ARG A 1238 -23.49 -22.63 90.14
N GLU A 1239 -23.16 -22.36 88.89
CA GLU A 1239 -23.22 -23.34 87.79
C GLU A 1239 -22.26 -24.52 88.01
N GLU A 1240 -21.21 -24.30 88.81
CA GLU A 1240 -20.24 -25.37 89.13
C GLU A 1240 -20.94 -26.50 89.85
N ASN A 1241 -21.61 -26.17 90.96
CA ASN A 1241 -21.96 -27.15 92.00
C ASN A 1241 -23.34 -27.77 91.79
N ILE A 1242 -24.06 -27.43 90.72
CA ILE A 1242 -25.42 -27.99 90.51
C ILE A 1242 -25.31 -29.50 90.32
N ARG A 1243 -24.41 -29.94 89.44
CA ARG A 1243 -24.20 -31.38 89.23
C ARG A 1243 -23.71 -32.02 90.53
N LYS A 1244 -22.75 -31.39 91.19
CA LYS A 1244 -22.14 -31.93 92.42
C LYS A 1244 -23.22 -32.16 93.49
N GLN A 1245 -24.21 -31.27 93.55
CA GLN A 1245 -25.28 -31.35 94.54
C GLN A 1245 -26.32 -32.38 94.11
N LEU A 1246 -26.93 -32.17 92.95
CA LEU A 1246 -28.12 -32.96 92.52
C LEU A 1246 -27.72 -34.33 91.96
N LYS A 1247 -26.44 -34.72 92.02
CA LYS A 1247 -26.07 -36.15 92.05
C LYS A 1247 -26.42 -36.79 93.40
N LYS A 1248 -26.68 -35.99 94.43
CA LYS A 1248 -27.20 -36.45 95.74
C LYS A 1248 -28.73 -36.47 95.76
N LEU A 1249 -29.36 -36.35 94.59
CA LEU A 1249 -30.84 -36.37 94.43
C LEU A 1249 -31.34 -37.75 94.02
N ASP A 1250 -30.46 -38.74 93.87
CA ASP A 1250 -30.83 -40.09 93.40
C ASP A 1250 -31.47 -40.92 94.51
N CYS A 1251 -31.58 -40.42 95.75
CA CYS A 1251 -32.15 -41.13 96.91
C CYS A 1251 -33.35 -40.37 97.49
N GLU A 1252 -34.12 -39.72 96.61
CA GLU A 1252 -35.33 -38.97 96.98
C GLU A 1252 -36.50 -39.54 96.22
N ARG A 1253 -37.70 -39.06 96.54
CA ARG A 1253 -38.95 -39.74 96.16
C ARG A 1253 -39.64 -39.03 94.99
N GLU A 1254 -40.65 -39.70 94.47
CA GLU A 1254 -41.09 -39.52 93.07
C GLU A 1254 -41.84 -38.20 92.95
N GLU A 1255 -42.87 -38.00 93.77
CA GLU A 1255 -43.71 -36.79 93.66
C GLU A 1255 -42.86 -35.55 93.96
N LEU A 1256 -41.99 -35.62 94.96
CA LEU A 1256 -41.02 -34.54 95.24
C LEU A 1256 -40.29 -34.17 93.95
N LEU A 1257 -39.67 -35.18 93.34
CA LEU A 1257 -38.83 -34.98 92.13
C LEU A 1257 -39.67 -34.37 91.03
N VAL A 1258 -40.91 -34.81 90.89
CA VAL A 1258 -41.77 -34.37 89.77
C VAL A 1258 -42.15 -32.91 89.98
N PHE A 1259 -42.51 -32.54 91.21
CA PHE A 1259 -42.85 -31.14 91.50
C PHE A 1259 -41.63 -30.26 91.32
N LEU A 1260 -40.47 -30.74 91.73
CA LEU A 1260 -39.23 -29.96 91.58
C LEU A 1260 -38.92 -29.82 90.09
N PHE A 1261 -39.20 -30.82 89.28
CA PHE A 1261 -39.00 -30.73 87.81
C PHE A 1261 -39.94 -29.66 87.27
N PHE A 1262 -41.18 -29.61 87.74
CA PHE A 1262 -42.12 -28.60 87.25
C PHE A 1262 -41.65 -27.23 87.66
N PHE A 1263 -41.14 -27.09 88.86
CA PHE A 1263 -40.73 -25.76 89.33
C PHE A 1263 -39.47 -25.30 88.61
N SER A 1264 -38.56 -26.21 88.30
CA SER A 1264 -37.36 -25.87 87.52
C SER A 1264 -37.76 -25.53 86.08
N LEU A 1265 -38.75 -26.25 85.57
CA LEU A 1265 -39.33 -25.97 84.24
C LEU A 1265 -40.05 -24.64 84.24
N MET A 1266 -40.50 -24.19 85.39
CA MET A 1266 -41.09 -22.86 85.53
C MET A 1266 -39.98 -21.80 85.58
N GLY A 1267 -38.86 -22.11 86.24
CA GLY A 1267 -37.74 -21.16 86.35
C GLY A 1267 -37.05 -20.96 85.02
N LEU A 1268 -36.87 -22.04 84.25
CA LEU A 1268 -36.31 -21.96 82.89
C LEU A 1268 -37.09 -20.97 82.05
N LEU A 1269 -38.39 -21.16 82.03
CA LEU A 1269 -39.25 -20.36 81.18
C LEU A 1269 -39.38 -18.94 81.71
N SER A 1270 -39.30 -18.74 83.02
CA SER A 1270 -39.27 -17.39 83.63
C SER A 1270 -37.99 -16.67 83.22
N SER A 1271 -36.87 -17.38 83.21
CA SER A 1271 -35.57 -16.82 82.83
C SER A 1271 -35.52 -16.45 81.36
N HIS A 1272 -35.98 -17.34 80.49
CA HIS A 1272 -36.02 -17.07 79.05
C HIS A 1272 -37.01 -15.93 78.75
N LEU A 1273 -37.96 -15.68 79.64
CA LEU A 1273 -39.04 -14.73 79.36
C LEU A 1273 -38.68 -13.35 79.87
N THR A 1274 -38.08 -13.27 81.06
CA THR A 1274 -37.68 -11.98 81.66
C THR A 1274 -36.47 -11.41 80.92
N SER A 1275 -36.02 -10.24 81.36
CA SER A 1275 -34.74 -9.64 80.94
C SER A 1275 -33.61 -10.65 81.19
N ASN A 1276 -32.89 -11.00 80.14
CA ASN A 1276 -31.71 -11.90 80.21
C ASN A 1276 -30.49 -11.21 80.85
N SER A 1277 -30.61 -9.97 81.33
CA SER A 1277 -29.56 -9.25 82.09
C SER A 1277 -29.15 -10.02 83.34
N THR A 1278 -30.06 -10.79 83.94
CA THR A 1278 -29.75 -11.68 85.08
C THR A 1278 -28.80 -12.79 84.62
N THR A 1279 -29.04 -13.38 83.43
CA THR A 1279 -28.29 -14.52 82.86
C THR A 1279 -28.27 -15.68 83.85
N ASP A 1280 -29.47 -16.14 84.20
CA ASP A 1280 -29.67 -17.41 84.94
C ASP A 1280 -30.24 -18.48 84.01
N LEU A 1281 -30.31 -18.20 82.71
CA LEU A 1281 -30.94 -19.10 81.72
C LEU A 1281 -30.08 -20.34 81.53
N PRO A 1282 -28.75 -20.21 81.35
CA PRO A 1282 -27.88 -21.37 81.46
C PRO A 1282 -28.06 -22.22 82.72
N LYS A 1283 -28.17 -21.57 83.89
CA LYS A 1283 -28.30 -22.31 85.16
C LYS A 1283 -29.63 -23.04 85.17
N ALA A 1284 -30.70 -22.37 84.73
CA ALA A 1284 -32.04 -22.98 84.71
C ALA A 1284 -32.06 -24.20 83.80
N PHE A 1285 -31.53 -24.04 82.60
CA PHE A 1285 -31.47 -25.15 81.64
C PHE A 1285 -30.63 -26.29 82.21
N HIS A 1286 -29.51 -25.95 82.82
CA HIS A 1286 -28.63 -26.93 83.46
C HIS A 1286 -29.40 -27.72 84.52
N VAL A 1287 -30.20 -27.04 85.32
CA VAL A 1287 -30.93 -27.66 86.44
C VAL A 1287 -32.01 -28.59 85.87
N CYS A 1288 -32.78 -28.13 84.89
CA CYS A 1288 -33.83 -28.96 84.26
C CYS A 1288 -33.21 -30.22 83.66
N ALA A 1289 -32.08 -30.07 82.96
CA ALA A 1289 -31.37 -31.22 82.37
C ALA A 1289 -30.93 -32.21 83.45
N ALA A 1290 -30.28 -31.70 84.50
CA ALA A 1290 -29.78 -32.56 85.59
C ALA A 1290 -30.94 -33.22 86.35
N ILE A 1291 -32.12 -32.61 86.35
CA ILE A 1291 -33.31 -33.21 86.97
C ILE A 1291 -33.83 -34.32 86.07
N LEU A 1292 -33.86 -34.09 84.76
CA LEU A 1292 -34.43 -35.08 83.82
C LEU A 1292 -33.55 -36.32 83.80
N GLU A 1293 -32.23 -36.14 83.84
CA GLU A 1293 -31.33 -37.30 83.77
C GLU A 1293 -31.63 -38.27 84.92
N CYS A 1294 -31.90 -37.76 86.12
CA CYS A 1294 -32.23 -38.60 87.27
C CYS A 1294 -33.67 -39.10 87.22
N LEU A 1295 -34.61 -38.24 86.81
CA LEU A 1295 -36.00 -38.68 86.53
C LEU A 1295 -36.04 -39.84 85.53
N GLU A 1296 -35.03 -39.96 84.66
CA GLU A 1296 -34.95 -41.04 83.67
C GLU A 1296 -34.22 -42.23 84.26
N LYS A 1297 -33.15 -41.99 85.01
CA LYS A 1297 -32.40 -43.05 85.71
C LYS A 1297 -33.35 -43.89 86.56
N ARG A 1298 -34.28 -43.25 87.25
CA ARG A 1298 -35.40 -43.91 87.95
C ARG A 1298 -36.68 -43.50 87.25
N LYS A 1299 -37.23 -44.42 86.44
CA LYS A 1299 -38.27 -44.11 85.44
C LYS A 1299 -39.52 -43.59 86.12
N ILE A 1300 -39.84 -42.32 85.90
CA ILE A 1300 -40.98 -41.62 86.53
C ILE A 1300 -41.74 -40.87 85.45
N SER A 1301 -43.05 -40.84 85.58
CA SER A 1301 -43.95 -40.26 84.57
C SER A 1301 -44.03 -38.76 84.81
N TRP A 1302 -43.31 -38.00 84.00
CA TRP A 1302 -43.38 -36.53 84.05
C TRP A 1302 -44.38 -35.96 83.03
N LEU A 1303 -45.29 -36.77 82.51
CA LEU A 1303 -46.16 -36.32 81.39
C LEU A 1303 -47.48 -35.79 81.92
N ALA A 1304 -47.81 -36.08 83.18
CA ALA A 1304 -49.06 -35.57 83.76
C ALA A 1304 -49.00 -34.04 83.85
N LEU A 1305 -47.80 -33.50 84.01
CA LEU A 1305 -47.59 -32.04 84.13
C LEU A 1305 -47.37 -31.40 82.77
N PHE A 1306 -47.65 -32.12 81.69
CA PHE A 1306 -48.06 -31.50 80.42
C PHE A 1306 -49.52 -31.79 80.16
N GLN A 1307 -50.05 -32.87 80.73
CA GLN A 1307 -51.49 -33.19 80.72
C GLN A 1307 -52.16 -32.62 81.98
N LEU A 1308 -52.16 -31.29 82.12
CA LEU A 1308 -52.77 -30.63 83.30
C LEU A 1308 -54.21 -30.25 82.99
N THR A 1309 -55.12 -30.57 83.90
CA THR A 1309 -56.51 -30.09 83.87
C THR A 1309 -56.77 -29.31 85.15
N GLU A 1310 -57.77 -28.42 85.13
CA GLU A 1310 -58.12 -27.54 86.26
C GLU A 1310 -58.54 -28.32 87.52
N SER A 1311 -58.87 -29.62 87.40
CA SER A 1311 -59.43 -30.41 88.51
C SER A 1311 -58.81 -31.81 88.64
N ASP A 1312 -57.57 -32.00 88.20
CA ASP A 1312 -56.76 -33.18 88.56
C ASP A 1312 -56.19 -32.94 89.95
N LEU A 1313 -56.89 -33.41 90.98
CA LEU A 1313 -56.58 -33.05 92.39
C LEU A 1313 -55.18 -33.50 92.81
N ARG A 1314 -54.53 -34.39 92.06
CA ARG A 1314 -53.13 -34.74 92.34
C ARG A 1314 -52.23 -33.55 92.05
N LEU A 1315 -52.24 -33.03 90.82
CA LEU A 1315 -51.35 -31.94 90.35
C LEU A 1315 -52.11 -30.71 89.85
N GLY A 1316 -53.06 -30.91 88.94
CA GLY A 1316 -53.72 -29.82 88.23
C GLY A 1316 -54.53 -28.87 89.09
N ARG A 1317 -54.84 -29.24 90.32
CA ARG A 1317 -55.54 -28.34 91.26
C ARG A 1317 -54.53 -27.42 91.93
N LEU A 1318 -53.31 -27.90 92.18
CA LEU A 1318 -52.25 -27.08 92.78
C LEU A 1318 -51.57 -26.23 91.71
N LEU A 1319 -51.06 -26.87 90.67
CA LEU A 1319 -50.02 -26.25 89.85
C LEU A 1319 -50.60 -25.27 88.85
N LEU A 1320 -51.84 -25.45 88.42
CA LEU A 1320 -52.48 -24.40 87.61
C LEU A 1320 -52.99 -23.26 88.48
N ARG A 1321 -52.89 -23.36 89.79
CA ARG A 1321 -53.13 -22.23 90.71
C ARG A 1321 -51.83 -21.59 91.18
N VAL A 1322 -50.71 -22.31 91.14
CA VAL A 1322 -49.38 -21.75 91.42
C VAL A 1322 -48.96 -20.96 90.18
N ALA A 1323 -48.65 -21.69 89.09
CA ALA A 1323 -47.94 -21.14 87.93
C ALA A 1323 -48.87 -20.27 87.10
N PRO A 1324 -48.37 -19.18 86.50
CA PRO A 1324 -49.23 -18.25 85.79
C PRO A 1324 -49.63 -18.78 84.42
N ASP A 1325 -50.55 -18.06 83.77
CA ASP A 1325 -51.11 -18.48 82.47
C ASP A 1325 -50.04 -18.41 81.39
N GLN A 1326 -49.26 -17.34 81.40
CA GLN A 1326 -48.22 -17.12 80.38
C GLN A 1326 -47.01 -18.01 80.60
N HIS A 1327 -47.05 -18.96 81.53
CA HIS A 1327 -46.00 -20.00 81.66
C HIS A 1327 -46.56 -21.39 81.49
N THR A 1328 -47.83 -21.60 81.74
CA THR A 1328 -48.50 -22.86 81.33
C THR A 1328 -48.67 -22.87 79.81
N ARG A 1329 -48.78 -21.69 79.20
CA ARG A 1329 -49.04 -21.55 77.76
C ARG A 1329 -47.79 -21.89 76.98
N LEU A 1330 -46.64 -21.37 77.41
CA LEU A 1330 -45.37 -21.55 76.69
C LEU A 1330 -44.66 -22.83 77.09
N LEU A 1331 -45.36 -23.75 77.72
CA LEU A 1331 -44.77 -25.05 78.13
C LEU A 1331 -44.17 -25.83 76.96
N PRO A 1332 -44.80 -25.94 75.78
CA PRO A 1332 -44.20 -26.66 74.66
C PRO A 1332 -42.75 -26.31 74.31
N PHE A 1333 -42.44 -25.02 74.37
CA PHE A 1333 -41.05 -24.56 74.17
C PHE A 1333 -40.14 -25.37 75.08
N ALA A 1334 -40.49 -25.46 76.35
CA ALA A 1334 -39.68 -26.20 77.32
C ALA A 1334 -39.68 -27.68 76.97
N PHE A 1335 -40.85 -28.21 76.60
CA PHE A 1335 -40.99 -29.63 76.25
C PHE A 1335 -39.94 -30.00 75.22
N TYR A 1336 -39.93 -29.31 74.08
CA TYR A 1336 -39.08 -29.73 72.96
C TYR A 1336 -37.63 -29.38 73.23
N SER A 1337 -37.38 -28.16 73.71
CA SER A 1337 -36.01 -27.70 74.00
C SER A 1337 -35.31 -28.65 74.98
N LEU A 1338 -36.08 -29.35 75.81
CA LEU A 1338 -35.50 -30.35 76.71
C LEU A 1338 -35.45 -31.70 76.04
N LEU A 1339 -36.58 -32.21 75.57
CA LEU A 1339 -36.68 -33.66 75.25
C LEU A 1339 -35.88 -33.99 74.00
N SER A 1340 -35.85 -33.09 73.02
CA SER A 1340 -35.10 -33.38 71.79
C SER A 1340 -33.60 -33.42 72.10
N TYR A 1341 -33.19 -33.03 73.31
CA TYR A 1341 -31.81 -33.20 73.81
C TYR A 1341 -31.73 -34.43 74.73
N PHE A 1342 -32.52 -34.44 75.81
CA PHE A 1342 -32.35 -35.34 76.97
C PHE A 1342 -33.53 -36.28 77.06
N HIS A 1343 -33.29 -37.55 76.81
CA HIS A 1343 -34.32 -38.60 76.87
C HIS A 1343 -33.62 -39.94 76.68
N GLU A 1344 -34.13 -40.98 77.36
CA GLU A 1344 -33.61 -42.35 77.21
C GLU A 1344 -34.59 -43.12 76.32
N ASP A 1345 -34.12 -43.49 75.13
CA ASP A 1345 -35.00 -43.97 74.05
C ASP A 1345 -35.56 -45.35 74.39
N ALA A 1346 -36.83 -45.56 74.05
CA ALA A 1346 -37.51 -46.86 74.04
C ALA A 1346 -37.82 -47.38 75.45
N ALA A 1347 -37.32 -46.72 76.50
CA ALA A 1347 -37.61 -47.07 77.90
C ALA A 1347 -38.76 -46.23 78.46
N ILE A 1348 -39.00 -45.05 77.88
CA ILE A 1348 -39.94 -44.04 78.40
C ILE A 1348 -41.02 -43.69 77.36
N ARG A 1349 -40.73 -43.82 76.07
CA ARG A 1349 -41.63 -43.36 75.00
C ARG A 1349 -42.80 -44.35 74.95
N GLU A 1350 -43.80 -44.08 75.80
CA GLU A 1350 -44.87 -45.03 76.14
C GLU A 1350 -46.23 -44.33 76.06
N GLU A 1351 -47.26 -45.01 76.52
CA GLU A 1351 -48.64 -44.92 75.99
C GLU A 1351 -49.13 -43.53 75.61
N ALA A 1352 -48.99 -42.54 76.50
CA ALA A 1352 -49.54 -41.20 76.22
C ALA A 1352 -48.51 -40.27 75.59
N PHE A 1353 -47.29 -40.75 75.35
CA PHE A 1353 -46.19 -39.94 74.78
C PHE A 1353 -46.66 -39.25 73.51
N LEU A 1354 -47.13 -40.02 72.51
CA LEU A 1354 -47.42 -39.45 71.18
C LEU A 1354 -48.61 -38.51 71.24
N HIS A 1355 -49.60 -38.78 72.08
CA HIS A 1355 -50.71 -37.84 72.24
C HIS A 1355 -50.16 -36.51 72.76
N VAL A 1356 -49.31 -36.61 73.78
CA VAL A 1356 -48.70 -35.42 74.41
C VAL A 1356 -47.86 -34.67 73.37
N ALA A 1357 -46.85 -35.33 72.83
CA ALA A 1357 -45.90 -34.73 71.90
C ALA A 1357 -46.60 -34.09 70.70
N VAL A 1358 -47.68 -34.70 70.23
CA VAL A 1358 -48.39 -34.17 69.05
C VAL A 1358 -49.18 -32.94 69.43
N ASP A 1359 -49.89 -32.98 70.56
CA ASP A 1359 -50.60 -31.79 71.03
C ASP A 1359 -49.60 -30.66 71.25
N MET A 1360 -48.40 -31.01 71.69
CA MET A 1360 -47.33 -30.03 72.00
C MET A 1360 -46.77 -29.43 70.71
N TYR A 1361 -46.51 -30.26 69.71
CA TYR A 1361 -46.08 -29.80 68.38
C TYR A 1361 -47.09 -28.80 67.83
N LEU A 1362 -48.36 -29.19 67.82
CA LEU A 1362 -49.38 -28.36 67.17
C LEU A 1362 -49.56 -27.05 67.94
N LYS A 1363 -49.50 -27.12 69.28
CA LYS A 1363 -49.64 -25.90 70.11
C LYS A 1363 -48.45 -24.99 69.90
N LEU A 1364 -47.26 -25.55 69.77
CA LEU A 1364 -46.05 -24.76 69.46
C LEU A 1364 -46.20 -24.07 68.12
N VAL A 1365 -46.78 -24.77 67.14
CA VAL A 1365 -47.02 -24.19 65.81
C VAL A 1365 -48.00 -23.03 65.92
N GLN A 1366 -49.09 -23.17 66.68
CA GLN A 1366 -50.02 -22.04 66.83
C GLN A 1366 -49.38 -20.92 67.64
N LEU A 1367 -48.45 -21.25 68.56
CA LEU A 1367 -47.73 -20.20 69.32
C LEU A 1367 -46.94 -19.31 68.35
N PHE A 1368 -46.13 -19.95 67.53
CA PHE A 1368 -45.35 -19.27 66.48
C PHE A 1368 -46.29 -18.45 65.59
N VAL A 1369 -47.34 -19.08 65.10
CA VAL A 1369 -48.23 -18.48 64.09
C VAL A 1369 -48.98 -17.29 64.69
N ALA A 1370 -49.30 -17.34 65.98
CA ALA A 1370 -50.12 -16.31 66.65
C ALA A 1370 -49.24 -15.20 67.17
N GLY A 1371 -48.01 -15.52 67.58
CA GLY A 1371 -47.02 -14.54 68.02
C GLY A 1371 -46.53 -14.85 69.41
N ASP A 1372 -45.23 -15.13 69.51
CA ASP A 1372 -44.49 -15.08 70.78
C ASP A 1372 -43.19 -14.35 70.55
N THR A 1373 -43.29 -13.02 70.60
CA THR A 1373 -42.12 -12.12 70.67
C THR A 1373 -41.54 -12.16 72.09
N SER A 1374 -42.43 -12.28 73.08
CA SER A 1374 -42.08 -12.32 74.52
C SER A 1374 -41.01 -13.37 74.81
N THR A 1375 -41.10 -14.51 74.13
CA THR A 1375 -40.22 -15.65 74.37
C THR A 1375 -38.81 -15.33 73.88
N VAL A 1376 -38.68 -15.04 72.58
CA VAL A 1376 -37.36 -14.90 71.91
C VAL A 1376 -36.53 -13.81 72.60
N SER A 1377 -35.39 -14.20 73.17
CA SER A 1377 -34.47 -13.27 73.86
C SER A 1377 -33.08 -13.90 73.98
N PRO A 1378 -32.31 -13.99 72.87
CA PRO A 1378 -30.89 -14.35 72.92
C PRO A 1378 -29.98 -13.15 73.23
N ASN A 1391 -34.62 -19.81 67.49
CA ASN A 1391 -34.82 -21.02 68.30
C ASN A 1391 -36.10 -21.77 67.94
N PRO A 1392 -37.29 -21.15 68.08
CA PRO A 1392 -38.52 -21.92 67.94
C PRO A 1392 -38.68 -22.61 66.58
N VAL A 1393 -38.13 -22.04 65.51
CA VAL A 1393 -38.20 -22.72 64.21
C VAL A 1393 -37.25 -23.91 64.20
N GLU A 1394 -36.06 -23.74 64.78
CA GLU A 1394 -35.16 -24.88 64.97
C GLU A 1394 -35.86 -26.01 65.72
N LEU A 1395 -36.65 -25.64 66.72
CA LEU A 1395 -37.32 -26.64 67.55
C LEU A 1395 -38.44 -27.30 66.79
N ILE A 1396 -39.22 -26.51 66.06
CA ILE A 1396 -40.27 -27.07 65.19
C ILE A 1396 -39.65 -28.09 64.24
N THR A 1397 -38.53 -27.73 63.63
CA THR A 1397 -37.85 -28.63 62.69
C THR A 1397 -37.45 -29.93 63.38
N LYS A 1398 -36.70 -29.82 64.46
CA LYS A 1398 -36.25 -31.02 65.19
C LYS A 1398 -37.43 -31.86 65.65
N ALA A 1399 -38.50 -31.21 66.10
CA ALA A 1399 -39.69 -31.90 66.56
C ALA A 1399 -40.30 -32.71 65.44
N ARG A 1400 -40.48 -32.06 64.29
CA ARG A 1400 -41.05 -32.72 63.12
C ARG A 1400 -40.24 -33.95 62.74
N LEU A 1401 -38.92 -33.80 62.64
CA LEU A 1401 -38.06 -34.95 62.28
C LEU A 1401 -38.21 -36.07 63.30
N PHE A 1402 -38.15 -35.74 64.58
CA PHE A 1402 -38.27 -36.73 65.66
C PHE A 1402 -39.62 -37.44 65.59
N LEU A 1403 -40.68 -36.68 65.34
CA LEU A 1403 -42.06 -37.20 65.34
C LEU A 1403 -42.25 -38.19 64.19
N LEU A 1404 -41.77 -37.82 63.00
CA LEU A 1404 -41.90 -38.69 61.82
C LEU A 1404 -40.92 -39.86 61.90
N GLN A 1405 -39.85 -39.73 62.68
CA GLN A 1405 -39.01 -40.89 63.02
C GLN A 1405 -39.78 -41.86 63.91
N LEU A 1406 -40.51 -41.34 64.88
CA LEU A 1406 -41.23 -42.19 65.84
C LEU A 1406 -42.31 -43.00 65.14
N ILE A 1407 -43.28 -42.29 64.55
CA ILE A 1407 -44.62 -42.83 64.21
C ILE A 1407 -44.59 -44.22 63.57
N PRO A 1408 -43.64 -44.59 62.67
CA PRO A 1408 -43.49 -46.00 62.30
C PRO A 1408 -43.22 -46.95 63.47
N ARG A 1409 -42.36 -46.58 64.41
CA ARG A 1409 -41.98 -47.46 65.53
C ARG A 1409 -43.17 -47.79 66.42
N CYS A 1410 -44.11 -46.87 66.57
CA CYS A 1410 -45.10 -46.88 67.65
C CYS A 1410 -46.01 -48.11 67.57
N PRO A 1411 -46.35 -48.77 68.70
CA PRO A 1411 -47.41 -49.78 68.69
C PRO A 1411 -48.80 -49.17 68.48
N LYS A 1412 -49.78 -50.05 68.29
CA LYS A 1412 -51.16 -49.67 67.91
C LYS A 1412 -51.91 -49.00 69.05
N LYS A 1413 -51.41 -49.10 70.29
CA LYS A 1413 -52.13 -48.63 71.50
C LYS A 1413 -52.24 -47.11 71.51
N SER A 1414 -51.13 -46.42 71.25
CA SER A 1414 -50.99 -44.98 71.55
C SER A 1414 -51.53 -44.15 70.38
N PHE A 1415 -52.78 -44.41 69.98
CA PHE A 1415 -53.44 -43.72 68.87
C PHE A 1415 -54.90 -43.36 69.13
N SER A 1416 -55.47 -43.87 70.20
CA SER A 1416 -56.93 -43.85 70.45
C SER A 1416 -57.60 -42.49 70.23
N HIS A 1417 -57.05 -41.42 70.80
CA HIS A 1417 -57.64 -40.08 70.65
C HIS A 1417 -56.88 -39.22 69.65
N VAL A 1418 -56.00 -39.80 68.85
CA VAL A 1418 -55.22 -39.03 67.87
C VAL A 1418 -56.16 -38.49 66.79
N ALA A 1419 -57.17 -39.26 66.41
CA ALA A 1419 -58.19 -38.76 65.46
C ALA A 1419 -58.88 -37.53 66.05
N GLU A 1420 -59.17 -37.56 67.34
CA GLU A 1420 -59.83 -36.42 68.01
C GLU A 1420 -58.92 -35.20 67.97
N LEU A 1421 -57.65 -35.37 68.35
CA LEU A 1421 -56.64 -34.30 68.26
C LEU A 1421 -56.67 -33.63 66.90
N LEU A 1422 -56.42 -34.43 65.86
CA LEU A 1422 -56.18 -33.87 64.53
C LEU A 1422 -57.48 -33.32 63.96
N ALA A 1423 -58.62 -33.85 64.38
CA ALA A 1423 -59.93 -33.32 63.97
C ALA A 1423 -60.17 -31.97 64.63
N ASP A 1424 -59.65 -31.78 65.84
CA ASP A 1424 -59.86 -30.51 66.57
C ASP A 1424 -58.92 -29.44 65.99
N ARG A 1425 -57.61 -29.66 66.09
CA ARG A 1425 -56.59 -28.63 65.83
C ARG A 1425 -55.70 -28.96 64.64
N GLY A 1426 -55.93 -30.08 63.94
CA GLY A 1426 -54.96 -30.58 62.97
C GLY A 1426 -54.88 -29.72 61.73
N ASP A 1427 -54.31 -30.28 60.67
CA ASP A 1427 -54.11 -29.60 59.36
C ASP A 1427 -53.23 -28.35 59.51
N CYS A 1428 -52.30 -28.37 60.47
CA CYS A 1428 -51.17 -27.43 60.53
C CYS A 1428 -49.91 -28.11 60.02
N ASP A 1429 -49.77 -29.40 60.30
CA ASP A 1429 -48.72 -30.27 59.73
C ASP A 1429 -49.42 -31.45 59.07
N PRO A 1430 -49.80 -31.36 57.77
CA PRO A 1430 -50.67 -32.36 57.19
C PRO A 1430 -49.93 -33.65 56.83
N GLU A 1431 -48.61 -33.59 56.67
CA GLU A 1431 -47.84 -34.84 56.56
C GLU A 1431 -48.01 -35.67 57.82
N VAL A 1432 -47.87 -35.03 58.97
CA VAL A 1432 -48.01 -35.74 60.27
C VAL A 1432 -49.44 -36.26 60.40
N SER A 1433 -50.43 -35.43 60.11
CA SER A 1433 -51.86 -35.82 60.20
C SER A 1433 -52.12 -37.06 59.36
N ALA A 1434 -51.68 -37.02 58.11
CA ALA A 1434 -51.89 -38.14 57.17
C ALA A 1434 -51.10 -39.37 57.63
N ALA A 1435 -49.91 -39.18 58.17
CA ALA A 1435 -49.07 -40.31 58.63
C ALA A 1435 -49.74 -40.99 59.82
N LEU A 1436 -50.34 -40.21 60.71
CA LEU A 1436 -51.01 -40.79 61.89
C LEU A 1436 -52.29 -41.50 61.48
N GLN A 1437 -53.06 -40.92 60.57
CA GLN A 1437 -54.24 -41.61 60.02
C GLN A 1437 -53.81 -42.93 59.37
N SER A 1438 -52.72 -42.92 58.61
CA SER A 1438 -52.22 -44.12 57.92
C SER A 1438 -51.84 -45.20 58.93
N ARG A 1439 -51.01 -44.85 59.91
CA ARG A 1439 -50.62 -45.82 60.96
C ARG A 1439 -51.83 -46.24 61.80
N GLN A 1440 -52.87 -45.43 61.89
CA GLN A 1440 -54.09 -45.82 62.60
C GLN A 1440 -54.85 -46.89 61.80
N GLN A 1441 -54.94 -46.73 60.48
CA GLN A 1441 -55.54 -47.79 59.63
C GLN A 1441 -54.68 -49.06 59.71
N ALA A 1442 -53.35 -48.91 59.75
CA ALA A 1442 -52.46 -50.05 60.00
C ALA A 1442 -52.73 -50.67 61.37
N ALA A 1443 -53.16 -49.85 62.33
CA ALA A 1443 -53.55 -50.32 63.67
C ALA A 1443 -54.99 -50.84 63.65
N MET B 32 74.02 -29.21 -42.86
CA MET B 32 74.75 -30.46 -43.13
C MET B 32 75.30 -31.04 -41.83
N SER B 33 75.57 -32.34 -41.83
CA SER B 33 75.94 -33.10 -40.61
C SER B 33 76.96 -34.17 -40.99
N SER B 34 78.24 -33.84 -40.83
CA SER B 34 79.32 -34.80 -41.11
C SER B 34 80.58 -34.32 -40.43
N ASN B 35 81.62 -35.16 -40.51
CA ASN B 35 82.96 -34.86 -39.95
C ASN B 35 83.57 -33.62 -40.60
N GLU B 36 83.16 -33.27 -41.82
CA GLU B 36 83.70 -32.12 -42.59
C GLU B 36 82.70 -30.97 -42.70
N GLN B 37 81.39 -31.25 -42.67
CA GLN B 37 80.40 -30.28 -43.15
C GLN B 37 79.79 -29.51 -41.98
N GLU B 38 79.20 -28.37 -42.33
CA GLU B 38 79.02 -27.24 -41.40
C GLU B 38 77.59 -27.18 -40.87
N ARG B 39 77.36 -26.19 -40.04
CA ARG B 39 76.02 -25.66 -39.77
C ARG B 39 76.16 -24.22 -39.31
N LEU B 40 75.16 -23.42 -39.64
CA LEU B 40 75.19 -21.96 -39.44
C LEU B 40 74.14 -21.49 -38.43
N LEU B 41 74.33 -20.28 -37.97
CA LEU B 41 73.56 -19.71 -36.87
C LEU B 41 73.71 -18.20 -36.92
N CYS B 42 72.75 -17.47 -36.40
CA CYS B 42 72.87 -16.01 -36.26
C CYS B 42 72.75 -15.64 -34.80
N TYR B 43 73.77 -14.94 -34.31
CA TYR B 43 73.84 -14.49 -32.92
C TYR B 43 74.24 -13.02 -32.92
N ASN B 44 73.32 -12.13 -32.62
CA ASN B 44 73.68 -10.70 -32.36
C ASN B 44 74.36 -10.12 -33.59
N GLY B 45 73.59 -10.09 -34.66
CA GLY B 45 73.98 -9.39 -35.87
C GLY B 45 75.20 -9.98 -36.47
N GLU B 46 75.45 -11.26 -36.25
CA GLU B 46 76.60 -11.92 -36.88
C GLU B 46 76.28 -13.38 -37.08
N VAL B 47 77.16 -14.05 -37.80
CA VAL B 47 76.90 -15.38 -38.35
C VAL B 47 78.01 -16.28 -37.87
N LEU B 48 77.62 -17.31 -37.13
CA LEU B 48 78.56 -18.29 -36.59
C LEU B 48 78.52 -19.52 -37.47
N VAL B 49 79.69 -20.00 -37.82
CA VAL B 49 79.86 -21.17 -38.70
C VAL B 49 80.57 -22.23 -37.88
N PHE B 50 79.83 -23.27 -37.51
CA PHE B 50 80.37 -24.40 -36.76
C PHE B 50 80.73 -25.47 -37.77
N GLN B 51 81.99 -25.88 -37.76
CA GLN B 51 82.50 -26.94 -38.66
C GLN B 51 83.44 -27.85 -37.87
N LEU B 52 83.18 -29.15 -37.94
CA LEU B 52 84.14 -30.19 -37.53
C LEU B 52 85.21 -30.35 -38.60
N SER B 53 86.46 -30.53 -38.17
CA SER B 53 87.62 -30.62 -39.06
C SER B 53 88.50 -31.76 -38.57
N LYS B 54 88.58 -32.84 -39.34
CA LYS B 54 89.56 -33.92 -39.09
C LYS B 54 90.96 -33.30 -39.16
N GLY B 55 91.62 -33.18 -38.00
CA GLY B 55 92.91 -32.47 -37.88
C GLY B 55 94.07 -33.41 -37.66
N ASN B 56 94.13 -34.52 -38.40
CA ASN B 56 95.21 -35.52 -38.32
C ASN B 56 95.18 -36.16 -36.93
N THR B 63 97.91 -36.54 -34.78
CA THR B 63 97.97 -36.52 -33.29
C THR B 63 96.58 -36.51 -32.64
N LYS B 64 95.59 -35.88 -33.28
CA LYS B 64 94.29 -35.53 -32.66
C LYS B 64 93.14 -36.02 -33.52
N THR B 65 91.98 -36.07 -32.88
CA THR B 65 90.69 -36.40 -33.50
C THR B 65 90.09 -35.09 -33.99
N PRO B 66 88.98 -35.13 -34.74
CA PRO B 66 88.41 -33.89 -35.27
C PRO B 66 88.14 -32.84 -34.19
N ILE B 67 88.37 -31.60 -34.59
CA ILE B 67 88.25 -30.42 -33.71
C ILE B 67 87.01 -29.67 -34.16
N LEU B 68 86.26 -29.13 -33.20
CA LEU B 68 85.19 -28.20 -33.53
C LEU B 68 85.79 -26.81 -33.75
N HIS B 69 85.47 -26.18 -34.87
CA HIS B 69 85.94 -24.82 -35.19
C HIS B 69 84.74 -23.90 -35.35
N VAL B 70 84.83 -22.75 -34.73
CA VAL B 70 83.87 -21.65 -34.90
C VAL B 70 84.58 -20.56 -35.68
N ARG B 71 83.97 -20.14 -36.78
CA ARG B 71 84.20 -18.82 -37.37
C ARG B 71 83.05 -17.92 -36.94
N ARG B 72 83.37 -16.69 -36.64
CA ARG B 72 82.36 -15.68 -36.34
C ARG B 72 82.50 -14.56 -37.37
N MET B 73 81.45 -14.32 -38.16
CA MET B 73 81.55 -13.59 -39.44
C MET B 73 80.60 -12.42 -39.41
N VAL B 74 81.05 -11.31 -39.98
CA VAL B 74 80.27 -10.06 -39.97
C VAL B 74 80.35 -9.37 -41.33
N PHE B 75 79.30 -8.63 -41.66
CA PHE B 75 79.09 -8.01 -42.97
C PHE B 75 79.71 -6.64 -42.99
N ASP B 76 80.59 -6.37 -43.97
CA ASP B 76 81.48 -5.20 -43.93
C ASP B 76 80.70 -3.92 -44.22
N ARG B 77 79.77 -3.97 -45.18
CA ARG B 77 78.88 -2.84 -45.57
C ARG B 77 79.58 -1.83 -46.48
N GLY B 78 80.91 -1.84 -46.55
CA GLY B 78 81.67 -1.13 -47.57
C GLY B 78 81.86 -2.04 -48.76
N THR B 79 82.40 -3.22 -48.49
CA THR B 79 82.91 -4.16 -49.51
C THR B 79 81.86 -5.18 -49.92
N LYS B 80 80.70 -5.22 -49.23
CA LYS B 80 79.60 -6.16 -49.52
C LYS B 80 80.09 -7.61 -49.47
N VAL B 81 80.81 -7.95 -48.40
CA VAL B 81 81.16 -9.37 -48.12
C VAL B 81 81.05 -9.61 -46.62
N PHE B 82 81.25 -10.87 -46.24
CA PHE B 82 81.41 -11.31 -44.84
C PHE B 82 82.89 -11.53 -44.55
N VAL B 83 83.37 -10.90 -43.47
CA VAL B 83 84.77 -11.00 -43.04
C VAL B 83 84.82 -11.59 -41.65
N GLN B 84 85.87 -12.32 -41.37
CA GLN B 84 86.04 -13.01 -40.09
C GLN B 84 86.45 -12.01 -39.01
N LYS B 85 85.75 -12.08 -37.88
CA LYS B 85 85.89 -11.14 -36.77
C LYS B 85 86.49 -11.83 -35.55
N SER B 86 86.27 -13.14 -35.44
CA SER B 86 86.89 -13.97 -34.39
C SER B 86 86.79 -15.45 -34.73
N THR B 87 87.56 -16.26 -34.02
CA THR B 87 87.60 -17.72 -34.22
C THR B 87 87.55 -18.40 -32.87
N GLY B 88 87.25 -19.70 -32.90
CA GLY B 88 87.21 -20.49 -31.67
C GLY B 88 87.40 -21.95 -31.98
N PHE B 89 87.88 -22.71 -31.01
CA PHE B 89 88.17 -24.14 -31.22
C PHE B 89 87.85 -24.92 -29.95
N PHE B 90 87.63 -26.21 -30.16
CA PHE B 90 87.30 -27.16 -29.09
C PHE B 90 87.84 -28.52 -29.47
N THR B 91 88.67 -29.08 -28.62
CA THR B 91 89.30 -30.39 -28.86
C THR B 91 88.39 -31.48 -28.31
N ILE B 92 88.02 -32.41 -29.15
CA ILE B 92 87.29 -33.62 -28.74
C ILE B 92 88.32 -34.69 -28.40
N LYS B 93 88.00 -35.52 -27.41
CA LYS B 93 89.02 -36.34 -26.72
C LYS B 93 89.24 -37.68 -27.41
N GLU B 94 88.20 -38.53 -27.46
CA GLU B 94 88.36 -39.97 -27.74
C GLU B 94 88.69 -40.20 -29.22
N GLU B 95 89.33 -41.34 -29.48
CA GLU B 95 89.69 -41.80 -30.85
C GLU B 95 88.54 -42.58 -31.46
N ASN B 96 87.36 -41.96 -31.45
CA ASN B 96 86.11 -42.54 -31.96
C ASN B 96 85.66 -41.71 -33.14
N SER B 97 85.38 -42.39 -34.25
CA SER B 97 84.87 -41.73 -35.46
C SER B 97 83.41 -41.32 -35.22
N HIS B 98 82.75 -40.89 -36.31
CA HIS B 98 81.31 -40.57 -36.33
C HIS B 98 80.97 -39.54 -35.25
N LEU B 99 81.58 -38.38 -35.41
CA LEU B 99 81.12 -37.13 -34.79
C LEU B 99 80.15 -36.46 -35.76
N LYS B 100 79.15 -35.80 -35.21
CA LYS B 100 78.06 -35.28 -36.04
C LYS B 100 77.34 -34.18 -35.29
N ILE B 101 77.16 -33.04 -35.94
CA ILE B 101 76.33 -31.97 -35.36
C ILE B 101 74.88 -32.35 -35.51
N MET B 102 74.05 -32.01 -34.53
CA MET B 102 72.62 -32.33 -34.57
C MET B 102 71.72 -31.09 -34.60
N CYS B 103 72.14 -29.99 -33.99
CA CYS B 103 71.40 -28.72 -34.05
C CYS B 103 72.28 -27.59 -33.56
N CYS B 104 71.81 -26.34 -33.69
CA CYS B 104 72.54 -25.11 -33.26
C CYS B 104 71.61 -23.90 -33.28
N ASN B 105 71.48 -23.23 -32.16
CA ASN B 105 70.64 -22.03 -32.09
C ASN B 105 71.01 -21.33 -30.80
N CYS B 106 70.26 -20.33 -30.38
CA CYS B 106 70.50 -19.57 -29.16
C CYS B 106 69.40 -19.79 -28.17
N VAL B 107 69.72 -19.85 -26.90
CA VAL B 107 68.86 -20.56 -25.96
C VAL B 107 68.44 -19.78 -24.70
N SER B 108 69.34 -19.04 -24.05
CA SER B 108 69.14 -18.47 -22.68
C SER B 108 69.36 -19.48 -21.57
N ASP B 109 70.59 -19.51 -21.06
CA ASP B 109 71.00 -20.11 -19.78
C ASP B 109 70.19 -19.63 -18.56
N PHE B 110 69.92 -20.52 -17.62
CA PHE B 110 68.94 -20.32 -16.53
C PHE B 110 69.57 -19.78 -15.25
N ARG B 111 70.89 -19.86 -15.16
CA ARG B 111 71.65 -19.24 -14.08
C ARG B 111 71.55 -17.73 -14.19
N THR B 112 72.05 -17.21 -15.31
CA THR B 112 72.11 -15.77 -15.56
C THR B 112 70.81 -15.27 -16.16
N GLY B 113 70.50 -15.73 -17.35
CA GLY B 113 69.49 -15.06 -18.18
C GLY B 113 70.06 -14.45 -19.42
N ILE B 114 71.19 -14.99 -19.88
CA ILE B 114 71.95 -14.58 -21.06
C ILE B 114 71.72 -15.61 -22.16
N ASN B 115 71.37 -15.12 -23.34
CA ASN B 115 71.30 -15.93 -24.55
C ASN B 115 72.68 -16.18 -25.01
N LEU B 116 72.89 -17.38 -25.47
CA LEU B 116 74.17 -17.76 -26.03
C LEU B 116 73.89 -18.82 -27.08
N PRO B 117 74.77 -19.00 -28.05
CA PRO B 117 74.70 -20.16 -28.93
C PRO B 117 74.98 -21.48 -28.26
N TYR B 118 74.19 -22.49 -28.60
CA TYR B 118 74.44 -23.90 -28.25
C TYR B 118 74.84 -24.64 -29.51
N ILE B 119 75.21 -25.88 -29.29
CA ILE B 119 75.60 -26.78 -30.37
C ILE B 119 75.58 -28.17 -29.78
N VAL B 120 74.90 -29.10 -30.44
CA VAL B 120 74.74 -30.46 -29.90
C VAL B 120 75.56 -31.39 -30.78
N ILE B 121 76.51 -32.05 -30.16
CA ILE B 121 77.34 -33.01 -30.87
C ILE B 121 76.79 -34.41 -30.58
N GLU B 122 76.81 -35.28 -31.57
CA GLU B 122 76.62 -36.73 -31.38
C GLU B 122 77.97 -37.39 -31.54
N LYS B 123 78.25 -38.36 -30.68
CA LYS B 123 79.52 -39.08 -30.61
C LYS B 123 79.20 -40.56 -30.69
N ASN B 124 79.68 -41.24 -31.72
CA ASN B 124 79.36 -42.68 -31.95
C ASN B 124 80.65 -43.49 -31.99
N LYS B 125 80.78 -44.47 -31.10
CA LYS B 125 81.93 -45.39 -31.11
C LYS B 125 81.66 -46.64 -31.96
N LYS B 126 80.55 -46.67 -32.71
CA LYS B 126 80.11 -47.89 -33.40
C LYS B 126 79.79 -48.99 -32.40
N ASN B 127 79.42 -48.61 -31.20
CA ASN B 127 79.11 -49.55 -30.12
C ASN B 127 77.60 -49.79 -30.00
N ASN B 128 76.81 -49.22 -30.92
CA ASN B 128 75.36 -48.98 -30.73
C ASN B 128 75.14 -48.22 -29.42
N VAL B 129 76.00 -47.23 -29.19
CA VAL B 129 75.94 -46.30 -28.04
C VAL B 129 76.35 -44.93 -28.59
N PHE B 130 75.55 -43.91 -28.28
CA PHE B 130 75.76 -42.54 -28.76
C PHE B 130 75.77 -41.60 -27.58
N GLU B 131 76.77 -40.73 -27.51
CA GLU B 131 77.04 -39.97 -26.27
C GLU B 131 76.10 -38.77 -26.16
N TYR B 132 76.10 -37.89 -27.16
CA TYR B 132 75.31 -36.65 -27.20
C TYR B 132 75.72 -35.58 -26.17
N PHE B 133 76.83 -34.89 -26.42
CA PHE B 133 77.20 -33.63 -25.72
C PHE B 133 76.28 -32.45 -26.08
N LEU B 134 76.16 -31.51 -25.15
CA LEU B 134 75.70 -30.12 -25.46
C LEU B 134 76.75 -29.13 -25.01
N LEU B 135 77.32 -28.38 -25.96
CA LEU B 135 78.26 -27.28 -25.65
C LEU B 135 77.57 -25.94 -25.77
N ILE B 136 77.99 -25.01 -24.96
CA ILE B 136 77.49 -23.63 -24.95
C ILE B 136 78.68 -22.71 -25.10
N LEU B 137 78.60 -21.82 -26.06
CA LEU B 137 79.77 -21.00 -26.41
C LEU B 137 79.61 -19.58 -25.86
N HIS B 138 80.71 -19.04 -25.34
CA HIS B 138 80.74 -17.80 -24.55
C HIS B 138 81.37 -16.66 -25.33
N SER B 139 81.17 -15.44 -24.84
CA SER B 139 81.71 -14.20 -25.44
C SER B 139 83.20 -14.29 -25.70
N THR B 140 83.91 -15.08 -24.91
CA THR B 140 85.37 -15.23 -25.00
C THR B 140 85.80 -16.19 -26.10
N ASN B 141 84.85 -16.71 -26.90
CA ASN B 141 85.07 -17.78 -27.88
C ASN B 141 85.63 -19.02 -27.19
N LYS B 142 85.10 -19.31 -26.01
CA LYS B 142 85.43 -20.52 -25.25
C LYS B 142 84.14 -21.29 -24.97
N PHE B 143 84.28 -22.59 -24.93
CA PHE B 143 83.14 -23.50 -24.79
C PHE B 143 82.97 -23.97 -23.37
N GLU B 144 81.78 -24.48 -23.13
CA GLU B 144 81.35 -24.94 -21.81
C GLU B 144 80.42 -26.10 -22.06
N MET B 145 80.90 -27.32 -21.89
CA MET B 145 79.99 -28.47 -21.91
C MET B 145 79.00 -28.31 -20.76
N ARG B 146 77.82 -28.86 -20.95
CA ARG B 146 76.83 -28.93 -19.86
C ARG B 146 76.28 -30.32 -19.65
N LEU B 147 76.00 -31.06 -20.72
CA LEU B 147 75.32 -32.37 -20.64
C LEU B 147 76.11 -33.41 -21.41
N SER B 148 76.20 -34.64 -20.88
CA SER B 148 76.84 -35.79 -21.58
C SER B 148 75.77 -36.71 -22.14
N PHE B 149 74.86 -37.21 -21.32
CA PHE B 149 73.51 -37.67 -21.70
C PHE B 149 73.52 -39.04 -22.37
N LYS B 150 74.64 -39.55 -22.88
CA LYS B 150 74.96 -40.98 -22.99
C LYS B 150 73.81 -41.96 -23.27
N LEU B 151 73.17 -41.87 -24.43
CA LEU B 151 72.09 -42.80 -24.78
C LEU B 151 72.64 -43.99 -25.56
N GLY B 152 71.76 -44.96 -25.81
CA GLY B 152 72.08 -46.19 -26.54
C GLY B 152 71.61 -46.16 -27.97
N TYR B 153 70.50 -45.49 -28.26
CA TYR B 153 69.86 -45.49 -29.60
C TYR B 153 69.97 -44.13 -30.26
N GLU B 154 70.09 -44.14 -31.58
CA GLU B 154 70.36 -42.93 -32.38
C GLU B 154 69.12 -42.04 -32.36
N MET B 155 69.34 -40.74 -32.46
CA MET B 155 68.25 -39.76 -32.39
C MET B 155 67.89 -39.30 -33.79
N LYS B 156 66.64 -38.85 -33.93
CA LYS B 156 65.92 -38.70 -35.20
C LYS B 156 64.90 -37.58 -35.00
N ASP B 157 63.62 -37.89 -35.16
CA ASP B 157 62.44 -37.00 -34.97
C ASP B 157 62.51 -36.26 -33.62
N GLY B 158 61.57 -35.33 -33.43
CA GLY B 158 61.83 -33.90 -33.19
C GLY B 158 62.67 -33.54 -31.98
N LEU B 159 63.97 -33.75 -32.11
CA LEU B 159 65.01 -33.13 -31.25
C LEU B 159 64.84 -31.62 -31.24
N ARG B 160 64.72 -31.03 -30.05
CA ARG B 160 64.53 -29.58 -29.98
C ARG B 160 64.90 -29.03 -28.64
N VAL B 161 66.01 -28.29 -28.64
CA VAL B 161 66.61 -27.54 -27.51
C VAL B 161 65.78 -26.32 -27.12
N LEU B 162 65.71 -26.08 -25.83
CA LEU B 162 64.84 -25.04 -25.27
C LEU B 162 65.55 -24.42 -24.08
N ASN B 163 64.92 -23.38 -23.52
CA ASN B 163 65.61 -22.29 -22.80
C ASN B 163 66.59 -22.78 -21.72
N GLY B 164 66.12 -23.27 -20.59
CA GLY B 164 67.09 -23.55 -19.54
C GLY B 164 67.75 -24.84 -19.96
N PRO B 165 68.91 -24.77 -20.65
CA PRO B 165 69.17 -25.60 -21.83
C PRO B 165 68.68 -27.05 -21.67
N LEU B 166 67.64 -27.36 -22.41
CA LEU B 166 66.70 -28.44 -22.12
C LEU B 166 66.42 -29.15 -23.43
N ILE B 167 67.08 -30.26 -23.65
CA ILE B 167 66.84 -31.05 -24.86
C ILE B 167 65.56 -31.84 -24.64
N LEU B 168 64.89 -32.18 -25.74
CA LEU B 168 63.54 -32.74 -25.77
C LEU B 168 63.36 -33.48 -27.09
N TRP B 169 63.07 -34.76 -27.04
CA TRP B 169 63.15 -35.59 -28.26
C TRP B 169 62.21 -36.76 -28.17
N ARG B 170 62.28 -37.66 -29.15
CA ARG B 170 61.43 -38.85 -29.16
C ARG B 170 62.04 -39.96 -30.01
N HIS B 171 61.75 -41.18 -29.61
CA HIS B 171 61.59 -42.31 -30.54
C HIS B 171 60.15 -42.79 -30.32
N VAL B 172 59.86 -44.03 -30.64
CA VAL B 172 58.60 -44.61 -31.18
C VAL B 172 57.28 -44.03 -30.61
N LYS B 173 57.19 -42.70 -30.38
CA LYS B 173 56.09 -41.97 -29.70
C LYS B 173 56.20 -42.07 -28.18
N ALA B 174 57.42 -42.00 -27.67
CA ALA B 174 57.69 -41.73 -26.26
C ALA B 174 58.60 -40.51 -26.21
N PHE B 175 58.14 -39.47 -25.53
CA PHE B 175 58.88 -38.21 -25.41
C PHE B 175 59.74 -38.23 -24.16
N PHE B 176 60.97 -37.75 -24.31
CA PHE B 176 61.93 -37.67 -23.21
C PHE B 176 62.60 -36.32 -23.23
N PHE B 177 63.05 -35.88 -22.06
CA PHE B 177 63.80 -34.62 -21.98
C PHE B 177 64.79 -34.63 -20.84
N ILE B 178 65.84 -33.85 -21.00
CA ILE B 178 66.96 -33.79 -20.03
C ILE B 178 67.30 -32.32 -19.82
N SER B 179 66.81 -31.76 -18.74
CA SER B 179 67.25 -30.44 -18.25
C SER B 179 68.71 -30.45 -17.82
N SER B 180 69.19 -29.26 -17.49
CA SER B 180 70.58 -29.01 -17.10
C SER B 180 70.68 -28.68 -15.61
N GLN B 181 69.56 -28.27 -15.00
CA GLN B 181 69.43 -28.20 -13.53
C GLN B 181 69.53 -29.61 -12.97
N THR B 182 68.60 -30.48 -13.37
CA THR B 182 68.55 -31.90 -12.97
C THR B 182 69.85 -32.59 -13.37
N GLY B 183 70.06 -32.75 -14.68
CA GLY B 183 71.13 -33.59 -15.24
C GLY B 183 70.66 -34.98 -15.66
N LYS B 184 69.42 -35.36 -15.32
CA LYS B 184 68.91 -36.73 -15.47
C LYS B 184 67.81 -36.74 -16.50
N VAL B 185 67.70 -37.85 -17.23
CA VAL B 185 66.64 -38.00 -18.26
C VAL B 185 65.30 -38.04 -17.55
N VAL B 186 64.27 -37.62 -18.25
CA VAL B 186 62.88 -37.65 -17.75
C VAL B 186 62.01 -38.09 -18.93
N SER B 187 60.91 -38.78 -18.63
CA SER B 187 59.91 -39.12 -19.65
C SER B 187 58.67 -38.27 -19.44
N VAL B 188 57.93 -38.04 -20.52
CA VAL B 188 56.71 -37.22 -20.47
C VAL B 188 55.56 -38.14 -20.07
N SER B 189 54.87 -37.80 -18.99
CA SER B 189 53.77 -38.62 -18.45
C SER B 189 52.65 -38.78 -19.48
N GLY B 190 52.16 -37.66 -20.03
CA GLY B 190 51.12 -37.64 -21.06
C GLY B 190 51.54 -38.40 -22.31
N ASN B 191 50.57 -38.66 -23.19
CA ASN B 191 50.74 -39.49 -24.40
C ASN B 191 50.29 -38.70 -25.62
N PHE B 192 51.23 -38.41 -26.52
CA PHE B 192 51.05 -37.52 -27.67
C PHE B 192 51.61 -38.16 -28.93
N SER B 193 51.08 -37.74 -30.08
CA SER B 193 51.54 -38.21 -31.40
C SER B 193 52.72 -37.36 -31.86
N SER B 194 52.53 -36.04 -31.94
CA SER B 194 53.57 -35.06 -32.31
C SER B 194 53.60 -33.94 -31.28
N ILE B 195 54.63 -33.10 -31.35
CA ILE B 195 54.99 -32.13 -30.28
C ILE B 195 55.07 -30.73 -30.85
N GLN B 196 54.12 -30.37 -31.69
CA GLN B 196 54.15 -29.20 -32.60
C GLN B 196 54.87 -27.96 -32.11
N TRP B 197 54.63 -27.56 -30.86
CA TRP B 197 55.33 -26.42 -30.27
C TRP B 197 55.87 -26.75 -28.89
N ALA B 198 56.98 -26.14 -28.53
CA ALA B 198 57.57 -26.35 -27.21
C ALA B 198 58.27 -25.08 -26.78
N GLY B 199 57.90 -24.57 -25.61
CA GLY B 199 58.52 -23.36 -25.09
C GLY B 199 57.84 -22.72 -23.91
N GLU B 200 58.46 -21.67 -23.42
CA GLU B 200 58.12 -20.99 -22.17
C GLU B 200 56.85 -20.17 -22.33
N ILE B 201 56.03 -20.13 -21.29
CA ILE B 201 54.87 -19.22 -21.18
C ILE B 201 54.87 -18.70 -19.74
N GLU B 202 54.36 -17.49 -19.56
CA GLU B 202 54.42 -16.79 -18.26
C GLU B 202 53.53 -17.49 -17.26
N ASN B 203 54.04 -17.61 -16.03
CA ASN B 203 53.33 -18.14 -14.84
C ASN B 203 53.25 -19.66 -14.85
N LEU B 204 53.61 -20.35 -15.94
CA LEU B 204 53.60 -21.82 -16.01
C LEU B 204 55.04 -22.34 -15.91
N GLY B 205 55.91 -21.87 -16.82
CA GLY B 205 57.36 -22.07 -16.70
C GLY B 205 57.93 -22.83 -17.88
N MET B 206 57.27 -23.90 -18.30
CA MET B 206 57.54 -24.58 -19.57
C MET B 206 56.28 -25.36 -19.92
N VAL B 207 56.17 -25.68 -21.19
CA VAL B 207 54.88 -26.05 -21.79
C VAL B 207 55.22 -26.87 -23.02
N LEU B 208 54.28 -27.71 -23.44
CA LEU B 208 54.32 -28.36 -24.75
C LEU B 208 52.93 -28.33 -25.36
N LEU B 209 52.83 -28.01 -26.64
CA LEU B 209 51.59 -28.22 -27.42
C LEU B 209 51.88 -29.29 -28.47
N GLY B 210 51.42 -30.50 -28.19
CA GLY B 210 51.56 -31.64 -29.09
C GLY B 210 50.22 -32.11 -29.61
N LEU B 211 49.22 -32.13 -28.73
CA LEU B 211 47.79 -32.25 -29.09
C LEU B 211 47.09 -31.00 -28.58
N LYS B 212 46.24 -30.42 -29.42
CA LYS B 212 45.83 -29.01 -29.30
C LYS B 212 44.95 -28.80 -28.08
N GLU B 213 44.27 -29.85 -27.63
CA GLU B 213 43.72 -29.87 -26.28
C GLU B 213 44.93 -29.75 -25.33
N CYS B 214 45.73 -30.79 -25.28
CA CYS B 214 46.72 -30.99 -24.21
C CYS B 214 47.79 -29.88 -24.23
N CYS B 215 48.14 -29.42 -23.04
CA CYS B 215 49.11 -28.34 -22.83
C CYS B 215 49.87 -28.61 -21.54
N LEU B 216 50.96 -29.36 -21.63
CA LEU B 216 51.67 -29.86 -20.44
C LEU B 216 52.34 -28.73 -19.66
N SER B 217 52.84 -29.08 -18.49
CA SER B 217 54.06 -28.47 -17.92
C SER B 217 55.17 -29.50 -17.95
N GLU B 218 56.39 -29.02 -17.82
CA GLU B 218 57.61 -29.85 -17.79
C GLU B 218 58.28 -29.74 -16.42
N GLU B 219 57.54 -29.29 -15.41
CA GLU B 219 57.96 -29.34 -14.00
C GLU B 219 57.02 -30.26 -13.23
N GLU B 220 55.71 -29.97 -13.27
CA GLU B 220 54.64 -30.85 -12.72
C GLU B 220 53.80 -31.40 -13.88
N CYS B 221 54.24 -32.50 -14.47
CA CYS B 221 53.70 -33.04 -15.73
C CYS B 221 52.17 -33.12 -15.67
N THR B 222 51.50 -32.55 -16.68
CA THR B 222 50.06 -32.22 -16.72
C THR B 222 49.69 -31.31 -15.55
N SER B 249 45.26 -24.20 -19.12
CA SER B 249 43.93 -24.10 -19.78
C SER B 249 44.00 -24.55 -21.23
N ASP B 250 43.12 -25.49 -21.59
CA ASP B 250 42.95 -25.98 -22.98
C ASP B 250 41.61 -25.54 -23.56
N ILE B 251 40.94 -24.56 -22.95
CA ILE B 251 39.53 -24.23 -23.26
C ILE B 251 39.49 -23.40 -24.54
N TYR B 252 40.41 -22.44 -24.66
CA TYR B 252 40.45 -21.48 -25.79
C TYR B 252 41.76 -21.64 -26.56
N ILE B 253 42.11 -22.90 -26.82
CA ILE B 253 43.18 -23.27 -27.76
C ILE B 253 42.47 -23.69 -29.04
N ILE B 254 43.20 -23.84 -30.14
CA ILE B 254 42.62 -23.94 -31.50
C ILE B 254 41.74 -25.19 -31.62
N PRO B 255 40.81 -25.25 -32.59
CA PRO B 255 39.76 -26.27 -32.57
C PRO B 255 40.28 -27.65 -32.92
N PRO B 256 39.68 -28.72 -32.35
CA PRO B 256 39.93 -30.07 -32.89
C PRO B 256 39.47 -30.20 -34.34
N ALA B 257 38.63 -29.29 -34.83
CA ALA B 257 38.26 -29.23 -36.25
C ALA B 257 39.51 -29.03 -37.11
N TYR B 258 40.32 -28.03 -36.77
CA TYR B 258 41.58 -27.75 -37.48
C TYR B 258 42.67 -28.72 -37.09
N SER B 259 42.52 -29.43 -35.98
CA SER B 259 43.60 -30.29 -35.48
C SER B 259 44.06 -31.35 -36.47
N SER B 260 43.23 -31.71 -37.43
CA SER B 260 43.57 -32.81 -38.34
C SER B 260 44.64 -32.39 -39.36
N VAL B 261 44.84 -31.09 -39.56
CA VAL B 261 45.67 -30.57 -40.68
C VAL B 261 46.85 -29.76 -40.18
N VAL B 262 46.74 -29.19 -38.98
CA VAL B 262 47.84 -28.41 -38.41
C VAL B 262 49.09 -29.28 -38.35
N THR B 263 50.22 -28.71 -38.76
CA THR B 263 51.48 -29.45 -38.74
C THR B 263 52.59 -28.68 -38.03
N TYR B 264 52.49 -27.36 -38.01
CA TYR B 264 53.50 -26.51 -37.38
C TYR B 264 52.82 -25.28 -36.81
N VAL B 265 53.33 -24.79 -35.71
CA VAL B 265 52.71 -23.68 -34.98
C VAL B 265 53.81 -22.67 -34.62
N HIS B 266 53.39 -21.44 -34.36
CA HIS B 266 54.31 -20.42 -33.88
C HIS B 266 53.49 -19.44 -33.09
N ILE B 267 53.57 -19.52 -31.79
CA ILE B 267 52.83 -18.59 -30.92
C ILE B 267 53.46 -17.21 -30.99
N CYS B 268 52.67 -16.20 -30.67
CA CYS B 268 53.04 -14.80 -30.88
C CYS B 268 52.89 -13.99 -29.61
N ALA B 269 51.84 -14.26 -28.83
CA ALA B 269 51.57 -13.48 -27.63
C ALA B 269 50.58 -14.23 -26.77
N THR B 270 50.52 -13.81 -25.52
CA THR B 270 49.75 -14.50 -24.46
C THR B 270 49.19 -13.46 -23.50
N GLU B 271 47.93 -13.62 -23.14
CA GLU B 271 47.23 -12.78 -22.16
C GLU B 271 46.40 -13.66 -21.23
N ILE B 272 45.88 -13.05 -20.18
CA ILE B 272 45.00 -13.71 -19.19
C ILE B 272 43.79 -12.81 -18.94
N LEU B 277 43.30 -17.53 -19.88
CA LEU B 277 44.41 -17.84 -20.81
C LEU B 277 43.96 -17.61 -22.25
N ARG B 278 44.76 -16.83 -22.99
CA ARG B 278 44.44 -16.46 -24.38
C ARG B 278 45.75 -16.34 -25.14
N ILE B 279 45.96 -17.20 -26.13
CA ILE B 279 47.17 -17.18 -26.97
C ILE B 279 46.79 -16.76 -28.37
N SER B 280 47.60 -15.90 -28.97
CA SER B 280 47.50 -15.54 -30.40
C SER B 280 48.58 -16.31 -31.11
N LEU B 281 48.27 -16.85 -32.27
CA LEU B 281 48.98 -18.03 -32.75
C LEU B 281 48.93 -18.07 -34.26
N ILE B 282 50.06 -18.25 -34.88
CA ILE B 282 50.15 -18.57 -36.32
C ILE B 282 50.12 -20.07 -36.38
N ALA B 283 49.70 -20.61 -37.50
CA ALA B 283 49.81 -22.04 -37.76
C ALA B 283 50.26 -22.27 -39.18
N LEU B 284 50.56 -23.50 -39.54
CA LEU B 284 50.45 -23.88 -40.94
C LEU B 284 50.35 -25.37 -41.11
N THR B 285 49.85 -25.77 -42.27
CA THR B 285 49.04 -26.98 -42.45
C THR B 285 49.53 -27.77 -43.66
N ARG B 286 48.79 -28.86 -43.95
CA ARG B 286 49.14 -29.80 -45.01
C ARG B 286 48.66 -29.28 -46.36
N LYS B 287 47.60 -28.49 -46.34
CA LYS B 287 47.01 -27.88 -47.56
C LYS B 287 47.77 -26.64 -48.01
N ASN B 288 49.00 -26.41 -47.51
CA ASN B 288 49.85 -25.28 -47.93
C ASN B 288 49.14 -23.98 -47.59
N GLN B 289 48.71 -23.87 -46.35
CA GLN B 289 48.02 -22.69 -45.83
C GLN B 289 48.93 -21.98 -44.85
N LEU B 290 48.44 -20.88 -44.31
CA LEU B 290 49.05 -20.20 -43.17
C LEU B 290 47.94 -19.40 -42.52
N ILE B 291 47.62 -19.77 -41.33
CA ILE B 291 46.37 -19.33 -40.69
C ILE B 291 46.73 -18.60 -39.41
N SER B 292 45.91 -17.67 -39.00
CA SER B 292 46.00 -17.01 -37.71
C SER B 292 44.92 -17.54 -36.76
N PHE B 293 45.10 -17.25 -35.48
CA PHE B 293 44.13 -17.57 -34.43
C PHE B 293 44.33 -16.57 -33.30
N GLN B 294 43.24 -16.00 -32.80
CA GLN B 294 43.26 -15.09 -31.65
C GLN B 294 42.23 -15.64 -30.67
N ASN B 295 42.67 -16.55 -29.80
CA ASN B 295 41.80 -17.18 -28.79
C ASN B 295 40.79 -18.10 -29.50
N GLY B 296 41.26 -18.89 -30.45
CA GLY B 296 40.41 -19.85 -31.17
C GLY B 296 39.55 -19.21 -32.22
N THR B 297 40.08 -18.22 -32.94
CA THR B 297 39.31 -17.36 -33.86
C THR B 297 40.06 -17.30 -35.18
N PRO B 298 39.89 -18.26 -36.12
CA PRO B 298 40.68 -18.29 -37.35
C PRO B 298 40.54 -17.07 -38.26
N LYS B 299 41.21 -15.98 -37.88
CA LYS B 299 41.26 -14.74 -38.68
C LYS B 299 42.27 -14.93 -39.81
N ASN B 300 42.10 -14.15 -40.86
CA ASN B 300 43.17 -13.78 -41.80
C ASN B 300 43.98 -14.97 -42.31
N VAL B 301 43.33 -15.90 -42.98
CA VAL B 301 43.98 -17.03 -43.65
C VAL B 301 44.80 -16.55 -44.84
N CYS B 302 45.81 -17.31 -45.19
CA CYS B 302 46.63 -17.09 -46.39
C CYS B 302 46.67 -18.36 -47.22
N GLN B 303 47.54 -18.37 -48.21
CA GLN B 303 47.77 -19.56 -49.05
C GLN B 303 49.19 -19.41 -49.55
N LEU B 304 49.87 -20.52 -49.70
CA LEU B 304 51.33 -20.51 -49.93
C LEU B 304 51.61 -21.15 -51.27
N PRO B 305 52.54 -20.65 -52.08
CA PRO B 305 52.75 -21.21 -53.41
C PRO B 305 53.32 -22.62 -53.37
N PHE B 306 54.41 -22.80 -52.67
CA PHE B 306 55.12 -24.08 -52.64
C PHE B 306 54.46 -24.98 -51.61
N GLY B 307 54.92 -26.23 -51.58
CA GLY B 307 54.33 -27.26 -50.75
C GLY B 307 55.31 -27.81 -49.74
N ASP B 308 54.75 -28.59 -48.81
CA ASP B 308 55.49 -29.27 -47.74
C ASP B 308 56.27 -28.23 -46.94
N PRO B 309 55.56 -27.33 -46.23
CA PRO B 309 56.26 -26.34 -45.41
C PRO B 309 56.91 -26.91 -44.16
N CYS B 310 58.08 -26.39 -43.83
CA CYS B 310 58.85 -26.82 -42.67
C CYS B 310 58.58 -25.87 -41.50
N ALA B 311 58.78 -24.57 -41.68
CA ALA B 311 58.89 -23.62 -40.55
C ALA B 311 58.42 -22.22 -40.90
N VAL B 312 58.17 -21.44 -39.86
CA VAL B 312 58.03 -19.98 -40.00
C VAL B 312 58.92 -19.32 -38.98
N GLN B 313 59.55 -18.24 -39.40
CA GLN B 313 60.14 -17.25 -38.50
C GLN B 313 59.42 -15.95 -38.78
N LEU B 314 59.70 -14.98 -37.97
CA LEU B 314 59.08 -13.67 -38.01
C LEU B 314 60.16 -12.60 -38.19
N MET B 315 59.80 -11.55 -38.89
CA MET B 315 60.71 -10.44 -39.22
C MET B 315 59.97 -9.14 -39.03
N ASP B 316 60.66 -8.12 -38.56
CA ASP B 316 60.01 -6.87 -38.13
C ASP B 316 60.25 -5.74 -39.13
N SER B 317 61.48 -5.54 -39.56
CA SER B 317 61.76 -4.73 -40.76
C SER B 317 61.55 -3.25 -40.57
N GLY B 318 61.02 -2.82 -39.43
CA GLY B 318 60.77 -1.42 -39.17
C GLY B 318 59.51 -1.21 -38.38
N GLY B 319 58.91 -0.04 -38.58
CA GLY B 319 57.68 0.32 -37.90
C GLY B 319 56.53 -0.42 -38.50
N GLY B 320 56.03 -1.45 -37.83
CA GLY B 320 54.79 -2.14 -38.24
C GLY B 320 54.96 -3.18 -39.32
N ASN B 321 56.00 -3.08 -40.15
CA ASN B 321 56.18 -4.00 -41.28
C ASN B 321 56.58 -5.37 -40.77
N LEU B 322 55.64 -6.07 -40.16
CA LEU B 322 55.85 -7.47 -39.80
C LEU B 322 55.72 -8.32 -41.05
N PHE B 323 56.68 -9.18 -41.25
CA PHE B 323 56.59 -10.29 -42.19
C PHE B 323 56.54 -11.62 -41.42
N PHE B 324 56.17 -12.66 -42.14
CA PHE B 324 56.36 -14.05 -41.72
C PHE B 324 57.15 -14.67 -42.84
N VAL B 325 58.36 -15.09 -42.50
CA VAL B 325 59.19 -15.78 -43.48
C VAL B 325 58.97 -17.28 -43.32
N VAL B 326 58.50 -17.91 -44.39
CA VAL B 326 58.13 -19.33 -44.32
C VAL B 326 59.10 -20.09 -45.19
N SER B 327 59.62 -21.19 -44.63
CA SER B 327 60.61 -22.03 -45.29
C SER B 327 59.99 -23.40 -45.55
N PHE B 328 60.41 -24.02 -46.64
CA PHE B 328 59.79 -25.23 -47.17
C PHE B 328 60.81 -26.34 -47.27
N ILE B 329 60.29 -27.56 -47.41
CA ILE B 329 61.12 -28.78 -47.55
C ILE B 329 61.87 -28.77 -48.88
N SER B 330 61.28 -28.15 -49.91
CA SER B 330 61.79 -28.26 -51.28
C SER B 330 62.92 -27.24 -51.56
N ASN B 331 63.58 -26.72 -50.52
CA ASN B 331 64.64 -25.69 -50.65
C ASN B 331 64.08 -24.44 -51.33
N ASN B 332 63.06 -23.86 -50.71
CA ASN B 332 62.52 -22.57 -51.17
C ASN B 332 61.74 -21.93 -50.00
N ALA B 333 61.43 -20.67 -50.14
CA ALA B 333 60.79 -19.88 -49.08
C ALA B 333 60.06 -18.67 -49.61
N CYS B 334 59.19 -18.19 -48.76
CA CYS B 334 58.24 -17.11 -49.06
C CYS B 334 58.24 -16.18 -47.88
N ALA B 335 57.73 -14.99 -48.11
CA ALA B 335 57.54 -14.00 -47.05
C ALA B 335 56.17 -13.42 -47.22
N VAL B 336 55.37 -13.46 -46.17
CA VAL B 336 53.99 -12.92 -46.28
C VAL B 336 53.90 -11.70 -45.39
N TRP B 337 53.29 -10.68 -45.90
CA TRP B 337 53.30 -9.38 -45.22
C TRP B 337 52.06 -9.26 -44.37
N LYS B 338 52.18 -9.44 -43.09
CA LYS B 338 51.13 -9.06 -42.16
C LYS B 338 50.65 -7.63 -42.42
N GLU B 339 49.41 -7.39 -42.03
CA GLU B 339 48.55 -6.27 -42.47
C GLU B 339 47.93 -6.54 -43.83
N SER B 340 48.42 -7.54 -44.55
CA SER B 340 47.71 -8.08 -45.72
C SER B 340 48.23 -9.47 -46.00
N PHE B 341 47.56 -10.49 -45.52
CA PHE B 341 48.17 -11.82 -45.56
C PHE B 341 48.33 -12.26 -47.01
N GLN B 342 49.47 -11.87 -47.54
CA GLN B 342 49.75 -11.86 -48.97
C GLN B 342 51.23 -12.12 -49.16
N VAL B 343 51.56 -13.02 -50.07
CA VAL B 343 52.95 -13.29 -50.41
C VAL B 343 53.57 -12.03 -51.01
N ALA B 344 54.49 -11.43 -50.25
CA ALA B 344 55.25 -10.27 -50.70
C ALA B 344 56.48 -10.71 -51.48
N ALA B 345 57.04 -11.87 -51.15
CA ALA B 345 58.12 -12.37 -52.01
C ALA B 345 58.28 -13.87 -51.92
N LYS B 346 58.95 -14.43 -52.92
CA LYS B 346 59.31 -15.86 -52.98
C LYS B 346 60.76 -15.95 -53.38
N TRP B 347 61.44 -16.98 -52.90
CA TRP B 347 62.83 -17.24 -53.28
C TRP B 347 63.03 -18.73 -53.49
N GLU B 348 64.09 -19.07 -54.20
CA GLU B 348 64.37 -20.44 -54.65
C GLU B 348 65.78 -20.89 -54.31
N LYS B 349 65.85 -22.16 -53.92
CA LYS B 349 67.06 -23.00 -53.78
C LYS B 349 67.92 -22.76 -52.55
N LEU B 350 67.84 -21.59 -51.93
CA LEU B 350 67.89 -21.39 -50.47
C LEU B 350 68.56 -22.50 -49.65
N SER B 351 69.86 -22.61 -49.75
CA SER B 351 70.63 -23.38 -48.76
C SER B 351 70.11 -23.08 -47.35
N LEU B 352 69.95 -21.81 -47.01
CA LEU B 352 69.52 -21.37 -45.67
C LEU B 352 68.77 -20.05 -45.73
N VAL B 353 67.99 -19.83 -44.70
CA VAL B 353 67.38 -18.52 -44.41
C VAL B 353 67.69 -18.16 -42.98
N LEU B 354 68.13 -16.94 -42.79
CA LEU B 354 68.37 -16.40 -41.44
C LEU B 354 67.71 -15.03 -41.30
N ILE B 355 67.25 -14.73 -40.10
CA ILE B 355 66.65 -13.44 -39.79
C ILE B 355 67.39 -12.77 -38.67
N ASP B 356 68.08 -11.69 -38.95
CA ASP B 356 68.73 -10.87 -37.94
C ASP B 356 69.17 -9.55 -38.57
N ASP B 357 69.66 -8.64 -37.77
CA ASP B 357 70.28 -7.40 -38.22
C ASP B 357 71.74 -7.61 -38.61
N PHE B 358 72.02 -7.94 -39.88
CA PHE B 358 73.41 -8.17 -40.32
C PHE B 358 74.10 -6.84 -40.61
N ILE B 359 73.34 -5.77 -40.71
CA ILE B 359 73.80 -4.52 -41.32
C ILE B 359 74.28 -3.57 -40.23
N GLY B 360 73.40 -3.36 -39.23
CA GLY B 360 73.65 -2.45 -38.11
C GLY B 360 72.63 -1.36 -38.03
N SER B 361 71.46 -1.58 -38.56
CA SER B 361 70.46 -0.53 -38.70
C SER B 361 69.53 -0.47 -37.49
N GLY B 362 69.36 -1.59 -36.78
CA GLY B 362 68.36 -1.74 -35.72
C GLY B 362 66.99 -2.05 -36.28
N THR B 363 66.89 -2.82 -37.35
CA THR B 363 65.62 -3.37 -37.81
C THR B 363 65.98 -4.64 -38.52
N GLU B 364 65.21 -5.70 -38.32
CA GLU B 364 65.61 -7.01 -38.84
C GLU B 364 65.64 -7.02 -40.37
N GLN B 365 66.50 -7.85 -40.90
CA GLN B 365 66.70 -8.21 -42.30
C GLN B 365 66.48 -9.71 -42.40
N VAL B 366 66.52 -10.22 -43.62
CA VAL B 366 66.57 -11.67 -43.89
C VAL B 366 67.71 -11.88 -44.84
N LEU B 367 68.45 -12.93 -44.54
CA LEU B 367 69.67 -13.33 -45.27
C LEU B 367 69.34 -14.66 -45.93
N LEU B 368 69.64 -14.79 -47.22
CA LEU B 368 69.28 -15.96 -48.00
C LEU B 368 70.52 -16.49 -48.65
N LEU B 369 70.82 -17.75 -48.44
CA LEU B 369 72.06 -18.39 -48.92
C LEU B 369 71.66 -19.25 -50.12
N PHE B 370 72.39 -19.11 -51.22
CA PHE B 370 72.06 -19.80 -52.47
C PHE B 370 73.08 -20.90 -52.67
N LYS B 371 72.67 -21.93 -53.39
CA LYS B 371 73.25 -23.28 -53.27
C LYS B 371 74.76 -23.33 -53.50
N ASP B 372 75.37 -24.40 -52.97
CA ASP B 372 76.82 -24.61 -53.03
C ASP B 372 77.27 -25.11 -54.41
N SER B 373 76.38 -25.16 -55.41
CA SER B 373 76.79 -25.44 -56.81
C SER B 373 77.76 -24.39 -57.32
N LEU B 374 77.63 -23.14 -56.85
CA LEU B 374 78.50 -22.02 -57.30
C LEU B 374 79.95 -22.27 -56.88
N ASN B 375 80.19 -22.35 -55.57
CA ASN B 375 81.53 -22.54 -54.99
C ASN B 375 81.45 -23.61 -53.90
N SER B 376 82.62 -24.13 -53.52
CA SER B 376 82.80 -24.99 -52.33
C SER B 376 83.00 -24.12 -51.10
N ASP B 377 82.03 -23.23 -50.85
CA ASP B 377 82.02 -22.30 -49.69
C ASP B 377 80.56 -21.93 -49.42
N CYS B 378 80.27 -21.56 -48.17
CA CYS B 378 78.89 -21.36 -47.70
C CYS B 378 78.47 -19.90 -47.89
N LEU B 379 79.24 -18.96 -47.36
CA LEU B 379 78.79 -17.55 -47.22
C LEU B 379 79.06 -16.70 -48.46
N THR B 380 79.30 -17.33 -49.61
CA THR B 380 79.20 -16.67 -50.92
C THR B 380 77.83 -16.96 -51.52
N SER B 381 77.41 -16.14 -52.48
CA SER B 381 76.10 -16.27 -53.14
C SER B 381 75.00 -16.02 -52.12
N PHE B 382 75.09 -14.89 -51.44
CA PHE B 382 74.06 -14.50 -50.47
C PHE B 382 73.22 -13.38 -51.03
N LYS B 383 72.19 -13.02 -50.28
CA LYS B 383 71.35 -11.85 -50.58
C LYS B 383 70.66 -11.42 -49.29
N ILE B 384 70.70 -10.13 -48.99
CA ILE B 384 70.17 -9.57 -47.73
C ILE B 384 69.08 -8.62 -48.09
N THR B 385 67.92 -8.75 -47.50
CA THR B 385 66.77 -7.98 -48.02
C THR B 385 65.79 -7.73 -46.89
N ASP B 386 65.60 -6.49 -46.58
CA ASP B 386 64.54 -6.08 -45.69
C ASP B 386 63.19 -6.12 -46.40
N LEU B 387 63.17 -6.32 -47.72
CA LEU B 387 61.99 -6.07 -48.58
C LEU B 387 61.60 -4.60 -48.50
N GLY B 388 62.58 -3.72 -48.53
CA GLY B 388 62.32 -2.28 -48.62
C GLY B 388 63.59 -1.59 -49.02
N LYS B 389 64.00 -0.63 -48.20
CA LYS B 389 65.15 0.23 -48.50
C LYS B 389 66.43 -0.58 -48.57
N ILE B 390 66.52 -1.64 -47.79
CA ILE B 390 67.77 -2.41 -47.68
C ILE B 390 67.69 -3.60 -48.63
N ASN B 391 68.60 -3.62 -49.58
CA ASN B 391 68.76 -4.73 -50.54
C ASN B 391 70.23 -4.79 -50.89
N TYR B 392 70.90 -5.87 -50.51
CA TYR B 392 72.31 -6.12 -50.83
C TYR B 392 72.43 -7.51 -51.41
N SER B 393 73.50 -7.75 -52.14
CA SER B 393 73.73 -9.05 -52.80
C SER B 393 75.17 -9.12 -53.27
N SER B 394 75.57 -10.31 -53.73
CA SER B 394 76.93 -10.59 -54.19
C SER B 394 77.03 -10.39 -55.71
N GLU B 410 77.92 7.45 -69.96
CA GLU B 410 77.69 6.48 -68.86
C GLU B 410 78.04 7.15 -67.53
N ASN B 411 77.49 8.35 -67.31
CA ASN B 411 77.74 9.14 -66.08
C ASN B 411 76.91 8.56 -64.94
N ARG B 412 75.58 8.65 -65.05
CA ARG B 412 74.59 7.94 -64.20
C ARG B 412 74.54 8.44 -62.76
N TYR B 413 75.50 9.28 -62.32
CA TYR B 413 75.62 9.70 -60.92
C TYR B 413 74.65 10.85 -60.64
N LEU B 414 74.27 11.58 -61.68
CA LEU B 414 73.32 12.71 -61.55
C LEU B 414 71.93 12.19 -61.22
N VAL B 415 71.62 10.98 -61.68
CA VAL B 415 70.29 10.34 -61.51
C VAL B 415 70.07 9.95 -60.05
N VAL B 416 71.14 9.65 -59.33
CA VAL B 416 71.08 8.90 -58.05
C VAL B 416 70.31 9.66 -56.98
N PRO B 417 70.72 10.87 -56.56
CA PRO B 417 70.03 11.58 -55.48
C PRO B 417 68.54 11.77 -55.75
N PRO B 418 68.12 12.00 -57.00
CA PRO B 418 66.70 11.90 -57.31
C PRO B 418 66.05 10.60 -56.86
N LEU B 419 66.67 9.47 -57.17
CA LEU B 419 66.09 8.16 -56.80
C LEU B 419 66.09 7.98 -55.29
N GLU B 420 67.16 8.43 -54.61
CA GLU B 420 67.23 8.33 -53.14
C GLU B 420 66.12 9.15 -52.51
N THR B 421 65.92 10.37 -52.99
CA THR B 421 64.80 11.20 -52.52
C THR B 421 63.47 10.54 -52.86
N GLY B 422 63.39 9.82 -53.98
CA GLY B 422 62.15 9.13 -54.33
C GLY B 422 61.85 7.99 -53.39
N LEU B 423 62.88 7.26 -53.01
CA LEU B 423 62.77 6.16 -52.04
C LEU B 423 62.29 6.73 -50.70
N LYS B 424 62.88 7.83 -50.27
CA LYS B 424 62.51 8.44 -48.98
C LYS B 424 61.11 9.00 -49.02
N VAL B 425 60.70 9.54 -50.15
CA VAL B 425 59.33 10.07 -50.29
C VAL B 425 58.31 8.94 -50.27
N CYS B 426 58.62 7.85 -50.97
CA CYS B 426 57.76 6.67 -51.01
C CYS B 426 57.60 6.10 -49.60
N PHE B 427 58.70 5.98 -48.86
CA PHE B 427 58.65 5.45 -47.49
C PHE B 427 57.83 6.37 -46.58
N SER B 428 58.03 7.67 -46.72
CA SER B 428 57.28 8.65 -45.93
C SER B 428 55.79 8.56 -46.26
N SER B 429 55.45 8.35 -47.52
CA SER B 429 54.03 8.25 -47.92
C SER B 429 53.38 7.03 -47.31
N PHE B 430 54.14 5.94 -47.22
CA PHE B 430 53.67 4.70 -46.57
C PHE B 430 53.39 5.00 -45.11
N ARG B 431 54.37 5.60 -44.45
CA ARG B 431 54.28 5.90 -43.01
C ARG B 431 53.14 6.88 -42.72
N GLU B 432 52.74 7.65 -43.71
CA GLU B 432 51.69 8.67 -43.56
C GLU B 432 50.32 8.05 -43.83
N LEU B 433 50.26 7.17 -44.83
CA LEU B 433 49.01 6.46 -45.16
C LEU B 433 48.54 5.62 -44.00
N ARG B 434 49.45 4.93 -43.33
CA ARG B 434 49.06 4.09 -42.21
C ARG B 434 48.33 4.95 -41.17
N GLN B 435 48.86 6.11 -40.89
CA GLN B 435 48.30 6.97 -39.84
C GLN B 435 46.96 7.52 -40.31
N HIS B 436 46.86 7.88 -41.58
CA HIS B 436 45.59 8.38 -42.15
C HIS B 436 44.50 7.32 -42.01
N LEU B 437 44.85 6.08 -42.31
CA LEU B 437 43.92 4.95 -42.22
C LEU B 437 43.48 4.72 -40.77
N LEU B 438 44.41 4.74 -39.83
CA LEU B 438 44.06 4.69 -38.39
C LEU B 438 43.04 5.77 -38.06
N LEU B 439 43.26 6.97 -38.58
CA LEU B 439 42.38 8.09 -38.24
C LEU B 439 40.99 7.84 -38.81
N LYS B 440 40.89 7.26 -40.00
CA LYS B 440 39.58 6.97 -40.58
C LYS B 440 38.82 5.95 -39.74
N GLU B 441 39.52 4.95 -39.26
CA GLU B 441 38.88 3.91 -38.43
C GLU B 441 38.39 4.54 -37.13
N LYS B 442 39.22 5.38 -36.52
CA LYS B 442 38.82 6.14 -35.32
C LYS B 442 37.54 6.93 -35.56
N ILE B 443 37.47 7.64 -36.67
CA ILE B 443 36.29 8.47 -36.98
C ILE B 443 35.05 7.60 -37.19
N ILE B 444 35.21 6.44 -37.83
CA ILE B 444 34.06 5.55 -38.07
C ILE B 444 33.54 5.04 -36.72
N SER B 445 34.45 4.69 -35.81
CA SER B 445 34.05 4.25 -34.47
C SER B 445 33.27 5.37 -33.78
N LYS B 446 33.86 6.55 -33.76
CA LYS B 446 33.24 7.75 -33.19
C LYS B 446 31.82 7.93 -33.72
N SER B 447 31.63 7.80 -35.02
CA SER B 447 30.30 8.02 -35.62
C SER B 447 29.34 6.84 -35.38
N TYR B 448 29.81 5.61 -35.23
CA TYR B 448 28.94 4.51 -34.74
C TYR B 448 28.35 4.91 -33.38
N LYS B 449 29.23 5.27 -32.45
CA LYS B 449 28.78 5.68 -31.10
C LYS B 449 27.87 6.89 -31.20
N ALA B 450 28.12 7.77 -32.17
CA ALA B 450 27.28 8.95 -32.38
C ALA B 450 25.88 8.55 -32.78
N LEU B 451 25.73 7.62 -33.74
CA LEU B 451 24.42 7.03 -34.09
C LEU B 451 23.73 6.50 -32.84
N ILE B 452 24.45 5.72 -32.06
CA ILE B 452 23.87 5.02 -30.89
C ILE B 452 23.30 6.06 -29.91
N ASN B 453 24.09 7.08 -29.61
CA ASN B 453 23.59 8.17 -28.74
C ASN B 453 22.59 9.06 -29.47
N LEU B 454 22.54 9.01 -30.80
CA LEU B 454 21.63 9.86 -31.60
C LEU B 454 20.20 9.37 -31.41
N VAL B 455 19.98 8.08 -31.56
CA VAL B 455 18.63 7.52 -31.34
C VAL B 455 18.18 7.73 -29.88
N GLN B 456 19.09 7.58 -28.92
CA GLN B 456 18.76 7.58 -27.47
C GLN B 456 18.99 8.99 -26.89
N SER B 496 20.42 2.23 -18.78
CA SER B 496 21.50 2.17 -17.76
C SER B 496 21.28 0.98 -16.81
N GLU B 497 20.05 0.85 -16.30
CA GLU B 497 19.65 -0.29 -15.45
C GLU B 497 19.41 -1.49 -16.36
N GLN B 498 20.07 -2.61 -16.05
CA GLN B 498 20.03 -3.82 -16.86
C GLN B 498 18.59 -4.34 -16.92
N LEU B 499 17.97 -4.17 -18.07
CA LEU B 499 16.61 -4.68 -18.33
C LEU B 499 16.58 -6.18 -18.59
N VAL B 500 17.74 -6.80 -18.71
CA VAL B 500 17.88 -8.20 -19.15
C VAL B 500 19.14 -8.78 -18.51
N GLU B 501 19.00 -9.91 -17.84
CA GLU B 501 20.17 -10.59 -17.31
C GLU B 501 21.06 -11.09 -18.43
N LYS B 502 20.56 -12.04 -19.21
CA LYS B 502 21.46 -12.83 -20.07
C LYS B 502 20.68 -13.67 -21.02
N ILE B 503 21.39 -14.19 -22.00
CA ILE B 503 20.80 -14.86 -23.18
C ILE B 503 21.24 -16.32 -23.21
N TRP B 504 20.40 -17.18 -23.73
CA TRP B 504 20.78 -18.58 -23.90
C TRP B 504 20.00 -19.13 -25.05
N TYR B 505 20.55 -20.16 -25.66
CA TYR B 505 19.88 -20.74 -26.82
C TYR B 505 20.03 -22.22 -26.80
N ARG B 506 19.01 -22.94 -27.19
CA ARG B 506 19.11 -24.38 -27.43
C ARG B 506 18.58 -24.78 -28.78
N VAL B 507 18.86 -25.99 -29.19
CA VAL B 507 18.26 -26.63 -30.36
C VAL B 507 17.55 -27.88 -29.93
N ILE B 508 16.31 -28.08 -30.33
CA ILE B 508 15.52 -29.18 -29.84
C ILE B 508 15.49 -30.32 -30.85
N ASP B 509 14.82 -30.10 -32.00
CA ASP B 509 15.08 -31.02 -33.12
C ASP B 509 15.48 -30.28 -34.41
N ASP B 510 14.50 -29.54 -34.95
CA ASP B 510 14.67 -28.61 -36.08
C ASP B 510 14.13 -27.24 -35.70
N SER B 511 14.34 -26.83 -34.48
CA SER B 511 13.92 -25.54 -33.97
C SER B 511 15.11 -24.99 -33.21
N LEU B 512 15.24 -23.70 -33.29
CA LEU B 512 16.09 -22.96 -32.44
C LEU B 512 15.21 -22.28 -31.47
N VAL B 513 15.62 -22.34 -30.22
CA VAL B 513 14.92 -21.72 -29.10
C VAL B 513 15.92 -20.80 -28.50
N VAL B 514 15.64 -19.55 -28.44
CA VAL B 514 16.50 -18.53 -27.91
C VAL B 514 15.67 -17.92 -26.84
N GLY B 515 16.25 -17.68 -25.69
CA GLY B 515 15.53 -17.10 -24.55
C GLY B 515 16.39 -16.15 -23.73
N VAL B 516 15.73 -15.23 -23.09
CA VAL B 516 16.42 -14.18 -22.36
C VAL B 516 15.70 -13.97 -21.07
N LYS B 517 16.44 -13.77 -20.01
CA LYS B 517 15.84 -13.81 -18.66
C LYS B 517 15.82 -12.40 -18.13
N THR B 518 14.66 -11.95 -17.74
CA THR B 518 14.43 -10.52 -17.48
C THR B 518 14.91 -10.14 -16.08
N THR B 519 14.60 -8.92 -15.68
CA THR B 519 14.85 -8.41 -14.34
C THR B 519 13.62 -7.65 -13.86
N SER B 520 13.67 -7.29 -12.56
CA SER B 520 12.56 -6.60 -11.88
C SER B 520 12.05 -5.39 -12.68
N SER B 521 12.93 -4.70 -13.41
CA SER B 521 12.63 -3.40 -14.05
C SER B 521 11.62 -3.52 -15.21
N LEU B 522 11.54 -4.70 -15.81
CA LEU B 522 10.75 -4.91 -17.04
C LEU B 522 9.43 -5.57 -16.63
N LYS B 523 8.35 -4.85 -16.76
CA LYS B 523 7.05 -5.26 -16.20
C LYS B 523 6.13 -5.67 -17.33
N LEU B 524 5.96 -6.97 -17.47
CA LEU B 524 5.22 -7.54 -18.61
C LEU B 524 3.72 -7.32 -18.46
N SER B 525 3.26 -6.86 -17.31
CA SER B 525 1.88 -6.37 -17.14
C SER B 525 1.67 -5.11 -17.99
N LEU B 526 2.69 -4.25 -18.03
CA LEU B 526 2.60 -2.90 -18.61
C LEU B 526 3.18 -2.84 -20.01
N ASN B 527 4.02 -3.81 -20.36
CA ASN B 527 4.81 -3.74 -21.59
C ASN B 527 4.63 -5.03 -22.35
N ASP B 528 3.98 -4.96 -23.49
CA ASP B 528 4.16 -5.99 -24.56
C ASP B 528 5.62 -6.07 -24.98
N VAL B 529 6.21 -7.25 -24.90
CA VAL B 529 7.57 -7.44 -25.40
C VAL B 529 7.58 -8.51 -26.45
N THR B 530 8.50 -8.43 -27.36
CA THR B 530 8.76 -9.41 -28.36
C THR B 530 10.25 -9.68 -28.44
N LEU B 531 10.60 -10.67 -29.21
CA LEU B 531 11.95 -11.03 -29.36
C LEU B 531 12.15 -11.46 -30.78
N SER B 532 12.70 -10.60 -31.62
CA SER B 532 13.06 -10.85 -33.01
C SER B 532 14.47 -11.32 -33.10
N LEU B 533 14.74 -12.12 -34.10
CA LEU B 533 16.05 -12.53 -34.57
C LEU B 533 16.35 -11.95 -35.93
N LEU B 534 17.55 -11.50 -36.14
CA LEU B 534 17.97 -10.82 -37.36
C LEU B 534 19.15 -11.53 -38.00
N MET B 535 19.07 -11.95 -39.25
CA MET B 535 20.25 -12.60 -39.81
C MET B 535 21.28 -11.58 -40.27
N ASP B 536 22.55 -11.83 -40.00
CA ASP B 536 23.64 -11.12 -40.67
C ASP B 536 23.55 -11.30 -42.19
N GLN B 537 23.43 -10.19 -42.95
CA GLN B 537 23.26 -10.26 -44.42
C GLN B 537 24.56 -10.78 -45.07
N ALA B 538 25.69 -10.73 -44.36
CA ALA B 538 26.96 -11.33 -44.79
C ALA B 538 26.75 -12.82 -45.08
N HIS B 539 25.99 -13.51 -44.23
CA HIS B 539 25.56 -14.90 -44.48
C HIS B 539 24.33 -14.91 -45.40
N ASP B 540 23.32 -14.07 -45.10
CA ASP B 540 22.03 -14.06 -45.83
C ASP B 540 22.17 -13.22 -47.09
N SER B 541 22.56 -13.88 -48.19
CA SER B 541 22.61 -13.26 -49.52
C SER B 541 21.22 -13.05 -50.12
N ARG B 542 20.16 -13.63 -49.51
CA ARG B 542 18.81 -13.74 -50.12
C ARG B 542 17.72 -13.21 -49.18
N PHE B 543 16.55 -13.00 -49.77
CA PHE B 543 15.34 -12.52 -49.09
C PHE B 543 14.56 -13.74 -48.58
N ARG B 544 15.15 -14.37 -47.58
CA ARG B 544 14.45 -15.28 -46.68
C ARG B 544 13.97 -14.31 -45.57
N LEU B 545 12.69 -14.02 -45.53
CA LEU B 545 11.98 -13.70 -44.27
C LEU B 545 12.22 -14.80 -43.24
N LEU B 546 12.68 -14.41 -42.07
CA LEU B 546 12.90 -15.25 -40.89
C LEU B 546 11.80 -14.92 -39.95
N LYS B 547 11.09 -15.94 -39.46
CA LYS B 547 9.92 -15.89 -38.61
C LYS B 547 10.20 -16.49 -37.27
N CYS B 548 9.51 -16.00 -36.25
CA CYS B 548 9.77 -16.37 -34.83
C CYS B 548 8.53 -16.30 -34.06
N GLN B 549 8.18 -17.33 -33.31
CA GLN B 549 7.02 -17.34 -32.41
C GLN B 549 7.53 -17.17 -31.04
N ASN B 550 6.83 -16.38 -30.28
CA ASN B 550 7.27 -15.92 -28.97
C ASN B 550 6.38 -16.43 -27.86
N ARG B 551 6.98 -16.97 -26.83
CA ARG B 551 6.35 -17.25 -25.55
C ARG B 551 6.98 -16.55 -24.40
N VAL B 552 6.19 -16.25 -23.42
CA VAL B 552 6.59 -15.87 -22.08
C VAL B 552 6.38 -17.01 -21.12
N ILE B 553 7.28 -17.10 -20.18
CA ILE B 553 7.32 -18.23 -19.24
C ILE B 553 7.48 -17.68 -17.84
N LYS B 554 6.47 -17.80 -16.99
CA LYS B 554 6.56 -17.48 -15.57
C LYS B 554 6.64 -18.80 -14.83
N LEU B 555 7.67 -18.97 -14.03
CA LEU B 555 7.75 -20.07 -13.07
C LEU B 555 8.12 -19.53 -11.69
N SER B 556 7.38 -19.97 -10.70
CA SER B 556 7.59 -19.66 -9.27
C SER B 556 8.68 -20.55 -8.68
N THR B 557 9.50 -19.96 -7.82
CA THR B 557 10.74 -20.57 -7.35
C THR B 557 10.58 -20.95 -5.88
N ASN B 558 10.40 -22.24 -5.60
CA ASN B 558 10.19 -22.80 -4.25
C ASN B 558 9.06 -22.06 -3.53
N PRO B 559 7.82 -22.10 -4.08
CA PRO B 559 6.68 -21.58 -3.34
C PRO B 559 6.25 -22.49 -2.18
N PHE B 560 6.72 -23.74 -2.14
CA PHE B 560 6.36 -24.74 -1.11
C PHE B 560 7.35 -24.71 0.05
N LYS B 596 10.23 -11.00 -1.61
CA LYS B 596 9.21 -12.05 -1.42
C LYS B 596 9.71 -13.38 -2.01
N LYS B 597 8.80 -14.32 -2.30
CA LYS B 597 9.07 -15.53 -3.09
C LYS B 597 9.39 -15.15 -4.53
N GLU B 598 10.52 -15.61 -5.03
CA GLU B 598 11.01 -15.24 -6.37
C GLU B 598 10.13 -15.90 -7.43
N CYS B 599 9.55 -15.09 -8.32
CA CYS B 599 9.08 -15.55 -9.64
C CYS B 599 10.25 -15.51 -10.61
N VAL B 600 10.06 -16.13 -11.76
CA VAL B 600 11.02 -16.06 -12.88
C VAL B 600 10.19 -15.90 -14.15
N GLN B 601 10.17 -14.70 -14.72
CA GLN B 601 9.63 -14.48 -16.09
C GLN B 601 10.77 -14.65 -17.03
N ILE B 602 10.62 -15.48 -18.04
CA ILE B 602 11.49 -15.39 -19.22
C ILE B 602 10.77 -15.45 -20.57
N ILE B 603 11.50 -15.02 -21.59
CA ILE B 603 10.99 -14.60 -22.91
C ILE B 603 11.82 -15.31 -23.91
N THR B 604 11.14 -15.88 -24.87
CA THR B 604 11.71 -16.95 -25.64
C THR B 604 11.16 -16.80 -27.03
N ALA B 605 11.89 -17.29 -27.99
CA ALA B 605 11.57 -17.24 -29.41
C ALA B 605 11.98 -18.52 -30.05
N VAL B 606 11.17 -18.97 -30.98
CA VAL B 606 11.33 -20.31 -31.60
C VAL B 606 11.24 -20.16 -33.08
N THR B 607 12.16 -20.73 -33.79
CA THR B 607 12.20 -20.61 -35.24
C THR B 607 12.69 -21.88 -35.79
N SER B 608 12.64 -22.07 -37.08
CA SER B 608 13.29 -23.22 -37.72
C SER B 608 14.76 -23.04 -37.90
N LEU B 609 15.49 -24.13 -37.78
CA LEU B 609 16.90 -24.12 -38.11
C LEU B 609 17.23 -24.30 -39.60
N SER B 610 16.70 -25.31 -40.22
CA SER B 610 17.27 -25.76 -41.49
C SER B 610 17.35 -24.66 -42.53
N PRO B 611 16.50 -23.61 -42.52
CA PRO B 611 16.75 -22.46 -43.36
C PRO B 611 17.99 -21.68 -43.08
N LEU B 612 18.65 -21.96 -42.01
CA LEU B 612 19.73 -21.10 -41.60
C LEU B 612 21.04 -21.78 -41.65
N LEU B 613 21.09 -23.08 -41.74
CA LEU B 613 22.37 -23.78 -41.88
C LEU B 613 22.72 -24.08 -43.34
N THR B 614 22.42 -23.21 -44.27
CA THR B 614 22.92 -23.32 -45.62
C THR B 614 24.41 -23.07 -45.66
N PHE B 615 24.95 -22.13 -44.88
CA PHE B 615 26.40 -21.82 -44.97
C PHE B 615 27.12 -22.38 -43.75
N SER B 616 26.58 -23.48 -43.24
CA SER B 616 27.17 -24.24 -42.14
C SER B 616 27.11 -23.46 -40.84
N LYS B 617 26.59 -22.24 -40.86
CA LYS B 617 26.90 -21.25 -39.83
C LYS B 617 25.97 -20.09 -39.96
N PHE B 618 25.77 -19.40 -38.87
CA PHE B 618 25.03 -18.14 -38.88
C PHE B 618 25.18 -17.49 -37.57
N CYS B 619 24.95 -16.20 -37.57
CA CYS B 619 25.19 -15.33 -36.42
C CYS B 619 24.00 -14.39 -36.43
N CYS B 620 22.98 -14.73 -35.74
CA CYS B 620 21.82 -13.83 -35.62
C CYS B 620 22.13 -12.79 -34.57
N THR B 621 21.31 -11.80 -34.51
CA THR B 621 21.36 -10.78 -33.50
C THR B 621 20.01 -10.86 -32.84
N VAL B 622 19.93 -10.61 -31.59
CA VAL B 622 18.70 -10.83 -30.84
C VAL B 622 18.21 -9.49 -30.36
N LEU B 623 16.99 -9.18 -30.71
CA LEU B 623 16.48 -7.84 -30.57
C LEU B 623 15.21 -7.93 -29.77
N LEU B 624 15.22 -7.28 -28.63
CA LEU B 624 14.10 -7.21 -27.72
C LEU B 624 13.39 -5.92 -27.85
N GLN B 625 12.18 -5.93 -28.40
CA GLN B 625 11.40 -4.72 -28.54
C GLN B 625 10.36 -4.72 -27.50
N ILE B 626 10.04 -3.51 -27.08
CA ILE B 626 9.15 -3.20 -25.96
C ILE B 626 8.19 -2.14 -26.45
N MET B 627 6.90 -2.35 -26.29
CA MET B 627 5.96 -1.31 -26.65
C MET B 627 4.95 -1.23 -25.55
N GLU B 628 4.78 -0.03 -25.02
CA GLU B 628 3.80 0.19 -23.96
C GLU B 628 2.41 0.29 -24.57
N ARG B 629 1.43 0.01 -23.73
CA ARG B 629 0.03 -0.14 -24.14
C ARG B 629 -0.84 0.93 -23.50
N GLU B 630 -0.49 1.36 -22.28
CA GLU B 630 -1.28 2.35 -21.52
C GLU B 630 -1.30 3.67 -22.27
N SER B 631 -0.12 4.22 -22.57
CA SER B 631 0.03 5.52 -23.24
C SER B 631 -0.34 5.34 -24.72
N GLY B 632 -1.43 6.01 -25.14
CA GLY B 632 -1.96 5.92 -26.51
C GLY B 632 -1.30 6.88 -27.48
N ASN B 633 -0.25 7.60 -27.04
CA ASN B 633 0.58 8.44 -27.93
C ASN B 633 1.56 7.59 -28.76
N CYS B 634 1.63 6.27 -28.54
CA CYS B 634 2.72 5.40 -29.04
C CYS B 634 4.07 6.01 -28.67
N PRO B 635 4.24 6.52 -27.45
CA PRO B 635 5.45 7.33 -27.15
C PRO B 635 6.73 6.50 -26.98
N LYS B 636 6.68 5.49 -26.12
CA LYS B 636 7.91 4.89 -25.57
C LYS B 636 8.05 3.46 -26.09
N ASP B 637 8.66 3.34 -27.27
CA ASP B 637 8.91 2.06 -27.91
C ASP B 637 10.42 1.86 -27.85
N ARG B 638 10.87 1.30 -26.76
CA ARG B 638 12.27 0.94 -26.53
C ARG B 638 12.65 -0.31 -27.31
N TYR B 639 13.93 -0.59 -27.27
CA TYR B 639 14.55 -1.71 -27.94
C TYR B 639 15.82 -1.99 -27.21
N VAL B 640 16.29 -3.20 -27.29
CA VAL B 640 17.51 -3.64 -26.60
C VAL B 640 18.14 -4.73 -27.43
N VAL B 641 19.39 -4.63 -27.73
CA VAL B 641 20.07 -5.67 -28.50
C VAL B 641 20.74 -6.50 -27.45
N CYS B 642 20.20 -7.67 -27.19
CA CYS B 642 20.58 -8.41 -25.99
C CYS B 642 21.69 -9.39 -26.26
N GLY B 643 22.16 -9.45 -27.48
CA GLY B 643 23.14 -10.48 -27.73
C GLY B 643 23.14 -10.85 -29.13
N ARG B 644 23.69 -12.00 -29.39
CA ARG B 644 24.20 -12.33 -30.70
C ARG B 644 24.47 -13.80 -30.59
N VAL B 645 23.80 -14.61 -31.36
CA VAL B 645 23.89 -16.04 -31.17
C VAL B 645 24.61 -16.63 -32.34
N PHE B 646 25.70 -17.36 -32.11
CA PHE B 646 26.39 -18.09 -33.17
C PHE B 646 25.95 -19.53 -33.09
N LEU B 647 25.62 -20.15 -34.20
CA LEU B 647 25.70 -21.62 -34.26
C LEU B 647 26.47 -22.13 -35.43
N SER B 648 26.88 -23.37 -35.33
CA SER B 648 27.59 -24.04 -36.43
C SER B 648 27.37 -25.54 -36.35
N LEU B 649 27.52 -26.22 -37.45
CA LEU B 649 27.46 -27.66 -37.37
C LEU B 649 28.60 -28.27 -36.56
N GLU B 650 29.74 -27.60 -36.51
CA GLU B 650 30.86 -28.08 -35.67
C GLU B 650 30.48 -27.97 -34.20
N ASP B 651 29.57 -27.08 -33.83
CA ASP B 651 29.13 -26.96 -32.43
C ASP B 651 28.13 -28.05 -32.11
N LEU B 652 27.13 -28.20 -32.96
CA LEU B 652 26.09 -29.20 -32.73
C LEU B 652 26.70 -30.60 -32.69
N SER B 653 27.73 -30.87 -33.50
CA SER B 653 28.31 -32.23 -33.60
C SER B 653 28.97 -32.66 -32.30
N THR B 654 29.25 -31.71 -31.41
CA THR B 654 29.80 -31.96 -30.07
C THR B 654 28.72 -31.81 -29.01
N GLY B 655 27.47 -31.96 -29.43
CA GLY B 655 26.36 -31.63 -28.56
C GLY B 655 26.41 -30.18 -28.16
N LYS B 656 26.41 -29.93 -26.86
CA LYS B 656 26.74 -28.63 -26.24
C LYS B 656 25.61 -27.62 -26.33
N TYR B 657 24.66 -27.81 -27.23
CA TYR B 657 23.44 -27.01 -27.29
C TYR B 657 22.21 -27.81 -27.60
N LEU B 658 22.35 -29.01 -28.13
CA LEU B 658 21.22 -29.89 -28.40
C LEU B 658 20.50 -30.33 -27.15
N LEU B 659 19.25 -30.72 -27.38
CA LEU B 659 18.48 -31.50 -26.42
C LEU B 659 18.05 -32.80 -27.08
N THR B 660 18.56 -33.92 -26.57
CA THR B 660 18.34 -35.26 -27.15
C THR B 660 17.95 -36.14 -25.98
N PHE B 661 16.82 -36.84 -26.13
CA PHE B 661 16.20 -37.56 -25.02
C PHE B 661 16.75 -38.97 -24.92
N PRO B 662 16.15 -39.80 -24.08
CA PRO B 662 16.84 -40.17 -22.83
C PRO B 662 18.28 -40.62 -22.97
N LYS B 663 19.15 -39.66 -22.71
CA LYS B 663 20.25 -39.78 -21.76
C LYS B 663 20.27 -38.52 -20.90
N LYS B 664 19.94 -37.38 -21.51
CA LYS B 664 19.76 -36.10 -20.81
C LYS B 664 18.39 -36.04 -20.13
N LYS B 665 18.15 -36.98 -19.23
CA LYS B 665 16.99 -36.93 -18.34
C LYS B 665 17.24 -35.95 -17.20
N PRO B 666 18.32 -36.09 -16.39
CA PRO B 666 18.39 -35.33 -15.14
C PRO B 666 18.75 -33.87 -15.42
N ILE B 667 17.75 -33.01 -15.31
CA ILE B 667 17.86 -31.63 -15.80
C ILE B 667 18.47 -30.78 -14.70
N GLU B 668 19.70 -30.35 -14.91
CA GLU B 668 20.48 -29.59 -13.90
C GLU B 668 20.98 -28.26 -14.49
N HIS B 669 20.75 -28.03 -15.77
CA HIS B 669 20.78 -26.69 -16.36
C HIS B 669 19.37 -26.30 -16.72
N MET B 670 18.85 -25.29 -16.06
CA MET B 670 17.46 -24.91 -16.21
C MET B 670 17.14 -24.36 -17.58
N GLU B 671 18.11 -23.96 -18.36
CA GLU B 671 17.84 -23.53 -19.74
C GLU B 671 17.22 -24.69 -20.53
N ASP B 672 17.55 -25.92 -20.21
CA ASP B 672 16.98 -27.08 -20.90
C ASP B 672 15.49 -27.14 -20.67
N LEU B 673 15.09 -26.89 -19.43
CA LEU B 673 13.69 -26.80 -19.09
C LEU B 673 13.02 -25.66 -19.82
N PHE B 674 13.61 -24.50 -19.86
CA PHE B 674 12.91 -23.41 -20.57
C PHE B 674 12.85 -23.62 -22.09
N ALA B 675 13.80 -24.31 -22.63
CA ALA B 675 13.69 -24.66 -24.02
C ALA B 675 12.53 -25.57 -24.30
N LEU B 676 12.34 -26.61 -23.45
CA LEU B 676 11.15 -27.52 -23.56
C LEU B 676 9.88 -26.82 -23.31
N LEU B 677 9.82 -25.91 -22.39
CA LEU B 677 8.61 -25.15 -22.25
C LEU B 677 8.36 -24.14 -23.35
N ALA B 678 9.31 -23.79 -24.19
CA ALA B 678 9.08 -22.84 -25.29
C ALA B 678 8.76 -23.54 -26.58
N ALA B 679 9.48 -24.57 -26.92
CA ALA B 679 9.25 -25.28 -28.16
C ALA B 679 7.93 -25.99 -28.22
N PHE B 680 7.52 -26.60 -27.13
CA PHE B 680 6.48 -27.62 -27.09
C PHE B 680 5.11 -27.11 -27.13
N HIS B 681 4.18 -27.95 -27.46
CA HIS B 681 2.80 -27.55 -27.73
C HIS B 681 2.22 -27.39 -26.39
N LYS B 682 1.64 -26.31 -26.05
CA LYS B 682 1.07 -26.11 -24.74
C LYS B 682 -0.44 -26.12 -24.81
N SER B 683 -1.09 -26.88 -23.94
CA SER B 683 -2.53 -26.89 -23.78
C SER B 683 -2.93 -26.84 -22.32
N CYS B 684 -3.87 -26.06 -21.94
CA CYS B 684 -4.33 -25.85 -20.56
C CYS B 684 -5.78 -26.24 -20.40
N PHE B 685 -6.03 -27.16 -19.49
CA PHE B 685 -7.33 -27.76 -19.20
C PHE B 685 -7.72 -27.36 -17.81
N GLN B 686 -8.97 -27.15 -17.62
CA GLN B 686 -9.54 -27.04 -16.30
C GLN B 686 -10.31 -28.30 -15.99
N ILE B 687 -10.15 -28.79 -14.79
CA ILE B 687 -10.84 -30.00 -14.31
C ILE B 687 -11.75 -29.66 -13.14
N THR B 688 -13.01 -30.09 -13.23
CA THR B 688 -14.00 -29.88 -12.16
C THR B 688 -14.69 -31.20 -11.88
N SER B 689 -14.59 -31.68 -10.65
CA SER B 689 -15.41 -32.80 -10.19
C SER B 689 -16.53 -32.21 -9.36
N PRO B 690 -17.81 -32.23 -9.79
CA PRO B 690 -18.84 -31.53 -9.02
C PRO B 690 -19.47 -32.35 -7.88
N GLY B 691 -19.13 -33.63 -7.81
CA GLY B 691 -19.74 -34.57 -6.87
C GLY B 691 -18.80 -35.60 -6.31
N TYR B 692 -17.50 -35.41 -6.46
CA TYR B 692 -16.48 -36.18 -5.73
C TYR B 692 -15.47 -35.16 -5.26
N ALA B 693 -14.29 -35.59 -4.82
CA ALA B 693 -13.15 -34.69 -4.58
C ALA B 693 -12.02 -34.99 -5.57
N LEU B 694 -10.94 -34.21 -5.54
CA LEU B 694 -9.88 -34.35 -6.56
C LEU B 694 -8.51 -34.54 -5.94
N ASN B 695 -8.17 -35.78 -5.68
CA ASN B 695 -6.85 -36.15 -5.16
C ASN B 695 -6.23 -37.23 -6.03
N SER B 696 -6.84 -37.53 -7.16
CA SER B 696 -6.28 -38.52 -8.11
C SER B 696 -5.12 -37.91 -8.89
N MET B 697 -4.97 -36.59 -8.88
CA MET B 697 -4.14 -35.92 -9.88
C MET B 697 -2.69 -36.13 -9.54
N LYS B 698 -2.32 -35.88 -8.30
CA LYS B 698 -0.93 -36.12 -7.90
C LYS B 698 -0.57 -37.58 -8.07
N VAL B 699 -1.54 -38.46 -7.92
CA VAL B 699 -1.29 -39.90 -8.07
C VAL B 699 -1.14 -40.28 -9.54
N TRP B 700 -2.06 -39.80 -10.38
CA TRP B 700 -1.95 -39.99 -11.84
C TRP B 700 -0.59 -39.50 -12.31
N LEU B 701 -0.12 -38.38 -11.75
CA LEU B 701 1.13 -37.75 -12.18
C LEU B 701 2.32 -38.51 -11.67
N LEU B 702 2.33 -38.95 -10.40
CA LEU B 702 3.53 -39.54 -9.82
C LEU B 702 3.63 -41.05 -10.06
N GLU B 703 2.52 -41.77 -10.12
CA GLU B 703 2.54 -43.24 -10.20
C GLU B 703 2.29 -43.73 -11.61
N HIS B 704 1.16 -43.36 -12.22
CA HIS B 704 0.81 -43.81 -13.59
C HIS B 704 1.72 -43.21 -14.65
N MET B 705 2.08 -41.94 -14.51
CA MET B 705 3.06 -41.26 -15.37
C MET B 705 4.48 -41.22 -14.84
N LYS B 706 4.74 -41.56 -13.59
CA LYS B 706 6.11 -41.71 -13.09
C LYS B 706 6.86 -40.43 -13.43
N CYS B 707 6.43 -39.37 -12.79
CA CYS B 707 6.98 -38.01 -12.96
C CYS B 707 7.98 -37.69 -11.86
N GLU B 708 9.02 -36.99 -12.24
CA GLU B 708 10.01 -36.37 -11.36
C GLU B 708 9.62 -34.92 -11.22
N ILE B 709 9.43 -34.42 -10.01
CA ILE B 709 9.28 -32.97 -9.81
C ILE B 709 10.65 -32.33 -10.02
N ILE B 710 10.68 -31.10 -10.49
CA ILE B 710 11.93 -30.32 -10.61
C ILE B 710 12.14 -29.56 -9.30
N LYS B 711 13.37 -29.50 -8.80
CA LYS B 711 13.58 -28.99 -7.43
C LYS B 711 13.46 -27.47 -7.37
N GLU B 712 14.07 -26.79 -8.34
CA GLU B 712 14.05 -25.32 -8.40
C GLU B 712 12.69 -24.78 -8.82
N PHE B 713 11.84 -25.63 -9.33
CA PHE B 713 10.50 -25.27 -9.78
C PHE B 713 9.61 -26.43 -9.44
N PRO B 714 9.04 -26.51 -8.23
CA PRO B 714 8.25 -27.67 -7.87
C PRO B 714 6.83 -27.68 -8.34
N GLU B 715 6.43 -26.71 -9.12
CA GLU B 715 5.13 -26.70 -9.76
C GLU B 715 5.16 -27.52 -11.08
N VAL B 716 6.26 -28.21 -11.40
CA VAL B 716 6.54 -28.69 -12.76
C VAL B 716 6.92 -30.13 -12.64
N TYR B 717 6.25 -31.01 -13.35
CA TYR B 717 6.51 -32.45 -13.30
C TYR B 717 6.96 -32.94 -14.64
N PHE B 718 7.94 -33.80 -14.71
CA PHE B 718 8.51 -34.24 -15.99
C PHE B 718 8.26 -35.72 -16.13
N CYS B 719 7.63 -36.19 -17.16
CA CYS B 719 7.29 -37.61 -17.29
C CYS B 719 8.47 -38.52 -17.60
N GLU B 720 8.64 -39.62 -16.85
CA GLU B 720 9.71 -40.61 -17.12
C GLU B 720 9.14 -42.00 -17.45
N ARG B 721 7.93 -42.04 -17.94
CA ARG B 721 7.30 -43.26 -18.44
C ARG B 721 7.83 -43.55 -19.84
N PRO B 722 8.55 -44.67 -20.10
CA PRO B 722 9.53 -44.72 -21.18
C PRO B 722 8.97 -44.77 -22.61
N GLY B 723 7.64 -44.85 -22.76
CA GLY B 723 7.03 -44.92 -24.10
C GLY B 723 6.87 -43.59 -24.82
N SER B 724 5.62 -43.27 -25.13
CA SER B 724 5.24 -42.12 -25.99
C SER B 724 5.13 -40.84 -25.19
N PHE B 725 4.80 -40.98 -23.91
CA PHE B 725 4.68 -39.82 -23.02
C PHE B 725 6.02 -39.29 -22.56
N TYR B 726 7.15 -39.94 -22.79
CA TYR B 726 8.39 -39.47 -22.17
C TYR B 726 8.72 -38.08 -22.70
N GLY B 727 9.09 -37.21 -21.78
CA GLY B 727 9.41 -35.85 -22.09
C GLY B 727 8.26 -34.97 -21.74
N THR B 728 7.08 -35.50 -21.59
CA THR B 728 5.95 -34.60 -21.52
C THR B 728 6.02 -33.89 -20.21
N LEU B 729 5.63 -32.66 -20.12
CA LEU B 729 5.74 -31.90 -18.88
C LEU B 729 4.42 -31.41 -18.45
N PHE B 730 4.08 -31.61 -17.21
CA PHE B 730 2.80 -31.15 -16.67
C PHE B 730 3.00 -30.07 -15.68
N THR B 731 2.03 -29.24 -15.48
CA THR B 731 1.90 -28.54 -14.20
C THR B 731 0.52 -28.70 -13.64
N TRP B 732 0.35 -28.66 -12.32
CA TRP B 732 -1.02 -28.80 -11.78
C TRP B 732 -1.27 -27.83 -10.67
N LYS B 733 -2.17 -26.89 -10.85
CA LYS B 733 -2.45 -25.85 -9.86
C LYS B 733 -3.86 -26.06 -9.37
N GLN B 734 -3.98 -26.43 -8.08
CA GLN B 734 -5.25 -26.82 -7.52
C GLN B 734 -5.88 -25.62 -6.81
N ARG B 735 -7.19 -25.56 -6.82
CA ARG B 735 -7.97 -24.41 -6.36
C ARG B 735 -9.35 -24.97 -6.01
N THR B 736 -9.74 -24.86 -4.76
CA THR B 736 -11.04 -25.38 -4.31
C THR B 736 -11.15 -26.87 -4.63
N PRO B 737 -10.72 -27.76 -3.72
CA PRO B 737 -10.23 -29.08 -4.11
C PRO B 737 -11.12 -29.90 -5.04
N PHE B 738 -12.32 -29.47 -5.36
CA PHE B 738 -13.01 -29.93 -6.57
C PHE B 738 -12.29 -29.45 -7.84
N GLU B 739 -12.21 -28.14 -8.02
CA GLU B 739 -11.62 -27.51 -9.23
C GLU B 739 -10.13 -27.72 -9.21
N GLY B 740 -9.51 -27.64 -10.37
CA GLY B 740 -8.06 -27.47 -10.50
C GLY B 740 -7.69 -27.22 -11.94
N ILE B 741 -6.40 -26.99 -12.25
CA ILE B 741 -5.97 -26.75 -13.65
C ILE B 741 -4.75 -27.51 -14.04
N LEU B 742 -4.69 -28.05 -15.21
CA LEU B 742 -3.62 -28.89 -15.69
C LEU B 742 -3.12 -28.24 -16.91
N ILE B 743 -1.82 -28.25 -17.09
CA ILE B 743 -1.18 -27.72 -18.29
C ILE B 743 -0.27 -28.78 -18.78
N ILE B 744 -0.30 -29.08 -20.01
CA ILE B 744 0.46 -30.13 -20.68
C ILE B 744 1.36 -29.46 -21.69
N TYR B 745 2.63 -29.72 -21.67
CA TYR B 745 3.53 -29.31 -22.72
C TYR B 745 3.90 -30.61 -23.33
N SER B 746 3.48 -30.85 -24.53
CA SER B 746 3.73 -32.04 -25.31
C SER B 746 4.48 -31.68 -26.54
N ARG B 747 5.16 -32.62 -27.11
CA ARG B 747 5.87 -32.42 -28.36
C ARG B 747 4.99 -32.46 -29.54
N ASN B 748 3.91 -33.18 -29.58
CA ASN B 748 2.93 -33.02 -30.64
C ASN B 748 1.60 -33.03 -30.01
N GLN B 749 0.59 -32.99 -30.83
CA GLN B 749 -0.78 -32.94 -30.37
C GLN B 749 -1.40 -34.34 -30.29
N THR B 750 -0.83 -35.36 -30.89
CA THR B 750 -1.30 -36.71 -30.56
C THR B 750 -0.85 -37.09 -29.20
N VAL B 751 0.28 -36.61 -28.74
CA VAL B 751 0.63 -36.92 -27.35
C VAL B 751 -0.31 -36.25 -26.36
N MET B 752 -0.86 -35.13 -26.72
CA MET B 752 -1.81 -34.48 -25.88
C MET B 752 -3.08 -35.27 -25.83
N PHE B 753 -3.47 -35.83 -26.97
CA PHE B 753 -4.68 -36.65 -27.02
C PHE B 753 -4.50 -37.93 -26.26
N GLN B 754 -3.36 -38.52 -26.38
CA GLN B 754 -3.06 -39.69 -25.60
C GLN B 754 -3.13 -39.42 -24.10
N CYS B 755 -2.56 -38.34 -23.67
CA CYS B 755 -2.57 -38.00 -22.26
C CYS B 755 -3.99 -37.81 -21.75
N LEU B 756 -4.84 -37.20 -22.54
CA LEU B 756 -6.19 -36.99 -22.06
C LEU B 756 -7.04 -38.26 -22.11
N HIS B 757 -6.78 -39.16 -23.02
CA HIS B 757 -7.37 -40.48 -22.99
C HIS B 757 -7.00 -41.14 -21.68
N ASN B 758 -5.71 -41.16 -21.33
CA ASN B 758 -5.29 -41.85 -20.09
C ASN B 758 -5.92 -41.18 -18.89
N LEU B 759 -5.99 -39.88 -18.88
CA LEU B 759 -6.53 -39.18 -17.72
C LEU B 759 -7.98 -39.50 -17.54
N ILE B 760 -8.78 -39.34 -18.56
CA ILE B 760 -10.24 -39.38 -18.33
C ILE B 760 -10.71 -40.81 -17.99
N ARG B 761 -9.87 -41.78 -18.31
CA ARG B 761 -9.99 -43.20 -17.95
C ARG B 761 -9.69 -43.44 -16.48
N ILE B 762 -9.00 -42.54 -15.82
CA ILE B 762 -8.64 -42.63 -14.41
C ILE B 762 -9.60 -41.86 -13.53
N LEU B 763 -10.12 -40.76 -14.02
CA LEU B 763 -10.79 -39.80 -13.13
C LEU B 763 -12.13 -40.33 -12.64
N PRO B 764 -12.82 -39.59 -11.78
CA PRO B 764 -14.23 -39.83 -11.52
C PRO B 764 -15.19 -39.61 -12.69
N ILE B 765 -16.47 -39.87 -12.46
CA ILE B 765 -17.43 -40.20 -13.54
C ILE B 765 -18.07 -38.95 -14.10
N ASN B 766 -18.27 -37.95 -13.26
CA ASN B 766 -18.98 -36.72 -13.69
C ASN B 766 -18.00 -35.59 -14.00
N CYS B 767 -16.74 -35.90 -14.26
CA CYS B 767 -15.68 -34.88 -14.27
C CYS B 767 -15.67 -34.16 -15.62
N PHE B 768 -15.70 -32.83 -15.58
CA PHE B 768 -15.94 -31.97 -16.75
C PHE B 768 -14.62 -31.28 -17.12
N LEU B 769 -13.79 -31.92 -17.94
CA LEU B 769 -12.64 -31.24 -18.63
C LEU B 769 -13.10 -30.12 -19.55
N LYS B 770 -12.27 -29.15 -19.75
CA LYS B 770 -12.62 -27.94 -20.52
C LYS B 770 -11.34 -27.23 -20.94
N ASN B 771 -11.09 -27.19 -22.22
CA ASN B 771 -9.86 -26.55 -22.74
C ASN B 771 -9.98 -25.03 -22.71
N LEU B 772 -9.02 -24.38 -22.12
CA LEU B 772 -9.04 -22.93 -21.94
C LEU B 772 -8.13 -22.25 -22.97
N LYS B 773 -8.79 -21.43 -23.80
CA LYS B 773 -8.11 -20.69 -24.86
C LYS B 773 -7.43 -19.45 -24.27
N SER B 774 -8.15 -18.71 -23.45
CA SER B 774 -7.79 -17.33 -23.04
C SER B 774 -7.89 -17.15 -21.53
N GLY B 775 -7.32 -18.08 -20.77
CA GLY B 775 -7.36 -18.01 -19.31
C GLY B 775 -8.59 -18.68 -18.70
N SER B 776 -8.53 -18.84 -17.39
CA SER B 776 -9.55 -19.50 -16.55
C SER B 776 -10.73 -18.57 -16.30
N GLU B 777 -11.94 -19.11 -16.23
CA GLU B 777 -13.15 -18.30 -15.99
C GLU B 777 -13.10 -17.52 -14.68
N ASN B 778 -12.44 -18.04 -13.66
CA ASN B 778 -12.26 -17.32 -12.40
C ASN B 778 -11.48 -16.05 -12.62
N PHE B 779 -10.47 -16.09 -13.48
CA PHE B 779 -9.68 -14.88 -13.78
C PHE B 779 -10.48 -13.94 -14.66
N LEU B 780 -11.18 -14.49 -15.63
CA LEU B 780 -11.87 -13.64 -16.56
C LEU B 780 -13.09 -13.00 -15.95
N ILE B 781 -13.68 -13.62 -14.95
CA ILE B 781 -14.80 -12.94 -14.26
C ILE B 781 -14.35 -11.74 -13.44
N ASP B 782 -13.21 -11.84 -12.82
CA ASP B 782 -12.65 -10.69 -12.15
C ASP B 782 -12.23 -9.63 -13.18
N ASN B 783 -11.61 -10.05 -14.25
CA ASN B 783 -11.13 -9.09 -15.26
C ASN B 783 -12.32 -8.42 -15.95
N MET B 784 -13.48 -9.03 -15.89
CA MET B 784 -14.69 -8.43 -16.47
C MET B 784 -15.38 -7.55 -15.47
N ALA B 785 -15.37 -7.93 -14.19
CA ALA B 785 -16.10 -7.15 -13.19
C ALA B 785 -15.35 -5.91 -12.81
N PHE B 786 -14.03 -5.97 -12.82
CA PHE B 786 -13.23 -4.75 -12.67
C PHE B 786 -13.56 -3.74 -13.78
N THR B 787 -13.53 -4.23 -15.01
CA THR B 787 -13.77 -3.40 -16.17
C THR B 787 -15.18 -2.89 -16.27
N LEU B 788 -16.11 -3.46 -15.53
CA LEU B 788 -17.41 -2.78 -15.44
C LEU B 788 -17.55 -1.82 -14.25
N GLU B 789 -16.87 -2.06 -13.14
CA GLU B 789 -16.94 -1.18 -11.99
C GLU B 789 -15.90 -0.06 -12.14
N LYS B 790 -15.12 -0.05 -13.20
CA LYS B 790 -14.38 1.16 -13.63
C LYS B 790 -15.25 2.03 -14.52
N GLU B 791 -15.94 1.37 -15.41
CA GLU B 791 -16.74 2.07 -16.36
C GLU B 791 -17.94 2.72 -15.69
N LEU B 792 -18.60 2.04 -14.77
CA LEU B 792 -19.80 2.64 -14.17
C LEU B 792 -19.44 3.73 -13.16
N VAL B 793 -18.28 3.62 -12.57
CA VAL B 793 -17.75 4.75 -11.79
C VAL B 793 -17.53 5.96 -12.71
N THR B 794 -16.94 5.75 -13.88
CA THR B 794 -16.70 6.88 -14.79
C THR B 794 -18.01 7.50 -15.27
N LEU B 795 -18.97 6.68 -15.65
CA LEU B 795 -20.27 7.19 -16.08
C LEU B 795 -21.01 7.84 -14.93
N SER B 796 -20.68 7.54 -13.67
CA SER B 796 -21.25 8.28 -12.52
C SER B 796 -20.56 9.62 -12.34
N SER B 797 -19.24 9.63 -12.44
CA SER B 797 -18.42 10.86 -12.37
C SER B 797 -18.94 11.90 -13.36
N LEU B 798 -19.42 11.43 -14.50
CA LEU B 798 -20.11 12.28 -15.49
C LEU B 798 -21.14 13.16 -14.79
N SER B 799 -22.11 12.52 -14.17
CA SER B 799 -23.24 13.23 -13.53
C SER B 799 -22.78 14.05 -12.32
N SER B 800 -21.81 13.56 -11.55
CA SER B 800 -21.30 14.28 -10.36
C SER B 800 -20.63 15.59 -10.76
N ALA B 801 -19.68 15.53 -11.70
CA ALA B 801 -18.97 16.73 -12.17
C ALA B 801 -19.97 17.67 -12.87
N ILE B 802 -20.93 17.10 -13.57
CA ILE B 802 -22.03 17.90 -14.14
C ILE B 802 -22.74 18.65 -13.03
N ALA B 803 -23.31 17.93 -12.06
CA ALA B 803 -24.06 18.51 -10.93
C ALA B 803 -23.28 19.65 -10.27
N LYS B 804 -21.97 19.51 -10.15
CA LYS B 804 -21.13 20.63 -9.66
C LYS B 804 -21.19 21.80 -10.64
N HIS B 805 -21.15 21.53 -11.94
CA HIS B 805 -21.24 22.64 -12.94
C HIS B 805 -22.61 23.29 -12.94
N GLU B 806 -23.66 22.47 -13.01
CA GLU B 806 -25.07 22.92 -12.82
C GLU B 806 -25.17 23.82 -11.58
N SER B 807 -24.48 23.48 -10.50
CA SER B 807 -24.43 24.33 -9.30
C SER B 807 -23.71 25.65 -9.61
N ASN B 808 -22.61 25.56 -10.36
CA ASN B 808 -21.83 26.75 -10.73
C ASN B 808 -22.60 27.62 -11.73
N PRO B 836 -42.62 44.34 2.13
CA PRO B 836 -41.90 44.63 0.90
C PRO B 836 -40.42 44.22 0.96
N TYR B 837 -39.77 44.43 2.10
CA TYR B 837 -38.38 43.97 2.31
C TYR B 837 -38.32 42.45 2.21
N ARG B 838 -39.29 41.78 2.84
CA ARG B 838 -39.39 40.31 2.81
C ARG B 838 -39.69 39.83 1.40
N LYS B 839 -40.56 40.52 0.67
CA LYS B 839 -40.82 40.20 -0.76
C LYS B 839 -39.52 40.32 -1.55
N GLU B 840 -38.75 41.37 -1.27
CA GLU B 840 -37.47 41.60 -1.98
C GLU B 840 -36.49 40.46 -1.69
N LEU B 841 -36.35 40.07 -0.43
CA LEU B 841 -35.46 38.95 -0.06
C LEU B 841 -35.95 37.65 -0.70
N GLN B 842 -37.26 37.43 -0.72
CA GLN B 842 -37.84 36.20 -1.31
C GLN B 842 -37.52 36.14 -2.80
N ARG B 843 -37.70 37.25 -3.50
CA ARG B 843 -37.41 37.29 -4.96
C ARG B 843 -35.90 37.10 -5.18
N GLU B 844 -35.08 37.71 -4.33
CA GLU B 844 -33.61 37.57 -4.45
C GLU B 844 -33.21 36.11 -4.30
N LYS B 845 -33.76 35.42 -3.31
CA LYS B 845 -33.41 34.00 -3.07
C LYS B 845 -34.03 33.10 -4.13
N LYS B 846 -35.19 33.47 -4.70
CA LYS B 846 -35.70 32.78 -5.89
C LYS B 846 -34.68 32.89 -7.02
N LYS B 847 -34.19 34.10 -7.28
CA LYS B 847 -33.21 34.34 -8.37
C LYS B 847 -31.94 33.55 -8.11
N MET B 848 -31.55 33.43 -6.84
CA MET B 848 -30.43 32.55 -6.46
C MET B 848 -30.74 31.10 -6.87
N LEU B 849 -31.91 30.57 -6.46
CA LEU B 849 -32.28 29.16 -6.70
C LEU B 849 -32.94 28.94 -8.06
N GLN B 850 -32.83 29.87 -9.02
CA GLN B 850 -33.32 29.57 -10.37
C GLN B 850 -32.55 28.37 -10.91
N THR B 851 -33.29 27.29 -11.16
CA THR B 851 -32.75 25.95 -11.40
C THR B 851 -31.89 25.98 -12.67
N ASN B 852 -30.73 25.32 -12.63
CA ASN B 852 -29.80 25.25 -13.77
C ASN B 852 -30.21 24.05 -14.62
N LEU B 853 -30.99 24.33 -15.66
CA LEU B 853 -31.55 23.31 -16.56
C LEU B 853 -30.53 22.83 -17.57
N LYS B 854 -29.32 23.42 -17.61
CA LYS B 854 -28.37 23.24 -18.72
C LYS B 854 -26.99 22.91 -18.19
N VAL B 855 -26.20 22.30 -19.06
CA VAL B 855 -24.96 21.59 -18.72
C VAL B 855 -23.90 21.85 -19.77
N SER B 856 -22.65 22.04 -19.35
CA SER B 856 -21.55 22.40 -20.26
C SER B 856 -21.20 21.23 -21.17
N GLY B 857 -21.32 21.45 -22.48
CA GLY B 857 -21.08 20.41 -23.47
C GLY B 857 -19.66 19.92 -23.45
N ALA B 858 -18.70 20.82 -23.25
CA ALA B 858 -17.28 20.44 -23.37
C ALA B 858 -16.86 19.55 -22.20
N LEU B 859 -17.44 19.78 -21.02
CA LEU B 859 -17.20 18.90 -19.87
C LEU B 859 -17.71 17.50 -20.19
N TYR B 860 -18.99 17.42 -20.58
CA TYR B 860 -19.62 16.18 -21.10
C TYR B 860 -18.71 15.51 -22.11
N ARG B 861 -18.12 16.28 -23.02
CA ARG B 861 -17.22 15.72 -24.03
C ARG B 861 -15.99 15.10 -23.39
N GLU B 862 -15.36 15.80 -22.44
CA GLU B 862 -14.18 15.24 -21.76
C GLU B 862 -14.51 13.91 -21.12
N ILE B 863 -15.68 13.85 -20.49
CA ILE B 863 -16.10 12.62 -19.82
C ILE B 863 -16.43 11.56 -20.87
N THR B 864 -17.07 11.88 -22.00
CA THR B 864 -17.33 10.87 -23.04
C THR B 864 -16.07 10.28 -23.63
N LEU B 865 -14.95 10.99 -23.65
CA LEU B 865 -13.69 10.33 -24.04
C LEU B 865 -13.13 9.51 -22.89
N LYS B 866 -13.17 10.06 -21.69
CA LYS B 866 -12.74 9.30 -20.49
C LYS B 866 -13.46 7.96 -20.41
N VAL B 867 -14.72 7.96 -20.83
CA VAL B 867 -15.56 6.78 -20.73
C VAL B 867 -15.26 5.87 -21.88
N ALA B 868 -14.94 6.43 -23.05
CA ALA B 868 -14.76 5.62 -24.25
C ALA B 868 -13.56 4.72 -24.10
N GLU B 869 -12.52 5.18 -23.43
CA GLU B 869 -11.38 4.30 -23.19
C GLU B 869 -11.78 3.10 -22.32
N VAL B 870 -12.70 3.31 -21.42
CA VAL B 870 -13.15 2.20 -20.57
C VAL B 870 -14.15 1.34 -21.33
N GLN B 871 -14.95 1.89 -22.21
CA GLN B 871 -15.76 0.99 -23.07
C GLN B 871 -14.85 -0.01 -23.79
N LEU B 872 -13.74 0.47 -24.29
CA LEU B 872 -12.81 -0.35 -25.02
C LEU B 872 -12.27 -1.45 -24.14
N LYS B 873 -11.91 -1.13 -22.89
CA LYS B 873 -11.32 -2.17 -22.03
C LYS B 873 -12.31 -3.28 -21.75
N SER B 874 -13.57 -2.93 -21.65
CA SER B 874 -14.58 -3.86 -21.27
C SER B 874 -14.93 -4.66 -22.49
N ASP B 875 -14.79 -4.12 -23.71
CA ASP B 875 -15.17 -4.94 -24.91
C ASP B 875 -14.18 -6.07 -25.13
N PHE B 876 -12.95 -5.73 -24.97
CA PHE B 876 -11.94 -6.77 -24.84
C PHE B 876 -12.29 -7.79 -23.75
N ALA B 877 -12.51 -7.34 -22.53
CA ALA B 877 -12.81 -8.26 -21.43
C ALA B 877 -14.07 -9.10 -21.64
N ALA B 878 -15.02 -8.59 -22.41
CA ALA B 878 -16.22 -9.33 -22.68
C ALA B 878 -16.03 -10.34 -23.80
N GLN B 879 -15.20 -10.06 -24.77
CA GLN B 879 -15.01 -11.04 -25.84
C GLN B 879 -14.24 -12.20 -25.23
N LYS B 880 -13.42 -11.93 -24.26
CA LYS B 880 -12.59 -12.96 -23.67
C LYS B 880 -13.42 -13.94 -22.86
N LEU B 881 -14.64 -13.58 -22.53
CA LEU B 881 -15.53 -14.29 -21.62
C LEU B 881 -16.76 -14.79 -22.35
N SER B 882 -17.19 -14.15 -23.41
CA SER B 882 -18.30 -14.61 -24.23
C SER B 882 -17.89 -15.69 -25.22
N ASN B 883 -16.61 -15.92 -25.49
CA ASN B 883 -16.23 -17.15 -26.22
C ASN B 883 -16.50 -18.30 -25.25
N LEU B 884 -15.78 -18.27 -24.15
CA LEU B 884 -16.07 -19.12 -23.00
C LEU B 884 -17.52 -18.92 -22.52
N MET C 26 8.73 77.19 -90.63
CA MET C 26 7.49 77.94 -90.20
C MET C 26 6.29 76.99 -90.21
N ALA C 27 6.45 75.82 -89.60
CA ALA C 27 5.44 74.74 -89.61
C ALA C 27 4.92 74.47 -88.19
N GLN C 28 5.81 74.07 -87.28
CA GLN C 28 5.41 73.59 -85.93
C GLN C 28 5.39 74.75 -84.93
N ASP C 29 6.57 75.29 -84.61
CA ASP C 29 6.78 76.55 -83.85
C ASP C 29 6.50 76.41 -82.33
N SER C 30 5.90 75.32 -81.86
CA SER C 30 5.64 75.12 -80.40
C SER C 30 5.78 73.67 -79.93
N VAL C 31 5.41 72.68 -80.75
CA VAL C 31 4.99 71.35 -80.25
C VAL C 31 6.20 70.56 -79.73
N ASP C 32 7.25 70.41 -80.54
CA ASP C 32 8.44 69.62 -80.17
C ASP C 32 9.10 70.28 -78.95
N LEU C 33 9.13 71.61 -78.92
CA LEU C 33 9.74 72.36 -77.82
C LEU C 33 8.89 72.20 -76.55
N SER C 34 7.57 72.19 -76.69
CA SER C 34 6.67 72.04 -75.52
C SER C 34 6.73 70.61 -74.96
N CYS C 35 7.15 69.64 -75.78
CA CYS C 35 7.40 68.26 -75.31
C CYS C 35 8.74 68.21 -74.59
N ASP C 36 9.79 68.74 -75.23
CA ASP C 36 11.14 68.77 -74.64
C ASP C 36 11.11 69.50 -73.32
N TYR C 37 10.28 70.54 -73.21
CA TYR C 37 10.08 71.27 -71.95
C TYR C 37 9.70 70.32 -70.83
N GLN C 38 8.62 69.57 -71.03
CA GLN C 38 8.13 68.68 -69.95
C GLN C 38 9.20 67.65 -69.63
N PHE C 39 9.90 67.17 -70.65
CA PHE C 39 11.02 66.23 -70.47
C PHE C 39 12.04 66.84 -69.52
N TRP C 40 12.45 68.07 -69.81
CA TRP C 40 13.57 68.70 -69.09
C TRP C 40 13.14 69.07 -67.68
N MET C 41 11.93 69.58 -67.52
CA MET C 41 11.48 69.99 -66.18
C MET C 41 11.33 68.76 -65.31
N GLN C 42 10.82 67.67 -65.88
CA GLN C 42 10.70 66.40 -65.13
C GLN C 42 12.08 65.78 -64.87
N LYS C 43 13.12 66.19 -65.60
CA LYS C 43 14.50 65.74 -65.33
C LYS C 43 15.18 66.62 -64.28
N LEU C 44 15.02 67.94 -64.37
CA LEU C 44 15.57 68.89 -63.38
C LEU C 44 15.05 68.55 -61.99
N SER C 45 13.76 68.30 -61.88
CA SER C 45 13.15 67.98 -60.57
C SER C 45 13.80 66.73 -59.98
N VAL C 46 14.18 65.77 -60.82
CA VAL C 46 14.92 64.59 -60.33
C VAL C 46 16.30 65.02 -59.83
N TRP C 47 17.01 65.81 -60.63
CA TRP C 47 18.39 66.19 -60.32
C TRP C 47 18.52 66.95 -59.01
N ASP C 48 18.02 68.18 -58.92
CA ASP C 48 17.85 68.88 -57.63
C ASP C 48 19.17 69.13 -56.93
N GLN C 49 19.99 70.03 -57.46
CA GLN C 49 21.27 70.46 -56.83
C GLN C 49 22.37 69.40 -56.88
N ALA C 50 22.10 68.17 -57.32
CA ALA C 50 23.13 67.18 -57.65
C ALA C 50 24.15 66.98 -56.52
N SER C 51 23.65 66.58 -55.34
CA SER C 51 24.46 66.35 -54.14
C SER C 51 24.88 64.88 -54.01
N THR C 52 24.64 64.04 -55.02
CA THR C 52 24.94 62.59 -54.97
C THR C 52 25.70 62.23 -56.21
N LEU C 53 25.95 60.94 -56.40
CA LEU C 53 26.69 60.43 -57.57
C LEU C 53 25.77 60.37 -58.81
N GLU C 54 24.59 59.83 -58.67
CA GLU C 54 23.78 59.43 -59.84
C GLU C 54 23.20 60.67 -60.50
N THR C 55 22.74 61.61 -59.69
CA THR C 55 22.31 62.93 -60.16
C THR C 55 23.43 63.59 -60.95
N GLN C 56 24.64 63.52 -60.42
CA GLN C 56 25.79 64.16 -61.07
C GLN C 56 26.07 63.50 -62.41
N GLN C 57 26.17 62.17 -62.45
CA GLN C 57 26.42 61.47 -63.72
C GLN C 57 25.35 61.82 -64.76
N ASP C 58 24.07 61.78 -64.36
CA ASP C 58 22.99 61.98 -65.33
C ASP C 58 23.01 63.40 -65.85
N THR C 59 23.29 64.36 -64.97
CA THR C 59 23.47 65.76 -65.39
C THR C 59 24.59 65.86 -66.41
N CYS C 60 25.75 65.30 -66.08
CA CYS C 60 26.93 65.33 -66.96
C CYS C 60 26.63 64.72 -68.33
N LEU C 61 25.75 63.71 -68.39
CA LEU C 61 25.29 63.18 -69.68
C LEU C 61 24.47 64.22 -70.45
N HIS C 62 23.37 64.69 -69.85
CA HIS C 62 22.28 65.33 -70.61
C HIS C 62 22.47 66.82 -70.77
N VAL C 63 23.53 67.37 -70.20
CA VAL C 63 23.64 68.84 -70.04
C VAL C 63 23.76 69.51 -71.40
N ALA C 64 24.43 68.89 -72.36
CA ALA C 64 24.63 69.51 -73.67
C ALA C 64 23.29 69.74 -74.37
N GLN C 65 22.42 68.74 -74.37
CA GLN C 65 21.10 68.88 -75.00
C GLN C 65 20.32 69.96 -74.28
N PHE C 66 20.51 70.09 -72.96
CA PHE C 66 19.87 71.17 -72.20
C PHE C 66 20.36 72.50 -72.75
N GLN C 67 21.65 72.59 -73.08
CA GLN C 67 22.21 73.85 -73.62
C GLN C 67 21.50 74.21 -74.92
N GLU C 68 21.34 73.23 -75.81
CA GLU C 68 20.69 73.53 -77.11
C GLU C 68 19.23 73.89 -76.89
N PHE C 69 18.58 73.19 -75.98
CA PHE C 69 17.19 73.50 -75.62
C PHE C 69 17.09 74.95 -75.15
N LEU C 70 18.08 75.41 -74.42
CA LEU C 70 18.07 76.78 -73.88
C LEU C 70 18.32 77.79 -74.99
N ARG C 71 19.14 77.44 -75.97
CA ARG C 71 19.32 78.35 -77.12
C ARG C 71 17.99 78.55 -77.84
N LYS C 72 17.27 77.45 -78.08
CA LYS C 72 15.99 77.53 -78.79
C LYS C 72 15.00 78.35 -77.97
N MET C 73 14.94 78.07 -76.66
CA MET C 73 14.08 78.83 -75.75
C MET C 73 14.47 80.31 -75.74
N TYR C 74 15.75 80.62 -75.86
CA TYR C 74 16.19 82.02 -75.86
C TYR C 74 15.67 82.71 -77.10
N GLU C 75 15.79 82.06 -78.25
CA GLU C 75 15.26 82.62 -79.51
C GLU C 75 13.77 82.90 -79.34
N ALA C 76 13.06 81.93 -78.77
CA ALA C 76 11.60 82.04 -78.62
C ALA C 76 11.22 83.21 -77.72
N LEU C 77 11.85 83.35 -76.57
CA LEU C 77 11.51 84.45 -75.65
C LEU C 77 12.05 85.78 -76.17
N LYS C 78 13.12 85.76 -76.96
CA LYS C 78 13.75 86.99 -77.49
C LYS C 78 12.82 87.67 -78.50
N GLU C 79 12.33 86.91 -79.49
CA GLU C 79 11.49 87.47 -80.57
C GLU C 79 10.23 88.13 -79.99
N MET C 80 9.72 87.60 -78.87
CA MET C 80 8.52 88.11 -78.18
C MET C 80 8.92 88.84 -76.91
N ASP C 81 7.93 89.21 -76.10
CA ASP C 81 8.11 89.99 -74.86
C ASP C 81 7.48 89.27 -73.69
N SER C 82 7.72 89.84 -72.51
CA SER C 82 7.37 89.24 -71.21
C SER C 82 6.02 89.74 -70.73
N ASN C 83 5.39 88.96 -69.86
CA ASN C 83 4.25 89.34 -68.99
C ASN C 83 2.95 89.46 -69.77
N THR C 84 3.01 89.41 -71.11
CA THR C 84 1.84 89.49 -71.99
C THR C 84 1.45 88.08 -72.42
N VAL C 85 2.44 87.23 -72.64
CA VAL C 85 2.26 85.89 -73.24
C VAL C 85 2.44 84.83 -72.16
N ILE C 86 1.76 83.69 -72.34
CA ILE C 86 1.64 82.62 -71.32
C ILE C 86 2.00 81.25 -71.92
N GLU C 87 2.78 81.24 -72.99
CA GLU C 87 3.09 80.03 -73.77
C GLU C 87 3.71 78.98 -72.84
N ARG C 88 4.85 79.31 -72.23
CA ARG C 88 5.57 78.42 -71.29
C ARG C 88 5.79 79.08 -69.95
N PHE C 89 5.27 80.29 -69.77
CA PHE C 89 5.30 81.09 -68.53
C PHE C 89 4.71 80.32 -67.34
N PRO C 90 3.84 79.29 -67.53
CA PRO C 90 3.52 78.37 -66.45
C PRO C 90 4.62 78.00 -65.45
N THR C 91 5.75 77.45 -65.91
CA THR C 91 6.79 76.94 -65.00
C THR C 91 8.19 77.36 -65.43
N ILE C 92 8.29 78.35 -66.32
CA ILE C 92 9.61 78.83 -66.79
C ILE C 92 10.44 79.22 -65.56
N GLY C 93 9.81 79.86 -64.57
CA GLY C 93 10.48 80.24 -63.33
C GLY C 93 11.16 79.04 -62.72
N GLN C 94 10.37 78.01 -62.42
CA GLN C 94 10.86 76.79 -61.76
C GLN C 94 11.99 76.17 -62.59
N LEU C 95 11.86 76.20 -63.92
CA LEU C 95 12.87 75.61 -64.79
C LEU C 95 14.19 76.33 -64.62
N LEU C 96 14.13 77.65 -64.73
CA LEU C 96 15.37 78.45 -64.67
C LEU C 96 15.96 78.44 -63.27
N ALA C 97 15.13 78.35 -62.24
CA ALA C 97 15.66 78.19 -60.87
C ALA C 97 16.36 76.84 -60.74
N LYS C 98 15.68 75.74 -61.02
CA LYS C 98 16.29 74.41 -60.87
C LYS C 98 17.59 74.37 -61.65
N ALA C 99 17.57 74.93 -62.84
CA ALA C 99 18.79 75.02 -63.65
C ALA C 99 19.87 75.72 -62.84
N CYS C 100 19.55 76.89 -62.30
CA CYS C 100 20.51 77.76 -61.60
C CYS C 100 21.04 77.14 -60.33
N TRP C 101 20.19 76.48 -59.53
CA TRP C 101 20.68 75.85 -58.28
C TRP C 101 21.38 74.52 -58.55
N ASN C 102 21.37 74.01 -59.77
CA ASN C 102 22.26 72.89 -60.12
C ASN C 102 23.58 73.45 -60.63
N PRO C 103 24.72 73.17 -60.00
CA PRO C 103 25.98 73.75 -60.45
C PRO C 103 26.73 73.02 -61.53
N PHE C 104 26.38 71.76 -61.77
CA PHE C 104 26.87 71.04 -62.95
C PHE C 104 26.27 71.64 -64.22
N ILE C 105 25.12 72.29 -64.16
CA ILE C 105 24.59 73.03 -65.33
C ILE C 105 25.31 74.33 -65.42
N LEU C 106 25.41 75.02 -64.32
CA LEU C 106 25.80 76.44 -64.33
C LEU C 106 27.29 76.60 -64.55
N ALA C 107 28.02 75.50 -64.73
CA ALA C 107 29.44 75.49 -65.00
C ALA C 107 29.73 74.95 -66.38
N TYR C 108 28.73 74.52 -67.13
CA TYR C 108 28.96 74.10 -68.52
C TYR C 108 29.16 75.32 -69.42
N ASP C 109 29.72 75.09 -70.60
CA ASP C 109 30.27 76.10 -71.51
C ASP C 109 29.62 77.47 -71.47
N GLU C 110 28.36 77.57 -71.87
CA GLU C 110 27.67 78.87 -71.93
C GLU C 110 26.34 78.84 -71.22
N SER C 111 26.05 77.76 -70.53
CA SER C 111 24.74 77.55 -69.91
C SER C 111 24.39 78.72 -68.98
N GLN C 112 25.37 79.17 -68.23
CA GLN C 112 25.12 80.26 -67.29
C GLN C 112 24.79 81.50 -68.08
N LYS C 113 25.51 81.74 -69.15
CA LYS C 113 25.27 82.96 -69.95
C LYS C 113 23.87 82.95 -70.57
N ILE C 114 23.40 81.80 -71.00
CA ILE C 114 22.08 81.71 -71.64
C ILE C 114 20.97 81.79 -70.61
N LEU C 115 21.15 81.14 -69.48
CA LEU C 115 20.15 81.27 -68.41
C LEU C 115 20.03 82.73 -67.98
N ILE C 116 21.15 83.43 -67.97
CA ILE C 116 21.12 84.87 -67.65
C ILE C 116 20.31 85.59 -68.73
N TRP C 117 20.54 85.23 -69.99
CA TRP C 117 19.83 85.88 -71.10
C TRP C 117 18.32 85.66 -70.97
N CYS C 118 17.92 84.44 -70.65
CA CYS C 118 16.51 84.08 -70.56
C CYS C 118 15.87 84.86 -69.41
N LEU C 119 16.58 85.00 -68.30
CA LEU C 119 16.03 85.76 -67.18
C LEU C 119 15.96 87.24 -67.54
N CYS C 120 16.89 87.73 -68.35
CA CYS C 120 16.82 89.11 -68.87
C CYS C 120 15.61 89.29 -69.78
N CYS C 121 15.23 88.26 -70.51
CA CYS C 121 14.06 88.34 -71.41
C CYS C 121 12.77 88.38 -70.60
N LEU C 122 12.68 87.56 -69.57
CA LEU C 122 11.48 87.52 -68.70
C LEU C 122 11.30 88.79 -67.87
N ILE C 123 12.25 89.69 -67.81
CA ILE C 123 12.09 90.90 -66.97
C ILE C 123 11.09 91.84 -67.62
N ASN C 124 10.62 92.85 -66.88
CA ASN C 124 9.81 93.91 -67.50
C ASN C 124 10.21 95.26 -66.93
N LYS C 125 10.23 96.24 -67.83
CA LYS C 125 10.64 97.63 -67.51
C LYS C 125 9.61 98.29 -66.61
N GLU C 126 8.32 98.12 -66.92
CA GLU C 126 7.22 98.86 -66.26
C GLU C 126 6.20 97.88 -65.70
N PRO C 127 6.41 97.36 -64.47
CA PRO C 127 5.44 96.42 -63.90
C PRO C 127 4.14 97.16 -63.55
N GLN C 128 3.01 96.48 -63.74
CA GLN C 128 1.68 97.05 -63.52
C GLN C 128 0.97 96.32 -62.39
N ASN C 129 0.81 95.01 -62.51
CA ASN C 129 0.29 94.16 -61.41
C ASN C 129 1.46 93.74 -60.51
N SER C 130 1.15 93.54 -59.23
CA SER C 130 2.16 93.23 -58.19
C SER C 130 2.89 91.92 -58.48
N GLY C 131 2.26 90.97 -59.17
CA GLY C 131 2.89 89.69 -59.55
C GLY C 131 4.14 89.90 -60.39
N GLN C 132 4.11 90.89 -61.29
CA GLN C 132 5.26 91.20 -62.16
C GLN C 132 6.41 91.78 -61.33
N SER C 133 6.08 92.58 -60.32
CA SER C 133 7.09 93.14 -59.41
C SER C 133 7.72 92.03 -58.59
N LYS C 134 6.91 91.11 -58.06
CA LYS C 134 7.41 89.92 -57.36
C LYS C 134 8.33 89.13 -58.29
N LEU C 135 7.94 89.00 -59.56
CA LEU C 135 8.77 88.29 -60.54
C LEU C 135 10.12 88.97 -60.64
N ASN C 136 10.11 90.29 -60.85
CA ASN C 136 11.37 91.04 -61.05
C ASN C 136 12.26 90.90 -59.83
N SER C 137 11.67 90.96 -58.62
CA SER C 137 12.42 90.74 -57.36
C SER C 137 13.02 89.34 -57.37
N TRP C 138 12.24 88.34 -57.76
CA TRP C 138 12.69 86.94 -57.80
C TRP C 138 13.85 86.80 -58.78
N ILE C 139 13.79 87.52 -59.88
CA ILE C 139 14.85 87.50 -60.91
C ILE C 139 16.12 88.09 -60.31
N GLN C 140 16.02 89.21 -59.63
CA GLN C 140 17.21 89.78 -58.97
C GLN C 140 17.78 88.79 -57.96
N GLY C 141 16.91 88.06 -57.26
CA GLY C 141 17.35 87.10 -56.25
C GLY C 141 18.15 85.98 -56.87
N VAL C 142 17.65 85.41 -57.95
CA VAL C 142 18.34 84.27 -58.59
C VAL C 142 19.60 84.74 -59.28
N LEU C 143 19.55 85.90 -59.92
CA LEU C 143 20.78 86.49 -60.47
C LEU C 143 21.83 86.70 -59.38
N SER C 144 21.42 87.19 -58.22
CA SER C 144 22.34 87.35 -57.09
C SER C 144 22.87 86.02 -56.59
N HIS C 145 22.06 84.97 -56.61
CA HIS C 145 22.55 83.64 -56.23
C HIS C 145 23.61 83.19 -57.21
N ILE C 146 23.40 83.44 -58.49
CA ILE C 146 24.37 83.02 -59.52
C ILE C 146 25.67 83.76 -59.24
N LEU C 147 25.62 85.05 -59.28
CA LEU C 147 26.84 85.87 -59.26
C LEU C 147 27.48 85.91 -57.86
N SER C 148 26.74 86.35 -56.83
CA SER C 148 27.34 86.99 -55.62
C SER C 148 26.70 86.50 -54.32
N ALA C 149 26.71 85.19 -54.06
CA ALA C 149 26.29 84.62 -52.77
C ALA C 149 27.41 83.79 -52.15
N LEU C 150 27.51 83.81 -50.83
CA LEU C 150 28.66 83.25 -50.06
C LEU C 150 28.32 81.84 -49.60
N ARG C 151 27.99 80.98 -50.57
CA ARG C 151 27.66 79.55 -50.29
C ARG C 151 28.96 78.77 -50.17
N PHE C 152 29.67 79.06 -49.10
CA PHE C 152 31.03 78.54 -48.86
C PHE C 152 31.23 78.50 -47.35
N ASP C 153 32.41 78.07 -46.90
CA ASP C 153 32.76 78.04 -45.46
C ASP C 153 32.64 79.42 -44.83
N LYS C 154 32.29 79.43 -43.54
CA LYS C 154 31.81 80.63 -42.85
C LYS C 154 32.98 81.51 -42.45
N GLU C 155 33.98 80.90 -41.82
CA GLU C 155 35.07 81.65 -41.20
C GLU C 155 35.91 82.34 -42.27
N VAL C 156 36.01 81.74 -43.45
CA VAL C 156 36.80 82.37 -44.54
C VAL C 156 36.08 83.61 -45.02
N ALA C 157 34.77 83.55 -45.15
CA ALA C 157 33.97 84.74 -45.52
C ALA C 157 34.12 85.81 -44.44
N LEU C 158 34.06 85.42 -43.17
CA LEU C 158 34.20 86.38 -42.08
C LEU C 158 35.57 87.04 -42.13
N PHE C 159 36.60 86.23 -42.29
CA PHE C 159 37.98 86.73 -42.25
C PHE C 159 38.21 87.71 -43.39
N THR C 160 37.75 87.35 -44.57
CA THR C 160 37.97 88.18 -45.76
C THR C 160 37.20 89.48 -45.59
N GLN C 161 35.94 89.39 -45.16
CA GLN C 161 35.09 90.58 -44.97
C GLN C 161 35.75 91.53 -43.95
N GLY C 162 36.34 90.97 -42.90
CA GLY C 162 37.10 91.74 -41.94
C GLY C 162 38.29 92.45 -42.57
N LEU C 163 39.06 91.74 -43.40
CA LEU C 163 40.22 92.33 -44.11
C LEU C 163 39.81 93.19 -45.30
N GLY C 164 38.51 93.25 -45.62
CA GLY C 164 38.04 94.16 -46.66
C GLY C 164 38.45 93.64 -48.02
N TYR C 165 38.12 92.39 -48.25
CA TYR C 165 38.29 91.71 -49.53
C TYR C 165 36.90 91.23 -49.92
N ALA C 166 36.54 91.42 -51.17
CA ALA C 166 35.27 90.91 -51.70
C ALA C 166 35.53 89.58 -52.41
N PRO C 167 34.51 88.74 -52.59
CA PRO C 167 34.71 87.46 -53.28
C PRO C 167 35.39 87.58 -54.62
N ILE C 168 35.08 88.61 -55.40
CA ILE C 168 35.65 88.72 -56.77
C ILE C 168 37.16 88.90 -56.76
N ASP C 169 37.76 89.36 -55.67
CA ASP C 169 39.21 89.58 -55.65
C ASP C 169 39.92 88.54 -54.78
N TYR C 170 39.28 87.43 -54.43
CA TYR C 170 40.06 86.30 -53.90
C TYR C 170 39.65 84.97 -54.50
N TYR C 171 38.43 84.81 -55.04
CA TYR C 171 37.97 83.52 -55.59
C TYR C 171 38.98 82.93 -56.57
N PRO C 172 39.55 83.71 -57.47
CA PRO C 172 40.54 83.16 -58.38
C PRO C 172 41.69 82.49 -57.66
N GLY C 173 42.34 83.17 -56.74
CA GLY C 173 43.44 82.56 -56.00
C GLY C 173 42.96 81.39 -55.16
N LEU C 174 41.73 81.47 -54.70
CA LEU C 174 41.20 80.38 -53.90
C LEU C 174 41.04 79.14 -54.74
N LEU C 175 40.48 79.30 -55.91
CA LEU C 175 40.34 78.20 -56.88
C LEU C 175 41.70 77.65 -57.22
N LYS C 176 42.59 78.53 -57.60
CA LYS C 176 43.95 78.16 -57.92
C LYS C 176 44.58 77.32 -56.81
N ASN C 177 44.36 77.70 -55.57
CA ASN C 177 45.01 77.01 -54.45
C ASN C 177 44.34 75.68 -54.15
N MET C 178 43.03 75.61 -54.31
CA MET C 178 42.35 74.31 -54.20
C MET C 178 42.81 73.32 -55.28
N VAL C 179 42.93 73.81 -56.48
CA VAL C 179 43.39 73.00 -57.59
C VAL C 179 44.79 72.53 -57.34
N LEU C 180 45.70 73.40 -56.93
CA LEU C 180 47.06 72.93 -56.71
C LEU C 180 47.10 71.91 -55.59
N SER C 181 46.28 72.11 -54.57
CA SER C 181 46.23 71.20 -53.44
C SER C 181 45.82 69.83 -53.91
N LEU C 182 44.70 69.77 -54.61
CA LEU C 182 44.22 68.46 -55.11
C LEU C 182 45.18 67.76 -56.06
N ALA C 183 45.77 68.54 -56.94
CA ALA C 183 46.69 67.98 -57.90
C ALA C 183 47.92 67.44 -57.20
N SER C 184 48.44 68.15 -56.20
CA SER C 184 49.58 67.62 -55.43
C SER C 184 49.16 66.33 -54.73
N GLU C 185 47.96 66.32 -54.19
CA GLU C 185 47.52 65.15 -53.44
C GLU C 185 47.46 63.94 -54.32
N LEU C 186 47.00 64.10 -55.54
CA LEU C 186 46.96 62.98 -56.49
C LEU C 186 48.35 62.54 -56.79
N ARG C 187 49.25 63.48 -57.05
CA ARG C 187 50.64 63.12 -57.31
C ARG C 187 51.24 62.32 -56.15
N GLU C 188 50.92 62.67 -54.92
CA GLU C 188 51.52 61.98 -53.78
C GLU C 188 50.87 60.64 -53.56
N ASN C 189 49.58 60.51 -53.82
CA ASN C 189 48.96 59.18 -53.77
C ASN C 189 49.55 58.27 -54.85
N HIS C 190 49.96 58.86 -55.95
CA HIS C 190 50.55 58.14 -57.07
C HIS C 190 51.94 57.68 -56.67
N LEU C 191 52.75 58.58 -56.14
CA LEU C 191 54.12 58.19 -55.73
C LEU C 191 54.16 57.18 -54.58
N ASN C 192 53.18 57.22 -53.70
CA ASN C 192 53.11 56.28 -52.58
C ASN C 192 52.48 54.98 -53.06
N GLY C 193 53.04 54.31 -54.04
CA GLY C 193 52.39 53.10 -54.53
C GLY C 193 52.78 51.91 -53.69
N PHE C 194 51.84 51.31 -52.95
CA PHE C 194 52.14 50.18 -52.05
C PHE C 194 53.00 50.64 -50.87
N ASN C 195 52.51 51.63 -50.13
CA ASN C 195 53.24 52.16 -48.98
C ASN C 195 52.28 52.41 -47.84
N THR C 196 52.78 52.23 -46.63
CA THR C 196 51.98 52.34 -45.41
C THR C 196 51.65 53.80 -45.10
N GLN C 197 50.79 54.39 -45.92
CA GLN C 197 50.40 55.79 -45.76
C GLN C 197 48.95 55.95 -46.18
N ARG C 198 48.44 57.14 -45.93
CA ARG C 198 47.04 57.48 -46.22
C ARG C 198 46.82 57.38 -47.74
N ARG C 199 45.90 56.51 -48.13
CA ARG C 199 45.57 56.35 -49.55
C ARG C 199 44.38 57.23 -49.85
N MET C 200 44.55 58.16 -50.79
CA MET C 200 43.45 58.99 -51.31
C MET C 200 42.32 58.04 -51.70
N ALA C 201 41.17 58.21 -51.07
CA ALA C 201 40.02 57.32 -51.29
C ALA C 201 39.49 57.47 -52.71
N PRO C 202 39.32 56.37 -53.47
CA PRO C 202 38.91 56.47 -54.86
C PRO C 202 37.54 57.12 -55.10
N GLU C 203 36.72 57.22 -54.07
CA GLU C 203 35.48 57.99 -54.17
C GLU C 203 35.83 59.44 -54.48
N ARG C 204 36.85 59.98 -53.81
CA ARG C 204 37.29 61.36 -54.03
C ARG C 204 37.86 61.57 -55.42
N VAL C 205 38.58 60.60 -55.92
CA VAL C 205 39.12 60.74 -57.27
C VAL C 205 38.00 60.72 -58.30
N ALA C 206 37.05 59.81 -58.12
CA ALA C 206 35.94 59.78 -59.04
C ALA C 206 35.13 61.07 -58.92
N SER C 207 35.03 61.62 -57.70
CA SER C 207 34.31 62.87 -57.51
C SER C 207 34.98 64.00 -58.29
N LEU C 208 36.27 64.12 -58.18
CA LEU C 208 36.95 65.15 -58.94
C LEU C 208 36.78 64.96 -60.43
N SER C 209 36.74 63.73 -60.87
CA SER C 209 36.61 63.43 -62.30
C SER C 209 35.23 63.83 -62.80
N ARG C 210 34.23 63.75 -61.94
CA ARG C 210 32.89 64.25 -62.29
C ARG C 210 32.83 65.75 -62.27
N VAL C 211 33.62 66.37 -61.43
CA VAL C 211 33.62 67.83 -61.36
C VAL C 211 34.37 68.43 -62.54
N CYS C 212 35.37 67.75 -63.08
CA CYS C 212 36.15 68.32 -64.18
C CYS C 212 35.36 68.39 -65.49
N VAL C 213 34.22 67.71 -65.57
CA VAL C 213 33.52 67.49 -66.86
C VAL C 213 32.78 68.71 -67.33
N PRO C 214 32.05 69.39 -66.47
CA PRO C 214 31.43 70.63 -66.88
C PRO C 214 32.38 71.75 -67.11
N LEU C 215 33.47 71.77 -66.36
CA LEU C 215 34.37 72.93 -66.39
C LEU C 215 35.73 72.50 -66.88
N ILE C 216 35.72 71.78 -67.99
CA ILE C 216 36.93 71.34 -68.72
C ILE C 216 37.57 72.52 -69.50
N THR C 217 36.74 73.38 -70.06
CA THR C 217 37.14 74.63 -70.73
C THR C 217 37.41 75.84 -69.80
N LEU C 218 37.41 75.67 -68.49
CA LEU C 218 37.94 76.69 -67.57
C LEU C 218 39.45 76.51 -67.41
N THR C 219 40.23 77.50 -67.79
CA THR C 219 41.71 77.37 -67.79
C THR C 219 42.23 77.14 -66.35
N ASP C 220 41.43 77.49 -65.36
CA ASP C 220 41.83 77.51 -63.95
C ASP C 220 41.73 76.13 -63.35
N VAL C 221 41.57 75.10 -64.17
CA VAL C 221 41.35 73.72 -63.70
C VAL C 221 42.21 72.72 -64.49
N ASP C 222 42.80 73.11 -65.59
CA ASP C 222 43.59 72.19 -66.40
C ASP C 222 44.63 71.41 -65.59
N PRO C 223 45.32 71.99 -64.58
CA PRO C 223 46.17 71.20 -63.72
C PRO C 223 45.53 69.97 -63.10
N LEU C 224 44.26 70.12 -62.71
CA LEU C 224 43.56 68.99 -62.10
C LEU C 224 43.26 67.91 -63.13
N VAL C 225 42.86 68.30 -64.32
CA VAL C 225 42.71 67.35 -65.45
C VAL C 225 44.00 66.60 -65.70
N GLU C 226 45.05 67.34 -65.98
CA GLU C 226 46.36 66.79 -66.30
C GLU C 226 46.84 65.86 -65.19
N ALA C 227 46.53 66.18 -63.97
CA ALA C 227 46.92 65.31 -62.86
C ALA C 227 46.10 64.07 -62.80
N LEU C 228 44.81 64.14 -63.08
CA LEU C 228 43.97 62.95 -63.07
C LEU C 228 44.41 61.97 -64.12
N LEU C 229 44.86 62.45 -65.29
CA LEU C 229 45.28 61.57 -66.39
C LEU C 229 46.61 60.98 -66.10
N ILE C 230 47.55 61.76 -65.63
CA ILE C 230 48.89 61.25 -65.32
C ILE C 230 48.98 60.39 -64.06
N CYS C 231 48.00 60.41 -63.19
CA CYS C 231 48.14 59.77 -61.90
C CYS C 231 47.25 58.57 -61.83
N HIS C 232 47.48 57.67 -62.78
CA HIS C 232 46.66 56.45 -62.92
C HIS C 232 46.60 55.76 -61.56
N GLY C 233 47.75 55.47 -60.99
CA GLY C 233 47.77 54.75 -59.73
C GLY C 233 47.56 53.27 -59.92
N ARG C 234 47.45 52.55 -58.80
CA ARG C 234 47.87 51.14 -58.71
C ARG C 234 46.69 50.18 -58.77
N GLU C 235 45.55 50.64 -59.25
CA GLU C 235 44.33 49.86 -59.12
C GLU C 235 44.17 48.99 -60.34
N PRO C 236 43.52 47.83 -60.28
CA PRO C 236 43.25 47.06 -61.49
C PRO C 236 42.10 47.57 -62.34
N GLN C 237 41.12 48.20 -61.73
CA GLN C 237 39.95 48.69 -62.43
C GLN C 237 40.23 50.15 -62.70
N GLU C 238 39.48 50.76 -63.61
CA GLU C 238 39.43 52.21 -63.71
C GLU C 238 38.56 52.82 -62.61
N ILE C 239 39.02 53.94 -62.08
CA ILE C 239 38.32 54.70 -61.03
C ILE C 239 37.62 55.86 -61.70
N LEU C 240 38.13 56.37 -62.80
CA LEU C 240 37.40 57.37 -63.60
C LEU C 240 36.41 56.68 -64.53
N GLN C 241 35.30 57.36 -64.82
CA GLN C 241 34.23 56.84 -65.68
C GLN C 241 34.23 57.49 -67.04
N PRO C 242 33.85 56.75 -68.09
CA PRO C 242 34.15 57.17 -69.45
C PRO C 242 33.54 58.51 -69.89
N GLU C 243 32.59 59.07 -69.17
CA GLU C 243 32.17 60.43 -69.49
C GLU C 243 33.33 61.41 -69.36
N PHE C 244 34.24 61.18 -68.40
CA PHE C 244 35.41 62.05 -68.21
C PHE C 244 36.28 61.98 -69.44
N PHE C 245 36.49 60.78 -69.94
CA PHE C 245 37.42 60.59 -71.05
C PHE C 245 36.80 61.14 -72.31
N GLU C 246 35.50 60.89 -72.51
CA GLU C 246 34.85 61.42 -73.73
C GLU C 246 34.90 62.93 -73.75
N ALA C 247 34.70 63.55 -72.57
CA ALA C 247 34.73 65.00 -72.44
C ALA C 247 36.11 65.52 -72.79
N VAL C 248 37.10 64.94 -72.19
CA VAL C 248 38.45 65.44 -72.42
C VAL C 248 38.81 65.25 -73.90
N ASN C 249 38.38 64.17 -74.51
CA ASN C 249 38.83 63.87 -75.86
C ASN C 249 38.18 64.87 -76.81
N GLU C 250 36.88 65.05 -76.68
CA GLU C 250 36.15 66.02 -77.50
C GLU C 250 36.85 67.36 -77.40
N ALA C 251 37.20 67.78 -76.20
CA ALA C 251 37.86 69.07 -76.00
C ALA C 251 39.23 69.12 -76.63
N ILE C 252 40.00 68.07 -76.53
CA ILE C 252 41.34 67.99 -77.19
C ILE C 252 41.23 68.12 -78.70
N LEU C 253 40.22 67.49 -79.29
CA LEU C 253 40.08 67.46 -80.74
C LEU C 253 39.47 68.73 -81.27
N LEU C 254 38.70 69.43 -80.45
CA LEU C 254 38.14 70.73 -80.85
C LEU C 254 39.01 71.89 -80.41
N LYS C 255 40.15 71.63 -79.77
CA LYS C 255 41.15 72.65 -79.41
C LYS C 255 40.57 73.63 -78.39
N LYS C 256 40.02 73.08 -77.32
CA LYS C 256 39.41 73.86 -76.24
C LYS C 256 40.14 73.70 -74.91
N ILE C 257 41.13 72.82 -74.81
CA ILE C 257 41.80 72.62 -73.51
C ILE C 257 43.32 72.79 -73.59
N SER C 258 43.95 72.29 -74.63
CA SER C 258 45.43 72.45 -74.77
C SER C 258 46.16 71.80 -73.58
N LEU C 259 46.15 70.49 -73.52
CA LEU C 259 47.01 69.72 -72.61
C LEU C 259 48.35 69.49 -73.26
N PRO C 260 49.31 68.93 -72.50
CA PRO C 260 50.50 68.34 -73.08
C PRO C 260 50.32 66.90 -73.56
N MET C 261 51.36 66.39 -74.22
CA MET C 261 51.24 65.17 -75.03
C MET C 261 51.21 63.96 -74.09
N SER C 262 51.98 63.98 -73.03
CA SER C 262 51.97 62.89 -72.04
C SER C 262 50.54 62.59 -71.55
N ALA C 263 49.70 63.61 -71.47
CA ALA C 263 48.35 63.43 -70.93
C ALA C 263 47.40 62.87 -71.96
N VAL C 264 47.57 63.23 -73.22
CA VAL C 264 46.66 62.66 -74.22
C VAL C 264 47.10 61.24 -74.56
N VAL C 265 48.37 60.93 -74.45
CA VAL C 265 48.76 59.53 -74.62
C VAL C 265 48.16 58.74 -73.50
N CYS C 266 48.26 59.22 -72.28
CA CYS C 266 47.68 58.54 -71.11
C CYS C 266 46.19 58.35 -71.27
N LEU C 267 45.55 59.31 -71.82
CA LEU C 267 44.13 59.20 -72.14
C LEU C 267 43.81 58.11 -73.14
N TRP C 268 44.42 58.10 -74.31
CA TRP C 268 44.30 57.03 -75.31
C TRP C 268 44.50 55.69 -74.63
N LEU C 269 45.58 55.62 -73.93
CA LEU C 269 46.07 54.38 -73.39
C LEU C 269 45.34 53.94 -72.15
N ARG C 270 44.33 54.66 -71.70
CA ARG C 270 43.45 54.06 -70.71
C ARG C 270 42.00 54.16 -71.02
N HIS C 271 41.66 54.59 -72.23
CA HIS C 271 40.29 54.54 -72.77
C HIS C 271 40.32 54.28 -74.28
N LEU C 272 40.09 53.06 -74.69
CA LEU C 272 40.31 52.72 -76.08
C LEU C 272 39.27 53.33 -76.95
N PRO C 273 38.02 53.48 -76.55
CA PRO C 273 37.07 54.14 -77.41
C PRO C 273 37.37 55.58 -77.68
N SER C 274 38.30 56.17 -76.96
CA SER C 274 38.67 57.54 -77.16
C SER C 274 39.71 57.64 -78.24
N LEU C 275 40.48 56.62 -78.43
CA LEU C 275 41.46 56.55 -79.55
C LEU C 275 40.82 56.17 -80.89
N GLU C 276 39.82 55.31 -80.86
CA GLU C 276 38.96 55.11 -82.03
C GLU C 276 38.21 56.38 -82.42
N LYS C 277 37.68 57.05 -81.43
CA LYS C 277 36.92 58.28 -81.64
C LYS C 277 37.81 59.39 -82.13
N ALA C 278 39.09 59.28 -81.94
CA ALA C 278 40.02 60.29 -82.44
C ALA C 278 40.36 60.05 -83.88
N MET C 279 40.48 58.78 -84.26
CA MET C 279 40.84 58.37 -85.60
C MET C 279 39.62 58.52 -86.51
N LEU C 280 38.41 58.38 -86.00
CA LEU C 280 37.21 58.74 -86.81
C LEU C 280 37.20 60.22 -87.14
N HIS C 281 37.47 61.06 -86.17
CA HIS C 281 37.52 62.52 -86.33
C HIS C 281 38.57 62.92 -87.33
N LEU C 282 39.49 62.03 -87.69
CA LEU C 282 40.46 62.25 -88.79
C LEU C 282 39.83 61.86 -90.13
N PHE C 283 38.91 60.92 -90.13
CA PHE C 283 38.31 60.43 -91.35
C PHE C 283 37.26 61.39 -91.88
N GLU C 284 36.53 62.07 -91.01
CA GLU C 284 35.58 63.11 -91.44
C GLU C 284 36.32 64.24 -92.14
N LYS C 285 37.53 64.52 -91.71
CA LYS C 285 38.34 65.59 -92.31
C LYS C 285 38.76 65.22 -93.72
N LEU C 286 39.01 63.94 -94.00
CA LEU C 286 39.44 63.53 -95.35
C LEU C 286 38.28 63.04 -96.21
N ILE C 287 37.15 62.68 -95.62
CA ILE C 287 35.96 62.27 -96.39
C ILE C 287 35.08 63.47 -96.68
N SER C 288 34.75 64.24 -95.66
CA SER C 288 33.74 65.31 -95.76
C SER C 288 34.43 66.64 -96.03
N SER C 289 35.20 67.13 -95.04
CA SER C 289 35.57 68.55 -94.96
C SER C 289 36.66 68.89 -95.97
N GLU C 290 37.79 68.20 -95.84
CA GLU C 290 39.05 68.58 -96.50
C GLU C 290 39.48 67.49 -97.47
N ARG C 291 38.56 66.97 -98.28
CA ARG C 291 38.93 66.06 -99.37
C ARG C 291 39.98 66.73 -100.23
N ASN C 292 41.14 66.11 -100.28
CA ASN C 292 42.20 66.47 -101.23
C ASN C 292 42.64 67.92 -100.98
N CYS C 293 42.79 68.29 -99.70
CA CYS C 293 43.66 69.39 -99.28
C CYS C 293 44.65 68.78 -98.27
N LEU C 294 45.66 68.11 -98.82
CA LEU C 294 46.60 67.32 -98.01
C LEU C 294 47.44 68.21 -97.11
N ARG C 295 47.65 69.48 -97.46
CA ARG C 295 48.29 70.41 -96.52
C ARG C 295 47.45 70.55 -95.26
N ARG C 296 46.14 70.63 -95.41
CA ARG C 296 45.26 70.74 -94.23
C ARG C 296 45.23 69.43 -93.47
N ILE C 297 45.29 68.31 -94.18
CA ILE C 297 45.33 67.00 -93.50
C ILE C 297 46.63 66.89 -92.69
N GLU C 298 47.74 67.26 -93.29
CA GLU C 298 49.03 67.25 -92.59
C GLU C 298 48.98 68.17 -91.38
N CYS C 299 48.41 69.35 -91.53
CA CYS C 299 48.33 70.30 -90.40
C CYS C 299 47.54 69.69 -89.26
N PHE C 300 46.40 69.07 -89.57
CA PHE C 300 45.58 68.43 -88.52
C PHE C 300 46.36 67.31 -87.85
N ILE C 301 47.02 66.48 -88.64
CA ILE C 301 47.74 65.32 -88.08
C ILE C 301 48.86 65.80 -87.16
N LYS C 302 49.63 66.78 -87.59
CA LYS C 302 50.74 67.26 -86.77
C LYS C 302 50.24 67.95 -85.49
N ASP C 303 49.20 68.77 -85.58
CA ASP C 303 48.63 69.39 -84.37
C ASP C 303 48.05 68.34 -83.43
N SER C 304 47.34 67.37 -83.97
CA SER C 304 46.97 66.18 -83.19
C SER C 304 48.23 65.47 -82.75
N SER C 305 48.05 64.60 -81.77
CA SER C 305 49.17 63.93 -81.11
C SER C 305 49.36 62.47 -81.59
N LEU C 306 48.65 62.08 -82.63
CA LEU C 306 48.62 60.67 -83.02
C LEU C 306 49.96 60.18 -83.48
N PRO C 307 50.76 60.93 -84.22
CA PRO C 307 52.11 60.49 -84.54
C PRO C 307 52.95 60.23 -83.30
N GLN C 308 52.84 61.11 -82.32
CA GLN C 308 53.68 60.98 -81.11
C GLN C 308 53.17 59.82 -80.28
N ALA C 309 51.86 59.64 -80.31
CA ALA C 309 51.22 58.58 -79.53
C ALA C 309 51.37 57.23 -80.20
N ALA C 310 51.50 57.22 -81.50
CA ALA C 310 51.66 55.99 -82.26
C ALA C 310 53.07 55.47 -82.16
N CYS C 311 53.97 56.07 -81.43
CA CYS C 311 55.22 55.38 -81.09
C CYS C 311 55.05 54.37 -79.99
N HIS C 312 53.90 54.26 -79.35
CA HIS C 312 53.52 53.08 -78.55
C HIS C 312 52.88 52.05 -79.48
N PRO C 313 53.39 50.83 -79.56
CA PRO C 313 52.92 49.96 -80.62
C PRO C 313 51.45 49.61 -80.49
N ALA C 314 50.92 49.52 -79.27
CA ALA C 314 49.48 49.36 -79.09
C ALA C 314 48.68 50.36 -79.92
N ILE C 315 49.07 51.62 -79.87
CA ILE C 315 48.35 52.63 -80.64
C ILE C 315 48.64 52.57 -82.13
N PHE C 316 49.82 52.22 -82.54
CA PHE C 316 50.00 52.08 -83.97
C PHE C 316 49.27 50.88 -84.52
N ARG C 317 49.09 49.85 -83.72
CA ARG C 317 48.40 48.66 -84.20
C ARG C 317 46.90 48.94 -84.36
N VAL C 318 46.37 49.70 -83.43
CA VAL C 318 44.97 50.07 -83.54
C VAL C 318 44.70 51.01 -84.69
N VAL C 319 45.58 51.95 -84.86
CA VAL C 319 45.43 52.86 -86.00
C VAL C 319 45.55 52.12 -87.33
N ASP C 320 46.54 51.26 -87.50
CA ASP C 320 46.59 50.55 -88.77
C ASP C 320 45.40 49.64 -88.94
N GLU C 321 44.86 49.07 -87.88
CA GLU C 321 43.69 48.21 -88.06
C GLU C 321 42.52 49.01 -88.61
N MET C 322 42.37 50.26 -88.19
CA MET C 322 41.30 51.09 -88.75
C MET C 322 41.54 51.50 -90.18
N PHE C 323 42.76 51.88 -90.50
CA PHE C 323 43.13 52.09 -91.91
C PHE C 323 42.83 50.87 -92.76
N ARG C 324 42.99 49.69 -92.22
CA ARG C 324 42.77 48.48 -92.98
C ARG C 324 41.30 48.31 -93.23
N CYS C 325 40.49 48.42 -92.18
CA CYS C 325 39.03 48.34 -92.34
C CYS C 325 38.54 49.25 -93.47
N ALA C 326 39.06 50.46 -93.50
CA ALA C 326 38.72 51.42 -94.55
C ALA C 326 39.28 51.06 -95.93
N LEU C 327 40.49 50.54 -96.04
CA LEU C 327 41.01 50.08 -97.34
C LEU C 327 40.12 48.99 -97.92
N LEU C 328 39.41 48.25 -97.07
CA LEU C 328 38.64 47.06 -97.46
C LEU C 328 37.20 47.47 -97.76
N GLU C 329 36.60 48.33 -96.95
CA GLU C 329 35.20 48.72 -97.17
C GLU C 329 35.04 49.37 -98.54
N THR C 330 35.83 50.40 -98.79
CA THR C 330 36.11 50.86 -100.15
C THR C 330 37.15 49.92 -100.73
N ASP C 331 37.22 49.81 -102.04
CA ASP C 331 38.18 48.89 -102.68
C ASP C 331 39.39 49.69 -103.13
N GLY C 332 40.09 50.30 -102.18
CA GLY C 332 41.38 50.93 -102.47
C GLY C 332 41.23 52.38 -102.83
N ALA C 333 40.52 53.12 -101.98
CA ALA C 333 40.25 54.55 -102.20
C ALA C 333 41.51 55.39 -102.15
N LEU C 334 41.72 56.22 -103.17
CA LEU C 334 42.92 57.06 -103.27
C LEU C 334 43.02 58.03 -102.11
N GLU C 335 41.90 58.43 -101.53
CA GLU C 335 41.92 59.43 -100.45
C GLU C 335 42.50 58.86 -99.16
N ILE C 336 42.02 57.70 -98.77
CA ILE C 336 42.60 56.96 -97.63
C ILE C 336 44.06 56.63 -97.91
N ILE C 337 44.37 56.22 -99.11
CA ILE C 337 45.78 55.90 -99.43
C ILE C 337 46.66 57.11 -99.19
N ALA C 338 46.27 58.27 -99.71
CA ALA C 338 47.10 59.46 -99.52
C ALA C 338 47.18 59.89 -98.05
N THR C 339 46.06 59.83 -97.34
CA THR C 339 46.11 60.10 -95.90
C THR C 339 47.06 59.17 -95.13
N ILE C 340 47.07 57.90 -95.43
CA ILE C 340 47.98 56.96 -94.76
C ILE C 340 49.40 57.37 -95.04
N GLN C 341 49.67 57.80 -96.27
CA GLN C 341 51.05 58.18 -96.61
C GLN C 341 51.47 59.35 -95.75
N VAL C 342 50.56 60.29 -95.55
CA VAL C 342 50.87 61.46 -94.74
C VAL C 342 51.11 61.06 -93.29
N PHE C 343 50.20 60.31 -92.71
CA PHE C 343 50.33 59.81 -91.34
C PHE C 343 51.65 59.10 -91.14
N THR C 344 52.04 58.29 -92.08
CA THR C 344 53.26 57.50 -91.97
C THR C 344 54.48 58.39 -91.98
N GLN C 345 54.46 59.42 -92.79
CA GLN C 345 55.58 60.35 -92.80
C GLN C 345 55.71 61.03 -91.45
N CYS C 346 54.61 61.54 -90.91
CA CYS C 346 54.62 62.14 -89.58
C CYS C 346 55.13 61.18 -88.52
N PHE C 347 54.59 60.01 -88.49
CA PHE C 347 54.99 58.97 -87.54
C PHE C 347 56.47 58.62 -87.64
N VAL C 348 57.00 58.55 -88.83
CA VAL C 348 58.44 58.27 -89.03
C VAL C 348 59.27 59.40 -88.43
N GLU C 349 58.93 60.64 -88.76
CA GLU C 349 59.74 61.78 -88.28
C GLU C 349 59.43 62.12 -86.85
N ALA C 350 58.60 61.38 -86.17
CA ALA C 350 58.44 61.43 -84.71
C ALA C 350 59.12 60.27 -84.02
N LEU C 351 59.00 59.10 -84.57
CA LEU C 351 59.81 57.94 -84.13
C LEU C 351 61.32 58.24 -84.14
N GLU C 352 61.83 58.81 -85.22
CA GLU C 352 63.26 59.14 -85.27
C GLU C 352 63.60 60.11 -84.14
N LYS C 353 62.86 61.19 -84.05
CA LYS C 353 63.11 62.23 -83.03
C LYS C 353 63.19 61.65 -81.63
N ALA C 354 62.26 60.79 -81.25
CA ALA C 354 62.02 60.41 -79.85
C ALA C 354 62.00 58.89 -79.74
N SER C 355 63.04 58.29 -80.32
CA SER C 355 63.34 56.85 -80.15
C SER C 355 64.86 56.63 -80.22
N LYS C 356 65.64 57.45 -79.53
CA LYS C 356 67.10 57.38 -79.69
C LYS C 356 67.63 56.12 -79.02
N GLN C 357 67.48 56.06 -77.71
CA GLN C 357 67.86 54.87 -76.92
C GLN C 357 66.62 54.01 -76.69
N LEU C 358 66.78 52.71 -76.76
CA LEU C 358 65.70 51.77 -76.50
C LEU C 358 64.53 51.97 -77.44
N ARG C 359 64.71 51.65 -78.71
CA ARG C 359 63.60 51.76 -79.65
C ARG C 359 63.14 50.39 -80.08
N PHE C 360 61.84 50.33 -80.41
CA PHE C 360 61.18 49.10 -80.82
C PHE C 360 61.49 48.78 -82.27
N ALA C 361 61.51 47.49 -82.60
CA ALA C 361 61.94 46.98 -83.90
C ALA C 361 60.80 47.07 -84.87
N LEU C 362 61.05 47.37 -86.13
CA LEU C 362 59.93 47.67 -87.04
C LEU C 362 58.92 46.54 -87.15
N LYS C 363 59.35 45.29 -86.91
CA LYS C 363 58.39 44.18 -86.95
C LYS C 363 57.40 44.29 -85.80
N THR C 364 57.51 45.31 -84.97
CA THR C 364 56.58 45.55 -83.87
C THR C 364 55.50 46.47 -84.32
N TYR C 365 55.80 47.37 -85.24
CA TYR C 365 54.76 48.22 -85.85
C TYR C 365 54.08 47.58 -87.07
N PHE C 366 54.86 46.92 -87.93
CA PHE C 366 54.46 46.31 -89.21
C PHE C 366 54.68 44.81 -89.16
N PRO C 367 53.99 44.08 -88.29
CA PRO C 367 54.39 42.72 -87.96
C PRO C 367 54.05 41.68 -89.01
N TYR C 368 53.46 42.11 -90.10
CA TYR C 368 52.87 41.16 -91.05
C TYR C 368 53.77 40.97 -92.27
N THR C 369 54.98 41.53 -92.28
CA THR C 369 55.86 41.45 -93.46
C THR C 369 57.29 41.11 -93.08
N SER C 370 58.12 40.96 -94.12
CA SER C 370 59.56 40.75 -93.95
C SER C 370 60.18 42.10 -93.59
N PRO C 371 61.10 42.17 -92.62
CA PRO C 371 61.65 43.47 -92.24
C PRO C 371 62.49 44.11 -93.32
N SER C 372 63.07 43.29 -94.18
CA SER C 372 63.91 43.76 -95.30
C SER C 372 63.18 44.87 -96.06
N LEU C 373 61.95 44.56 -96.45
CA LEU C 373 61.17 45.40 -97.35
C LEU C 373 60.91 46.74 -96.69
N ALA C 374 60.44 46.72 -95.45
CA ALA C 374 60.25 47.97 -94.72
C ALA C 374 61.56 48.76 -94.64
N MET C 375 62.64 48.15 -94.17
CA MET C 375 63.96 48.82 -94.12
C MET C 375 64.40 49.39 -95.49
N VAL C 376 63.90 48.89 -96.60
CA VAL C 376 64.14 49.57 -97.89
C VAL C 376 63.24 50.80 -97.98
N LEU C 377 61.98 50.60 -97.64
CA LEU C 377 60.95 51.60 -97.94
C LEU C 377 61.00 52.75 -96.95
N LEU C 378 61.57 52.59 -95.77
CA LEU C 378 61.79 53.71 -94.85
C LEU C 378 62.75 54.73 -95.44
N GLN C 379 63.67 54.30 -96.29
CA GLN C 379 64.71 55.18 -96.82
C GLN C 379 64.04 56.24 -97.67
N ASP C 380 64.15 57.50 -97.26
CA ASP C 380 63.46 58.63 -97.91
C ASP C 380 64.12 58.91 -99.27
N PRO C 381 63.38 59.36 -100.29
CA PRO C 381 64.03 59.73 -101.54
C PRO C 381 64.59 61.14 -101.59
N GLN C 382 64.33 61.99 -100.58
CA GLN C 382 65.10 63.23 -100.41
C GLN C 382 66.60 62.92 -100.36
N ASP C 383 66.96 61.86 -99.64
CA ASP C 383 68.36 61.49 -99.40
C ASP C 383 69.05 61.00 -100.67
N ILE C 384 68.29 60.50 -101.63
CA ILE C 384 68.86 59.85 -102.83
C ILE C 384 68.83 60.86 -103.97
N PRO C 385 69.79 60.83 -104.91
CA PRO C 385 69.67 61.63 -106.13
C PRO C 385 68.47 61.22 -107.00
N ARG C 386 67.90 62.19 -107.70
CA ARG C 386 66.72 61.99 -108.57
C ARG C 386 66.99 60.89 -109.60
N GLY C 387 68.25 60.71 -110.04
CA GLY C 387 68.63 59.72 -111.05
C GLY C 387 68.72 58.30 -110.53
N HIS C 388 68.98 58.13 -109.23
CA HIS C 388 69.16 56.79 -108.60
C HIS C 388 67.87 56.23 -107.99
N TRP C 389 66.71 56.86 -108.26
CA TRP C 389 65.40 56.35 -107.81
C TRP C 389 65.02 55.10 -108.58
N LEU C 390 65.43 55.03 -109.83
CA LEU C 390 65.08 53.90 -110.71
C LEU C 390 65.62 52.59 -110.13
N GLN C 391 66.88 52.59 -109.71
CA GLN C 391 67.53 51.36 -109.23
C GLN C 391 66.81 50.87 -107.98
N THR C 392 66.48 51.81 -107.10
CA THR C 392 65.84 51.48 -105.83
C THR C 392 64.46 50.90 -106.05
N LEU C 393 63.67 51.53 -106.93
CA LEU C 393 62.34 50.98 -107.26
C LEU C 393 62.47 49.60 -107.87
N LYS C 394 63.43 49.43 -108.77
CA LYS C 394 63.63 48.15 -109.45
C LYS C 394 64.03 47.08 -108.44
N HIS C 395 64.65 47.47 -107.33
CA HIS C 395 64.97 46.55 -106.23
C HIS C 395 63.73 46.23 -105.41
N ILE C 396 62.93 47.25 -105.11
CA ILE C 396 61.68 47.05 -104.34
C ILE C 396 60.77 46.08 -105.10
N SER C 397 60.71 46.21 -106.42
CA SER C 397 59.86 45.34 -107.23
C SER C 397 60.29 43.90 -107.05
N GLU C 398 61.60 43.68 -107.03
CA GLU C 398 62.15 42.33 -106.85
C GLU C 398 61.69 41.76 -105.52
N LEU C 399 61.80 42.55 -104.46
CA LEU C 399 61.42 42.07 -103.12
C LEU C 399 59.93 41.81 -103.00
N LEU C 400 59.08 42.68 -103.54
CA LEU C 400 57.63 42.42 -103.52
C LEU C 400 57.28 41.17 -104.35
N ARG C 401 57.85 41.03 -105.54
CA ARG C 401 57.62 39.87 -106.39
C ARG C 401 58.04 38.60 -105.65
N GLU C 402 59.20 38.60 -104.99
CA GLU C 402 59.64 37.43 -104.22
C GLU C 402 58.64 37.15 -103.12
N ALA C 403 58.16 38.18 -102.44
CA ALA C 403 57.32 37.97 -101.26
C ALA C 403 55.92 37.51 -101.64
N VAL C 404 55.45 37.88 -102.82
CA VAL C 404 54.09 37.52 -103.26
C VAL C 404 54.14 36.17 -103.96
N GLU C 405 54.86 36.11 -105.07
CA GLU C 405 54.82 34.93 -105.99
C GLU C 405 55.42 33.70 -105.33
N ASP C 406 56.60 33.81 -104.71
CA ASP C 406 57.25 32.72 -103.97
C ASP C 406 56.77 32.72 -102.51
N GLN C 407 55.44 32.64 -102.33
CA GLN C 407 54.81 32.68 -101.00
C GLN C 407 55.05 31.34 -100.33
N THR C 408 56.23 31.22 -99.72
CA THR C 408 56.65 30.06 -98.94
C THR C 408 56.70 30.45 -97.47
N HIS C 409 56.88 29.44 -96.61
CA HIS C 409 56.96 29.63 -95.15
C HIS C 409 58.16 30.49 -94.80
N GLY C 410 58.00 31.36 -93.81
CA GLY C 410 59.03 32.35 -93.42
C GLY C 410 58.95 33.56 -94.33
N SER C 411 57.77 34.14 -94.45
CA SER C 411 57.52 35.28 -95.35
C SER C 411 56.23 35.97 -94.90
N CYS C 412 55.72 36.88 -95.74
CA CYS C 412 54.45 37.59 -95.50
C CYS C 412 53.30 36.59 -95.29
N GLY C 413 52.17 37.11 -94.79
CA GLY C 413 50.93 36.34 -94.73
C GLY C 413 50.24 36.21 -96.08
N GLY C 414 50.61 37.06 -97.06
CA GLY C 414 49.92 37.11 -98.35
C GLY C 414 50.28 38.33 -99.19
N PRO C 415 49.59 38.50 -100.34
CA PRO C 415 49.83 39.65 -101.20
C PRO C 415 49.25 40.96 -100.68
N PHE C 416 48.06 40.88 -100.11
CA PHE C 416 47.41 42.04 -99.52
C PHE C 416 48.27 42.65 -98.44
N GLU C 417 48.98 41.85 -97.67
CA GLU C 417 49.80 42.42 -96.59
C GLU C 417 50.99 43.18 -97.14
N SER C 418 51.69 42.61 -98.10
CA SER C 418 52.79 43.32 -98.74
C SER C 418 52.30 44.59 -99.44
N TRP C 419 51.09 44.55 -99.97
CA TRP C 419 50.52 45.74 -100.60
C TRP C 419 50.23 46.79 -99.55
N PHE C 420 49.56 46.40 -98.50
CA PHE C 420 49.16 47.34 -97.45
C PHE C 420 50.41 48.00 -96.85
N LEU C 421 51.50 47.25 -96.74
CA LEU C 421 52.75 47.89 -96.35
C LEU C 421 53.16 48.86 -97.44
N PHE C 422 53.38 48.37 -98.65
CA PHE C 422 53.94 49.19 -99.75
C PHE C 422 53.20 50.55 -99.94
N ILE C 423 51.97 50.56 -99.55
CA ILE C 423 51.10 51.74 -99.61
C ILE C 423 51.38 52.73 -98.52
N HIS C 424 51.88 52.26 -97.38
CA HIS C 424 52.21 53.17 -96.28
C HIS C 424 53.31 54.16 -96.67
N PHE C 425 54.13 53.85 -97.67
CA PHE C 425 55.34 54.64 -97.96
C PHE C 425 55.13 55.25 -99.32
N GLY C 426 54.59 56.45 -99.30
CA GLY C 426 54.51 57.28 -100.49
C GLY C 426 55.90 57.69 -100.95
N GLY C 427 55.94 58.49 -101.99
CA GLY C 427 57.18 58.72 -102.69
C GLY C 427 57.43 57.58 -103.65
N TRP C 428 57.71 56.40 -103.10
CA TRP C 428 58.05 55.24 -103.91
C TRP C 428 56.85 54.80 -104.73
N ALA C 429 55.75 54.53 -104.08
CA ALA C 429 54.56 53.96 -104.77
C ALA C 429 54.08 54.86 -105.92
N GLU C 430 54.23 56.18 -105.78
CA GLU C 430 53.71 57.16 -106.74
C GLU C 430 54.73 57.49 -107.83
N MET C 431 56.01 57.32 -107.54
CA MET C 431 57.08 57.70 -108.48
C MET C 431 57.15 56.74 -109.67
N VAL C 432 56.32 55.70 -109.72
CA VAL C 432 56.59 54.57 -110.64
C VAL C 432 56.36 55.05 -112.06
N ALA C 433 55.18 55.57 -112.32
CA ALA C 433 54.80 55.99 -113.66
C ALA C 433 55.71 57.08 -114.19
N GLU C 434 56.05 58.05 -113.35
CA GLU C 434 56.88 59.17 -113.79
C GLU C 434 58.27 58.69 -114.20
N GLN C 435 58.73 57.53 -113.71
CA GLN C 435 60.00 56.93 -114.16
C GLN C 435 59.77 56.09 -115.42
N LEU C 436 58.58 55.54 -115.60
CA LEU C 436 58.26 54.82 -116.85
C LEU C 436 58.31 55.77 -118.03
N LEU C 437 57.74 56.96 -117.88
CA LEU C 437 57.72 57.94 -118.98
C LEU C 437 59.15 58.35 -119.31
N MET C 438 60.00 58.51 -118.28
CA MET C 438 61.40 58.89 -118.52
C MET C 438 62.15 57.77 -119.25
N SER C 439 61.73 56.51 -119.07
CA SER C 439 62.31 55.34 -119.74
C SER C 439 61.24 54.60 -120.58
N ALA C 440 60.31 55.36 -121.17
CA ALA C 440 59.22 54.79 -121.97
C ALA C 440 59.79 54.02 -123.16
N ALA C 441 60.89 54.50 -123.73
CA ALA C 441 61.71 53.72 -124.66
C ALA C 441 62.32 52.56 -123.86
N GLU C 442 61.97 51.32 -124.23
CA GLU C 442 62.39 50.10 -123.51
C GLU C 442 61.96 50.21 -122.04
N PRO C 443 60.67 50.01 -121.73
CA PRO C 443 60.22 50.09 -120.34
C PRO C 443 60.76 48.94 -119.52
N PRO C 444 61.19 49.15 -118.26
CA PRO C 444 61.58 48.05 -117.39
C PRO C 444 60.41 47.21 -116.90
N THR C 445 60.54 45.90 -117.11
CA THR C 445 59.46 44.93 -116.80
C THR C 445 59.20 44.93 -115.29
N ALA C 446 60.24 45.16 -114.48
CA ALA C 446 60.06 45.18 -113.01
C ALA C 446 59.18 46.36 -112.59
N LEU C 447 59.35 47.51 -113.23
CA LEU C 447 58.50 48.66 -112.92
C LEU C 447 57.09 48.39 -113.39
N LEU C 448 56.93 47.77 -114.56
CA LEU C 448 55.57 47.42 -115.04
C LEU C 448 54.92 46.50 -114.02
N TRP C 449 55.70 45.58 -113.47
CA TRP C 449 55.16 44.63 -112.49
C TRP C 449 54.72 45.38 -111.25
N LEU C 450 55.54 46.32 -110.81
CA LEU C 450 55.24 47.07 -109.59
C LEU C 450 53.99 47.88 -109.80
N LEU C 451 53.85 48.48 -110.96
CA LEU C 451 52.71 49.33 -111.25
C LEU C 451 51.43 48.52 -111.28
N ALA C 452 51.48 47.38 -111.97
CA ALA C 452 50.33 46.47 -112.03
C ALA C 452 49.99 45.97 -110.63
N PHE C 453 51.01 45.76 -109.79
CA PHE C 453 50.78 45.32 -108.40
C PHE C 453 50.07 46.41 -107.59
N TYR C 454 50.53 47.64 -107.77
CA TYR C 454 49.99 48.81 -107.08
C TYR C 454 48.53 48.92 -107.39
N TYR C 455 48.17 48.94 -108.69
CA TYR C 455 46.76 49.22 -109.06
C TYR C 455 45.92 47.98 -108.92
N GLY C 456 46.53 46.80 -108.82
CA GLY C 456 45.78 45.58 -108.52
C GLY C 456 46.65 44.46 -107.97
N PRO C 457 46.50 44.12 -106.70
CA PRO C 457 46.94 42.81 -106.21
C PRO C 457 45.79 41.80 -106.33
N ARG C 458 46.07 40.56 -105.95
CA ARG C 458 45.10 39.45 -106.05
C ARG C 458 44.60 39.28 -107.48
N ASP C 459 45.51 39.16 -108.43
CA ASP C 459 45.18 39.12 -109.86
C ASP C 459 45.66 37.82 -110.52
N GLY C 460 46.85 37.36 -110.14
CA GLY C 460 47.47 36.18 -110.74
C GLY C 460 48.33 36.56 -111.92
N ARG C 461 49.35 35.76 -112.16
CA ARG C 461 50.38 36.05 -113.18
C ARG C 461 49.76 36.16 -114.57
N GLN C 462 48.75 35.35 -114.85
CA GLN C 462 48.06 35.38 -116.16
C GLN C 462 47.41 36.75 -116.39
N GLN C 463 46.81 37.33 -115.36
CA GLN C 463 46.21 38.68 -115.47
C GLN C 463 47.32 39.72 -115.55
N ARG C 464 48.35 39.54 -114.75
CA ARG C 464 49.42 40.55 -114.61
C ARG C 464 50.18 40.71 -115.90
N ALA C 465 50.42 39.61 -116.61
CA ALA C 465 51.16 39.68 -117.88
C ALA C 465 50.36 40.48 -118.91
N GLN C 466 49.07 40.19 -119.03
CA GLN C 466 48.19 40.93 -119.98
C GLN C 466 48.20 42.41 -119.63
N THR C 467 48.09 42.73 -118.34
CA THR C 467 48.08 44.13 -117.89
C THR C 467 49.39 44.80 -118.29
N MET C 468 50.51 44.13 -118.05
CA MET C 468 51.83 44.72 -118.32
C MET C 468 52.01 44.96 -119.83
N VAL C 469 51.58 44.03 -120.67
CA VAL C 469 51.78 44.20 -122.12
C VAL C 469 50.86 45.30 -122.65
N GLN C 470 49.67 45.41 -122.09
CA GLN C 470 48.78 46.54 -122.42
C GLN C 470 49.49 47.85 -122.12
N VAL C 471 50.06 47.94 -120.93
CA VAL C 471 50.74 49.16 -120.50
C VAL C 471 51.93 49.44 -121.41
N LYS C 472 52.61 48.40 -121.86
CA LYS C 472 53.80 48.56 -122.71
C LYS C 472 53.38 49.13 -124.07
N ALA C 473 52.32 48.60 -124.65
CA ALA C 473 51.78 49.14 -125.92
C ALA C 473 51.39 50.60 -125.74
N VAL C 474 50.75 50.91 -124.60
CA VAL C 474 50.30 52.29 -124.32
C VAL C 474 51.53 53.20 -124.23
N LEU C 475 52.60 52.73 -123.60
CA LEU C 475 53.82 53.54 -123.49
C LEU C 475 54.43 53.77 -124.86
N GLY C 476 54.41 52.75 -125.72
CA GLY C 476 54.88 52.92 -127.10
C GLY C 476 54.13 54.01 -127.82
N HIS C 477 52.81 53.96 -127.75
CA HIS C 477 51.96 54.97 -128.42
C HIS C 477 52.23 56.35 -127.84
N LEU C 478 52.37 56.44 -126.51
CA LEU C 478 52.52 57.76 -125.86
C LEU C 478 53.88 58.35 -126.17
N LEU C 479 54.93 57.53 -126.20
CA LEU C 479 56.28 58.01 -126.57
C LEU C 479 56.25 58.50 -128.02
N ALA C 480 55.58 57.75 -128.91
CA ALA C 480 55.41 58.19 -130.31
C ALA C 480 54.73 59.55 -130.36
N MET C 481 53.67 59.72 -129.56
CA MET C 481 52.87 60.95 -129.59
C MET C 481 53.68 62.12 -129.03
N SER C 482 54.52 61.86 -128.03
CA SER C 482 55.33 62.92 -127.41
C SER C 482 56.44 63.35 -128.35
N ARG C 483 57.14 62.39 -128.96
CA ARG C 483 58.21 62.73 -129.92
C ARG C 483 57.63 63.27 -131.22
N SER C 484 56.34 63.07 -131.48
CA SER C 484 55.61 63.83 -132.51
C SER C 484 55.37 65.25 -132.01
N SER C 485 54.69 66.06 -132.82
CA SER C 485 54.35 67.46 -132.47
C SER C 485 53.25 67.47 -131.39
N SER C 486 52.74 68.66 -131.07
CA SER C 486 51.60 68.83 -130.14
C SER C 486 50.32 68.42 -130.87
N LEU C 487 49.77 67.26 -130.52
CA LEU C 487 48.64 66.63 -131.23
C LEU C 487 47.37 66.70 -130.36
N SER C 488 46.29 66.12 -130.88
CA SER C 488 44.92 66.25 -130.33
C SER C 488 44.76 65.49 -129.01
N ALA C 489 43.52 65.42 -128.54
CA ALA C 489 43.10 64.64 -127.37
C ALA C 489 42.35 63.35 -127.76
N GLN C 490 41.83 63.26 -128.99
CA GLN C 490 41.07 62.08 -129.42
C GLN C 490 42.01 60.89 -129.61
N ASP C 491 43.20 61.15 -130.16
CA ASP C 491 44.29 60.15 -130.26
C ASP C 491 44.61 59.54 -128.89
N LEU C 492 44.51 60.33 -127.81
CA LEU C 492 44.71 59.80 -126.44
C LEU C 492 43.46 59.07 -125.95
N GLN C 493 42.28 59.59 -126.27
CA GLN C 493 41.03 58.93 -125.86
C GLN C 493 40.90 57.55 -126.52
N THR C 494 41.52 57.36 -127.69
CA THR C 494 41.54 56.04 -128.34
C THR C 494 42.15 55.00 -127.40
N VAL C 495 43.40 55.21 -127.02
CA VAL C 495 44.10 54.30 -126.06
C VAL C 495 43.38 54.28 -124.71
N ALA C 496 42.77 55.40 -124.30
CA ALA C 496 41.99 55.45 -123.05
C ALA C 496 40.80 54.48 -123.10
N GLY C 497 40.21 54.26 -124.27
CA GLY C 497 39.04 53.39 -124.45
C GLY C 497 39.37 51.90 -124.35
N ALA C 506 36.27 47.94 -118.09
CA ALA C 506 37.58 47.26 -118.15
C ALA C 506 38.16 47.12 -116.74
N PRO C 507 39.10 46.16 -116.52
CA PRO C 507 39.76 46.04 -115.22
C PRO C 507 40.96 46.97 -115.05
N ALA C 508 41.59 47.39 -116.16
CA ALA C 508 42.69 48.36 -116.18
C ALA C 508 42.17 49.65 -116.81
N GLN C 509 41.55 50.48 -115.99
CA GLN C 509 41.07 51.82 -116.38
C GLN C 509 41.73 52.87 -115.50
N GLN C 510 41.74 52.65 -114.18
CA GLN C 510 42.32 53.61 -113.23
C GLN C 510 43.81 53.74 -113.46
N LEU C 511 44.46 52.61 -113.72
CA LEU C 511 45.88 52.59 -114.08
C LEU C 511 46.14 53.41 -115.34
N ILE C 512 45.31 53.25 -116.37
CA ILE C 512 45.58 53.96 -117.64
C ILE C 512 45.29 55.43 -117.44
N ARG C 513 44.23 55.75 -116.70
CA ARG C 513 43.90 57.15 -116.39
C ARG C 513 45.08 57.84 -115.71
N HIS C 514 45.62 57.19 -114.68
CA HIS C 514 46.70 57.79 -113.87
C HIS C 514 47.94 57.94 -114.72
N LEU C 515 48.25 56.92 -115.49
CA LEU C 515 49.43 56.97 -116.38
C LEU C 515 49.28 58.11 -117.38
N LEU C 516 48.07 58.32 -117.88
CA LEU C 516 47.85 59.37 -118.87
C LEU C 516 47.95 60.75 -118.25
N LEU C 517 47.45 60.91 -117.02
CA LEU C 517 47.64 62.17 -116.28
C LEU C 517 49.13 62.48 -116.07
N ASN C 518 49.90 61.48 -115.64
CA ASN C 518 51.35 61.68 -115.49
C ASN C 518 51.97 62.05 -116.84
N PHE C 519 51.48 61.48 -117.93
CA PHE C 519 51.95 61.87 -119.28
C PHE C 519 51.68 63.36 -119.52
N LEU C 520 50.46 63.80 -119.20
CA LEU C 520 50.10 65.22 -119.38
C LEU C 520 51.04 66.12 -118.60
N LEU C 521 51.25 65.82 -117.33
CA LEU C 521 52.07 66.70 -116.47
C LEU C 521 53.54 66.65 -116.90
N TRP C 522 53.99 65.54 -117.48
CA TRP C 522 55.41 65.34 -117.77
C TRP C 522 55.77 65.96 -119.11
N ALA C 523 55.06 65.58 -120.17
CA ALA C 523 55.44 65.96 -121.54
C ALA C 523 55.25 67.46 -121.72
N PRO C 524 56.14 68.14 -122.49
CA PRO C 524 55.94 69.56 -122.79
C PRO C 524 54.81 69.80 -123.79
N GLY C 525 54.36 68.75 -124.49
CA GLY C 525 53.15 68.80 -125.32
C GLY C 525 51.89 69.10 -124.52
N GLY C 526 51.91 68.88 -123.20
CA GLY C 526 50.81 69.27 -122.30
C GLY C 526 50.63 70.77 -122.22
N HIS C 527 49.89 71.23 -121.20
CA HIS C 527 49.53 72.65 -120.96
C HIS C 527 48.85 73.30 -122.18
N THR C 528 48.37 72.50 -123.13
CA THR C 528 47.65 72.97 -124.34
C THR C 528 46.36 72.17 -124.53
N ILE C 529 46.38 70.87 -124.23
CA ILE C 529 45.27 69.92 -124.52
C ILE C 529 44.89 69.14 -123.27
N ALA C 530 45.27 69.61 -122.09
CA ALA C 530 44.95 68.92 -120.83
C ALA C 530 43.44 68.95 -120.61
N TRP C 531 42.83 70.14 -120.72
CA TRP C 531 41.37 70.34 -120.59
C TRP C 531 40.58 69.42 -121.51
N ASP C 532 41.04 69.26 -122.76
CA ASP C 532 40.31 68.49 -123.77
C ASP C 532 40.19 67.02 -123.34
N VAL C 533 41.16 66.51 -122.58
CA VAL C 533 41.17 65.12 -122.09
C VAL C 533 40.46 65.02 -120.75
N ILE C 534 40.66 66.02 -119.89
CA ILE C 534 40.08 66.04 -118.53
C ILE C 534 38.55 66.03 -118.63
N THR C 535 38.00 66.90 -119.49
CA THR C 535 36.54 67.03 -119.70
C THR C 535 35.96 65.69 -120.16
N LEU C 536 36.65 65.01 -121.07
CA LEU C 536 36.18 63.71 -121.60
C LEU C 536 36.28 62.61 -120.53
N MET C 537 37.33 62.64 -119.71
CA MET C 537 37.53 61.60 -118.68
C MET C 537 36.57 61.81 -117.51
N ALA C 538 36.31 63.06 -117.13
CA ALA C 538 35.45 63.39 -115.98
C ALA C 538 33.98 63.27 -116.40
N HIS C 539 33.53 62.03 -116.65
CA HIS C 539 32.11 61.72 -116.90
C HIS C 539 31.32 62.07 -115.66
N THR C 540 31.64 61.39 -114.56
CA THR C 540 30.92 61.49 -113.28
C THR C 540 31.64 62.48 -112.39
N ALA C 541 31.20 62.56 -111.13
CA ALA C 541 31.87 63.33 -110.07
C ALA C 541 32.94 62.49 -109.37
N GLU C 542 32.80 61.16 -109.39
CA GLU C 542 33.79 60.28 -108.74
C GLU C 542 35.11 60.39 -109.48
N ILE C 543 35.06 60.41 -110.81
CA ILE C 543 36.29 60.56 -111.62
C ILE C 543 36.90 61.93 -111.36
N THR C 544 36.05 62.93 -111.12
CA THR C 544 36.56 64.28 -110.84
C THR C 544 37.30 64.29 -109.50
N HIS C 545 36.67 63.74 -108.47
CA HIS C 545 37.31 63.62 -107.15
C HIS C 545 38.63 62.86 -107.27
N GLU C 546 38.63 61.79 -108.06
CA GLU C 546 39.82 60.95 -108.25
C GLU C 546 40.94 61.77 -108.88
N ILE C 547 40.63 62.56 -109.89
CA ILE C 547 41.66 63.37 -110.56
C ILE C 547 42.13 64.48 -109.63
N ILE C 548 41.23 65.07 -108.87
CA ILE C 548 41.61 66.10 -107.88
C ILE C 548 42.60 65.50 -106.86
N GLY C 549 42.27 64.32 -106.36
CA GLY C 549 43.12 63.64 -105.40
C GLY C 549 44.48 63.38 -106.00
N PHE C 550 44.50 62.91 -107.25
CA PHE C 550 45.74 62.69 -107.97
C PHE C 550 46.59 63.97 -107.97
N LEU C 551 45.97 65.08 -108.31
CA LEU C 551 46.75 66.31 -108.50
C LEU C 551 47.22 66.89 -107.18
N ASP C 552 46.39 66.83 -106.16
CA ASP C 552 46.81 67.30 -104.81
C ASP C 552 47.98 66.46 -104.30
N GLN C 553 47.83 65.15 -104.39
CA GLN C 553 48.89 64.20 -104.00
C GLN C 553 50.17 64.53 -104.76
N THR C 554 50.05 64.83 -106.04
CA THR C 554 51.23 65.08 -106.89
C THR C 554 51.92 66.37 -106.48
N LEU C 555 51.18 67.40 -106.16
CA LEU C 555 51.81 68.66 -105.76
C LEU C 555 52.43 68.58 -104.38
N TYR C 556 51.74 67.94 -103.43
CA TYR C 556 52.32 67.61 -102.12
C TYR C 556 53.63 66.87 -102.30
N ARG C 557 53.61 65.85 -103.16
CA ARG C 557 54.80 65.04 -103.43
C ARG C 557 55.93 65.90 -103.96
N TRP C 558 55.65 66.73 -104.95
CA TRP C 558 56.72 67.54 -105.57
C TRP C 558 57.27 68.56 -104.59
N ASN C 559 56.39 69.30 -103.92
CA ASN C 559 56.81 70.35 -102.97
C ASN C 559 57.60 69.73 -101.81
N ARG C 560 57.27 68.50 -101.46
CA ARG C 560 58.04 67.76 -100.43
C ARG C 560 59.42 67.39 -100.94
N LEU C 561 59.51 66.65 -102.05
CA LEU C 561 60.82 66.24 -102.57
C LEU C 561 61.63 67.40 -103.16
N GLY C 562 61.06 68.60 -103.29
CA GLY C 562 61.76 69.76 -103.87
C GLY C 562 62.06 69.55 -105.35
N ILE C 563 61.38 68.61 -105.99
CA ILE C 563 61.51 68.33 -107.44
C ILE C 563 60.32 69.02 -108.09
N GLU C 564 60.61 69.88 -109.08
CA GLU C 564 59.58 70.72 -109.69
C GLU C 564 60.05 71.21 -111.05
N SER C 565 59.14 71.17 -112.03
CA SER C 565 59.20 71.95 -113.28
C SER C 565 58.05 72.95 -113.23
N PRO C 566 58.30 74.28 -113.19
CA PRO C 566 57.22 75.22 -112.86
C PRO C 566 56.04 75.20 -113.84
N ARG C 567 56.29 74.80 -115.08
CA ARG C 567 55.23 74.54 -116.08
C ARG C 567 54.18 73.60 -115.50
N SER C 568 54.62 72.41 -115.10
CA SER C 568 53.72 71.37 -114.59
C SER C 568 53.06 71.84 -113.30
N GLU C 569 53.79 72.56 -112.45
CA GLU C 569 53.22 73.07 -111.19
C GLU C 569 52.04 74.00 -111.48
N LYS C 570 52.26 75.03 -112.29
CA LYS C 570 51.19 76.01 -112.57
C LYS C 570 50.04 75.32 -113.31
N LEU C 571 50.35 74.42 -114.23
CA LEU C 571 49.32 73.67 -114.99
C LEU C 571 48.42 72.91 -114.02
N ALA C 572 49.03 72.12 -113.14
CA ALA C 572 48.28 71.29 -112.19
C ALA C 572 47.48 72.16 -111.23
N ARG C 573 48.08 73.27 -110.79
CA ARG C 573 47.38 74.16 -109.86
C ARG C 573 46.15 74.77 -110.52
N GLU C 574 46.27 75.18 -111.79
CA GLU C 574 45.14 75.78 -112.51
C GLU C 574 44.03 74.75 -112.71
N LEU C 575 44.39 73.55 -113.16
CA LEU C 575 43.40 72.48 -113.36
C LEU C 575 42.70 72.16 -112.04
N LEU C 576 43.45 72.06 -110.96
CA LEU C 576 42.88 71.76 -109.65
C LEU C 576 41.91 72.87 -109.24
N LYS C 577 42.32 74.12 -109.44
CA LYS C 577 41.50 75.29 -109.08
C LYS C 577 40.15 75.22 -109.80
N GLU C 578 40.18 74.94 -111.10
CA GLU C 578 38.95 74.99 -111.90
C GLU C 578 38.10 73.76 -111.69
N LEU C 579 38.70 72.60 -111.44
CA LEU C 579 37.96 71.34 -111.24
C LEU C 579 37.35 71.24 -109.85
N ARG C 580 37.91 71.94 -108.86
CA ARG C 580 37.33 71.93 -107.51
C ARG C 580 35.95 72.61 -107.49
N THR C 581 35.62 73.43 -108.49
CA THR C 581 34.28 74.03 -108.65
C THR C 581 33.29 73.01 -109.23
N GLN C 582 33.70 72.27 -110.27
CA GLN C 582 32.85 71.25 -110.92
C GLN C 582 32.57 70.10 -109.95
N VAL C 583 33.60 69.66 -109.22
CA VAL C 583 33.56 68.52 -108.27
C VAL C 583 33.17 67.25 -109.04
N GLU D 31 46.68 47.31 -41.02
CA GLU D 31 45.23 46.98 -41.18
C GLU D 31 44.90 46.89 -42.67
N GLY D 32 44.91 48.05 -43.36
CA GLY D 32 44.55 48.18 -44.77
C GLY D 32 45.76 48.31 -45.68
N VAL D 33 46.95 47.94 -45.20
CA VAL D 33 48.16 47.84 -46.04
C VAL D 33 47.98 46.64 -46.98
N GLU D 34 48.27 46.85 -48.24
CA GLU D 34 48.18 45.82 -49.28
C GLU D 34 49.59 45.59 -49.81
N PRO D 35 50.09 44.36 -49.91
CA PRO D 35 51.41 44.14 -50.50
C PRO D 35 51.29 44.14 -52.02
N ALA D 36 52.40 44.40 -52.67
CA ALA D 36 52.41 44.38 -54.14
C ALA D 36 52.22 42.95 -54.64
N PRO D 37 51.36 42.71 -55.63
CA PRO D 37 51.09 41.35 -56.09
C PRO D 37 52.25 40.66 -56.77
N TRP D 38 53.30 41.39 -57.08
CA TRP D 38 54.55 40.78 -57.51
C TRP D 38 55.52 40.59 -56.34
N ALA D 39 55.05 40.51 -55.10
CA ALA D 39 55.98 40.38 -53.97
C ALA D 39 56.69 39.04 -54.00
N GLN D 40 55.98 37.97 -54.36
CA GLN D 40 56.48 36.61 -54.15
C GLN D 40 57.20 36.10 -55.40
N LEU D 41 57.55 36.96 -56.36
CA LEU D 41 58.13 36.51 -57.64
C LEU D 41 59.63 36.71 -57.62
N GLU D 42 60.28 35.98 -58.53
CA GLU D 42 61.68 36.13 -58.96
C GLU D 42 62.04 37.62 -59.12
N ALA D 43 63.12 38.07 -58.50
CA ALA D 43 63.54 39.48 -58.46
C ALA D 43 63.56 40.16 -59.83
N PRO D 44 64.12 39.59 -60.90
CA PRO D 44 64.10 40.28 -62.19
C PRO D 44 62.70 40.51 -62.75
N ALA D 45 61.83 39.54 -62.59
CA ALA D 45 60.44 39.72 -62.97
C ALA D 45 59.84 40.83 -62.15
N ARG D 46 60.22 40.90 -60.90
CA ARG D 46 59.72 41.97 -60.03
C ARG D 46 60.15 43.31 -60.56
N LEU D 47 61.37 43.38 -61.05
CA LEU D 47 61.92 44.63 -61.54
C LEU D 47 61.21 45.02 -62.83
N LEU D 48 60.99 44.05 -63.69
CA LEU D 48 60.23 44.30 -64.95
C LEU D 48 58.84 44.83 -64.67
N LEU D 49 58.12 44.17 -63.80
CA LEU D 49 56.76 44.59 -63.50
C LEU D 49 56.77 45.89 -62.68
N GLN D 50 57.88 46.25 -62.08
CA GLN D 50 57.96 47.55 -61.39
C GLN D 50 58.16 48.62 -62.44
N ALA D 51 58.89 48.29 -63.49
CA ALA D 51 59.20 49.27 -64.52
C ALA D 51 58.01 49.58 -65.39
N LEU D 52 57.27 48.56 -65.76
CA LEU D 52 56.13 48.72 -66.69
C LEU D 52 55.05 49.50 -66.06
N GLN D 53 55.01 49.58 -64.76
CA GLN D 53 54.03 50.39 -64.04
C GLN D 53 54.06 51.86 -64.43
N ALA D 54 55.16 52.35 -64.98
CA ALA D 54 55.50 53.80 -65.03
C ALA D 54 55.01 54.48 -66.30
N GLY D 55 53.72 54.39 -66.55
CA GLY D 55 53.04 55.16 -67.60
C GLY D 55 53.33 54.62 -68.98
N PRO D 56 53.10 55.43 -70.00
CA PRO D 56 53.34 55.02 -71.37
C PRO D 56 54.77 54.73 -71.73
N GLU D 57 55.71 55.31 -71.01
CA GLU D 57 57.11 54.92 -71.19
C GLU D 57 57.43 53.62 -70.46
N GLY D 58 56.42 52.93 -69.94
CA GLY D 58 56.55 51.61 -69.33
C GLY D 58 57.09 50.53 -70.26
N ALA D 59 56.66 50.47 -71.51
CA ALA D 59 57.17 49.41 -72.37
C ALA D 59 58.61 49.69 -72.77
N ARG D 60 58.97 50.92 -73.13
CA ARG D 60 60.39 51.14 -73.41
C ARG D 60 61.23 50.78 -72.19
N ARG D 61 60.75 51.13 -71.02
CA ARG D 61 61.51 50.79 -69.84
C ARG D 61 61.61 49.29 -69.66
N GLY D 62 60.59 48.54 -70.04
CA GLY D 62 60.69 47.10 -70.07
C GLY D 62 61.79 46.61 -70.97
N LEU D 63 61.96 47.22 -72.12
CA LEU D 63 63.06 46.79 -72.99
C LEU D 63 64.42 47.09 -72.36
N GLY D 64 64.54 48.26 -71.72
CA GLY D 64 65.80 48.61 -71.07
C GLY D 64 66.11 47.64 -69.97
N VAL D 65 65.07 47.21 -69.28
CA VAL D 65 65.26 46.20 -68.25
C VAL D 65 65.76 44.91 -68.86
N LEU D 66 65.23 44.49 -69.98
CA LEU D 66 65.69 43.20 -70.48
C LEU D 66 67.11 43.27 -71.00
N ARG D 67 67.53 44.39 -71.58
CA ARG D 67 68.96 44.48 -71.94
C ARG D 67 69.84 44.52 -70.68
N ALA D 68 69.37 45.14 -69.61
CA ALA D 68 70.07 45.16 -68.32
C ALA D 68 69.95 43.85 -67.55
N LEU D 69 69.51 42.78 -68.16
CA LEU D 69 69.64 41.45 -67.57
C LEU D 69 70.33 40.51 -68.53
N GLY D 70 70.29 40.78 -69.83
CA GLY D 70 71.30 40.23 -70.75
C GLY D 70 72.71 40.62 -70.32
N SER D 71 72.88 41.80 -69.72
CA SER D 71 74.20 42.31 -69.29
C SER D 71 74.68 41.59 -68.03
N ARG D 72 73.76 41.20 -67.15
CA ARG D 72 74.10 40.64 -65.83
C ARG D 72 74.28 39.12 -65.92
N GLY D 73 74.65 38.51 -64.80
CA GLY D 73 75.04 37.10 -64.68
C GLY D 73 74.04 36.12 -65.28
N TRP D 74 72.74 36.42 -65.22
CA TRP D 74 71.67 35.55 -65.78
C TRP D 74 71.19 36.17 -67.08
N GLU D 75 71.96 35.89 -68.14
CA GLU D 75 71.73 36.40 -69.50
C GLU D 75 70.34 36.03 -70.04
N PRO D 76 69.80 34.82 -69.79
CA PRO D 76 68.41 34.54 -70.18
C PRO D 76 67.42 35.00 -69.10
N PHE D 77 66.21 35.32 -69.54
CA PHE D 77 65.09 35.76 -68.69
C PHE D 77 63.95 34.73 -68.80
N ASP D 78 63.43 34.28 -67.65
CA ASP D 78 62.61 33.04 -67.61
C ASP D 78 61.15 33.36 -67.89
N TRP D 79 60.87 33.69 -69.16
CA TRP D 79 59.51 34.04 -69.60
C TRP D 79 58.56 32.92 -69.23
N GLY D 80 59.02 31.69 -69.33
CA GLY D 80 58.18 30.53 -69.06
C GLY D 80 57.76 30.44 -67.62
N ARG D 81 58.52 31.07 -66.72
CA ARG D 81 58.14 31.13 -65.31
C ARG D 81 57.21 32.31 -65.06
N LEU D 82 57.49 33.44 -65.68
CA LEU D 82 56.63 34.60 -65.54
C LEU D 82 55.27 34.31 -66.15
N LEU D 83 55.19 33.58 -67.25
CA LEU D 83 53.87 33.35 -67.88
C LEU D 83 53.09 32.28 -67.15
N GLU D 84 53.70 31.54 -66.22
CA GLU D 84 52.91 30.72 -65.28
C GLU D 84 52.40 31.60 -64.17
N ALA D 85 53.24 32.47 -63.64
CA ALA D 85 52.84 33.35 -62.52
C ALA D 85 51.74 34.28 -62.95
N LEU D 86 51.69 34.60 -64.22
CA LEU D 86 50.68 35.53 -64.72
C LEU D 86 49.31 34.87 -64.74
N CYS D 87 49.26 33.54 -64.83
CA CYS D 87 48.02 32.76 -64.81
C CYS D 87 47.66 32.24 -63.43
N ARG D 88 48.61 32.21 -62.49
CA ARG D 88 48.35 31.72 -61.11
C ARG D 88 47.25 32.56 -60.46
N GLU D 89 46.40 31.90 -59.73
CA GLU D 89 45.19 32.54 -59.19
C GLU D 89 45.36 32.78 -57.71
N GLU D 90 44.76 33.85 -57.25
CA GLU D 90 44.62 34.13 -55.82
C GLU D 90 43.24 34.69 -55.58
N PRO D 91 42.77 34.75 -54.32
CA PRO D 91 41.42 35.23 -54.07
C PRO D 91 41.35 36.73 -53.88
N VAL D 92 40.21 37.28 -54.27
CA VAL D 92 39.83 38.67 -53.98
C VAL D 92 38.36 38.71 -53.67
N VAL D 93 37.97 39.81 -53.03
CA VAL D 93 36.57 40.06 -52.62
C VAL D 93 36.21 41.42 -53.19
N GLN D 94 35.54 41.43 -54.34
CA GLN D 94 35.13 42.65 -55.04
C GLN D 94 33.71 42.49 -55.57
N GLY D 95 33.12 43.63 -55.92
CA GLY D 95 31.73 43.74 -56.39
C GLY D 95 30.82 44.21 -55.26
N PRO D 96 30.01 43.32 -54.64
CA PRO D 96 29.38 43.65 -53.36
C PRO D 96 30.41 43.65 -52.23
N ASP D 97 29.93 43.90 -51.01
CA ASP D 97 30.77 43.77 -49.79
C ASP D 97 31.34 42.36 -49.70
N GLY D 98 30.49 41.35 -49.94
CA GLY D 98 30.87 39.94 -49.90
C GLY D 98 30.65 39.23 -51.23
N ARG D 99 31.74 38.87 -51.90
CA ARG D 99 31.73 37.85 -52.97
C ARG D 99 33.15 37.36 -53.20
N LEU D 100 33.41 36.09 -52.94
CA LEU D 100 34.75 35.50 -53.15
C LEU D 100 34.88 35.14 -54.61
N GLU D 101 35.96 35.60 -55.23
CA GLU D 101 36.27 35.23 -56.62
C GLU D 101 37.78 35.05 -56.73
N LEU D 102 38.17 34.28 -57.72
CA LEU D 102 39.57 33.90 -57.94
C LEU D 102 40.02 34.55 -59.23
N LYS D 103 41.02 35.39 -59.13
CA LYS D 103 41.55 36.16 -60.25
C LYS D 103 42.95 35.68 -60.52
N PRO D 104 43.41 35.64 -61.76
CA PRO D 104 44.82 35.43 -62.02
C PRO D 104 45.62 36.68 -61.81
N LEU D 105 46.94 36.65 -61.99
CA LEU D 105 47.75 37.85 -61.73
C LEU D 105 47.43 38.91 -62.76
N LEU D 106 47.46 38.56 -64.03
CA LEU D 106 47.24 39.53 -65.09
C LEU D 106 46.03 40.42 -64.83
N LEU D 107 45.03 39.98 -64.10
CA LEU D 107 43.88 40.84 -63.87
C LEU D 107 43.92 41.48 -62.49
N ARG D 108 44.99 41.25 -61.78
CA ARG D 108 45.15 41.66 -60.39
C ARG D 108 46.23 42.70 -60.26
N LEU D 109 47.07 42.87 -61.26
CA LEU D 109 48.16 43.85 -61.21
C LEU D 109 47.79 45.08 -61.98
N PRO D 110 48.40 46.22 -61.74
CA PRO D 110 47.86 47.50 -62.19
C PRO D 110 47.63 47.70 -63.67
N ARG D 111 46.52 48.30 -64.04
CA ARG D 111 46.08 48.28 -65.47
C ARG D 111 47.14 48.83 -66.45
N ILE D 112 47.96 49.76 -66.04
CA ILE D 112 49.04 50.17 -66.93
C ILE D 112 50.18 49.18 -67.02
N CYS D 113 50.44 48.43 -65.94
CA CYS D 113 51.35 47.27 -66.03
C CYS D 113 50.79 46.25 -67.05
N GLN D 114 49.48 46.05 -67.04
CA GLN D 114 48.88 45.14 -67.99
C GLN D 114 49.13 45.59 -69.40
N ARG D 115 48.81 46.81 -69.70
CA ARG D 115 48.90 47.21 -71.10
C ARG D 115 50.29 47.30 -71.65
N ASN D 116 51.20 47.68 -70.78
CA ASN D 116 52.60 47.73 -71.18
C ASN D 116 53.25 46.37 -71.18
N LEU D 117 52.78 45.43 -70.36
CA LEU D 117 53.10 44.01 -70.60
C LEU D 117 52.75 43.56 -72.00
N MET D 118 51.48 43.65 -72.34
CA MET D 118 51.05 43.01 -73.57
C MET D 118 51.74 43.68 -74.78
N SER D 119 52.01 44.96 -74.68
CA SER D 119 52.84 45.63 -75.67
C SER D 119 54.22 45.01 -75.73
N LEU D 120 54.82 44.73 -74.60
CA LEU D 120 56.16 44.13 -74.63
C LEU D 120 56.15 42.67 -75.14
N LEU D 121 55.05 41.95 -74.97
CA LEU D 121 54.92 40.61 -75.51
C LEU D 121 54.72 40.69 -77.02
N MET D 122 54.06 41.72 -77.54
CA MET D 122 54.12 41.92 -78.97
C MET D 122 55.55 42.09 -79.42
N ALA D 123 56.34 42.84 -78.67
CA ALA D 123 57.72 43.08 -79.09
C ALA D 123 58.58 41.82 -79.08
N VAL D 124 58.46 40.95 -78.09
CA VAL D 124 59.34 39.75 -78.03
C VAL D 124 58.56 38.44 -78.21
N ARG D 125 57.45 38.50 -78.94
CA ARG D 125 56.67 37.30 -79.28
C ARG D 125 57.53 36.12 -79.75
N PRO D 126 58.48 36.28 -80.70
CA PRO D 126 59.12 35.12 -81.28
C PRO D 126 59.86 34.24 -80.29
N SER D 127 60.37 34.83 -79.22
CA SER D 127 61.16 34.12 -78.20
C SER D 127 60.30 33.82 -76.97
N LEU D 128 59.05 33.41 -77.18
CA LEU D 128 58.11 33.06 -76.09
C LEU D 128 57.52 31.67 -76.30
N PRO D 129 57.26 30.89 -75.23
CA PRO D 129 56.57 29.60 -75.38
C PRO D 129 55.07 29.75 -75.64
N GLU D 130 54.56 29.05 -76.65
CA GLU D 130 53.16 29.20 -77.08
C GLU D 130 52.19 28.64 -76.04
N SER D 131 52.61 27.60 -75.32
CA SER D 131 51.77 26.94 -74.30
C SER D 131 51.38 27.92 -73.20
N GLY D 132 52.33 28.74 -72.77
CA GLY D 132 52.07 29.81 -71.79
C GLY D 132 51.28 30.93 -72.43
N LEU D 133 51.69 31.39 -73.61
CA LEU D 133 50.98 32.48 -74.27
C LEU D 133 49.49 32.19 -74.36
N LEU D 134 49.11 30.98 -74.77
CA LEU D 134 47.69 30.73 -75.02
C LEU D 134 46.91 30.78 -73.73
N SER D 135 47.51 30.32 -72.63
CA SER D 135 46.87 30.43 -71.31
C SER D 135 46.68 31.88 -70.92
N VAL D 136 47.56 32.74 -71.39
CA VAL D 136 47.46 34.19 -71.15
C VAL D 136 46.39 34.79 -72.01
N LEU D 137 46.42 34.47 -73.30
CA LEU D 137 45.45 35.08 -74.20
C LEU D 137 44.02 34.68 -73.84
N GLN D 138 43.84 33.48 -73.25
CA GLN D 138 42.51 33.04 -72.85
C GLN D 138 41.97 33.95 -71.75
N ILE D 139 42.86 34.45 -70.89
CA ILE D 139 42.46 35.37 -69.83
C ILE D 139 42.15 36.70 -70.42
N ALA D 140 43.03 37.19 -71.27
CA ALA D 140 42.85 38.48 -71.95
C ALA D 140 41.53 38.55 -72.72
N GLN D 141 41.12 37.46 -73.37
CA GLN D 141 39.84 37.37 -74.09
C GLN D 141 38.64 37.67 -73.20
N GLN D 142 38.72 37.35 -71.90
CA GLN D 142 37.72 37.74 -70.88
C GLN D 142 36.34 37.24 -71.28
N ASP D 143 36.31 36.05 -71.87
CA ASP D 143 35.08 35.36 -72.29
C ASP D 143 34.17 35.30 -71.07
N LEU D 144 32.91 35.70 -71.24
CA LEU D 144 31.91 35.67 -70.15
C LEU D 144 32.45 36.49 -68.98
N ALA D 145 32.47 37.80 -69.16
CA ALA D 145 32.73 38.76 -68.06
C ALA D 145 31.93 40.03 -68.29
N PRO D 146 31.36 40.64 -67.24
CA PRO D 146 30.87 42.01 -67.35
C PRO D 146 32.00 43.00 -67.03
N ASP D 147 31.92 44.19 -67.63
CA ASP D 147 32.94 45.26 -67.46
C ASP D 147 34.29 44.70 -67.89
N PRO D 148 34.47 44.37 -69.17
CA PRO D 148 35.75 43.90 -69.67
C PRO D 148 36.78 45.03 -69.82
N ASP D 149 38.02 44.66 -70.11
CA ASP D 149 39.07 45.62 -70.50
C ASP D 149 39.17 45.57 -72.02
N ALA D 150 38.69 46.60 -72.69
CA ALA D 150 38.80 46.63 -74.15
C ALA D 150 40.23 46.62 -74.64
N TRP D 151 41.13 47.22 -73.89
CA TRP D 151 42.53 47.26 -74.33
C TRP D 151 43.16 45.91 -74.17
N LEU D 152 42.83 45.20 -73.10
CA LEU D 152 43.38 43.85 -72.93
C LEU D 152 42.86 42.92 -74.00
N ARG D 153 41.57 43.00 -74.25
CA ARG D 153 40.98 42.15 -75.28
C ARG D 153 41.57 42.45 -76.64
N ALA D 154 41.79 43.71 -76.96
CA ALA D 154 42.35 44.08 -78.25
C ALA D 154 43.79 43.67 -78.41
N LEU D 155 44.58 43.78 -77.35
CA LEU D 155 45.96 43.29 -77.45
C LEU D 155 46.01 41.77 -77.49
N GLY D 156 45.06 41.12 -76.85
CA GLY D 156 44.87 39.68 -77.07
C GLY D 156 44.67 39.34 -78.52
N GLU D 157 43.70 39.99 -79.15
CA GLU D 157 43.45 39.72 -80.55
C GLU D 157 44.66 39.99 -81.44
N LEU D 158 45.35 41.06 -81.16
CA LEU D 158 46.51 41.39 -81.96
C LEU D 158 47.67 40.45 -81.71
N LEU D 159 47.71 39.75 -80.59
CA LEU D 159 48.76 38.72 -80.41
C LEU D 159 48.38 37.41 -81.09
N ARG D 160 47.11 37.04 -81.01
CA ARG D 160 46.61 35.85 -81.68
C ARG D 160 46.89 35.93 -83.16
N ARG D 161 46.51 37.03 -83.77
CA ARG D 161 46.75 37.26 -85.19
C ARG D 161 48.22 37.10 -85.55
N ASP D 162 49.11 37.39 -84.62
CA ASP D 162 50.54 37.38 -84.92
C ASP D 162 51.14 36.00 -84.73
N LEU D 163 50.57 35.19 -83.84
CA LEU D 163 50.94 33.76 -83.82
C LEU D 163 50.45 33.05 -85.09
N GLY D 164 49.17 33.19 -85.40
CA GLY D 164 48.51 32.54 -86.54
C GLY D 164 47.66 31.38 -86.08
N VAL D 165 46.96 31.55 -84.95
CA VAL D 165 45.97 30.58 -84.40
C VAL D 165 44.67 31.29 -84.05
N GLY D 166 44.48 32.52 -84.52
CA GLY D 166 43.30 33.35 -84.21
C GLY D 166 42.77 34.12 -85.41
N THR D 167 42.87 33.52 -86.60
CA THR D 167 41.97 33.84 -87.75
C THR D 167 40.53 33.78 -87.24
N SER D 168 40.18 32.68 -86.55
CA SER D 168 39.02 32.53 -85.66
C SER D 168 37.69 32.40 -86.41
N MET D 169 37.66 32.68 -87.72
CA MET D 169 36.45 32.62 -88.59
C MET D 169 35.29 33.41 -87.99
N GLU D 170 35.62 34.54 -87.35
CA GLU D 170 34.69 35.40 -86.59
C GLU D 170 34.78 36.83 -87.15
N GLY D 171 33.98 37.72 -86.58
CA GLY D 171 34.21 39.17 -86.63
C GLY D 171 35.00 39.64 -85.44
N ALA D 172 35.96 38.82 -84.98
CA ALA D 172 36.82 39.10 -83.82
C ALA D 172 37.95 40.00 -84.30
N SER D 173 37.72 41.31 -84.18
CA SER D 173 38.67 42.38 -84.54
C SER D 173 39.03 43.13 -83.27
N PRO D 174 40.18 43.82 -83.24
CA PRO D 174 40.51 44.69 -82.12
C PRO D 174 39.49 45.77 -81.80
N LEU D 175 38.73 46.20 -82.78
CA LEU D 175 37.90 47.39 -82.61
C LEU D 175 36.57 47.01 -82.01
N SER D 176 35.76 48.01 -81.74
CA SER D 176 34.37 47.80 -81.29
C SER D 176 33.43 47.63 -82.49
N GLU D 177 32.27 47.04 -82.28
CA GLU D 177 31.24 47.01 -83.33
C GLU D 177 30.78 48.44 -83.60
N ARG D 178 30.71 49.26 -82.56
CA ARG D 178 30.35 50.68 -82.69
C ARG D 178 31.28 51.40 -83.66
N CYS D 179 32.56 51.31 -83.41
CA CYS D 179 33.56 51.98 -84.24
C CYS D 179 33.55 51.44 -85.66
N GLN D 180 33.43 50.12 -85.80
CA GLN D 180 33.50 49.49 -87.12
C GLN D 180 32.28 49.92 -87.94
N ARG D 181 31.15 50.12 -87.27
CA ARG D 181 29.91 50.56 -87.93
C ARG D 181 30.00 52.02 -88.32
N GLN D 182 30.48 52.87 -87.41
CA GLN D 182 30.63 54.32 -87.71
C GLN D 182 31.67 54.56 -88.77
N LEU D 183 32.57 53.61 -89.01
CA LEU D 183 33.58 53.69 -90.07
C LEU D 183 33.04 53.15 -91.41
N GLN D 184 32.21 52.11 -91.37
CA GLN D 184 31.45 51.72 -92.57
C GLN D 184 30.59 52.89 -93.02
N SER D 185 29.93 53.55 -92.07
CA SER D 185 29.00 54.66 -92.33
C SER D 185 29.67 55.80 -93.09
N LEU D 186 30.96 56.02 -92.85
CA LEU D 186 31.69 57.12 -93.50
C LEU D 186 32.28 56.66 -94.82
N CYS D 187 32.88 55.47 -94.85
CA CYS D 187 33.49 54.97 -96.10
C CYS D 187 32.43 54.77 -97.17
N ARG D 188 31.19 54.49 -96.77
CA ARG D 188 30.04 54.43 -97.70
C ARG D 188 29.87 55.73 -98.48
N GLY D 189 30.26 56.85 -97.88
CA GLY D 189 30.21 58.18 -98.49
C GLY D 189 31.47 58.53 -99.24
N LEU D 190 32.03 57.56 -99.97
CA LEU D 190 33.29 57.73 -100.71
C LEU D 190 33.34 56.76 -101.87
N GLY D 191 33.86 57.22 -103.01
CA GLY D 191 33.87 56.48 -104.27
C GLY D 191 34.83 55.32 -104.22
N LEU D 192 34.32 54.09 -104.17
CA LEU D 192 35.13 52.86 -104.07
C LEU D 192 36.11 52.76 -105.24
N GLY D 193 37.29 52.20 -104.94
CA GLY D 193 38.44 52.19 -105.85
C GLY D 193 38.51 50.94 -106.70
N GLY D 194 39.23 51.05 -107.81
CA GLY D 194 39.27 50.03 -108.86
C GLY D 194 40.06 48.80 -108.45
N ARG D 195 40.78 48.89 -107.35
CA ARG D 195 41.48 47.73 -106.79
C ARG D 195 40.48 46.68 -106.37
N ARG D 196 40.99 45.47 -106.24
CA ARG D 196 40.19 44.29 -105.90
C ARG D 196 41.03 43.63 -104.84
N LEU D 197 40.58 43.76 -103.62
CA LEU D 197 41.32 43.32 -102.44
C LEU D 197 40.55 42.22 -101.76
N LYS D 198 39.25 42.37 -101.63
CA LYS D 198 38.35 41.24 -101.32
C LYS D 198 38.17 40.39 -102.57
N SER D 199 38.18 39.07 -102.39
CA SER D 199 38.21 38.07 -103.48
C SER D 199 36.95 37.19 -103.37
N PRO D 200 35.80 37.61 -103.96
CA PRO D 200 34.60 36.75 -103.93
C PRO D 200 34.73 35.51 -104.84
N MET E 26 48.44 113.11 -64.48
CA MET E 26 48.82 112.59 -63.12
C MET E 26 47.82 113.07 -62.07
N GLU E 27 47.71 114.39 -61.92
CA GLU E 27 46.73 115.00 -61.00
C GLU E 27 45.31 114.81 -61.51
N SER E 28 45.13 114.65 -62.83
CA SER E 28 43.81 114.48 -63.46
C SER E 28 43.08 113.24 -62.93
N LEU E 29 43.83 112.21 -62.53
CA LEU E 29 43.23 110.90 -62.16
C LEU E 29 42.72 110.90 -60.73
N LEU E 30 43.21 111.79 -59.86
CA LEU E 30 42.78 111.83 -58.46
C LEU E 30 41.29 112.11 -58.37
N GLN E 31 40.85 113.20 -58.99
CA GLN E 31 39.43 113.61 -58.92
C GLN E 31 38.54 112.57 -59.61
N HIS E 32 39.07 111.87 -60.61
CA HIS E 32 38.34 110.76 -61.25
C HIS E 32 38.13 109.64 -60.25
N LEU E 33 39.23 109.20 -59.63
CA LEU E 33 39.24 107.96 -58.84
C LEU E 33 38.47 108.14 -57.54
N ASP E 34 38.65 109.26 -56.85
CA ASP E 34 37.96 109.48 -55.56
C ASP E 34 36.45 109.63 -55.80
N ARG E 35 36.07 110.32 -56.87
CA ARG E 35 34.66 110.49 -57.20
C ARG E 35 34.04 109.13 -57.49
N PHE E 36 34.73 108.31 -58.28
CA PHE E 36 34.25 106.96 -58.58
C PHE E 36 34.14 106.15 -57.29
N SER E 37 35.08 106.30 -56.37
CA SER E 37 35.07 105.54 -55.12
C SER E 37 33.87 105.95 -54.26
N GLU E 38 33.55 107.24 -54.25
CA GLU E 38 32.36 107.71 -53.51
C GLU E 38 31.10 107.12 -54.13
N LEU E 39 31.00 107.18 -55.46
CA LEU E 39 29.86 106.60 -56.19
C LEU E 39 29.74 105.10 -55.90
N LEU E 40 30.86 104.39 -55.90
CA LEU E 40 30.89 102.95 -55.59
C LEU E 40 30.37 102.72 -54.19
N ALA E 41 30.87 103.46 -53.22
CA ALA E 41 30.54 103.22 -51.80
C ALA E 41 29.05 103.48 -51.58
N VAL E 42 28.48 104.45 -52.28
CA VAL E 42 27.04 104.74 -52.14
C VAL E 42 26.22 103.77 -52.98
N SER E 43 26.83 103.06 -53.94
CA SER E 43 26.14 102.06 -54.77
C SER E 43 25.41 101.03 -53.90
N SER E 44 26.07 100.54 -52.86
CA SER E 44 25.54 99.48 -51.97
C SER E 44 24.47 100.01 -51.00
N THR E 45 24.25 101.32 -50.96
CA THR E 45 23.44 101.96 -49.93
C THR E 45 22.04 102.26 -50.46
N THR E 46 21.07 102.29 -49.55
CA THR E 46 19.63 102.15 -49.84
C THR E 46 18.96 103.50 -50.10
N TYR E 47 19.74 104.49 -50.54
CA TYR E 47 19.21 105.82 -50.90
C TYR E 47 18.79 105.89 -52.37
N VAL E 48 18.86 104.77 -53.12
CA VAL E 48 18.62 104.80 -54.57
C VAL E 48 17.15 105.10 -54.82
N SER E 49 16.87 106.36 -55.08
CA SER E 49 15.57 106.82 -55.59
C SER E 49 15.79 107.68 -56.83
N THR E 50 16.77 108.58 -56.76
CA THR E 50 17.05 109.58 -57.81
C THR E 50 17.80 108.98 -58.99
N TRP E 51 18.28 107.74 -58.90
CA TRP E 51 19.12 107.15 -59.95
C TRP E 51 18.34 107.04 -61.26
N ASP E 52 19.08 107.03 -62.36
CA ASP E 52 18.49 106.85 -63.70
C ASP E 52 19.51 106.18 -64.64
N PRO E 53 19.07 105.77 -65.85
CA PRO E 53 20.00 105.36 -66.90
C PRO E 53 21.21 106.26 -67.14
N ALA E 54 21.04 107.58 -66.99
CA ALA E 54 22.16 108.53 -67.14
C ALA E 54 23.22 108.26 -66.09
N THR E 55 22.83 108.16 -64.82
CA THR E 55 23.77 107.88 -63.73
C THR E 55 24.47 106.55 -63.99
N VAL E 56 23.73 105.54 -64.42
CA VAL E 56 24.33 104.21 -64.59
C VAL E 56 25.31 104.23 -65.75
N ARG E 57 24.94 104.87 -66.85
CA ARG E 57 25.85 105.01 -68.00
C ARG E 57 27.13 105.71 -67.58
N ARG E 58 26.99 106.80 -66.82
CA ARG E 58 28.15 107.59 -66.35
C ARG E 58 29.06 106.72 -65.49
N ALA E 59 28.45 105.97 -64.56
CA ALA E 59 29.17 105.04 -63.69
C ALA E 59 30.01 104.08 -64.51
N LEU E 60 29.37 103.41 -65.46
CA LEU E 60 30.06 102.32 -66.16
C LEU E 60 31.09 102.86 -67.15
N GLN E 61 30.89 104.04 -67.72
CA GLN E 61 31.95 104.60 -68.59
C GLN E 61 33.15 105.01 -67.74
N TRP E 62 32.93 105.56 -66.54
CA TRP E 62 34.06 105.86 -65.63
C TRP E 62 34.80 104.58 -65.29
N ALA E 63 34.07 103.52 -64.99
CA ALA E 63 34.68 102.24 -64.65
C ALA E 63 35.48 101.69 -65.82
N ARG E 64 34.97 101.83 -67.05
CA ARG E 64 35.76 101.45 -68.24
C ARG E 64 37.04 102.27 -68.31
N TYR E 65 36.97 103.56 -67.95
CA TYR E 65 38.16 104.42 -68.01
C TYR E 65 39.21 103.93 -67.02
N LEU E 66 38.79 103.58 -65.81
CA LEU E 66 39.75 103.07 -64.81
C LEU E 66 40.34 101.74 -65.27
N ARG E 67 39.51 100.86 -65.80
CA ARG E 67 39.99 99.56 -66.31
C ARG E 67 40.95 99.77 -67.47
N HIS E 68 40.79 100.85 -68.23
CA HIS E 68 41.71 101.18 -69.34
C HIS E 68 43.03 101.71 -68.79
N ILE E 69 42.97 102.55 -67.76
CA ILE E 69 44.20 103.08 -67.11
C ILE E 69 45.04 101.91 -66.61
N HIS E 70 44.42 101.03 -65.82
CA HIS E 70 45.08 99.85 -65.23
C HIS E 70 45.82 99.05 -66.31
N ARG E 71 45.27 98.99 -67.52
CA ARG E 71 45.89 98.28 -68.65
C ARG E 71 47.04 99.10 -69.22
N ARG E 72 46.82 100.41 -69.42
CA ARG E 72 47.75 101.24 -70.21
C ARG E 72 49.02 101.53 -69.43
N PHE E 73 48.90 102.23 -68.29
CA PHE E 73 50.06 102.68 -67.49
C PHE E 73 49.82 102.38 -66.02
N GLY E 74 49.47 101.13 -65.73
CA GLY E 74 49.25 100.65 -64.38
C GLY E 74 50.49 100.07 -63.73
N ARG E 75 51.52 99.75 -64.51
CA ARG E 75 52.76 99.12 -63.99
C ARG E 75 53.96 100.04 -64.19
N HIS E 76 54.85 100.08 -63.18
CA HIS E 76 56.23 100.60 -63.26
C HIS E 76 56.18 102.08 -63.61
N GLY E 77 55.69 102.88 -62.68
CA GLY E 77 55.71 104.34 -62.82
C GLY E 77 55.32 105.02 -61.53
N PRO E 78 55.45 106.35 -61.47
CA PRO E 78 54.99 107.11 -60.30
C PRO E 78 53.46 107.07 -60.14
N ILE E 79 52.74 106.82 -61.23
CA ILE E 79 51.27 106.88 -61.24
C ILE E 79 50.73 105.72 -60.41
N ARG E 80 51.30 104.53 -60.59
CA ARG E 80 50.88 103.33 -59.84
C ARG E 80 51.03 103.59 -58.34
N THR E 81 52.18 104.11 -57.93
CA THR E 81 52.47 104.31 -56.50
C THR E 81 51.60 105.45 -55.96
N ALA E 82 51.32 106.46 -56.78
CA ALA E 82 50.40 107.55 -56.39
C ALA E 82 49.01 106.98 -56.10
N LEU E 83 48.53 106.13 -57.01
CA LEU E 83 47.19 105.53 -56.85
C LEU E 83 47.17 104.63 -55.62
N GLU E 84 48.25 103.90 -55.37
CA GLU E 84 48.32 103.04 -54.18
C GLU E 84 48.30 103.88 -52.91
N ARG E 85 49.06 104.98 -52.90
CA ARG E 85 49.02 105.93 -51.76
C ARG E 85 47.58 106.38 -51.54
N ARG E 86 46.89 106.77 -52.61
CA ARG E 86 45.50 107.25 -52.50
C ARG E 86 44.59 106.16 -51.93
N LEU E 87 44.70 104.95 -52.46
CA LEU E 87 43.82 103.83 -52.05
C LEU E 87 44.05 103.51 -50.57
N HIS E 88 45.30 103.26 -50.19
CA HIS E 88 45.60 102.79 -48.83
C HIS E 88 45.34 103.92 -47.83
N ASN E 89 45.62 105.16 -48.20
CA ASN E 89 45.28 106.32 -47.36
C ASN E 89 43.77 106.38 -47.18
N GLN E 90 43.01 106.11 -48.23
CA GLN E 90 41.53 106.02 -48.11
C GLN E 90 41.15 104.95 -47.10
N TRP E 91 41.73 103.76 -47.22
CA TRP E 91 41.32 102.61 -46.39
C TRP E 91 41.79 102.77 -44.94
N ARG E 92 42.74 103.65 -44.65
CA ARG E 92 43.16 103.91 -43.26
C ARG E 92 42.53 105.18 -42.67
N GLN E 93 42.20 106.19 -43.48
CA GLN E 93 41.42 107.35 -42.98
C GLN E 93 39.99 106.91 -42.64
N GLU E 94 39.43 105.97 -43.40
CA GLU E 94 38.18 105.30 -42.98
C GLU E 94 38.49 104.37 -41.80
N GLY E 95 39.59 103.62 -41.86
CA GLY E 95 40.03 102.73 -40.77
C GLY E 95 39.25 101.43 -40.69
N GLY E 96 37.92 101.53 -40.59
CA GLY E 96 37.00 100.40 -40.41
C GLY E 96 36.34 100.42 -39.05
N PHE E 97 36.07 101.62 -38.51
CA PHE E 97 35.52 101.84 -37.16
C PHE E 97 34.34 102.80 -37.25
N GLY E 98 33.16 102.35 -36.80
CA GLY E 98 32.05 103.23 -36.46
C GLY E 98 31.10 103.50 -37.61
N ARG E 99 31.26 104.66 -38.27
CA ARG E 99 30.25 105.25 -39.18
C ARG E 99 29.93 104.30 -40.34
N GLY E 100 30.91 103.54 -40.81
CA GLY E 100 30.67 102.51 -41.83
C GLY E 100 31.89 101.61 -42.00
N PRO E 101 31.73 100.27 -41.92
CA PRO E 101 32.82 99.36 -42.31
C PRO E 101 32.73 99.06 -43.81
N VAL E 102 32.71 100.12 -44.62
CA VAL E 102 32.54 99.99 -46.09
C VAL E 102 33.82 99.36 -46.64
N PRO E 103 33.75 98.31 -47.48
CA PRO E 103 34.98 97.79 -48.09
C PRO E 103 35.71 98.88 -48.89
N GLY E 104 35.07 99.38 -49.94
CA GLY E 104 35.76 100.14 -50.98
C GLY E 104 36.51 99.19 -51.91
N LEU E 105 37.03 99.70 -53.03
CA LEU E 105 37.87 98.88 -53.92
C LEU E 105 39.21 98.69 -53.22
N ALA E 106 39.55 97.44 -52.94
CA ALA E 106 40.52 97.09 -51.87
C ALA E 106 41.98 97.36 -52.25
N ASN E 107 42.31 97.46 -53.54
CA ASN E 107 43.71 97.45 -53.98
C ASN E 107 43.78 97.80 -55.45
N PHE E 108 44.97 98.11 -55.92
CA PHE E 108 45.20 98.53 -57.31
C PHE E 108 44.80 97.46 -58.34
N GLN E 109 44.90 96.18 -58.01
CA GLN E 109 44.49 95.12 -58.95
C GLN E 109 42.97 95.17 -59.19
N ALA E 110 42.20 95.56 -58.17
CA ALA E 110 40.74 95.71 -58.27
C ALA E 110 40.34 96.88 -59.18
N LEU E 111 41.28 97.72 -59.57
CA LEU E 111 41.03 98.74 -60.60
C LEU E 111 40.67 98.06 -61.91
N GLY E 112 41.33 96.96 -62.25
CA GLY E 112 41.07 96.18 -63.47
C GLY E 112 39.73 95.46 -63.50
N HIS E 113 38.99 95.41 -62.39
CA HIS E 113 37.64 94.83 -62.36
C HIS E 113 36.69 95.66 -61.49
N CYS E 114 36.84 96.98 -61.47
CA CYS E 114 35.96 97.88 -60.70
C CYS E 114 34.52 97.82 -61.20
N ASP E 115 34.33 97.81 -62.51
CA ASP E 115 33.02 97.71 -63.16
C ASP E 115 32.20 96.51 -62.65
N VAL E 116 32.86 95.38 -62.47
CA VAL E 116 32.17 94.16 -61.99
C VAL E 116 31.66 94.40 -60.58
N LEU E 117 32.46 95.03 -59.71
CA LEU E 117 32.02 95.32 -58.33
C LEU E 117 30.77 96.19 -58.36
N LEU E 118 30.82 97.26 -59.13
CA LEU E 118 29.71 98.21 -59.20
C LEU E 118 28.44 97.48 -59.63
N SER E 119 28.54 96.73 -60.72
CA SER E 119 27.40 96.01 -61.27
C SER E 119 26.82 95.03 -60.24
N LEU E 120 27.68 94.27 -59.57
CA LEU E 120 27.21 93.33 -58.54
C LEU E 120 26.50 94.06 -57.41
N ARG E 121 27.03 95.19 -56.97
CA ARG E 121 26.42 95.92 -55.84
C ARG E 121 25.05 96.43 -56.26
N LEU E 122 24.91 96.93 -57.48
CA LEU E 122 23.60 97.39 -57.94
C LEU E 122 22.62 96.21 -58.08
N LEU E 123 23.11 95.04 -58.49
CA LEU E 123 22.21 93.88 -58.57
C LEU E 123 21.80 93.39 -57.19
N GLU E 124 22.61 93.60 -56.16
CA GLU E 124 22.21 93.22 -54.78
C GLU E 124 21.30 94.26 -54.14
N ASN E 125 21.40 95.54 -54.51
CA ASN E 125 20.53 96.58 -53.95
C ASN E 125 19.08 96.37 -54.35
N ARG E 126 18.26 95.90 -53.41
CA ARG E 126 16.81 95.75 -53.66
C ARG E 126 16.19 97.09 -54.01
N ALA E 127 16.73 98.19 -53.47
CA ALA E 127 16.13 99.53 -53.58
C ALA E 127 16.31 100.14 -54.97
N LEU E 128 16.96 99.45 -55.91
CA LEU E 128 17.12 99.97 -57.27
C LEU E 128 15.76 100.12 -57.95
N GLY E 129 15.61 101.22 -58.71
CA GLY E 129 14.41 101.50 -59.49
C GLY E 129 14.32 100.64 -60.71
N ASP E 130 13.11 100.51 -61.24
CA ASP E 130 12.81 99.52 -62.29
C ASP E 130 13.54 99.85 -63.59
N ALA E 131 13.46 101.10 -64.02
CA ALA E 131 14.08 101.50 -65.29
C ALA E 131 15.60 101.41 -65.20
N ALA E 132 16.16 101.77 -64.05
CA ALA E 132 17.61 101.63 -63.82
C ALA E 132 17.99 100.16 -63.91
N ARG E 133 17.21 99.30 -63.26
CA ARG E 133 17.48 97.85 -63.26
C ARG E 133 17.48 97.33 -64.70
N TYR E 134 16.49 97.73 -65.48
CA TYR E 134 16.36 97.25 -66.86
C TYR E 134 17.54 97.75 -67.70
N HIS E 135 17.87 99.02 -67.58
CA HIS E 135 18.98 99.60 -68.37
C HIS E 135 20.28 98.91 -67.98
N LEU E 136 20.47 98.71 -66.69
CA LEU E 136 21.67 98.05 -66.17
C LEU E 136 21.79 96.69 -66.81
N VAL E 137 20.81 95.82 -66.55
CA VAL E 137 20.92 94.40 -66.95
C VAL E 137 21.00 94.29 -68.47
N GLN E 138 20.37 95.22 -69.18
CA GLN E 138 20.44 95.24 -70.65
C GLN E 138 21.83 95.65 -71.12
N GLN E 139 22.54 96.43 -70.33
CA GLN E 139 23.92 96.86 -70.68
C GLN E 139 24.95 95.82 -70.26
N LEU E 140 24.67 95.07 -69.20
CA LEU E 140 25.56 93.97 -68.78
C LEU E 140 25.42 92.78 -69.74
N PHE E 141 24.18 92.37 -70.01
CA PHE E 141 23.85 91.14 -70.78
C PHE E 141 23.04 91.53 -72.01
N PRO E 142 23.69 92.16 -73.00
CA PRO E 142 22.99 92.55 -74.21
C PRO E 142 22.52 91.35 -75.00
N GLY E 143 23.23 90.23 -74.90
CA GLY E 143 22.93 89.00 -75.63
C GLY E 143 24.10 88.62 -76.50
N PRO E 144 23.90 87.67 -77.42
CA PRO E 144 24.92 87.33 -78.42
C PRO E 144 24.97 88.23 -79.67
N GLY E 145 24.30 89.38 -79.67
CA GLY E 145 24.48 90.40 -80.73
C GLY E 145 25.92 90.88 -80.87
N VAL E 146 26.70 90.82 -79.78
CA VAL E 146 28.10 91.33 -79.70
C VAL E 146 29.03 90.17 -79.32
N ARG E 147 28.80 88.97 -79.88
CA ARG E 147 29.66 87.78 -79.65
C ARG E 147 31.11 88.06 -80.00
N ASP E 148 31.36 88.93 -80.97
CA ASP E 148 32.71 89.30 -81.46
C ASP E 148 33.12 90.63 -80.79
N ALA E 149 34.12 90.58 -79.92
CA ALA E 149 34.66 91.75 -79.21
C ALA E 149 36.17 91.59 -79.01
N ASP E 150 36.90 92.70 -79.14
CA ASP E 150 38.38 92.71 -79.02
C ASP E 150 38.78 92.65 -77.54
N GLU E 151 38.13 93.46 -76.71
CA GLU E 151 38.41 93.54 -75.25
C GLU E 151 37.46 92.60 -74.51
N GLU E 152 38.00 91.86 -73.53
CA GLU E 152 37.20 90.91 -72.73
C GLU E 152 36.16 91.74 -71.97
N THR E 153 34.91 91.66 -72.41
CA THR E 153 33.85 92.58 -71.97
C THR E 153 33.27 92.10 -70.63
N LEU E 154 32.27 92.85 -70.19
CA LEU E 154 31.72 92.74 -68.84
C LEU E 154 30.88 91.48 -68.73
N GLN E 155 30.17 91.16 -69.81
CA GLN E 155 29.37 89.92 -69.89
C GLN E 155 30.26 88.70 -69.71
N GLU E 156 31.35 88.64 -70.45
CA GLU E 156 32.29 87.52 -70.29
C GLU E 156 32.86 87.49 -68.88
N SER E 157 33.17 88.65 -68.31
CA SER E 157 33.75 88.72 -66.96
C SER E 157 32.78 88.13 -65.94
N LEU E 158 31.50 88.49 -66.04
CA LEU E 158 30.52 87.97 -65.08
C LEU E 158 30.27 86.47 -65.30
N ALA E 159 30.26 86.03 -66.54
CA ALA E 159 30.12 84.60 -66.81
C ALA E 159 31.27 83.81 -66.21
N ARG E 160 32.50 84.25 -66.45
CA ARG E 160 33.68 83.61 -65.89
C ARG E 160 33.62 83.58 -64.36
N LEU E 161 33.09 84.65 -63.76
CA LEU E 161 32.90 84.69 -62.31
C LEU E 161 31.90 83.63 -61.88
N ALA E 162 30.79 83.50 -62.59
CA ALA E 162 29.81 82.48 -62.23
C ALA E 162 30.39 81.07 -62.34
N ARG E 163 31.12 80.82 -63.40
CA ARG E 163 31.81 79.55 -63.49
C ARG E 163 32.73 79.31 -62.30
N ARG E 164 33.52 80.31 -61.91
CA ARG E 164 34.46 80.10 -60.79
C ARG E 164 33.71 79.84 -59.50
N ARG E 165 32.68 80.58 -59.25
CA ARG E 165 31.95 80.37 -58.00
C ARG E 165 31.40 78.96 -57.98
N SER E 166 30.85 78.50 -59.09
CA SER E 166 30.33 77.12 -59.20
C SER E 166 31.43 76.08 -58.98
N ALA E 167 32.54 76.24 -59.65
CA ALA E 167 33.75 75.42 -59.44
C ALA E 167 34.21 75.32 -58.00
N VAL E 168 34.16 76.44 -57.30
CA VAL E 168 34.58 76.45 -55.89
C VAL E 168 33.58 75.68 -55.05
N HIS E 169 32.30 75.89 -55.27
CA HIS E 169 31.32 75.11 -54.51
C HIS E 169 31.53 73.64 -54.77
N MET E 170 31.72 73.28 -56.02
CA MET E 170 31.76 71.86 -56.40
C MET E 170 32.99 71.16 -55.88
N LEU E 171 34.13 71.83 -55.87
CA LEU E 171 35.33 71.23 -55.31
C LEU E 171 35.25 71.13 -53.79
N ARG E 172 34.71 72.16 -53.15
CA ARG E 172 34.59 72.15 -51.69
C ARG E 172 33.76 70.96 -51.22
N PHE E 173 32.67 70.62 -51.89
CA PHE E 173 31.79 69.54 -51.43
C PHE E 173 31.96 68.24 -52.19
N ASN E 174 32.95 68.10 -53.08
CA ASN E 174 33.23 66.85 -53.84
C ASN E 174 34.72 66.75 -54.17
N GLY E 175 35.51 66.33 -53.22
CA GLY E 175 36.97 66.17 -53.43
C GLY E 175 37.84 66.86 -52.38
N TYR E 176 37.35 67.92 -51.74
CA TYR E 176 38.13 68.64 -50.72
C TYR E 176 38.07 67.95 -49.36
N ARG E 177 39.19 67.99 -48.65
CA ARG E 177 39.34 67.41 -47.31
C ARG E 177 40.13 68.41 -46.49
N GLU E 178 39.74 68.60 -45.24
CA GLU E 178 40.49 69.47 -44.32
C GLU E 178 41.78 68.75 -44.01
N ASN E 179 42.85 69.16 -44.66
CA ASN E 179 44.17 68.55 -44.46
C ASN E 179 44.59 68.79 -43.01
N PRO E 180 45.22 67.84 -42.30
CA PRO E 180 45.62 68.12 -40.92
C PRO E 180 46.87 68.97 -40.80
N ASN E 181 47.80 68.83 -41.74
CA ASN E 181 48.99 69.68 -41.83
C ASN E 181 48.60 71.03 -42.42
N LEU E 182 48.01 71.88 -41.58
CA LEU E 182 47.41 73.16 -41.97
C LEU E 182 48.22 73.97 -42.96
N GLN E 183 49.52 73.92 -42.84
CA GLN E 183 50.37 74.72 -43.72
C GLN E 183 50.20 74.34 -45.19
N GLU E 184 49.76 73.11 -45.47
CA GLU E 184 49.50 72.61 -46.82
C GLU E 184 48.03 72.71 -47.24
N ASP E 185 47.16 73.16 -46.35
CA ASP E 185 45.75 73.39 -46.69
C ASP E 185 45.63 74.55 -47.68
N SER E 186 44.45 74.70 -48.26
CA SER E 186 44.22 75.59 -49.41
C SER E 186 43.39 76.79 -49.00
N LEU E 187 42.52 76.65 -48.01
CA LEU E 187 41.83 77.83 -47.43
C LEU E 187 42.77 78.67 -46.56
N MET E 188 43.41 78.03 -45.60
CA MET E 188 44.32 78.74 -44.70
C MET E 188 45.43 79.42 -45.49
N LYS E 189 45.97 78.73 -46.49
CA LYS E 189 46.99 79.33 -47.35
C LYS E 189 46.48 80.56 -48.09
N THR E 190 45.23 80.56 -48.48
CA THR E 190 44.65 81.72 -49.17
C THR E 190 44.48 82.91 -48.21
N GLN E 191 43.88 82.65 -47.05
CA GLN E 191 43.70 83.70 -46.05
C GLN E 191 45.05 84.29 -45.68
N ALA E 192 46.04 83.43 -45.59
CA ALA E 192 47.37 83.85 -45.17
C ALA E 192 47.97 84.79 -46.20
N GLU E 193 47.93 84.40 -47.45
CA GLU E 193 48.49 85.28 -48.49
C GLU E 193 47.79 86.63 -48.49
N LEU E 194 46.48 86.66 -48.22
CA LEU E 194 45.77 87.96 -48.18
C LEU E 194 46.31 88.82 -47.03
N LEU E 195 46.44 88.22 -45.85
CA LEU E 195 46.98 88.92 -44.69
C LEU E 195 48.38 89.47 -45.00
N LEU E 196 49.25 88.65 -45.59
CA LEU E 196 50.62 89.11 -45.86
C LEU E 196 50.61 90.29 -46.84
N GLU E 197 49.78 90.24 -47.87
CA GLU E 197 49.72 91.34 -48.84
C GLU E 197 49.21 92.60 -48.14
N ARG E 198 48.23 92.43 -47.26
CA ARG E 198 47.61 93.53 -46.53
C ARG E 198 48.57 94.16 -45.51
N LEU E 199 49.54 93.38 -45.03
CA LEU E 199 50.59 93.93 -44.14
C LEU E 199 51.64 94.64 -44.97
N GLN E 200 52.00 94.08 -46.13
CA GLN E 200 52.99 94.72 -47.00
C GLN E 200 52.53 96.13 -47.37
N GLU E 201 51.25 96.30 -47.69
CA GLU E 201 50.77 97.63 -48.11
C GLU E 201 50.84 98.62 -46.95
N VAL E 202 50.51 98.18 -45.73
CA VAL E 202 50.60 99.06 -44.55
C VAL E 202 52.06 99.43 -44.31
N GLY E 203 52.98 98.49 -44.52
CA GLY E 203 54.41 98.76 -44.36
C GLY E 203 54.87 99.83 -45.30
N LYS E 204 54.49 99.72 -46.58
CA LYS E 204 54.86 100.72 -47.58
C LYS E 204 54.21 102.06 -47.27
N ALA E 205 52.98 102.05 -46.74
CA ALA E 205 52.28 103.29 -46.37
C ALA E 205 53.05 104.01 -45.25
N GLU E 206 53.39 103.28 -44.18
CA GLU E 206 54.15 103.79 -43.01
C GLU E 206 53.34 104.84 -42.22
N ALA E 207 52.03 104.98 -42.45
CA ALA E 207 51.19 105.96 -41.75
C ALA E 207 50.99 105.52 -40.29
N GLU E 208 50.35 104.37 -40.10
CA GLU E 208 50.19 103.71 -38.78
C GLU E 208 50.97 102.41 -38.80
N ARG E 209 51.40 101.97 -37.62
CA ARG E 209 52.28 100.79 -37.51
C ARG E 209 51.44 99.53 -37.68
N PRO E 210 52.02 98.43 -38.21
CA PRO E 210 51.25 97.21 -38.46
C PRO E 210 50.61 96.62 -37.20
N ALA E 211 51.30 96.75 -36.08
CA ALA E 211 50.87 96.18 -34.79
C ALA E 211 49.49 96.69 -34.41
N ARG E 212 49.18 97.92 -34.78
CA ARG E 212 47.90 98.55 -34.40
C ARG E 212 46.79 97.90 -35.22
N PHE E 213 47.03 97.71 -36.50
CA PHE E 213 46.11 97.00 -37.40
C PHE E 213 45.85 95.59 -36.86
N LEU E 214 46.91 94.90 -36.48
CA LEU E 214 46.77 93.50 -36.00
C LEU E 214 46.02 93.46 -34.68
N SER E 215 46.29 94.40 -33.79
CA SER E 215 45.61 94.45 -32.49
C SER E 215 44.12 94.70 -32.71
N SER E 216 43.78 95.59 -33.64
CA SER E 216 42.36 95.87 -33.94
C SER E 216 41.71 94.62 -34.52
N LEU E 217 42.41 93.94 -35.43
CA LEU E 217 41.90 92.67 -36.01
C LEU E 217 41.58 91.69 -34.89
N TRP E 218 42.49 91.61 -33.93
CA TRP E 218 42.38 90.64 -32.82
C TRP E 218 41.08 90.83 -32.05
N GLU E 219 40.69 92.10 -31.79
CA GLU E 219 39.40 92.40 -31.14
C GLU E 219 38.25 92.09 -32.08
N ARG E 220 38.43 92.39 -33.37
CA ARG E 220 37.30 92.42 -34.31
C ARG E 220 36.85 90.99 -34.67
N LEU E 221 37.75 90.14 -35.16
CA LEU E 221 37.32 88.92 -35.88
C LEU E 221 37.54 87.68 -35.02
N PRO E 222 37.05 86.50 -35.42
CA PRO E 222 37.22 85.28 -34.61
C PRO E 222 38.64 84.78 -34.38
N GLN E 223 38.94 84.55 -33.10
CA GLN E 223 40.31 84.42 -32.60
C GLN E 223 40.89 83.08 -33.03
N ASN E 224 40.12 82.02 -32.85
CA ASN E 224 40.58 80.67 -33.18
C ASN E 224 40.99 80.63 -34.64
N ASN E 225 40.14 81.10 -35.53
CA ASN E 225 40.48 81.16 -36.96
C ASN E 225 41.74 81.99 -37.16
N PHE E 226 41.78 83.17 -36.54
CA PHE E 226 42.86 84.12 -36.80
C PHE E 226 44.21 83.50 -36.47
N LEU E 227 44.26 82.69 -35.41
CA LEU E 227 45.54 82.22 -34.88
C LEU E 227 46.11 81.17 -35.82
N LYS E 228 45.26 80.27 -36.27
CA LYS E 228 45.67 79.30 -37.30
C LYS E 228 46.20 80.03 -38.51
N VAL E 229 45.53 81.11 -38.87
CA VAL E 229 45.98 81.88 -40.03
C VAL E 229 47.34 82.51 -39.78
N ILE E 230 47.61 83.03 -38.58
CA ILE E 230 48.93 83.63 -38.31
C ILE E 230 49.99 82.54 -38.41
N ALA E 231 49.71 81.40 -37.79
CA ALA E 231 50.61 80.25 -37.79
C ALA E 231 50.97 79.90 -39.21
N VAL E 232 49.99 79.93 -40.08
CA VAL E 232 50.22 79.54 -41.46
C VAL E 232 51.00 80.60 -42.20
N ALA E 233 50.74 81.85 -41.93
CA ALA E 233 51.45 82.93 -42.63
C ALA E 233 52.90 83.01 -42.19
N LEU E 234 53.19 82.60 -40.96
CA LEU E 234 54.60 82.54 -40.51
C LEU E 234 55.46 81.58 -41.32
N LEU E 235 54.89 80.66 -42.09
CA LEU E 235 55.63 79.61 -42.82
C LEU E 235 55.58 79.78 -44.33
N GLN E 236 54.74 80.65 -44.87
CA GLN E 236 54.71 80.78 -46.35
C GLN E 236 55.99 81.50 -46.74
N PRO E 237 56.75 81.02 -47.76
CA PRO E 237 57.99 81.68 -48.13
C PRO E 237 57.70 83.03 -48.76
N PRO E 238 58.70 83.96 -48.79
CA PRO E 238 58.45 85.29 -49.33
C PRO E 238 58.12 85.24 -50.82
N LEU E 239 57.43 86.29 -51.29
CA LEU E 239 56.99 86.43 -52.70
C LEU E 239 57.33 87.80 -53.30
N SER E 240 57.74 88.79 -52.49
CA SER E 240 58.05 90.16 -52.97
C SER E 240 59.50 90.24 -53.46
N GLY E 256 60.92 88.04 -46.00
CA GLY E 256 59.76 87.66 -45.18
C GLY E 256 59.40 88.72 -44.15
N GLU E 257 59.23 89.95 -44.62
CA GLU E 257 58.94 91.11 -43.74
C GLU E 257 57.61 90.89 -43.03
N GLY E 258 56.64 90.26 -43.72
CA GLY E 258 55.34 89.91 -43.15
C GLY E 258 55.47 89.11 -41.88
N SER E 259 56.10 87.94 -41.96
CA SER E 259 56.37 87.08 -40.79
C SER E 259 57.24 87.82 -39.77
N GLN E 260 58.19 88.62 -40.26
CA GLN E 260 59.07 89.39 -39.39
C GLN E 260 58.26 90.38 -38.54
N VAL E 261 57.14 90.85 -39.05
CA VAL E 261 56.28 91.78 -38.29
C VAL E 261 55.46 91.01 -37.26
N LEU E 262 54.96 89.84 -37.63
CA LEU E 262 54.07 89.09 -36.73
C LEU E 262 54.86 88.56 -35.53
N VAL E 263 56.12 88.18 -35.72
CA VAL E 263 56.94 87.72 -34.58
C VAL E 263 57.09 88.86 -33.57
N HIS E 264 57.36 90.07 -34.05
CA HIS E 264 57.50 91.23 -33.15
C HIS E 264 56.18 91.47 -32.42
N TRP E 265 55.08 91.42 -33.16
CA TRP E 265 53.74 91.65 -32.57
C TRP E 265 53.47 90.62 -31.47
N LEU E 266 53.79 89.35 -31.74
CA LEU E 266 53.50 88.27 -30.79
C LEU E 266 54.37 88.42 -29.54
N LEU E 267 55.66 88.67 -29.72
CA LEU E 267 56.57 88.80 -28.57
C LEU E 267 56.17 90.03 -27.76
N GLY E 268 55.63 91.06 -28.41
CA GLY E 268 55.11 92.23 -27.70
C GLY E 268 53.87 91.91 -26.89
N ASN E 269 52.96 91.12 -27.45
CA ASN E 269 51.65 90.79 -26.86
C ASN E 269 51.67 89.37 -26.31
N SER E 270 51.79 89.22 -24.99
CA SER E 270 51.92 87.91 -24.34
C SER E 270 50.58 87.16 -24.30
N GLU E 271 49.49 87.89 -24.09
CA GLU E 271 48.14 87.31 -23.90
C GLU E 271 47.74 86.44 -25.11
N VAL E 272 48.00 86.91 -26.33
CA VAL E 272 47.64 86.16 -27.56
C VAL E 272 48.50 84.90 -27.67
N PHE E 273 49.78 85.02 -27.31
CA PHE E 273 50.72 83.89 -27.39
C PHE E 273 50.36 82.82 -26.37
N ALA E 274 49.68 83.18 -25.29
CA ALA E 274 49.16 82.21 -24.30
C ALA E 274 48.14 81.28 -24.96
N ALA E 275 47.29 81.82 -25.84
CA ALA E 275 46.26 81.05 -26.55
C ALA E 275 46.76 80.51 -27.88
N PHE E 276 47.80 81.14 -28.45
CA PHE E 276 48.48 80.67 -29.66
C PHE E 276 48.97 79.24 -29.43
N CYS E 277 49.89 79.08 -28.48
CA CYS E 277 50.51 77.77 -28.16
C CYS E 277 49.49 76.80 -27.59
N ARG E 278 48.40 77.30 -27.03
CA ARG E 278 47.39 76.48 -26.34
C ARG E 278 46.40 75.85 -27.32
N ALA E 279 46.01 76.59 -28.35
CA ALA E 279 44.89 76.17 -29.23
C ALA E 279 45.38 75.26 -30.35
N LEU E 280 46.52 75.58 -30.95
CA LEU E 280 46.99 74.90 -32.18
C LEU E 280 47.42 73.47 -31.86
N PRO E 281 47.64 72.63 -32.89
CA PRO E 281 48.30 71.35 -32.68
C PRO E 281 49.81 71.49 -32.53
N ALA E 282 50.46 70.35 -32.35
CA ALA E 282 51.86 70.28 -31.89
C ALA E 282 52.83 70.59 -33.03
N GLY E 283 52.73 69.85 -34.13
CA GLY E 283 53.72 69.94 -35.21
C GLY E 283 53.75 71.33 -35.83
N LEU E 284 52.61 72.01 -35.86
CA LEU E 284 52.55 73.37 -36.41
C LEU E 284 53.41 74.31 -35.56
N LEU E 285 53.22 74.29 -34.25
CA LEU E 285 54.04 75.09 -33.32
C LEU E 285 55.51 74.71 -33.44
N THR E 286 55.78 73.41 -33.61
CA THR E 286 57.17 72.95 -33.73
C THR E 286 57.83 73.57 -34.95
N LEU E 287 57.16 73.49 -36.10
CA LEU E 287 57.73 74.02 -37.35
C LEU E 287 57.86 75.53 -37.25
N VAL E 288 56.87 76.19 -36.64
CA VAL E 288 56.93 77.65 -36.42
C VAL E 288 58.18 78.00 -35.62
N THR E 289 58.38 77.30 -34.51
CA THR E 289 59.47 77.62 -33.58
C THR E 289 60.81 77.33 -34.24
N SER E 290 60.90 76.27 -35.03
CA SER E 290 62.16 75.92 -35.73
C SER E 290 62.45 76.94 -36.84
N ARG E 291 61.41 77.46 -37.48
CA ARG E 291 61.57 78.51 -38.50
C ARG E 291 62.06 79.80 -37.85
N HIS E 292 61.47 80.18 -36.72
CA HIS E 292 61.75 81.44 -36.00
C HIS E 292 62.37 81.13 -34.64
N PRO E 293 63.71 81.16 -34.46
CA PRO E 293 64.30 80.90 -33.15
C PRO E 293 63.91 81.88 -32.05
N ALA E 294 63.41 83.08 -32.40
CA ALA E 294 62.99 84.09 -31.43
C ALA E 294 61.76 83.65 -30.63
N LEU E 295 60.97 82.70 -31.15
CA LEU E 295 59.78 82.18 -30.44
C LEU E 295 60.11 81.02 -29.49
N SER E 296 61.30 80.41 -29.62
CA SER E 296 61.66 79.21 -28.84
C SER E 296 61.76 79.49 -27.34
N PRO E 297 62.56 80.47 -26.86
CA PRO E 297 62.81 80.56 -25.42
C PRO E 297 61.55 80.90 -24.63
N VAL E 298 60.60 81.57 -25.27
CA VAL E 298 59.32 81.93 -24.63
C VAL E 298 58.39 80.73 -24.62
N TYR E 299 58.41 79.91 -25.68
CA TYR E 299 57.46 78.79 -25.79
C TYR E 299 57.73 77.76 -24.70
N LEU E 300 59.00 77.37 -24.56
CA LEU E 300 59.41 76.48 -23.46
C LEU E 300 59.03 77.11 -22.11
N GLY E 301 59.21 78.42 -21.98
CA GLY E 301 58.81 79.12 -20.76
C GLY E 301 57.32 79.01 -20.51
N LEU E 302 56.52 79.03 -21.57
CA LEU E 302 55.05 78.88 -21.42
C LEU E 302 54.75 77.46 -20.94
N LEU E 303 55.42 76.48 -21.51
CA LEU E 303 55.19 75.07 -21.15
C LEU E 303 55.69 74.81 -19.74
N THR E 304 56.85 75.36 -19.41
CA THR E 304 57.50 75.18 -18.11
C THR E 304 56.59 75.66 -16.99
N ASP E 305 55.74 76.65 -17.26
CA ASP E 305 54.84 77.20 -16.23
C ASP E 305 53.57 76.37 -16.11
N TRP E 306 53.20 75.65 -17.15
CA TRP E 306 51.95 74.86 -17.14
C TRP E 306 52.15 73.54 -16.42
N GLY E 307 53.32 72.93 -16.55
CA GLY E 307 53.67 71.75 -15.75
C GLY E 307 53.57 72.05 -14.26
N GLN E 308 54.24 73.13 -13.83
CA GLN E 308 54.49 73.44 -12.41
C GLN E 308 53.20 73.56 -11.61
N ARG E 309 52.09 73.84 -12.29
CA ARG E 309 50.77 73.92 -11.64
C ARG E 309 49.98 72.63 -11.87
N LEU E 310 50.67 71.50 -11.91
CA LEU E 310 50.04 70.18 -11.79
C LEU E 310 50.33 69.57 -10.43
N HIS E 311 49.60 68.52 -10.10
CA HIS E 311 49.79 67.75 -8.86
C HIS E 311 49.55 66.28 -9.18
N TYR E 312 50.35 65.43 -8.56
CA TYR E 312 50.29 63.97 -8.78
C TYR E 312 49.38 63.35 -7.73
N ASP E 313 48.46 62.50 -8.16
CA ASP E 313 47.66 61.68 -7.24
C ASP E 313 48.16 60.22 -7.30
N LEU E 314 48.28 59.59 -6.15
CA LEU E 314 48.93 58.27 -6.07
C LEU E 314 47.97 57.17 -6.52
N GLN E 315 46.66 57.38 -6.48
CA GLN E 315 45.74 56.26 -6.69
C GLN E 315 45.59 56.02 -8.19
N LYS E 316 45.46 57.10 -8.95
CA LYS E 316 45.53 57.07 -10.42
C LYS E 316 46.90 57.59 -10.82
N GLY E 317 47.67 56.82 -11.58
CA GLY E 317 49.07 57.16 -11.85
C GLY E 317 49.23 58.23 -12.90
N ILE E 318 48.65 59.40 -12.67
CA ILE E 318 48.50 60.46 -13.70
C ILE E 318 48.67 61.80 -13.02
N TRP E 319 49.48 62.66 -13.62
CA TRP E 319 49.51 64.06 -13.19
C TRP E 319 48.21 64.72 -13.62
N VAL E 320 47.72 65.63 -12.78
CA VAL E 320 46.49 66.39 -13.05
C VAL E 320 46.67 67.81 -12.55
N GLY E 321 45.80 68.69 -13.03
CA GLY E 321 45.76 70.07 -12.56
C GLY E 321 44.64 70.27 -11.57
N THR E 322 44.73 71.39 -10.85
CA THR E 322 43.70 71.79 -9.87
C THR E 322 42.53 72.40 -10.65
N GLU E 323 42.81 73.47 -11.41
CA GLU E 323 41.80 74.14 -12.25
C GLU E 323 41.56 73.30 -13.51
N SER E 324 40.37 73.46 -14.09
CA SER E 324 39.92 72.69 -15.28
C SER E 324 40.66 73.11 -16.55
N GLN E 325 41.16 74.34 -16.62
CA GLN E 325 41.85 74.91 -17.81
C GLN E 325 43.37 74.70 -17.75
N ASP E 326 43.86 73.80 -16.90
CA ASP E 326 45.30 73.46 -16.81
C ASP E 326 45.58 72.30 -17.76
N VAL E 327 46.64 72.44 -18.55
CA VAL E 327 46.89 71.56 -19.71
C VAL E 327 47.04 70.14 -19.16
N PRO E 328 46.37 69.12 -19.72
CA PRO E 328 46.61 67.75 -19.27
C PRO E 328 47.98 67.19 -19.67
N TRP E 329 48.27 66.06 -19.03
CA TRP E 329 49.51 65.30 -19.21
C TRP E 329 49.67 64.90 -20.66
N GLU E 330 48.59 64.44 -21.29
CA GLU E 330 48.69 63.86 -22.63
C GLU E 330 49.07 64.95 -23.63
N GLU E 331 48.38 66.09 -23.56
CA GLU E 331 48.66 67.21 -24.48
C GLU E 331 50.09 67.69 -24.28
N LEU E 332 50.51 67.82 -23.02
CA LEU E 332 51.85 68.35 -22.73
C LEU E 332 52.92 67.36 -23.21
N HIS E 333 52.71 66.08 -22.99
CA HIS E 333 53.58 65.03 -23.53
C HIS E 333 53.66 65.12 -25.05
N ASN E 334 52.53 65.33 -25.71
CA ASN E 334 52.49 65.45 -27.18
C ASN E 334 53.38 66.60 -27.62
N ARG E 335 53.27 67.73 -26.93
CA ARG E 335 54.05 68.92 -27.31
C ARG E 335 55.53 68.67 -27.17
N PHE E 336 55.94 68.07 -26.06
CA PHE E 336 57.37 67.84 -25.82
C PHE E 336 57.89 66.76 -26.79
N GLN E 337 57.04 65.80 -27.12
CA GLN E 337 57.44 64.75 -28.07
C GLN E 337 57.68 65.36 -29.46
N SER E 338 56.77 66.24 -29.88
CA SER E 338 56.93 66.95 -31.16
C SER E 338 58.20 67.78 -31.15
N LEU E 339 58.45 68.50 -30.06
CA LEU E 339 59.66 69.34 -29.95
C LEU E 339 60.92 68.47 -30.01
N CYS E 340 60.89 67.28 -29.43
CA CYS E 340 62.07 66.39 -29.46
C CYS E 340 62.25 65.76 -30.83
N GLN E 341 61.14 65.47 -31.53
CA GLN E 341 61.18 64.99 -32.92
C GLN E 341 61.22 66.22 -33.86
N ALA E 342 62.39 66.85 -33.89
CA ALA E 342 62.59 68.13 -34.59
C ALA E 342 64.06 68.23 -34.99
N PRO E 343 64.46 69.30 -35.69
CA PRO E 343 65.89 69.53 -35.96
C PRO E 343 66.72 69.64 -34.69
N PRO E 344 68.03 69.33 -34.75
CA PRO E 344 68.89 69.38 -33.57
C PRO E 344 69.01 70.73 -32.87
N PRO E 345 68.99 71.90 -33.58
CA PRO E 345 69.03 73.20 -32.91
C PRO E 345 68.01 73.47 -31.79
N LEU E 346 66.86 72.80 -31.83
CA LEU E 346 65.80 72.93 -30.81
C LEU E 346 65.78 71.76 -29.84
N LYS E 347 66.24 70.58 -30.25
CA LYS E 347 66.23 69.40 -29.38
C LYS E 347 67.09 69.65 -28.13
N ASP E 348 68.31 70.11 -28.33
CA ASP E 348 69.22 70.43 -27.21
C ASP E 348 68.61 71.54 -26.33
N LYS E 349 67.93 72.51 -26.94
CA LYS E 349 67.34 73.63 -26.19
C LYS E 349 66.29 73.09 -25.22
N VAL E 350 65.32 72.34 -25.75
CA VAL E 350 64.21 71.81 -24.92
C VAL E 350 64.78 70.83 -23.89
N LEU E 351 65.77 70.02 -24.28
CA LEU E 351 66.34 69.00 -23.38
C LEU E 351 67.03 69.68 -22.21
N THR E 352 67.81 70.71 -22.47
CA THR E 352 68.51 71.46 -21.40
C THR E 352 67.49 72.19 -20.53
N ALA E 353 66.46 72.76 -21.14
CA ALA E 353 65.42 73.46 -20.37
C ALA E 353 64.68 72.49 -19.45
N LEU E 354 64.58 71.22 -19.85
CA LEU E 354 63.90 70.21 -19.02
C LEU E 354 64.84 69.74 -17.91
N GLU E 355 66.10 69.50 -18.22
CA GLU E 355 67.06 69.02 -17.20
C GLU E 355 67.27 70.09 -16.12
N THR E 356 67.41 71.35 -16.53
CA THR E 356 67.62 72.46 -15.59
C THR E 356 66.40 72.67 -14.70
N CYS E 357 65.21 72.28 -15.17
CA CYS E 357 63.97 72.40 -14.39
C CYS E 357 63.74 71.15 -13.54
N LYS E 358 64.32 70.01 -13.93
CA LYS E 358 64.33 68.80 -13.09
C LYS E 358 65.20 69.04 -11.87
N ALA E 359 66.47 69.37 -12.10
CA ALA E 359 67.44 69.58 -11.01
C ALA E 359 66.97 70.71 -10.09
N GLN E 360 66.23 71.69 -10.61
CA GLN E 360 65.70 72.80 -9.79
C GLN E 360 64.71 72.29 -8.75
N ASP E 361 64.02 71.18 -9.01
CA ASP E 361 62.98 70.59 -8.14
C ASP E 361 63.46 69.26 -7.53
N GLY E 362 64.73 69.14 -7.18
CA GLY E 362 65.31 67.89 -6.66
C GLY E 362 65.65 66.96 -7.81
N ASP E 363 66.89 66.47 -7.83
CA ASP E 363 67.39 65.64 -8.95
C ASP E 363 67.03 64.18 -8.66
N PHE E 364 65.74 63.92 -8.62
CA PHE E 364 65.20 62.56 -8.44
C PHE E 364 65.31 61.79 -9.74
N GLU E 365 65.21 60.47 -9.63
CA GLU E 365 65.26 59.54 -10.79
C GLU E 365 64.17 58.51 -10.64
N VAL E 366 63.00 58.92 -10.14
CA VAL E 366 61.93 57.97 -9.76
C VAL E 366 60.60 58.72 -9.84
N PRO E 367 59.51 58.06 -10.31
CA PRO E 367 58.27 58.80 -10.52
C PRO E 367 57.42 59.01 -9.28
N GLY E 368 56.64 60.10 -9.33
CA GLY E 368 55.78 60.56 -8.24
C GLY E 368 56.25 61.83 -7.59
N LEU E 369 57.35 62.42 -8.05
CA LEU E 369 58.03 63.52 -7.35
C LEU E 369 58.23 64.74 -8.24
N SER E 370 58.47 64.53 -9.53
CA SER E 370 58.79 65.62 -10.47
C SER E 370 58.18 65.31 -11.83
N ILE E 371 57.32 66.20 -12.28
CA ILE E 371 56.72 66.14 -13.62
C ILE E 371 57.85 66.06 -14.67
N TRP E 372 58.98 66.72 -14.42
CA TRP E 372 60.04 66.77 -15.44
C TRP E 372 60.79 65.46 -15.54
N THR E 373 61.02 64.79 -14.41
CA THR E 373 61.56 63.43 -14.42
C THR E 373 60.58 62.53 -15.17
N ASP E 374 59.29 62.70 -14.94
CA ASP E 374 58.30 61.82 -15.58
C ASP E 374 58.27 62.05 -17.08
N LEU E 375 58.36 63.31 -17.53
CA LEU E 375 58.51 63.61 -18.98
C LEU E 375 59.72 62.88 -19.53
N LEU E 376 60.90 63.21 -19.03
CA LEU E 376 62.16 62.62 -19.53
C LEU E 376 62.13 61.09 -19.49
N LEU E 377 61.37 60.50 -18.58
CA LEU E 377 61.21 59.04 -18.55
C LEU E 377 60.32 58.59 -19.70
N ALA E 378 59.24 59.33 -19.97
CA ALA E 378 58.26 58.94 -21.00
C ALA E 378 58.80 59.16 -22.42
N LEU E 379 59.72 60.11 -22.62
CA LEU E 379 60.34 60.33 -23.93
C LEU E 379 61.17 59.11 -24.36
N ARG E 380 61.74 58.39 -23.39
CA ARG E 380 62.51 57.16 -23.63
C ARG E 380 61.67 55.94 -23.25
N CYS F 31 49.44 -33.24 11.33
CA CYS F 31 49.49 -31.95 10.58
C CYS F 31 49.41 -30.75 11.52
N LEU F 32 48.45 -30.76 12.45
CA LEU F 32 48.28 -29.67 13.44
C LEU F 32 49.45 -29.61 14.41
N ASP F 33 50.09 -30.74 14.71
CA ASP F 33 51.35 -30.74 15.48
C ASP F 33 52.39 -29.89 14.75
N LEU F 34 52.53 -30.10 13.45
CA LEU F 34 53.52 -29.35 12.64
C LEU F 34 53.15 -27.87 12.59
N TRP F 35 51.88 -27.57 12.32
CA TRP F 35 51.43 -26.16 12.26
C TRP F 35 51.66 -25.46 13.59
N ARG F 36 51.39 -26.15 14.71
CA ARG F 36 51.53 -25.52 16.04
C ARG F 36 53.01 -25.33 16.38
N GLU F 37 53.85 -26.31 16.08
CA GLU F 37 55.30 -26.15 16.27
C GLU F 37 55.81 -25.00 15.40
N LYS F 38 55.23 -24.83 14.21
CA LYS F 38 55.65 -23.75 13.29
C LYS F 38 55.26 -22.39 13.86
N ASN F 39 54.03 -22.26 14.36
CA ASN F 39 53.57 -21.00 14.98
C ASN F 39 54.46 -20.67 16.18
N ASP F 40 54.71 -21.66 17.03
CA ASP F 40 55.58 -21.47 18.21
C ASP F 40 56.99 -21.07 17.77
N ARG F 41 57.48 -21.66 16.69
CA ARG F 41 58.82 -21.36 16.15
C ARG F 41 58.90 -19.90 15.70
N LEU F 42 57.91 -19.46 14.94
CA LEU F 42 57.90 -18.08 14.42
C LEU F 42 57.72 -17.09 15.55
N VAL F 43 56.96 -17.46 16.59
CA VAL F 43 56.78 -16.58 17.77
C VAL F 43 58.12 -16.46 18.51
N ARG F 44 58.83 -17.57 18.71
CA ARG F 44 60.16 -17.53 19.33
C ARG F 44 61.11 -16.67 18.49
N GLN F 45 61.02 -16.78 17.17
CA GLN F 45 61.90 -16.00 16.27
C GLN F 45 61.63 -14.51 16.43
N ALA F 46 60.34 -14.12 16.35
CA ALA F 46 59.93 -12.71 16.51
C ALA F 46 60.36 -12.18 17.87
N LYS F 47 60.20 -12.97 18.93
CA LYS F 47 60.57 -12.51 20.28
C LYS F 47 62.08 -12.40 20.44
N VAL F 48 62.83 -13.32 19.85
CA VAL F 48 64.31 -13.20 19.82
C VAL F 48 64.70 -11.90 19.10
N ALA F 49 64.02 -11.60 17.99
CA ALA F 49 64.28 -10.37 17.23
C ALA F 49 64.01 -9.15 18.11
N GLN F 50 62.88 -9.15 18.82
CA GLN F 50 62.54 -8.02 19.73
C GLN F 50 63.61 -7.84 20.79
N ASN F 51 64.00 -8.93 21.47
CA ASN F 51 64.89 -8.85 22.64
C ASN F 51 66.31 -8.46 22.20
N SER F 52 66.76 -9.01 21.06
CA SER F 52 68.16 -8.95 20.62
C SER F 52 68.29 -8.17 19.31
N GLY F 53 69.46 -8.25 18.68
CA GLY F 53 69.67 -7.81 17.31
C GLY F 53 70.06 -6.35 17.22
N LEU F 54 70.42 -5.97 15.99
CA LEU F 54 70.67 -4.56 15.59
C LEU F 54 69.56 -4.11 14.65
N THR F 55 69.67 -2.87 14.19
CA THR F 55 68.59 -2.16 13.47
C THR F 55 68.18 -2.91 12.20
N LEU F 56 69.12 -3.60 11.54
CA LEU F 56 68.82 -4.42 10.35
C LEU F 56 68.28 -5.77 10.77
N ARG F 57 69.10 -6.56 11.46
CA ARG F 57 68.82 -7.98 11.72
C ARG F 57 67.48 -8.14 12.44
N ARG F 58 67.13 -7.20 13.30
CA ARG F 58 65.78 -7.16 13.93
C ARG F 58 64.68 -7.18 12.87
N GLN F 59 64.68 -6.18 11.99
CA GLN F 59 63.61 -6.04 10.98
C GLN F 59 63.67 -7.18 9.97
N GLN F 60 64.86 -7.67 9.66
CA GLN F 60 65.01 -8.82 8.74
C GLN F 60 64.35 -10.06 9.34
N LEU F 61 64.71 -10.40 10.58
CA LEU F 61 64.08 -11.55 11.28
C LEU F 61 62.58 -11.34 11.42
N ALA F 62 62.15 -10.11 11.68
CA ALA F 62 60.73 -9.81 11.85
C ALA F 62 59.97 -10.05 10.55
N GLN F 63 60.54 -9.61 9.42
CA GLN F 63 59.88 -9.82 8.11
C GLN F 63 59.90 -11.29 7.74
N ASP F 64 60.95 -12.01 8.10
CA ASP F 64 60.99 -13.48 7.87
C ASP F 64 59.87 -14.15 8.66
N ALA F 65 59.75 -13.82 9.95
CA ALA F 65 58.66 -14.36 10.78
C ALA F 65 57.30 -13.96 10.22
N LEU F 66 57.20 -12.76 9.66
CA LEU F 66 55.94 -12.28 9.09
C LEU F 66 55.56 -13.10 7.86
N GLU F 67 56.52 -13.37 6.98
CA GLU F 67 56.28 -14.26 5.82
C GLU F 67 55.88 -15.65 6.33
N GLY F 68 56.54 -16.13 7.38
CA GLY F 68 56.21 -17.43 7.97
C GLY F 68 54.76 -17.48 8.41
N LEU F 69 54.33 -16.49 9.18
CA LEU F 69 52.96 -16.46 9.72
C LEU F 69 51.95 -16.27 8.59
N ARG F 70 52.30 -15.52 7.54
CA ARG F 70 51.43 -15.38 6.37
C ARG F 70 51.22 -16.74 5.71
N GLY F 71 52.31 -17.46 5.43
CA GLY F 71 52.22 -18.78 4.81
C GLY F 71 51.48 -19.77 5.67
N LEU F 72 51.65 -19.69 6.99
CA LEU F 72 50.98 -20.61 7.92
C LEU F 72 49.49 -20.30 7.98
N LEU F 73 49.11 -19.02 7.95
CA LEU F 73 47.69 -18.64 7.87
C LEU F 73 47.10 -19.17 6.56
N HIS F 74 47.83 -19.04 5.45
CA HIS F 74 47.39 -19.60 4.16
C HIS F 74 47.17 -21.11 4.27
N SER F 75 48.11 -21.80 4.91
CA SER F 75 48.05 -23.27 5.07
C SER F 75 46.81 -23.65 5.89
N LEU F 76 46.55 -22.94 6.97
CA LEU F 76 45.41 -23.28 7.86
C LEU F 76 44.08 -22.90 7.19
N GLN F 77 44.05 -21.80 6.44
CA GLN F 77 42.83 -21.33 5.75
C GLN F 77 42.55 -22.14 4.48
N GLY F 78 43.52 -22.89 3.97
CA GLY F 78 43.30 -23.80 2.84
C GLY F 78 42.30 -24.90 3.13
N LEU F 79 42.17 -25.34 4.39
CA LEU F 79 41.23 -26.41 4.81
C LEU F 79 39.92 -25.79 5.26
N PRO F 80 38.79 -26.56 5.29
CA PRO F 80 37.58 -26.15 6.01
C PRO F 80 37.74 -26.51 7.49
N ALA F 81 38.38 -25.60 8.24
CA ALA F 81 38.89 -25.90 9.60
C ALA F 81 37.73 -26.19 10.55
N ALA F 82 37.97 -27.11 11.47
CA ALA F 82 37.01 -27.59 12.46
C ALA F 82 37.29 -26.89 13.79
N VAL F 83 36.65 -27.34 14.87
CA VAL F 83 36.80 -26.79 16.24
C VAL F 83 38.25 -26.88 16.72
N PRO F 84 38.93 -28.05 16.72
CA PRO F 84 40.27 -28.12 17.31
C PRO F 84 41.37 -27.43 16.49
N VAL F 85 41.12 -27.23 15.19
CA VAL F 85 41.97 -26.41 14.30
C VAL F 85 41.73 -24.90 14.53
N LEU F 86 40.58 -24.53 15.10
CA LEU F 86 40.18 -23.11 15.27
C LEU F 86 41.13 -22.37 16.19
N PRO F 87 41.37 -22.77 17.47
CA PRO F 87 42.17 -21.94 18.38
C PRO F 87 43.65 -21.84 18.03
N LEU F 88 44.15 -22.70 17.13
CA LEU F 88 45.51 -22.53 16.55
C LEU F 88 45.49 -21.48 15.45
N GLU F 89 44.51 -21.58 14.55
CA GLU F 89 44.30 -20.61 13.45
C GLU F 89 44.15 -19.19 14.03
N LEU F 90 43.38 -19.05 15.11
CA LEU F 90 43.13 -17.71 15.68
C LEU F 90 44.38 -17.19 16.40
N THR F 91 45.10 -18.06 17.09
CA THR F 91 46.38 -17.66 17.71
C THR F 91 47.34 -17.16 16.62
N VAL F 92 47.37 -17.86 15.48
CA VAL F 92 48.20 -17.44 14.33
C VAL F 92 47.74 -16.08 13.82
N THR F 93 46.42 -15.89 13.68
CA THR F 93 45.87 -14.63 13.12
C THR F 93 46.21 -13.46 14.03
N CYS F 94 46.05 -13.63 15.33
CA CYS F 94 46.37 -12.58 16.32
C CYS F 94 47.87 -12.27 16.29
N ASN F 95 48.72 -13.30 16.35
CA ASN F 95 50.18 -13.13 16.31
C ASN F 95 50.66 -12.55 14.99
N PHE F 96 49.87 -12.69 13.93
CA PHE F 96 50.19 -12.16 12.59
C PHE F 96 49.83 -10.68 12.52
N ILE F 97 48.63 -10.31 12.99
CA ILE F 97 48.22 -8.88 12.99
C ILE F 97 49.13 -8.08 13.92
N ILE F 98 49.51 -8.65 15.06
CA ILE F 98 50.41 -7.95 16.00
C ILE F 98 51.71 -7.57 15.27
N LEU F 99 52.37 -8.55 14.68
CA LEU F 99 53.69 -8.32 14.06
C LEU F 99 53.53 -7.53 12.76
N ARG F 100 52.35 -7.54 12.15
CA ARG F 100 52.07 -6.67 10.99
C ARG F 100 52.03 -5.21 11.44
N ALA F 101 51.27 -4.91 12.49
CA ALA F 101 51.00 -3.52 12.92
C ALA F 101 52.19 -2.94 13.69
N SER F 102 52.99 -3.78 14.37
CA SER F 102 54.19 -3.32 15.08
C SER F 102 55.27 -2.84 14.09
N LEU F 103 55.29 -3.41 12.88
CA LEU F 103 56.27 -3.02 11.84
C LEU F 103 55.75 -1.87 10.99
N ALA F 104 54.51 -1.97 10.50
CA ALA F 104 53.87 -0.86 9.76
C ALA F 104 53.70 0.37 10.66
N GLN F 105 53.66 0.18 11.99
CA GLN F 105 53.55 1.27 13.00
C GLN F 105 52.23 2.00 12.80
N GLY F 106 51.16 1.22 12.73
CA GLY F 106 49.80 1.75 12.60
C GLY F 106 48.87 0.70 12.03
N PHE F 107 47.67 0.66 12.58
CA PHE F 107 46.61 -0.26 12.11
C PHE F 107 46.01 0.28 10.82
N THR F 108 45.45 -0.62 10.03
CA THR F 108 44.66 -0.31 8.83
C THR F 108 43.59 -1.39 8.66
N GLU F 109 43.09 -1.54 7.42
CA GLU F 109 41.87 -2.33 7.15
C GLU F 109 42.19 -3.74 6.68
N ASP F 110 43.41 -4.03 6.22
CA ASP F 110 43.79 -5.43 5.91
C ASP F 110 43.71 -6.28 7.18
N GLN F 111 44.15 -5.74 8.31
CA GLN F 111 44.06 -6.47 9.58
C GLN F 111 42.58 -6.69 9.93
N ALA F 112 41.73 -5.69 9.71
CA ALA F 112 40.30 -5.81 10.02
C ALA F 112 39.67 -6.90 9.14
N GLN F 113 40.02 -6.94 7.87
CA GLN F 113 39.52 -7.98 6.95
C GLN F 113 40.05 -9.36 7.35
N ASP F 114 41.26 -9.44 7.89
CA ASP F 114 41.79 -10.72 8.42
C ASP F 114 40.98 -11.16 9.64
N ILE F 115 40.62 -10.20 10.50
CA ILE F 115 39.73 -10.49 11.65
C ILE F 115 38.39 -11.02 11.12
N GLN F 116 37.86 -10.40 10.07
CA GLN F 116 36.59 -10.85 9.46
C GLN F 116 36.73 -12.28 8.96
N ARG F 117 37.84 -12.58 8.29
CA ARG F 117 38.11 -13.94 7.78
C ARG F 117 38.08 -14.93 8.93
N SER F 118 38.87 -14.68 9.97
CA SER F 118 38.91 -15.55 11.16
C SER F 118 37.53 -15.65 11.81
N LEU F 119 36.75 -14.57 11.82
CA LEU F 119 35.43 -14.59 12.50
C LEU F 119 34.43 -15.44 11.71
N GLU F 120 34.40 -15.31 10.39
CA GLU F 120 33.54 -16.19 9.57
C GLU F 120 34.02 -17.64 9.71
N ARG F 121 35.32 -17.85 9.88
CA ARG F 121 35.85 -19.21 10.10
C ARG F 121 35.34 -19.78 11.42
N VAL F 122 35.20 -18.95 12.46
CA VAL F 122 34.61 -19.38 13.75
C VAL F 122 33.12 -19.61 13.57
N LEU F 123 32.45 -18.76 12.79
CA LEU F 123 30.98 -18.77 12.68
C LEU F 123 30.47 -19.93 11.82
N GLU F 124 31.15 -20.27 10.72
CA GLU F 124 30.69 -21.31 9.78
C GLU F 124 31.05 -22.72 10.25
N THR F 125 31.90 -22.88 11.27
CA THR F 125 32.17 -24.19 11.88
C THR F 125 30.95 -24.64 12.69
N GLN F 126 30.54 -23.82 13.67
CA GLN F 126 29.47 -24.16 14.62
C GLN F 126 28.13 -23.66 14.10
N GLU F 127 27.99 -22.33 13.98
CA GLU F 127 26.69 -21.64 13.80
C GLU F 127 26.55 -21.10 12.38
N GLU F 134 28.42 -12.32 9.06
CA GLU F 134 28.51 -12.46 7.58
C GLU F 134 28.50 -11.08 6.91
N GLN F 135 27.54 -10.24 7.28
CA GLN F 135 27.33 -8.92 6.65
C GLN F 135 28.44 -7.95 7.09
N GLY F 136 28.69 -7.85 8.39
CA GLY F 136 29.65 -6.88 8.92
C GLY F 136 30.04 -7.20 10.35
N LEU F 137 31.05 -6.48 10.84
CA LEU F 137 31.81 -6.88 12.03
C LEU F 137 30.97 -6.74 13.31
N ARG F 138 30.12 -5.71 13.40
CA ARG F 138 29.36 -5.46 14.64
C ARG F 138 28.38 -6.60 14.91
N GLU F 139 27.50 -6.89 13.96
CA GLU F 139 26.53 -8.01 14.07
C GLU F 139 27.27 -9.35 14.08
N LEU F 140 28.35 -9.48 13.31
CA LEU F 140 29.16 -10.72 13.33
C LEU F 140 29.72 -10.94 14.73
N TRP F 141 30.21 -9.89 15.38
CA TRP F 141 30.77 -10.03 16.75
C TRP F 141 29.65 -10.38 17.72
N ASP F 142 28.48 -9.78 17.57
CA ASP F 142 27.34 -10.09 18.46
C ASP F 142 26.97 -11.56 18.33
N SER F 143 26.93 -12.08 17.10
CA SER F 143 26.57 -13.49 16.85
C SER F 143 27.70 -14.42 17.30
N VAL F 144 28.94 -14.01 17.12
CA VAL F 144 30.10 -14.84 17.56
C VAL F 144 30.12 -14.90 19.08
N LEU F 145 29.76 -13.82 19.75
CA LEU F 145 29.70 -13.83 21.23
C LEU F 145 28.47 -14.59 21.71
N ARG F 146 27.38 -14.61 20.95
CA ARG F 146 26.26 -15.54 21.23
C ARG F 146 26.77 -16.98 21.17
N ALA F 147 27.53 -17.32 20.12
CA ALA F 147 28.14 -18.66 20.00
C ALA F 147 29.13 -18.93 21.13
N SER F 148 29.88 -17.92 21.57
CA SER F 148 30.83 -18.08 22.70
C SER F 148 30.09 -18.26 24.02
N CYS F 149 28.87 -17.72 24.13
CA CYS F 149 27.98 -17.92 25.29
C CYS F 149 27.52 -19.39 25.39
N LEU F 150 27.69 -20.18 24.32
CA LEU F 150 27.58 -21.66 24.35
C LEU F 150 28.83 -22.30 24.96
N LEU F 151 29.90 -21.51 25.19
CA LEU F 151 31.16 -21.89 25.87
C LEU F 151 31.89 -22.99 25.09
N PRO F 152 32.44 -22.70 23.90
CA PRO F 152 33.52 -23.51 23.34
C PRO F 152 34.85 -23.01 23.92
N GLU F 153 35.77 -23.93 24.20
CA GLU F 153 37.04 -23.60 24.91
C GLU F 153 38.00 -22.93 23.91
N LEU F 154 37.66 -21.69 23.52
CA LEU F 154 38.58 -20.79 22.81
C LEU F 154 38.37 -19.33 23.23
N LEU F 155 37.73 -19.09 24.38
CA LEU F 155 37.43 -17.71 24.85
C LEU F 155 38.71 -16.93 25.14
N SER F 156 39.80 -17.62 25.48
CA SER F 156 41.12 -16.97 25.67
C SER F 156 41.62 -16.34 24.37
N ALA F 157 41.38 -16.99 23.22
CA ALA F 157 41.74 -16.46 21.90
C ALA F 157 40.71 -15.45 21.40
N LEU F 158 39.43 -15.60 21.76
CA LEU F 158 38.40 -14.60 21.40
C LEU F 158 38.69 -13.27 22.11
N HIS F 159 39.05 -13.31 23.39
CA HIS F 159 39.37 -12.09 24.14
C HIS F 159 40.60 -11.39 23.56
N ARG F 160 41.58 -12.16 23.13
CA ARG F 160 42.80 -11.63 22.48
C ARG F 160 42.43 -10.93 21.17
N LEU F 161 41.60 -11.58 20.37
CA LEU F 161 41.07 -10.99 19.12
C LEU F 161 40.33 -9.69 19.44
N VAL F 162 39.55 -9.67 20.52
CA VAL F 162 38.80 -8.46 20.91
C VAL F 162 39.78 -7.36 21.29
N GLY F 163 40.86 -7.70 22.00
CA GLY F 163 41.90 -6.73 22.34
C GLY F 163 42.47 -6.08 21.09
N LEU F 164 42.90 -6.90 20.14
CA LEU F 164 43.48 -6.37 18.89
C LEU F 164 42.48 -5.50 18.13
N GLN F 165 41.25 -5.97 17.96
CA GLN F 165 40.23 -5.23 17.19
C GLN F 165 39.74 -3.99 17.93
N ALA F 166 39.74 -4.00 19.27
CA ALA F 166 39.43 -2.78 20.05
C ALA F 166 40.54 -1.75 19.84
N ALA F 167 41.80 -2.20 19.83
CA ALA F 167 42.95 -1.35 19.48
C ALA F 167 42.74 -0.73 18.09
N LEU F 168 42.31 -1.55 17.13
CA LEU F 168 42.10 -1.10 15.75
C LEU F 168 41.03 -0.01 15.67
N TRP F 169 39.86 -0.26 16.28
CA TRP F 169 38.76 0.74 16.30
C TRP F 169 39.17 2.00 17.05
N LEU F 170 40.00 1.87 18.09
CA LEU F 170 40.47 3.03 18.87
C LEU F 170 41.40 3.91 18.01
N SER F 171 42.40 3.29 17.39
CA SER F 171 43.36 4.01 16.51
C SER F 171 42.67 4.52 15.24
N ALA F 172 41.57 3.88 14.82
CA ALA F 172 40.73 4.33 13.69
C ALA F 172 39.66 5.34 14.12
N ASP F 173 39.48 5.60 15.43
CA ASP F 173 38.50 6.56 15.97
C ASP F 173 37.09 6.08 15.62
N ARG F 174 36.75 4.89 16.12
CA ARG F 174 35.45 4.22 15.93
C ARG F 174 34.87 3.97 17.32
N LEU F 175 34.79 5.04 18.10
CA LEU F 175 34.65 4.98 19.57
C LEU F 175 33.28 4.44 20.00
N GLY F 176 32.23 4.70 19.22
CA GLY F 176 30.86 4.43 19.67
C GLY F 176 30.55 2.95 19.75
N ASP F 177 30.80 2.22 18.66
CA ASP F 177 30.42 0.79 18.53
C ASP F 177 31.35 -0.12 19.35
N LEU F 178 32.55 0.35 19.69
CA LEU F 178 33.43 -0.37 20.64
C LEU F 178 32.69 -0.57 21.97
N ALA F 179 31.98 0.45 22.44
CA ALA F 179 31.17 0.35 23.66
C ALA F 179 30.09 -0.72 23.47
N LEU F 180 29.48 -0.76 22.29
CA LEU F 180 28.44 -1.76 21.99
C LEU F 180 29.02 -3.18 22.08
N LEU F 181 30.18 -3.38 21.47
CA LEU F 181 30.85 -4.70 21.50
C LEU F 181 31.18 -5.11 22.94
N LEU F 182 31.80 -4.21 23.69
CA LEU F 182 32.23 -4.55 25.07
C LEU F 182 31.00 -4.73 25.98
N GLU F 183 29.93 -4.01 25.69
CA GLU F 183 28.66 -4.15 26.43
C GLU F 183 28.04 -5.52 26.14
N THR F 184 28.21 -6.03 24.92
CA THR F 184 27.75 -7.39 24.53
C THR F 184 28.63 -8.45 25.19
N LEU F 185 29.94 -8.19 25.32
CA LEU F 185 30.86 -9.12 26.04
C LEU F 185 30.43 -9.26 27.49
N ASN F 186 30.32 -8.15 28.19
CA ASN F 186 29.84 -8.13 29.58
C ASN F 186 28.32 -8.28 29.55
N GLY F 187 27.67 -8.21 30.72
CA GLY F 187 26.20 -8.30 30.82
C GLY F 187 25.51 -7.22 30.00
N SER F 188 24.28 -7.51 29.55
CA SER F 188 23.48 -6.62 28.68
C SER F 188 22.74 -5.55 29.47
N GLN F 189 22.29 -5.86 30.69
CA GLN F 189 21.54 -4.89 31.55
C GLN F 189 22.46 -3.78 32.11
N SER F 190 23.77 -3.87 31.89
CA SER F 190 24.73 -2.76 32.13
C SER F 190 24.91 -1.91 30.86
N GLY F 191 23.88 -1.83 30.00
CA GLY F 191 23.90 -1.04 28.78
C GLY F 191 23.77 0.45 29.03
N ALA F 192 23.29 0.86 30.20
CA ALA F 192 23.16 2.29 30.55
C ALA F 192 24.54 2.96 30.70
N SER F 193 25.60 2.20 30.95
CA SER F 193 26.98 2.72 31.02
C SER F 193 27.50 3.12 29.64
N LYS F 194 27.23 4.36 29.22
CA LYS F 194 27.66 4.86 27.89
C LYS F 194 29.15 5.20 27.89
N ASP F 195 29.70 5.57 29.04
CA ASP F 195 31.14 5.92 29.15
C ASP F 195 31.97 4.64 28.92
N LEU F 196 33.03 4.78 28.11
CA LEU F 196 33.86 3.63 27.72
C LEU F 196 34.74 3.17 28.89
N LEU F 197 35.06 4.07 29.83
CA LEU F 197 36.14 3.83 30.81
C LEU F 197 35.72 2.76 31.81
N LEU F 198 34.52 2.90 32.38
CA LEU F 198 34.02 1.87 33.32
C LEU F 198 33.82 0.55 32.59
N LEU F 199 33.39 0.61 31.33
CA LEU F 199 33.15 -0.62 30.55
C LEU F 199 34.46 -1.36 30.31
N LEU F 200 35.51 -0.62 29.97
CA LEU F 200 36.86 -1.20 29.80
C LEU F 200 37.40 -1.71 31.13
N LYS F 201 37.08 -1.05 32.23
CA LYS F 201 37.49 -1.53 33.56
C LYS F 201 36.80 -2.85 33.88
N THR F 202 35.53 -2.97 33.54
CA THR F 202 34.76 -4.20 33.83
C THR F 202 35.20 -5.34 32.92
N TRP F 203 35.58 -5.03 31.67
CA TRP F 203 36.06 -6.07 30.74
C TRP F 203 37.28 -6.76 31.34
N SER F 204 37.10 -8.00 31.76
CA SER F 204 38.16 -8.80 32.39
C SER F 204 38.92 -9.58 31.31
N PRO F 205 40.14 -10.05 31.60
CA PRO F 205 40.70 -11.16 30.83
C PRO F 205 40.01 -12.45 31.25
N PRO F 206 39.80 -13.40 30.33
CA PRO F 206 38.87 -14.50 30.60
C PRO F 206 39.48 -15.56 31.52
N ALA F 207 40.77 -15.84 31.35
CA ALA F 207 41.44 -17.00 31.97
C ALA F 207 42.87 -16.64 32.32
N GLU F 208 43.53 -17.56 33.01
CA GLU F 208 44.98 -17.48 33.28
C GLU F 208 45.79 -17.96 32.08
N GLU F 209 45.14 -18.29 30.94
CA GLU F 209 45.82 -18.59 29.66
C GLU F 209 46.69 -19.84 29.83
N LEU F 210 46.04 -21.01 29.93
CA LEU F 210 46.73 -22.30 30.19
C LEU F 210 47.52 -22.70 28.95
N ASP F 211 48.15 -23.88 28.96
CA ASP F 211 49.07 -24.32 27.89
C ASP F 211 48.27 -24.49 26.59
N ALA F 212 48.06 -23.37 25.90
CA ALA F 212 47.52 -23.28 24.53
C ALA F 212 48.70 -23.02 23.61
N PRO F 213 48.50 -22.99 22.27
CA PRO F 213 49.55 -22.52 21.38
C PRO F 213 50.03 -21.11 21.72
N LEU F 214 51.35 -20.91 21.66
CA LEU F 214 51.99 -19.70 22.20
C LEU F 214 51.55 -18.47 21.43
N THR F 215 51.65 -17.34 22.11
CA THR F 215 51.15 -16.03 21.66
C THR F 215 52.18 -14.95 21.98
N LEU F 216 52.11 -13.85 21.25
CA LEU F 216 53.04 -12.73 21.43
C LEU F 216 52.63 -11.88 22.63
N GLN F 217 51.33 -11.70 22.85
CA GLN F 217 50.83 -10.83 23.93
C GLN F 217 49.47 -11.33 24.41
N ASP F 218 49.23 -11.20 25.72
CA ASP F 218 48.00 -11.63 26.40
C ASP F 218 47.00 -10.47 26.46
N ALA F 219 45.72 -10.80 26.64
CA ALA F 219 44.61 -9.84 26.57
C ALA F 219 44.63 -8.87 27.75
N GLN F 220 45.19 -9.26 28.90
CA GLN F 220 45.34 -8.29 30.01
C GLN F 220 46.40 -7.24 29.66
N GLY F 221 47.53 -7.68 29.10
CA GLY F 221 48.56 -6.75 28.61
C GLY F 221 48.01 -5.82 27.54
N LEU F 222 47.03 -6.28 26.77
CA LEU F 222 46.31 -5.39 25.82
C LEU F 222 45.32 -4.50 26.57
N LYS F 223 44.75 -4.99 27.66
CA LYS F 223 43.73 -4.23 28.41
C LYS F 223 44.36 -2.98 29.02
N ASP F 224 45.50 -3.13 29.69
CA ASP F 224 46.17 -1.98 30.33
C ASP F 224 46.51 -0.93 29.28
N VAL F 225 47.02 -1.40 28.15
CA VAL F 225 47.38 -0.54 27.01
C VAL F 225 46.15 0.23 26.53
N LEU F 226 45.07 -0.48 26.24
CA LEU F 226 43.82 0.17 25.78
C LEU F 226 43.32 1.20 26.81
N LEU F 227 43.46 0.88 28.09
CA LEU F 227 42.98 1.78 29.16
C LEU F 227 43.75 3.09 29.10
N THR F 228 45.07 3.01 29.25
CA THR F 228 45.91 4.22 29.28
C THR F 228 45.76 5.00 27.98
N ALA F 229 45.67 4.31 26.86
CA ALA F 229 45.61 4.98 25.55
C ALA F 229 44.29 5.72 25.41
N PHE F 230 43.18 5.09 25.77
CA PHE F 230 41.87 5.75 25.67
C PHE F 230 41.76 6.90 26.67
N ALA F 231 42.33 6.70 27.87
CA ALA F 231 42.31 7.76 28.90
C ALA F 231 43.07 8.97 28.40
N TYR F 232 44.27 8.76 27.89
CA TYR F 232 45.08 9.82 27.25
C TYR F 232 44.25 10.52 26.17
N ARG F 233 43.68 9.76 25.26
CA ARG F 233 42.96 10.36 24.11
C ARG F 233 41.81 11.24 24.60
N GLN F 234 40.99 10.72 25.51
CA GLN F 234 39.83 11.45 26.03
C GLN F 234 40.28 12.71 26.78
N GLY F 235 41.33 12.60 27.59
CA GLY F 235 41.88 13.74 28.32
C GLY F 235 42.35 14.84 27.38
N LEU F 236 43.16 14.49 26.39
CA LEU F 236 43.68 15.48 25.43
C LEU F 236 42.54 16.12 24.64
N GLN F 237 41.59 15.31 24.19
CA GLN F 237 40.43 15.85 23.45
C GLN F 237 39.66 16.83 24.33
N GLU F 238 39.45 16.50 25.60
CA GLU F 238 38.72 17.40 26.52
C GLU F 238 39.52 18.66 26.79
N LEU F 239 40.85 18.56 26.79
CA LEU F 239 41.71 19.76 26.93
C LEU F 239 41.52 20.68 25.72
N ILE F 240 41.62 20.11 24.53
CA ILE F 240 41.59 20.90 23.28
C ILE F 240 40.20 21.52 23.08
N THR F 241 39.13 20.82 23.47
CA THR F 241 37.74 21.27 23.32
C THR F 241 37.22 21.99 24.58
N GLY F 242 38.10 22.60 25.39
CA GLY F 242 37.70 23.48 26.48
C GLY F 242 36.99 22.76 27.61
N ASN F 243 37.46 21.58 28.00
CA ASN F 243 37.09 20.90 29.26
C ASN F 243 38.37 20.60 30.04
N PRO F 244 39.14 21.64 30.45
CA PRO F 244 40.36 21.42 31.23
C PRO F 244 40.11 21.14 32.71
N ASP F 245 38.87 20.78 33.08
CA ASP F 245 38.52 20.25 34.40
C ASP F 245 38.29 18.74 34.26
N LYS F 246 37.47 18.34 33.28
CA LYS F 246 37.20 16.92 32.98
C LYS F 246 38.49 16.19 32.58
N ALA F 247 39.43 16.90 31.96
CA ALA F 247 40.66 16.28 31.44
C ALA F 247 41.52 15.72 32.57
N LEU F 248 41.47 16.32 33.77
CA LEU F 248 42.37 15.93 34.87
C LEU F 248 42.10 14.49 35.28
N SER F 249 40.82 14.11 35.34
CA SER F 249 40.42 12.77 35.82
C SER F 249 40.98 11.70 34.88
N SER F 250 40.73 11.86 33.58
CA SER F 250 41.21 10.92 32.55
C SER F 250 42.73 10.85 32.58
N LEU F 251 43.39 12.00 32.75
CA LEU F 251 44.86 12.01 32.70
C LEU F 251 45.45 11.40 33.97
N HIS F 252 44.83 11.60 35.11
CA HIS F 252 45.27 10.93 36.34
C HIS F 252 45.06 9.42 36.21
N GLU F 253 43.98 9.00 35.54
CA GLU F 253 43.75 7.57 35.26
C GLU F 253 44.88 7.02 34.40
N ALA F 254 45.28 7.77 33.37
CA ALA F 254 46.37 7.35 32.49
C ALA F 254 47.70 7.32 33.24
N ALA F 255 47.88 8.20 34.23
CA ALA F 255 49.07 8.19 35.07
C ALA F 255 49.10 6.95 35.96
N SER F 256 48.01 6.69 36.67
CA SER F 256 47.90 5.55 37.60
C SER F 256 47.83 4.26 36.78
N GLY F 257 48.87 3.44 36.86
CA GLY F 257 48.92 2.12 36.21
C GLY F 257 50.18 1.97 35.40
N LEU F 258 50.12 1.09 34.40
CA LEU F 258 51.20 0.93 33.42
C LEU F 258 51.27 2.21 32.58
N CYS F 259 52.33 2.98 32.77
CA CYS F 259 52.54 4.27 32.08
C CYS F 259 54.02 4.40 31.78
N PRO F 260 54.47 4.08 30.54
CA PRO F 260 55.88 4.27 30.21
C PRO F 260 56.28 5.74 30.29
N ARG F 261 57.42 5.98 30.94
CA ARG F 261 58.03 7.29 31.22
C ARG F 261 57.87 8.26 30.05
N PRO F 262 58.15 7.86 28.79
CA PRO F 262 57.85 8.72 27.64
C PRO F 262 56.42 9.27 27.60
N VAL F 263 55.43 8.46 27.95
CA VAL F 263 54.02 8.90 27.96
C VAL F 263 53.71 9.61 29.27
N LEU F 264 54.39 9.24 30.35
CA LEU F 264 54.19 9.92 31.64
C LEU F 264 54.60 11.38 31.54
N VAL F 265 55.68 11.65 30.84
CA VAL F 265 56.09 13.04 30.55
C VAL F 265 54.96 13.80 29.87
N GLN F 266 54.37 13.21 28.85
CA GLN F 266 53.33 13.91 28.08
C GLN F 266 52.10 14.13 28.94
N VAL F 267 51.79 13.18 29.80
CA VAL F 267 50.66 13.34 30.73
C VAL F 267 50.90 14.52 31.66
N TYR F 268 52.05 14.55 32.31
CA TYR F 268 52.38 15.64 33.24
C TYR F 268 52.36 16.98 32.51
N THR F 269 52.87 17.00 31.29
CA THR F 269 52.83 18.22 30.48
C THR F 269 51.40 18.67 30.20
N ALA F 270 50.51 17.73 29.88
CA ALA F 270 49.10 18.08 29.65
C ALA F 270 48.42 18.54 30.93
N LEU F 271 48.82 18.00 32.08
CA LEU F 271 48.24 18.48 33.35
C LEU F 271 48.73 19.88 33.66
N GLY F 272 50.00 20.15 33.38
CA GLY F 272 50.51 21.52 33.47
C GLY F 272 49.71 22.47 32.60
N SER F 273 49.38 22.03 31.38
CA SER F 273 48.58 22.85 30.47
C SER F 273 47.19 23.10 31.04
N CYS F 274 46.58 22.07 31.62
CA CYS F 274 45.21 22.17 32.17
C CYS F 274 45.18 23.16 33.35
N HIS F 275 46.15 23.03 34.25
CA HIS F 275 46.26 23.94 35.39
C HIS F 275 46.52 25.37 34.92
N ARG F 276 47.41 25.55 33.95
CA ARG F 276 47.70 26.89 33.40
C ARG F 276 46.44 27.49 32.78
N LYS F 277 45.56 26.67 32.22
CA LYS F 277 44.32 27.18 31.60
C LYS F 277 43.33 27.58 32.69
N MET F 278 43.20 26.75 33.71
CA MET F 278 42.32 27.04 34.86
C MET F 278 42.74 28.35 35.53
N GLY F 279 44.03 28.52 35.77
CA GLY F 279 44.61 29.68 36.44
C GLY F 279 45.74 29.27 37.37
N ASN F 280 45.64 28.07 37.95
CA ASN F 280 46.53 27.58 39.03
C ASN F 280 47.96 27.47 38.50
N PRO F 281 48.90 28.39 38.84
CA PRO F 281 50.25 28.27 38.29
C PRO F 281 51.11 27.24 39.01
N GLN F 282 50.93 27.07 40.31
CA GLN F 282 51.94 26.36 41.13
C GLN F 282 51.86 24.85 40.96
N ARG F 283 50.64 24.31 40.96
CA ARG F 283 50.44 22.89 40.65
C ARG F 283 50.98 22.59 39.26
N ALA F 284 50.75 23.51 38.31
CA ALA F 284 51.26 23.39 36.94
C ALA F 284 52.78 23.25 36.97
N LEU F 285 53.45 24.23 37.58
CA LEU F 285 54.92 24.20 37.69
C LEU F 285 55.40 22.90 38.34
N LEU F 286 54.65 22.40 39.32
CA LEU F 286 55.04 21.16 40.00
C LEU F 286 55.04 19.99 39.00
N TYR F 287 53.95 19.88 38.24
CA TYR F 287 53.85 18.83 37.19
C TYR F 287 54.97 19.00 36.16
N LEU F 288 55.28 20.24 35.78
CA LEU F 288 56.32 20.48 34.78
C LEU F 288 57.68 20.03 35.31
N VAL F 289 57.96 20.28 36.58
CA VAL F 289 59.24 19.82 37.17
C VAL F 289 59.28 18.30 37.14
N ALA F 290 58.15 17.66 37.45
CA ALA F 290 58.06 16.20 37.40
C ALA F 290 58.39 15.70 36.00
N ALA F 291 57.86 16.39 35.00
CA ALA F 291 58.10 16.05 33.58
C ALA F 291 59.57 16.19 33.24
N LEU F 292 60.19 17.27 33.69
CA LEU F 292 61.62 17.49 33.43
C LEU F 292 62.43 16.34 34.03
N LYS F 293 62.18 16.02 35.31
CA LYS F 293 62.95 14.95 35.99
C LYS F 293 62.76 13.63 35.27
N GLU F 294 61.52 13.21 35.09
CA GLU F 294 61.21 11.89 34.52
C GLU F 294 61.67 11.80 33.06
N GLY F 295 61.76 12.92 32.36
CA GLY F 295 61.86 12.91 30.90
C GLY F 295 63.28 12.81 30.41
N SER F 296 63.43 12.11 29.28
CA SER F 296 64.57 12.23 28.36
C SER F 296 64.25 13.15 27.18
N ALA F 297 63.06 13.77 27.14
CA ALA F 297 62.59 14.65 26.04
C ALA F 297 61.80 15.83 26.62
N TRP F 298 62.52 16.88 26.99
CA TRP F 298 62.00 17.97 27.84
C TRP F 298 61.90 19.26 27.03
N GLY F 299 61.30 19.17 25.83
CA GLY F 299 60.97 20.35 25.03
C GLY F 299 59.60 20.93 25.37
N PRO F 300 58.54 20.17 25.14
CA PRO F 300 57.18 20.61 25.45
C PRO F 300 56.93 21.10 26.89
N PRO F 301 57.57 20.53 27.92
CA PRO F 301 57.50 21.16 29.23
C PRO F 301 57.99 22.60 29.23
N LEU F 302 59.14 22.86 28.63
CA LEU F 302 59.67 24.22 28.62
C LEU F 302 58.83 25.14 27.73
N LEU F 303 58.24 24.59 26.69
CA LEU F 303 57.30 25.40 25.90
C LEU F 303 56.11 25.80 26.73
N GLU F 304 55.54 24.87 27.48
CA GLU F 304 54.37 25.17 28.33
C GLU F 304 54.76 26.13 29.45
N ALA F 305 55.94 25.97 30.01
CA ALA F 305 56.47 26.90 31.01
C ALA F 305 56.49 28.32 30.46
N SER F 306 57.00 28.46 29.24
CA SER F 306 57.03 29.78 28.57
C SER F 306 55.62 30.32 28.38
N ARG F 307 54.68 29.48 27.96
CA ARG F 307 53.29 29.93 27.76
C ARG F 307 52.63 30.31 29.09
N LEU F 308 53.15 29.79 30.20
CA LEU F 308 52.64 30.16 31.54
C LEU F 308 53.21 31.50 31.95
N TYR F 309 54.53 31.59 31.92
CA TYR F 309 55.22 32.84 32.27
C TYR F 309 54.72 34.01 31.43
N GLN F 310 54.26 33.74 30.21
CA GLN F 310 53.64 34.79 29.40
C GLN F 310 52.33 35.26 30.01
N GLN F 311 51.53 34.33 30.55
CA GLN F 311 50.28 34.71 31.25
C GLN F 311 50.60 35.54 32.50
N LEU F 312 51.60 35.11 33.27
CA LEU F 312 51.97 35.84 34.51
C LEU F 312 52.63 37.17 34.18
N GLY F 313 53.21 37.31 32.99
CA GLY F 313 53.92 38.52 32.55
C GLY F 313 55.39 38.52 32.88
N ASP F 314 55.96 37.41 33.40
CA ASP F 314 57.39 37.34 33.72
C ASP F 314 58.17 37.08 32.43
N THR F 315 58.29 38.14 31.63
CA THR F 315 58.85 38.07 30.28
C THR F 315 60.29 37.57 30.34
N THR F 316 61.06 37.98 31.34
CA THR F 316 62.47 37.57 31.44
C THR F 316 62.57 36.06 31.57
N ALA F 317 61.72 35.49 32.40
CA ALA F 317 61.72 34.04 32.61
C ALA F 317 61.22 33.33 31.36
N GLU F 318 60.25 33.92 30.65
CA GLU F 318 59.79 33.36 29.35
C GLU F 318 60.98 33.22 28.40
N LEU F 319 61.72 34.31 28.22
CA LEU F 319 62.88 34.28 27.32
C LEU F 319 63.93 33.29 27.82
N GLU F 320 64.11 33.17 29.13
CA GLU F 320 65.13 32.25 29.65
C GLU F 320 64.73 30.80 29.40
N SER F 321 63.45 30.51 29.57
CA SER F 321 62.90 29.17 29.27
C SER F 321 63.12 28.82 27.81
N LEU F 322 62.83 29.76 26.90
CA LEU F 322 63.00 29.48 25.45
C LEU F 322 64.49 29.33 25.12
N GLU F 323 65.32 30.17 25.72
CA GLU F 323 66.79 30.03 25.57
C GLU F 323 67.22 28.62 25.92
N LEU F 324 66.67 28.05 26.99
CA LEU F 324 67.02 26.68 27.40
C LEU F 324 66.46 25.68 26.41
N LEU F 325 65.22 25.90 25.96
CA LEU F 325 64.52 24.95 25.08
C LEU F 325 65.30 24.75 23.78
N VAL F 326 65.87 25.82 23.25
CA VAL F 326 66.68 25.71 22.02
C VAL F 326 67.84 24.74 22.25
N GLU F 327 68.61 24.99 23.31
CA GLU F 327 69.78 24.15 23.63
C GLU F 327 69.33 22.71 23.86
N ALA F 328 68.15 22.54 24.45
CA ALA F 328 67.59 21.21 24.71
C ALA F 328 67.35 20.48 23.40
N LEU F 329 66.60 21.10 22.50
CA LEU F 329 66.33 20.50 21.18
C LEU F 329 67.58 20.35 20.30
N ASN F 330 68.69 20.99 20.65
CA ASN F 330 69.97 20.81 19.92
C ASN F 330 70.31 19.32 19.81
N VAL F 331 70.15 18.55 20.88
CA VAL F 331 70.49 17.11 20.86
C VAL F 331 69.43 16.36 20.05
N PRO F 332 69.82 15.39 19.17
CA PRO F 332 68.79 14.53 18.57
C PRO F 332 68.15 13.59 19.59
N ALA F 337 63.16 1.97 21.13
CA ALA F 337 63.31 0.98 20.06
C ALA F 337 61.95 0.44 19.62
N PRO F 338 61.77 0.07 18.33
CA PRO F 338 60.50 -0.49 17.87
C PRO F 338 60.31 -1.94 18.30
N GLN F 339 59.57 -2.17 19.39
CA GLN F 339 59.35 -3.53 19.91
C GLN F 339 58.24 -4.22 19.12
N PHE F 340 58.36 -5.53 18.94
CA PHE F 340 57.36 -6.36 18.22
C PHE F 340 56.29 -6.78 19.22
N LEU F 341 55.37 -5.84 19.42
CA LEU F 341 54.40 -5.88 20.52
C LEU F 341 53.50 -4.67 20.30
N ILE F 342 52.39 -4.64 21.01
CA ILE F 342 51.44 -3.51 20.92
C ILE F 342 51.62 -2.68 22.18
N GLU F 343 52.22 -1.50 22.01
CA GLU F 343 52.48 -0.54 23.08
C GLU F 343 51.53 0.63 22.91
N VAL F 344 51.70 1.63 23.77
CA VAL F 344 50.75 2.76 23.84
C VAL F 344 51.05 3.70 22.69
N GLU F 345 52.32 4.03 22.48
CA GLU F 345 52.80 4.97 21.45
C GLU F 345 52.19 4.65 20.08
N LEU F 346 52.10 3.36 19.74
CA LEU F 346 51.47 2.89 18.49
C LEU F 346 50.02 3.36 18.39
N LEU F 347 49.34 3.49 19.53
CA LEU F 347 47.90 3.82 19.56
C LEU F 347 47.65 5.30 19.75
N LEU F 348 48.55 6.03 20.38
CA LEU F 348 48.34 7.46 20.61
C LEU F 348 48.41 8.18 19.26
N PRO F 349 47.60 9.23 19.06
CA PRO F 349 47.57 9.89 17.76
C PRO F 349 48.74 10.86 17.63
N PRO F 350 49.19 11.17 16.41
CA PRO F 350 50.17 12.25 16.24
C PRO F 350 49.50 13.56 16.60
N PRO F 351 50.20 14.49 17.27
CA PRO F 351 49.56 15.67 17.85
C PRO F 351 49.30 16.77 16.83
N ASP F 352 48.36 17.63 17.21
CA ASP F 352 47.89 18.77 16.40
C ASP F 352 48.67 20.00 16.83
N LEU F 353 48.28 21.17 16.32
CA LEU F 353 48.88 22.48 16.66
C LEU F 353 48.28 23.11 17.90
N ALA F 354 47.02 22.79 18.21
CA ALA F 354 46.36 23.30 19.42
C ALA F 354 46.90 22.60 20.67
N SER F 355 47.47 21.40 20.50
CA SER F 355 47.96 20.56 21.60
C SER F 355 49.13 21.25 22.32
N PRO F 356 49.36 20.98 23.63
CA PRO F 356 50.61 21.38 24.28
C PRO F 356 51.82 20.51 23.97
N LEU F 357 51.63 19.44 23.23
CA LEU F 357 52.70 18.47 22.92
C LEU F 357 53.30 18.66 21.54
N HIS F 358 52.76 19.58 20.73
CA HIS F 358 53.44 20.10 19.54
C HIS F 358 54.69 20.88 19.96
N CYS F 359 55.86 20.37 19.64
CA CYS F 359 57.11 21.13 19.77
C CYS F 359 57.88 20.97 18.47
N GLY F 360 57.95 22.02 17.68
CA GLY F 360 58.68 21.96 16.41
C GLY F 360 60.16 21.92 16.69
N THR F 361 60.91 22.07 15.63
CA THR F 361 62.36 21.88 15.64
C THR F 361 63.03 23.13 16.23
N GLN F 362 64.30 23.01 16.56
CA GLN F 362 65.16 24.12 17.00
C GLN F 362 64.95 25.41 16.19
N SER F 363 64.85 25.32 14.88
CA SER F 363 64.64 26.51 14.05
C SER F 363 63.25 27.05 14.28
N GLN F 364 62.27 26.17 14.36
CA GLN F 364 60.88 26.64 14.51
C GLN F 364 60.62 27.20 15.90
N THR F 365 61.58 27.09 16.81
CA THR F 365 61.53 27.63 18.18
C THR F 365 62.47 28.81 18.31
N LYS F 366 63.60 28.78 17.63
CA LYS F 366 64.47 29.95 17.58
C LYS F 366 63.71 31.12 16.98
N HIS F 367 62.81 30.84 16.06
CA HIS F 367 61.94 31.89 15.54
C HIS F 367 60.97 32.37 16.59
N ILE F 368 60.48 31.50 17.47
CA ILE F 368 59.58 31.93 18.58
C ILE F 368 60.33 32.87 19.53
N LEU F 369 61.51 32.47 19.89
CA LEU F 369 62.35 33.29 20.75
C LEU F 369 62.58 34.67 20.16
N ALA F 370 63.00 34.71 18.92
CA ALA F 370 63.28 35.98 18.24
C ALA F 370 62.02 36.86 18.08
N SER F 371 60.92 36.25 17.70
CA SER F 371 59.64 36.94 17.56
C SER F 371 59.19 37.54 18.91
N ARG F 372 59.35 36.77 19.98
CA ARG F 372 58.85 37.19 21.30
C ARG F 372 59.84 38.18 21.92
N CYS F 373 61.08 38.13 21.49
CA CYS F 373 62.08 39.10 21.94
C CYS F 373 61.84 40.43 21.24
N LEU F 374 61.30 40.41 20.03
CA LEU F 374 61.02 41.64 19.26
C LEU F 374 59.70 42.26 19.67
N GLN F 375 58.70 41.45 19.96
CA GLN F 375 57.39 41.97 20.39
C GLN F 375 57.45 42.74 21.73
N THR F 376 58.48 42.52 22.55
CA THR F 376 58.58 43.09 23.90
C THR F 376 59.41 44.36 23.92
N GLY F 377 60.34 44.52 22.97
CA GLY F 377 61.26 45.66 22.93
C GLY F 377 62.63 45.31 23.46
N ARG F 378 63.18 44.20 22.96
CA ARG F 378 64.56 43.76 23.24
C ARG F 378 65.28 43.52 21.93
N ALA F 379 65.20 44.53 21.07
CA ALA F 379 65.40 44.36 19.62
C ALA F 379 66.86 44.00 19.33
N GLY F 380 67.81 44.46 20.15
CA GLY F 380 69.21 44.03 19.99
C GLY F 380 69.38 42.54 20.07
N ASP F 381 68.86 41.96 21.16
CA ASP F 381 68.84 40.50 21.35
C ASP F 381 68.07 39.83 20.22
N ALA F 382 66.96 40.44 19.81
CA ALA F 382 66.16 39.86 18.72
C ALA F 382 66.95 39.84 17.41
N ALA F 383 67.80 40.84 17.19
CA ALA F 383 68.61 40.90 15.98
C ALA F 383 69.61 39.77 15.97
N GLU F 384 70.28 39.54 17.10
CA GLU F 384 71.24 38.45 17.15
C GLU F 384 70.52 37.13 16.93
N HIS F 385 69.33 36.99 17.51
CA HIS F 385 68.57 35.74 17.37
C HIS F 385 68.19 35.53 15.90
N TYR F 386 67.72 36.58 15.25
CA TYR F 386 67.28 36.44 13.84
C TYR F 386 68.44 36.17 12.88
N LEU F 387 69.58 36.76 13.12
CA LEU F 387 70.76 36.45 12.29
C LEU F 387 71.23 35.03 12.55
N ASP F 388 71.13 34.55 13.79
CA ASP F 388 71.43 33.15 14.07
C ASP F 388 70.46 32.25 13.31
N LEU F 389 69.19 32.64 13.28
CA LEU F 389 68.18 31.86 12.55
C LEU F 389 68.52 31.80 11.06
N LEU F 390 68.77 32.94 10.43
CA LEU F 390 69.07 32.94 8.99
C LEU F 390 70.36 32.18 8.70
N ALA F 391 71.34 32.25 9.59
CA ALA F 391 72.55 31.43 9.43
C ALA F 391 72.17 29.95 9.40
N LEU F 392 71.30 29.52 10.29
CA LEU F 392 70.86 28.12 10.32
C LEU F 392 70.21 27.76 9.00
N LEU F 393 69.30 28.62 8.53
CA LEU F 393 68.46 28.26 7.37
C LEU F 393 69.24 28.26 6.05
N LEU F 394 70.07 29.25 5.84
CA LEU F 394 70.77 29.41 4.55
C LEU F 394 72.14 28.78 4.52
N ASP F 395 72.78 28.51 5.66
CA ASP F 395 74.04 27.73 5.71
C ASP F 395 73.74 26.24 5.89
N SER F 396 72.56 25.79 5.47
CA SER F 396 72.16 24.38 5.59
C SER F 396 72.30 23.74 4.22
N SER F 397 73.52 23.28 3.91
CA SER F 397 73.78 22.49 2.70
C SER F 397 74.35 21.11 3.05
N GLU F 398 75.41 21.08 3.87
CA GLU F 398 76.09 19.82 4.27
C GLU F 398 75.32 19.06 5.33
N PRO F 399 75.08 19.62 6.53
CA PRO F 399 74.60 18.82 7.66
C PRO F 399 73.11 18.50 7.52
N ARG F 400 72.55 17.88 8.55
CA ARG F 400 71.11 17.60 8.62
C ARG F 400 70.33 18.92 8.56
N PHE F 401 69.21 18.90 7.85
CA PHE F 401 68.44 20.10 7.53
C PHE F 401 67.73 20.68 8.75
N SER F 402 67.64 22.02 8.76
CA SER F 402 66.93 22.85 9.76
C SER F 402 65.84 23.62 9.03
N PRO F 403 64.54 23.34 9.23
CA PRO F 403 63.52 23.85 8.33
C PRO F 403 63.10 25.22 8.76
N PRO F 404 62.32 25.92 7.92
CA PRO F 404 61.79 27.20 8.30
C PRO F 404 60.49 27.01 9.02
N PRO F 405 59.94 28.06 9.64
CA PRO F 405 58.61 27.97 10.25
C PRO F 405 57.55 27.49 9.28
N SER F 406 56.47 26.96 9.85
CA SER F 406 55.41 26.34 9.08
C SER F 406 54.49 27.41 8.49
N PRO F 407 53.68 27.05 7.49
CA PRO F 407 52.94 28.07 6.75
C PRO F 407 51.62 28.47 7.40
N PRO F 408 51.35 28.16 8.69
CA PRO F 408 50.57 29.10 9.51
C PRO F 408 51.35 30.37 9.82
N GLY F 409 52.61 30.19 10.23
CA GLY F 409 53.51 31.28 10.58
C GLY F 409 54.00 32.02 9.35
N PRO F 410 55.09 32.78 9.47
CA PRO F 410 55.54 33.63 8.38
C PRO F 410 56.21 32.86 7.24
N CYS F 411 56.03 33.38 6.03
CA CYS F 411 56.78 32.94 4.85
C CYS F 411 58.21 33.43 4.91
N MET F 412 59.00 32.87 4.07
CA MET F 412 60.45 33.00 4.20
C MET F 412 60.95 34.43 3.94
N PRO F 413 60.26 35.26 3.15
CA PRO F 413 60.59 36.69 3.07
C PRO F 413 60.23 37.48 4.30
N GLU F 414 59.06 37.19 4.86
CA GLU F 414 58.62 37.81 6.11
C GLU F 414 59.66 37.63 7.18
N VAL F 415 60.33 36.50 7.21
CA VAL F 415 61.42 36.30 8.19
C VAL F 415 62.53 37.33 8.00
N PHE F 416 63.01 37.51 6.78
CA PHE F 416 64.01 38.54 6.50
C PHE F 416 63.50 39.91 6.91
N LEU F 417 62.25 40.22 6.60
CA LEU F 417 61.74 41.57 6.97
C LEU F 417 61.81 41.79 8.48
N GLU F 418 61.35 40.80 9.24
CA GLU F 418 61.38 40.85 10.69
C GLU F 418 62.81 41.05 11.16
N ALA F 419 63.76 40.38 10.51
CA ALA F 419 65.18 40.55 10.85
C ALA F 419 65.61 42.00 10.69
N ALA F 420 65.20 42.60 9.59
CA ALA F 420 65.65 43.95 9.27
C ALA F 420 64.98 44.96 10.20
N VAL F 421 63.72 44.75 10.54
CA VAL F 421 63.03 45.61 11.52
C VAL F 421 63.82 45.61 12.82
N ALA F 422 64.16 44.41 13.29
CA ALA F 422 64.95 44.23 14.52
C ALA F 422 66.26 45.01 14.42
N LEU F 423 66.98 44.84 13.32
CA LEU F 423 68.26 45.55 13.14
C LEU F 423 68.08 47.07 13.09
N ILE F 424 66.96 47.56 12.57
CA ILE F 424 66.69 49.02 12.63
C ILE F 424 66.55 49.45 14.08
N GLN F 425 65.69 48.77 14.82
CA GLN F 425 65.42 49.16 16.20
C GLN F 425 66.67 49.05 17.06
N ALA F 426 67.59 48.16 16.69
CA ALA F 426 68.87 48.03 17.39
C ALA F 426 69.77 49.26 17.13
N GLY F 427 69.80 49.73 15.89
CA GLY F 427 70.76 50.72 15.42
C GLY F 427 71.78 50.13 14.47
N ARG F 428 71.36 49.20 13.61
CA ARG F 428 72.26 48.46 12.71
C ARG F 428 71.75 48.58 11.28
N ALA F 429 71.36 49.79 10.89
CA ALA F 429 70.71 50.06 9.61
C ALA F 429 71.60 49.66 8.43
N GLN F 430 72.91 49.78 8.58
CA GLN F 430 73.83 49.39 7.49
C GLN F 430 73.87 47.86 7.34
N ASP F 431 73.27 47.12 8.27
CA ASP F 431 73.05 45.67 8.13
C ASP F 431 71.63 45.39 7.64
N ALA F 432 70.68 46.22 8.06
CA ALA F 432 69.31 46.15 7.56
C ALA F 432 69.21 46.51 6.08
N LEU F 433 70.22 47.13 5.50
CA LEU F 433 70.26 47.30 4.04
C LEU F 433 70.82 46.06 3.36
N THR F 434 71.78 45.38 3.97
CA THR F 434 72.40 44.20 3.36
C THR F 434 71.44 43.02 3.39
N LEU F 435 70.60 42.95 4.42
CA LEU F 435 69.51 41.96 4.45
C LEU F 435 68.66 42.15 3.20
N CYS F 436 68.11 43.35 3.07
CA CYS F 436 67.14 43.66 2.04
C CYS F 436 67.75 43.53 0.65
N GLU F 437 68.99 43.95 0.48
CA GLU F 437 69.69 43.76 -0.81
C GLU F 437 69.79 42.27 -1.15
N GLU F 438 70.10 41.43 -0.19
CA GLU F 438 70.28 40.00 -0.47
C GLU F 438 68.93 39.38 -0.80
N LEU F 439 67.87 39.85 -0.17
CA LEU F 439 66.52 39.33 -0.44
C LEU F 439 66.09 39.64 -1.87
N LEU F 440 66.26 40.86 -2.32
CA LEU F 440 65.90 41.25 -3.69
C LEU F 440 66.84 40.63 -4.72
N SER F 441 68.11 40.44 -4.37
CA SER F 441 69.06 39.76 -5.26
C SER F 441 68.52 38.37 -5.51
N ARG F 442 68.21 37.65 -4.43
CA ARG F 442 67.81 36.23 -4.53
C ARG F 442 66.46 36.05 -5.24
N THR F 443 65.60 37.05 -5.24
CA THR F 443 64.29 36.90 -5.86
C THR F 443 64.11 37.77 -7.09
N SER F 444 65.21 38.22 -7.69
CA SER F 444 65.19 39.11 -8.88
C SER F 444 64.26 38.55 -9.96
N SER F 445 64.49 37.28 -10.32
CA SER F 445 63.73 36.51 -11.33
C SER F 445 62.22 36.48 -11.03
N LEU F 446 61.82 36.69 -9.79
CA LEU F 446 60.41 36.73 -9.42
C LEU F 446 59.84 38.13 -9.49
N LEU F 447 60.67 39.16 -9.24
CA LEU F 447 60.18 40.54 -9.17
C LEU F 447 59.59 40.91 -10.52
N PRO F 448 58.58 41.79 -10.56
CA PRO F 448 58.06 42.26 -11.84
C PRO F 448 59.09 43.20 -12.48
N LYS F 449 59.04 43.31 -13.80
CA LYS F 449 60.05 44.06 -14.58
C LYS F 449 59.84 45.57 -14.50
N MET F 450 58.79 46.05 -13.84
CA MET F 450 58.47 47.48 -13.61
C MET F 450 58.53 48.26 -14.93
N SER F 451 57.97 47.66 -16.00
CA SER F 451 57.67 48.35 -17.28
C SER F 451 56.25 48.94 -17.24
N ARG F 452 55.37 48.41 -16.39
CA ARG F 452 54.09 49.06 -16.02
C ARG F 452 54.35 50.42 -15.39
N LEU F 453 55.49 50.59 -14.69
CA LEU F 453 55.96 51.90 -14.20
C LEU F 453 55.97 52.94 -15.33
N TRP F 454 56.38 52.53 -16.54
CA TRP F 454 56.42 53.41 -17.72
C TRP F 454 55.03 53.60 -18.32
N GLU F 455 54.22 52.53 -18.37
CA GLU F 455 52.95 52.51 -19.13
C GLU F 455 51.85 53.34 -18.44
N ASP F 456 52.00 53.71 -17.17
CA ASP F 456 50.96 54.48 -16.43
C ASP F 456 50.78 55.87 -17.07
N GLU F 463 47.24 47.86 -10.15
CA GLU F 463 45.83 47.40 -10.16
C GLU F 463 45.72 46.05 -10.87
N LEU F 464 46.21 45.99 -12.10
CA LEU F 464 46.21 44.76 -12.90
C LEU F 464 47.40 43.86 -12.53
N PRO F 465 48.68 44.31 -12.65
CA PRO F 465 49.81 43.40 -12.47
C PRO F 465 49.97 42.92 -11.03
N TYR F 466 50.91 42.01 -10.84
CA TYR F 466 51.05 41.28 -9.58
C TYR F 466 52.39 41.62 -8.97
N CYS F 467 52.37 41.91 -7.69
CA CYS F 467 53.57 42.14 -6.89
C CYS F 467 53.21 41.75 -5.48
N PRO F 468 53.87 40.77 -4.85
CA PRO F 468 53.53 40.41 -3.47
C PRO F 468 54.01 41.44 -2.45
N LEU F 469 53.34 41.51 -1.30
CA LEU F 469 53.52 42.64 -0.40
C LEU F 469 54.98 42.80 -0.05
N TRP F 470 55.71 41.69 0.01
CA TRP F 470 57.03 41.77 0.64
C TRP F 470 58.00 42.56 -0.22
N VAL F 471 57.69 42.76 -1.49
CA VAL F 471 58.62 43.54 -2.31
C VAL F 471 58.52 44.99 -1.94
N SER F 472 57.29 45.44 -1.79
CA SER F 472 57.02 46.84 -1.37
C SER F 472 57.63 47.07 0.01
N ALA F 473 57.30 46.17 0.93
CA ALA F 473 57.77 46.27 2.30
C ALA F 473 59.30 46.31 2.38
N THR F 474 59.96 45.59 1.48
CA THR F 474 61.42 45.64 1.43
C THR F 474 61.89 47.07 1.20
N HIS F 475 61.31 47.77 0.22
CA HIS F 475 61.75 49.13 -0.12
C HIS F 475 61.46 50.06 1.06
N LEU F 476 60.37 49.79 1.75
CA LEU F 476 60.00 50.59 2.92
C LEU F 476 61.07 50.52 3.98
N LEU F 477 61.44 49.31 4.37
CA LEU F 477 62.47 49.18 5.43
C LEU F 477 63.80 49.73 4.95
N GLN F 478 64.10 49.47 3.68
CA GLN F 478 65.33 49.94 3.02
C GLN F 478 65.38 51.45 3.07
N GLY F 479 64.22 52.09 3.13
CA GLY F 479 64.13 53.55 3.26
C GLY F 479 64.36 54.04 4.67
N GLN F 480 63.66 53.43 5.61
CA GLN F 480 63.79 53.84 7.02
C GLN F 480 65.24 53.65 7.46
N ALA F 481 65.92 52.64 6.94
CA ALA F 481 67.37 52.49 7.20
C ALA F 481 68.13 53.74 6.78
N TRP F 482 67.90 54.21 5.55
CA TRP F 482 68.59 55.42 5.06
C TRP F 482 68.21 56.62 5.90
N VAL F 483 66.98 56.65 6.40
CA VAL F 483 66.52 57.75 7.27
C VAL F 483 67.38 57.79 8.53
N GLN F 484 67.51 56.66 9.19
CA GLN F 484 68.33 56.57 10.41
C GLN F 484 69.80 56.93 10.11
N LEU F 485 70.27 56.65 8.88
CA LEU F 485 71.60 57.10 8.43
C LEU F 485 71.61 58.54 7.91
N GLY F 486 70.46 59.21 7.84
CA GLY F 486 70.38 60.61 7.41
C GLY F 486 70.62 60.79 5.92
N ALA F 487 69.65 60.37 5.08
CA ALA F 487 69.70 60.56 3.63
C ALA F 487 68.28 60.76 3.10
N GLN F 488 67.86 62.02 3.14
CA GLN F 488 66.46 62.41 2.84
C GLN F 488 66.10 61.95 1.44
N LYS F 489 66.96 62.22 0.47
CA LYS F 489 66.64 62.05 -0.96
C LYS F 489 66.35 60.59 -1.27
N VAL F 490 67.36 59.75 -1.04
CA VAL F 490 67.26 58.30 -1.30
C VAL F 490 66.20 57.62 -0.41
N ALA F 491 65.95 58.16 0.78
CA ALA F 491 64.82 57.69 1.60
C ALA F 491 63.51 57.90 0.87
N ILE F 492 63.30 59.12 0.38
CA ILE F 492 62.02 59.48 -0.25
C ILE F 492 61.90 58.69 -1.54
N SER F 493 63.02 58.50 -2.22
CA SER F 493 63.07 57.60 -3.40
C SER F 493 62.47 56.23 -3.07
N GLU F 494 62.99 55.61 -2.03
CA GLU F 494 62.54 54.25 -1.68
C GLU F 494 61.08 54.25 -1.22
N PHE F 495 60.66 55.22 -0.45
CA PHE F 495 59.24 55.28 -0.05
C PHE F 495 58.34 55.41 -1.28
N SER F 496 58.77 56.20 -2.25
CA SER F 496 57.98 56.43 -3.45
C SER F 496 57.92 55.15 -4.27
N ARG F 497 59.01 54.39 -4.27
CA ARG F 497 59.04 53.13 -5.01
C ARG F 497 58.07 52.13 -4.40
N CYS F 498 58.05 52.04 -3.08
CA CYS F 498 57.09 51.22 -2.32
C CYS F 498 55.67 51.64 -2.68
N LEU F 499 55.42 52.93 -2.72
CA LEU F 499 54.06 53.43 -2.99
C LEU F 499 53.61 53.12 -4.41
N GLU F 500 54.49 53.31 -5.37
CA GLU F 500 54.19 52.92 -6.75
C GLU F 500 53.82 51.43 -6.82
N LEU F 501 54.62 50.56 -6.24
CA LEU F 501 54.30 49.13 -6.27
C LEU F 501 53.01 48.84 -5.53
N LEU F 502 52.62 49.68 -4.58
CA LEU F 502 51.42 49.39 -3.77
C LEU F 502 50.13 49.75 -4.48
N PHE F 503 50.14 50.85 -5.21
CA PHE F 503 48.96 51.35 -5.95
C PHE F 503 48.90 50.84 -7.38
N ARG F 504 50.04 50.72 -8.05
CA ARG F 504 50.07 50.24 -9.45
C ARG F 504 50.25 48.73 -9.52
N ALA F 505 49.74 48.01 -8.55
CA ALA F 505 49.81 46.55 -8.59
C ALA F 505 48.93 46.00 -7.49
N THR F 506 48.50 44.76 -7.69
CA THR F 506 47.63 44.04 -6.75
C THR F 506 48.41 42.82 -6.25
N PRO F 507 48.54 42.63 -4.94
CA PRO F 507 49.06 41.35 -4.44
C PRO F 507 48.05 40.21 -4.54
N GLU F 508 46.77 40.51 -4.33
CA GLU F 508 45.69 39.50 -4.39
C GLU F 508 45.34 39.27 -5.86
N GLU F 509 46.31 38.70 -6.59
CA GLU F 509 46.11 38.15 -7.93
C GLU F 509 46.13 36.63 -7.78
N LYS F 510 45.01 36.08 -7.32
CA LYS F 510 44.75 34.62 -7.28
C LYS F 510 43.93 34.22 -8.52
N GLU F 511 44.41 34.63 -9.69
CA GLU F 511 43.83 34.24 -10.98
C GLU F 511 44.43 32.90 -11.41
N GLN F 512 45.77 32.80 -11.37
CA GLN F 512 46.53 31.60 -11.77
C GLN F 512 47.34 31.12 -10.56
N GLY F 513 47.00 29.94 -10.05
CA GLY F 513 47.76 29.32 -8.96
C GLY F 513 49.00 28.64 -9.51
N ALA F 514 50.11 29.38 -9.54
CA ALA F 514 51.33 29.00 -10.29
C ALA F 514 52.37 28.34 -9.40
N ALA F 515 52.27 28.42 -8.06
CA ALA F 515 53.37 27.96 -7.20
C ALA F 515 52.92 27.64 -5.75
N PHE F 516 53.91 27.59 -4.87
CA PHE F 516 53.80 27.90 -3.43
C PHE F 516 53.71 29.42 -3.21
N ASN F 517 52.85 29.83 -2.28
CA ASN F 517 52.65 31.25 -1.97
C ASN F 517 52.24 31.40 -0.52
N CYS F 518 52.38 32.62 -0.02
CA CYS F 518 51.94 32.95 1.34
C CYS F 518 50.42 32.98 1.37
N GLU F 519 49.83 32.12 2.19
CA GLU F 519 48.37 32.02 2.23
C GLU F 519 47.77 33.29 2.83
N GLN F 520 48.35 33.77 3.93
CA GLN F 520 47.68 34.72 4.82
C GLN F 520 48.47 36.00 5.00
N GLY F 521 49.77 35.93 5.22
CA GLY F 521 50.56 37.10 5.61
C GLY F 521 50.70 38.11 4.50
N CYS F 522 51.11 37.65 3.32
CA CYS F 522 51.32 38.50 2.12
C CYS F 522 50.10 38.51 1.20
N LYS F 523 48.90 38.45 1.75
CA LYS F 523 47.64 38.66 1.00
C LYS F 523 46.71 39.69 1.67
N SER F 524 46.67 39.73 3.00
CA SER F 524 45.69 40.49 3.79
C SER F 524 45.51 41.93 3.33
N ASP F 525 44.28 42.31 3.00
CA ASP F 525 43.96 43.71 2.67
C ASP F 525 44.27 44.61 3.86
N ALA F 526 44.13 44.12 5.10
CA ALA F 526 44.50 44.89 6.29
C ALA F 526 46.00 45.22 6.26
N ALA F 527 46.82 44.23 5.90
CA ALA F 527 48.26 44.41 5.72
C ALA F 527 48.56 45.42 4.62
N LEU F 528 47.82 45.38 3.51
CA LEU F 528 47.98 46.33 2.40
C LEU F 528 47.69 47.76 2.84
N GLN F 529 46.57 47.99 3.51
CA GLN F 529 46.21 49.36 3.89
C GLN F 529 47.14 49.88 4.97
N GLN F 530 47.44 49.07 5.97
CA GLN F 530 48.38 49.49 7.03
C GLN F 530 49.74 49.84 6.45
N LEU F 531 50.16 49.10 5.44
CA LEU F 531 51.48 49.29 4.81
C LEU F 531 51.48 50.54 3.93
N ARG F 532 50.43 50.74 3.14
CA ARG F 532 50.23 52.02 2.44
C ARG F 532 50.39 53.20 3.39
N ALA F 533 49.65 53.14 4.50
CA ALA F 533 49.64 54.22 5.48
C ALA F 533 51.04 54.42 6.05
N ALA F 534 51.72 53.31 6.36
CA ALA F 534 53.06 53.36 6.93
C ALA F 534 54.00 54.13 6.02
N ALA F 535 53.97 53.79 4.73
CA ALA F 535 54.89 54.40 3.76
C ALA F 535 54.54 55.85 3.51
N LEU F 536 53.26 56.18 3.44
CA LEU F 536 52.83 57.59 3.35
C LEU F 536 53.37 58.40 4.52
N ILE F 537 53.27 57.85 5.72
CA ILE F 537 53.69 58.59 6.91
C ILE F 537 55.20 58.76 6.87
N SER F 538 55.91 57.69 6.54
CA SER F 538 57.39 57.71 6.57
C SER F 538 57.92 58.66 5.49
N ARG F 539 57.11 58.94 4.47
CA ARG F 539 57.47 59.91 3.44
C ARG F 539 57.15 61.32 3.93
N GLY F 540 56.00 61.47 4.57
CA GLY F 540 55.56 62.78 5.04
C GLY F 540 56.50 63.35 6.06
N LEU F 541 57.03 62.49 6.92
CA LEU F 541 57.98 62.97 7.93
C LEU F 541 59.26 63.50 7.28
N GLU F 542 59.66 62.91 6.15
CA GLU F 542 60.83 63.44 5.43
C GLU F 542 60.49 64.75 4.72
N TRP F 543 59.27 64.87 4.21
CA TRP F 543 58.86 66.17 3.65
C TRP F 543 58.89 67.24 4.73
N VAL F 544 58.44 66.88 5.94
CA VAL F 544 58.48 67.80 7.09
C VAL F 544 59.92 68.20 7.36
N ALA F 545 60.83 67.23 7.38
CA ALA F 545 62.25 67.50 7.61
C ALA F 545 62.80 68.45 6.56
N SER F 546 62.34 68.34 5.32
CA SER F 546 62.84 69.16 4.21
C SER F 546 62.15 70.53 4.15
N GLY F 547 60.97 70.69 4.77
CA GLY F 547 60.21 71.95 4.75
C GLY F 547 59.29 72.01 3.55
N GLN F 548 58.45 70.99 3.37
CA GLN F 548 57.49 70.88 2.25
C GLN F 548 56.16 70.40 2.82
N ASP F 549 55.71 71.12 3.84
CA ASP F 549 54.54 70.76 4.67
C ASP F 549 53.27 70.57 3.85
N THR F 550 53.15 71.19 2.68
CA THR F 550 51.98 71.01 1.79
C THR F 550 51.99 69.58 1.22
N LYS F 551 53.15 69.11 0.76
CA LYS F 551 53.29 67.72 0.27
C LYS F 551 53.07 66.76 1.43
N ALA F 552 53.61 67.09 2.60
CA ALA F 552 53.43 66.29 3.81
C ALA F 552 51.94 66.16 4.11
N LEU F 553 51.23 67.28 4.01
CA LEU F 553 49.77 67.30 4.27
C LEU F 553 49.07 66.39 3.26
N GLN F 554 49.50 66.44 2.01
CA GLN F 554 48.88 65.59 0.97
C GLN F 554 49.04 64.11 1.35
N ASP F 555 50.24 63.73 1.77
CA ASP F 555 50.53 62.32 2.11
C ASP F 555 49.73 61.90 3.35
N PHE F 556 49.73 62.74 4.38
CA PHE F 556 48.99 62.42 5.62
C PHE F 556 47.49 62.34 5.35
N LEU F 557 46.97 63.26 4.56
CA LEU F 557 45.55 63.24 4.18
C LEU F 557 45.24 61.94 3.45
N LEU F 558 46.11 61.52 2.55
CA LEU F 558 45.86 60.30 1.79
C LEU F 558 45.88 59.09 2.72
N SER F 559 46.77 59.09 3.72
CA SER F 559 46.86 57.98 4.68
C SER F 559 45.59 57.91 5.52
N VAL F 560 45.05 59.07 5.88
CA VAL F 560 43.78 59.15 6.63
C VAL F 560 42.65 58.61 5.75
N GLN F 561 42.66 58.95 4.46
CA GLN F 561 41.65 58.44 3.51
C GLN F 561 41.77 56.92 3.40
N MET F 562 42.98 56.37 3.58
CA MET F 562 43.25 54.94 3.35
C MET F 562 42.90 54.10 4.58
N CYS F 563 43.51 54.42 5.72
CA CYS F 563 43.34 53.67 6.99
C CYS F 563 42.83 54.60 8.07
N PRO F 564 41.51 54.78 8.21
CA PRO F 564 41.01 55.75 9.18
C PRO F 564 41.02 55.27 10.62
N GLY F 565 41.53 54.07 10.88
CA GLY F 565 41.47 53.46 12.21
C GLY F 565 42.83 53.08 12.74
N ASN F 566 43.84 53.93 12.53
CA ASN F 566 45.21 53.75 13.05
C ASN F 566 45.58 54.86 14.02
N ARG F 567 45.13 56.09 13.76
CA ARG F 567 45.25 57.27 14.65
C ARG F 567 46.64 57.89 14.62
N ASP F 568 47.66 57.16 14.16
CA ASP F 568 48.98 57.77 13.90
C ASP F 568 48.85 58.76 12.75
N THR F 569 48.01 58.41 11.78
CA THR F 569 47.67 59.27 10.65
C THR F 569 47.14 60.60 11.16
N TYR F 570 46.15 60.51 12.03
CA TYR F 570 45.45 61.69 12.55
C TYR F 570 46.40 62.51 13.41
N PHE F 571 47.23 61.87 14.23
CA PHE F 571 48.19 62.62 15.05
C PHE F 571 49.11 63.46 14.16
N HIS F 572 49.68 62.86 13.11
CA HIS F 572 50.64 63.57 12.23
C HIS F 572 49.93 64.69 11.49
N LEU F 573 48.77 64.37 10.92
CA LEU F 573 47.97 65.35 10.17
C LEU F 573 47.62 66.54 11.06
N LEU F 574 47.16 66.28 12.27
CA LEU F 574 46.68 67.36 13.16
C LEU F 574 47.85 68.15 13.70
N GLN F 575 49.00 67.53 13.89
CA GLN F 575 50.20 68.30 14.26
C GLN F 575 50.53 69.29 13.14
N THR F 576 50.44 68.84 11.90
CA THR F 576 50.74 69.72 10.75
C THR F 576 49.71 70.84 10.65
N LEU F 577 48.43 70.51 10.81
CA LEU F 577 47.36 71.54 10.73
C LEU F 577 47.46 72.51 11.91
N LYS F 578 47.90 72.03 13.07
CA LYS F 578 48.12 72.92 14.24
C LYS F 578 49.30 73.84 13.96
N ARG F 579 50.27 73.38 13.17
CA ARG F 579 51.38 74.27 12.76
C ARG F 579 50.89 75.33 11.78
N LEU F 580 50.05 74.96 10.80
CA LEU F 580 49.73 75.85 9.66
C LEU F 580 48.39 76.57 9.87
N ASP F 581 47.27 75.84 9.95
CA ASP F 581 45.91 76.43 10.04
C ASP F 581 45.08 75.64 11.06
N ARG F 582 45.10 76.11 12.31
CA ARG F 582 44.75 75.28 13.48
C ARG F 582 43.27 74.93 13.46
N ARG F 583 42.42 75.95 13.57
CA ARG F 583 41.14 75.82 14.30
C ARG F 583 40.19 74.85 13.60
N ASP F 584 39.70 75.23 12.43
CA ASP F 584 38.49 74.60 11.84
C ASP F 584 38.77 73.16 11.41
N GLU F 585 39.87 72.95 10.70
CA GLU F 585 40.17 71.63 10.09
C GLU F 585 40.46 70.62 11.20
N ALA F 586 41.23 71.04 12.20
CA ALA F 586 41.56 70.19 13.36
C ALA F 586 40.29 69.65 13.99
N THR F 587 39.37 70.54 14.35
CA THR F 587 38.11 70.12 15.02
C THR F 587 37.30 69.25 14.07
N ALA F 588 37.30 69.56 12.77
CA ALA F 588 36.58 68.76 11.78
C ALA F 588 37.06 67.31 11.80
N LEU F 589 38.36 67.10 12.07
CA LEU F 589 38.92 65.74 12.15
C LEU F 589 38.81 65.16 13.55
N TRP F 590 38.80 66.00 14.60
CA TRP F 590 38.45 65.54 15.96
C TRP F 590 37.13 64.78 15.91
N TRP F 591 36.10 65.43 15.35
CA TRP F 591 34.76 64.84 15.26
C TRP F 591 34.80 63.53 14.47
N ARG F 592 35.63 63.45 13.45
CA ARG F 592 35.80 62.20 12.70
C ARG F 592 36.38 61.11 13.59
N LEU F 593 37.42 61.44 14.38
CA LEU F 593 38.01 60.47 15.32
C LEU F 593 36.93 59.92 16.26
N GLU F 594 36.20 60.80 16.94
CA GLU F 594 35.22 60.34 17.94
C GLU F 594 33.98 59.73 17.26
N ALA F 595 33.79 59.94 15.95
CA ALA F 595 32.80 59.18 15.17
C ALA F 595 33.31 57.74 14.96
N GLN F 596 34.61 57.58 14.71
CA GLN F 596 35.21 56.25 14.48
C GLN F 596 35.17 55.41 15.76
N THR F 597 35.66 55.96 16.88
CA THR F 597 35.77 55.20 18.15
C THR F 597 34.37 54.82 18.67
N LEU F 605 44.92 45.57 13.85
CA LEU F 605 45.24 44.67 14.98
C LEU F 605 44.76 43.24 14.74
N TRP F 606 43.88 43.05 13.76
CA TRP F 606 43.15 41.78 13.63
C TRP F 606 44.10 40.60 13.46
N SER F 607 44.79 40.55 12.34
CA SER F 607 45.88 39.59 12.15
C SER F 607 46.87 40.24 11.19
N LEU F 608 47.82 40.99 11.73
CA LEU F 608 48.87 41.66 10.93
C LEU F 608 50.12 40.80 10.96
N PRO F 609 51.04 41.01 10.02
CA PRO F 609 52.37 40.46 10.18
C PRO F 609 53.19 41.26 11.19
N LEU F 610 54.24 40.64 11.69
CA LEU F 610 55.03 41.19 12.78
C LEU F 610 55.97 42.25 12.28
N TYR F 611 56.41 42.14 11.03
CA TYR F 611 57.31 43.17 10.50
C TYR F 611 56.57 44.50 10.38
N LEU F 612 55.27 44.44 10.14
CA LEU F 612 54.46 45.66 10.04
C LEU F 612 54.09 46.22 11.42
N GLU F 613 53.60 45.36 12.31
CA GLU F 613 53.33 45.70 13.71
C GLU F 613 54.54 46.36 14.32
N SER F 614 55.71 45.78 14.14
CA SER F 614 56.89 46.33 14.79
C SER F 614 57.35 47.62 14.14
N TYR F 615 57.08 47.79 12.85
CA TYR F 615 57.46 49.02 12.13
C TYR F 615 56.62 50.16 12.66
N LEU F 616 55.33 49.91 12.89
CA LEU F 616 54.40 50.96 13.37
C LEU F 616 54.75 51.35 14.81
N SER F 617 54.92 50.36 15.67
CA SER F 617 55.33 50.59 17.07
C SER F 617 56.64 51.36 17.16
N TRP F 618 57.52 51.22 16.17
CA TRP F 618 58.79 51.95 16.14
C TRP F 618 58.58 53.41 15.78
N ILE F 619 57.81 53.67 14.72
CA ILE F 619 57.66 55.06 14.19
C ILE F 619 56.71 55.88 15.05
N ARG F 620 55.76 55.25 15.75
CA ARG F 620 54.70 56.01 16.42
C ARG F 620 55.31 56.83 17.56
N PRO F 621 54.76 58.02 17.88
CA PRO F 621 55.30 58.82 18.96
C PRO F 621 54.62 58.44 20.28
N SER F 622 55.36 58.55 21.38
CA SER F 622 54.84 58.24 22.72
C SER F 622 53.75 59.24 23.12
N ASP F 623 53.89 60.50 22.71
CA ASP F 623 52.95 61.59 23.04
C ASP F 623 51.82 61.64 22.01
N ARG F 624 51.03 60.57 21.91
CA ARG F 624 49.93 60.49 20.94
C ARG F 624 48.62 60.92 21.60
N ASP F 625 48.20 60.21 22.64
CA ASP F 625 46.91 60.47 23.29
C ASP F 625 46.92 61.82 24.01
N ALA F 626 48.05 62.17 24.64
CA ALA F 626 48.25 63.49 25.26
C ALA F 626 47.98 64.62 24.27
N PHE F 627 48.50 64.50 23.05
CA PHE F 627 48.27 65.48 21.98
C PHE F 627 46.84 65.39 21.44
N LEU F 628 46.25 64.20 21.44
CA LEU F 628 44.91 64.00 20.84
C LEU F 628 43.78 64.45 21.77
N GLU F 629 44.02 64.56 23.08
CA GLU F 629 43.05 65.19 24.01
C GLU F 629 43.25 66.70 24.13
N GLU F 630 44.35 67.25 23.61
CA GLU F 630 44.60 68.71 23.60
C GLU F 630 43.63 69.41 22.63
N CYS G 31 -16.26 -72.83 -25.12
CA CYS G 31 -17.21 -72.65 -23.97
C CYS G 31 -16.76 -71.46 -23.11
N LEU G 32 -15.49 -71.43 -22.74
CA LEU G 32 -14.91 -70.34 -21.95
C LEU G 32 -15.16 -69.01 -22.64
N ASP G 33 -15.04 -68.96 -23.96
CA ASP G 33 -15.34 -67.74 -24.71
C ASP G 33 -16.81 -67.37 -24.56
N LEU G 34 -17.70 -68.36 -24.54
CA LEU G 34 -19.13 -68.09 -24.39
C LEU G 34 -19.43 -67.52 -23.02
N TRP G 35 -18.85 -68.12 -21.98
CA TRP G 35 -19.05 -67.65 -20.59
C TRP G 35 -18.49 -66.24 -20.42
N ARG G 36 -17.26 -66.03 -20.88
CA ARG G 36 -16.63 -64.71 -20.88
C ARG G 36 -17.53 -63.68 -21.56
N GLU G 37 -18.08 -64.04 -22.72
CA GLU G 37 -18.87 -63.08 -23.50
C GLU G 37 -20.19 -62.79 -22.81
N LYS G 38 -20.77 -63.79 -22.17
CA LYS G 38 -21.99 -63.56 -21.38
C LYS G 38 -21.71 -62.64 -20.20
N ASN G 39 -20.62 -62.89 -19.48
CA ASN G 39 -20.12 -62.03 -18.39
C ASN G 39 -19.99 -60.58 -18.86
N ASP G 40 -19.26 -60.38 -19.95
CA ASP G 40 -19.01 -59.03 -20.48
C ASP G 40 -20.33 -58.40 -20.91
N ARG G 41 -21.19 -59.17 -21.56
CA ARG G 41 -22.50 -58.68 -22.00
C ARG G 41 -23.29 -58.16 -20.79
N LEU G 42 -23.23 -58.91 -19.70
CA LEU G 42 -24.05 -58.59 -18.51
C LEU G 42 -23.51 -57.38 -17.79
N VAL G 43 -22.19 -57.32 -17.65
CA VAL G 43 -21.51 -56.12 -17.12
C VAL G 43 -21.92 -54.90 -17.95
N ARG G 44 -21.90 -55.03 -19.28
CA ARG G 44 -22.21 -53.87 -20.15
C ARG G 44 -23.67 -53.47 -19.99
N GLN G 45 -24.57 -54.44 -19.86
CA GLN G 45 -25.99 -54.12 -19.59
C GLN G 45 -26.12 -53.36 -18.27
N ALA G 46 -25.41 -53.82 -17.26
CA ALA G 46 -25.42 -53.19 -15.94
C ALA G 46 -24.95 -51.73 -16.03
N LYS G 47 -23.84 -51.51 -16.72
CA LYS G 47 -23.27 -50.15 -16.87
C LYS G 47 -24.19 -49.27 -17.69
N VAL G 48 -24.84 -49.83 -18.70
CA VAL G 48 -25.84 -49.08 -19.48
C VAL G 48 -26.96 -48.60 -18.57
N ALA G 49 -27.48 -49.48 -17.72
CA ALA G 49 -28.53 -49.09 -16.77
C ALA G 49 -28.00 -48.08 -15.78
N GLN G 50 -26.72 -48.20 -15.40
CA GLN G 50 -26.08 -47.32 -14.41
C GLN G 50 -26.06 -45.89 -14.95
N ASN G 51 -25.68 -45.74 -16.21
CA ASN G 51 -25.56 -44.40 -16.83
C ASN G 51 -26.94 -43.88 -17.21
N SER G 52 -27.59 -44.58 -18.14
CA SER G 52 -28.92 -44.21 -18.64
C SER G 52 -29.98 -44.63 -17.61
N GLY G 53 -31.23 -44.71 -18.06
CA GLY G 53 -32.29 -45.42 -17.35
C GLY G 53 -32.93 -44.55 -16.29
N LEU G 54 -34.21 -44.84 -16.04
CA LEU G 54 -35.03 -44.21 -15.00
C LEU G 54 -35.24 -45.24 -13.89
N THR G 55 -36.02 -44.87 -12.87
CA THR G 55 -36.17 -45.64 -11.62
C THR G 55 -36.67 -47.07 -11.92
N LEU G 56 -37.54 -47.24 -12.91
CA LEU G 56 -38.11 -48.56 -13.24
C LEU G 56 -37.18 -49.32 -14.18
N ARG G 57 -36.76 -48.68 -15.27
CA ARG G 57 -35.97 -49.36 -16.30
C ARG G 57 -34.59 -49.79 -15.76
N ARG G 58 -34.00 -48.97 -14.89
CA ARG G 58 -32.74 -49.33 -14.22
C ARG G 58 -32.89 -50.67 -13.49
N GLN G 59 -33.91 -50.76 -12.63
CA GLN G 59 -34.15 -51.98 -11.86
C GLN G 59 -34.48 -53.13 -12.79
N GLN G 60 -35.16 -52.87 -13.91
CA GLN G 60 -35.49 -53.93 -14.88
C GLN G 60 -34.21 -54.54 -15.44
N LEU G 61 -33.36 -53.73 -16.05
CA LEU G 61 -32.10 -54.23 -16.64
C LEU G 61 -31.20 -54.83 -15.56
N ALA G 62 -31.20 -54.24 -14.37
CA ALA G 62 -30.31 -54.67 -13.29
C ALA G 62 -30.74 -56.06 -12.80
N GLN G 63 -32.02 -56.23 -12.50
CA GLN G 63 -32.52 -57.52 -12.01
C GLN G 63 -32.62 -58.54 -13.14
N ASP G 64 -32.45 -58.13 -14.39
CA ASP G 64 -32.17 -59.09 -15.47
C ASP G 64 -30.72 -59.55 -15.37
N ALA G 65 -29.78 -58.61 -15.32
CA ALA G 65 -28.34 -58.91 -15.29
C ALA G 65 -27.98 -59.76 -14.08
N LEU G 66 -28.63 -59.50 -12.96
CA LEU G 66 -28.34 -60.20 -11.71
C LEU G 66 -28.69 -61.67 -11.85
N GLU G 67 -29.84 -61.97 -12.44
CA GLU G 67 -30.27 -63.37 -12.63
C GLU G 67 -29.41 -64.01 -13.73
N GLY G 68 -28.97 -63.23 -14.71
CA GLY G 68 -28.02 -63.75 -15.69
C GLY G 68 -26.74 -64.21 -15.02
N LEU G 69 -26.26 -63.43 -14.07
CA LEU G 69 -25.01 -63.77 -13.35
C LEU G 69 -25.24 -64.93 -12.40
N ARG G 70 -26.44 -65.04 -11.83
CA ARG G 70 -26.82 -66.26 -11.08
C ARG G 70 -26.70 -67.48 -11.98
N GLY G 71 -27.34 -67.42 -13.15
CA GLY G 71 -27.32 -68.55 -14.07
C GLY G 71 -25.92 -68.90 -14.49
N LEU G 72 -25.08 -67.89 -14.67
CA LEU G 72 -23.71 -68.13 -15.12
C LEU G 72 -22.88 -68.70 -13.99
N LEU G 73 -23.12 -68.26 -12.77
CA LEU G 73 -22.47 -68.90 -11.61
C LEU G 73 -22.85 -70.36 -11.56
N HIS G 74 -24.12 -70.69 -11.73
CA HIS G 74 -24.58 -72.08 -11.66
C HIS G 74 -23.92 -72.88 -12.79
N SER G 75 -23.83 -72.30 -13.98
CA SER G 75 -23.20 -72.96 -15.13
C SER G 75 -21.73 -73.26 -14.84
N LEU G 76 -21.04 -72.37 -14.12
CA LEU G 76 -19.60 -72.55 -13.80
C LEU G 76 -19.43 -73.45 -12.58
N GLN G 77 -20.38 -73.38 -11.65
CA GLN G 77 -20.40 -74.22 -10.44
C GLN G 77 -20.82 -75.66 -10.77
N GLY G 78 -21.34 -75.94 -11.96
CA GLY G 78 -21.61 -77.32 -12.37
C GLY G 78 -20.40 -78.13 -12.75
N LEU G 79 -19.21 -77.53 -12.82
CA LEU G 79 -17.94 -78.21 -13.22
C LEU G 79 -17.06 -78.42 -12.01
N PRO G 80 -16.21 -79.45 -11.99
CA PRO G 80 -15.53 -79.84 -10.75
C PRO G 80 -14.58 -78.80 -10.13
N ALA G 81 -13.40 -78.56 -10.72
CA ALA G 81 -12.38 -77.68 -10.12
C ALA G 81 -12.01 -76.58 -11.09
N ALA G 82 -11.40 -76.96 -12.22
CA ALA G 82 -11.18 -76.09 -13.38
C ALA G 82 -10.27 -74.92 -13.04
N VAL G 83 -8.96 -75.18 -12.96
CA VAL G 83 -7.94 -74.11 -12.84
C VAL G 83 -8.14 -73.02 -13.90
N PRO G 84 -8.28 -73.32 -15.20
CA PRO G 84 -8.47 -72.27 -16.19
C PRO G 84 -9.77 -71.47 -16.08
N VAL G 85 -10.73 -71.94 -15.29
CA VAL G 85 -12.03 -71.24 -15.15
C VAL G 85 -11.97 -70.21 -14.03
N LEU G 86 -11.26 -70.50 -12.95
CA LEU G 86 -11.23 -69.70 -11.71
C LEU G 86 -11.12 -68.20 -11.95
N PRO G 87 -10.24 -67.70 -12.84
CA PRO G 87 -10.23 -66.27 -13.12
C PRO G 87 -11.54 -65.72 -13.68
N LEU G 88 -12.41 -66.59 -14.18
CA LEU G 88 -13.76 -66.19 -14.62
C LEU G 88 -14.76 -66.40 -13.48
N GLU G 89 -14.58 -67.44 -12.68
CA GLU G 89 -15.53 -67.71 -11.58
C GLU G 89 -15.41 -66.64 -10.51
N LEU G 90 -14.18 -66.34 -10.07
CA LEU G 90 -13.96 -65.30 -9.04
C LEU G 90 -14.47 -63.97 -9.54
N THR G 91 -14.19 -63.66 -10.80
CA THR G 91 -14.71 -62.44 -11.42
C THR G 91 -16.24 -62.40 -11.41
N VAL G 92 -16.87 -63.50 -11.77
CA VAL G 92 -18.35 -63.51 -11.85
C VAL G 92 -18.93 -63.34 -10.44
N THR G 93 -18.38 -64.02 -9.44
CA THR G 93 -18.93 -63.89 -8.08
C THR G 93 -18.66 -62.49 -7.53
N CYS G 94 -17.53 -61.89 -7.89
CA CYS G 94 -17.25 -60.51 -7.51
C CYS G 94 -18.28 -59.57 -8.10
N ASN G 95 -18.56 -59.71 -9.39
CA ASN G 95 -19.57 -58.83 -10.01
C ASN G 95 -20.95 -59.10 -9.42
N PHE G 96 -21.26 -60.36 -9.17
CA PHE G 96 -22.55 -60.74 -8.58
C PHE G 96 -22.72 -60.10 -7.21
N ILE G 97 -21.67 -60.18 -6.38
CA ILE G 97 -21.71 -59.57 -5.02
C ILE G 97 -21.90 -58.07 -5.13
N ILE G 98 -21.15 -57.45 -6.03
CA ILE G 98 -21.15 -55.99 -6.13
C ILE G 98 -22.53 -55.53 -6.57
N LEU G 99 -23.11 -56.22 -7.55
CA LEU G 99 -24.39 -55.75 -8.10
C LEU G 99 -25.52 -56.01 -7.09
N ARG G 100 -25.50 -57.20 -6.48
CA ARG G 100 -26.42 -57.59 -5.42
C ARG G 100 -26.42 -56.54 -4.33
N ALA G 101 -25.24 -56.27 -3.76
CA ALA G 101 -25.07 -55.34 -2.63
C ALA G 101 -25.47 -53.94 -3.02
N SER G 102 -25.11 -53.47 -4.19
CA SER G 102 -25.47 -52.12 -4.62
C SER G 102 -26.96 -51.95 -4.82
N LEU G 103 -27.65 -52.97 -5.32
CA LEU G 103 -29.12 -52.91 -5.46
C LEU G 103 -29.81 -52.95 -4.10
N ALA G 104 -29.47 -53.92 -3.27
CA ALA G 104 -29.95 -54.01 -1.88
C ALA G 104 -29.58 -52.79 -1.02
N GLN G 105 -28.56 -52.01 -1.42
CA GLN G 105 -28.00 -50.89 -0.64
C GLN G 105 -27.49 -51.41 0.71
N GLY G 106 -26.80 -52.53 0.68
CA GLY G 106 -26.29 -53.15 1.91
C GLY G 106 -25.84 -54.55 1.65
N PHE G 107 -25.20 -55.13 2.65
CA PHE G 107 -24.69 -56.50 2.62
C PHE G 107 -25.57 -57.46 3.44
N THR G 108 -25.18 -58.74 3.43
CA THR G 108 -25.90 -59.89 3.99
C THR G 108 -24.86 -60.98 4.34
N GLU G 109 -25.31 -62.16 4.75
CA GLU G 109 -24.42 -63.33 4.97
C GLU G 109 -24.37 -64.26 3.77
N ASP G 110 -25.38 -64.22 2.91
CA ASP G 110 -25.34 -65.01 1.66
C ASP G 110 -24.10 -64.65 0.83
N GLN G 111 -23.68 -63.39 0.91
CA GLN G 111 -22.48 -62.96 0.19
C GLN G 111 -21.26 -63.64 0.77
N ALA G 112 -21.16 -63.72 2.10
CA ALA G 112 -20.03 -64.43 2.72
C ALA G 112 -20.05 -65.92 2.36
N GLN G 113 -21.24 -66.50 2.20
CA GLN G 113 -21.34 -67.90 1.74
C GLN G 113 -20.81 -68.02 0.31
N ASP G 114 -21.14 -67.08 -0.58
CA ASP G 114 -20.61 -67.08 -1.96
C ASP G 114 -19.10 -67.02 -1.95
N ILE G 115 -18.56 -66.13 -1.14
CA ILE G 115 -17.10 -66.00 -1.02
C ILE G 115 -16.51 -67.31 -0.52
N GLN G 116 -17.13 -67.92 0.49
CA GLN G 116 -16.66 -69.18 1.06
C GLN G 116 -16.67 -70.28 0.01
N ARG G 117 -17.68 -70.27 -0.86
CA ARG G 117 -17.82 -71.29 -1.91
C ARG G 117 -16.69 -71.16 -2.93
N SER G 118 -16.46 -69.96 -3.45
CA SER G 118 -15.38 -69.72 -4.41
C SER G 118 -14.02 -70.08 -3.79
N LEU G 119 -13.79 -69.74 -2.54
CA LEU G 119 -12.52 -70.12 -1.89
C LEU G 119 -12.41 -71.63 -1.72
N GLU G 120 -13.50 -72.31 -1.37
CA GLU G 120 -13.48 -73.78 -1.30
C GLU G 120 -13.08 -74.36 -2.66
N ARG G 121 -13.53 -73.75 -3.74
CA ARG G 121 -13.19 -74.19 -5.10
C ARG G 121 -11.69 -74.02 -5.35
N VAL G 122 -11.17 -72.85 -5.05
CA VAL G 122 -9.75 -72.55 -5.24
C VAL G 122 -8.91 -73.59 -4.49
N LEU G 123 -9.36 -73.99 -3.31
CA LEU G 123 -8.62 -74.99 -2.53
C LEU G 123 -8.79 -76.38 -3.14
N GLU G 124 -9.98 -76.70 -3.65
CA GLU G 124 -10.25 -78.02 -4.26
C GLU G 124 -9.35 -78.26 -5.46
N THR G 125 -8.93 -77.21 -6.15
CA THR G 125 -7.88 -77.34 -7.17
C THR G 125 -6.62 -77.94 -6.56
N GLN G 126 -6.25 -77.52 -5.35
CA GLN G 126 -4.94 -77.81 -4.71
C GLN G 126 -5.15 -78.43 -3.33
N GLU G 134 -13.08 -75.47 4.49
CA GLU G 134 -13.91 -76.32 5.38
C GLU G 134 -14.05 -75.66 6.77
N GLN G 135 -12.94 -75.42 7.44
CA GLN G 135 -12.93 -75.03 8.86
C GLN G 135 -13.64 -73.69 9.07
N GLY G 136 -13.07 -72.62 8.52
CA GLY G 136 -13.64 -71.27 8.67
C GLY G 136 -12.97 -70.28 7.77
N LEU G 137 -13.53 -69.07 7.69
CA LEU G 137 -13.04 -68.05 6.73
C LEU G 137 -11.58 -67.71 7.01
N ARG G 138 -11.18 -67.73 8.27
CA ARG G 138 -9.80 -67.36 8.64
C ARG G 138 -8.80 -68.34 8.03
N GLU G 139 -8.98 -69.63 8.30
CA GLU G 139 -8.03 -70.65 7.82
C GLU G 139 -8.13 -70.78 6.30
N LEU G 140 -9.34 -70.63 5.77
CA LEU G 140 -9.58 -70.62 4.32
C LEU G 140 -8.71 -69.57 3.65
N TRP G 141 -8.83 -68.33 4.10
CA TRP G 141 -8.05 -67.22 3.53
C TRP G 141 -6.56 -67.51 3.68
N ASP G 142 -6.12 -67.99 4.83
CA ASP G 142 -4.68 -68.28 5.03
C ASP G 142 -4.18 -69.27 3.98
N SER G 143 -4.87 -70.40 3.83
CA SER G 143 -4.42 -71.46 2.92
C SER G 143 -4.53 -71.00 1.46
N VAL G 144 -5.57 -70.24 1.15
CA VAL G 144 -5.80 -69.73 -0.21
C VAL G 144 -4.66 -68.80 -0.60
N LEU G 145 -4.28 -67.90 0.31
CA LEU G 145 -3.24 -66.92 -0.02
C LEU G 145 -1.87 -67.58 -0.09
N ARG G 146 -1.59 -68.62 0.71
CA ARG G 146 -0.36 -69.42 0.47
C ARG G 146 -0.43 -70.10 -0.91
N ALA G 147 -1.58 -70.65 -1.28
CA ALA G 147 -1.73 -71.35 -2.57
C ALA G 147 -1.61 -70.37 -3.74
N SER G 148 -1.88 -69.09 -3.53
CA SER G 148 -1.71 -68.07 -4.59
C SER G 148 -0.27 -67.54 -4.58
N CYS G 149 0.36 -67.49 -3.42
CA CYS G 149 1.79 -67.13 -3.31
C CYS G 149 2.69 -68.27 -3.80
N LEU G 150 2.12 -69.44 -4.12
CA LEU G 150 2.73 -70.39 -5.08
C LEU G 150 2.82 -69.79 -6.50
N LEU G 151 2.17 -68.66 -6.77
CA LEU G 151 2.13 -67.92 -8.06
C LEU G 151 1.42 -68.71 -9.15
N PRO G 152 0.21 -69.27 -8.92
CA PRO G 152 -0.78 -69.31 -10.00
C PRO G 152 -1.43 -67.93 -10.05
N GLU G 153 -1.40 -67.31 -11.23
CA GLU G 153 -1.69 -65.88 -11.40
C GLU G 153 -3.19 -65.65 -11.62
N LEU G 154 -3.87 -65.46 -10.49
CA LEU G 154 -5.26 -64.96 -10.39
C LEU G 154 -5.37 -63.95 -9.27
N LEU G 155 -4.27 -63.30 -8.90
CA LEU G 155 -4.24 -62.35 -7.78
C LEU G 155 -5.09 -61.12 -8.09
N SER G 156 -5.29 -60.77 -9.35
CA SER G 156 -6.16 -59.64 -9.71
C SER G 156 -7.62 -59.92 -9.38
N ALA G 157 -8.00 -61.19 -9.23
CA ALA G 157 -9.34 -61.57 -8.73
C ALA G 157 -9.32 -61.80 -7.22
N LEU G 158 -8.29 -62.44 -6.69
CA LEU G 158 -8.26 -62.66 -5.23
C LEU G 158 -8.23 -61.33 -4.53
N HIS G 159 -7.45 -60.35 -4.99
CA HIS G 159 -7.40 -59.06 -4.29
C HIS G 159 -8.74 -58.34 -4.37
N ARG G 160 -9.50 -58.56 -5.43
CA ARG G 160 -10.83 -57.99 -5.47
C ARG G 160 -11.71 -58.69 -4.45
N LEU G 161 -11.58 -60.01 -4.31
CA LEU G 161 -12.36 -60.71 -3.27
C LEU G 161 -11.94 -60.26 -1.88
N VAL G 162 -10.67 -59.97 -1.68
CA VAL G 162 -10.22 -59.43 -0.39
C VAL G 162 -10.86 -58.07 -0.12
N GLY G 163 -10.95 -57.23 -1.13
CA GLY G 163 -11.70 -55.98 -1.01
C GLY G 163 -13.12 -56.24 -0.58
N LEU G 164 -13.79 -57.21 -1.20
CA LEU G 164 -15.19 -57.50 -0.83
C LEU G 164 -15.31 -58.05 0.59
N GLN G 165 -14.47 -59.03 0.93
CA GLN G 165 -14.45 -59.60 2.27
C GLN G 165 -14.30 -58.50 3.30
N ALA G 166 -13.30 -57.64 3.13
CA ALA G 166 -13.03 -56.57 4.11
C ALA G 166 -14.18 -55.57 4.14
N ALA G 167 -14.90 -55.39 3.05
CA ALA G 167 -16.08 -54.55 3.09
C ALA G 167 -17.14 -55.17 3.98
N LEU G 168 -17.36 -56.49 3.89
CA LEU G 168 -18.35 -57.16 4.77
C LEU G 168 -17.91 -57.02 6.22
N TRP G 169 -16.65 -57.31 6.49
CA TRP G 169 -16.14 -57.28 7.86
C TRP G 169 -16.09 -55.86 8.40
N LEU G 170 -16.00 -54.86 7.57
CA LEU G 170 -15.95 -53.46 8.04
C LEU G 170 -17.34 -52.94 8.21
N SER G 171 -18.31 -53.48 7.48
CA SER G 171 -19.73 -53.14 7.70
C SER G 171 -20.24 -53.83 8.97
N ALA G 172 -19.65 -54.99 9.32
CA ALA G 172 -20.09 -55.80 10.47
C ALA G 172 -19.13 -55.74 11.65
N ASP G 173 -18.10 -54.90 11.61
CA ASP G 173 -17.17 -54.66 12.73
C ASP G 173 -16.51 -55.97 13.15
N ARG G 174 -15.68 -56.53 12.29
CA ARG G 174 -14.79 -57.66 12.62
C ARG G 174 -13.36 -57.25 12.28
N LEU G 175 -12.94 -56.13 12.85
CA LEU G 175 -11.64 -55.52 12.53
C LEU G 175 -10.48 -56.40 13.02
N GLY G 176 -10.67 -57.18 14.08
CA GLY G 176 -9.64 -58.12 14.53
C GLY G 176 -9.36 -59.20 13.49
N ASP G 177 -10.40 -59.67 12.82
CA ASP G 177 -10.25 -60.65 11.71
C ASP G 177 -9.69 -59.97 10.48
N LEU G 178 -10.10 -58.71 10.24
CA LEU G 178 -9.66 -57.95 9.06
C LEU G 178 -8.16 -57.78 9.09
N ALA G 179 -7.65 -57.24 10.20
CA ALA G 179 -6.22 -56.91 10.27
C ALA G 179 -5.40 -58.19 10.20
N LEU G 180 -5.95 -59.29 10.68
CA LEU G 180 -5.25 -60.59 10.60
C LEU G 180 -5.17 -61.05 9.15
N LEU G 181 -6.27 -60.94 8.42
CA LEU G 181 -6.32 -61.25 6.98
C LEU G 181 -5.25 -60.46 6.24
N LEU G 182 -5.15 -59.15 6.51
CA LEU G 182 -4.19 -58.30 5.78
C LEU G 182 -2.76 -58.56 6.24
N GLU G 183 -2.54 -58.93 7.49
CA GLU G 183 -1.21 -59.35 7.94
C GLU G 183 -0.79 -60.60 7.15
N THR G 184 -1.70 -61.54 6.97
CA THR G 184 -1.44 -62.75 6.17
C THR G 184 -1.22 -62.36 4.71
N LEU G 185 -1.96 -61.37 4.22
CA LEU G 185 -1.92 -60.98 2.80
C LEU G 185 -0.57 -60.36 2.47
N ASN G 186 -0.21 -59.27 3.14
CA ASN G 186 1.13 -58.68 3.07
C ASN G 186 2.08 -59.62 3.81
N GLY G 187 3.38 -59.34 3.78
CA GLY G 187 4.35 -60.14 4.54
C GLY G 187 4.10 -60.00 6.03
N SER G 188 4.11 -61.13 6.75
CA SER G 188 3.95 -61.18 8.22
C SER G 188 5.09 -60.48 8.96
N GLN G 189 6.14 -60.05 8.24
CA GLN G 189 7.10 -59.02 8.74
C GLN G 189 6.34 -57.77 9.21
N SER G 190 5.22 -57.45 8.55
CA SER G 190 4.19 -56.51 9.05
C SER G 190 3.29 -57.23 10.07
N GLY G 191 3.89 -57.61 11.22
CA GLY G 191 3.22 -58.41 12.26
C GLY G 191 2.78 -57.58 13.45
N ALA G 192 3.67 -56.71 13.96
CA ALA G 192 3.39 -55.82 15.12
C ALA G 192 2.62 -54.57 14.69
N SER G 193 2.52 -54.28 13.39
CA SER G 193 1.66 -53.19 12.85
C SER G 193 0.21 -53.65 12.98
N LYS G 194 -0.31 -53.59 14.22
CA LYS G 194 -1.70 -53.95 14.54
C LYS G 194 -2.67 -52.86 14.08
N ASP G 195 -2.16 -51.69 13.67
CA ASP G 195 -2.97 -50.66 13.01
C ASP G 195 -3.57 -51.23 11.75
N LEU G 196 -4.73 -50.73 11.36
CA LEU G 196 -5.34 -51.08 10.07
C LEU G 196 -4.83 -50.13 9.00
N LEU G 197 -4.90 -48.84 9.26
CA LEU G 197 -4.74 -47.82 8.22
C LEU G 197 -3.30 -47.71 7.72
N LEU G 198 -2.38 -48.56 8.22
CA LEU G 198 -1.09 -48.80 7.54
C LEU G 198 -1.21 -50.05 6.68
N LEU G 199 -1.93 -51.06 7.14
CA LEU G 199 -2.02 -52.31 6.41
C LEU G 199 -2.86 -52.11 5.15
N LEU G 200 -3.94 -51.34 5.25
CA LEU G 200 -4.79 -51.06 4.08
C LEU G 200 -3.99 -50.31 3.01
N LYS G 201 -3.15 -49.37 3.42
CA LYS G 201 -2.32 -48.63 2.46
C LYS G 201 -1.21 -49.52 1.91
N THR G 202 -0.49 -50.21 2.79
CA THR G 202 0.61 -51.11 2.39
C THR G 202 0.12 -52.17 1.39
N TRP G 203 -1.13 -52.64 1.57
CA TRP G 203 -1.77 -53.61 0.66
C TRP G 203 -1.83 -53.06 -0.76
N SER G 204 -1.16 -53.73 -1.66
CA SER G 204 -0.85 -53.25 -3.01
C SER G 204 -1.41 -54.24 -4.01
N PRO G 205 -2.62 -54.02 -4.58
CA PRO G 205 -3.10 -54.89 -5.64
C PRO G 205 -2.18 -54.89 -6.86
N PRO G 206 -2.13 -55.98 -7.59
CA PRO G 206 -0.88 -56.43 -8.21
C PRO G 206 -0.58 -55.82 -9.59
N ALA G 207 -1.62 -55.54 -10.36
CA ALA G 207 -1.52 -55.37 -11.81
C ALA G 207 -2.24 -54.11 -12.23
N GLU G 208 -1.98 -53.73 -13.49
CA GLU G 208 -2.79 -52.74 -14.23
C GLU G 208 -4.06 -53.40 -14.79
N GLU G 209 -4.43 -54.62 -14.35
CA GLU G 209 -5.67 -55.32 -14.75
C GLU G 209 -5.62 -55.57 -16.26
N LEU G 210 -4.81 -56.53 -16.70
CA LEU G 210 -4.57 -56.77 -18.15
C LEU G 210 -5.86 -57.21 -18.85
N ASP G 211 -5.78 -57.50 -20.15
CA ASP G 211 -6.98 -57.83 -20.97
C ASP G 211 -7.60 -59.15 -20.46
N ALA G 212 -8.40 -59.01 -19.39
CA ALA G 212 -9.08 -60.08 -18.64
C ALA G 212 -10.59 -59.84 -18.72
N PRO G 213 -11.42 -60.79 -18.21
CA PRO G 213 -12.86 -60.58 -18.18
C PRO G 213 -13.30 -59.33 -17.44
N LEU G 214 -14.35 -58.67 -17.94
CA LEU G 214 -14.82 -57.39 -17.40
C LEU G 214 -15.27 -57.55 -15.94
N THR G 215 -15.53 -56.41 -15.32
CA THR G 215 -15.78 -56.31 -13.88
C THR G 215 -16.41 -54.94 -13.60
N LEU G 216 -17.32 -54.92 -12.65
CA LEU G 216 -17.98 -53.68 -12.30
C LEU G 216 -17.07 -52.82 -11.45
N GLN G 217 -16.06 -53.39 -10.83
CA GLN G 217 -15.21 -52.65 -9.90
C GLN G 217 -13.89 -53.40 -9.76
N ASP G 218 -12.83 -52.66 -9.55
CA ASP G 218 -11.47 -53.22 -9.47
C ASP G 218 -10.93 -53.02 -8.08
N ALA G 219 -9.84 -53.70 -7.76
CA ALA G 219 -9.27 -53.71 -6.41
C ALA G 219 -8.90 -52.31 -5.95
N GLN G 220 -8.42 -51.43 -6.83
CA GLN G 220 -8.05 -50.08 -6.37
C GLN G 220 -9.30 -49.26 -6.11
N GLY G 221 -10.33 -49.42 -6.91
CA GLY G 221 -11.57 -48.68 -6.65
C GLY G 221 -12.27 -49.22 -5.46
N LEU G 222 -11.85 -50.38 -4.94
CA LEU G 222 -12.32 -50.89 -3.64
C LEU G 222 -11.42 -50.44 -2.52
N LYS G 223 -10.12 -50.42 -2.74
CA LYS G 223 -9.21 -49.95 -1.70
C LYS G 223 -9.38 -48.46 -1.41
N ASP G 224 -9.63 -47.66 -2.43
CA ASP G 224 -9.85 -46.23 -2.20
C ASP G 224 -11.13 -46.01 -1.42
N VAL G 225 -12.07 -46.93 -1.50
CA VAL G 225 -13.28 -46.88 -0.68
C VAL G 225 -13.00 -47.33 0.75
N LEU G 226 -12.32 -48.43 0.92
CA LEU G 226 -12.06 -48.91 2.26
C LEU G 226 -11.27 -47.89 3.07
N LEU G 227 -10.25 -47.29 2.49
CA LEU G 227 -9.46 -46.32 3.29
C LEU G 227 -10.32 -45.16 3.78
N THR G 228 -11.14 -44.57 2.93
CA THR G 228 -11.90 -43.42 3.41
C THR G 228 -12.97 -43.84 4.40
N ALA G 229 -13.60 -44.98 4.21
CA ALA G 229 -14.62 -45.44 5.15
C ALA G 229 -13.99 -45.77 6.48
N PHE G 230 -12.90 -46.52 6.48
CA PHE G 230 -12.25 -46.87 7.73
C PHE G 230 -11.75 -45.62 8.42
N ALA G 231 -11.17 -44.67 7.71
CA ALA G 231 -10.66 -43.45 8.36
C ALA G 231 -11.75 -42.62 9.02
N TYR G 232 -12.87 -42.42 8.33
CA TYR G 232 -14.04 -41.79 8.96
C TYR G 232 -14.46 -42.55 10.21
N ARG G 233 -14.60 -43.87 10.15
CA ARG G 233 -15.07 -44.64 11.31
C ARG G 233 -14.14 -44.47 12.51
N GLN G 234 -12.87 -44.65 12.26
CA GLN G 234 -11.83 -44.49 13.28
C GLN G 234 -11.94 -43.10 13.90
N GLY G 235 -12.18 -42.09 13.09
CA GLY G 235 -12.23 -40.72 13.58
C GLY G 235 -13.42 -40.47 14.47
N LEU G 236 -14.59 -40.90 14.05
CA LEU G 236 -15.80 -40.75 14.89
C LEU G 236 -15.69 -41.51 16.22
N GLN G 237 -15.12 -42.71 16.20
CA GLN G 237 -14.94 -43.48 17.44
C GLN G 237 -14.00 -42.73 18.37
N GLU G 238 -12.86 -42.28 17.87
CA GLU G 238 -11.91 -41.57 18.74
C GLU G 238 -12.52 -40.31 19.32
N LEU G 239 -13.32 -39.60 18.53
CA LEU G 239 -14.02 -38.41 19.02
C LEU G 239 -14.96 -38.78 20.17
N ILE G 240 -15.93 -39.65 19.93
CA ILE G 240 -16.97 -39.95 20.95
C ILE G 240 -16.33 -40.57 22.19
N THR G 241 -15.30 -41.38 22.01
CA THR G 241 -14.54 -41.97 23.11
C THR G 241 -13.71 -40.90 23.83
N GLY G 242 -13.51 -39.74 23.22
CA GLY G 242 -12.97 -38.57 23.91
C GLY G 242 -11.47 -38.48 23.78
N ASN G 243 -10.95 -38.54 22.56
CA ASN G 243 -9.53 -38.30 22.26
C ASN G 243 -9.42 -37.40 21.04
N PRO G 244 -10.05 -36.21 21.02
CA PRO G 244 -10.01 -35.33 19.84
C PRO G 244 -8.67 -34.64 19.56
N ASP G 245 -7.61 -35.44 19.52
CA ASP G 245 -6.34 -35.13 18.87
C ASP G 245 -5.95 -36.32 17.99
N LYS G 246 -6.46 -37.51 18.29
CA LYS G 246 -6.25 -38.68 17.43
C LYS G 246 -7.25 -38.63 16.29
N ALA G 247 -8.35 -37.88 16.45
CA ALA G 247 -9.36 -37.76 15.38
C ALA G 247 -8.75 -37.13 14.16
N LEU G 248 -8.22 -35.93 14.32
CA LEU G 248 -7.82 -35.04 13.22
C LEU G 248 -7.01 -35.76 12.16
N SER G 249 -6.11 -36.64 12.57
CA SER G 249 -5.28 -37.42 11.64
C SER G 249 -6.16 -38.23 10.71
N SER G 250 -6.96 -39.13 11.27
CA SER G 250 -7.81 -40.01 10.46
C SER G 250 -8.95 -39.24 9.81
N LEU G 251 -9.45 -38.20 10.44
CA LEU G 251 -10.50 -37.40 9.79
C LEU G 251 -9.95 -36.46 8.74
N HIS G 252 -8.66 -36.25 8.64
CA HIS G 252 -8.05 -35.63 7.45
C HIS G 252 -7.72 -36.71 6.43
N GLU G 253 -7.42 -37.93 6.86
CA GLU G 253 -7.20 -39.05 5.94
C GLU G 253 -8.48 -39.47 5.26
N ALA G 254 -9.65 -39.08 5.75
CA ALA G 254 -10.87 -39.34 4.97
C ALA G 254 -10.96 -38.41 3.80
N ALA G 255 -10.71 -37.13 4.03
CA ALA G 255 -10.80 -36.13 2.97
C ALA G 255 -9.61 -36.18 2.00
N SER G 256 -8.48 -36.75 2.39
CA SER G 256 -7.27 -36.86 1.53
C SER G 256 -7.33 -38.10 0.65
N GLY G 257 -8.44 -38.27 -0.05
CA GLY G 257 -8.75 -39.55 -0.70
C GLY G 257 -10.05 -39.44 -1.44
N LEU G 258 -10.59 -40.55 -1.87
CA LEU G 258 -11.93 -40.55 -2.46
C LEU G 258 -12.96 -40.09 -1.42
N CYS G 259 -13.90 -39.23 -1.83
CA CYS G 259 -14.77 -38.57 -0.86
C CYS G 259 -16.00 -38.00 -1.56
N PRO G 260 -17.08 -38.67 -1.65
CA PRO G 260 -18.20 -38.19 -2.38
C PRO G 260 -18.84 -36.83 -2.18
N ARG G 261 -18.36 -36.04 -1.33
CA ARG G 261 -18.97 -34.76 -0.97
C ARG G 261 -20.13 -34.80 0.05
N PRO G 262 -20.91 -35.86 0.24
CA PRO G 262 -21.55 -36.04 1.54
C PRO G 262 -20.59 -36.51 2.60
N VAL G 263 -19.66 -37.35 2.22
CA VAL G 263 -18.65 -37.77 3.17
C VAL G 263 -17.78 -36.59 3.52
N LEU G 264 -17.62 -35.66 2.59
CA LEU G 264 -16.80 -34.49 2.91
C LEU G 264 -17.54 -33.57 3.89
N VAL G 265 -18.82 -33.35 3.66
CA VAL G 265 -19.54 -32.49 4.59
C VAL G 265 -19.46 -33.11 6.00
N GLN G 266 -19.57 -34.41 6.11
CA GLN G 266 -19.60 -35.00 7.45
C GLN G 266 -18.23 -34.95 8.10
N VAL G 267 -17.20 -35.13 7.31
CA VAL G 267 -15.84 -34.92 7.83
C VAL G 267 -15.64 -33.50 8.32
N TYR G 268 -16.14 -32.49 7.63
CA TYR G 268 -16.00 -31.12 8.14
C TYR G 268 -16.78 -30.87 9.42
N THR G 269 -18.01 -31.36 9.53
CA THR G 269 -18.72 -31.19 10.80
C THR G 269 -17.94 -31.88 11.89
N ALA G 270 -17.48 -33.09 11.64
CA ALA G 270 -16.71 -33.87 12.62
C ALA G 270 -15.50 -33.10 13.11
N LEU G 271 -14.86 -32.35 12.22
CA LEU G 271 -13.68 -31.59 12.62
C LEU G 271 -14.04 -30.31 13.35
N GLY G 272 -15.18 -29.70 13.03
CA GLY G 272 -15.74 -28.63 13.87
C GLY G 272 -15.93 -29.11 15.28
N SER G 273 -16.46 -30.31 15.40
CA SER G 273 -16.67 -30.93 16.70
C SER G 273 -15.35 -31.13 17.41
N CYS G 274 -14.35 -31.72 16.76
CA CYS G 274 -13.06 -31.95 17.42
C CYS G 274 -12.49 -30.65 17.96
N HIS G 275 -12.55 -29.59 17.20
CA HIS G 275 -11.89 -28.35 17.64
C HIS G 275 -12.68 -27.72 18.75
N ARG G 276 -14.01 -27.74 18.67
CA ARG G 276 -14.85 -27.25 19.79
C ARG G 276 -14.48 -27.95 21.10
N LYS G 277 -14.29 -29.27 21.04
CA LYS G 277 -13.90 -30.04 22.23
C LYS G 277 -12.51 -29.65 22.70
N MET G 278 -11.64 -29.27 21.78
CA MET G 278 -10.27 -28.86 22.17
C MET G 278 -10.23 -27.42 22.67
N GLY G 279 -11.27 -26.62 22.41
CA GLY G 279 -11.32 -25.21 22.85
C GLY G 279 -10.78 -24.27 21.79
N ASN G 280 -11.24 -24.46 20.55
CA ASN G 280 -10.82 -23.67 19.38
C ASN G 280 -12.07 -23.33 18.58
N PRO G 281 -12.96 -22.48 19.10
CA PRO G 281 -14.20 -22.16 18.41
C PRO G 281 -13.98 -21.47 17.09
N GLN G 282 -12.95 -20.62 17.01
CA GLN G 282 -12.72 -19.84 15.80
C GLN G 282 -12.18 -20.72 14.68
N ARG G 283 -11.50 -21.81 15.01
CA ARG G 283 -11.14 -22.78 13.97
C ARG G 283 -12.35 -23.63 13.63
N ALA G 284 -13.13 -24.01 14.62
CA ALA G 284 -14.27 -24.88 14.36
C ALA G 284 -15.30 -24.21 13.46
N LEU G 285 -15.49 -22.92 13.61
CA LEU G 285 -16.44 -22.22 12.74
C LEU G 285 -16.02 -22.30 11.28
N LEU G 286 -14.74 -22.33 10.97
CA LEU G 286 -14.33 -22.40 9.57
C LEU G 286 -14.83 -23.69 8.97
N TYR G 287 -14.60 -24.79 9.67
CA TYR G 287 -15.02 -26.08 9.13
C TYR G 287 -16.53 -26.18 9.01
N LEU G 288 -17.25 -25.65 9.98
CA LEU G 288 -18.72 -25.71 9.81
C LEU G 288 -19.19 -24.84 8.66
N VAL G 289 -18.51 -23.74 8.39
CA VAL G 289 -18.90 -22.88 7.26
C VAL G 289 -18.63 -23.60 5.96
N ALA G 290 -17.49 -24.28 5.88
CA ALA G 290 -17.14 -25.08 4.70
C ALA G 290 -18.19 -26.15 4.43
N ALA G 291 -18.65 -26.77 5.50
CA ALA G 291 -19.69 -27.79 5.38
C ALA G 291 -21.00 -27.22 4.90
N LEU G 292 -21.39 -26.08 5.40
CA LEU G 292 -22.62 -25.43 4.91
C LEU G 292 -22.51 -25.17 3.44
N LYS G 293 -21.35 -24.73 3.00
CA LYS G 293 -21.20 -24.32 1.60
C LYS G 293 -21.27 -25.52 0.67
N GLU G 294 -20.42 -26.52 0.92
CA GLU G 294 -20.30 -27.68 0.04
C GLU G 294 -21.47 -28.64 0.12
N GLY G 295 -22.30 -28.55 1.13
CA GLY G 295 -23.33 -29.56 1.39
C GLY G 295 -24.70 -29.16 0.91
N SER G 296 -25.55 -30.15 0.69
CA SER G 296 -26.99 -29.99 0.54
C SER G 296 -27.78 -30.56 1.72
N ALA G 297 -27.09 -31.15 2.71
CA ALA G 297 -27.65 -31.63 3.99
C ALA G 297 -26.95 -30.88 5.10
N TRP G 298 -27.52 -29.73 5.43
CA TRP G 298 -26.87 -28.78 6.33
C TRP G 298 -27.68 -28.70 7.63
N GLY G 299 -28.10 -29.84 8.17
CA GLY G 299 -28.62 -29.87 9.54
C GLY G 299 -27.53 -29.95 10.61
N PRO G 300 -26.73 -31.02 10.59
CA PRO G 300 -25.69 -31.24 11.59
C PRO G 300 -24.70 -30.09 11.79
N PRO G 301 -24.26 -29.37 10.75
CA PRO G 301 -23.48 -28.17 10.98
C PRO G 301 -24.17 -27.14 11.87
N LEU G 302 -25.43 -26.83 11.58
CA LEU G 302 -26.18 -25.88 12.40
C LEU G 302 -26.32 -26.40 13.83
N LEU G 303 -26.46 -27.70 13.99
CA LEU G 303 -26.55 -28.30 15.32
C LEU G 303 -25.26 -28.07 16.07
N GLU G 304 -24.13 -28.41 15.44
CA GLU G 304 -22.81 -28.25 16.06
C GLU G 304 -22.57 -26.79 16.41
N ALA G 305 -23.05 -25.89 15.59
CA ALA G 305 -22.92 -24.46 15.89
C ALA G 305 -23.74 -24.08 17.12
N SER G 306 -24.94 -24.64 17.24
CA SER G 306 -25.78 -24.46 18.43
C SER G 306 -25.00 -24.85 19.68
N ARG G 307 -24.47 -26.06 19.68
CA ARG G 307 -23.67 -26.56 20.81
C ARG G 307 -22.49 -25.65 21.12
N LEU G 308 -21.92 -25.06 20.09
CA LEU G 308 -20.73 -24.23 20.23
C LEU G 308 -21.08 -22.88 20.85
N TYR G 309 -22.13 -22.24 20.38
CA TYR G 309 -22.59 -20.99 21.00
C TYR G 309 -23.12 -21.23 22.42
N GLN G 310 -23.55 -22.45 22.73
CA GLN G 310 -23.92 -22.80 24.11
C GLN G 310 -22.65 -22.82 24.97
N GLN G 311 -21.63 -23.53 24.48
CA GLN G 311 -20.30 -23.56 25.11
C GLN G 311 -19.80 -22.14 25.37
N LEU G 312 -20.07 -21.20 24.48
CA LEU G 312 -19.61 -19.81 24.65
C LEU G 312 -20.53 -19.07 25.63
N GLY G 313 -21.82 -19.02 25.34
CA GLY G 313 -22.78 -18.13 26.03
C GLY G 313 -23.69 -17.33 25.09
N ASP G 314 -23.36 -17.18 23.80
CA ASP G 314 -24.09 -16.29 22.88
C ASP G 314 -25.44 -16.91 22.52
N THR G 315 -26.42 -16.75 23.41
CA THR G 315 -27.59 -17.63 23.44
C THR G 315 -28.60 -17.25 22.36
N THR G 316 -28.77 -15.97 22.08
CA THR G 316 -29.65 -15.58 20.96
C THR G 316 -29.13 -16.16 19.65
N ALA G 317 -27.82 -16.21 19.49
CA ALA G 317 -27.21 -16.80 18.29
C ALA G 317 -27.47 -18.31 18.25
N GLU G 318 -27.25 -18.99 19.37
CA GLU G 318 -27.62 -20.42 19.52
C GLU G 318 -29.06 -20.67 19.08
N LEU G 319 -29.97 -19.83 19.56
CA LEU G 319 -31.39 -20.02 19.25
C LEU G 319 -31.67 -19.75 17.78
N GLU G 320 -30.98 -18.79 17.19
CA GLU G 320 -31.15 -18.50 15.76
C GLU G 320 -30.65 -19.68 14.94
N SER G 321 -29.56 -20.31 15.36
CA SER G 321 -29.07 -21.51 14.66
C SER G 321 -30.12 -22.62 14.72
N LEU G 322 -30.74 -22.82 15.89
CA LEU G 322 -31.77 -23.88 16.00
C LEU G 322 -33.00 -23.55 15.17
N GLU G 323 -33.39 -22.29 15.09
CA GLU G 323 -34.47 -21.88 14.18
C GLU G 323 -34.14 -22.30 12.76
N LEU G 324 -32.91 -22.00 12.33
CA LEU G 324 -32.51 -22.32 10.95
C LEU G 324 -32.53 -23.82 10.75
N LEU G 325 -32.10 -24.58 11.75
CA LEU G 325 -32.08 -26.05 11.66
C LEU G 325 -33.49 -26.57 11.46
N VAL G 326 -34.43 -26.01 12.22
CA VAL G 326 -35.86 -26.35 12.11
C VAL G 326 -36.32 -26.10 10.67
N GLU G 327 -35.90 -24.98 10.09
CA GLU G 327 -36.28 -24.69 8.69
C GLU G 327 -35.62 -25.69 7.75
N ALA G 328 -34.45 -26.19 8.12
CA ALA G 328 -33.63 -27.05 7.23
C ALA G 328 -34.06 -28.50 7.26
N LEU G 329 -34.80 -28.92 8.27
CA LEU G 329 -35.26 -30.32 8.29
C LEU G 329 -36.50 -30.55 7.43
N ASN G 330 -37.10 -29.48 6.89
CA ASN G 330 -38.23 -29.63 5.95
C ASN G 330 -37.73 -30.04 4.58
N VAL G 331 -36.73 -29.32 4.06
CA VAL G 331 -36.24 -29.49 2.66
C VAL G 331 -35.66 -30.90 2.49
N PRO G 332 -35.81 -31.57 1.33
CA PRO G 332 -35.30 -32.94 1.22
C PRO G 332 -33.81 -32.96 0.84
N ALA G 337 -28.40 -40.33 -5.94
CA ALA G 337 -28.82 -41.57 -6.63
C ALA G 337 -27.76 -42.67 -6.45
N PRO G 338 -28.12 -43.96 -6.60
CA PRO G 338 -27.18 -45.04 -6.38
C PRO G 338 -26.41 -45.42 -7.64
N GLN G 339 -25.48 -46.34 -7.47
CA GLN G 339 -24.60 -46.85 -8.54
C GLN G 339 -24.35 -48.32 -8.31
N PHE G 340 -24.25 -49.08 -9.40
CA PHE G 340 -24.11 -50.55 -9.33
C PHE G 340 -22.63 -50.82 -9.12
N LEU G 341 -22.20 -50.46 -7.91
CA LEU G 341 -20.77 -50.30 -7.62
C LEU G 341 -20.61 -50.00 -6.15
N ILE G 342 -19.67 -50.65 -5.49
CA ILE G 342 -19.56 -50.48 -4.02
C ILE G 342 -19.10 -49.08 -3.73
N GLU G 343 -20.03 -48.26 -3.22
CA GLU G 343 -19.78 -46.86 -2.88
C GLU G 343 -19.21 -46.80 -1.48
N VAL G 344 -19.07 -45.59 -0.96
CA VAL G 344 -18.60 -45.32 0.41
C VAL G 344 -19.79 -45.19 1.32
N GLU G 345 -20.94 -44.80 0.81
CA GLU G 345 -22.11 -44.61 1.68
C GLU G 345 -22.73 -45.94 2.08
N LEU G 346 -22.19 -47.09 1.66
CA LEU G 346 -22.56 -48.40 2.23
C LEU G 346 -21.76 -48.73 3.46
N LEU G 347 -20.46 -48.46 3.45
CA LEU G 347 -19.59 -48.89 4.55
C LEU G 347 -19.60 -47.95 5.74
N LEU G 348 -20.35 -46.84 5.66
CA LEU G 348 -20.60 -45.97 6.82
C LEU G 348 -21.72 -46.58 7.65
N PRO G 349 -21.72 -46.42 8.98
CA PRO G 349 -22.82 -46.95 9.79
C PRO G 349 -23.99 -45.97 9.80
N PRO G 350 -25.14 -46.33 10.42
CA PRO G 350 -26.13 -45.34 10.82
C PRO G 350 -25.67 -44.66 12.09
N PRO G 351 -25.78 -43.32 12.21
CA PRO G 351 -25.03 -42.61 13.23
C PRO G 351 -25.59 -42.93 14.61
N ASP G 352 -24.70 -43.03 15.59
CA ASP G 352 -25.06 -43.22 16.99
C ASP G 352 -25.81 -41.98 17.48
N LEU G 353 -26.31 -42.04 18.72
CA LEU G 353 -26.99 -40.88 19.30
C LEU G 353 -25.97 -39.82 19.72
N ALA G 354 -24.81 -40.23 20.22
CA ALA G 354 -23.85 -39.31 20.85
C ALA G 354 -22.98 -38.59 19.82
N SER G 355 -23.01 -38.99 18.54
CA SER G 355 -22.09 -38.45 17.54
C SER G 355 -22.52 -37.04 17.17
N PRO G 356 -21.59 -36.24 16.59
CA PRO G 356 -21.95 -34.92 16.09
C PRO G 356 -22.79 -34.91 14.82
N LEU G 357 -22.88 -36.05 14.15
CA LEU G 357 -23.63 -36.19 12.89
C LEU G 357 -25.05 -36.70 13.11
N HIS G 358 -25.45 -36.94 14.36
CA HIS G 358 -26.86 -37.28 14.61
C HIS G 358 -27.65 -35.99 14.68
N CYS G 359 -28.74 -35.95 13.95
CA CYS G 359 -29.75 -34.89 14.04
C CYS G 359 -31.10 -35.59 14.11
N GLY G 360 -31.97 -35.17 15.05
CA GLY G 360 -33.19 -35.90 15.35
C GLY G 360 -34.23 -35.73 14.26
N THR G 361 -35.48 -35.57 14.68
CA THR G 361 -36.58 -35.18 13.78
C THR G 361 -37.22 -33.90 14.30
N GLN G 362 -37.86 -33.18 13.37
CA GLN G 362 -38.43 -31.84 13.56
C GLN G 362 -39.13 -31.70 14.91
N SER G 363 -39.82 -32.74 15.35
CA SER G 363 -40.51 -32.71 16.66
C SER G 363 -39.50 -32.58 17.79
N GLN G 364 -38.51 -33.48 17.80
CA GLN G 364 -37.48 -33.48 18.86
C GLN G 364 -36.78 -32.14 18.86
N THR G 365 -36.38 -31.70 17.67
CA THR G 365 -35.58 -30.49 17.50
C THR G 365 -36.41 -29.27 17.93
N LYS G 366 -37.70 -29.28 17.63
CA LYS G 366 -38.55 -28.12 17.98
C LYS G 366 -38.72 -28.06 19.49
N HIS G 367 -38.80 -29.21 20.15
CA HIS G 367 -38.84 -29.25 21.62
C HIS G 367 -37.52 -28.76 22.20
N ILE G 368 -36.41 -29.13 21.56
CA ILE G 368 -35.06 -28.68 22.00
C ILE G 368 -34.99 -27.16 21.93
N LEU G 369 -35.44 -26.62 20.81
CA LEU G 369 -35.53 -25.17 20.63
C LEU G 369 -36.34 -24.55 21.76
N ALA G 370 -37.51 -25.10 22.06
CA ALA G 370 -38.44 -24.43 22.98
C ALA G 370 -37.95 -24.59 24.42
N SER G 371 -37.42 -25.77 24.77
CA SER G 371 -36.74 -26.00 26.05
C SER G 371 -35.65 -24.95 26.28
N ARG G 372 -34.72 -24.86 25.31
CA ARG G 372 -33.53 -24.02 25.43
C ARG G 372 -33.92 -22.55 25.36
N CYS G 373 -35.09 -22.22 24.82
CA CYS G 373 -35.60 -20.85 24.83
C CYS G 373 -36.26 -20.53 26.17
N LEU G 374 -36.91 -21.52 26.76
CA LEU G 374 -37.63 -21.37 28.04
C LEU G 374 -36.64 -21.19 29.19
N GLN G 375 -35.60 -22.01 29.22
CA GLN G 375 -34.51 -21.85 30.20
C GLN G 375 -33.91 -20.45 30.11
N THR G 376 -33.84 -19.90 28.89
CA THR G 376 -33.16 -18.61 28.64
C THR G 376 -34.07 -17.45 29.02
N GLY G 377 -35.39 -17.63 28.99
CA GLY G 377 -36.35 -16.58 29.40
C GLY G 377 -36.84 -15.73 28.26
N ARG G 378 -37.47 -16.35 27.27
CA ARG G 378 -38.23 -15.68 26.18
C ARG G 378 -39.56 -16.43 26.04
N ALA G 379 -40.27 -16.52 27.16
CA ALA G 379 -41.38 -17.47 27.36
C ALA G 379 -42.45 -17.34 26.28
N GLY G 380 -42.69 -16.12 25.79
CA GLY G 380 -43.66 -15.90 24.70
C GLY G 380 -43.25 -16.65 23.45
N ASP G 381 -42.01 -16.44 23.01
CA ASP G 381 -41.48 -17.15 21.84
C ASP G 381 -41.45 -18.66 22.10
N ALA G 382 -41.00 -19.06 23.30
CA ALA G 382 -40.89 -20.48 23.63
C ALA G 382 -42.27 -21.14 23.62
N ALA G 383 -43.30 -20.44 24.12
CA ALA G 383 -44.67 -20.98 24.13
C ALA G 383 -45.20 -21.08 22.71
N GLU G 384 -44.89 -20.09 21.88
CA GLU G 384 -45.29 -20.13 20.46
C GLU G 384 -44.71 -21.40 19.82
N HIS G 385 -43.43 -21.65 20.06
CA HIS G 385 -42.76 -22.86 19.53
C HIS G 385 -43.40 -24.12 20.12
N TYR G 386 -43.84 -24.07 21.36
CA TYR G 386 -44.43 -25.25 22.01
C TYR G 386 -45.76 -25.60 21.36
N LEU G 387 -46.60 -24.59 21.11
CA LEU G 387 -47.89 -24.84 20.46
C LEU G 387 -47.66 -25.33 19.04
N ASP G 388 -46.70 -24.73 18.33
CA ASP G 388 -46.40 -25.16 16.96
C ASP G 388 -45.78 -26.55 16.94
N LEU G 389 -45.27 -27.02 18.08
CA LEU G 389 -44.83 -28.42 18.23
C LEU G 389 -46.05 -29.29 18.45
N LEU G 390 -46.83 -28.96 19.46
CA LEU G 390 -47.85 -29.87 19.99
C LEU G 390 -48.95 -30.07 18.95
N ALA G 391 -49.17 -29.05 18.11
CA ALA G 391 -50.06 -29.21 16.95
C ALA G 391 -49.56 -30.34 16.05
N LEU G 392 -48.25 -30.43 15.85
CA LEU G 392 -47.65 -31.42 14.92
C LEU G 392 -47.77 -32.85 15.45
N LEU G 393 -48.10 -33.03 16.73
CA LEU G 393 -48.37 -34.35 17.31
C LEU G 393 -49.86 -34.66 17.34
N LEU G 394 -50.70 -33.66 17.64
CA LEU G 394 -52.13 -33.89 17.92
C LEU G 394 -52.99 -33.64 16.68
N ASP G 395 -52.88 -32.46 16.05
CA ASP G 395 -53.72 -32.13 14.89
C ASP G 395 -53.44 -33.06 13.70
N SER G 396 -52.25 -33.64 13.65
CA SER G 396 -51.84 -34.38 12.44
C SER G 396 -52.57 -35.72 12.34
N SER G 397 -53.41 -35.85 11.33
CA SER G 397 -53.96 -37.15 10.91
C SER G 397 -53.74 -37.37 9.41
N GLU G 398 -53.84 -36.30 8.61
CA GLU G 398 -53.80 -36.36 7.13
C GLU G 398 -52.40 -36.68 6.62
N PRO G 399 -51.37 -35.83 6.87
CA PRO G 399 -50.10 -35.98 6.18
C PRO G 399 -49.28 -37.12 6.80
N ARG G 400 -48.05 -37.28 6.32
CA ARG G 400 -47.05 -38.16 6.95
C ARG G 400 -46.93 -37.82 8.44
N PHE G 401 -46.78 -38.85 9.27
CA PHE G 401 -46.84 -38.71 10.74
C PHE G 401 -45.48 -38.26 11.26
N SER G 402 -45.49 -37.22 12.10
CA SER G 402 -44.27 -36.67 12.75
C SER G 402 -43.77 -37.70 13.78
N PRO G 403 -42.46 -38.00 13.83
CA PRO G 403 -41.92 -39.00 14.76
C PRO G 403 -42.06 -38.59 16.22
N PRO G 404 -42.13 -39.55 17.17
CA PRO G 404 -42.27 -39.23 18.60
C PRO G 404 -41.03 -38.50 19.14
N PRO G 405 -41.18 -37.53 20.07
CA PRO G 405 -40.04 -36.78 20.63
C PRO G 405 -39.00 -37.65 21.37
N SER G 406 -39.48 -38.62 22.16
CA SER G 406 -39.33 -40.09 22.03
C SER G 406 -39.35 -40.74 23.42
N PRO G 407 -39.16 -42.07 23.54
CA PRO G 407 -39.19 -42.74 24.86
C PRO G 407 -38.09 -42.23 25.80
N PRO G 408 -36.83 -42.03 25.33
CA PRO G 408 -35.75 -41.49 26.18
C PRO G 408 -36.08 -40.05 26.63
N GLY G 409 -36.69 -39.26 25.74
CA GLY G 409 -37.09 -37.87 26.00
C GLY G 409 -38.31 -37.77 26.91
N PRO G 410 -38.65 -36.56 27.43
CA PRO G 410 -39.80 -36.40 28.32
C PRO G 410 -41.11 -36.80 27.60
N CYS G 411 -42.01 -37.45 28.34
CA CYS G 411 -43.29 -37.98 27.81
C CYS G 411 -44.30 -36.84 27.61
N MET G 412 -45.39 -37.16 26.92
CA MET G 412 -46.51 -36.26 26.60
C MET G 412 -46.88 -35.34 27.76
N PRO G 413 -47.28 -35.85 28.96
CA PRO G 413 -47.79 -34.97 30.01
C PRO G 413 -46.83 -33.86 30.44
N GLU G 414 -45.55 -34.20 30.56
CA GLU G 414 -44.51 -33.21 30.90
C GLU G 414 -44.49 -32.10 29.84
N VAL G 415 -44.77 -32.44 28.58
CA VAL G 415 -44.77 -31.44 27.50
C VAL G 415 -45.96 -30.50 27.67
N PHE G 416 -47.14 -31.04 27.99
CA PHE G 416 -48.31 -30.19 28.28
C PHE G 416 -47.98 -29.27 29.44
N LEU G 417 -47.27 -29.79 30.43
CA LEU G 417 -46.94 -29.00 31.63
C LEU G 417 -46.01 -27.84 31.25
N GLU G 418 -44.93 -28.14 30.55
CA GLU G 418 -43.99 -27.10 30.11
C GLU G 418 -44.71 -26.07 29.27
N ALA G 419 -45.61 -26.53 28.40
CA ALA G 419 -46.39 -25.65 27.52
C ALA G 419 -47.21 -24.68 28.38
N ALA G 420 -47.91 -25.21 29.38
CA ALA G 420 -48.77 -24.38 30.24
C ALA G 420 -47.92 -23.40 31.05
N VAL G 421 -46.75 -23.83 31.51
CA VAL G 421 -45.88 -22.93 32.31
C VAL G 421 -45.42 -21.78 31.42
N ALA G 422 -44.93 -22.08 30.23
CA ALA G 422 -44.47 -21.04 29.30
C ALA G 422 -45.63 -20.11 28.95
N LEU G 423 -46.81 -20.67 28.81
CA LEU G 423 -48.01 -19.89 28.45
C LEU G 423 -48.38 -18.94 29.58
N ILE G 424 -48.22 -19.39 30.82
CA ILE G 424 -48.44 -18.53 32.00
C ILE G 424 -47.42 -17.40 31.99
N GLN G 425 -46.15 -17.74 31.79
CA GLN G 425 -45.08 -16.73 31.76
C GLN G 425 -45.36 -15.71 30.65
N ALA G 426 -45.94 -16.16 29.54
CA ALA G 426 -46.38 -15.26 28.46
C ALA G 426 -47.54 -14.39 28.92
N GLY G 427 -48.42 -14.92 29.76
CA GLY G 427 -49.63 -14.23 30.22
C GLY G 427 -50.84 -14.64 29.41
N ARG G 428 -51.04 -15.96 29.26
CA ARG G 428 -52.14 -16.55 28.47
C ARG G 428 -52.83 -17.60 29.34
N ALA G 429 -53.25 -17.15 30.53
CA ALA G 429 -53.74 -18.02 31.62
C ALA G 429 -54.97 -18.80 31.17
N GLN G 430 -55.87 -18.18 30.41
CA GLN G 430 -57.07 -18.89 29.93
C GLN G 430 -56.67 -20.05 29.02
N ASP G 431 -55.68 -19.82 28.17
CA ASP G 431 -55.19 -20.89 27.26
C ASP G 431 -54.54 -21.99 28.09
N ALA G 432 -53.80 -21.64 29.13
CA ALA G 432 -53.20 -22.63 30.04
C ALA G 432 -54.29 -23.46 30.72
N LEU G 433 -55.36 -22.80 31.18
CA LEU G 433 -56.50 -23.50 31.79
C LEU G 433 -57.09 -24.49 30.80
N THR G 434 -57.30 -24.05 29.55
CA THR G 434 -57.89 -24.92 28.53
C THR G 434 -57.00 -26.14 28.32
N LEU G 435 -55.69 -25.93 28.27
CA LEU G 435 -54.77 -27.05 28.06
C LEU G 435 -54.86 -28.05 29.22
N CYS G 436 -54.88 -27.53 30.44
CA CYS G 436 -54.91 -28.40 31.63
C CYS G 436 -56.22 -29.20 31.67
N GLU G 437 -57.34 -28.52 31.38
CA GLU G 437 -58.65 -29.19 31.35
C GLU G 437 -58.64 -30.27 30.27
N GLU G 438 -58.04 -29.98 29.12
CA GLU G 438 -57.94 -30.94 28.02
C GLU G 438 -57.13 -32.15 28.46
N LEU G 439 -56.04 -31.93 29.19
CA LEU G 439 -55.20 -33.04 29.68
C LEU G 439 -56.01 -33.91 30.63
N LEU G 440 -56.75 -33.28 31.54
CA LEU G 440 -57.53 -34.03 32.54
C LEU G 440 -58.66 -34.80 31.85
N SER G 441 -59.24 -34.24 30.80
CA SER G 441 -60.25 -34.94 29.98
C SER G 441 -59.62 -36.14 29.31
N ARG G 442 -58.39 -35.98 28.79
CA ARG G 442 -57.67 -37.09 28.15
C ARG G 442 -57.37 -38.19 29.17
N THR G 443 -57.22 -37.83 30.44
CA THR G 443 -56.88 -38.78 31.53
C THR G 443 -57.90 -38.70 32.67
N PRO G 468 -51.74 -38.29 39.15
CA PRO G 468 -50.37 -38.46 39.60
C PRO G 468 -49.66 -37.14 39.94
N LEU G 469 -48.32 -37.21 39.96
CA LEU G 469 -47.43 -36.03 40.11
C LEU G 469 -47.88 -34.94 39.14
N TRP G 470 -48.06 -35.31 37.88
CA TRP G 470 -48.42 -34.34 36.84
C TRP G 470 -49.85 -33.84 37.03
N VAL G 471 -50.71 -34.59 37.73
CA VAL G 471 -52.08 -34.10 38.01
C VAL G 471 -52.04 -33.08 39.14
N SER G 472 -51.31 -33.39 40.21
CA SER G 472 -51.07 -32.39 41.29
C SER G 472 -50.50 -31.11 40.68
N ALA G 473 -49.49 -31.27 39.82
CA ALA G 473 -48.87 -30.13 39.15
C ALA G 473 -49.88 -29.46 38.21
N THR G 474 -50.75 -30.22 37.57
CA THR G 474 -51.80 -29.65 36.72
C THR G 474 -52.65 -28.68 37.53
N HIS G 475 -53.08 -29.13 38.71
CA HIS G 475 -53.88 -28.27 39.61
C HIS G 475 -53.07 -27.05 40.02
N LEU G 476 -51.77 -27.23 40.23
CA LEU G 476 -50.89 -26.12 40.65
C LEU G 476 -50.86 -25.05 39.56
N LEU G 477 -50.59 -25.44 38.33
CA LEU G 477 -50.52 -24.47 37.21
C LEU G 477 -51.90 -23.88 37.00
N GLN G 478 -52.95 -24.69 37.19
CA GLN G 478 -54.34 -24.21 37.04
C GLN G 478 -54.61 -23.16 38.10
N GLY G 479 -54.01 -23.30 39.27
CA GLY G 479 -54.15 -22.32 40.35
C GLY G 479 -53.45 -21.03 39.98
N GLN G 480 -52.20 -21.13 39.55
CA GLN G 480 -51.42 -19.92 39.20
C GLN G 480 -52.07 -19.20 38.01
N ALA G 481 -52.73 -19.93 37.13
CA ALA G 481 -53.53 -19.32 36.06
C ALA G 481 -54.57 -18.36 36.65
N TRP G 482 -55.41 -18.89 37.54
CA TRP G 482 -56.46 -18.09 38.20
C TRP G 482 -55.84 -16.98 39.06
N VAL G 483 -54.59 -17.14 39.50
CA VAL G 483 -53.91 -16.08 40.26
C VAL G 483 -53.59 -14.93 39.33
N GLN G 484 -52.87 -15.21 38.24
CA GLN G 484 -52.47 -14.15 37.28
C GLN G 484 -53.70 -13.52 36.64
N LEU G 485 -54.79 -14.27 36.52
CA LEU G 485 -56.07 -13.73 36.04
C LEU G 485 -56.78 -12.93 37.12
N GLY G 486 -56.69 -13.38 38.38
CA GLY G 486 -57.33 -12.78 39.55
C GLY G 486 -58.58 -13.55 39.93
N ALA G 487 -58.42 -14.54 40.80
CA ALA G 487 -59.53 -15.25 41.46
C ALA G 487 -59.03 -15.96 42.70
N GLN G 488 -59.14 -15.31 43.86
CA GLN G 488 -58.45 -15.76 45.10
C GLN G 488 -59.03 -17.08 45.58
N LYS G 489 -60.35 -17.16 45.64
CA LYS G 489 -61.02 -18.35 46.22
C LYS G 489 -60.71 -19.59 45.39
N VAL G 490 -60.93 -19.52 44.08
CA VAL G 490 -60.74 -20.70 43.21
C VAL G 490 -59.25 -21.04 43.15
N ALA G 491 -58.38 -20.03 43.18
CA ALA G 491 -56.93 -20.27 43.21
C ALA G 491 -56.56 -21.07 44.47
N ILE G 492 -57.00 -20.60 45.62
CA ILE G 492 -56.72 -21.28 46.91
C ILE G 492 -57.29 -22.71 46.84
N SER G 493 -58.48 -22.86 46.27
CA SER G 493 -59.13 -24.18 46.15
C SER G 493 -58.25 -25.12 45.33
N GLU G 494 -57.68 -24.61 44.22
CA GLU G 494 -56.86 -25.44 43.33
C GLU G 494 -55.57 -25.84 44.02
N PHE G 495 -54.92 -24.90 44.69
CA PHE G 495 -53.69 -25.22 45.43
C PHE G 495 -53.99 -26.22 46.53
N SER G 496 -55.11 -26.04 47.23
CA SER G 496 -55.50 -26.95 48.32
C SER G 496 -55.75 -28.35 47.77
N ARG G 497 -56.36 -28.43 46.59
CA ARG G 497 -56.64 -29.74 45.96
C ARG G 497 -55.34 -30.39 45.54
N CYS G 498 -54.41 -29.60 45.02
CA CYS G 498 -53.04 -30.08 44.72
C CYS G 498 -52.43 -30.69 45.98
N LEU G 499 -52.53 -30.00 47.10
CA LEU G 499 -51.93 -30.47 48.34
C LEU G 499 -52.61 -31.73 48.84
N GLU G 500 -53.93 -31.80 48.73
CA GLU G 500 -54.69 -33.01 49.12
C GLU G 500 -54.20 -34.20 48.29
N LEU G 501 -54.02 -33.99 46.99
CA LEU G 501 -53.62 -35.08 46.07
C LEU G 501 -52.13 -35.40 46.23
N LEU G 502 -51.37 -34.49 46.83
CA LEU G 502 -49.93 -34.68 47.07
C LEU G 502 -49.71 -35.40 48.39
N PHE G 503 -50.66 -35.31 49.32
CA PHE G 503 -50.70 -36.09 50.58
C PHE G 503 -51.83 -37.12 50.54
N CYS G 518 -45.46 -42.10 34.62
CA CYS G 518 -44.39 -41.36 33.91
C CYS G 518 -43.03 -42.01 34.11
N GLU G 519 -42.01 -41.44 33.47
CA GLU G 519 -40.61 -41.78 33.73
C GLU G 519 -40.24 -41.37 35.16
N GLN G 520 -39.02 -41.69 35.55
CA GLN G 520 -38.54 -41.37 36.90
C GLN G 520 -38.28 -39.88 37.08
N GLY G 521 -38.40 -39.06 36.04
CA GLY G 521 -38.23 -37.61 36.19
C GLY G 521 -39.13 -37.00 37.25
N CYS G 522 -40.39 -37.41 37.28
CA CYS G 522 -41.37 -36.95 38.29
C CYS G 522 -41.23 -37.71 39.61
N LYS G 523 -40.74 -38.96 39.57
CA LYS G 523 -40.57 -39.81 40.78
C LYS G 523 -39.67 -39.15 41.82
N SER G 524 -38.74 -38.27 41.39
CA SER G 524 -37.66 -37.74 42.24
C SER G 524 -38.23 -37.01 43.44
N ASP G 525 -37.84 -37.44 44.64
CA ASP G 525 -38.34 -36.87 45.91
C ASP G 525 -37.94 -35.40 46.03
N ALA G 526 -36.81 -35.00 45.43
CA ALA G 526 -36.41 -33.58 45.42
C ALA G 526 -37.45 -32.77 44.66
N ALA G 527 -37.89 -33.28 43.52
CA ALA G 527 -38.96 -32.63 42.73
C ALA G 527 -40.24 -32.57 43.57
N LEU G 528 -40.52 -33.63 44.30
CA LEU G 528 -41.73 -33.68 45.15
C LEU G 528 -41.69 -32.59 46.21
N GLN G 529 -40.58 -32.49 46.94
CA GLN G 529 -40.44 -31.49 48.00
C GLN G 529 -40.55 -30.09 47.40
N GLN G 530 -39.89 -29.87 46.28
CA GLN G 530 -39.89 -28.53 45.64
C GLN G 530 -41.29 -28.19 45.14
N LEU G 531 -42.02 -29.19 44.67
CA LEU G 531 -43.39 -28.96 44.17
C LEU G 531 -44.29 -28.60 45.35
N ARG G 532 -44.20 -29.37 46.44
CA ARG G 532 -44.91 -29.08 47.71
C ARG G 532 -44.63 -27.64 48.12
N ALA G 533 -43.36 -27.27 48.14
CA ALA G 533 -42.91 -25.93 48.53
C ALA G 533 -43.54 -24.86 47.65
N ALA G 534 -43.49 -25.04 46.34
CA ALA G 534 -44.03 -24.06 45.38
C ALA G 534 -45.53 -23.89 45.59
N ALA G 535 -46.23 -25.00 45.77
CA ALA G 535 -47.65 -24.97 46.09
C ALA G 535 -47.93 -24.17 47.36
N LEU G 536 -47.21 -24.49 48.45
CA LEU G 536 -47.41 -23.81 49.75
C LEU G 536 -47.13 -22.32 49.62
N ILE G 537 -46.07 -21.98 48.89
CA ILE G 537 -45.68 -20.57 48.71
C ILE G 537 -46.78 -19.83 47.97
N SER G 538 -47.27 -20.42 46.88
CA SER G 538 -48.32 -19.79 46.06
C SER G 538 -49.57 -19.57 46.90
N ARG G 539 -49.98 -20.59 47.64
CA ARG G 539 -51.15 -20.50 48.53
C ARG G 539 -50.91 -19.39 49.56
N GLY G 540 -49.71 -19.34 50.13
CA GLY G 540 -49.37 -18.33 51.13
C GLY G 540 -49.45 -16.92 50.58
N LEU G 541 -49.03 -16.76 49.33
CA LEU G 541 -49.07 -15.44 48.69
C LEU G 541 -50.50 -15.02 48.40
N GLU G 542 -51.35 -15.96 48.04
CA GLU G 542 -52.80 -15.67 47.91
C GLU G 542 -53.37 -15.29 49.27
N TRP G 543 -52.93 -15.96 50.33
CA TRP G 543 -53.39 -15.62 51.69
C TRP G 543 -52.95 -14.19 52.05
N VAL G 544 -51.73 -13.81 51.66
CA VAL G 544 -51.24 -12.44 51.89
C VAL G 544 -52.11 -11.45 51.10
N ALA G 545 -52.39 -11.75 49.84
CA ALA G 545 -53.24 -10.90 48.98
C ALA G 545 -54.61 -10.69 49.62
N SER G 546 -55.22 -11.75 50.16
CA SER G 546 -56.48 -11.64 50.93
C SER G 546 -56.27 -10.85 52.23
N GLY G 547 -55.09 -11.01 52.85
CA GLY G 547 -54.74 -10.38 54.12
C GLY G 547 -54.61 -11.33 55.29
N GLN G 548 -54.83 -12.63 55.09
CA GLN G 548 -54.71 -13.64 56.17
C GLN G 548 -53.23 -13.98 56.38
N ASP G 549 -52.47 -13.01 56.89
CA ASP G 549 -51.01 -13.13 57.06
C ASP G 549 -50.66 -14.29 57.99
N THR G 550 -51.56 -14.65 58.90
CA THR G 550 -51.32 -15.74 59.87
C THR G 550 -51.25 -17.10 59.14
N LYS G 551 -52.22 -17.41 58.29
CA LYS G 551 -52.21 -18.68 57.53
C LYS G 551 -51.13 -18.63 56.46
N ALA G 552 -50.88 -17.45 55.90
CA ALA G 552 -49.73 -17.24 55.00
C ALA G 552 -48.43 -17.67 55.69
N LEU G 553 -48.20 -17.11 56.87
CA LEU G 553 -47.02 -17.45 57.69
C LEU G 553 -46.98 -18.95 57.97
N GLN G 554 -48.13 -19.55 58.27
CA GLN G 554 -48.19 -21.00 58.50
C GLN G 554 -47.69 -21.76 57.27
N ASP G 555 -48.19 -21.40 56.10
CA ASP G 555 -47.83 -22.12 54.85
C ASP G 555 -46.35 -21.92 54.56
N PHE G 556 -45.86 -20.69 54.68
CA PHE G 556 -44.44 -20.42 54.38
C PHE G 556 -43.55 -21.18 55.37
N LEU G 557 -43.96 -21.24 56.62
CA LEU G 557 -43.21 -22.00 57.63
C LEU G 557 -43.19 -23.48 57.26
N LEU G 558 -44.32 -24.01 56.83
CA LEU G 558 -44.41 -25.42 56.43
C LEU G 558 -43.46 -25.67 55.25
N SER G 559 -43.39 -24.72 54.32
CA SER G 559 -42.51 -24.85 53.15
C SER G 559 -41.05 -24.82 53.59
N VAL G 560 -40.72 -24.06 54.63
CA VAL G 560 -39.35 -24.10 55.20
C VAL G 560 -39.05 -25.51 55.70
N GLN G 561 -40.01 -26.15 56.36
CA GLN G 561 -39.76 -27.52 56.85
C GLN G 561 -39.63 -28.49 55.67
N MET G 562 -40.31 -28.23 54.56
CA MET G 562 -40.22 -29.11 53.38
C MET G 562 -38.85 -28.99 52.70
N CYS G 563 -38.50 -27.80 52.21
CA CYS G 563 -37.22 -27.53 51.55
C CYS G 563 -36.44 -26.48 52.35
N PRO G 564 -35.37 -26.84 53.08
CA PRO G 564 -34.56 -25.81 53.71
C PRO G 564 -33.79 -24.92 52.73
N GLY G 565 -33.01 -25.56 51.85
CA GLY G 565 -32.03 -24.85 51.04
C GLY G 565 -32.56 -24.37 49.70
N ASN G 566 -33.67 -23.65 49.72
CA ASN G 566 -34.27 -23.01 48.53
C ASN G 566 -34.14 -21.50 48.63
N ARG G 567 -34.37 -20.96 49.84
CA ARG G 567 -34.16 -19.54 50.23
C ARG G 567 -35.26 -18.60 49.73
N ASP G 568 -36.14 -19.05 48.84
CA ASP G 568 -37.29 -18.24 48.42
C ASP G 568 -38.33 -18.28 49.52
N THR G 569 -38.57 -19.48 50.04
CA THR G 569 -39.43 -19.70 51.21
C THR G 569 -38.95 -18.88 52.41
N TYR G 570 -37.65 -18.92 52.68
CA TYR G 570 -37.04 -18.15 53.78
C TYR G 570 -37.27 -16.66 53.57
N PHE G 571 -37.04 -16.18 52.35
CA PHE G 571 -37.24 -14.75 52.05
C PHE G 571 -38.69 -14.36 52.32
N HIS G 572 -39.65 -15.18 51.88
CA HIS G 572 -41.07 -14.86 52.10
C HIS G 572 -41.39 -14.80 53.59
N LEU G 573 -40.93 -15.81 54.31
CA LEU G 573 -41.19 -15.89 55.76
C LEU G 573 -40.59 -14.68 56.47
N LEU G 574 -39.34 -14.35 56.17
CA LEU G 574 -38.66 -13.21 56.81
C LEU G 574 -39.32 -11.90 56.40
N GLN G 575 -39.82 -11.81 55.17
CA GLN G 575 -40.52 -10.59 54.74
C GLN G 575 -41.78 -10.39 55.57
N THR G 576 -42.53 -11.45 55.81
CA THR G 576 -43.76 -11.33 56.62
C THR G 576 -43.40 -11.04 58.09
N LEU G 577 -42.34 -11.66 58.60
CA LEU G 577 -41.91 -11.36 59.99
C LEU G 577 -41.42 -9.92 60.11
N LYS G 578 -40.83 -9.37 59.05
CA LYS G 578 -40.47 -7.93 59.05
C LYS G 578 -41.73 -7.10 59.02
N ARG G 579 -42.76 -7.57 58.30
CA ARG G 579 -44.03 -6.84 58.22
C ARG G 579 -44.71 -6.80 59.58
N LEU G 580 -44.53 -7.81 60.44
CA LEU G 580 -45.31 -7.93 61.68
C LEU G 580 -44.42 -7.70 62.90
N ASP G 581 -43.40 -8.53 63.13
CA ASP G 581 -42.64 -8.58 64.40
C ASP G 581 -41.17 -8.86 64.11
N ARG G 582 -40.42 -7.79 63.88
CA ARG G 582 -39.14 -7.88 63.14
C ARG G 582 -38.10 -8.69 63.91
N ARG G 583 -37.61 -8.15 65.01
CA ARG G 583 -36.16 -8.25 65.34
C ARG G 583 -35.68 -9.69 65.54
N ASP G 584 -36.10 -10.30 66.65
CA ASP G 584 -35.40 -11.48 67.19
C ASP G 584 -35.63 -12.67 66.27
N GLU G 585 -36.88 -12.93 65.92
CA GLU G 585 -37.24 -14.12 65.12
C GLU G 585 -36.60 -13.99 63.74
N ALA G 586 -36.71 -12.80 63.14
CA ALA G 586 -36.12 -12.55 61.82
C ALA G 586 -34.62 -12.83 61.87
N THR G 587 -33.88 -12.12 62.73
CA THR G 587 -32.41 -12.25 62.75
C THR G 587 -31.98 -13.67 63.13
N ALA G 588 -32.77 -14.37 63.94
CA ALA G 588 -32.50 -15.79 64.22
C ALA G 588 -32.59 -16.60 62.93
N LEU G 589 -33.60 -16.32 62.11
CA LEU G 589 -33.75 -17.01 60.81
C LEU G 589 -32.65 -16.57 59.83
N TRP G 590 -32.19 -15.33 59.93
CA TRP G 590 -31.01 -14.89 59.16
C TRP G 590 -29.83 -15.78 59.50
N TRP G 591 -29.59 -15.98 60.79
CA TRP G 591 -28.51 -16.87 61.25
C TRP G 591 -28.72 -18.28 60.73
N ARG G 592 -29.97 -18.73 60.66
CA ARG G 592 -30.29 -20.06 60.10
C ARG G 592 -29.90 -20.11 58.63
N LEU G 593 -30.26 -19.07 57.87
CA LEU G 593 -29.89 -18.97 56.44
C LEU G 593 -28.38 -19.03 56.28
N GLU G 594 -27.66 -18.30 57.12
CA GLU G 594 -26.19 -18.19 57.01
C GLU G 594 -25.51 -19.46 57.52
N ALA G 595 -26.17 -20.24 58.37
CA ALA G 595 -25.70 -21.57 58.77
C ALA G 595 -25.89 -22.55 57.62
N GLN G 596 -27.06 -22.50 56.98
CA GLN G 596 -27.31 -23.29 55.75
C GLN G 596 -26.21 -23.02 54.73
N THR G 597 -25.97 -21.74 54.41
CA THR G 597 -24.88 -21.34 53.50
C THR G 597 -23.62 -21.05 54.31
N LEU G 605 -30.86 -28.64 43.01
CA LEU G 605 -30.57 -28.48 41.56
C LEU G 605 -30.00 -29.79 41.02
N TRP G 606 -30.56 -30.90 41.45
CA TRP G 606 -30.11 -32.21 40.96
C TRP G 606 -30.76 -32.54 39.63
N SER G 607 -32.08 -32.70 39.60
CA SER G 607 -32.81 -33.03 38.37
C SER G 607 -33.79 -31.91 38.00
N LEU G 608 -34.79 -31.67 38.87
CA LEU G 608 -35.71 -30.51 38.86
C LEU G 608 -36.29 -30.27 37.47
N PRO G 609 -37.33 -31.02 37.05
CA PRO G 609 -37.96 -30.84 35.75
C PRO G 609 -38.31 -29.40 35.37
N LEU G 610 -38.43 -29.21 34.06
CA LEU G 610 -38.28 -27.87 33.46
C LEU G 610 -39.50 -27.01 33.74
N TYR G 611 -40.69 -27.59 33.64
CA TYR G 611 -41.92 -26.85 34.00
C TYR G 611 -41.81 -26.34 35.43
N LEU G 612 -41.21 -27.14 36.32
CA LEU G 612 -41.07 -26.76 37.73
C LEU G 612 -40.03 -25.65 37.89
N GLU G 613 -38.86 -25.81 37.29
CA GLU G 613 -37.82 -24.76 37.36
C GLU G 613 -38.35 -23.44 36.83
N SER G 614 -39.08 -23.49 35.72
CA SER G 614 -39.65 -22.27 35.10
C SER G 614 -40.70 -21.66 36.02
N TYR G 615 -41.53 -22.49 36.65
CA TYR G 615 -42.54 -22.00 37.59
C TYR G 615 -41.85 -21.28 38.75
N LEU G 616 -40.83 -21.91 39.33
CA LEU G 616 -40.12 -21.34 40.48
C LEU G 616 -39.47 -20.02 40.09
N SER G 617 -38.79 -19.98 38.94
CA SER G 617 -38.14 -18.75 38.47
C SER G 617 -39.19 -17.68 38.17
N TRP G 618 -40.39 -18.08 37.78
CA TRP G 618 -41.48 -17.13 37.54
C TRP G 618 -41.90 -16.49 38.85
N ILE G 619 -42.09 -17.29 39.90
CA ILE G 619 -42.37 -16.80 41.27
C ILE G 619 -41.06 -16.58 42.01
N ARG G 620 -40.39 -15.49 41.71
CA ARG G 620 -39.13 -15.15 42.37
C ARG G 620 -38.95 -13.65 42.25
N PRO G 621 -38.82 -12.90 43.36
CA PRO G 621 -38.53 -11.47 43.24
C PRO G 621 -37.02 -11.30 43.03
N SER G 622 -36.64 -10.52 42.03
CA SER G 622 -35.23 -10.28 41.68
C SER G 622 -34.45 -9.72 42.87
N ASP G 623 -35.12 -8.98 43.76
CA ASP G 623 -34.51 -8.33 44.95
C ASP G 623 -34.55 -9.25 46.17
N ARG G 624 -34.59 -10.57 45.99
CA ARG G 624 -34.60 -11.47 47.16
C ARG G 624 -33.24 -11.43 47.86
N ASP G 625 -32.15 -11.50 47.10
CA ASP G 625 -30.81 -11.44 47.71
C ASP G 625 -30.57 -10.03 48.28
N ALA G 626 -31.09 -9.00 47.61
CA ALA G 626 -31.00 -7.62 48.11
C ALA G 626 -31.66 -7.51 49.48
N PHE G 627 -32.78 -8.21 49.66
CA PHE G 627 -33.45 -8.26 50.97
C PHE G 627 -32.64 -9.08 51.97
N LEU G 628 -32.07 -10.20 51.50
CA LEU G 628 -31.23 -11.06 52.36
C LEU G 628 -29.85 -10.46 52.62
N GLU G 629 -29.58 -9.22 52.19
CA GLU G 629 -28.44 -8.45 52.73
C GLU G 629 -28.86 -7.55 53.89
N GLU G 630 -30.09 -7.05 53.88
CA GLU G 630 -30.58 -6.07 54.90
C GLU G 630 -30.47 -6.62 56.32
N MET H 20 21.46 18.63 -55.61
CA MET H 20 20.04 19.04 -55.36
C MET H 20 19.99 20.49 -54.85
N ALA H 21 18.77 21.02 -54.68
CA ALA H 21 18.56 22.41 -54.21
C ALA H 21 18.76 22.48 -52.70
N VAL H 22 17.97 21.73 -51.94
CA VAL H 22 18.00 21.75 -50.46
C VAL H 22 19.30 21.09 -49.98
N THR H 23 19.76 21.49 -48.79
CA THR H 23 20.98 20.94 -48.16
C THR H 23 20.63 19.67 -47.37
N GLU H 24 20.09 18.67 -48.06
CA GLU H 24 19.73 17.35 -47.51
C GLU H 24 20.34 16.22 -48.35
N ALA H 25 20.47 16.40 -49.67
CA ALA H 25 21.14 15.46 -50.59
C ALA H 25 22.31 16.13 -51.32
N SER H 26 22.20 17.42 -51.65
CA SER H 26 23.33 18.20 -52.20
C SER H 26 24.54 18.13 -51.27
N LEU H 27 24.30 18.17 -49.95
CA LEU H 27 25.38 18.09 -48.95
C LEU H 27 26.03 16.70 -48.93
N LEU H 28 25.23 15.63 -49.00
CA LEU H 28 25.74 14.26 -49.18
C LEU H 28 26.61 14.17 -50.42
N ARG H 29 26.07 14.59 -51.56
CA ARG H 29 26.73 14.38 -52.86
C ARG H 29 28.02 15.20 -52.97
N GLN H 30 28.13 16.33 -52.26
CA GLN H 30 29.27 17.27 -52.41
C GLN H 30 30.25 17.22 -51.25
N CYS H 31 29.90 16.62 -50.11
CA CYS H 31 30.84 16.32 -49.00
C CYS H 31 30.48 14.99 -48.35
N PRO H 32 30.70 13.85 -49.05
CA PRO H 32 30.28 12.55 -48.54
C PRO H 32 30.87 12.13 -47.19
N LEU H 33 32.11 12.54 -46.91
CA LEU H 33 32.87 12.09 -45.72
C LEU H 33 32.77 13.11 -44.59
N LEU H 34 31.67 13.86 -44.53
CA LEU H 34 31.31 14.68 -43.36
C LEU H 34 30.13 14.00 -42.69
N LEU H 35 30.36 13.44 -41.50
CA LEU H 35 29.32 12.71 -40.76
C LEU H 35 28.76 13.57 -39.63
N PRO H 36 27.43 13.82 -39.59
CA PRO H 36 26.85 14.46 -38.42
C PRO H 36 26.90 13.57 -37.21
N GLN H 37 27.55 14.04 -36.14
CA GLN H 37 27.57 13.27 -34.88
C GLN H 37 26.21 13.40 -34.19
N ASN H 38 25.76 14.62 -33.99
CA ASN H 38 24.56 14.92 -33.21
C ASN H 38 23.30 14.74 -34.07
N ARG H 39 22.18 14.47 -33.40
CA ARG H 39 20.85 14.30 -34.05
C ARG H 39 20.43 15.60 -34.74
N SER H 40 20.34 16.67 -33.96
CA SER H 40 20.23 18.02 -34.52
C SER H 40 21.53 18.27 -35.26
N LYS H 41 21.45 18.44 -36.57
CA LYS H 41 22.63 18.49 -37.45
C LYS H 41 23.36 19.81 -37.20
N THR H 42 24.18 19.79 -36.16
CA THR H 42 24.92 20.96 -35.64
C THR H 42 26.41 20.68 -35.55
N VAL H 43 26.79 19.46 -35.21
CA VAL H 43 28.21 19.05 -35.18
C VAL H 43 28.44 18.13 -36.36
N TYR H 44 29.26 18.56 -37.31
CA TYR H 44 29.77 17.68 -38.37
C TYR H 44 31.25 17.46 -38.14
N GLU H 45 31.69 16.25 -38.44
CA GLU H 45 33.09 15.86 -38.26
C GLU H 45 33.43 14.87 -39.36
N GLY H 46 34.70 14.87 -39.74
CA GLY H 46 35.22 13.89 -40.69
C GLY H 46 36.27 14.49 -41.58
N PHE H 47 36.13 14.23 -42.86
CA PHE H 47 37.19 14.47 -43.84
C PHE H 47 36.61 15.24 -45.01
N ILE H 48 37.45 16.07 -45.59
CA ILE H 48 37.09 16.87 -46.78
C ILE H 48 38.13 16.59 -47.86
N SER H 49 37.66 16.44 -49.08
CA SER H 49 38.44 15.90 -50.19
C SER H 49 38.92 17.04 -51.08
N ALA H 50 40.14 16.93 -51.58
CA ALA H 50 40.67 17.92 -52.52
C ALA H 50 41.87 17.38 -53.27
N GLN H 51 41.72 17.11 -54.57
CA GLN H 51 42.82 16.65 -55.44
C GLN H 51 43.38 15.33 -54.90
N GLY H 52 42.49 14.38 -54.60
CA GLY H 52 42.84 13.05 -54.11
C GLY H 52 43.58 13.11 -52.79
N ARG H 53 42.97 13.73 -51.80
CA ARG H 53 43.60 13.94 -50.48
C ARG H 53 42.53 14.36 -49.48
N ASP H 54 42.47 13.67 -48.36
CA ASP H 54 41.40 13.84 -47.37
C ASP H 54 41.98 14.55 -46.15
N PHE H 55 41.32 15.62 -45.72
CA PHE H 55 41.81 16.45 -44.61
C PHE H 55 40.83 16.44 -43.45
N HIS H 56 41.34 16.26 -42.25
CA HIS H 56 40.51 16.19 -41.03
C HIS H 56 39.87 17.54 -40.74
N LEU H 57 38.69 17.55 -40.15
CA LEU H 57 37.86 18.77 -40.10
C LEU H 57 36.74 18.52 -39.09
N ARG H 58 36.51 19.49 -38.21
CA ARG H 58 35.37 19.41 -37.27
C ARG H 58 34.76 20.79 -37.15
N ILE H 59 33.48 20.88 -37.44
CA ILE H 59 32.82 22.17 -37.73
C ILE H 59 31.57 22.23 -36.84
N VAL H 60 31.73 22.85 -35.67
CA VAL H 60 30.63 22.92 -34.67
C VAL H 60 29.84 24.19 -34.94
N LEU H 61 28.52 24.05 -35.02
CA LEU H 61 27.62 25.20 -35.13
C LEU H 61 27.07 25.54 -33.74
N PRO H 62 26.41 26.70 -33.58
CA PRO H 62 25.65 26.94 -32.36
C PRO H 62 24.37 26.09 -32.35
N GLU H 63 23.49 26.33 -31.38
CA GLU H 63 22.19 25.64 -31.28
C GLU H 63 21.31 25.92 -32.51
N ASP H 64 21.53 27.04 -33.19
CA ASP H 64 20.79 27.46 -34.41
C ASP H 64 21.74 27.44 -35.61
N LEU H 65 21.16 27.66 -36.79
CA LEU H 65 21.86 27.58 -38.09
C LEU H 65 22.37 28.97 -38.46
N GLN H 66 23.46 29.36 -37.81
CA GLN H 66 24.12 30.65 -38.04
C GLN H 66 25.63 30.44 -38.01
N LEU H 67 26.31 30.96 -39.02
CA LEU H 67 27.77 30.85 -39.17
C LEU H 67 28.49 32.12 -38.74
N LYS H 68 27.79 33.19 -38.38
CA LYS H 68 28.44 34.42 -37.87
C LYS H 68 29.37 34.07 -36.72
N ASN H 69 28.97 33.10 -35.90
CA ASN H 69 29.83 32.48 -34.86
C ASN H 69 29.70 30.97 -35.00
N ALA H 70 30.83 30.31 -35.20
CA ALA H 70 30.93 28.85 -35.23
C ALA H 70 32.38 28.47 -34.93
N ARG H 71 32.58 27.23 -34.50
CA ARG H 71 33.93 26.68 -34.36
C ARG H 71 34.25 25.85 -35.60
N LEU H 72 35.52 25.88 -35.99
CA LEU H 72 36.03 25.11 -37.14
C LEU H 72 37.47 24.78 -36.81
N LEU H 73 37.71 23.55 -36.41
CA LEU H 73 39.09 23.08 -36.15
C LEU H 73 39.52 22.14 -37.25
N CYS H 74 40.84 22.04 -37.38
CA CYS H 74 41.49 21.37 -38.50
C CYS H 74 42.69 20.59 -37.96
N SER H 75 43.21 19.72 -38.80
CA SER H 75 44.55 19.15 -38.59
C SER H 75 45.61 20.18 -38.96
N TRP H 76 46.79 20.06 -38.35
CA TRP H 76 47.87 21.02 -38.62
C TRP H 76 48.33 20.95 -40.07
N GLN H 77 48.14 19.78 -40.71
CA GLN H 77 48.36 19.66 -42.16
C GLN H 77 47.49 20.69 -42.87
N LEU H 78 46.21 20.71 -42.53
CA LEU H 78 45.26 21.60 -43.20
C LEU H 78 45.53 23.06 -42.84
N ARG H 79 45.99 23.33 -41.62
CA ARG H 79 46.29 24.72 -41.20
C ARG H 79 47.49 25.25 -41.98
N THR H 80 48.57 24.46 -42.02
CA THR H 80 49.78 24.84 -42.80
C THR H 80 49.46 24.98 -44.28
N ILE H 81 48.46 24.25 -44.77
CA ILE H 81 48.07 24.32 -46.19
C ILE H 81 47.13 25.49 -46.41
N LEU H 82 46.41 25.92 -45.39
CA LEU H 82 45.59 27.15 -45.47
C LEU H 82 46.33 28.37 -44.92
N SER H 83 47.64 28.29 -44.73
CA SER H 83 48.46 29.48 -44.45
C SER H 83 48.30 30.49 -45.58
N GLY H 84 48.16 31.77 -45.24
CA GLY H 84 47.98 32.84 -46.23
C GLY H 84 46.54 33.03 -46.68
N TYR H 85 45.57 32.31 -46.11
CA TYR H 85 44.14 32.48 -46.42
C TYR H 85 43.27 32.50 -45.17
N HIS H 86 43.88 32.50 -43.98
CA HIS H 86 43.13 32.44 -42.70
C HIS H 86 42.13 33.60 -42.63
N ARG H 87 42.57 34.79 -43.02
CA ARG H 87 41.68 35.97 -43.01
C ARG H 87 40.50 35.74 -43.95
N ILE H 88 40.76 35.16 -45.12
CA ILE H 88 39.70 34.95 -46.12
C ILE H 88 38.68 33.96 -45.57
N VAL H 89 39.16 32.90 -44.93
CA VAL H 89 38.25 31.87 -44.39
C VAL H 89 37.45 32.46 -43.22
N GLN H 90 38.11 33.24 -42.36
CA GLN H 90 37.41 33.89 -41.24
C GLN H 90 36.32 34.80 -41.77
N GLN H 91 36.62 35.58 -42.80
CA GLN H 91 35.64 36.49 -43.41
C GLN H 91 34.49 35.70 -44.02
N ARG H 92 34.80 34.58 -44.67
CA ARG H 92 33.78 33.77 -45.35
C ARG H 92 32.85 33.11 -44.34
N MET H 93 33.39 32.72 -43.18
CA MET H 93 32.56 32.20 -42.08
C MET H 93 31.45 33.21 -41.73
N GLN H 94 31.79 34.50 -41.63
CA GLN H 94 30.81 35.54 -41.24
C GLN H 94 29.92 35.94 -42.41
N HIS H 95 30.43 35.93 -43.63
CA HIS H 95 29.70 36.39 -44.83
C HIS H 95 28.80 35.33 -45.46
N SER H 96 29.06 34.05 -45.20
CA SER H 96 28.44 32.95 -45.97
C SER H 96 27.11 32.55 -45.33
N PRO H 97 26.03 32.38 -46.12
CA PRO H 97 24.72 32.06 -45.53
C PRO H 97 24.66 30.66 -44.93
N ASP H 98 25.04 29.67 -45.73
CA ASP H 98 24.85 28.24 -45.42
C ASP H 98 26.21 27.59 -45.20
N LEU H 99 26.18 26.39 -44.61
CA LEU H 99 27.38 25.58 -44.43
C LEU H 99 27.81 24.98 -45.77
N MET H 100 26.84 24.54 -46.57
CA MET H 100 27.11 23.84 -47.84
C MET H 100 27.98 24.70 -48.76
N SER H 101 27.61 25.98 -48.92
CA SER H 101 28.37 26.89 -49.79
C SER H 101 29.75 27.16 -49.21
N PHE H 102 29.84 27.23 -47.89
CA PHE H 102 31.15 27.40 -47.23
C PHE H 102 32.06 26.22 -47.56
N MET H 103 31.52 25.01 -47.59
CA MET H 103 32.33 23.83 -47.94
C MET H 103 32.75 23.88 -49.40
N MET H 104 31.84 24.28 -50.29
CA MET H 104 32.20 24.46 -51.72
C MET H 104 33.39 25.42 -51.85
N GLU H 105 33.29 26.58 -51.19
CA GLU H 105 34.35 27.60 -51.20
C GLU H 105 35.66 27.07 -50.62
N LEU H 106 35.54 26.25 -49.58
CA LEU H 106 36.73 25.70 -48.90
C LEU H 106 37.44 24.70 -49.82
N LYS H 107 36.68 23.84 -50.50
CA LYS H 107 37.26 22.89 -51.48
C LYS H 107 37.95 23.65 -52.62
N MET H 108 37.26 24.65 -53.17
CA MET H 108 37.83 25.51 -54.23
C MET H 108 39.15 26.13 -53.76
N LEU H 109 39.13 26.71 -52.56
CA LEU H 109 40.32 27.36 -51.97
C LEU H 109 41.44 26.35 -51.75
N LEU H 110 41.12 25.14 -51.30
CA LEU H 110 42.15 24.09 -51.11
C LEU H 110 42.77 23.72 -52.44
N GLU H 111 41.94 23.53 -53.47
CA GLU H 111 42.45 23.18 -54.80
C GLU H 111 43.42 24.25 -55.27
N VAL H 112 43.09 25.51 -55.04
CA VAL H 112 43.95 26.64 -55.44
C VAL H 112 45.28 26.58 -54.66
N ALA H 113 45.19 26.44 -53.34
CA ALA H 113 46.39 26.39 -52.49
C ALA H 113 47.33 25.27 -52.93
N LEU H 114 46.78 24.10 -53.21
CA LEU H 114 47.60 22.95 -53.61
C LEU H 114 48.19 23.16 -55.00
N LYS H 115 47.38 23.58 -55.96
CA LYS H 115 47.87 23.81 -57.33
C LYS H 115 48.96 24.89 -57.35
N ASN H 116 48.93 25.83 -56.40
CA ASN H 116 49.98 26.86 -56.28
C ASN H 116 51.23 26.24 -55.66
N ARG H 117 51.09 25.56 -54.52
CA ARG H 117 52.23 24.93 -53.84
C ARG H 117 52.39 23.48 -54.29
N GLN H 118 52.35 23.25 -55.61
CA GLN H 118 52.46 21.89 -56.16
C GLN H 118 53.86 21.28 -55.90
N GLU H 119 54.83 22.09 -55.50
CA GLU H 119 56.21 21.61 -55.22
C GLU H 119 56.20 20.65 -54.04
N LEU H 120 55.58 21.04 -52.94
CA LEU H 120 55.70 20.30 -51.66
C LEU H 120 54.77 19.09 -51.61
N TYR H 121 53.71 19.05 -52.43
CA TYR H 121 52.59 18.10 -52.30
C TYR H 121 52.43 17.33 -53.62
N ALA H 122 52.94 16.10 -53.65
CA ALA H 122 52.86 15.20 -54.83
C ALA H 122 53.46 13.83 -54.53
N LEU H 123 53.10 12.84 -55.32
CA LEU H 123 53.75 11.51 -55.29
C LEU H 123 53.52 10.78 -56.61
N PRO H 124 54.55 10.49 -57.43
CA PRO H 124 54.32 9.80 -58.71
C PRO H 124 54.00 8.32 -58.56
N PRO H 125 53.55 7.68 -59.64
CA PRO H 125 53.34 6.22 -59.66
C PRO H 125 54.62 5.54 -60.11
N PRO H 126 55.51 5.14 -59.19
CA PRO H 126 56.83 4.59 -59.59
C PRO H 126 56.81 3.48 -60.65
N PRO H 127 55.91 2.46 -60.58
CA PRO H 127 56.01 1.34 -61.53
C PRO H 127 56.04 1.73 -63.00
N GLN H 128 55.39 2.83 -63.37
CA GLN H 128 55.47 3.37 -64.73
C GLN H 128 56.67 4.32 -64.81
N PHE H 129 56.85 5.17 -63.80
CA PHE H 129 57.61 6.41 -63.94
C PHE H 129 59.11 6.16 -63.85
N TYR H 130 59.60 5.89 -62.64
CA TYR H 130 61.03 6.00 -62.33
C TYR H 130 61.86 5.03 -63.16
N SER H 131 61.32 3.84 -63.44
CA SER H 131 62.01 2.83 -64.25
C SER H 131 62.02 3.25 -65.70
N SER H 132 60.86 3.65 -66.23
CA SER H 132 60.70 3.95 -67.66
C SER H 132 61.57 5.14 -68.05
N LEU H 133 61.71 6.13 -67.18
CA LEU H 133 62.53 7.31 -67.54
C LEU H 133 63.99 6.90 -67.69
N ILE H 134 64.45 5.99 -66.84
CA ILE H 134 65.85 5.51 -66.94
C ILE H 134 66.00 4.61 -68.17
N GLU H 135 65.00 3.79 -68.45
CA GLU H 135 65.00 2.97 -69.69
C GLU H 135 65.14 3.90 -70.91
N GLU H 136 64.39 4.99 -70.92
CA GLU H 136 64.37 5.91 -72.07
C GLU H 136 65.68 6.68 -72.16
N ILE H 137 66.24 7.07 -71.04
CA ILE H 137 67.53 7.78 -71.05
C ILE H 137 68.64 6.82 -71.49
N GLY H 138 68.51 5.52 -71.20
CA GLY H 138 69.45 4.54 -71.73
C GLY H 138 69.27 4.34 -73.22
N THR H 139 68.03 4.37 -73.69
CA THR H 139 67.73 4.36 -75.12
C THR H 139 68.41 5.54 -75.81
N LEU H 140 68.34 6.72 -75.20
CA LEU H 140 69.09 7.89 -75.71
C LEU H 140 70.58 7.59 -75.74
N GLY H 141 71.14 7.33 -74.56
CA GLY H 141 72.59 7.30 -74.32
C GLY H 141 72.93 8.27 -73.20
N TRP H 142 73.78 7.84 -72.30
CA TRP H 142 74.10 8.57 -71.06
C TRP H 142 75.19 9.63 -71.25
N ASP H 143 75.71 9.80 -72.46
CA ASP H 143 76.61 10.92 -72.78
C ASP H 143 75.82 12.22 -72.94
N LYS H 144 74.50 12.13 -73.16
CA LYS H 144 73.68 13.31 -73.50
C LYS H 144 73.33 14.09 -72.24
N LEU H 145 72.66 13.43 -71.29
CA LEU H 145 72.05 14.08 -70.11
C LEU H 145 73.13 14.77 -69.29
N VAL H 146 72.81 15.96 -68.80
CA VAL H 146 73.76 16.82 -68.04
C VAL H 146 73.19 17.20 -66.67
N TYR H 147 71.87 17.23 -66.51
CA TYR H 147 71.27 17.66 -65.25
C TYR H 147 69.91 17.03 -65.05
N ALA H 148 69.61 16.76 -63.77
CA ALA H 148 68.33 16.21 -63.32
C ALA H 148 68.12 16.66 -61.87
N ASP H 149 66.89 17.05 -61.55
CA ASP H 149 66.58 17.66 -60.24
C ASP H 149 66.22 16.56 -59.25
N THR H 150 66.37 16.84 -57.96
CA THR H 150 66.17 15.85 -56.89
C THR H 150 64.72 15.38 -56.79
N CYS H 151 63.76 16.18 -57.25
CA CYS H 151 62.35 15.74 -57.44
C CYS H 151 62.15 15.03 -58.78
N PHE H 152 63.20 14.97 -59.61
CA PHE H 152 63.22 14.26 -60.90
C PHE H 152 62.21 14.89 -61.85
N SER H 153 61.84 16.15 -61.58
CA SER H 153 60.83 16.88 -62.37
C SER H 153 61.55 17.48 -63.57
N THR H 154 62.60 18.24 -63.32
CA THR H 154 63.38 18.89 -64.37
C THR H 154 64.48 17.95 -64.81
N ILE H 155 64.67 17.84 -66.13
CA ILE H 155 65.92 17.28 -66.71
C ILE H 155 66.35 18.19 -67.85
N LYS H 156 67.61 18.04 -68.23
CA LYS H 156 68.22 18.87 -69.28
C LYS H 156 69.18 18.03 -70.08
N LEU H 157 69.10 18.17 -71.39
CA LEU H 157 69.86 17.35 -72.34
C LEU H 157 70.67 18.26 -73.24
N LYS H 158 71.66 17.65 -73.88
CA LYS H 158 72.67 18.35 -74.69
C LYS H 158 72.62 17.80 -76.10
N ALA H 159 72.99 18.64 -77.07
CA ALA H 159 73.25 18.19 -78.44
C ALA H 159 74.30 19.08 -79.09
N GLU H 160 74.83 18.58 -80.19
CA GLU H 160 75.95 19.21 -80.92
C GLU H 160 75.49 19.60 -82.32
N ASP H 161 76.03 20.71 -82.80
CA ASP H 161 75.90 21.10 -84.22
C ASP H 161 77.00 20.40 -85.02
N ALA H 162 76.77 20.28 -86.32
CA ALA H 162 77.84 19.91 -87.28
C ALA H 162 78.96 20.95 -87.25
N SER H 163 78.64 22.22 -86.99
CA SER H 163 79.63 23.30 -86.82
C SER H 163 80.44 23.11 -85.52
N GLY H 164 79.89 22.40 -84.53
CA GLY H 164 80.57 22.09 -83.27
C GLY H 164 80.19 23.06 -82.17
N ARG H 165 78.88 23.24 -81.98
CA ARG H 165 78.30 24.12 -80.93
C ARG H 165 77.42 23.27 -80.03
N GLU H 166 77.48 23.52 -78.72
CA GLU H 166 76.63 22.84 -77.75
C GLU H 166 75.33 23.62 -77.61
N HIS H 167 74.21 22.90 -77.65
CA HIS H 167 72.87 23.49 -77.46
C HIS H 167 72.07 22.61 -76.53
N LEU H 168 71.44 23.22 -75.54
CA LEU H 168 70.73 22.50 -74.48
C LEU H 168 69.23 22.51 -74.74
N ILE H 169 68.54 21.62 -74.02
CA ILE H 169 67.07 21.53 -74.04
C ILE H 169 66.62 21.13 -72.64
N THR H 170 65.79 21.96 -72.01
CA THR H 170 65.22 21.66 -70.70
C THR H 170 63.86 21.02 -70.90
N LEU H 171 63.60 19.93 -70.20
CA LEU H 171 62.24 19.37 -70.07
C LEU H 171 61.81 19.44 -68.61
N LYS H 172 60.53 19.66 -68.42
CA LYS H 172 59.87 19.59 -67.11
C LYS H 172 58.77 18.57 -67.21
N LEU H 173 58.76 17.62 -66.28
CA LEU H 173 57.94 16.41 -66.35
C LEU H 173 56.88 16.48 -65.26
N LYS H 174 55.73 15.88 -65.54
CA LYS H 174 54.61 15.83 -64.60
C LYS H 174 54.65 14.49 -63.85
N ALA H 175 53.70 14.30 -62.94
CA ALA H 175 53.48 13.01 -62.27
C ALA H 175 53.27 11.91 -63.31
N LYS H 176 52.58 12.24 -64.41
CA LYS H 176 52.41 11.35 -65.58
C LYS H 176 53.22 11.96 -66.71
N TYR H 177 54.43 11.46 -66.93
CA TYR H 177 55.26 11.91 -68.06
C TYR H 177 54.71 11.35 -69.37
N PRO H 178 54.56 10.02 -69.55
CA PRO H 178 54.21 9.47 -70.86
C PRO H 178 52.79 9.80 -71.29
N ALA H 179 51.88 10.02 -70.34
CA ALA H 179 50.47 10.34 -70.63
C ALA H 179 50.39 11.66 -71.39
N GLU H 180 50.81 12.75 -70.73
CA GLU H 180 50.71 14.12 -71.28
C GLU H 180 52.06 14.55 -71.86
N SER H 181 52.06 15.72 -72.46
CA SER H 181 53.28 16.32 -73.02
C SER H 181 54.14 16.88 -71.89
N PRO H 182 55.47 16.76 -71.95
CA PRO H 182 56.34 17.47 -71.02
C PRO H 182 56.71 18.86 -71.52
N ASP H 183 56.74 19.81 -70.60
CA ASP H 183 57.05 21.19 -70.98
C ASP H 183 58.49 21.33 -71.44
N TYR H 184 58.68 21.72 -72.69
CA TYR H 184 60.03 21.83 -73.28
C TYR H 184 60.40 23.31 -73.38
N PHE H 185 61.57 23.66 -72.84
CA PHE H 185 62.12 25.02 -72.84
C PHE H 185 63.45 24.96 -73.56
N VAL H 186 63.57 25.76 -74.60
CA VAL H 186 64.78 25.79 -75.45
C VAL H 186 65.09 27.25 -75.78
N ASP H 187 66.38 27.54 -75.92
CA ASP H 187 66.89 28.92 -76.02
C ASP H 187 66.58 29.54 -77.39
N PHE H 188 66.76 28.79 -78.49
CA PHE H 188 66.88 29.36 -79.84
C PHE H 188 65.63 30.15 -80.22
N PRO H 189 65.74 31.16 -81.10
CA PRO H 189 64.77 32.25 -81.11
C PRO H 189 63.42 31.96 -81.76
N VAL H 190 63.37 31.09 -82.77
CA VAL H 190 62.09 30.77 -83.47
C VAL H 190 61.30 29.87 -82.52
N PRO H 191 59.95 29.95 -82.52
CA PRO H 191 59.17 29.10 -81.61
C PRO H 191 59.32 27.62 -81.97
N PHE H 192 59.75 26.81 -81.01
CA PHE H 192 59.99 25.38 -81.22
C PHE H 192 58.67 24.63 -81.09
N CYS H 193 58.39 23.77 -82.06
CA CYS H 193 57.16 22.97 -82.12
C CYS H 193 57.53 21.49 -82.05
N ALA H 194 56.97 20.78 -81.07
CA ALA H 194 57.28 19.37 -80.82
C ALA H 194 55.98 18.58 -80.84
N SER H 195 55.77 17.81 -81.90
CA SER H 195 54.64 16.88 -82.02
C SER H 195 54.82 15.75 -81.01
N TRP H 196 54.16 15.88 -79.85
CA TRP H 196 54.20 14.84 -78.80
C TRP H 196 53.00 13.91 -78.99
N THR H 197 53.27 12.62 -78.98
CA THR H 197 52.27 11.55 -78.84
C THR H 197 52.46 10.90 -77.47
N PRO H 198 51.45 10.18 -76.94
CA PRO H 198 51.70 9.26 -75.83
C PRO H 198 52.69 8.13 -76.15
N GLN H 199 52.88 7.80 -77.43
CA GLN H 199 53.82 6.75 -77.89
C GLN H 199 55.23 7.32 -78.05
N SER H 200 55.35 8.62 -78.33
CA SER H 200 56.65 9.29 -78.47
C SER H 200 57.41 9.22 -77.16
N SER H 201 58.68 9.61 -77.21
CA SER H 201 59.57 9.58 -76.03
C SER H 201 60.68 10.61 -76.20
N LEU H 202 61.68 10.52 -75.33
CA LEU H 202 62.77 11.52 -75.28
C LEU H 202 63.60 11.46 -76.55
N ILE H 203 63.79 10.28 -77.13
CA ILE H 203 64.52 10.20 -78.42
C ILE H 203 63.73 10.93 -79.50
N SER H 204 62.40 10.84 -79.45
CA SER H 204 61.55 11.51 -80.45
C SER H 204 61.74 13.02 -80.36
N ILE H 205 61.53 13.58 -79.17
CA ILE H 205 61.68 15.04 -78.99
C ILE H 205 63.13 15.47 -79.25
N TYR H 206 64.09 14.60 -78.95
CA TYR H 206 65.52 14.89 -79.18
C TYR H 206 65.79 14.97 -80.70
N SER H 207 65.16 14.09 -81.48
CA SER H 207 65.30 14.12 -82.95
C SER H 207 64.69 15.42 -83.49
N GLN H 208 63.54 15.81 -82.95
CA GLN H 208 62.93 17.10 -83.33
C GLN H 208 63.88 18.25 -83.00
N PHE H 209 64.55 18.18 -81.85
CA PHE H 209 65.49 19.21 -81.41
C PHE H 209 66.67 19.31 -82.38
N LEU H 210 67.25 18.17 -82.76
CA LEU H 210 68.33 18.15 -83.75
C LEU H 210 67.85 18.69 -85.09
N ALA H 211 66.60 18.43 -85.47
CA ALA H 211 66.03 18.96 -86.72
C ALA H 211 66.02 20.49 -86.68
N ALA H 212 65.51 21.06 -85.59
CA ALA H 212 65.52 22.52 -85.41
C ALA H 212 66.95 23.05 -85.46
N ILE H 213 67.90 22.32 -84.88
CA ILE H 213 69.31 22.75 -84.86
C ILE H 213 69.85 22.87 -86.28
N GLU H 214 69.75 21.78 -87.03
CA GLU H 214 70.28 21.75 -88.41
C GLU H 214 69.55 22.77 -89.30
N SER H 215 68.29 23.09 -89.00
CA SER H 215 67.58 24.16 -89.72
C SER H 215 68.20 25.52 -89.43
N LEU H 216 68.38 25.85 -88.14
CA LEU H 216 68.85 27.18 -87.70
C LEU H 216 70.36 27.36 -87.83
N LYS H 217 71.09 26.37 -88.33
CA LYS H 217 72.54 26.43 -88.56
C LYS H 217 72.98 27.80 -89.10
N ALA H 218 72.29 28.30 -90.12
CA ALA H 218 72.76 29.47 -90.88
C ALA H 218 72.77 30.72 -90.01
N PHE H 219 71.70 30.94 -89.28
CA PHE H 219 71.59 32.08 -88.35
C PHE H 219 72.75 32.08 -87.34
N TRP H 220 73.03 30.93 -86.75
CA TRP H 220 74.13 30.78 -85.80
C TRP H 220 75.44 31.21 -86.45
N ASP H 221 75.66 30.78 -87.69
CA ASP H 221 76.92 31.07 -88.39
C ASP H 221 77.11 32.57 -88.51
N VAL H 222 76.04 33.26 -88.86
CA VAL H 222 76.08 34.72 -89.05
C VAL H 222 76.44 35.39 -87.73
N MET H 223 75.72 35.04 -86.67
CA MET H 223 75.92 35.72 -85.39
C MET H 223 77.30 35.38 -84.80
N ASP H 224 77.80 34.18 -85.06
CA ASP H 224 79.15 33.80 -84.58
C ASP H 224 80.19 34.59 -85.34
N GLU H 225 80.00 34.78 -86.65
CA GLU H 225 80.94 35.59 -87.45
C GLU H 225 80.97 37.02 -86.91
N ILE H 226 79.81 37.58 -86.59
CA ILE H 226 79.76 38.94 -86.02
C ILE H 226 80.51 38.95 -84.68
N ASP H 227 80.19 38.03 -83.79
CA ASP H 227 80.80 38.01 -82.45
C ASP H 227 82.32 37.78 -82.51
N GLU H 228 82.79 37.13 -83.57
CA GLU H 228 84.24 36.96 -83.77
C GLU H 228 84.86 38.26 -84.24
N LYS H 229 84.40 38.77 -85.37
CA LYS H 229 85.13 39.82 -86.13
C LYS H 229 84.65 41.24 -85.82
N THR H 230 83.93 41.45 -84.73
CA THR H 230 83.45 42.80 -84.39
C THR H 230 83.40 43.02 -82.91
N TRP H 231 83.50 44.30 -82.55
CA TRP H 231 83.37 44.80 -81.18
C TRP H 231 81.86 44.99 -80.91
N VAL H 232 81.21 43.84 -80.77
CA VAL H 232 79.84 43.76 -80.22
C VAL H 232 79.86 44.41 -78.85
N LEU H 233 78.81 45.16 -78.53
CA LEU H 233 78.91 46.18 -77.49
C LEU H 233 77.90 45.99 -76.36
N GLU H 234 76.61 45.75 -76.64
CA GLU H 234 75.61 45.76 -75.54
C GLU H 234 74.55 44.68 -75.61
N PRO H 235 74.85 43.52 -76.16
CA PRO H 235 74.72 42.30 -75.37
C PRO H 235 76.13 41.85 -75.02
N GLU H 236 76.36 41.35 -73.81
CA GLU H 236 77.66 40.77 -73.45
C GLU H 236 77.47 39.34 -72.97
N LYS H 237 78.27 38.44 -73.54
CA LYS H 237 78.05 36.99 -73.50
C LYS H 237 76.61 36.73 -73.92
N PRO H 238 76.27 36.97 -75.20
CA PRO H 238 74.86 36.97 -75.61
C PRO H 238 74.27 35.58 -75.57
N PRO H 239 72.95 35.45 -75.37
CA PRO H 239 72.31 34.15 -75.47
C PRO H 239 72.16 33.78 -76.94
N ARG H 240 71.55 32.63 -77.16
CA ARG H 240 71.26 32.15 -78.52
C ARG H 240 69.89 32.62 -78.98
N SER H 241 69.08 33.21 -78.11
CA SER H 241 67.75 33.74 -78.52
C SER H 241 67.89 35.10 -79.16
N ALA H 242 69.05 35.72 -79.06
CA ALA H 242 69.17 37.15 -79.35
C ALA H 242 69.38 37.36 -80.84
N THR H 243 68.59 38.25 -81.40
CA THR H 243 68.65 38.56 -82.84
C THR H 243 69.25 39.94 -83.11
N ALA H 244 69.45 40.74 -82.07
CA ALA H 244 70.04 42.08 -82.19
C ALA H 244 71.50 42.07 -81.72
N ARG H 245 72.33 42.87 -82.38
CA ARG H 245 73.75 42.98 -82.04
C ARG H 245 74.21 44.39 -82.35
N ARG H 246 74.25 45.22 -81.33
CA ARG H 246 74.77 46.60 -81.44
C ARG H 246 76.26 46.55 -81.65
N ILE H 247 76.66 46.68 -82.90
CA ILE H 247 78.08 46.64 -83.29
C ILE H 247 78.64 48.05 -83.18
N ALA H 248 79.89 48.15 -82.75
CA ALA H 248 80.60 49.43 -82.67
C ALA H 248 81.55 49.56 -83.85
N LEU H 249 81.79 50.81 -84.24
CA LEU H 249 82.58 51.14 -85.44
C LEU H 249 83.05 52.57 -85.28
N GLY H 250 84.25 52.86 -85.75
CA GLY H 250 84.83 54.18 -85.54
C GLY H 250 84.93 54.46 -84.05
N ASN H 251 84.43 55.61 -83.62
CA ASN H 251 84.49 56.04 -82.21
C ASN H 251 83.24 56.83 -81.86
N ASN H 252 82.60 56.45 -80.75
CA ASN H 252 81.41 57.13 -80.22
C ASN H 252 80.23 57.06 -81.20
N VAL H 253 80.25 56.09 -82.12
CA VAL H 253 79.08 55.77 -82.97
C VAL H 253 78.96 54.26 -83.02
N SER H 254 77.73 53.80 -83.07
CA SER H 254 77.43 52.37 -83.15
C SER H 254 76.29 52.18 -84.15
N ILE H 255 76.16 50.95 -84.61
CA ILE H 255 75.04 50.52 -85.47
C ILE H 255 74.40 49.32 -84.81
N ASN H 256 73.09 49.37 -84.59
CA ASN H 256 72.35 48.16 -84.18
C ASN H 256 71.64 47.53 -85.36
N ILE H 257 71.56 46.22 -85.30
CA ILE H 257 71.28 45.33 -86.44
C ILE H 257 70.43 44.22 -85.88
N GLU H 258 69.21 44.09 -86.37
CA GLU H 258 68.31 42.97 -86.01
C GLU H 258 68.19 42.06 -87.20
N VAL H 259 68.28 40.77 -86.97
CA VAL H 259 68.40 39.75 -88.01
C VAL H 259 67.17 38.83 -87.94
N ASP H 260 66.70 38.40 -89.11
CA ASP H 260 65.55 37.48 -89.17
C ASP H 260 66.10 36.08 -89.22
N PRO H 261 65.71 35.16 -88.34
CA PRO H 261 66.24 33.80 -88.40
C PRO H 261 65.97 33.06 -89.71
N ARG H 262 64.75 33.12 -90.22
CA ARG H 262 64.42 32.40 -91.46
C ARG H 262 65.22 32.94 -92.64
N HIS H 263 65.58 34.22 -92.63
CA HIS H 263 66.23 34.91 -93.76
C HIS H 263 67.35 35.79 -93.23
N PRO H 264 68.39 35.21 -92.61
CA PRO H 264 69.41 36.03 -91.96
C PRO H 264 70.24 36.81 -92.95
N THR H 265 70.73 36.11 -93.95
CA THR H 265 71.59 36.71 -94.97
C THR H 265 70.84 37.83 -95.71
N MET H 266 69.51 37.83 -95.72
CA MET H 266 68.74 38.93 -96.29
C MET H 266 69.02 40.21 -95.49
N LEU H 267 68.63 41.36 -96.04
CA LEU H 267 68.94 42.66 -95.43
C LEU H 267 68.26 42.77 -94.07
N PRO H 268 68.95 43.32 -93.06
CA PRO H 268 68.33 43.50 -91.75
C PRO H 268 67.77 44.90 -91.57
N GLU H 269 66.86 45.03 -90.62
CA GLU H 269 66.57 46.36 -90.07
C GLU H 269 67.78 46.81 -89.26
N CYS H 270 68.32 47.96 -89.67
CA CYS H 270 69.62 48.45 -89.17
C CYS H 270 69.50 49.95 -88.99
N PHE H 271 70.05 50.48 -87.91
CA PHE H 271 70.22 51.94 -87.78
C PHE H 271 71.35 52.30 -86.81
N PHE H 272 71.54 53.60 -86.63
CA PHE H 272 72.80 54.19 -86.16
C PHE H 272 72.55 55.02 -84.92
N LEU H 273 73.43 54.84 -83.93
CA LEU H 273 73.49 55.70 -82.73
C LEU H 273 74.80 56.46 -82.72
N GLY H 274 74.76 57.67 -82.18
CA GLY H 274 75.96 58.46 -81.93
C GLY H 274 75.75 59.92 -82.25
N ALA H 275 76.77 60.54 -82.85
CA ALA H 275 76.85 61.98 -83.06
C ALA H 275 76.05 62.37 -84.31
N ASP H 276 75.14 63.33 -84.17
CA ASP H 276 74.24 63.75 -85.26
C ASP H 276 75.02 64.22 -86.49
N HIS H 277 76.21 64.82 -86.31
CA HIS H 277 77.04 65.28 -87.44
C HIS H 277 77.81 64.12 -88.11
N VAL H 278 78.04 63.01 -87.39
CA VAL H 278 78.76 61.84 -87.91
C VAL H 278 77.80 60.84 -88.56
N VAL H 279 76.58 60.76 -88.03
CA VAL H 279 75.62 59.69 -88.37
C VAL H 279 74.97 60.01 -89.72
N LYS H 280 74.79 61.27 -90.03
CA LYS H 280 74.01 61.66 -91.22
C LYS H 280 74.60 61.09 -92.51
N PRO H 281 75.90 61.27 -92.82
CA PRO H 281 76.45 60.67 -94.02
C PRO H 281 76.32 59.14 -94.07
N LEU H 282 76.28 58.49 -92.91
CA LEU H 282 76.14 57.02 -92.88
C LEU H 282 74.75 56.60 -93.32
N GLY H 283 73.72 57.26 -92.81
CA GLY H 283 72.35 57.03 -93.30
C GLY H 283 72.24 57.31 -94.78
N ILE H 284 72.88 58.38 -95.24
CA ILE H 284 72.86 58.75 -96.66
C ILE H 284 73.48 57.63 -97.48
N LYS H 285 74.66 57.17 -97.07
CA LYS H 285 75.40 56.16 -97.84
C LYS H 285 74.63 54.85 -97.83
N LEU H 286 73.99 54.53 -96.70
CA LEU H 286 73.16 53.32 -96.61
C LEU H 286 72.01 53.40 -97.61
N SER H 287 71.26 54.50 -97.58
CA SER H 287 70.16 54.73 -98.54
C SER H 287 70.65 54.55 -99.97
N ARG H 288 71.77 55.15 -100.32
CA ARG H 288 72.26 55.09 -101.70
C ARG H 288 72.72 53.69 -102.10
N ASN H 289 73.30 52.92 -101.17
CA ASN H 289 73.94 51.64 -101.53
C ASN H 289 73.08 50.42 -101.16
N ILE H 290 71.91 50.61 -100.58
CA ILE H 290 71.11 49.49 -100.02
C ILE H 290 70.68 48.48 -101.09
N HIS H 291 70.61 48.92 -102.35
CA HIS H 291 70.26 48.02 -103.45
C HIS H 291 71.40 47.05 -103.78
N LEU H 292 72.61 47.30 -103.27
CA LEU H 292 73.79 46.45 -103.57
C LEU H 292 73.91 45.24 -102.65
N TRP H 293 73.14 45.18 -101.58
CA TRP H 293 73.01 44.00 -100.70
C TRP H 293 72.77 42.75 -101.54
N ASP H 294 73.36 41.64 -101.13
CA ASP H 294 73.28 40.35 -101.85
C ASP H 294 73.30 39.25 -100.81
N PRO H 295 72.30 38.36 -100.74
CA PRO H 295 72.27 37.39 -99.65
C PRO H 295 73.07 36.11 -99.89
N GLU H 296 73.99 36.12 -100.87
CA GLU H 296 74.90 34.99 -101.14
C GLU H 296 76.25 35.15 -100.42
N ASN H 297 76.62 36.38 -100.08
CA ASN H 297 77.84 36.65 -99.29
C ASN H 297 77.45 36.63 -97.80
N SER H 298 78.35 37.13 -96.95
CA SER H 298 78.09 37.26 -95.51
C SER H 298 77.58 38.67 -95.20
N VAL H 299 76.98 38.82 -94.02
CA VAL H 299 76.52 40.13 -93.50
C VAL H 299 77.69 41.11 -93.43
N LEU H 300 78.82 40.70 -92.86
CA LEU H 300 79.96 41.63 -92.77
C LEU H 300 80.48 41.97 -94.16
N GLN H 301 80.58 40.98 -95.03
CA GLN H 301 81.16 41.20 -96.36
C GLN H 301 80.22 42.05 -97.22
N ASN H 302 78.94 42.16 -96.83
CA ASN H 302 78.00 43.07 -97.51
C ASN H 302 78.05 44.45 -96.85
N LEU H 303 78.11 44.49 -95.53
CA LEU H 303 78.09 45.79 -94.82
C LEU H 303 79.34 46.59 -95.16
N LYS H 304 80.48 45.92 -95.28
CA LYS H 304 81.75 46.61 -95.51
C LYS H 304 81.74 47.36 -96.85
N ASP H 305 81.22 46.75 -97.91
CA ASP H 305 81.15 47.40 -99.25
C ASP H 305 79.88 48.25 -99.41
N VAL H 306 78.87 48.09 -98.55
CA VAL H 306 77.70 48.99 -98.55
C VAL H 306 78.10 50.33 -97.93
N LEU H 307 78.54 50.29 -96.67
CA LEU H 307 78.95 51.51 -95.94
C LEU H 307 80.37 51.96 -96.30
N GLU H 308 81.10 51.18 -97.11
CA GLU H 308 82.40 51.57 -97.71
C GLU H 308 83.42 51.83 -96.61
N ILE H 309 83.48 50.96 -95.60
CA ILE H 309 84.40 51.08 -94.45
C ILE H 309 84.77 49.70 -93.95
N ASP H 310 85.75 49.67 -93.05
CA ASP H 310 86.14 48.48 -92.28
C ASP H 310 85.81 48.72 -90.81
N PHE H 311 85.85 47.64 -90.03
CA PHE H 311 85.52 47.66 -88.60
C PHE H 311 86.77 47.69 -87.75
N PRO H 312 86.68 48.13 -86.48
CA PRO H 312 87.74 47.88 -85.50
C PRO H 312 87.48 46.59 -84.72
N ALA H 313 88.52 45.82 -84.45
CA ALA H 313 88.45 44.60 -83.64
C ALA H 313 88.89 44.93 -82.22
N ARG H 314 87.95 45.40 -81.40
CA ARG H 314 88.12 45.63 -79.94
C ARG H 314 89.17 46.73 -79.73
N ALA H 315 88.86 47.93 -80.22
CA ALA H 315 89.70 49.13 -80.04
C ALA H 315 89.98 49.37 -78.55
N ILE H 316 88.98 49.08 -77.70
CA ILE H 316 89.17 48.95 -76.23
C ILE H 316 88.41 47.72 -75.78
N LEU H 317 89.13 46.70 -75.31
CA LEU H 317 88.54 45.43 -74.86
C LEU H 317 88.16 45.48 -73.37
N GLU H 318 88.86 46.27 -72.56
CA GLU H 318 88.56 46.39 -71.12
C GLU H 318 87.43 47.39 -70.88
N LYS H 319 87.63 48.66 -71.21
CA LYS H 319 86.62 49.73 -71.07
C LYS H 319 85.81 49.78 -72.36
N SER H 320 85.13 48.69 -72.66
CA SER H 320 84.23 48.64 -73.82
C SER H 320 83.15 49.70 -73.68
N ASP H 321 82.29 49.53 -72.69
CA ASP H 321 81.28 50.55 -72.36
C ASP H 321 80.67 50.13 -71.02
N PHE H 322 80.41 51.11 -70.16
CA PHE H 322 79.56 50.94 -68.96
C PHE H 322 78.37 51.87 -69.13
N THR H 323 77.16 51.32 -69.19
CA THR H 323 75.96 52.13 -69.41
C THR H 323 75.85 53.10 -68.23
N MET H 324 75.94 54.39 -68.53
CA MET H 324 76.04 55.48 -67.54
C MET H 324 74.73 56.27 -67.55
N ASP H 325 73.60 55.58 -67.60
CA ASP H 325 72.26 56.18 -67.73
C ASP H 325 71.44 55.88 -66.50
N CYS H 326 70.25 56.47 -66.42
CA CYS H 326 69.48 56.61 -65.16
C CYS H 326 69.10 55.25 -64.57
N GLY H 327 69.06 54.18 -65.36
CA GLY H 327 68.65 52.89 -64.79
C GLY H 327 67.22 52.85 -64.28
N ILE H 328 66.44 53.87 -64.61
CA ILE H 328 64.98 53.91 -64.46
C ILE H 328 64.45 54.39 -65.79
N CYS H 329 64.88 55.58 -66.22
CA CYS H 329 64.45 56.21 -67.48
C CYS H 329 65.39 55.91 -68.63
N TYR H 330 66.56 55.36 -68.37
CA TYR H 330 67.54 54.93 -69.39
C TYR H 330 68.01 56.10 -70.28
N ALA H 331 67.88 57.32 -69.76
CA ALA H 331 68.33 58.55 -70.42
C ALA H 331 69.38 59.24 -69.56
N TYR H 332 70.35 59.82 -70.25
CA TYR H 332 71.20 60.92 -69.75
C TYR H 332 70.48 62.24 -70.06
N GLN H 333 70.72 63.27 -69.26
CA GLN H 333 70.07 64.59 -69.41
C GLN H 333 68.56 64.43 -69.26
N LEU H 334 68.11 64.21 -68.02
CA LEU H 334 66.69 64.48 -67.67
C LEU H 334 66.64 65.85 -67.00
N ASP H 335 66.23 66.87 -67.77
CA ASP H 335 65.89 68.22 -67.28
C ASP H 335 67.07 68.84 -66.54
N GLY H 336 68.24 68.88 -67.18
CA GLY H 336 69.47 69.41 -66.59
C GLY H 336 70.20 68.41 -65.70
N THR H 337 69.48 67.54 -64.98
CA THR H 337 70.07 66.60 -64.03
C THR H 337 70.95 65.58 -64.76
N ILE H 338 71.90 65.02 -64.03
CA ILE H 338 72.91 64.06 -64.53
C ILE H 338 72.72 62.79 -63.72
N PRO H 339 73.12 61.61 -64.23
CA PRO H 339 73.31 60.45 -63.37
C PRO H 339 74.45 60.62 -62.36
N ASP H 340 74.06 60.86 -61.10
CA ASP H 340 74.96 61.20 -59.98
C ASP H 340 74.77 60.21 -58.84
N GLN H 341 73.53 59.97 -58.42
CA GLN H 341 73.21 59.03 -57.33
C GLN H 341 73.53 57.62 -57.81
N VAL H 342 74.36 56.91 -57.05
CA VAL H 342 74.89 55.58 -57.42
C VAL H 342 74.60 54.60 -56.28
N CYS H 343 75.03 53.37 -56.49
CA CYS H 343 74.91 52.30 -55.49
C CYS H 343 76.22 52.20 -54.71
N ASP H 344 76.12 51.99 -53.41
CA ASP H 344 77.28 51.70 -52.54
C ASP H 344 77.56 50.19 -52.63
N ASN H 345 77.92 49.73 -53.82
CA ASN H 345 78.09 48.30 -54.11
C ASN H 345 79.05 48.14 -55.28
N SER H 346 79.95 47.16 -55.16
CA SER H 346 80.96 46.88 -56.20
C SER H 346 80.31 46.19 -57.41
N GLN H 347 79.20 45.47 -57.19
CA GLN H 347 78.63 44.55 -58.20
C GLN H 347 77.55 45.23 -59.03
N CYS H 348 76.99 46.35 -58.56
CA CYS H 348 75.93 47.10 -59.26
C CYS H 348 76.56 48.33 -59.87
N GLY H 349 76.99 49.27 -59.03
CA GLY H 349 77.54 50.57 -59.45
C GLY H 349 76.63 51.34 -60.38
N GLN H 350 75.32 51.12 -60.31
CA GLN H 350 74.38 51.59 -61.34
C GLN H 350 74.02 53.03 -61.00
N PRO H 351 74.33 54.03 -61.84
CA PRO H 351 73.83 55.38 -61.58
C PRO H 351 72.32 55.52 -61.75
N PHE H 352 71.80 56.63 -61.26
CA PHE H 352 70.36 56.98 -61.26
C PHE H 352 70.25 58.48 -61.39
N HIS H 353 69.03 58.99 -61.39
CA HIS H 353 68.75 60.40 -61.05
C HIS H 353 68.06 60.53 -59.69
N GLN H 354 68.22 61.71 -59.07
CA GLN H 354 67.51 62.09 -57.83
C GLN H 354 65.99 61.85 -58.00
N ILE H 355 65.44 62.29 -59.13
CA ILE H 355 63.99 62.35 -59.31
C ILE H 355 63.49 60.93 -59.50
N CYS H 356 64.09 60.23 -60.44
CA CYS H 356 63.73 58.83 -60.74
C CYS H 356 63.84 57.98 -59.48
N LEU H 357 64.97 58.06 -58.78
CA LEU H 357 65.20 57.21 -57.60
C LEU H 357 64.27 57.58 -56.46
N TYR H 358 63.91 58.85 -56.34
CA TYR H 358 62.94 59.29 -55.32
C TYR H 358 61.56 58.72 -55.65
N GLU H 359 61.12 58.85 -56.89
CA GLU H 359 59.80 58.32 -57.30
C GLU H 359 59.74 56.82 -57.13
N TRP H 360 60.87 56.15 -57.31
CA TRP H 360 60.93 54.68 -57.16
C TRP H 360 60.86 54.30 -55.70
N LEU H 361 61.68 54.93 -54.87
CA LEU H 361 61.83 54.49 -53.48
C LEU H 361 60.63 54.89 -52.66
N ARG H 362 59.93 55.96 -53.04
CA ARG H 362 58.78 56.41 -52.26
C ARG H 362 57.65 55.40 -52.40
N GLY H 363 57.73 54.52 -53.39
CA GLY H 363 56.73 53.46 -53.58
C GLY H 363 56.94 52.27 -52.66
N LEU H 364 58.18 51.81 -52.55
CA LEU H 364 58.45 50.49 -51.96
C LEU H 364 58.11 50.49 -50.47
N LEU H 365 57.76 49.33 -49.97
CA LEU H 365 57.31 49.17 -48.58
C LEU H 365 58.50 49.21 -47.62
N THR H 366 59.67 48.80 -48.08
CA THR H 366 60.87 48.70 -47.24
C THR H 366 61.36 50.09 -46.85
N SER H 367 61.10 51.08 -47.70
CA SER H 367 61.73 52.39 -47.58
C SER H 367 61.11 53.17 -46.42
N ARG H 368 61.92 54.01 -45.80
CA ARG H 368 61.53 54.85 -44.65
C ARG H 368 62.22 56.20 -44.81
N GLN H 369 61.47 57.26 -44.53
CA GLN H 369 61.90 58.65 -44.79
C GLN H 369 62.11 59.37 -43.46
N SER H 370 63.34 59.81 -43.23
CA SER H 370 63.70 60.78 -42.17
C SER H 370 63.42 62.18 -42.72
N PHE H 371 64.09 63.21 -42.20
CA PHE H 371 63.75 64.63 -42.48
C PHE H 371 63.92 64.93 -43.97
N ASN H 372 65.14 64.74 -44.49
CA ASN H 372 65.48 64.96 -45.92
C ASN H 372 66.12 63.71 -46.53
N ILE H 373 65.93 62.55 -45.92
CA ILE H 373 66.67 61.32 -46.25
C ILE H 373 65.65 60.25 -46.55
N ILE H 374 65.94 59.40 -47.53
CA ILE H 374 65.19 58.15 -47.78
C ILE H 374 66.21 57.04 -47.91
N PHE H 375 65.98 56.03 -47.10
CA PHE H 375 66.75 54.79 -47.22
C PHE H 375 65.89 53.78 -47.98
N GLY H 376 66.51 53.03 -48.88
CA GLY H 376 65.79 51.97 -49.56
C GLY H 376 66.70 50.97 -50.20
N GLU H 377 66.12 50.13 -51.05
CA GLU H 377 66.86 49.09 -51.78
C GLU H 377 67.18 49.61 -53.17
N CYS H 378 68.42 49.41 -53.62
CA CYS H 378 68.77 49.68 -55.01
C CYS H 378 67.90 48.80 -55.89
N PRO H 379 67.26 49.38 -56.90
CA PRO H 379 66.42 48.59 -57.81
C PRO H 379 67.09 47.32 -58.37
N TYR H 380 68.34 47.39 -58.78
CA TYR H 380 68.95 46.28 -59.55
C TYR H 380 69.40 45.18 -58.58
N CYS H 381 70.02 45.53 -57.45
CA CYS H 381 70.74 44.56 -56.58
C CYS H 381 70.11 44.39 -55.20
N SER H 382 69.14 45.23 -54.83
CA SER H 382 68.42 45.17 -53.53
C SER H 382 69.40 45.24 -52.35
N LYS H 383 70.23 46.29 -52.34
CA LYS H 383 71.16 46.62 -51.25
C LYS H 383 70.81 48.01 -50.73
N PRO H 384 71.17 48.31 -49.47
CA PRO H 384 70.81 49.62 -48.91
C PRO H 384 71.43 50.77 -49.70
N ILE H 385 70.58 51.68 -50.15
CA ILE H 385 70.98 52.90 -50.90
C ILE H 385 70.29 54.09 -50.25
N THR H 386 71.02 55.19 -50.14
CA THR H 386 70.55 56.38 -49.43
C THR H 386 70.41 57.54 -50.42
N LEU H 387 69.31 58.26 -50.31
CA LEU H 387 69.05 59.45 -51.14
C LEU H 387 68.81 60.64 -50.23
N LYS H 388 69.66 61.70 -50.34
CA LYS H 388 69.52 62.99 -49.63
C LYS H 388 69.04 64.03 -50.64
N MET H 389 67.80 64.48 -50.48
CA MET H 389 67.22 65.52 -51.33
C MET H 389 67.93 66.85 -51.05
N MET I 20 -41.21 -32.65 -60.84
CA MET I 20 -40.84 -31.58 -61.83
C MET I 20 -41.51 -31.82 -63.19
N ALA I 21 -41.37 -30.86 -64.10
CA ALA I 21 -41.87 -30.95 -65.48
C ALA I 21 -41.16 -32.10 -66.22
N VAL I 22 -39.84 -32.13 -66.16
CA VAL I 22 -39.01 -33.20 -66.77
C VAL I 22 -38.99 -34.41 -65.83
N THR I 23 -38.88 -35.61 -66.40
CA THR I 23 -38.79 -36.90 -65.67
C THR I 23 -37.32 -37.28 -65.43
N GLU I 24 -36.51 -36.35 -64.92
CA GLU I 24 -35.17 -36.62 -64.35
C GLU I 24 -35.26 -36.64 -62.83
N ALA I 25 -36.03 -35.71 -62.25
CA ALA I 25 -36.29 -35.62 -60.80
C ALA I 25 -37.74 -35.96 -60.48
N SER I 26 -38.67 -35.74 -61.43
CA SER I 26 -40.09 -35.98 -61.16
C SER I 26 -40.32 -37.46 -60.89
N LEU I 27 -39.66 -38.32 -61.67
CA LEU I 27 -39.77 -39.76 -61.45
C LEU I 27 -39.18 -40.13 -60.08
N LEU I 28 -38.11 -39.45 -59.67
CA LEU I 28 -37.52 -39.76 -58.36
C LEU I 28 -38.40 -39.26 -57.22
N ARG I 29 -39.10 -38.15 -57.41
CA ARG I 29 -39.95 -37.60 -56.33
C ARG I 29 -41.25 -38.40 -56.22
N GLN I 30 -41.78 -38.87 -57.35
CA GLN I 30 -43.09 -39.53 -57.39
C GLN I 30 -42.96 -41.04 -57.21
N CYS I 31 -41.80 -41.63 -57.53
CA CYS I 31 -41.51 -43.07 -57.30
C CYS I 31 -40.09 -43.22 -56.76
N PRO I 32 -39.80 -42.75 -55.52
CA PRO I 32 -38.43 -42.84 -54.99
C PRO I 32 -37.87 -44.25 -54.88
N LEU I 33 -38.75 -45.26 -54.85
CA LEU I 33 -38.41 -46.65 -54.51
C LEU I 33 -38.30 -47.53 -55.75
N LEU I 34 -38.27 -46.92 -56.93
CA LEU I 34 -38.18 -47.64 -58.20
C LEU I 34 -36.94 -47.10 -58.88
N LEU I 35 -35.98 -47.97 -59.17
CA LEU I 35 -34.63 -47.54 -59.56
C LEU I 35 -34.18 -48.31 -60.79
N PRO I 36 -33.54 -47.65 -61.78
CA PRO I 36 -33.09 -48.34 -62.99
C PRO I 36 -31.95 -49.30 -62.72
N GLN I 37 -31.73 -50.23 -63.64
CA GLN I 37 -30.60 -51.18 -63.58
C GLN I 37 -29.61 -50.91 -64.72
N ASN I 38 -30.10 -50.35 -65.82
CA ASN I 38 -29.35 -50.25 -67.08
C ASN I 38 -28.95 -48.80 -67.32
N ARG I 39 -27.87 -48.63 -68.09
CA ARG I 39 -27.35 -47.32 -68.53
C ARG I 39 -28.41 -46.61 -69.37
N SER I 40 -28.73 -47.18 -70.53
CA SER I 40 -29.95 -46.83 -71.29
C SER I 40 -31.13 -47.13 -70.38
N LYS I 41 -31.83 -46.09 -69.91
CA LYS I 41 -32.87 -46.25 -68.88
C LYS I 41 -34.08 -46.95 -69.50
N THR I 42 -33.94 -48.28 -69.61
CA THR I 42 -34.93 -49.18 -70.23
C THR I 42 -35.43 -50.21 -69.23
N VAL I 43 -34.54 -50.74 -68.39
CA VAL I 43 -34.88 -51.75 -67.36
C VAL I 43 -34.99 -51.02 -66.02
N TYR I 44 -36.20 -50.90 -65.49
CA TYR I 44 -36.40 -50.45 -64.10
C TYR I 44 -36.91 -51.62 -63.26
N GLU I 45 -36.48 -51.62 -62.01
CA GLU I 45 -36.88 -52.62 -61.02
C GLU I 45 -37.01 -51.89 -59.69
N GLY I 46 -37.78 -52.45 -58.79
CA GLY I 46 -37.85 -51.94 -57.42
C GLY I 46 -39.27 -51.93 -56.94
N PHE I 47 -39.50 -51.13 -55.91
CA PHE I 47 -40.79 -51.13 -55.23
C PHE I 47 -41.65 -49.99 -55.76
N ILE I 48 -42.90 -50.03 -55.36
CA ILE I 48 -43.86 -48.94 -55.58
C ILE I 48 -44.73 -48.87 -54.34
N SER I 49 -45.01 -47.66 -53.85
CA SER I 49 -45.59 -47.46 -52.52
C SER I 49 -46.96 -46.80 -52.64
N ALA I 50 -47.93 -47.39 -51.94
CA ALA I 50 -49.28 -46.84 -51.85
C ALA I 50 -49.98 -47.45 -50.64
N GLN I 51 -50.44 -46.61 -49.71
CA GLN I 51 -51.06 -47.02 -48.44
C GLN I 51 -50.03 -47.79 -47.59
N GLY I 52 -48.85 -47.19 -47.40
CA GLY I 52 -47.84 -47.69 -46.46
C GLY I 52 -47.41 -49.11 -46.74
N ARG I 53 -47.37 -49.50 -48.01
CA ARG I 53 -46.95 -50.84 -48.43
C ARG I 53 -46.10 -50.73 -49.68
N ASP I 54 -44.90 -51.27 -49.62
CA ASP I 54 -43.99 -51.37 -50.78
C ASP I 54 -44.27 -52.67 -51.51
N PHE I 55 -44.57 -52.58 -52.80
CA PHE I 55 -44.86 -53.74 -53.66
C PHE I 55 -43.77 -53.87 -54.71
N HIS I 56 -43.13 -55.03 -54.76
CA HIS I 56 -42.09 -55.35 -55.75
C HIS I 56 -42.67 -55.25 -57.16
N LEU I 57 -41.81 -54.93 -58.12
CA LEU I 57 -42.21 -54.53 -59.47
C LEU I 57 -40.99 -54.45 -60.36
N ARG I 58 -41.15 -54.72 -61.65
CA ARG I 58 -40.15 -54.31 -62.65
C ARG I 58 -40.85 -54.06 -63.95
N ILE I 59 -40.20 -53.27 -64.80
CA ILE I 59 -40.83 -52.73 -66.01
C ILE I 59 -39.71 -52.55 -67.02
N VAL I 60 -39.95 -53.00 -68.24
CA VAL I 60 -38.91 -53.07 -69.29
C VAL I 60 -39.48 -52.42 -70.53
N LEU I 61 -38.96 -51.24 -70.83
CA LEU I 61 -39.18 -50.60 -72.14
C LEU I 61 -38.20 -51.19 -73.14
N PRO I 62 -38.49 -51.13 -74.45
CA PRO I 62 -37.44 -51.39 -75.45
C PRO I 62 -36.41 -50.26 -75.50
N GLU I 63 -35.53 -50.31 -76.50
CA GLU I 63 -34.49 -49.28 -76.74
C GLU I 63 -35.09 -47.88 -76.77
N ASP I 64 -36.30 -47.74 -77.34
CA ASP I 64 -37.01 -46.46 -77.46
C ASP I 64 -38.07 -46.35 -76.37
N LEU I 65 -38.34 -45.13 -75.92
CA LEU I 65 -39.33 -44.86 -74.85
C LEU I 65 -40.72 -44.90 -75.46
N GLN I 66 -41.17 -46.11 -75.82
CA GLN I 66 -42.54 -46.38 -76.29
C GLN I 66 -43.15 -47.42 -75.34
N LEU I 67 -44.43 -47.25 -75.04
CA LEU I 67 -45.18 -48.09 -74.09
C LEU I 67 -46.24 -48.95 -74.80
N LYS I 68 -46.29 -48.93 -76.13
CA LYS I 68 -47.27 -49.74 -76.89
C LYS I 68 -46.93 -51.23 -76.77
N ASN I 69 -45.64 -51.54 -76.60
CA ASN I 69 -45.15 -52.89 -76.24
C ASN I 69 -44.04 -52.69 -75.21
N ALA I 70 -44.40 -52.79 -73.93
CA ALA I 70 -43.49 -52.61 -72.80
C ALA I 70 -43.79 -53.66 -71.75
N ARG I 71 -42.82 -54.53 -71.47
CA ARG I 71 -43.05 -55.61 -70.49
C ARG I 71 -43.23 -55.00 -69.11
N LEU I 72 -44.20 -55.53 -68.36
CA LEU I 72 -44.51 -55.07 -67.00
C LEU I 72 -44.66 -56.30 -66.12
N LEU I 73 -43.59 -56.69 -65.46
CA LEU I 73 -43.58 -57.86 -64.59
C LEU I 73 -43.80 -57.42 -63.15
N CYS I 74 -44.45 -58.30 -62.38
CA CYS I 74 -44.98 -57.95 -61.05
C CYS I 74 -44.69 -59.09 -60.09
N SER I 75 -45.06 -58.87 -58.84
CA SER I 75 -45.19 -59.94 -57.84
C SER I 75 -46.61 -60.47 -57.84
N TRP I 76 -46.78 -61.73 -57.43
CA TRP I 76 -48.11 -62.33 -57.34
C TRP I 76 -48.92 -61.65 -56.25
N GLN I 77 -48.27 -61.20 -55.18
CA GLN I 77 -48.91 -60.41 -54.13
C GLN I 77 -49.58 -59.15 -54.71
N LEU I 78 -49.04 -58.63 -55.80
CA LEU I 78 -49.57 -57.42 -56.46
C LEU I 78 -50.59 -57.80 -57.51
N ARG I 79 -50.35 -58.89 -58.24
CA ARG I 79 -51.30 -59.36 -59.26
C ARG I 79 -52.64 -59.70 -58.62
N THR I 80 -52.59 -60.32 -57.44
CA THR I 80 -53.80 -60.66 -56.67
C THR I 80 -54.64 -59.40 -56.44
N ILE I 81 -53.98 -58.30 -56.08
CA ILE I 81 -54.69 -57.05 -55.76
C ILE I 81 -55.22 -56.42 -57.05
N LEU I 82 -54.41 -56.43 -58.10
CA LEU I 82 -54.80 -55.84 -59.41
C LEU I 82 -55.78 -56.73 -60.16
N SER I 83 -56.09 -57.92 -59.65
CA SER I 83 -57.21 -58.73 -60.14
C SER I 83 -58.47 -57.87 -60.18
N GLY I 84 -59.08 -57.78 -61.36
CA GLY I 84 -60.23 -56.91 -61.63
C GLY I 84 -59.87 -55.63 -62.37
N TYR I 85 -58.59 -55.41 -62.67
CA TYR I 85 -58.14 -54.24 -63.46
C TYR I 85 -57.01 -54.59 -64.43
N HIS I 86 -56.83 -55.86 -64.82
CA HIS I 86 -55.71 -56.26 -65.69
C HIS I 86 -55.88 -55.66 -67.09
N ARG I 87 -57.09 -55.76 -67.63
CA ARG I 87 -57.41 -55.10 -68.91
C ARG I 87 -57.22 -53.60 -68.79
N ILE I 88 -57.58 -53.02 -67.66
CA ILE I 88 -57.49 -51.55 -67.45
C ILE I 88 -56.03 -51.12 -67.54
N VAL I 89 -55.15 -51.77 -66.78
CA VAL I 89 -53.73 -51.36 -66.74
C VAL I 89 -53.07 -51.67 -68.08
N GLN I 90 -53.49 -52.76 -68.74
CA GLN I 90 -52.98 -53.07 -70.10
C GLN I 90 -53.35 -51.91 -71.04
N GLN I 91 -54.60 -51.48 -71.02
CA GLN I 91 -55.06 -50.38 -71.87
C GLN I 91 -54.30 -49.09 -71.53
N ARG I 92 -54.05 -48.85 -70.24
CA ARG I 92 -53.32 -47.66 -69.80
C ARG I 92 -51.89 -47.68 -70.31
N MET I 93 -51.28 -48.87 -70.39
CA MET I 93 -49.91 -48.99 -70.92
C MET I 93 -49.86 -48.53 -72.37
N GLN I 94 -50.76 -49.03 -73.21
CA GLN I 94 -50.76 -48.73 -74.65
C GLN I 94 -51.32 -47.34 -74.96
N HIS I 95 -52.11 -46.75 -74.05
CA HIS I 95 -52.71 -45.41 -74.23
C HIS I 95 -51.84 -44.29 -73.69
N SER I 96 -51.23 -44.49 -72.52
CA SER I 96 -50.53 -43.41 -71.78
C SER I 96 -49.25 -43.01 -72.49
N PRO I 97 -48.88 -41.70 -72.46
CA PRO I 97 -47.72 -41.23 -73.22
C PRO I 97 -46.39 -41.65 -72.58
N ASP I 98 -46.28 -41.41 -71.26
CA ASP I 98 -44.99 -41.44 -70.55
C ASP I 98 -45.07 -42.43 -69.40
N LEU I 99 -43.90 -42.93 -69.02
CA LEU I 99 -43.75 -43.85 -67.88
C LEU I 99 -44.22 -43.19 -66.59
N MET I 100 -43.83 -41.95 -66.35
CA MET I 100 -44.17 -41.27 -65.08
C MET I 100 -45.70 -41.15 -64.94
N SER I 101 -46.37 -40.72 -66.01
CA SER I 101 -47.84 -40.62 -66.02
C SER I 101 -48.47 -41.99 -65.78
N PHE I 102 -47.99 -43.01 -66.47
CA PHE I 102 -48.51 -44.38 -66.31
C PHE I 102 -48.35 -44.84 -64.86
N MET I 103 -47.22 -44.53 -64.23
CA MET I 103 -46.96 -44.98 -62.86
C MET I 103 -47.87 -44.21 -61.89
N MET I 104 -48.17 -42.94 -62.18
CA MET I 104 -49.15 -42.20 -61.36
C MET I 104 -50.53 -42.85 -61.47
N GLU I 105 -50.92 -43.22 -62.69
CA GLU I 105 -52.18 -43.97 -62.93
C GLU I 105 -52.16 -45.28 -62.14
N LEU I 106 -51.05 -46.00 -62.15
CA LEU I 106 -50.94 -47.31 -61.49
C LEU I 106 -51.03 -47.16 -59.96
N LYS I 107 -50.42 -46.11 -59.40
CA LYS I 107 -50.51 -45.87 -57.94
C LYS I 107 -51.95 -45.52 -57.56
N MET I 108 -52.60 -44.67 -58.35
CA MET I 108 -54.02 -44.32 -58.13
C MET I 108 -54.87 -45.59 -58.12
N LEU I 109 -54.66 -46.47 -59.10
CA LEU I 109 -55.46 -47.70 -59.22
C LEU I 109 -55.20 -48.64 -58.05
N LEU I 110 -53.95 -48.78 -57.63
CA LEU I 110 -53.62 -49.64 -56.47
C LEU I 110 -54.33 -49.11 -55.23
N GLU I 111 -54.28 -47.79 -55.02
CA GLU I 111 -54.91 -47.18 -53.86
C GLU I 111 -56.43 -47.41 -53.90
N VAL I 112 -57.05 -47.18 -55.05
CA VAL I 112 -58.52 -47.34 -55.19
C VAL I 112 -58.90 -48.80 -54.95
N ALA I 113 -58.14 -49.72 -55.53
CA ALA I 113 -58.46 -51.16 -55.41
C ALA I 113 -58.31 -51.60 -53.96
N LEU I 114 -57.31 -51.09 -53.24
CA LEU I 114 -57.15 -51.44 -51.82
C LEU I 114 -58.27 -50.81 -50.99
N LYS I 115 -58.72 -49.61 -51.35
CA LYS I 115 -59.82 -48.98 -50.61
C LYS I 115 -61.12 -49.74 -50.86
N ASN I 116 -61.25 -50.37 -52.03
CA ASN I 116 -62.36 -51.30 -52.29
C ASN I 116 -62.20 -52.54 -51.39
N ARG I 117 -61.01 -53.14 -51.38
CA ARG I 117 -60.69 -54.32 -50.56
C ARG I 117 -60.07 -53.86 -49.24
N GLN I 118 -60.73 -52.90 -48.58
CA GLN I 118 -60.26 -52.39 -47.27
C GLN I 118 -60.60 -53.36 -46.13
N GLU I 119 -61.65 -54.19 -46.29
CA GLU I 119 -61.91 -55.30 -45.35
C GLU I 119 -60.73 -56.26 -45.35
N LEU I 120 -60.02 -56.34 -46.47
CA LEU I 120 -58.88 -57.30 -46.60
C LEU I 120 -57.65 -56.81 -45.83
N TYR I 121 -57.10 -55.65 -46.20
CA TYR I 121 -55.86 -55.13 -45.58
C TYR I 121 -56.17 -54.05 -44.53
N ALA I 122 -55.90 -54.37 -43.26
CA ALA I 122 -56.08 -53.44 -42.11
C ALA I 122 -55.20 -53.92 -40.94
N LEU I 123 -55.70 -54.90 -40.16
CA LEU I 123 -55.04 -55.62 -39.02
C LEU I 123 -54.90 -54.73 -37.78
N PRO I 124 -54.45 -55.26 -36.61
CA PRO I 124 -54.26 -54.51 -35.37
C PRO I 124 -52.77 -54.34 -35.04
N PRO I 125 -52.27 -53.15 -34.64
CA PRO I 125 -50.85 -52.97 -34.32
C PRO I 125 -50.44 -53.80 -33.10
N PRO I 126 -49.35 -54.60 -33.16
CA PRO I 126 -48.91 -55.42 -32.02
C PRO I 126 -48.47 -54.66 -30.77
N PRO I 127 -47.69 -53.55 -30.89
CA PRO I 127 -47.22 -52.80 -29.73
C PRO I 127 -48.19 -51.71 -29.24
N GLN I 128 -49.26 -51.43 -30.01
CA GLN I 128 -50.26 -50.41 -29.68
C GLN I 128 -51.56 -51.06 -29.22
N PHE I 129 -51.99 -52.15 -29.87
CA PHE I 129 -53.33 -52.72 -29.69
C PHE I 129 -53.35 -53.80 -28.61
N TYR I 130 -52.71 -54.94 -28.87
CA TYR I 130 -52.72 -56.09 -27.93
C TYR I 130 -51.95 -55.74 -26.65
N SER I 131 -51.08 -54.73 -26.69
CA SER I 131 -50.40 -54.24 -25.49
C SER I 131 -51.34 -53.37 -24.66
N SER I 132 -51.89 -52.32 -25.28
CA SER I 132 -52.64 -51.28 -24.54
C SER I 132 -53.99 -51.81 -24.04
N LEU I 133 -54.67 -52.63 -24.85
CA LEU I 133 -56.03 -53.06 -24.51
C LEU I 133 -56.02 -53.87 -23.21
N ILE I 134 -55.05 -54.77 -23.04
CA ILE I 134 -55.01 -55.61 -21.83
C ILE I 134 -54.63 -54.80 -20.61
N GLU I 135 -53.70 -53.84 -20.74
CA GLU I 135 -53.37 -52.94 -19.62
C GLU I 135 -54.63 -52.15 -19.21
N GLU I 136 -55.45 -51.75 -20.19
CA GLU I 136 -56.70 -51.02 -19.87
C GLU I 136 -57.69 -51.94 -19.19
N ILE I 137 -57.83 -53.19 -19.64
CA ILE I 137 -58.75 -54.14 -18.97
C ILE I 137 -58.26 -54.41 -17.55
N GLY I 138 -56.94 -54.43 -17.33
CA GLY I 138 -56.39 -54.54 -15.97
C GLY I 138 -56.74 -53.32 -15.13
N THR I 139 -56.70 -52.13 -15.73
CA THR I 139 -57.16 -50.90 -15.07
C THR I 139 -58.62 -51.05 -14.66
N LEU I 140 -59.46 -51.63 -15.52
CA LEU I 140 -60.89 -51.78 -15.22
C LEU I 140 -61.09 -52.78 -14.08
N GLY I 141 -60.68 -54.03 -14.30
CA GLY I 141 -60.97 -55.15 -13.40
C GLY I 141 -61.35 -56.38 -14.19
N TRP I 142 -60.78 -57.54 -13.85
CA TRP I 142 -61.03 -58.80 -14.57
C TRP I 142 -62.40 -59.41 -14.24
N ASP I 143 -63.07 -58.94 -13.18
CA ASP I 143 -64.43 -59.39 -12.83
C ASP I 143 -65.47 -58.81 -13.79
N LYS I 144 -65.16 -57.70 -14.49
CA LYS I 144 -66.14 -57.00 -15.34
C LYS I 144 -66.25 -57.69 -16.69
N LEU I 145 -65.12 -58.11 -17.26
CA LEU I 145 -65.11 -58.75 -18.60
C LEU I 145 -65.77 -60.13 -18.49
N VAL I 146 -66.74 -60.38 -19.35
CA VAL I 146 -67.52 -61.64 -19.42
C VAL I 146 -67.22 -62.38 -20.72
N TYR I 147 -67.04 -61.66 -21.82
CA TYR I 147 -66.89 -62.24 -23.16
C TYR I 147 -65.86 -61.44 -23.95
N ALA I 148 -64.87 -62.14 -24.52
CA ALA I 148 -63.93 -61.59 -25.51
C ALA I 148 -63.86 -62.55 -26.68
N ASP I 149 -63.90 -62.02 -27.90
CA ASP I 149 -63.83 -62.86 -29.10
C ASP I 149 -62.39 -63.34 -29.30
N THR I 150 -62.21 -64.43 -30.03
CA THR I 150 -60.87 -64.91 -30.43
C THR I 150 -60.14 -63.84 -31.25
N CYS I 151 -60.86 -63.19 -32.17
CA CYS I 151 -60.32 -62.09 -32.99
C CYS I 151 -60.01 -60.85 -32.15
N PHE I 152 -60.54 -60.78 -30.92
CA PHE I 152 -60.30 -59.69 -29.96
C PHE I 152 -60.96 -58.40 -30.46
N SER I 153 -62.08 -58.54 -31.18
CA SER I 153 -62.87 -57.42 -31.72
C SER I 153 -64.03 -57.09 -30.77
N THR I 154 -64.82 -58.11 -30.42
CA THR I 154 -65.93 -57.97 -29.46
C THR I 154 -65.37 -58.14 -28.04
N ILE I 155 -65.65 -57.17 -27.18
CA ILE I 155 -65.57 -57.37 -25.72
C ILE I 155 -66.88 -56.93 -25.09
N LYS I 156 -67.43 -57.77 -24.24
CA LYS I 156 -68.68 -57.50 -23.50
C LYS I 156 -68.32 -57.18 -22.05
N LEU I 157 -68.78 -56.04 -21.53
CA LEU I 157 -68.51 -55.62 -20.14
C LEU I 157 -69.79 -55.59 -19.31
N LYS I 158 -69.65 -55.94 -18.04
CA LYS I 158 -70.74 -56.00 -17.05
C LYS I 158 -70.69 -54.77 -16.14
N ALA I 159 -71.85 -54.26 -15.76
CA ALA I 159 -71.97 -53.18 -14.76
C ALA I 159 -73.13 -53.48 -13.81
N GLU I 160 -72.96 -53.07 -12.55
CA GLU I 160 -73.93 -53.32 -11.47
C GLU I 160 -74.62 -52.01 -11.11
N ASP I 161 -75.83 -52.13 -10.58
CA ASP I 161 -76.60 -51.01 -10.02
C ASP I 161 -76.58 -51.10 -8.49
N ALA I 162 -77.00 -50.04 -7.82
CA ALA I 162 -77.16 -50.01 -6.36
C ALA I 162 -78.31 -50.91 -5.90
N SER I 163 -79.24 -51.27 -6.81
CA SER I 163 -80.36 -52.18 -6.51
C SER I 163 -79.95 -53.65 -6.66
N GLY I 164 -78.92 -53.92 -7.48
CA GLY I 164 -78.36 -55.27 -7.68
C GLY I 164 -78.81 -55.92 -8.96
N ARG I 165 -78.76 -55.19 -10.07
CA ARG I 165 -79.03 -55.70 -11.44
C ARG I 165 -77.75 -55.61 -12.26
N GLU I 166 -77.58 -56.55 -13.18
CA GLU I 166 -76.46 -56.56 -14.15
C GLU I 166 -76.95 -55.98 -15.47
N HIS I 167 -76.16 -55.06 -16.04
CA HIS I 167 -76.40 -54.48 -17.37
C HIS I 167 -75.12 -54.62 -18.19
N LEU I 168 -75.26 -55.05 -19.44
CA LEU I 168 -74.13 -55.42 -20.30
C LEU I 168 -73.96 -54.38 -21.41
N ILE I 169 -72.72 -54.27 -21.90
CA ILE I 169 -72.37 -53.37 -23.03
C ILE I 169 -71.47 -54.15 -23.99
N THR I 170 -71.84 -54.15 -25.27
CA THR I 170 -70.95 -54.63 -26.34
C THR I 170 -70.04 -53.48 -26.76
N LEU I 171 -68.77 -53.80 -27.01
CA LEU I 171 -67.85 -52.87 -27.68
C LEU I 171 -67.13 -53.62 -28.79
N LYS I 172 -67.29 -53.16 -30.03
CA LYS I 172 -66.51 -53.61 -31.19
C LYS I 172 -65.34 -52.65 -31.35
N LEU I 173 -64.12 -53.19 -31.27
CA LEU I 173 -62.89 -52.38 -31.36
C LEU I 173 -62.39 -52.38 -32.80
N LYS I 174 -61.97 -51.21 -33.27
CA LYS I 174 -61.32 -51.09 -34.59
C LYS I 174 -59.84 -51.47 -34.44
N ALA I 175 -59.11 -51.44 -35.55
CA ALA I 175 -57.67 -51.77 -35.56
C ALA I 175 -56.89 -50.77 -34.71
N LYS I 176 -57.07 -49.48 -34.97
CA LYS I 176 -56.47 -48.37 -34.20
C LYS I 176 -57.52 -47.88 -33.20
N TYR I 177 -57.54 -48.51 -32.03
CA TYR I 177 -58.70 -48.44 -31.10
C TYR I 177 -58.84 -47.05 -30.48
N PRO I 178 -57.84 -46.49 -29.74
CA PRO I 178 -58.00 -45.16 -29.16
C PRO I 178 -57.93 -44.02 -30.19
N ALA I 179 -57.54 -44.30 -31.44
CA ALA I 179 -57.45 -43.28 -32.50
C ALA I 179 -58.84 -42.71 -32.81
N GLU I 180 -59.76 -43.56 -33.26
CA GLU I 180 -61.18 -43.20 -33.52
C GLU I 180 -62.04 -43.75 -32.37
N SER I 181 -63.33 -43.42 -32.40
CA SER I 181 -64.29 -43.92 -31.40
C SER I 181 -64.49 -45.43 -31.64
N PRO I 182 -64.54 -46.27 -30.58
CA PRO I 182 -64.92 -47.67 -30.75
C PRO I 182 -66.44 -47.77 -30.83
N ASP I 183 -66.94 -48.79 -31.53
CA ASP I 183 -68.40 -48.93 -31.74
C ASP I 183 -69.04 -49.54 -30.50
N TYR I 184 -69.85 -48.75 -29.79
CA TYR I 184 -70.51 -49.17 -28.54
C TYR I 184 -71.97 -49.52 -28.85
N PHE I 185 -72.36 -50.74 -28.52
CA PHE I 185 -73.77 -51.20 -28.56
C PHE I 185 -74.18 -51.47 -27.12
N VAL I 186 -74.84 -50.48 -26.53
CA VAL I 186 -75.31 -50.55 -25.13
C VAL I 186 -76.82 -50.78 -25.12
N ASP I 187 -77.31 -51.45 -24.09
CA ASP I 187 -78.72 -51.85 -24.00
C ASP I 187 -79.61 -50.63 -23.78
N PHE I 188 -79.47 -49.98 -22.60
CA PHE I 188 -80.48 -49.10 -21.97
C PHE I 188 -81.11 -48.13 -22.97
N PRO I 189 -82.42 -47.79 -22.82
CA PRO I 189 -83.21 -47.30 -23.96
C PRO I 189 -82.85 -45.92 -24.50
N VAL I 190 -82.32 -45.01 -23.67
CA VAL I 190 -81.97 -43.63 -24.11
C VAL I 190 -80.84 -43.70 -25.13
N PRO I 191 -80.67 -42.68 -25.99
CA PRO I 191 -79.48 -42.62 -26.85
C PRO I 191 -78.23 -42.31 -26.04
N PHE I 192 -77.36 -43.30 -25.85
CA PHE I 192 -76.20 -43.15 -24.98
C PHE I 192 -75.20 -42.20 -25.64
N CYS I 193 -75.04 -41.02 -25.05
CA CYS I 193 -74.15 -39.95 -25.57
C CYS I 193 -72.80 -40.09 -24.88
N ALA I 194 -71.86 -40.74 -25.56
CA ALA I 194 -70.53 -41.09 -25.00
C ALA I 194 -69.49 -40.09 -25.52
N SER I 195 -69.09 -39.15 -24.67
CA SER I 195 -68.03 -38.18 -25.00
C SER I 195 -66.68 -38.90 -25.03
N TRP I 196 -66.13 -39.10 -26.22
CA TRP I 196 -64.90 -39.89 -26.44
C TRP I 196 -63.82 -38.98 -27.01
N THR I 197 -62.77 -38.75 -26.24
CA THR I 197 -61.51 -38.13 -26.70
C THR I 197 -60.50 -39.21 -27.10
N PRO I 198 -59.41 -38.87 -27.82
CA PRO I 198 -58.34 -39.85 -28.05
C PRO I 198 -57.63 -40.33 -26.78
N GLN I 199 -57.45 -39.44 -25.79
CA GLN I 199 -56.92 -39.81 -24.46
C GLN I 199 -57.87 -40.76 -23.74
N SER I 200 -59.17 -40.71 -24.04
CA SER I 200 -60.21 -41.57 -23.46
C SER I 200 -59.90 -43.05 -23.71
N SER I 201 -60.39 -43.90 -22.82
CA SER I 201 -60.18 -45.36 -22.88
C SER I 201 -61.43 -46.05 -22.31
N LEU I 202 -61.34 -47.35 -22.01
CA LEU I 202 -62.52 -48.13 -21.57
C LEU I 202 -63.06 -47.59 -20.25
N ILE I 203 -62.21 -47.13 -19.34
CA ILE I 203 -62.67 -46.63 -18.02
C ILE I 203 -63.60 -45.43 -18.21
N SER I 204 -63.33 -44.58 -19.21
CA SER I 204 -64.16 -43.39 -19.45
C SER I 204 -65.57 -43.80 -19.90
N ILE I 205 -65.66 -44.65 -20.90
CA ILE I 205 -66.98 -45.13 -21.39
C ILE I 205 -67.67 -45.95 -20.29
N TYR I 206 -66.92 -46.61 -19.41
CA TYR I 206 -67.52 -47.36 -18.29
C TYR I 206 -68.03 -46.40 -17.21
N SER I 207 -67.35 -45.27 -17.01
CA SER I 207 -67.84 -44.23 -16.07
C SER I 207 -69.12 -43.61 -16.64
N GLN I 208 -69.16 -43.39 -17.95
CA GLN I 208 -70.40 -42.92 -18.61
C GLN I 208 -71.49 -43.99 -18.55
N PHE I 209 -71.11 -45.27 -18.69
CA PHE I 209 -72.03 -46.41 -18.56
C PHE I 209 -72.68 -46.38 -17.17
N LEU I 210 -71.86 -46.32 -16.12
CA LEU I 210 -72.36 -46.21 -14.74
C LEU I 210 -73.16 -44.92 -14.55
N ALA I 211 -72.76 -43.83 -15.21
CA ALA I 211 -73.47 -42.55 -15.11
C ALA I 211 -74.91 -42.70 -15.61
N ALA I 212 -75.09 -43.27 -16.79
CA ALA I 212 -76.44 -43.51 -17.34
C ALA I 212 -77.19 -44.52 -16.49
N ILE I 213 -76.51 -45.57 -16.02
CA ILE I 213 -77.15 -46.63 -15.19
C ILE I 213 -77.69 -45.99 -13.89
N GLU I 214 -76.94 -45.07 -13.31
CA GLU I 214 -77.33 -44.42 -12.05
C GLU I 214 -78.32 -43.28 -12.28
N SER I 215 -78.29 -42.66 -13.46
CA SER I 215 -79.31 -41.61 -13.80
C SER I 215 -80.67 -42.29 -13.99
N LEU I 216 -80.68 -43.59 -14.29
CA LEU I 216 -81.89 -44.41 -14.49
C LEU I 216 -82.12 -45.42 -13.34
N LYS I 217 -81.39 -45.32 -12.22
CA LYS I 217 -81.66 -46.12 -10.99
C LYS I 217 -83.15 -46.04 -10.63
N ALA I 218 -83.82 -45.01 -11.17
CA ALA I 218 -85.26 -44.75 -11.10
C ALA I 218 -86.03 -45.57 -12.15
N PHE I 219 -85.69 -45.40 -13.43
CA PHE I 219 -86.28 -46.21 -14.51
C PHE I 219 -86.07 -47.70 -14.24
N TRP I 220 -84.88 -48.07 -13.76
CA TRP I 220 -84.57 -49.49 -13.47
C TRP I 220 -85.52 -50.03 -12.41
N ASP I 221 -85.90 -49.21 -11.43
CA ASP I 221 -86.92 -49.61 -10.45
C ASP I 221 -88.25 -49.86 -11.16
N VAL I 222 -88.62 -48.98 -12.09
CA VAL I 222 -89.93 -49.09 -12.79
C VAL I 222 -89.96 -50.38 -13.59
N MET I 223 -89.00 -50.56 -14.49
CA MET I 223 -89.02 -51.72 -15.41
C MET I 223 -88.75 -53.02 -14.64
N ASP I 224 -87.94 -52.99 -13.58
CA ASP I 224 -87.75 -54.19 -12.75
C ASP I 224 -89.04 -54.56 -12.04
N GLU I 225 -89.78 -53.58 -11.53
CA GLU I 225 -91.12 -53.83 -10.94
C GLU I 225 -92.05 -54.44 -12.00
N ILE I 226 -92.07 -53.88 -13.21
CA ILE I 226 -92.98 -54.39 -14.27
C ILE I 226 -92.57 -55.81 -14.65
N ASP I 227 -91.27 -56.12 -14.60
CA ASP I 227 -90.78 -57.48 -14.92
C ASP I 227 -91.15 -58.46 -13.81
N GLU I 228 -91.02 -58.05 -12.55
CA GLU I 228 -91.16 -58.96 -11.40
C GLU I 228 -92.63 -59.21 -11.06
N LYS I 229 -93.49 -58.19 -11.13
CA LYS I 229 -94.88 -58.25 -10.63
C LYS I 229 -95.86 -58.66 -11.74
N THR I 230 -95.72 -58.06 -12.92
CA THR I 230 -96.71 -58.16 -14.03
C THR I 230 -96.28 -59.27 -14.99
N TRP I 231 -97.22 -59.68 -15.84
CA TRP I 231 -97.00 -60.69 -16.91
C TRP I 231 -96.69 -59.96 -18.22
N VAL I 232 -95.40 -59.69 -18.44
CA VAL I 232 -94.90 -59.05 -19.68
C VAL I 232 -94.78 -60.13 -20.74
N LEU I 233 -95.30 -59.86 -21.94
CA LEU I 233 -95.63 -60.93 -22.91
C LEU I 233 -94.49 -61.19 -23.90
N GLU I 234 -94.14 -60.22 -24.78
CA GLU I 234 -93.25 -60.50 -25.93
C GLU I 234 -92.08 -59.53 -26.09
N PRO I 235 -91.50 -58.98 -25.01
CA PRO I 235 -90.05 -58.92 -24.92
C PRO I 235 -89.55 -60.05 -24.03
N GLU I 236 -89.66 -61.30 -24.51
CA GLU I 236 -89.37 -62.45 -23.66
C GLU I 236 -87.88 -62.46 -23.29
N LYS I 237 -87.59 -62.65 -22.00
CA LYS I 237 -86.27 -62.37 -21.40
C LYS I 237 -85.88 -60.96 -21.82
N PRO I 238 -86.58 -59.91 -21.33
CA PRO I 238 -86.51 -58.59 -21.96
C PRO I 238 -85.11 -58.01 -21.88
N PRO I 239 -84.49 -57.60 -23.00
CA PRO I 239 -83.29 -56.78 -22.91
C PRO I 239 -83.64 -55.44 -22.29
N ARG I 240 -82.63 -54.80 -21.69
CA ARG I 240 -82.81 -53.49 -21.03
C ARG I 240 -83.02 -52.38 -22.07
N SER I 241 -82.86 -52.66 -23.37
CA SER I 241 -83.14 -51.68 -24.45
C SER I 241 -84.64 -51.42 -24.62
N ALA I 242 -85.51 -52.36 -24.21
CA ALA I 242 -86.94 -52.31 -24.53
C ALA I 242 -87.62 -51.13 -23.83
N THR I 243 -87.77 -50.02 -24.57
CA THR I 243 -88.56 -48.86 -24.09
C THR I 243 -90.04 -49.25 -23.93
N ALA I 244 -90.53 -50.19 -24.76
CA ALA I 244 -91.94 -50.59 -24.78
C ALA I 244 -92.12 -51.94 -24.09
N ARG I 245 -92.96 -51.98 -23.06
CA ARG I 245 -93.28 -53.20 -22.30
C ARG I 245 -94.74 -53.54 -22.53
N ARG I 246 -95.02 -54.80 -22.87
CA ARG I 246 -96.38 -55.28 -23.18
C ARG I 246 -96.94 -55.99 -21.96
N ILE I 247 -97.64 -55.24 -21.11
CA ILE I 247 -98.25 -55.81 -19.88
C ILE I 247 -99.60 -56.41 -20.25
N ALA I 248 -99.83 -57.66 -19.83
CA ALA I 248 -101.11 -58.34 -20.03
C ALA I 248 -102.04 -58.05 -18.85
N LEU I 249 -103.27 -57.63 -19.13
CA LEU I 249 -104.35 -57.56 -18.13
C LEU I 249 -105.58 -58.27 -18.67
N GLY I 250 -106.24 -59.05 -17.81
CA GLY I 250 -107.48 -59.75 -18.18
C GLY I 250 -107.19 -60.94 -19.07
N ASN I 251 -107.88 -61.04 -20.20
CA ASN I 251 -107.73 -62.12 -21.19
C ASN I 251 -108.01 -61.55 -22.58
N ASN I 252 -107.14 -61.85 -23.54
CA ASN I 252 -107.22 -61.38 -24.94
C ASN I 252 -107.06 -59.85 -25.01
N VAL I 253 -106.47 -59.24 -24.00
CA VAL I 253 -106.29 -57.78 -23.90
C VAL I 253 -104.91 -57.52 -23.29
N SER I 254 -104.27 -56.45 -23.74
CA SER I 254 -102.94 -56.05 -23.24
C SER I 254 -102.76 -54.55 -23.41
N ILE I 255 -101.76 -54.01 -22.72
CA ILE I 255 -101.39 -52.58 -22.78
C ILE I 255 -99.89 -52.50 -23.06
N ASN I 256 -99.53 -51.75 -24.11
CA ASN I 256 -98.12 -51.54 -24.48
C ASN I 256 -97.72 -50.15 -23.96
N ILE I 257 -96.97 -50.12 -22.85
CA ILE I 257 -96.52 -48.85 -22.23
C ILE I 257 -95.10 -48.56 -22.72
N GLU I 258 -94.90 -47.39 -23.31
CA GLU I 258 -93.58 -46.94 -23.80
C GLU I 258 -93.06 -45.93 -22.78
N VAL I 259 -92.09 -46.34 -21.97
CA VAL I 259 -91.57 -45.50 -20.88
C VAL I 259 -90.60 -44.49 -21.49
N ASP I 260 -90.93 -43.20 -21.33
CA ASP I 260 -89.97 -42.12 -21.63
C ASP I 260 -88.88 -42.18 -20.57
N PRO I 261 -87.69 -42.76 -20.83
CA PRO I 261 -86.77 -43.06 -19.73
C PRO I 261 -86.09 -41.84 -19.11
N ARG I 262 -86.13 -40.68 -19.78
CA ARG I 262 -85.64 -39.42 -19.19
C ARG I 262 -86.51 -39.00 -18.02
N HIS I 263 -87.83 -39.18 -18.14
CA HIS I 263 -88.83 -38.97 -17.07
C HIS I 263 -89.59 -40.28 -16.85
N PRO I 264 -89.03 -41.28 -16.15
CA PRO I 264 -89.66 -42.61 -16.07
C PRO I 264 -91.02 -42.62 -15.35
N THR I 265 -91.14 -41.83 -14.28
CA THR I 265 -92.41 -41.65 -13.54
C THR I 265 -93.44 -40.82 -14.32
N MET I 266 -93.07 -40.22 -15.45
CA MET I 266 -94.01 -39.47 -16.31
C MET I 266 -94.92 -40.46 -17.03
N LEU I 267 -96.09 -39.98 -17.47
CA LEU I 267 -97.09 -40.79 -18.20
C LEU I 267 -96.44 -41.40 -19.43
N PRO I 268 -96.36 -42.75 -19.56
CA PRO I 268 -95.85 -43.36 -20.78
C PRO I 268 -96.97 -43.57 -21.80
N GLU I 269 -96.68 -43.21 -23.06
CA GLU I 269 -97.69 -43.28 -24.15
C GLU I 269 -98.06 -44.74 -24.35
N CYS I 270 -99.36 -45.04 -24.30
CA CYS I 270 -99.85 -46.42 -24.26
C CYS I 270 -101.21 -46.52 -24.94
N PHE I 271 -101.45 -47.65 -25.58
CA PHE I 271 -102.76 -48.02 -26.14
C PHE I 271 -103.03 -49.48 -25.85
N PHE I 272 -104.17 -49.98 -26.33
CA PHE I 272 -104.65 -51.34 -26.05
C PHE I 272 -104.71 -52.15 -27.35
N LEU I 273 -104.52 -53.47 -27.20
CA LEU I 273 -104.63 -54.44 -28.30
C LEU I 273 -105.49 -55.61 -27.85
N GLY I 274 -106.32 -56.13 -28.75
CA GLY I 274 -107.18 -57.28 -28.47
C GLY I 274 -108.50 -57.17 -29.20
N ALA I 275 -109.57 -57.62 -28.55
CA ALA I 275 -110.94 -57.54 -29.08
C ALA I 275 -111.44 -56.10 -28.97
N ASP I 276 -112.48 -55.76 -29.72
CA ASP I 276 -113.01 -54.39 -29.79
C ASP I 276 -114.06 -54.11 -28.71
N HIS I 277 -114.78 -55.14 -28.24
CA HIS I 277 -115.96 -54.96 -27.36
C HIS I 277 -115.56 -54.85 -25.88
N VAL I 278 -114.33 -55.22 -25.51
CA VAL I 278 -113.83 -55.13 -24.11
C VAL I 278 -112.90 -53.93 -23.93
N VAL I 279 -112.19 -53.51 -24.98
CA VAL I 279 -111.11 -52.49 -24.86
C VAL I 279 -111.69 -51.08 -24.78
N LYS I 280 -112.91 -50.85 -25.29
CA LYS I 280 -113.52 -49.51 -25.30
C LYS I 280 -113.74 -48.98 -23.89
N PRO I 281 -114.38 -49.73 -22.96
CA PRO I 281 -114.45 -49.27 -21.57
C PRO I 281 -113.09 -48.96 -20.93
N LEU I 282 -112.08 -49.78 -21.20
CA LEU I 282 -110.72 -49.55 -20.66
C LEU I 282 -110.17 -48.20 -21.16
N GLY I 283 -110.28 -47.95 -22.47
CA GLY I 283 -109.79 -46.68 -23.04
C GLY I 283 -110.55 -45.48 -22.52
N ILE I 284 -111.87 -45.58 -22.43
CA ILE I 284 -112.70 -44.46 -21.93
C ILE I 284 -112.33 -44.18 -20.47
N LYS I 285 -112.18 -45.23 -19.66
CA LYS I 285 -111.85 -45.07 -18.24
C LYS I 285 -110.44 -44.50 -18.07
N LEU I 286 -109.50 -44.89 -18.92
CA LEU I 286 -108.16 -44.29 -18.93
C LEU I 286 -108.26 -42.81 -19.24
N SER I 287 -109.05 -42.45 -20.25
CA SER I 287 -109.22 -41.03 -20.65
C SER I 287 -109.86 -40.24 -19.52
N ARG I 288 -110.75 -40.86 -18.74
CA ARG I 288 -111.40 -40.19 -17.61
C ARG I 288 -110.46 -40.04 -16.41
N ASN I 289 -109.67 -41.06 -16.09
CA ASN I 289 -108.77 -41.09 -14.91
C ASN I 289 -107.33 -40.66 -15.27
N ILE I 290 -107.11 -40.10 -16.46
CA ILE I 290 -105.75 -39.64 -16.87
C ILE I 290 -105.25 -38.52 -15.95
N HIS I 291 -106.16 -37.65 -15.49
CA HIS I 291 -105.80 -36.48 -14.65
C HIS I 291 -105.34 -36.92 -13.25
N LEU I 292 -105.70 -38.13 -12.81
CA LEU I 292 -105.33 -38.65 -11.47
C LEU I 292 -103.91 -39.22 -11.45
N TRP I 293 -103.18 -39.22 -12.57
CA TRP I 293 -101.80 -39.74 -12.64
C TRP I 293 -100.88 -38.82 -11.83
N ASP I 294 -100.41 -39.32 -10.68
CA ASP I 294 -99.42 -38.61 -9.82
C ASP I 294 -98.03 -39.09 -10.21
N PRO I 295 -96.99 -38.21 -10.24
CA PRO I 295 -95.65 -38.65 -10.63
C PRO I 295 -94.74 -39.11 -9.48
N GLU I 296 -95.28 -39.30 -8.27
CA GLU I 296 -94.49 -39.70 -7.08
C GLU I 296 -94.51 -41.22 -6.86
N ASN I 297 -95.66 -41.87 -7.10
CA ASN I 297 -95.82 -43.31 -6.81
C ASN I 297 -95.23 -44.13 -7.96
N SER I 298 -95.23 -45.45 -7.80
CA SER I 298 -94.76 -46.38 -8.84
C SER I 298 -95.74 -46.38 -10.01
N VAL I 299 -95.26 -46.79 -11.19
CA VAL I 299 -96.10 -46.85 -12.41
C VAL I 299 -97.23 -47.86 -12.21
N LEU I 300 -96.96 -48.98 -11.53
CA LEU I 300 -98.03 -49.95 -11.21
C LEU I 300 -99.05 -49.29 -10.25
N GLN I 301 -98.59 -48.53 -9.26
CA GLN I 301 -99.51 -47.88 -8.31
C GLN I 301 -100.40 -46.88 -9.06
N ASN I 302 -99.83 -46.17 -10.03
CA ASN I 302 -100.61 -45.21 -10.84
C ASN I 302 -101.59 -45.97 -11.74
N LEU I 303 -101.14 -47.05 -12.38
CA LEU I 303 -101.96 -47.77 -13.37
C LEU I 303 -103.11 -48.50 -12.67
N LYS I 304 -102.86 -49.10 -11.51
CA LYS I 304 -103.90 -49.85 -10.77
C LYS I 304 -105.02 -48.93 -10.28
N ASP I 305 -104.72 -47.65 -9.99
CA ASP I 305 -105.74 -46.67 -9.56
C ASP I 305 -106.37 -45.95 -10.76
N VAL I 306 -105.64 -45.79 -11.87
CA VAL I 306 -106.18 -45.15 -13.09
C VAL I 306 -107.16 -46.10 -13.77
N LEU I 307 -106.70 -47.31 -14.11
CA LEU I 307 -107.54 -48.35 -14.74
C LEU I 307 -108.35 -49.13 -13.70
N GLU I 308 -108.09 -48.95 -12.40
CA GLU I 308 -108.99 -49.38 -11.30
C GLU I 308 -109.19 -50.90 -11.31
N ILE I 309 -108.15 -51.65 -11.70
CA ILE I 309 -108.21 -53.14 -11.81
C ILE I 309 -106.85 -53.71 -11.43
N ASP I 310 -106.88 -54.91 -10.84
CA ASP I 310 -105.66 -55.65 -10.44
C ASP I 310 -105.20 -56.52 -11.61
N PHE I 311 -103.88 -56.64 -11.77
CA PHE I 311 -103.26 -57.28 -12.95
C PHE I 311 -103.01 -58.76 -12.64
N PRO I 312 -103.16 -59.68 -13.62
CA PRO I 312 -102.93 -61.10 -13.36
C PRO I 312 -101.43 -61.41 -13.35
N ALA I 313 -101.00 -62.19 -12.35
CA ALA I 313 -99.59 -62.55 -12.12
C ALA I 313 -99.34 -63.96 -12.66
N ARG I 314 -98.81 -64.05 -13.89
CA ARG I 314 -98.38 -65.31 -14.54
C ARG I 314 -99.57 -66.28 -14.64
N ALA I 315 -100.59 -65.86 -15.41
CA ALA I 315 -101.79 -66.68 -15.66
C ALA I 315 -101.45 -67.85 -16.57
N MET J 32 -42.28 -104.10 -8.32
CA MET J 32 -41.18 -104.82 -7.66
C MET J 32 -40.87 -106.14 -8.38
N SER J 33 -39.68 -106.69 -8.10
CA SER J 33 -39.11 -107.87 -8.76
C SER J 33 -39.00 -109.00 -7.73
N SER J 34 -40.06 -109.80 -7.61
CA SER J 34 -40.08 -110.97 -6.72
C SER J 34 -41.39 -111.73 -6.92
N ASN J 35 -41.44 -112.93 -6.34
CA ASN J 35 -42.71 -113.66 -6.13
C ASN J 35 -43.62 -112.82 -5.25
N GLU J 36 -44.92 -112.85 -5.54
CA GLU J 36 -45.95 -112.08 -4.81
C GLU J 36 -45.66 -110.57 -4.90
N GLN J 37 -45.07 -110.12 -5.99
CA GLN J 37 -44.84 -108.69 -6.24
C GLN J 37 -45.22 -108.36 -7.68
N GLU J 38 -45.42 -107.08 -7.93
CA GLU J 38 -46.04 -106.58 -9.16
C GLU J 38 -45.22 -105.43 -9.73
N ARG J 39 -45.66 -104.93 -10.87
CA ARG J 39 -45.05 -103.75 -11.50
C ARG J 39 -46.05 -103.08 -12.42
N LEU J 40 -45.97 -101.76 -12.49
CA LEU J 40 -46.89 -100.94 -13.30
C LEU J 40 -46.23 -100.57 -14.63
N LEU J 41 -47.05 -99.99 -15.51
CA LEU J 41 -46.64 -99.62 -16.87
C LEU J 41 -47.69 -98.64 -17.39
N CYS J 42 -47.57 -98.19 -18.63
CA CYS J 42 -48.60 -97.32 -19.23
C CYS J 42 -48.65 -97.54 -20.73
N TYR J 43 -49.86 -97.53 -21.29
CA TYR J 43 -50.08 -97.91 -22.70
C TYR J 43 -51.38 -97.29 -23.18
N ASN J 44 -51.28 -96.25 -24.01
CA ASN J 44 -52.41 -95.67 -24.76
C ASN J 44 -53.53 -95.20 -23.84
N GLY J 45 -53.19 -94.35 -22.86
CA GLY J 45 -54.19 -93.76 -21.96
C GLY J 45 -54.83 -94.72 -20.98
N GLU J 46 -54.29 -95.94 -20.86
CA GLU J 46 -54.78 -96.93 -19.88
C GLU J 46 -53.58 -97.58 -19.22
N VAL J 47 -53.65 -97.69 -17.91
CA VAL J 47 -52.53 -98.21 -17.09
C VAL J 47 -52.57 -99.73 -17.15
N LEU J 48 -51.41 -100.35 -17.09
CA LEU J 48 -51.29 -101.81 -17.06
C LEU J 48 -50.55 -102.23 -15.79
N VAL J 49 -50.96 -103.37 -15.25
CA VAL J 49 -50.42 -103.93 -14.00
C VAL J 49 -50.09 -105.37 -14.27
N PHE J 50 -48.90 -105.79 -13.87
CA PHE J 50 -48.40 -107.16 -14.06
C PHE J 50 -48.02 -107.71 -12.70
N GLN J 51 -48.48 -108.92 -12.40
CA GLN J 51 -48.30 -109.52 -11.07
C GLN J 51 -47.91 -110.98 -11.21
N LEU J 52 -46.93 -111.41 -10.42
CA LEU J 52 -46.66 -112.84 -10.21
C LEU J 52 -47.57 -113.33 -9.08
N SER J 53 -48.35 -114.37 -9.36
CA SER J 53 -49.32 -114.94 -8.41
C SER J 53 -49.15 -116.46 -8.41
N LYS J 54 -48.83 -117.03 -7.25
CA LYS J 54 -48.45 -118.46 -7.14
C LYS J 54 -49.67 -119.33 -7.46
N GLY J 55 -49.49 -120.31 -8.37
CA GLY J 55 -50.59 -121.13 -8.89
C GLY J 55 -51.03 -122.18 -7.90
N ASN J 56 -50.09 -122.98 -7.40
CA ASN J 56 -50.29 -123.93 -6.28
C ASN J 56 -51.05 -125.20 -6.71
N PHE J 57 -51.62 -125.26 -7.91
CA PHE J 57 -52.47 -126.38 -8.37
C PHE J 57 -52.41 -126.53 -9.89
N LYS J 64 -48.10 -126.07 -8.88
CA LYS J 64 -47.94 -125.45 -10.22
C LYS J 64 -47.21 -124.11 -10.03
N THR J 65 -46.32 -123.79 -10.97
CA THR J 65 -45.60 -122.50 -11.08
C THR J 65 -46.58 -121.33 -10.93
N PRO J 66 -46.13 -120.16 -10.44
CA PRO J 66 -46.97 -118.96 -10.55
C PRO J 66 -47.38 -118.64 -11.98
N ILE J 67 -48.43 -117.84 -12.09
CA ILE J 67 -49.06 -117.45 -13.36
C ILE J 67 -48.96 -115.94 -13.46
N LEU J 68 -48.46 -115.44 -14.59
CA LEU J 68 -48.28 -114.00 -14.79
C LEU J 68 -49.65 -113.41 -15.14
N HIS J 69 -50.16 -112.53 -14.28
CA HIS J 69 -51.50 -111.96 -14.42
C HIS J 69 -51.40 -110.49 -14.81
N VAL J 70 -52.21 -110.11 -15.78
CA VAL J 70 -52.29 -108.73 -16.32
C VAL J 70 -53.64 -108.17 -15.94
N ARG J 71 -53.65 -106.91 -15.52
CA ARG J 71 -54.87 -106.13 -15.33
C ARG J 71 -54.63 -104.77 -15.97
N ARG J 72 -55.35 -104.47 -17.04
CA ARG J 72 -55.31 -103.13 -17.65
C ARG J 72 -56.52 -102.34 -17.16
N MET J 73 -56.25 -101.17 -16.60
CA MET J 73 -57.26 -100.34 -15.94
C MET J 73 -57.38 -99.03 -16.70
N VAL J 74 -58.58 -98.46 -16.71
CA VAL J 74 -58.87 -97.20 -17.40
C VAL J 74 -59.50 -96.24 -16.41
N PHE J 75 -59.13 -94.98 -16.52
CA PHE J 75 -59.72 -93.90 -15.73
C PHE J 75 -61.18 -93.70 -16.12
N ASP J 76 -62.07 -93.55 -15.15
CA ASP J 76 -63.52 -93.48 -15.43
C ASP J 76 -63.92 -92.04 -15.77
N ARG J 77 -63.41 -91.06 -15.00
CA ARG J 77 -63.62 -89.60 -15.19
C ARG J 77 -64.96 -89.11 -14.62
N GLY J 78 -65.91 -90.00 -14.35
CA GLY J 78 -67.13 -89.66 -13.60
C GLY J 78 -66.96 -89.95 -12.13
N THR J 79 -66.50 -91.16 -11.83
CA THR J 79 -66.30 -91.67 -10.46
C THR J 79 -64.90 -91.36 -9.93
N LYS J 80 -63.98 -90.83 -10.76
CA LYS J 80 -62.58 -90.52 -10.39
C LYS J 80 -61.86 -91.75 -9.84
N VAL J 81 -62.00 -92.88 -10.52
CA VAL J 81 -61.35 -94.14 -10.11
C VAL J 81 -61.01 -94.94 -11.36
N PHE J 82 -60.15 -95.92 -11.16
CA PHE J 82 -59.68 -96.82 -12.21
C PHE J 82 -60.56 -98.06 -12.22
N VAL J 83 -61.24 -98.28 -13.33
CA VAL J 83 -62.12 -99.46 -13.53
C VAL J 83 -61.38 -100.46 -14.41
N GLN J 84 -61.50 -101.73 -14.07
CA GLN J 84 -60.92 -102.81 -14.90
C GLN J 84 -61.72 -102.94 -16.19
N LYS J 85 -61.01 -103.06 -17.31
CA LYS J 85 -61.62 -103.23 -18.64
C LYS J 85 -61.18 -104.56 -19.28
N SER J 86 -60.06 -105.11 -18.86
CA SER J 86 -59.61 -106.44 -19.32
C SER J 86 -58.53 -107.00 -18.42
N THR J 87 -58.24 -108.29 -18.60
CA THR J 87 -57.15 -108.98 -17.88
C THR J 87 -56.59 -110.08 -18.78
N GLY J 88 -55.50 -110.69 -18.32
CA GLY J 88 -54.86 -111.76 -19.09
C GLY J 88 -53.87 -112.57 -18.28
N PHE J 89 -54.00 -113.88 -18.32
CA PHE J 89 -53.10 -114.81 -17.61
C PHE J 89 -52.11 -115.40 -18.62
N PHE J 90 -50.91 -115.67 -18.14
CA PHE J 90 -49.91 -116.44 -18.89
C PHE J 90 -49.32 -117.51 -17.98
N THR J 91 -49.37 -118.75 -18.45
CA THR J 91 -48.99 -119.94 -17.67
C THR J 91 -47.49 -120.14 -17.84
N ILE J 92 -46.81 -120.48 -16.75
CA ILE J 92 -45.38 -120.84 -16.78
C ILE J 92 -45.24 -122.32 -16.45
N LYS J 93 -44.34 -123.01 -17.18
CA LYS J 93 -44.06 -124.44 -16.98
C LYS J 93 -42.83 -124.60 -16.06
N GLU J 94 -42.30 -125.82 -16.00
CA GLU J 94 -41.00 -126.12 -15.36
C GLU J 94 -41.05 -125.70 -13.89
N GLU J 95 -41.68 -126.51 -13.04
CA GLU J 95 -42.03 -126.13 -11.66
C GLU J 95 -40.74 -125.90 -10.86
N ASN J 96 -40.20 -124.69 -11.03
CA ASN J 96 -39.05 -124.17 -10.27
C ASN J 96 -39.44 -122.82 -9.71
N SER J 97 -38.72 -122.40 -8.66
CA SER J 97 -39.08 -121.20 -7.88
C SER J 97 -38.40 -119.96 -8.45
N HIS J 98 -38.44 -118.87 -7.69
CA HIS J 98 -37.71 -117.61 -7.94
C HIS J 98 -38.09 -117.01 -9.30
N LEU J 99 -39.35 -116.58 -9.42
CA LEU J 99 -39.81 -115.74 -10.54
C LEU J 99 -39.72 -114.29 -10.13
N LYS J 100 -39.22 -113.45 -11.02
CA LYS J 100 -38.78 -112.10 -10.67
C LYS J 100 -39.00 -111.20 -11.88
N ILE J 101 -39.72 -110.10 -11.67
CA ILE J 101 -40.09 -109.15 -12.75
C ILE J 101 -39.00 -108.09 -12.85
N MET J 102 -38.12 -108.25 -13.82
CA MET J 102 -36.94 -107.35 -13.95
C MET J 102 -37.39 -105.98 -14.44
N CYS J 103 -38.02 -105.94 -15.61
CA CYS J 103 -38.34 -104.68 -16.31
C CYS J 103 -39.59 -104.84 -17.16
N CYS J 104 -40.28 -103.72 -17.37
CA CYS J 104 -41.47 -103.63 -18.23
C CYS J 104 -41.57 -102.23 -18.81
N ASN J 105 -41.94 -102.16 -20.10
CA ASN J 105 -42.27 -100.89 -20.78
C ASN J 105 -42.99 -101.22 -22.10
N CYS J 106 -43.15 -100.23 -22.96
CA CYS J 106 -43.67 -100.38 -24.33
C CYS J 106 -42.60 -100.01 -25.32
N VAL J 107 -42.30 -100.90 -26.26
CA VAL J 107 -41.11 -100.77 -27.11
C VAL J 107 -41.52 -100.71 -28.59
N SER J 108 -41.79 -101.86 -29.23
CA SER J 108 -42.26 -102.01 -30.62
C SER J 108 -42.11 -103.47 -31.04
N ASP J 109 -42.72 -103.84 -32.17
CA ASP J 109 -42.44 -105.10 -32.88
C ASP J 109 -41.73 -104.73 -34.18
N PHE J 110 -40.57 -105.34 -34.44
CA PHE J 110 -39.78 -105.04 -35.66
C PHE J 110 -40.53 -105.48 -36.91
N ARG J 111 -41.38 -106.51 -36.80
CA ARG J 111 -42.11 -107.06 -37.95
C ARG J 111 -43.19 -106.07 -38.42
N THR J 112 -43.96 -105.56 -37.47
CA THR J 112 -45.17 -104.76 -37.71
C THR J 112 -44.92 -103.26 -37.47
N GLY J 113 -43.91 -102.90 -36.69
CA GLY J 113 -43.69 -101.50 -36.30
C GLY J 113 -44.82 -100.98 -35.43
N ILE J 114 -45.33 -101.84 -34.55
CA ILE J 114 -46.48 -101.54 -33.66
C ILE J 114 -45.96 -101.54 -32.22
N ASN J 115 -46.31 -100.50 -31.47
CA ASN J 115 -45.93 -100.34 -30.06
C ASN J 115 -46.78 -101.28 -29.20
N LEU J 116 -46.13 -102.24 -28.56
CA LEU J 116 -46.78 -103.20 -27.66
C LEU J 116 -45.94 -103.33 -26.40
N PRO J 117 -46.55 -103.65 -25.25
CA PRO J 117 -45.80 -103.71 -24.01
C PRO J 117 -45.15 -105.07 -23.82
N TYR J 118 -44.07 -105.07 -23.05
CA TYR J 118 -43.24 -106.27 -22.83
C TYR J 118 -43.00 -106.46 -21.34
N ILE J 119 -42.58 -107.66 -20.99
CA ILE J 119 -42.13 -108.01 -19.63
C ILE J 119 -40.88 -108.86 -19.75
N VAL J 120 -39.94 -108.66 -18.84
CA VAL J 120 -38.80 -109.57 -18.65
C VAL J 120 -39.08 -110.37 -17.37
N ILE J 121 -38.91 -111.68 -17.46
CA ILE J 121 -39.20 -112.61 -16.34
C ILE J 121 -37.97 -113.49 -16.12
N GLU J 122 -37.37 -113.36 -14.96
CA GLU J 122 -36.23 -114.22 -14.57
C GLU J 122 -36.79 -115.53 -14.03
N LYS J 123 -36.38 -116.64 -14.63
CA LYS J 123 -36.69 -118.00 -14.16
C LYS J 123 -35.39 -118.57 -13.61
N ASN J 124 -35.29 -118.67 -12.29
CA ASN J 124 -34.08 -119.13 -11.57
C ASN J 124 -34.38 -120.48 -10.94
N LYS J 125 -33.79 -121.54 -11.48
CA LYS J 125 -33.95 -122.90 -10.92
C LYS J 125 -32.94 -123.17 -9.81
N LYS J 126 -32.16 -122.18 -9.38
CA LYS J 126 -31.13 -122.31 -8.35
C LYS J 126 -29.97 -123.20 -8.79
N ASN J 127 -29.86 -123.52 -10.08
CA ASN J 127 -28.79 -124.39 -10.59
C ASN J 127 -27.69 -123.55 -11.25
N ASN J 128 -27.55 -122.27 -10.86
CA ASN J 128 -26.66 -121.31 -11.55
C ASN J 128 -27.06 -121.25 -13.04
N VAL J 129 -28.37 -121.19 -13.27
CA VAL J 129 -28.97 -121.08 -14.62
C VAL J 129 -30.17 -120.17 -14.50
N PHE J 130 -30.32 -119.24 -15.44
CA PHE J 130 -31.38 -118.22 -15.42
C PHE J 130 -31.91 -118.06 -16.84
N GLU J 131 -33.20 -118.27 -17.04
CA GLU J 131 -33.77 -118.22 -18.41
C GLU J 131 -33.81 -116.78 -18.89
N TYR J 132 -34.47 -115.88 -18.14
CA TYR J 132 -34.76 -114.49 -18.53
C TYR J 132 -35.62 -114.45 -19.78
N PHE J 133 -36.88 -114.88 -19.65
CA PHE J 133 -37.85 -114.83 -20.76
C PHE J 133 -38.20 -113.38 -21.08
N LEU J 134 -38.38 -113.07 -22.36
CA LEU J 134 -39.02 -111.82 -22.82
C LEU J 134 -40.39 -112.18 -23.39
N LEU J 135 -41.42 -111.49 -22.92
CA LEU J 135 -42.81 -111.73 -23.33
C LEU J 135 -43.39 -110.42 -23.84
N ILE J 136 -44.24 -110.51 -24.86
CA ILE J 136 -44.94 -109.35 -25.45
C ILE J 136 -46.43 -109.59 -25.29
N LEU J 137 -47.17 -108.53 -24.98
CA LEU J 137 -48.64 -108.56 -24.90
C LEU J 137 -49.23 -107.98 -26.17
N HIS J 138 -50.27 -108.62 -26.70
CA HIS J 138 -51.04 -108.12 -27.86
C HIS J 138 -52.33 -107.49 -27.39
N SER J 139 -53.08 -106.91 -28.34
CA SER J 139 -54.36 -106.23 -28.05
C SER J 139 -55.46 -107.22 -27.65
N THR J 140 -55.26 -108.52 -27.89
CA THR J 140 -56.17 -109.60 -27.42
C THR J 140 -55.88 -110.02 -25.98
N ASN J 141 -55.02 -109.28 -25.25
CA ASN J 141 -54.57 -109.63 -23.90
C ASN J 141 -53.93 -111.02 -23.87
N LYS J 142 -53.24 -111.37 -24.95
CA LYS J 142 -52.55 -112.65 -25.08
C LYS J 142 -51.05 -112.39 -25.12
N PHE J 143 -50.29 -113.32 -24.53
CA PHE J 143 -48.83 -113.22 -24.44
C PHE J 143 -48.16 -113.91 -25.62
N GLU J 144 -46.89 -113.58 -25.81
CA GLU J 144 -46.06 -114.19 -26.85
C GLU J 144 -44.61 -114.17 -26.37
N MET J 145 -44.02 -115.35 -26.21
CA MET J 145 -42.56 -115.48 -26.00
C MET J 145 -41.83 -114.95 -27.23
N ARG J 146 -40.72 -114.24 -27.02
CA ARG J 146 -39.83 -113.82 -28.11
C ARG J 146 -38.40 -114.27 -27.89
N LEU J 147 -37.92 -114.28 -26.63
CA LEU J 147 -36.52 -114.62 -26.30
C LEU J 147 -36.50 -115.52 -25.07
N SER J 148 -35.91 -116.71 -25.20
CA SER J 148 -35.70 -117.66 -24.09
C SER J 148 -34.47 -117.25 -23.30
N PHE J 149 -33.34 -117.05 -24.00
CA PHE J 149 -32.20 -116.21 -23.56
C PHE J 149 -31.26 -116.89 -22.55
N LYS J 150 -31.70 -117.96 -21.89
CA LYS J 150 -30.87 -119.06 -21.38
C LYS J 150 -29.46 -118.67 -20.91
N LEU J 151 -29.35 -117.80 -19.92
CA LEU J 151 -28.03 -117.39 -19.38
C LEU J 151 -27.62 -118.32 -18.25
N GLY J 152 -26.32 -118.28 -17.92
CA GLY J 152 -25.73 -119.04 -16.81
C GLY J 152 -25.60 -118.20 -15.56
N TYR J 153 -24.98 -117.02 -15.69
CA TYR J 153 -24.79 -116.06 -14.58
C TYR J 153 -26.04 -115.18 -14.43
N GLU J 154 -26.02 -114.34 -13.40
CA GLU J 154 -27.16 -113.45 -13.05
C GLU J 154 -26.94 -112.07 -13.63
N MET J 155 -27.99 -111.52 -14.22
CA MET J 155 -28.00 -110.21 -14.87
C MET J 155 -28.33 -109.13 -13.85
N LYS J 156 -27.80 -107.93 -14.09
CA LYS J 156 -27.75 -106.83 -13.09
C LYS J 156 -27.97 -105.49 -13.81
N ASP J 157 -27.47 -104.41 -13.21
CA ASP J 157 -27.83 -102.98 -13.40
C ASP J 157 -28.11 -102.64 -14.86
N GLY J 158 -27.16 -102.85 -15.78
CA GLY J 158 -27.21 -102.21 -17.09
C GLY J 158 -28.24 -102.80 -18.04
N LEU J 159 -29.48 -102.95 -17.61
CA LEU J 159 -30.57 -103.53 -18.43
C LEU J 159 -31.23 -102.42 -19.23
N ARG J 160 -31.35 -102.64 -20.53
CA ARG J 160 -32.16 -101.78 -21.41
C ARG J 160 -32.86 -102.63 -22.45
N VAL J 161 -33.98 -102.10 -22.95
CA VAL J 161 -34.78 -102.75 -24.00
C VAL J 161 -34.95 -101.74 -25.14
N LEU J 162 -34.89 -102.25 -26.36
CA LEU J 162 -34.79 -101.40 -27.56
C LEU J 162 -35.72 -101.93 -28.65
N ASN J 163 -35.96 -101.05 -29.63
CA ASN J 163 -37.20 -101.00 -30.46
C ASN J 163 -37.55 -102.36 -31.07
N GLY J 164 -36.74 -102.84 -32.01
CA GLY J 164 -36.85 -104.23 -32.43
C GLY J 164 -36.50 -105.06 -31.22
N PRO J 165 -37.35 -106.04 -30.78
CA PRO J 165 -37.37 -106.44 -29.37
C PRO J 165 -36.01 -106.97 -28.93
N LEU J 166 -35.16 -106.01 -28.54
CA LEU J 166 -33.72 -106.21 -28.30
C LEU J 166 -33.46 -105.93 -26.83
N ILE J 167 -32.69 -106.80 -26.20
CA ILE J 167 -32.22 -106.64 -24.81
C ILE J 167 -30.75 -106.29 -24.84
N LEU J 168 -30.35 -105.42 -23.91
CA LEU J 168 -28.98 -104.92 -23.81
C LEU J 168 -28.60 -104.93 -22.33
N TRP J 169 -27.65 -105.80 -21.95
CA TRP J 169 -27.32 -106.05 -20.55
C TRP J 169 -25.82 -105.92 -20.32
N ARG J 170 -25.46 -105.89 -19.05
CA ARG J 170 -24.12 -105.48 -18.61
C ARG J 170 -23.72 -106.24 -17.34
N HIS J 171 -22.54 -106.82 -17.38
CA HIS J 171 -21.72 -107.15 -16.20
C HIS J 171 -20.37 -106.45 -16.40
N VAL J 172 -19.30 -107.00 -15.85
CA VAL J 172 -18.06 -106.34 -15.35
C VAL J 172 -17.40 -105.30 -16.30
N LYS J 173 -18.15 -104.62 -17.16
CA LYS J 173 -17.71 -104.01 -18.44
C LYS J 173 -17.55 -105.08 -19.52
N ALA J 174 -18.54 -105.97 -19.60
CA ALA J 174 -18.78 -106.82 -20.77
C ALA J 174 -20.21 -106.55 -21.22
N PHE J 175 -20.38 -105.55 -22.07
CA PHE J 175 -21.70 -105.19 -22.62
C PHE J 175 -22.09 -106.22 -23.67
N PHE J 176 -23.30 -106.76 -23.54
CA PHE J 176 -23.86 -107.72 -24.49
C PHE J 176 -25.24 -107.25 -24.92
N PHE J 177 -25.68 -107.76 -26.06
CA PHE J 177 -27.06 -107.55 -26.53
C PHE J 177 -27.53 -108.74 -27.35
N ILE J 178 -28.83 -109.02 -27.26
CA ILE J 178 -29.49 -110.09 -28.03
C ILE J 178 -30.78 -109.51 -28.62
N SER J 179 -30.98 -109.73 -29.91
CA SER J 179 -32.15 -109.23 -30.64
C SER J 179 -33.10 -110.38 -30.95
N SER J 180 -34.38 -110.06 -31.05
CA SER J 180 -35.27 -110.80 -31.97
C SER J 180 -34.77 -110.53 -33.39
N GLN J 181 -35.11 -111.42 -34.33
CA GLN J 181 -34.58 -111.47 -35.71
C GLN J 181 -33.18 -112.10 -35.75
N THR J 182 -32.50 -112.25 -34.61
CA THR J 182 -31.15 -112.85 -34.53
C THR J 182 -31.22 -114.14 -33.70
N GLY J 183 -31.66 -114.03 -32.45
CA GLY J 183 -31.65 -115.14 -31.48
C GLY J 183 -30.29 -115.42 -30.89
N LYS J 184 -29.31 -114.53 -31.10
CA LYS J 184 -27.88 -114.79 -30.78
C LYS J 184 -27.37 -113.71 -29.83
N VAL J 185 -26.56 -114.12 -28.86
CA VAL J 185 -25.96 -113.22 -27.86
C VAL J 185 -24.70 -112.61 -28.48
N VAL J 186 -24.80 -111.38 -28.96
CA VAL J 186 -23.64 -110.63 -29.51
C VAL J 186 -22.99 -109.88 -28.36
N SER J 187 -21.67 -109.78 -28.40
CA SER J 187 -20.88 -108.91 -27.51
C SER J 187 -20.63 -107.58 -28.21
N VAL J 188 -20.51 -106.52 -27.43
CA VAL J 188 -20.17 -105.19 -27.97
C VAL J 188 -18.66 -105.15 -28.17
N SER J 189 -18.23 -104.97 -29.43
CA SER J 189 -16.80 -104.95 -29.79
C SER J 189 -16.08 -103.81 -29.05
N GLY J 190 -16.59 -102.58 -29.19
CA GLY J 190 -16.04 -101.42 -28.48
C GLY J 190 -16.09 -101.62 -26.97
N ASN J 191 -15.05 -101.15 -26.26
CA ASN J 191 -14.90 -101.30 -24.80
C ASN J 191 -15.45 -100.04 -24.14
N PHE J 192 -16.72 -100.09 -23.72
CA PHE J 192 -17.40 -98.95 -23.09
C PHE J 192 -17.37 -99.08 -21.58
N SER J 193 -17.54 -97.94 -20.90
CA SER J 193 -17.76 -97.85 -19.44
C SER J 193 -19.27 -97.81 -19.15
N SER J 194 -19.95 -96.81 -19.71
CA SER J 194 -21.40 -96.58 -19.55
C SER J 194 -22.05 -96.36 -20.90
N ILE J 195 -23.36 -96.64 -20.97
CA ILE J 195 -24.19 -96.58 -22.20
C ILE J 195 -25.37 -95.63 -21.97
N GLN J 196 -25.07 -94.44 -21.47
CA GLN J 196 -26.04 -93.42 -20.98
C GLN J 196 -27.34 -93.36 -21.77
N TRP J 197 -27.26 -93.44 -23.09
CA TRP J 197 -28.46 -93.48 -23.92
C TRP J 197 -28.35 -94.56 -25.00
N ALA J 198 -29.50 -95.01 -25.50
CA ALA J 198 -29.58 -95.99 -26.58
C ALA J 198 -30.89 -95.79 -27.33
N GLY J 199 -30.96 -96.30 -28.55
CA GLY J 199 -32.19 -96.30 -29.34
C GLY J 199 -31.92 -96.06 -30.81
N GLU J 200 -33.00 -96.03 -31.59
CA GLU J 200 -32.90 -95.92 -33.06
C GLU J 200 -32.82 -94.44 -33.45
N ILE J 201 -32.08 -94.18 -34.52
CA ILE J 201 -32.01 -92.85 -35.17
C ILE J 201 -32.27 -93.05 -36.65
N GLU J 202 -32.83 -92.02 -37.28
CA GLU J 202 -33.14 -91.97 -38.72
C GLU J 202 -31.86 -92.20 -39.54
N ASN J 203 -31.95 -93.13 -40.51
CA ASN J 203 -30.92 -93.49 -41.51
C ASN J 203 -29.83 -94.41 -40.93
N LEU J 204 -29.81 -94.69 -39.62
CA LEU J 204 -28.75 -95.46 -38.95
C LEU J 204 -29.29 -96.74 -38.32
N GLY J 205 -30.49 -96.70 -37.75
CA GLY J 205 -31.24 -97.90 -37.33
C GLY J 205 -31.10 -98.21 -35.86
N MET J 206 -29.90 -98.08 -35.30
CA MET J 206 -29.70 -98.34 -33.87
C MET J 206 -28.37 -97.72 -33.44
N VAL J 207 -28.32 -97.31 -32.17
CA VAL J 207 -27.32 -96.37 -31.66
C VAL J 207 -27.17 -96.61 -30.17
N LEU J 208 -25.93 -96.52 -29.69
CA LEU J 208 -25.64 -96.33 -28.26
C LEU J 208 -24.75 -95.10 -28.11
N LEU J 209 -25.10 -94.16 -27.22
CA LEU J 209 -24.10 -93.22 -26.69
C LEU J 209 -23.16 -93.98 -25.75
N GLY J 210 -22.24 -93.27 -25.11
CA GLY J 210 -21.33 -93.87 -24.14
C GLY J 210 -19.97 -93.25 -24.26
N LEU J 211 -19.00 -93.83 -23.56
CA LEU J 211 -17.58 -93.46 -23.67
C LEU J 211 -16.75 -94.74 -23.74
N LYS J 212 -15.43 -94.61 -23.84
CA LYS J 212 -14.52 -95.75 -23.99
C LYS J 212 -13.76 -95.99 -22.69
N GLU J 213 -12.98 -95.00 -22.23
CA GLU J 213 -12.07 -95.16 -21.09
C GLU J 213 -11.55 -93.79 -20.62
N ASP J 229 -9.78 -79.45 -23.23
CA ASP J 229 -10.64 -79.95 -22.13
C ASP J 229 -11.98 -79.21 -22.06
N TYR J 230 -12.04 -77.97 -22.57
CA TYR J 230 -13.30 -77.22 -22.81
C TYR J 230 -13.62 -77.13 -24.30
N ALA J 231 -13.00 -78.00 -25.10
CA ALA J 231 -13.12 -77.97 -26.56
C ALA J 231 -14.39 -78.69 -26.95
N ILE J 232 -15.29 -77.99 -27.64
CA ILE J 232 -16.56 -78.55 -28.18
C ILE J 232 -16.24 -79.79 -29.03
N TRP J 233 -15.31 -79.66 -29.98
CA TRP J 233 -15.01 -80.72 -30.97
C TRP J 233 -14.43 -81.99 -30.33
N ASN J 234 -14.00 -82.00 -29.07
CA ASN J 234 -13.31 -83.17 -28.49
C ASN J 234 -14.32 -84.22 -28.06
N THR J 235 -15.21 -83.87 -27.13
CA THR J 235 -16.49 -84.54 -26.85
C THR J 235 -16.40 -85.81 -26.02
N LYS J 236 -15.28 -86.52 -26.04
CA LYS J 236 -15.03 -87.66 -25.12
C LYS J 236 -16.05 -88.81 -25.24
N PHE J 237 -17.07 -88.71 -26.11
CA PHE J 237 -18.27 -89.57 -26.08
C PHE J 237 -18.54 -90.13 -27.47
N CYS J 238 -18.30 -91.42 -27.59
CA CYS J 238 -18.52 -92.17 -28.84
C CYS J 238 -19.98 -92.56 -28.93
N VAL J 239 -20.66 -92.09 -29.96
CA VAL J 239 -21.83 -92.81 -30.51
C VAL J 239 -21.32 -94.17 -30.98
N TYR J 240 -22.19 -95.15 -31.14
CA TYR J 240 -21.79 -96.47 -31.66
C TYR J 240 -23.00 -97.06 -32.37
N SER J 241 -22.87 -97.27 -33.68
CA SER J 241 -23.86 -98.03 -34.45
C SER J 241 -23.78 -99.50 -34.08
N LEU J 242 -24.88 -100.05 -33.58
CA LEU J 242 -24.86 -101.37 -32.93
C LEU J 242 -24.49 -102.45 -33.94
N GLU J 243 -24.23 -103.66 -33.45
CA GLU J 243 -23.63 -104.77 -34.23
C GLU J 243 -22.18 -104.42 -34.58
N SER J 244 -21.44 -103.92 -33.60
CA SER J 244 -19.97 -103.80 -33.65
C SER J 244 -19.51 -102.97 -34.86
N GLN J 245 -20.32 -101.97 -35.26
CA GLN J 245 -20.05 -101.13 -36.44
C GLN J 245 -19.35 -99.85 -35.99
N GLU J 246 -19.19 -98.91 -36.91
CA GLU J 246 -18.31 -97.75 -36.73
C GLU J 246 -18.89 -96.83 -35.65
N VAL J 247 -17.98 -96.10 -35.00
CA VAL J 247 -18.31 -95.08 -33.97
C VAL J 247 -19.36 -94.12 -34.53
N LEU J 248 -19.19 -93.68 -35.77
CA LEU J 248 -20.21 -92.92 -36.55
C LEU J 248 -20.29 -91.44 -36.15
N SER J 249 -19.80 -91.06 -34.96
CA SER J 249 -19.60 -89.65 -34.56
C SER J 249 -18.74 -89.58 -33.29
N ASP J 250 -17.76 -88.69 -33.28
CA ASP J 250 -17.08 -88.26 -32.04
C ASP J 250 -16.78 -86.76 -32.14
N ILE J 251 -17.73 -85.99 -32.68
CA ILE J 251 -17.48 -84.62 -33.19
C ILE J 251 -18.25 -83.58 -32.38
N TYR J 252 -19.54 -83.83 -32.11
CA TYR J 252 -20.44 -82.82 -31.55
C TYR J 252 -21.38 -83.41 -30.49
N ILE J 253 -20.79 -84.16 -29.55
CA ILE J 253 -21.44 -84.61 -28.30
C ILE J 253 -20.97 -83.63 -27.22
N ILE J 254 -21.25 -83.90 -25.96
CA ILE J 254 -21.05 -82.95 -24.86
C ILE J 254 -19.54 -82.80 -24.63
N PRO J 255 -19.03 -81.59 -24.29
CA PRO J 255 -17.61 -81.45 -23.94
C PRO J 255 -17.07 -82.34 -22.81
N PRO J 256 -15.73 -82.50 -22.76
CA PRO J 256 -15.12 -83.46 -21.83
C PRO J 256 -15.19 -83.01 -20.38
N ALA J 257 -15.21 -81.69 -20.13
CA ALA J 257 -15.38 -81.17 -18.77
C ALA J 257 -16.67 -81.70 -18.12
N TYR J 258 -17.81 -81.43 -18.77
CA TYR J 258 -19.10 -82.00 -18.39
C TYR J 258 -19.05 -83.52 -18.37
N SER J 259 -18.24 -84.13 -19.22
CA SER J 259 -18.25 -85.60 -19.41
C SER J 259 -18.05 -86.41 -18.13
N SER J 260 -17.49 -85.82 -17.09
CA SER J 260 -17.21 -86.59 -15.86
C SER J 260 -18.43 -86.66 -14.94
N VAL J 261 -19.34 -85.68 -15.02
CA VAL J 261 -20.41 -85.53 -14.00
C VAL J 261 -21.70 -86.18 -14.49
N VAL J 262 -21.94 -86.20 -15.79
CA VAL J 262 -23.27 -86.61 -16.27
C VAL J 262 -23.50 -88.08 -15.94
N THR J 263 -24.71 -88.38 -15.50
CA THR J 263 -25.10 -89.74 -15.12
C THR J 263 -26.36 -90.21 -15.86
N TYR J 264 -26.98 -89.36 -16.68
CA TYR J 264 -28.06 -89.82 -17.57
C TYR J 264 -28.23 -88.83 -18.71
N VAL J 265 -28.67 -89.34 -19.85
CA VAL J 265 -28.77 -88.58 -21.12
C VAL J 265 -30.08 -88.89 -21.79
N HIS J 266 -30.65 -87.92 -22.50
CA HIS J 266 -31.96 -88.09 -23.16
C HIS J 266 -32.01 -87.17 -24.36
N ILE J 267 -32.05 -87.77 -25.55
CA ILE J 267 -31.99 -86.98 -26.80
C ILE J 267 -33.38 -86.48 -27.17
N CYS J 268 -33.44 -85.24 -27.62
CA CYS J 268 -34.70 -84.55 -27.96
C CYS J 268 -34.87 -84.40 -29.47
N ALA J 269 -33.79 -84.42 -30.24
CA ALA J 269 -33.87 -84.16 -31.68
C ALA J 269 -32.54 -84.47 -32.34
N THR J 270 -32.59 -84.99 -33.56
CA THR J 270 -31.41 -85.34 -34.37
C THR J 270 -31.64 -84.88 -35.81
N GLU J 271 -30.85 -83.92 -36.26
CA GLU J 271 -30.81 -83.45 -37.65
C GLU J 271 -29.54 -83.95 -38.31
N ILE J 272 -29.58 -84.05 -39.63
CA ILE J 272 -28.43 -84.51 -40.44
C ILE J 272 -28.12 -83.45 -41.48
N ILE J 273 -27.27 -82.51 -41.09
CA ILE J 273 -26.27 -81.88 -41.98
C ILE J 273 -25.22 -82.97 -42.11
N LYS J 274 -24.22 -82.77 -42.97
CA LYS J 274 -23.55 -83.73 -43.90
C LYS J 274 -23.17 -85.07 -43.25
N ASN J 275 -22.17 -85.78 -43.76
CA ASN J 275 -21.70 -87.05 -43.17
C ASN J 275 -21.71 -87.05 -41.63
N GLN J 276 -21.44 -85.90 -41.00
CA GLN J 276 -21.62 -85.72 -39.55
C GLN J 276 -23.12 -85.76 -39.17
N LEU J 277 -23.44 -85.40 -37.93
CA LEU J 277 -24.83 -85.11 -37.55
C LEU J 277 -24.87 -84.14 -36.38
N ARG J 278 -26.07 -83.63 -36.11
CA ARG J 278 -26.33 -82.58 -35.12
C ARG J 278 -27.44 -83.09 -34.21
N ILE J 279 -27.16 -83.22 -32.91
CA ILE J 279 -28.13 -83.73 -31.92
C ILE J 279 -28.29 -82.68 -30.83
N SER J 280 -29.54 -82.42 -30.46
CA SER J 280 -29.90 -81.70 -29.24
C SER J 280 -30.19 -82.75 -28.18
N LEU J 281 -29.38 -82.76 -27.12
CA LEU J 281 -29.47 -83.76 -26.06
C LEU J 281 -29.50 -83.04 -24.72
N ILE J 282 -30.41 -83.48 -23.87
CA ILE J 282 -30.42 -83.12 -22.45
C ILE J 282 -29.60 -84.15 -21.69
N ALA J 283 -28.88 -83.67 -20.69
CA ALA J 283 -28.11 -84.48 -19.75
C ALA J 283 -28.62 -84.19 -18.36
N LEU J 284 -28.20 -85.01 -17.41
CA LEU J 284 -28.30 -84.61 -16.00
C LEU J 284 -27.29 -85.37 -15.17
N THR J 285 -26.97 -84.73 -14.04
CA THR J 285 -25.62 -84.63 -13.49
C THR J 285 -25.57 -85.08 -12.04
N ARG J 286 -24.36 -85.18 -11.54
CA ARG J 286 -24.11 -85.49 -10.13
C ARG J 286 -24.35 -84.27 -9.27
N LYS J 287 -24.15 -83.07 -9.83
CA LYS J 287 -24.34 -81.80 -9.11
C LYS J 287 -25.75 -81.25 -9.27
N ASN J 288 -26.73 -82.11 -9.57
CA ASN J 288 -28.16 -81.75 -9.55
C ASN J 288 -28.42 -80.61 -10.54
N GLN J 289 -27.97 -80.83 -11.77
CA GLN J 289 -28.22 -79.88 -12.86
C GLN J 289 -28.86 -80.57 -14.05
N LEU J 290 -29.73 -79.84 -14.72
CA LEU J 290 -30.33 -80.23 -16.01
C LEU J 290 -29.79 -79.29 -17.07
N ILE J 291 -29.15 -79.87 -18.08
CA ILE J 291 -28.39 -79.13 -19.08
C ILE J 291 -28.96 -79.48 -20.43
N SER J 292 -29.07 -78.48 -21.31
CA SER J 292 -29.38 -78.69 -22.73
C SER J 292 -28.11 -78.54 -23.54
N PHE J 293 -28.10 -79.14 -24.71
CA PHE J 293 -26.97 -79.07 -25.65
C PHE J 293 -27.50 -78.92 -27.07
N GLN J 294 -26.73 -78.24 -27.91
CA GLN J 294 -27.10 -78.01 -29.33
C GLN J 294 -25.80 -77.86 -30.09
N ASN J 295 -25.39 -78.92 -30.80
CA ASN J 295 -24.12 -78.94 -31.55
C ASN J 295 -22.95 -78.89 -30.56
N GLY J 296 -23.11 -79.42 -29.35
CA GLY J 296 -22.09 -79.37 -28.30
C GLY J 296 -22.11 -78.11 -27.45
N THR J 297 -23.02 -77.16 -27.71
CA THR J 297 -23.07 -75.81 -27.12
C THR J 297 -23.99 -75.82 -25.91
N PRO J 298 -23.47 -75.83 -24.66
CA PRO J 298 -24.36 -75.85 -23.50
C PRO J 298 -25.18 -74.58 -23.35
N LYS J 299 -26.49 -74.75 -23.32
CA LYS J 299 -27.48 -73.67 -23.14
C LYS J 299 -28.51 -74.11 -22.13
N ASN J 300 -29.17 -73.15 -21.50
CA ASN J 300 -30.40 -73.39 -20.71
C ASN J 300 -30.12 -74.40 -19.60
N VAL J 301 -29.35 -73.98 -18.61
CA VAL J 301 -29.11 -74.81 -17.43
C VAL J 301 -30.15 -74.53 -16.35
N CYS J 302 -30.57 -75.58 -15.65
CA CYS J 302 -31.45 -75.52 -14.48
C CYS J 302 -30.77 -76.21 -13.30
N GLN J 303 -31.10 -75.75 -12.10
CA GLN J 303 -30.51 -76.24 -10.86
C GLN J 303 -31.64 -76.94 -10.10
N LEU J 304 -31.56 -78.26 -9.99
CA LEU J 304 -32.68 -79.04 -9.43
C LEU J 304 -32.75 -78.79 -7.94
N PRO J 305 -33.94 -78.76 -7.32
CA PRO J 305 -34.03 -78.70 -5.86
C PRO J 305 -33.39 -79.90 -5.16
N PHE J 306 -33.81 -81.10 -5.56
CA PHE J 306 -33.41 -82.34 -4.88
C PHE J 306 -32.14 -82.88 -5.51
N GLY J 307 -31.71 -84.05 -5.03
CA GLY J 307 -30.38 -84.58 -5.28
C GLY J 307 -30.41 -85.97 -5.91
N ASP J 308 -29.39 -86.24 -6.72
CA ASP J 308 -29.14 -87.55 -7.35
C ASP J 308 -30.29 -87.92 -8.26
N PRO J 309 -30.49 -87.24 -9.41
CA PRO J 309 -31.52 -87.64 -10.35
C PRO J 309 -31.16 -88.89 -11.16
N CYS J 310 -32.21 -89.56 -11.63
CA CYS J 310 -32.20 -90.92 -12.20
C CYS J 310 -32.69 -90.91 -13.64
N ALA J 311 -33.65 -90.05 -13.97
CA ALA J 311 -34.30 -90.09 -15.28
C ALA J 311 -35.03 -88.80 -15.54
N VAL J 312 -35.29 -88.56 -16.81
CA VAL J 312 -35.99 -87.35 -17.29
C VAL J 312 -36.83 -87.77 -18.48
N GLN J 313 -38.07 -87.30 -18.51
CA GLN J 313 -39.00 -87.56 -19.61
C GLN J 313 -39.64 -86.23 -20.00
N LEU J 314 -40.41 -86.26 -21.07
CA LEU J 314 -41.01 -85.05 -21.64
C LEU J 314 -42.52 -85.21 -21.68
N MET J 315 -43.21 -84.22 -21.14
CA MET J 315 -44.67 -84.13 -21.20
C MET J 315 -45.03 -82.96 -22.11
N ASP J 316 -45.86 -83.23 -23.12
CA ASP J 316 -46.27 -82.19 -24.09
C ASP J 316 -47.32 -81.27 -23.47
N SER J 317 -48.50 -81.81 -23.16
CA SER J 317 -49.56 -81.13 -22.38
C SER J 317 -49.91 -79.75 -22.95
N GLY J 318 -50.42 -79.70 -24.18
CA GLY J 318 -50.97 -78.48 -24.77
C GLY J 318 -50.01 -77.80 -25.72
N GLY J 319 -50.29 -76.52 -26.01
CA GLY J 319 -49.55 -75.73 -26.99
C GLY J 319 -48.37 -75.02 -26.38
N GLY J 320 -47.17 -75.60 -26.50
CA GLY J 320 -45.92 -75.00 -26.02
C GLY J 320 -45.71 -75.16 -24.53
N ASN J 321 -46.65 -75.76 -23.80
CA ASN J 321 -46.51 -75.99 -22.35
C ASN J 321 -45.75 -77.29 -22.17
N LEU J 322 -44.51 -77.31 -22.64
CA LEU J 322 -43.65 -78.49 -22.63
C LEU J 322 -42.88 -78.52 -21.31
N PHE J 323 -42.90 -79.67 -20.65
CA PHE J 323 -42.29 -79.86 -19.32
C PHE J 323 -41.32 -81.01 -19.40
N PHE J 324 -40.17 -80.88 -18.75
CA PHE J 324 -39.31 -82.04 -18.44
C PHE J 324 -39.64 -82.52 -17.05
N VAL J 325 -40.06 -83.77 -16.94
CA VAL J 325 -40.40 -84.41 -15.67
C VAL J 325 -39.19 -85.22 -15.21
N VAL J 326 -38.61 -84.81 -14.10
CA VAL J 326 -37.36 -85.38 -13.58
C VAL J 326 -37.74 -86.23 -12.38
N SER J 327 -37.26 -87.45 -12.34
CA SER J 327 -37.39 -88.32 -11.15
C SER J 327 -36.05 -88.40 -10.42
N PHE J 328 -36.08 -88.84 -9.18
CA PHE J 328 -34.87 -89.05 -8.38
C PHE J 328 -34.93 -90.40 -7.67
N ILE J 329 -33.84 -90.72 -6.98
CA ILE J 329 -33.74 -91.95 -6.15
C ILE J 329 -34.39 -91.69 -4.79
N SER J 330 -34.58 -90.42 -4.41
CA SER J 330 -35.21 -90.08 -3.12
C SER J 330 -36.73 -90.24 -3.14
N ASN J 331 -37.29 -90.93 -4.14
CA ASN J 331 -38.76 -91.07 -4.29
C ASN J 331 -39.38 -89.68 -4.31
N ASN J 332 -38.88 -88.81 -5.17
CA ASN J 332 -39.51 -87.52 -5.44
C ASN J 332 -39.24 -87.12 -6.89
N ALA J 333 -39.86 -86.02 -7.32
CA ALA J 333 -39.85 -85.61 -8.74
C ALA J 333 -40.05 -84.11 -8.85
N CYS J 334 -39.53 -83.55 -9.92
CA CYS J 334 -39.76 -82.15 -10.32
C CYS J 334 -40.30 -82.12 -11.74
N ALA J 335 -40.93 -81.01 -12.07
CA ALA J 335 -41.31 -80.66 -13.45
C ALA J 335 -40.79 -79.27 -13.72
N VAL J 336 -39.86 -79.16 -14.67
CA VAL J 336 -39.26 -77.89 -15.08
C VAL J 336 -39.88 -77.51 -16.42
N TRP J 337 -40.03 -76.22 -16.66
CA TRP J 337 -40.56 -75.73 -17.93
C TRP J 337 -39.59 -76.08 -19.03
N LYS J 338 -40.10 -76.07 -20.25
CA LYS J 338 -39.26 -75.90 -21.44
C LYS J 338 -39.43 -74.47 -21.93
N GLU J 339 -38.46 -74.01 -22.71
CA GLU J 339 -38.42 -72.65 -23.28
C GLU J 339 -38.01 -71.60 -22.25
N SER J 340 -38.01 -71.95 -20.98
CA SER J 340 -37.46 -71.11 -19.91
C SER J 340 -37.17 -72.03 -18.75
N PHE J 341 -35.92 -72.44 -18.61
CA PHE J 341 -35.60 -73.50 -17.65
C PHE J 341 -35.78 -72.96 -16.23
N GLN J 342 -36.90 -73.35 -15.63
CA GLN J 342 -37.37 -72.76 -14.39
C GLN J 342 -38.30 -73.78 -13.76
N VAL J 343 -38.05 -74.12 -12.49
CA VAL J 343 -38.77 -75.21 -11.81
C VAL J 343 -40.24 -74.82 -11.71
N ALA J 344 -41.14 -75.78 -11.87
CA ALA J 344 -42.59 -75.54 -11.91
C ALA J 344 -43.37 -76.37 -10.89
N ALA J 345 -42.86 -77.55 -10.49
CA ALA J 345 -43.55 -78.39 -9.50
C ALA J 345 -42.57 -79.32 -8.80
N LYS J 346 -42.84 -79.65 -7.54
CA LYS J 346 -41.88 -80.27 -6.59
C LYS J 346 -42.55 -81.37 -5.77
N TRP J 347 -43.30 -82.26 -6.41
CA TRP J 347 -44.05 -83.32 -5.69
C TRP J 347 -43.11 -84.25 -4.92
N GLU J 348 -43.63 -84.97 -3.93
CA GLU J 348 -42.80 -85.78 -3.01
C GLU J 348 -43.44 -87.11 -2.61
N LYS J 349 -42.56 -88.07 -2.36
CA LYS J 349 -42.80 -89.45 -1.87
C LYS J 349 -43.22 -90.43 -2.96
N LEU J 350 -43.95 -89.98 -3.98
CA LEU J 350 -43.86 -90.43 -5.38
C LEU J 350 -43.33 -91.85 -5.63
N SER J 351 -44.10 -92.85 -5.23
CA SER J 351 -43.76 -94.27 -5.50
C SER J 351 -43.48 -94.49 -6.99
N LEU J 352 -44.28 -93.89 -7.87
CA LEU J 352 -44.04 -93.93 -9.33
C LEU J 352 -44.63 -92.72 -10.03
N VAL J 353 -44.06 -92.44 -11.20
CA VAL J 353 -44.45 -91.33 -12.10
C VAL J 353 -44.73 -91.90 -13.47
N LEU J 354 -45.74 -91.38 -14.15
CA LEU J 354 -46.10 -91.81 -15.51
C LEU J 354 -46.59 -90.61 -16.30
N ILE J 355 -46.34 -90.62 -17.60
CA ILE J 355 -46.75 -89.52 -18.51
C ILE J 355 -47.52 -90.14 -19.67
N ASP J 356 -48.79 -89.75 -19.80
CA ASP J 356 -49.67 -90.18 -20.91
C ASP J 356 -51.02 -89.46 -20.77
N ASP J 357 -51.91 -89.65 -21.74
CA ASP J 357 -53.27 -89.06 -21.73
C ASP J 357 -54.30 -90.11 -21.29
N PHE J 358 -54.67 -90.09 -20.01
CA PHE J 358 -55.62 -91.05 -19.42
C PHE J 358 -57.05 -90.53 -19.45
N ILE J 359 -57.20 -89.20 -19.44
CA ILE J 359 -58.52 -88.55 -19.58
C ILE J 359 -59.10 -88.87 -20.97
N GLY J 360 -58.25 -89.00 -21.98
CA GLY J 360 -58.68 -89.14 -23.37
C GLY J 360 -59.10 -87.81 -23.96
N SER J 361 -58.32 -86.75 -23.72
CA SER J 361 -58.51 -85.40 -24.30
C SER J 361 -57.63 -85.18 -25.53
N GLY J 362 -56.44 -85.80 -25.56
CA GLY J 362 -55.43 -85.64 -26.60
C GLY J 362 -54.11 -85.20 -26.01
N THR J 363 -54.16 -84.32 -25.01
CA THR J 363 -52.96 -83.76 -24.35
C THR J 363 -52.48 -84.73 -23.28
N GLU J 364 -51.16 -84.79 -23.10
CA GLU J 364 -50.57 -85.68 -22.10
C GLU J 364 -50.73 -85.09 -20.71
N GLN J 365 -50.86 -85.98 -19.72
CA GLN J 365 -50.93 -85.62 -18.30
C GLN J 365 -49.90 -86.44 -17.54
N VAL J 366 -49.53 -85.95 -16.37
CA VAL J 366 -48.63 -86.69 -15.46
C VAL J 366 -49.47 -87.31 -14.36
N LEU J 367 -49.22 -88.59 -14.12
CA LEU J 367 -49.84 -89.38 -13.04
C LEU J 367 -48.78 -89.69 -12.00
N LEU J 368 -49.08 -89.38 -10.75
CA LEU J 368 -48.18 -89.65 -9.60
C LEU J 368 -48.90 -90.60 -8.65
N LEU J 369 -48.24 -91.68 -8.29
CA LEU J 369 -48.79 -92.69 -7.37
C LEU J 369 -48.08 -92.50 -6.03
N PHE J 370 -48.86 -92.20 -4.99
CA PHE J 370 -48.30 -91.95 -3.65
C PHE J 370 -48.09 -93.29 -2.94
N LYS J 371 -47.47 -93.22 -1.77
CA LYS J 371 -46.79 -94.37 -1.13
C LYS J 371 -47.69 -95.59 -0.88
N ASP J 372 -47.06 -96.76 -0.85
CA ASP J 372 -47.70 -98.06 -0.59
C ASP J 372 -48.00 -98.27 0.90
N SER J 373 -47.49 -97.41 1.79
CA SER J 373 -47.80 -97.46 3.24
C SER J 373 -49.28 -97.17 3.50
N LEU J 374 -49.93 -96.43 2.58
CA LEU J 374 -51.37 -96.09 2.70
C LEU J 374 -52.21 -97.36 2.68
N ASN J 375 -52.04 -98.17 1.64
CA ASN J 375 -52.79 -99.43 1.45
C ASN J 375 -51.89 -100.46 0.77
N SER J 376 -52.16 -101.74 1.02
CA SER J 376 -51.57 -102.88 0.27
C SER J 376 -52.45 -103.20 -0.94
N ASP J 377 -52.77 -102.16 -1.73
CA ASP J 377 -53.61 -102.25 -2.94
C ASP J 377 -53.01 -101.32 -3.99
N CYS J 378 -53.01 -101.76 -5.24
CA CYS J 378 -52.22 -101.11 -6.31
C CYS J 378 -52.88 -99.81 -6.75
N LEU J 379 -52.06 -98.84 -7.14
CA LEU J 379 -52.40 -97.56 -7.78
C LEU J 379 -53.53 -96.77 -7.10
N THR J 380 -53.77 -97.00 -5.81
CA THR J 380 -54.61 -96.10 -4.99
C THR J 380 -53.79 -94.87 -4.66
N SER J 381 -54.47 -93.79 -4.28
CA SER J 381 -53.82 -92.50 -3.91
C SER J 381 -53.05 -91.94 -5.11
N PHE J 382 -53.79 -91.67 -6.20
CA PHE J 382 -53.18 -91.09 -7.41
C PHE J 382 -53.26 -89.57 -7.36
N LYS J 383 -52.57 -88.96 -8.29
CA LYS J 383 -52.63 -87.50 -8.51
C LYS J 383 -52.38 -87.24 -9.98
N ILE J 384 -53.41 -86.81 -10.69
CA ILE J 384 -53.34 -86.49 -12.14
C ILE J 384 -53.26 -84.99 -12.28
N THR J 385 -52.33 -84.50 -13.07
CA THR J 385 -52.22 -83.05 -13.33
C THR J 385 -51.63 -82.79 -14.71
N ASP J 386 -52.02 -81.65 -15.28
CA ASP J 386 -51.44 -81.12 -16.53
C ASP J 386 -50.48 -79.97 -16.23
N LEU J 387 -50.51 -79.41 -15.01
CA LEU J 387 -49.85 -78.15 -14.59
C LEU J 387 -50.44 -76.93 -15.28
N GLY J 388 -51.62 -77.06 -15.91
CA GLY J 388 -52.41 -75.94 -16.43
C GLY J 388 -53.72 -75.85 -15.68
N LYS J 389 -54.77 -76.37 -16.29
CA LYS J 389 -56.14 -76.38 -15.73
C LYS J 389 -56.50 -77.76 -15.16
N ILE J 390 -56.18 -78.82 -15.90
CA ILE J 390 -56.63 -80.18 -15.58
C ILE J 390 -55.88 -80.63 -14.33
N ASN J 391 -56.64 -80.97 -13.28
CA ASN J 391 -56.05 -81.40 -12.00
C ASN J 391 -57.09 -82.25 -11.26
N TYR J 392 -56.89 -83.57 -11.26
CA TYR J 392 -57.73 -84.50 -10.49
C TYR J 392 -56.86 -85.19 -9.44
N SER J 393 -57.50 -85.79 -8.45
CA SER J 393 -56.81 -86.50 -7.37
C SER J 393 -57.80 -87.43 -6.68
N SER J 394 -57.40 -87.99 -5.54
CA SER J 394 -58.24 -88.87 -4.73
C SER J 394 -58.12 -88.48 -3.25
N VAL J 416 -56.71 -65.26 -21.47
CA VAL J 416 -55.48 -66.02 -21.82
C VAL J 416 -55.49 -66.46 -23.29
N PRO J 417 -56.57 -67.10 -23.80
CA PRO J 417 -56.68 -67.36 -25.24
C PRO J 417 -56.49 -66.11 -26.10
N PRO J 418 -57.13 -64.97 -25.77
CA PRO J 418 -56.87 -63.75 -26.56
C PRO J 418 -55.41 -63.31 -26.51
N LEU J 419 -54.77 -63.44 -25.36
CA LEU J 419 -53.36 -63.07 -25.20
C LEU J 419 -52.48 -63.98 -26.08
N GLU J 420 -52.78 -65.27 -26.09
CA GLU J 420 -52.04 -66.23 -26.93
C GLU J 420 -52.23 -65.90 -28.41
N THR J 421 -53.46 -65.60 -28.82
CA THR J 421 -53.74 -65.22 -30.22
C THR J 421 -53.02 -63.93 -30.57
N GLY J 422 -52.94 -62.98 -29.64
CA GLY J 422 -52.18 -61.75 -29.87
C GLY J 422 -50.72 -62.04 -30.09
N LEU J 423 -50.15 -62.94 -29.28
CA LEU J 423 -48.77 -63.41 -29.50
C LEU J 423 -48.62 -64.00 -30.90
N LYS J 424 -49.58 -64.83 -31.31
CA LYS J 424 -49.53 -65.50 -32.62
C LYS J 424 -49.55 -64.46 -33.75
N VAL J 425 -50.47 -63.50 -33.67
CA VAL J 425 -50.60 -62.47 -34.71
C VAL J 425 -49.32 -61.64 -34.77
N CYS J 426 -48.81 -61.23 -33.62
CA CYS J 426 -47.58 -60.42 -33.56
C CYS J 426 -46.42 -61.21 -34.18
N PHE J 427 -46.35 -62.51 -33.91
CA PHE J 427 -45.28 -63.35 -34.49
C PHE J 427 -45.43 -63.43 -36.01
N SER J 428 -46.66 -63.57 -36.50
CA SER J 428 -46.89 -63.63 -37.96
C SER J 428 -46.45 -62.32 -38.62
N SER J 429 -46.78 -61.19 -38.00
CA SER J 429 -46.37 -59.86 -38.52
C SER J 429 -44.85 -59.73 -38.51
N PHE J 430 -44.20 -60.21 -37.45
CA PHE J 430 -42.74 -60.21 -37.33
C PHE J 430 -42.11 -60.98 -38.50
N ARG J 431 -42.60 -62.19 -38.74
CA ARG J 431 -42.11 -63.02 -39.84
C ARG J 431 -42.34 -62.33 -41.19
N GLU J 432 -43.49 -61.67 -41.35
CA GLU J 432 -43.78 -60.88 -42.56
C GLU J 432 -42.73 -59.79 -42.77
N LEU J 433 -42.39 -59.07 -41.70
CA LEU J 433 -41.38 -58.00 -41.80
C LEU J 433 -40.04 -58.60 -42.17
N ARG J 434 -39.70 -59.75 -41.62
CA ARG J 434 -38.43 -60.41 -41.98
C ARG J 434 -38.40 -60.71 -43.47
N GLN J 435 -39.51 -61.19 -44.02
CA GLN J 435 -39.62 -61.48 -45.47
C GLN J 435 -39.38 -60.21 -46.27
N HIS J 436 -40.11 -59.15 -45.93
CA HIS J 436 -39.96 -57.84 -46.60
C HIS J 436 -38.52 -57.35 -46.54
N LEU J 437 -37.88 -57.56 -45.40
CA LEU J 437 -36.51 -57.06 -45.17
C LEU J 437 -35.54 -57.75 -46.11
N LEU J 438 -35.60 -59.08 -46.19
CA LEU J 438 -34.69 -59.83 -47.08
C LEU J 438 -34.97 -59.48 -48.53
N LEU J 439 -36.24 -59.25 -48.88
CA LEU J 439 -36.58 -58.79 -50.24
C LEU J 439 -35.85 -57.49 -50.56
N LYS J 440 -35.92 -56.51 -49.65
CA LYS J 440 -35.32 -55.20 -49.91
C LYS J 440 -33.81 -55.32 -50.04
N GLU J 441 -33.19 -56.14 -49.20
CA GLU J 441 -31.73 -56.36 -49.31
C GLU J 441 -31.37 -56.96 -50.65
N LYS J 442 -32.19 -57.90 -51.14
CA LYS J 442 -31.97 -58.49 -52.47
C LYS J 442 -32.03 -57.41 -53.55
N ILE J 443 -33.06 -56.57 -53.50
CA ILE J 443 -33.24 -55.51 -54.52
C ILE J 443 -32.04 -54.57 -54.49
N ILE J 444 -31.60 -54.22 -53.29
CA ILE J 444 -30.50 -53.26 -53.13
C ILE J 444 -29.22 -53.87 -53.68
N SER J 445 -28.93 -55.13 -53.34
CA SER J 445 -27.70 -55.77 -53.80
C SER J 445 -27.69 -55.88 -55.33
N LYS J 446 -28.83 -56.22 -55.92
CA LYS J 446 -28.91 -56.34 -57.39
C LYS J 446 -28.71 -54.98 -58.04
N SER J 447 -29.32 -53.94 -57.48
CA SER J 447 -29.16 -52.58 -58.03
C SER J 447 -27.70 -52.12 -57.93
N TYR J 448 -27.08 -52.35 -56.79
CA TYR J 448 -25.67 -52.01 -56.56
C TYR J 448 -24.78 -52.68 -57.59
N LYS J 449 -24.93 -53.98 -57.79
CA LYS J 449 -24.08 -54.68 -58.77
C LYS J 449 -24.38 -54.21 -60.18
N ALA J 450 -25.62 -53.81 -60.45
CA ALA J 450 -25.96 -53.28 -61.78
C ALA J 450 -25.26 -51.96 -62.01
N LEU J 451 -25.26 -51.10 -60.98
CA LEU J 451 -24.51 -49.83 -60.98
C LEU J 451 -23.04 -50.09 -61.36
N ILE J 452 -22.44 -51.06 -60.70
CA ILE J 452 -21.01 -51.34 -60.92
C ILE J 452 -20.82 -51.87 -62.34
N ASN J 453 -21.78 -52.63 -62.85
CA ASN J 453 -21.72 -53.06 -64.26
C ASN J 453 -21.73 -51.83 -65.16
N LEU J 454 -22.56 -50.83 -64.86
CA LEU J 454 -22.58 -49.57 -65.64
C LEU J 454 -21.19 -48.98 -65.69
N VAL J 455 -20.58 -48.81 -64.52
CA VAL J 455 -19.35 -48.03 -64.40
C VAL J 455 -18.20 -48.80 -65.04
N GLN J 456 -17.94 -50.01 -64.54
CA GLN J 456 -16.86 -50.87 -65.07
C GLN J 456 -17.05 -51.09 -66.57
N GLY J 457 -18.16 -51.70 -66.96
CA GLY J 457 -18.49 -51.91 -68.38
C GLY J 457 -18.93 -50.62 -69.05
N SER J 496 -10.83 -59.20 -60.82
CA SER J 496 -10.45 -60.61 -61.04
C SER J 496 -8.99 -60.83 -60.66
N GLU J 497 -8.09 -60.16 -61.37
CA GLU J 497 -6.64 -60.26 -61.12
C GLU J 497 -6.31 -59.42 -59.89
N GLN J 498 -5.60 -60.03 -58.93
CA GLN J 498 -5.13 -59.32 -57.73
C GLN J 498 -4.05 -58.35 -58.16
N LEU J 499 -4.41 -57.07 -58.22
CA LEU J 499 -3.50 -55.98 -58.59
C LEU J 499 -2.72 -55.46 -57.37
N VAL J 500 -3.22 -55.74 -56.18
CA VAL J 500 -2.71 -55.26 -54.89
C VAL J 500 -2.64 -56.46 -53.95
N GLU J 501 -1.53 -56.61 -53.26
CA GLU J 501 -1.43 -57.75 -52.34
C GLU J 501 -2.35 -57.55 -51.15
N LYS J 502 -2.14 -56.48 -50.42
CA LYS J 502 -2.90 -56.24 -49.19
C LYS J 502 -2.73 -54.79 -48.79
N ILE J 503 -3.06 -54.43 -47.56
CA ILE J 503 -2.79 -53.08 -47.04
C ILE J 503 -1.94 -53.21 -45.78
N TRP J 504 -1.35 -52.15 -45.36
CA TRP J 504 -0.82 -52.01 -43.99
C TRP J 504 -0.64 -50.55 -43.61
N TYR J 505 -0.51 -50.30 -42.34
CA TYR J 505 -0.50 -48.92 -41.85
C TYR J 505 0.22 -48.82 -40.53
N ARG J 506 0.93 -47.73 -40.35
CA ARG J 506 1.68 -47.45 -39.10
C ARG J 506 1.55 -46.02 -38.72
N VAL J 507 2.11 -45.69 -37.62
CA VAL J 507 2.09 -44.34 -37.06
C VAL J 507 3.52 -43.95 -36.68
N ILE J 508 3.89 -42.78 -37.15
CA ILE J 508 5.11 -42.10 -36.78
C ILE J 508 4.57 -40.86 -36.07
N ASP J 509 5.42 -39.95 -35.66
CA ASP J 509 5.18 -38.99 -34.57
C ASP J 509 3.77 -38.39 -34.55
N ASP J 510 3.45 -37.63 -35.56
CA ASP J 510 2.09 -37.12 -35.72
C ASP J 510 1.58 -37.50 -37.12
N SER J 511 2.12 -38.60 -37.66
CA SER J 511 2.04 -38.94 -39.08
C SER J 511 1.65 -40.36 -39.30
N LEU J 512 0.51 -40.56 -39.95
CA LEU J 512 0.02 -41.88 -40.34
C LEU J 512 0.57 -42.27 -41.66
N VAL J 513 0.89 -43.51 -41.84
CA VAL J 513 1.62 -43.99 -43.01
C VAL J 513 0.99 -45.26 -43.52
N VAL J 514 0.14 -45.13 -44.51
CA VAL J 514 -0.55 -46.25 -45.12
C VAL J 514 0.25 -46.71 -46.29
N GLY J 515 0.03 -47.94 -46.68
CA GLY J 515 0.84 -48.50 -47.78
C GLY J 515 0.32 -49.81 -48.33
N VAL J 516 0.76 -50.11 -49.52
CA VAL J 516 0.27 -51.27 -50.27
C VAL J 516 1.39 -51.81 -51.07
N LYS J 517 1.55 -53.11 -51.00
CA LYS J 517 2.57 -53.81 -51.80
C LYS J 517 1.92 -54.25 -53.13
N THR J 518 2.64 -54.14 -54.23
CA THR J 518 2.02 -54.41 -55.54
C THR J 518 2.26 -55.84 -56.00
N THR J 519 1.57 -56.20 -57.07
CA THR J 519 1.80 -57.46 -57.80
C THR J 519 2.47 -57.14 -59.14
N SER J 520 2.88 -58.21 -59.82
CA SER J 520 3.67 -58.10 -61.06
C SER J 520 2.82 -57.57 -62.20
N SER J 521 1.49 -57.65 -62.10
CA SER J 521 0.58 -57.21 -63.17
C SER J 521 0.64 -55.69 -63.34
N LEU J 522 0.35 -54.95 -62.27
CA LEU J 522 0.42 -53.47 -62.28
C LEU J 522 1.87 -53.06 -62.47
N LYS J 523 2.21 -52.64 -63.69
CA LYS J 523 3.51 -52.02 -63.99
C LYS J 523 3.39 -50.52 -63.74
N LEU J 524 4.33 -49.98 -62.97
CA LEU J 524 4.40 -48.54 -62.72
C LEU J 524 5.08 -47.82 -63.88
N SER J 525 5.68 -48.55 -64.82
CA SER J 525 6.35 -47.96 -65.99
C SER J 525 5.34 -47.34 -66.97
N LEU J 526 4.20 -48.00 -67.19
CA LEU J 526 3.17 -47.51 -68.14
C LEU J 526 2.06 -46.72 -67.46
N ASN J 527 1.94 -46.80 -66.13
CA ASN J 527 0.79 -46.24 -65.40
C ASN J 527 1.24 -45.26 -64.32
N ASP J 528 0.34 -44.35 -63.94
CA ASP J 528 0.60 -43.33 -62.91
C ASP J 528 -0.32 -43.60 -61.73
N VAL J 529 0.08 -44.52 -60.85
CA VAL J 529 -0.71 -44.84 -59.65
C VAL J 529 -0.69 -43.73 -58.61
N THR J 530 -1.79 -43.56 -57.92
CA THR J 530 -1.88 -42.72 -56.74
C THR J 530 -2.74 -43.39 -55.72
N LEU J 531 -2.62 -42.91 -54.51
CA LEU J 531 -3.23 -43.50 -53.30
C LEU J 531 -3.82 -42.40 -52.43
N SER J 532 -5.01 -42.59 -51.94
CA SER J 532 -5.75 -41.54 -51.26
C SER J 532 -6.55 -42.17 -50.17
N LEU J 533 -6.96 -41.34 -49.24
CA LEU J 533 -7.62 -41.78 -48.01
C LEU J 533 -8.89 -40.97 -47.85
N LEU J 534 -9.99 -41.68 -47.62
CA LEU J 534 -11.30 -41.09 -47.56
C LEU J 534 -11.90 -41.37 -46.20
N MET J 535 -12.36 -40.33 -45.50
CA MET J 535 -12.96 -40.50 -44.18
C MET J 535 -14.43 -40.86 -44.27
N ASP J 536 -14.99 -41.35 -43.17
CA ASP J 536 -16.43 -41.67 -43.07
C ASP J 536 -17.24 -40.50 -42.52
N GLN J 537 -18.25 -40.10 -43.29
CA GLN J 537 -19.11 -38.90 -43.12
C GLN J 537 -19.83 -38.95 -41.78
N ALA J 538 -20.41 -40.12 -41.43
CA ALA J 538 -21.10 -40.33 -40.15
C ALA J 538 -20.17 -40.02 -38.97
N HIS J 539 -18.88 -40.29 -39.12
CA HIS J 539 -17.87 -39.91 -38.09
C HIS J 539 -17.67 -38.40 -38.15
N ASP J 540 -17.11 -37.88 -39.26
CA ASP J 540 -16.79 -36.44 -39.42
C ASP J 540 -18.01 -35.69 -39.95
N SER J 541 -18.73 -35.02 -39.05
CA SER J 541 -19.84 -34.14 -39.44
C SER J 541 -19.30 -32.92 -40.20
N ARG J 542 -18.19 -32.36 -39.73
CA ARG J 542 -17.48 -31.24 -40.39
C ARG J 542 -16.58 -31.77 -41.52
N PHE J 543 -16.70 -31.15 -42.69
CA PHE J 543 -15.94 -31.49 -43.89
C PHE J 543 -14.77 -30.52 -43.99
N ARG J 544 -13.57 -31.05 -43.82
CA ARG J 544 -12.34 -30.37 -44.22
C ARG J 544 -11.55 -31.24 -45.21
N LEU J 545 -10.41 -30.76 -45.63
CA LEU J 545 -9.60 -31.48 -46.63
C LEU J 545 -8.82 -32.58 -45.89
N LEU J 546 -8.03 -33.32 -46.63
CA LEU J 546 -7.26 -34.42 -46.08
C LEU J 546 -6.13 -34.74 -46.98
N LYS J 547 -4.99 -34.07 -46.80
CA LYS J 547 -3.87 -34.23 -47.72
C LYS J 547 -3.29 -35.61 -47.56
N CYS J 548 -2.50 -35.99 -48.50
CA CYS J 548 -1.76 -37.25 -48.51
C CYS J 548 -0.64 -37.11 -49.50
N GLN J 549 0.57 -37.22 -49.05
CA GLN J 549 1.69 -37.29 -49.95
C GLN J 549 2.01 -38.71 -50.26
N ASN J 550 2.11 -39.00 -51.54
CA ASN J 550 2.29 -40.37 -52.01
C ASN J 550 3.77 -40.50 -52.23
N ARG J 551 4.22 -41.72 -52.19
CA ARG J 551 5.58 -42.02 -52.56
C ARG J 551 5.80 -43.47 -52.88
N VAL J 552 6.40 -43.74 -54.04
CA VAL J 552 6.74 -45.12 -54.47
C VAL J 552 8.12 -45.51 -54.00
N ILE J 553 8.31 -46.76 -53.66
CA ILE J 553 9.52 -47.27 -53.05
C ILE J 553 9.91 -48.53 -53.77
N LYS J 554 11.01 -48.49 -54.51
CA LYS J 554 11.63 -49.66 -55.16
C LYS J 554 12.81 -50.08 -54.29
N LEU J 555 12.75 -51.29 -53.76
CA LEU J 555 13.81 -51.88 -52.94
C LEU J 555 14.22 -53.22 -53.52
N SER J 556 15.51 -53.38 -53.73
CA SER J 556 16.08 -54.64 -54.22
C SER J 556 16.21 -55.62 -53.07
N THR J 557 15.88 -56.89 -53.31
CA THR J 557 15.84 -57.91 -52.26
C THR J 557 16.89 -58.97 -52.58
N ASN J 558 17.97 -58.97 -51.80
CA ASN J 558 19.08 -59.93 -51.92
C ASN J 558 19.66 -59.90 -53.33
N PRO J 559 20.15 -58.76 -53.84
CA PRO J 559 20.81 -58.75 -55.15
C PRO J 559 22.16 -59.48 -55.17
N PHE J 560 22.71 -59.81 -54.00
CA PHE J 560 24.06 -60.40 -53.86
C PHE J 560 24.00 -61.88 -54.17
N LYS J 596 12.84 -62.61 -62.35
CA LYS J 596 14.29 -62.43 -62.13
C LYS J 596 14.57 -62.34 -60.62
N LYS J 597 15.69 -61.68 -60.25
CA LYS J 597 15.96 -61.26 -58.87
C LYS J 597 14.83 -60.35 -58.37
N GLU J 598 14.18 -60.79 -57.29
CA GLU J 598 12.96 -60.14 -56.78
C GLU J 598 13.24 -58.69 -56.40
N CYS J 599 12.50 -57.78 -57.01
CA CYS J 599 12.36 -56.38 -56.59
C CYS J 599 11.08 -56.23 -55.77
N VAL J 600 10.89 -55.06 -55.18
CA VAL J 600 9.70 -54.76 -54.36
C VAL J 600 9.28 -53.34 -54.68
N GLN J 601 8.13 -53.18 -55.32
CA GLN J 601 7.44 -51.89 -55.52
C GLN J 601 6.36 -51.80 -54.46
N ILE J 602 6.41 -50.78 -53.62
CA ILE J 602 5.26 -50.47 -52.75
C ILE J 602 4.93 -49.02 -52.76
N ILE J 603 3.66 -48.72 -52.84
CA ILE J 603 3.13 -47.35 -52.89
C ILE J 603 2.82 -47.00 -51.49
N THR J 604 2.89 -45.73 -51.16
CA THR J 604 2.70 -45.41 -49.72
C THR J 604 2.36 -43.97 -49.58
N ALA J 605 1.34 -43.70 -48.80
CA ALA J 605 0.87 -42.37 -48.49
C ALA J 605 1.08 -41.97 -47.08
N VAL J 606 1.02 -40.69 -46.83
CA VAL J 606 1.42 -40.08 -45.53
C VAL J 606 0.56 -38.87 -45.31
N THR J 607 0.25 -38.56 -44.10
CA THR J 607 -0.94 -37.81 -43.74
C THR J 607 -0.71 -37.38 -42.30
N SER J 608 -1.50 -36.44 -41.82
CA SER J 608 -1.46 -36.05 -40.40
C SER J 608 -2.49 -36.74 -39.58
N LEU J 609 -2.06 -37.23 -38.40
CA LEU J 609 -2.97 -37.94 -37.50
C LEU J 609 -3.92 -37.02 -36.76
N SER J 610 -3.42 -35.97 -36.22
CA SER J 610 -4.15 -35.27 -35.18
C SER J 610 -5.38 -34.61 -35.72
N PRO J 611 -5.48 -34.34 -37.01
CA PRO J 611 -6.80 -34.00 -37.56
C PRO J 611 -7.87 -35.08 -37.53
N LEU J 612 -7.46 -36.29 -37.53
CA LEU J 612 -8.33 -37.44 -37.57
C LEU J 612 -8.72 -37.95 -36.20
N LEU J 613 -7.93 -37.70 -35.19
CA LEU J 613 -8.17 -38.24 -33.84
C LEU J 613 -9.09 -37.35 -33.01
N THR J 614 -9.96 -36.57 -33.61
CA THR J 614 -10.80 -35.67 -32.84
C THR J 614 -12.13 -36.31 -32.55
N PHE J 615 -12.31 -37.60 -32.90
CA PHE J 615 -13.40 -38.44 -32.38
C PHE J 615 -12.85 -39.72 -31.76
N SER J 616 -11.58 -39.74 -31.40
CA SER J 616 -10.93 -40.84 -30.70
C SER J 616 -10.73 -42.08 -31.58
N LYS J 617 -11.31 -42.12 -32.76
CA LYS J 617 -11.50 -43.32 -33.57
C LYS J 617 -11.80 -42.85 -34.98
N PHE J 618 -11.24 -43.48 -35.99
CA PHE J 618 -11.58 -43.10 -37.36
C PHE J 618 -11.45 -44.30 -38.23
N CYS J 619 -12.22 -44.27 -39.32
CA CYS J 619 -12.22 -45.30 -40.36
C CYS J 619 -11.94 -44.57 -41.66
N CYS J 620 -11.08 -45.13 -42.48
CA CYS J 620 -10.65 -44.51 -43.75
C CYS J 620 -10.66 -45.56 -44.84
N THR J 621 -11.37 -45.32 -45.91
CA THR J 621 -11.20 -46.12 -47.13
C THR J 621 -9.93 -45.71 -47.87
N VAL J 622 -9.38 -46.65 -48.62
CA VAL J 622 -8.08 -46.52 -49.31
C VAL J 622 -8.32 -46.86 -50.77
N LEU J 623 -8.14 -45.86 -51.61
CA LEU J 623 -8.48 -45.87 -53.01
C LEU J 623 -7.24 -45.71 -53.81
N LEU J 624 -7.08 -46.56 -54.79
CA LEU J 624 -5.88 -46.65 -55.61
C LEU J 624 -6.28 -46.44 -57.03
N GLN J 625 -5.91 -45.30 -57.60
CA GLN J 625 -6.32 -44.90 -58.94
C GLN J 625 -5.18 -45.24 -59.84
N ILE J 626 -5.46 -45.71 -61.06
CA ILE J 626 -4.44 -46.00 -62.09
C ILE J 626 -4.78 -45.25 -63.36
N MET J 627 -3.85 -44.47 -63.89
CA MET J 627 -4.05 -43.79 -65.20
C MET J 627 -2.93 -44.19 -66.13
N GLU J 628 -3.22 -44.26 -67.43
CA GLU J 628 -2.22 -44.67 -68.43
C GLU J 628 -1.54 -43.45 -69.03
N ARG J 629 -0.27 -43.63 -69.39
CA ARG J 629 0.51 -42.62 -70.11
C ARG J 629 0.40 -42.85 -71.62
N GLU J 630 0.69 -44.09 -72.05
CA GLU J 630 0.77 -44.49 -73.47
C GLU J 630 -0.40 -43.99 -74.31
N SER J 631 -1.63 -44.09 -73.78
CA SER J 631 -2.86 -43.72 -74.49
C SER J 631 -3.16 -42.26 -74.16
N GLY J 632 -3.15 -41.40 -75.19
CA GLY J 632 -3.44 -39.97 -75.03
C GLY J 632 -4.92 -39.64 -75.14
N ASN J 633 -5.80 -40.64 -75.05
CA ASN J 633 -7.27 -40.49 -75.18
C ASN J 633 -7.94 -40.40 -73.80
N CYS J 634 -7.17 -40.39 -72.71
CA CYS J 634 -7.62 -40.63 -71.33
C CYS J 634 -8.59 -41.82 -71.28
N PRO J 635 -8.32 -42.95 -71.96
CA PRO J 635 -9.32 -44.01 -72.03
C PRO J 635 -9.44 -44.79 -70.71
N LYS J 636 -8.30 -45.09 -70.10
CA LYS J 636 -8.22 -46.05 -68.99
C LYS J 636 -8.00 -45.29 -67.69
N ASP J 637 -9.03 -45.24 -66.86
CA ASP J 637 -8.96 -44.67 -65.50
C ASP J 637 -9.54 -45.75 -64.58
N ARG J 638 -8.70 -46.72 -64.23
CA ARG J 638 -9.10 -47.77 -63.29
C ARG J 638 -9.06 -47.27 -61.87
N TYR J 639 -10.02 -47.69 -61.08
CA TYR J 639 -10.05 -47.44 -59.62
C TYR J 639 -9.96 -48.79 -58.95
N VAL J 640 -9.43 -48.79 -57.77
CA VAL J 640 -9.39 -49.98 -56.90
C VAL J 640 -9.69 -49.52 -55.47
N VAL J 641 -10.26 -50.38 -54.68
CA VAL J 641 -10.43 -50.11 -53.24
C VAL J 641 -9.74 -51.22 -52.49
N CYS J 642 -8.58 -50.90 -51.93
CA CYS J 642 -7.63 -51.90 -51.46
C CYS J 642 -7.71 -52.01 -49.95
N GLY J 643 -8.80 -51.50 -49.35
CA GLY J 643 -9.09 -51.76 -47.94
C GLY J 643 -9.52 -50.52 -47.21
N ARG J 644 -9.49 -50.67 -45.91
CA ARG J 644 -10.16 -49.79 -44.97
C ARG J 644 -9.37 -49.92 -43.69
N VAL J 645 -8.92 -48.82 -43.15
CA VAL J 645 -8.06 -48.78 -41.97
C VAL J 645 -8.85 -48.22 -40.79
N PHE J 646 -8.76 -48.91 -39.66
CA PHE J 646 -9.33 -48.46 -38.39
C PHE J 646 -8.18 -48.08 -37.50
N LEU J 647 -8.33 -47.00 -36.78
CA LEU J 647 -7.37 -46.62 -35.76
C LEU J 647 -8.08 -45.93 -34.61
N SER J 648 -7.72 -46.32 -33.41
CA SER J 648 -8.31 -45.80 -32.18
C SER J 648 -7.20 -45.38 -31.22
N LEU J 649 -7.53 -44.52 -30.30
CA LEU J 649 -6.56 -44.02 -29.33
C LEU J 649 -6.22 -45.10 -28.29
N GLU J 650 -7.17 -45.97 -27.96
CA GLU J 650 -6.90 -47.21 -27.24
C GLU J 650 -5.90 -48.10 -27.97
N ASP J 651 -6.07 -48.31 -29.26
CA ASP J 651 -5.12 -49.14 -30.03
C ASP J 651 -3.70 -48.58 -29.93
N LEU J 652 -3.57 -47.25 -29.93
CA LEU J 652 -2.24 -46.64 -29.80
C LEU J 652 -1.72 -46.83 -28.39
N SER J 653 -2.59 -46.66 -27.39
CA SER J 653 -2.25 -46.76 -25.96
C SER J 653 -1.46 -48.02 -25.62
N THR J 654 -1.61 -49.07 -26.41
CA THR J 654 -1.00 -50.39 -26.20
C THR J 654 0.05 -50.67 -27.27
N GLY J 655 0.70 -49.63 -27.78
CA GLY J 655 1.54 -49.81 -28.94
C GLY J 655 0.74 -50.25 -30.16
N LYS J 656 1.12 -51.38 -30.72
CA LYS J 656 0.37 -52.14 -31.74
C LYS J 656 0.53 -51.55 -33.14
N TYR J 657 0.87 -50.28 -33.26
CA TYR J 657 1.16 -49.66 -34.54
C TYR J 657 2.33 -48.71 -34.49
N LEU J 658 2.75 -48.30 -33.32
CA LEU J 658 3.65 -47.16 -33.17
C LEU J 658 5.04 -47.64 -33.48
N LEU J 659 5.85 -46.70 -33.95
CA LEU J 659 7.30 -46.82 -33.89
C LEU J 659 7.78 -45.77 -32.89
N THR J 660 8.32 -46.22 -31.75
CA THR J 660 8.96 -45.37 -30.72
C THR J 660 10.30 -46.01 -30.38
N PHE J 661 11.35 -45.20 -30.36
CA PHE J 661 12.75 -45.65 -30.50
C PHE J 661 13.37 -45.97 -29.15
N PRO J 662 14.70 -46.15 -29.11
CA PRO J 662 15.24 -47.50 -28.97
C PRO J 662 14.65 -48.36 -27.87
N LYS J 663 13.66 -49.13 -28.29
CA LYS J 663 13.42 -50.51 -27.85
C LYS J 663 13.07 -51.36 -29.07
N LYS J 664 12.44 -50.75 -30.08
CA LYS J 664 12.05 -51.41 -31.32
C LYS J 664 13.11 -51.12 -32.39
N LYS J 665 14.37 -51.34 -32.03
CA LYS J 665 15.49 -51.12 -32.94
C LYS J 665 15.57 -52.26 -33.96
N PRO J 666 15.63 -53.55 -33.56
CA PRO J 666 15.86 -54.58 -34.57
C PRO J 666 14.64 -54.76 -35.45
N ILE J 667 14.72 -54.18 -36.64
CA ILE J 667 13.57 -54.09 -37.55
C ILE J 667 13.37 -55.45 -38.21
N GLU J 668 12.33 -56.17 -37.79
CA GLU J 668 12.02 -57.50 -38.34
C GLU J 668 10.52 -57.62 -38.60
N HIS J 669 9.87 -56.51 -38.92
CA HIS J 669 8.54 -56.44 -39.58
C HIS J 669 8.60 -55.31 -40.59
N MET J 670 8.90 -55.66 -41.84
CA MET J 670 9.35 -54.70 -42.86
C MET J 670 8.37 -53.56 -43.10
N GLU J 671 7.14 -53.70 -42.68
CA GLU J 671 6.21 -52.59 -42.69
C GLU J 671 6.73 -51.46 -41.82
N ASP J 672 7.57 -51.75 -40.84
CA ASP J 672 8.15 -50.69 -40.01
C ASP J 672 9.18 -49.89 -40.80
N LEU J 673 10.02 -50.61 -41.51
CA LEU J 673 10.98 -49.98 -42.42
C LEU J 673 10.28 -49.10 -43.42
N PHE J 674 9.28 -49.62 -44.12
CA PHE J 674 8.56 -48.83 -45.14
C PHE J 674 7.86 -47.65 -44.51
N ALA J 675 7.33 -47.75 -43.33
CA ALA J 675 6.75 -46.56 -42.70
C ALA J 675 7.82 -45.58 -42.35
N LEU J 676 9.07 -46.01 -42.16
CA LEU J 676 10.16 -45.03 -42.03
C LEU J 676 10.40 -44.40 -43.38
N LEU J 677 10.60 -45.21 -44.38
CA LEU J 677 11.13 -44.69 -45.60
C LEU J 677 10.14 -43.72 -46.19
N ALA J 678 8.86 -43.88 -45.90
CA ALA J 678 7.84 -42.97 -46.43
C ALA J 678 7.73 -41.68 -45.62
N ALA J 679 7.76 -41.75 -44.33
CA ALA J 679 7.66 -40.55 -43.52
C ALA J 679 8.96 -39.69 -43.41
N PHE J 680 10.10 -40.19 -43.79
CA PHE J 680 11.37 -39.48 -43.55
C PHE J 680 11.75 -38.66 -44.79
N HIS J 681 12.23 -37.45 -44.53
CA HIS J 681 12.67 -36.53 -45.57
C HIS J 681 13.65 -37.33 -46.34
N LYS J 682 13.61 -37.23 -47.66
CA LYS J 682 14.55 -37.97 -48.55
C LYS J 682 15.49 -37.01 -49.29
N SER J 683 16.75 -37.35 -49.41
CA SER J 683 17.70 -36.56 -50.20
C SER J 683 18.71 -37.42 -50.89
N CYS J 684 18.81 -37.31 -52.22
CA CYS J 684 19.77 -38.10 -53.02
C CYS J 684 21.00 -37.27 -53.33
N PHE J 685 22.15 -37.92 -53.34
CA PHE J 685 23.42 -37.27 -53.66
C PHE J 685 24.25 -38.21 -54.49
N GLN J 686 24.78 -37.71 -55.60
CA GLN J 686 25.71 -38.47 -56.46
C GLN J 686 27.12 -38.19 -55.97
N ILE J 687 27.97 -39.19 -56.03
CA ILE J 687 29.36 -39.07 -55.57
C ILE J 687 30.28 -39.60 -56.67
N THR J 688 31.39 -38.89 -56.88
CA THR J 688 32.38 -39.24 -57.91
C THR J 688 33.77 -39.00 -57.34
N SER J 689 34.65 -39.97 -57.52
CA SER J 689 36.10 -39.82 -57.29
C SER J 689 36.80 -40.27 -58.57
N PRO J 690 37.16 -39.38 -59.51
CA PRO J 690 37.47 -39.82 -60.87
C PRO J 690 38.75 -40.66 -60.99
N GLY J 691 39.83 -40.18 -60.36
CA GLY J 691 41.16 -40.80 -60.42
C GLY J 691 41.51 -41.47 -59.13
N TYR J 692 40.53 -42.12 -58.49
CA TYR J 692 40.73 -42.84 -57.24
C TYR J 692 39.46 -43.64 -56.93
N ALA J 693 39.61 -44.94 -56.69
CA ALA J 693 38.48 -45.80 -56.27
C ALA J 693 37.92 -45.31 -54.93
N LEU J 694 36.72 -45.75 -54.60
CA LEU J 694 35.89 -45.16 -53.55
C LEU J 694 35.36 -46.25 -52.64
N ASN J 695 35.91 -46.33 -51.44
CA ASN J 695 35.48 -47.32 -50.42
C ASN J 695 35.23 -46.67 -49.07
N SER J 696 35.61 -45.41 -48.88
CA SER J 696 35.58 -44.77 -47.55
C SER J 696 34.14 -44.52 -47.12
N MET J 697 33.18 -44.50 -48.06
CA MET J 697 31.74 -44.57 -47.73
C MET J 697 31.45 -45.82 -46.93
N LYS J 698 31.98 -46.97 -47.35
CA LYS J 698 31.68 -48.24 -46.68
C LYS J 698 32.32 -48.32 -45.30
N VAL J 699 33.31 -47.48 -45.01
CA VAL J 699 33.87 -47.39 -43.64
C VAL J 699 33.04 -46.39 -42.83
N TRP J 700 32.65 -45.28 -43.47
CA TRP J 700 31.87 -44.23 -42.80
C TRP J 700 30.54 -44.81 -42.36
N LEU J 701 29.98 -45.75 -43.11
CA LEU J 701 28.68 -46.31 -42.73
C LEU J 701 28.84 -47.30 -41.61
N LEU J 702 29.78 -48.22 -41.76
CA LEU J 702 29.84 -49.43 -40.91
C LEU J 702 30.65 -49.22 -39.65
N GLU J 703 31.53 -48.21 -39.58
CA GLU J 703 32.35 -48.01 -38.36
C GLU J 703 32.11 -46.65 -37.71
N HIS J 704 32.02 -45.57 -38.50
CA HIS J 704 31.84 -44.21 -37.93
C HIS J 704 30.42 -44.10 -37.38
N MET J 705 29.45 -44.21 -38.27
CA MET J 705 28.01 -44.10 -37.95
C MET J 705 27.49 -45.32 -37.21
N LYS J 706 28.22 -46.45 -37.21
CA LYS J 706 27.81 -47.70 -36.55
C LYS J 706 26.50 -48.13 -37.19
N CYS J 707 26.56 -48.58 -38.43
CA CYS J 707 25.34 -48.98 -39.15
C CYS J 707 25.03 -50.43 -38.84
N GLU J 708 23.75 -50.77 -38.98
CA GLU J 708 23.23 -52.15 -38.98
C GLU J 708 22.64 -52.37 -40.38
N ILE J 709 23.10 -53.37 -41.11
CA ILE J 709 22.46 -53.68 -42.41
C ILE J 709 21.21 -54.48 -42.13
N ILE J 710 20.14 -54.16 -42.86
CA ILE J 710 18.89 -54.96 -42.90
C ILE J 710 19.15 -56.19 -43.79
N LYS J 711 18.94 -57.39 -43.26
CA LYS J 711 19.26 -58.63 -44.00
C LYS J 711 18.39 -58.73 -45.25
N GLU J 712 17.08 -58.57 -45.04
CA GLU J 712 16.08 -58.68 -46.13
C GLU J 712 16.45 -57.77 -47.29
N PHE J 713 17.00 -56.57 -47.01
CA PHE J 713 17.41 -55.59 -48.04
C PHE J 713 18.82 -55.10 -47.77
N PRO J 714 19.87 -55.71 -48.35
CA PRO J 714 21.23 -55.43 -47.90
C PRO J 714 21.76 -54.17 -48.53
N GLU J 715 20.91 -53.44 -49.27
CA GLU J 715 21.20 -52.10 -49.83
C GLU J 715 20.72 -50.97 -48.91
N VAL J 716 20.37 -51.28 -47.67
CA VAL J 716 19.80 -50.35 -46.70
C VAL J 716 20.57 -50.48 -45.38
N TYR J 717 20.86 -49.36 -44.77
CA TYR J 717 21.76 -49.21 -43.63
C TYR J 717 21.03 -48.34 -42.61
N PHE J 718 20.91 -48.82 -41.39
CA PHE J 718 20.21 -48.14 -40.31
C PHE J 718 21.22 -47.75 -39.24
N CYS J 719 21.37 -46.46 -39.01
CA CYS J 719 22.43 -45.90 -38.17
C CYS J 719 22.05 -46.04 -36.69
N GLU J 720 23.00 -46.56 -35.89
CA GLU J 720 22.79 -46.85 -34.45
C GLU J 720 23.57 -45.92 -33.51
N ARG J 721 24.38 -45.02 -34.03
CA ARG J 721 25.06 -43.98 -33.23
C ARG J 721 24.06 -43.24 -32.35
N PRO J 722 24.27 -43.16 -31.01
CA PRO J 722 23.16 -42.93 -30.08
C PRO J 722 22.71 -41.48 -29.81
N GLY J 723 23.23 -40.49 -30.51
CA GLY J 723 22.70 -39.13 -30.41
C GLY J 723 22.70 -38.38 -31.72
N SER J 724 21.49 -38.01 -32.20
CA SER J 724 21.27 -37.11 -33.36
C SER J 724 21.63 -37.74 -34.70
N PHE J 725 21.70 -39.06 -34.77
CA PHE J 725 21.83 -39.82 -36.02
C PHE J 725 21.11 -41.15 -35.91
N TYR J 726 20.50 -41.40 -34.76
CA TYR J 726 19.86 -42.68 -34.47
C TYR J 726 18.51 -42.66 -35.21
N GLY J 727 18.27 -43.67 -36.03
CA GLY J 727 17.00 -43.77 -36.77
C GLY J 727 17.14 -42.95 -38.00
N THR J 728 18.25 -43.21 -38.69
CA THR J 728 18.57 -42.51 -39.94
C THR J 728 18.90 -43.63 -40.91
N LEU J 729 18.32 -43.63 -42.09
CA LEU J 729 18.62 -44.69 -43.03
C LEU J 729 19.33 -44.16 -44.22
N PHE J 730 20.33 -44.91 -44.67
CA PHE J 730 21.02 -44.65 -45.93
C PHE J 730 20.65 -45.69 -46.96
N THR J 731 21.02 -45.47 -48.19
CA THR J 731 21.28 -46.53 -49.14
C THR J 731 22.45 -46.11 -49.98
N TRP J 732 23.13 -47.07 -50.57
CA TRP J 732 24.41 -46.83 -51.22
C TRP J 732 24.56 -47.81 -52.39
N LYS J 733 24.22 -47.37 -53.59
CA LYS J 733 24.53 -48.12 -54.83
C LYS J 733 25.87 -47.69 -55.39
N GLN J 734 26.84 -48.59 -55.39
CA GLN J 734 28.20 -48.32 -55.89
C GLN J 734 28.31 -48.89 -57.31
N ARG J 735 27.73 -48.18 -58.26
CA ARG J 735 27.79 -48.52 -59.70
C ARG J 735 29.09 -47.92 -60.25
N THR J 736 29.90 -48.73 -60.90
CA THR J 736 31.16 -48.25 -61.49
C THR J 736 32.02 -47.60 -60.41
N PRO J 737 32.77 -48.38 -59.60
CA PRO J 737 33.06 -48.02 -58.21
C PRO J 737 33.75 -46.66 -57.98
N PHE J 738 34.12 -45.93 -59.03
CA PHE J 738 34.35 -44.48 -58.92
C PHE J 738 33.04 -43.76 -58.58
N GLU J 739 32.00 -44.00 -59.36
CA GLU J 739 30.81 -43.12 -59.45
C GLU J 739 29.62 -43.77 -58.73
N GLY J 740 29.57 -43.59 -57.41
CA GLY J 740 28.49 -44.10 -56.57
C GLY J 740 27.34 -43.12 -56.33
N ILE J 741 26.29 -43.60 -55.67
CA ILE J 741 25.10 -42.77 -55.37
C ILE J 741 24.42 -43.13 -54.06
N LEU J 742 24.09 -42.12 -53.28
CA LEU J 742 23.77 -42.23 -51.85
C LEU J 742 22.48 -41.47 -51.57
N ILE J 743 21.58 -42.11 -50.80
CA ILE J 743 20.25 -41.55 -50.54
C ILE J 743 20.00 -41.54 -49.08
N ILE J 744 19.56 -40.39 -48.56
CA ILE J 744 19.56 -40.17 -47.10
C ILE J 744 18.13 -39.90 -46.66
N TYR J 745 17.60 -40.78 -45.86
CA TYR J 745 16.28 -40.65 -45.28
C TYR J 745 16.48 -40.30 -43.85
N SER J 746 15.87 -39.20 -43.47
CA SER J 746 16.18 -38.54 -42.21
C SER J 746 14.92 -38.04 -41.64
N ARG J 747 14.91 -37.68 -40.37
CA ARG J 747 13.72 -37.17 -39.73
C ARG J 747 13.61 -35.69 -39.77
N ASN J 748 14.63 -34.95 -40.18
CA ASN J 748 14.45 -33.53 -40.52
C ASN J 748 15.59 -33.25 -41.44
N GLN J 749 15.82 -32.00 -41.83
CA GLN J 749 17.03 -31.68 -42.59
C GLN J 749 18.18 -31.29 -41.72
N THR J 750 18.01 -31.03 -40.45
CA THR J 750 19.22 -30.80 -39.66
C THR J 750 20.02 -32.06 -39.66
N VAL J 751 19.39 -33.21 -39.69
CA VAL J 751 20.22 -34.41 -39.66
C VAL J 751 20.90 -34.59 -41.01
N MET J 752 20.25 -34.14 -42.09
CA MET J 752 20.87 -34.31 -43.40
C MET J 752 22.11 -33.42 -43.52
N PHE J 753 22.06 -32.25 -42.93
CA PHE J 753 23.25 -31.38 -42.88
C PHE J 753 24.33 -31.86 -41.91
N GLN J 754 23.92 -32.29 -40.75
CA GLN J 754 24.81 -32.93 -39.80
C GLN J 754 25.43 -34.16 -40.39
N CYS J 755 24.78 -34.83 -41.34
CA CYS J 755 25.37 -36.04 -41.92
C CYS J 755 26.31 -35.69 -43.05
N LEU J 756 25.93 -34.79 -43.92
CA LEU J 756 26.82 -34.39 -45.01
C LEU J 756 28.10 -33.73 -44.47
N HIS J 757 28.00 -32.94 -43.41
CA HIS J 757 29.18 -32.36 -42.79
C HIS J 757 30.12 -33.49 -42.38
N ASN J 758 29.58 -34.48 -41.68
CA ASN J 758 30.44 -35.55 -41.15
C ASN J 758 31.03 -36.37 -42.29
N LEU J 759 30.33 -36.43 -43.41
CA LEU J 759 30.84 -37.18 -44.57
C LEU J 759 31.92 -36.38 -45.31
N ILE J 760 31.68 -35.10 -45.57
CA ILE J 760 32.68 -34.24 -46.23
C ILE J 760 33.98 -34.20 -45.44
N ARG J 761 33.90 -34.25 -44.12
CA ARG J 761 35.09 -34.26 -43.29
C ARG J 761 35.90 -35.53 -43.57
N ILE J 762 35.23 -36.63 -43.86
CA ILE J 762 35.90 -37.95 -44.07
C ILE J 762 36.44 -38.09 -45.48
N LEU J 763 35.77 -37.54 -46.48
CA LEU J 763 36.02 -37.95 -47.87
C LEU J 763 37.39 -37.47 -48.35
N PRO J 764 37.85 -37.91 -49.53
CA PRO J 764 39.02 -37.33 -50.17
C PRO J 764 38.84 -35.87 -50.56
N ILE J 765 39.89 -35.30 -51.13
CA ILE J 765 39.90 -33.88 -51.52
C ILE J 765 39.18 -33.72 -52.86
N ASN J 766 39.21 -34.75 -53.70
CA ASN J 766 38.67 -34.69 -55.06
C ASN J 766 37.24 -35.23 -55.14
N CYS J 767 36.79 -35.97 -54.13
CA CYS J 767 35.43 -36.52 -54.09
C CYS J 767 34.42 -35.40 -54.24
N PHE J 768 33.75 -35.34 -55.39
CA PHE J 768 32.80 -34.28 -55.73
C PHE J 768 31.37 -34.79 -55.48
N LEU J 769 30.76 -34.37 -54.37
CA LEU J 769 29.32 -34.56 -54.13
C LEU J 769 28.54 -33.80 -55.17
N LYS J 770 27.28 -34.15 -55.29
CA LYS J 770 26.33 -33.38 -56.10
C LYS J 770 24.95 -33.84 -55.69
N ASN J 771 24.05 -32.87 -55.54
CA ASN J 771 22.66 -33.18 -55.24
C ASN J 771 21.91 -33.58 -56.53
N LEU J 772 20.89 -34.40 -56.38
CA LEU J 772 19.99 -34.78 -57.48
C LEU J 772 18.56 -34.49 -57.07
N LYS J 773 17.92 -33.55 -57.77
CA LYS J 773 16.46 -33.39 -57.70
C LYS J 773 15.78 -34.57 -58.40
N SER J 774 16.05 -34.76 -59.68
CA SER J 774 15.17 -35.51 -60.60
C SER J 774 15.98 -36.52 -61.41
N GLY J 775 16.79 -37.32 -60.73
CA GLY J 775 17.41 -38.51 -61.32
C GLY J 775 18.89 -38.34 -61.57
N SER J 776 19.54 -39.46 -61.84
CA SER J 776 20.99 -39.59 -62.04
C SER J 776 21.39 -39.23 -63.48
N GLU J 777 22.57 -38.61 -63.63
CA GLU J 777 23.04 -38.01 -64.89
C GLU J 777 23.13 -39.06 -66.00
N ASN J 778 23.72 -40.22 -65.70
CA ASN J 778 23.87 -41.30 -66.71
C ASN J 778 22.50 -41.70 -67.24
N PHE J 779 21.54 -41.85 -66.35
CA PHE J 779 20.20 -42.30 -66.74
C PHE J 779 19.51 -41.23 -67.60
N LEU J 780 19.65 -39.95 -67.24
CA LEU J 780 19.01 -38.89 -68.03
C LEU J 780 19.64 -38.76 -69.41
N ILE J 781 20.95 -38.96 -69.51
CA ILE J 781 21.61 -38.93 -70.83
C ILE J 781 21.16 -40.11 -71.68
N ASP J 782 21.08 -41.30 -71.08
CA ASP J 782 20.60 -42.49 -71.80
C ASP J 782 19.18 -42.25 -72.31
N ASN J 783 18.34 -41.66 -71.47
CA ASN J 783 16.94 -41.37 -71.82
C ASN J 783 16.88 -40.39 -72.99
N MET J 784 17.65 -39.30 -72.90
CA MET J 784 17.69 -38.28 -73.97
C MET J 784 18.18 -38.92 -75.27
N ALA J 785 19.21 -39.74 -75.19
CA ALA J 785 19.76 -40.44 -76.36
C ALA J 785 18.68 -41.29 -77.03
N PHE J 786 18.02 -42.13 -76.25
CA PHE J 786 16.99 -43.03 -76.78
C PHE J 786 15.87 -42.23 -77.44
N THR J 787 15.41 -41.16 -76.79
CA THR J 787 14.32 -40.33 -77.33
C THR J 787 14.70 -39.69 -78.66
N LEU J 788 15.89 -39.08 -78.71
CA LEU J 788 16.36 -38.45 -79.97
C LEU J 788 16.52 -39.50 -81.05
N GLU J 789 17.04 -40.68 -80.71
CA GLU J 789 17.23 -41.74 -81.70
C GLU J 789 15.87 -42.10 -82.30
N LYS J 790 14.85 -42.26 -81.46
CA LYS J 790 13.50 -42.58 -81.97
C LYS J 790 12.98 -41.45 -82.87
N GLU J 791 13.16 -40.21 -82.45
CA GLU J 791 12.68 -39.07 -83.26
C GLU J 791 13.36 -39.03 -84.63
N LEU J 792 14.67 -39.16 -84.66
CA LEU J 792 15.44 -39.10 -85.91
C LEU J 792 15.09 -40.31 -86.79
N VAL J 793 14.88 -41.47 -86.17
CA VAL J 793 14.42 -42.66 -86.90
C VAL J 793 13.08 -42.36 -87.56
N THR J 794 12.20 -41.70 -86.82
CA THR J 794 10.85 -41.40 -87.32
C THR J 794 10.91 -40.39 -88.48
N LEU J 795 11.87 -39.48 -88.43
CA LEU J 795 11.99 -38.48 -89.51
C LEU J 795 12.65 -39.08 -90.73
N SER J 796 13.65 -39.95 -90.53
CA SER J 796 14.18 -40.78 -91.63
C SER J 796 13.06 -41.61 -92.24
N SER J 797 12.12 -42.08 -91.41
CA SER J 797 10.95 -42.84 -91.88
C SER J 797 10.01 -41.95 -92.70
N LEU J 798 9.82 -40.70 -92.27
CA LEU J 798 9.05 -39.71 -93.05
C LEU J 798 9.66 -39.58 -94.44
N SER J 799 10.94 -39.28 -94.49
CA SER J 799 11.66 -39.06 -95.76
C SER J 799 11.67 -40.33 -96.61
N SER J 800 11.72 -41.51 -96.00
CA SER J 800 11.72 -42.77 -96.77
C SER J 800 10.33 -43.05 -97.33
N ALA J 801 9.27 -42.71 -96.59
CA ALA J 801 7.89 -42.77 -97.12
C ALA J 801 7.78 -41.86 -98.35
N ILE J 802 8.26 -40.63 -98.21
CA ILE J 802 8.28 -39.68 -99.34
C ILE J 802 9.11 -40.27 -100.48
N ALA J 803 10.23 -40.91 -100.15
CA ALA J 803 11.18 -41.39 -101.17
C ALA J 803 10.62 -42.60 -101.93
N LYS J 804 9.81 -43.43 -101.28
CA LYS J 804 9.13 -44.52 -102.00
C LYS J 804 7.98 -43.95 -102.85
N HIS J 805 7.36 -42.85 -102.41
CA HIS J 805 6.36 -42.16 -103.25
C HIS J 805 7.03 -41.42 -104.41
N GLU J 806 8.32 -41.10 -104.31
CA GLU J 806 9.10 -40.66 -105.50
C GLU J 806 9.10 -41.80 -106.53
N SER J 807 9.31 -43.04 -106.08
CA SER J 807 9.24 -44.21 -106.98
C SER J 807 7.83 -44.36 -107.55
N ASN J 808 6.80 -44.21 -106.71
CA ASN J 808 5.40 -44.31 -107.17
C ASN J 808 5.05 -43.12 -108.07
N LYS J 854 4.47 -33.02 -104.98
CA LYS J 854 3.89 -34.30 -105.45
C LYS J 854 3.40 -35.19 -104.31
N VAL J 855 3.73 -34.90 -103.04
CA VAL J 855 3.50 -35.81 -101.91
C VAL J 855 2.06 -35.62 -101.44
N SER J 856 1.47 -36.71 -100.93
CA SER J 856 0.22 -36.65 -100.16
C SER J 856 0.48 -35.81 -98.91
N GLY J 857 -0.06 -34.59 -98.88
CA GLY J 857 -0.10 -33.78 -97.66
C GLY J 857 -0.74 -34.53 -96.51
N ALA J 858 -1.70 -35.41 -96.80
CA ALA J 858 -2.30 -36.28 -95.78
C ALA J 858 -1.22 -37.15 -95.14
N LEU J 859 -0.36 -37.75 -95.95
CA LEU J 859 0.74 -38.57 -95.44
C LEU J 859 1.69 -37.72 -94.60
N TYR J 860 2.03 -36.53 -95.11
CA TYR J 860 2.98 -35.64 -94.44
C TYR J 860 2.44 -35.28 -93.06
N ARG J 861 1.16 -34.93 -93.00
CA ARG J 861 0.48 -34.61 -91.74
C ARG J 861 0.48 -35.82 -90.81
N GLU J 862 0.11 -36.97 -91.35
CA GLU J 862 0.02 -38.23 -90.57
C GLU J 862 1.36 -38.51 -89.88
N ILE J 863 2.47 -38.25 -90.57
CA ILE J 863 3.79 -38.60 -90.02
C ILE J 863 4.24 -37.51 -89.06
N THR J 864 3.93 -36.24 -89.35
CA THR J 864 4.27 -35.15 -88.42
C THR J 864 3.58 -35.36 -87.07
N LEU J 865 2.40 -35.96 -87.06
CA LEU J 865 1.73 -36.29 -85.78
C LEU J 865 2.61 -37.20 -84.94
N LYS J 866 3.09 -38.30 -85.51
CA LYS J 866 3.91 -39.27 -84.76
C LYS J 866 5.22 -38.60 -84.33
N VAL J 867 5.77 -37.78 -85.21
CA VAL J 867 7.02 -37.05 -84.91
C VAL J 867 6.78 -36.15 -83.70
N ALA J 868 5.66 -35.43 -83.68
CA ALA J 868 5.27 -34.60 -82.53
C ALA J 868 5.14 -35.46 -81.26
N GLU J 869 4.53 -36.63 -81.40
CA GLU J 869 4.26 -37.51 -80.25
C GLU J 869 5.57 -37.97 -79.64
N VAL J 870 6.66 -38.01 -80.41
CA VAL J 870 7.99 -38.35 -79.85
C VAL J 870 8.71 -37.09 -79.38
N GLN J 871 8.49 -35.97 -80.07
CA GLN J 871 9.10 -34.69 -79.67
C GLN J 871 8.71 -34.34 -78.24
N LEU J 872 7.46 -34.58 -77.89
CA LEU J 872 7.00 -34.26 -76.52
C LEU J 872 7.76 -35.05 -75.46
N LYS J 873 8.29 -36.22 -75.80
CA LYS J 873 9.09 -37.02 -74.85
C LYS J 873 10.51 -36.50 -74.81
N SER J 874 11.05 -36.13 -75.97
CA SER J 874 12.44 -35.64 -76.05
C SER J 874 12.55 -34.31 -75.31
N ASP J 875 11.51 -33.47 -75.35
CA ASP J 875 11.50 -32.19 -74.62
C ASP J 875 11.54 -32.43 -73.12
N PHE J 876 10.82 -33.43 -72.67
CA PHE J 876 10.84 -33.82 -71.26
C PHE J 876 12.25 -34.21 -70.81
N ALA J 877 12.86 -35.15 -71.51
CA ALA J 877 14.23 -35.59 -71.19
C ALA J 877 15.20 -34.42 -71.25
N ALA J 878 15.05 -33.54 -72.24
CA ALA J 878 15.91 -32.37 -72.37
C ALA J 878 15.79 -31.45 -71.16
N GLN J 879 14.58 -31.17 -70.68
CA GLN J 879 14.48 -30.27 -69.51
C GLN J 879 15.00 -30.95 -68.25
N LYS J 880 14.87 -32.27 -68.16
CA LYS J 880 15.45 -32.99 -67.00
C LYS J 880 16.96 -32.86 -67.02
N LEU J 881 17.55 -32.93 -68.20
CA LEU J 881 19.02 -32.94 -68.32
C LEU J 881 19.56 -31.53 -68.14
N SER J 882 18.85 -30.52 -68.62
CA SER J 882 19.40 -29.17 -68.79
C SER J 882 19.25 -28.32 -67.53
N ASN J 883 18.55 -28.80 -66.50
CA ASN J 883 18.57 -28.17 -65.15
C ASN J 883 19.81 -28.62 -64.37
N LEU J 884 20.00 -29.93 -64.25
CA LEU J 884 21.24 -30.52 -63.70
C LEU J 884 22.45 -30.01 -64.50
N ALA K 30 81.24 3.18 -38.56
CA ALA K 30 80.40 2.82 -39.74
C ALA K 30 79.05 2.22 -39.30
N PRO K 31 79.00 1.12 -38.53
CA PRO K 31 77.71 0.51 -38.14
C PRO K 31 77.06 1.28 -37.00
N ARG K 32 75.90 1.86 -37.26
CA ARG K 32 75.36 2.83 -36.30
C ARG K 32 74.82 2.14 -35.07
N VAL K 33 74.45 0.88 -35.20
CA VAL K 33 73.98 0.10 -34.03
C VAL K 33 74.86 -1.11 -33.82
N ARG K 34 75.40 -1.21 -32.61
CA ARG K 34 76.12 -2.41 -32.19
C ARG K 34 75.30 -3.12 -31.13
N TYR K 35 75.36 -4.44 -31.15
CA TYR K 35 74.75 -5.33 -30.13
C TYR K 35 75.85 -5.87 -29.21
N LEU K 36 75.59 -5.78 -27.94
CA LEU K 36 76.58 -6.02 -26.88
C LEU K 36 76.30 -7.31 -26.16
N ALA K 37 75.06 -7.55 -25.81
CA ALA K 37 74.68 -8.89 -25.38
C ALA K 37 73.19 -9.08 -25.49
N GLY K 38 72.75 -10.29 -25.18
CA GLY K 38 71.34 -10.65 -25.26
C GLY K 38 70.88 -11.28 -23.99
N PHE K 39 69.61 -11.16 -23.72
CA PHE K 39 68.99 -11.59 -22.45
C PHE K 39 67.70 -12.31 -22.73
N CYS K 40 67.12 -12.88 -21.71
CA CYS K 40 65.94 -13.73 -21.85
C CYS K 40 64.70 -12.89 -22.07
N CYS K 41 64.05 -13.07 -23.21
CA CYS K 41 62.77 -12.43 -23.53
C CYS K 41 61.66 -13.44 -23.28
N PRO K 42 60.54 -13.04 -22.66
CA PRO K 42 59.31 -13.81 -22.82
C PRO K 42 58.70 -13.80 -24.22
N LEU K 43 57.49 -14.32 -24.35
CA LEU K 43 56.74 -14.17 -25.61
C LEU K 43 56.19 -12.75 -25.66
N GLY K 44 56.23 -12.17 -26.86
CA GLY K 44 56.15 -10.73 -27.03
C GLY K 44 57.52 -10.15 -26.74
N GLY K 45 57.76 -9.74 -25.52
CA GLY K 45 59.06 -9.20 -25.15
C GLY K 45 59.03 -8.68 -23.75
N LEU K 46 60.03 -7.87 -23.40
CA LEU K 46 60.11 -7.38 -22.02
C LEU K 46 59.00 -6.38 -21.79
N ALA K 47 58.44 -6.44 -20.59
CA ALA K 47 57.47 -5.46 -20.13
C ALA K 47 58.25 -4.19 -19.82
N ALA K 48 57.51 -3.09 -19.70
CA ALA K 48 58.07 -1.76 -19.49
C ALA K 48 57.74 -1.21 -18.11
N GLY K 49 58.39 -0.09 -17.83
CA GLY K 49 58.54 0.46 -16.49
C GLY K 49 59.85 0.00 -15.92
N LYS K 50 60.01 -1.29 -15.78
CA LYS K 50 61.02 -1.79 -14.83
C LYS K 50 62.43 -1.84 -15.34
N PRO K 51 62.66 -2.16 -16.63
CA PRO K 51 64.03 -2.31 -17.11
C PRO K 51 64.78 -1.01 -17.12
N ARG K 52 66.05 -1.08 -16.75
CA ARG K 52 66.84 0.13 -16.52
C ARG K 52 68.25 -0.06 -17.01
N VAL K 53 68.77 0.96 -17.66
CA VAL K 53 70.14 1.00 -18.14
C VAL K 53 70.79 2.22 -17.52
N LEU K 54 72.00 2.03 -17.04
CA LEU K 54 72.80 3.13 -16.51
C LEU K 54 74.17 3.05 -17.09
N CYS K 55 74.85 4.19 -17.14
CA CYS K 55 76.25 4.25 -17.60
C CYS K 55 77.02 5.20 -16.68
N HIS K 56 78.20 4.78 -16.23
CA HIS K 56 79.05 5.62 -15.38
C HIS K 56 80.12 6.32 -16.22
N GLU K 57 81.14 5.58 -16.67
CA GLU K 57 82.08 6.09 -17.69
C GLU K 57 82.09 5.11 -18.86
N ALA K 58 82.50 3.88 -18.59
CA ALA K 58 82.62 2.80 -19.58
C ALA K 58 81.98 1.51 -19.10
N GLU K 59 81.47 1.48 -17.87
CA GLU K 59 80.64 0.36 -17.39
C GLU K 59 79.21 0.70 -17.73
N VAL K 60 78.41 -0.34 -17.89
CA VAL K 60 76.95 -0.17 -18.08
C VAL K 60 76.26 -1.17 -17.17
N PHE K 61 75.33 -0.67 -16.37
CA PHE K 61 74.59 -1.43 -15.37
C PHE K 61 73.15 -1.55 -15.83
N LEU K 62 72.61 -2.74 -15.72
CA LEU K 62 71.42 -3.10 -16.47
C LEU K 62 70.52 -4.00 -15.63
N SER K 63 69.26 -3.69 -15.61
CA SER K 63 68.23 -4.59 -15.10
C SER K 63 67.20 -4.81 -16.17
N THR K 64 66.65 -6.00 -16.23
CA THR K 64 65.59 -6.34 -17.19
C THR K 64 64.28 -6.69 -16.49
N GLY K 65 64.14 -6.29 -15.23
CA GLY K 65 62.91 -6.57 -14.50
C GLY K 65 62.87 -7.99 -13.98
N SER K 66 64.03 -8.48 -13.60
CA SER K 66 64.21 -9.86 -13.11
C SER K 66 65.02 -9.76 -11.84
N GLU K 67 65.49 -10.91 -11.38
CA GLU K 67 66.20 -10.99 -10.10
C GLU K 67 67.67 -10.64 -10.30
N LEU K 68 68.08 -10.18 -11.46
CA LEU K 68 69.48 -10.01 -11.81
C LEU K 68 69.80 -8.58 -12.21
N VAL K 69 71.05 -8.21 -12.00
CA VAL K 69 71.55 -6.90 -12.42
C VAL K 69 72.92 -7.12 -12.96
N TYR K 70 73.18 -6.62 -14.15
CA TYR K 70 74.38 -7.02 -14.88
C TYR K 70 75.24 -5.82 -15.12
N VAL K 71 76.53 -6.08 -15.28
CA VAL K 71 77.52 -5.02 -15.47
C VAL K 71 78.33 -5.39 -16.69
N TYR K 72 78.35 -4.50 -17.68
CA TYR K 72 79.04 -4.73 -18.96
C TYR K 72 80.11 -3.67 -19.09
N ASP K 73 81.36 -4.12 -19.28
CA ASP K 73 82.44 -3.23 -19.71
C ASP K 73 82.23 -2.93 -21.18
N GLN K 74 82.10 -1.65 -21.52
CA GLN K 74 81.54 -1.24 -22.81
C GLN K 74 82.60 -1.25 -23.92
N GLU K 75 83.88 -1.37 -23.57
CA GLU K 75 84.97 -1.49 -24.57
C GLU K 75 84.75 -2.77 -25.39
N GLY K 76 84.94 -3.93 -24.76
CA GLY K 76 84.46 -5.22 -25.26
C GLY K 76 83.27 -5.64 -24.44
N GLY K 77 82.06 -5.65 -25.02
CA GLY K 77 80.79 -5.77 -24.28
C GLY K 77 80.60 -7.13 -23.61
N LEU K 78 81.60 -7.60 -22.83
CA LEU K 78 81.50 -8.78 -21.96
C LEU K 78 80.98 -8.33 -20.59
N LEU K 79 80.29 -9.25 -19.91
CA LEU K 79 79.80 -8.98 -18.57
C LEU K 79 80.99 -9.18 -17.63
N THR K 80 81.31 -8.14 -16.88
CA THR K 80 82.24 -8.23 -15.76
C THR K 80 81.54 -9.07 -14.69
N ALA K 81 80.34 -8.65 -14.28
CA ALA K 81 79.70 -9.24 -13.10
C ALA K 81 78.20 -9.17 -13.15
N ALA K 82 77.59 -10.14 -12.45
CA ALA K 82 76.14 -10.24 -12.29
C ALA K 82 75.78 -10.42 -10.84
N PHE K 83 74.64 -9.87 -10.45
CA PHE K 83 74.24 -9.79 -9.05
C PHE K 83 72.83 -10.33 -8.96
N ARG K 84 72.69 -11.50 -8.34
CA ARG K 84 71.39 -12.10 -8.05
C ARG K 84 70.85 -11.45 -6.81
N PHE K 85 69.80 -10.71 -6.97
CA PHE K 85 68.96 -10.20 -5.89
C PHE K 85 67.87 -11.24 -5.73
N PRO K 86 67.08 -11.18 -4.66
CA PRO K 86 65.72 -11.74 -4.69
C PRO K 86 64.71 -10.77 -5.32
N ASP K 87 63.69 -11.36 -5.92
CA ASP K 87 62.42 -10.68 -6.23
C ASP K 87 62.68 -9.41 -7.03
N GLN K 88 62.93 -9.52 -8.33
CA GLN K 88 62.55 -8.44 -9.28
C GLN K 88 63.11 -7.10 -8.83
N VAL K 89 64.32 -6.80 -9.29
CA VAL K 89 64.88 -5.44 -9.17
C VAL K 89 64.00 -4.45 -9.93
N TRP K 90 63.51 -3.43 -9.25
CA TRP K 90 62.53 -2.50 -9.80
C TRP K 90 63.09 -1.12 -10.08
N HIS K 91 64.30 -0.83 -9.66
CA HIS K 91 64.91 0.47 -9.91
C HIS K 91 66.35 0.42 -9.50
N LEU K 92 67.15 1.23 -10.13
CA LEU K 92 68.58 1.32 -9.79
C LEU K 92 68.98 2.77 -9.76
N GLU K 93 70.01 3.04 -8.99
CA GLU K 93 70.66 4.36 -9.00
C GLU K 93 72.08 4.12 -8.58
N LEU K 94 72.90 5.13 -8.73
CA LEU K 94 74.34 4.97 -8.65
C LEU K 94 74.99 6.18 -8.01
N LEU K 95 76.02 5.96 -7.21
CA LEU K 95 76.92 7.03 -6.76
C LEU K 95 78.32 6.75 -7.28
N ALA K 96 78.79 7.62 -8.16
CA ALA K 96 80.16 7.56 -8.70
C ALA K 96 81.21 7.85 -7.62
N PRO K 97 81.10 8.91 -6.80
CA PRO K 97 82.18 9.22 -5.87
C PRO K 97 82.36 8.13 -4.81
N ARG K 98 81.26 7.66 -4.25
CA ARG K 98 81.30 6.62 -3.20
C ARG K 98 81.49 5.25 -3.83
N ARG K 99 81.33 5.13 -5.14
CA ARG K 99 81.47 3.86 -5.87
C ARG K 99 80.46 2.86 -5.30
N LEU K 100 79.22 3.30 -5.16
CA LEU K 100 78.12 2.45 -4.71
C LEU K 100 76.97 2.42 -5.71
N LEU K 101 76.11 1.43 -5.54
CA LEU K 101 75.00 1.14 -6.43
C LEU K 101 73.81 0.74 -5.59
N TYR K 102 72.78 1.55 -5.60
CA TYR K 102 71.58 1.28 -4.81
C TYR K 102 70.58 0.63 -5.73
N ALA K 103 69.85 -0.31 -5.19
CA ALA K 103 68.85 -1.08 -5.94
C ALA K 103 67.65 -1.32 -5.08
N LEU K 104 66.54 -1.54 -5.70
CA LEU K 104 65.28 -1.75 -4.99
C LEU K 104 64.68 -3.08 -5.38
N CYS K 105 64.80 -4.06 -4.50
CA CYS K 105 63.98 -5.27 -4.61
C CYS K 105 62.54 -4.99 -4.29
N ALA K 106 61.67 -5.84 -4.79
CA ALA K 106 60.27 -5.45 -4.98
C ALA K 106 59.56 -5.45 -3.62
N ARG K 107 59.43 -6.61 -3.01
CA ARG K 107 58.67 -6.70 -1.77
C ARG K 107 59.61 -6.63 -0.59
N ARG K 108 60.88 -6.92 -0.78
CA ARG K 108 61.95 -6.52 0.15
C ARG K 108 62.32 -5.08 -0.13
N GLY K 109 63.42 -4.58 0.41
CA GLY K 109 63.58 -3.13 0.56
C GLY K 109 64.48 -2.45 -0.42
N LEU K 110 65.74 -2.24 -0.04
CA LEU K 110 66.63 -1.33 -0.74
C LEU K 110 68.05 -1.67 -0.39
N TYR K 111 68.83 -2.12 -1.35
CA TYR K 111 70.18 -2.66 -1.14
C TYR K 111 71.19 -1.63 -1.57
N CYS K 112 72.41 -1.77 -1.07
CA CYS K 112 73.54 -0.96 -1.54
C CYS K 112 74.71 -1.90 -1.79
N LEU K 113 75.47 -1.65 -2.85
CA LEU K 113 76.58 -2.55 -3.23
C LEU K 113 77.79 -1.72 -3.61
N SER K 114 78.91 -2.02 -2.97
CA SER K 114 80.20 -1.43 -3.34
C SER K 114 80.67 -2.09 -4.63
N LEU K 115 81.03 -1.30 -5.63
CA LEU K 115 81.39 -1.88 -6.94
C LEU K 115 82.75 -2.58 -6.87
N ASP K 116 83.58 -2.26 -5.88
CA ASP K 116 84.84 -3.00 -5.64
C ASP K 116 84.51 -4.46 -5.33
N HIS K 117 83.67 -4.67 -4.31
CA HIS K 117 83.05 -5.97 -3.94
C HIS K 117 84.13 -7.04 -3.70
N PRO K 118 84.78 -7.08 -2.52
CA PRO K 118 86.07 -7.76 -2.33
C PRO K 118 86.12 -9.24 -2.73
N SER K 138 82.41 -18.28 -10.61
CA SER K 138 81.44 -17.83 -11.64
C SER K 138 81.30 -16.32 -11.59
N PRO K 139 80.91 -15.65 -12.69
CA PRO K 139 80.64 -14.21 -12.64
C PRO K 139 79.32 -13.83 -11.96
N VAL K 140 78.54 -14.82 -11.51
CA VAL K 140 77.28 -14.54 -10.77
C VAL K 140 77.60 -14.45 -9.28
N ILE K 141 76.93 -13.53 -8.60
CA ILE K 141 77.22 -13.20 -7.18
C ILE K 141 75.88 -13.01 -6.49
N PRO K 142 75.51 -13.82 -5.48
CA PRO K 142 74.25 -13.58 -4.80
C PRO K 142 74.47 -12.50 -3.75
N VAL K 143 73.44 -11.69 -3.57
CA VAL K 143 73.50 -10.53 -2.67
C VAL K 143 73.16 -11.03 -1.28
N ASP K 144 73.99 -10.66 -0.31
CA ASP K 144 73.83 -11.03 1.11
C ASP K 144 72.90 -10.04 1.78
N PRO K 145 71.99 -10.41 2.71
CA PRO K 145 71.06 -9.45 3.30
C PRO K 145 71.69 -8.39 4.22
N ASP K 146 72.99 -8.50 4.51
CA ASP K 146 73.75 -7.42 5.18
C ASP K 146 73.65 -6.11 4.40
N ALA K 147 73.56 -6.18 3.08
CA ALA K 147 73.53 -5.01 2.18
C ALA K 147 72.19 -4.29 2.21
N CYS K 148 71.12 -4.94 2.67
CA CYS K 148 69.82 -4.26 2.80
C CYS K 148 69.92 -3.11 3.81
N ILE K 149 69.37 -1.96 3.43
CA ILE K 149 69.31 -0.76 4.27
C ILE K 149 67.87 -0.26 4.14
N LEU K 150 67.33 0.19 5.21
CA LEU K 150 65.88 0.40 5.31
C LEU K 150 65.17 -0.71 4.51
N PRO K 151 65.02 -1.88 5.13
CA PRO K 151 64.11 -2.90 4.59
C PRO K 151 62.63 -2.58 4.78
N ASP K 152 62.11 -1.58 4.07
CA ASP K 152 60.72 -1.12 4.33
C ASP K 152 59.74 -2.12 3.76
N ALA K 153 60.18 -2.94 2.82
CA ALA K 153 59.36 -4.04 2.28
C ALA K 153 58.01 -3.54 1.73
N ALA K 154 57.85 -2.25 1.56
CA ALA K 154 56.69 -1.67 0.89
C ALA K 154 57.07 -0.49 -0.01
N LEU K 155 58.38 -0.20 -0.16
CA LEU K 155 58.77 1.00 -0.91
C LEU K 155 58.77 0.69 -2.39
N CYS K 156 58.07 1.55 -3.13
CA CYS K 156 57.82 1.41 -4.55
C CYS K 156 58.76 2.29 -5.35
N ALA K 157 59.34 3.32 -4.77
CA ALA K 157 60.23 4.17 -5.56
C ALA K 157 61.27 4.86 -4.75
N PHE K 158 62.30 5.37 -5.35
CA PHE K 158 63.32 6.11 -4.58
C PHE K 158 64.21 6.95 -5.44
N THR K 159 64.92 7.88 -4.84
CA THR K 159 65.92 8.70 -5.55
C THR K 159 67.03 9.13 -4.59
N LEU K 160 67.96 9.92 -5.05
CA LEU K 160 69.13 10.31 -4.28
C LEU K 160 69.60 11.72 -4.62
N LEU K 161 69.95 12.45 -3.59
CA LEU K 161 70.62 13.76 -3.68
C LEU K 161 71.89 13.67 -2.84
N ASP K 162 72.56 14.79 -2.68
CA ASP K 162 73.99 14.82 -2.31
C ASP K 162 74.23 13.99 -1.04
N SER K 163 73.62 14.40 0.06
CA SER K 163 73.81 13.79 1.39
C SER K 163 72.48 13.24 1.90
N VAL K 164 71.52 13.05 1.01
CA VAL K 164 70.12 12.81 1.37
C VAL K 164 69.54 11.75 0.44
N LEU K 165 68.55 11.02 0.95
CA LEU K 165 67.85 9.95 0.23
C LEU K 165 66.38 10.23 0.33
N VAL K 166 65.63 9.81 -0.65
CA VAL K 166 64.19 10.10 -0.67
C VAL K 166 63.53 8.87 -1.15
N THR K 167 62.55 8.40 -0.45
CA THR K 167 61.84 7.19 -0.82
C THR K 167 60.39 7.52 -0.98
N LEU K 168 59.62 6.52 -1.31
CA LEU K 168 58.21 6.70 -1.55
C LEU K 168 57.61 5.33 -1.45
N VAL K 169 56.72 5.21 -0.51
CA VAL K 169 56.36 3.91 0.05
C VAL K 169 54.84 3.80 0.06
N GLN K 170 54.41 2.63 -0.38
CA GLN K 170 53.00 2.30 -0.57
C GLN K 170 52.46 1.86 0.76
N GLY K 171 51.17 2.04 0.94
CA GLY K 171 50.49 1.43 2.06
C GLY K 171 49.08 1.05 1.66
N PRO K 172 48.15 1.11 2.62
CA PRO K 172 46.76 1.40 2.28
C PRO K 172 46.63 2.82 1.72
N ALA K 173 45.39 3.19 1.40
CA ALA K 173 45.00 4.25 0.43
C ALA K 173 46.00 5.39 0.30
N ARG K 174 46.52 5.92 1.42
CA ARG K 174 47.46 7.06 1.37
C ARG K 174 48.90 6.56 1.27
N TRP K 175 49.55 6.89 0.16
CA TRP K 175 50.99 6.66 -0.06
C TRP K 175 51.80 7.76 0.56
N LYS K 176 53.06 7.48 0.89
CA LYS K 176 53.80 8.39 1.79
C LYS K 176 55.25 8.53 1.40
N MET K 177 55.68 9.77 1.25
CA MET K 177 57.06 10.13 0.94
C MET K 177 57.81 10.23 2.22
N GLN K 178 59.06 9.81 2.22
CA GLN K 178 59.94 9.89 3.38
C GLN K 178 61.24 10.50 2.98
N LEU K 179 62.10 10.74 3.93
CA LEU K 179 63.34 11.45 3.64
C LEU K 179 64.29 11.05 4.71
N PHE K 180 65.43 10.56 4.29
CA PHE K 180 66.41 9.97 5.18
C PHE K 180 67.72 10.69 4.99
N GLU K 181 68.52 10.64 6.04
CA GLU K 181 69.94 10.99 5.93
C GLU K 181 70.63 9.97 5.03
N GLN K 182 71.88 10.23 4.73
CA GLN K 182 72.72 9.30 3.99
C GLN K 182 74.14 9.70 4.35
N PRO K 183 74.90 8.87 5.11
CA PRO K 183 76.10 9.37 5.80
C PRO K 183 77.16 9.92 4.84
N CYS K 184 77.42 11.23 4.94
CA CYS K 184 78.46 11.94 4.17
C CYS K 184 79.82 11.23 4.25
N PRO K 185 80.35 10.87 5.43
CA PRO K 185 81.67 10.24 5.48
C PRO K 185 81.59 8.79 5.00
N GLY K 186 82.64 8.38 4.29
CA GLY K 186 82.78 6.97 3.93
C GLY K 186 82.84 6.09 5.14
N GLU K 187 81.74 5.39 5.41
CA GLU K 187 81.59 4.57 6.62
C GLU K 187 80.94 3.24 6.20
N ASP K 188 80.45 2.48 7.18
CA ASP K 188 79.50 1.39 6.91
C ASP K 188 78.29 2.01 6.19
N PRO K 189 77.92 1.58 4.95
CA PRO K 189 76.81 2.21 4.25
C PRO K 189 75.46 2.03 4.97
N ARG K 190 75.02 3.10 5.61
CA ARG K 190 73.83 3.13 6.50
C ARG K 190 72.79 4.05 5.87
N PRO K 191 71.50 3.91 6.24
CA PRO K 191 70.52 4.92 5.89
C PRO K 191 70.72 6.15 6.77
N GLY K 192 70.71 5.95 8.10
CA GLY K 192 70.43 7.01 9.08
C GLY K 192 68.96 7.02 9.45
N GLY K 193 68.58 8.04 10.22
CA GLY K 193 67.23 8.18 10.78
C GLY K 193 66.40 9.14 9.96
N GLN K 194 65.10 8.89 9.88
CA GLN K 194 64.30 9.65 8.91
C GLN K 194 64.15 11.05 9.42
N ILE K 195 64.69 11.95 8.62
CA ILE K 195 64.46 13.38 8.71
C ILE K 195 62.98 13.72 8.65
N GLY K 196 62.21 13.09 7.78
CA GLY K 196 60.85 13.58 7.56
C GLY K 196 59.99 12.57 6.84
N GLU K 197 58.70 12.70 6.98
CA GLU K 197 57.72 11.92 6.21
C GLU K 197 56.66 12.88 5.78
N VAL K 198 55.76 12.45 4.95
CA VAL K 198 54.59 13.22 4.51
C VAL K 198 53.58 12.14 4.15
N GLU K 199 52.39 12.52 3.75
CA GLU K 199 51.42 11.59 3.16
C GLU K 199 50.83 12.28 1.95
N LEU K 200 51.03 11.68 0.79
CA LEU K 200 50.42 12.24 -0.44
C LEU K 200 48.92 11.93 -0.41
N SER K 201 48.18 12.74 0.36
CA SER K 201 46.74 12.58 0.56
C SER K 201 45.97 12.63 -0.76
N SER K 202 46.51 13.29 -1.79
CA SER K 202 45.86 13.43 -3.10
C SER K 202 45.73 12.10 -3.83
N TYR K 203 46.56 11.11 -3.50
CA TYR K 203 46.59 9.82 -4.19
C TYR K 203 45.86 8.76 -3.38
N THR K 204 44.77 8.21 -3.95
CA THR K 204 43.93 7.16 -3.36
C THR K 204 43.74 6.04 -4.38
N PRO K 205 44.57 4.98 -4.39
CA PRO K 205 44.40 3.89 -5.37
C PRO K 205 43.27 2.90 -5.02
N HIS K 217 51.93 -2.24 -11.23
CA HIS K 217 51.89 -2.21 -12.72
C HIS K 217 52.65 -1.01 -13.27
N PHE K 218 52.20 0.19 -12.90
CA PHE K 218 52.89 1.46 -13.17
C PHE K 218 53.49 1.93 -11.87
N LEU K 219 54.80 1.91 -11.76
CA LEU K 219 55.42 2.53 -10.57
C LEU K 219 55.38 4.03 -10.70
N PRO K 220 55.40 4.79 -9.59
CA PRO K 220 55.69 6.21 -9.65
C PRO K 220 57.14 6.47 -10.00
N VAL K 221 57.39 7.73 -10.30
CA VAL K 221 58.74 8.21 -10.67
C VAL K 221 59.00 9.43 -9.81
N LEU K 222 60.27 9.59 -9.45
CA LEU K 222 60.75 10.76 -8.73
C LEU K 222 61.85 11.42 -9.53
N CYS K 223 61.94 12.72 -9.40
CA CYS K 223 62.98 13.50 -10.06
C CYS K 223 63.34 14.64 -9.11
N SER K 224 64.62 14.85 -8.97
CA SER K 224 65.13 15.95 -8.16
C SER K 224 65.43 17.11 -9.09
N VAL K 225 65.17 18.29 -8.58
CA VAL K 225 65.32 19.55 -9.29
C VAL K 225 65.94 20.54 -8.34
N SER K 226 67.15 20.92 -8.58
CA SER K 226 67.86 21.91 -7.76
C SER K 226 67.94 23.17 -8.54
N PRO K 227 68.10 24.34 -7.90
CA PRO K 227 68.38 25.56 -8.62
C PRO K 227 69.89 25.81 -8.71
N SER K 228 70.23 26.84 -9.50
CA SER K 228 71.60 27.34 -9.59
C SER K 228 72.06 27.89 -8.22
N GLY K 229 73.27 27.52 -7.80
CA GLY K 229 73.89 27.96 -6.55
C GLY K 229 74.04 26.85 -5.53
N SER K 230 73.02 25.99 -5.40
CA SER K 230 73.08 24.78 -4.56
C SER K 230 73.76 23.64 -5.34
N SER K 240 74.91 14.76 -7.26
CA SER K 240 73.46 14.99 -7.48
C SER K 240 73.04 14.48 -8.86
N GLY K 241 72.22 13.43 -8.91
CA GLY K 241 71.81 12.77 -10.16
C GLY K 241 70.61 13.41 -10.85
N GLY K 242 70.11 14.56 -10.35
CA GLY K 242 68.91 15.23 -10.86
C GLY K 242 69.21 16.28 -11.92
N PHE K 243 68.39 17.32 -11.95
CA PHE K 243 68.45 18.45 -12.88
C PHE K 243 68.63 19.77 -12.14
N THR K 244 69.49 20.65 -12.64
CA THR K 244 69.63 22.05 -12.19
C THR K 244 68.84 22.91 -13.12
N LEU K 245 67.82 23.56 -12.63
CA LEU K 245 67.02 24.44 -13.49
C LEU K 245 67.60 25.84 -13.50
N GLU K 246 66.94 26.72 -14.25
CA GLU K 246 67.21 28.17 -14.22
C GLU K 246 66.31 28.90 -13.23
N ASP K 247 66.78 30.06 -12.78
CA ASP K 247 66.18 30.76 -11.65
C ASP K 247 64.76 31.20 -11.99
N ALA K 248 64.55 31.63 -13.24
CA ALA K 248 63.22 32.08 -13.68
C ALA K 248 62.20 30.97 -13.55
N LEU K 249 62.49 29.80 -14.14
CA LEU K 249 61.56 28.66 -14.09
C LEU K 249 61.43 28.12 -12.67
N PHE K 250 62.53 28.04 -11.94
CA PHE K 250 62.50 27.56 -10.57
C PHE K 250 61.56 28.43 -9.72
N GLY K 251 61.71 29.76 -9.83
CA GLY K 251 60.87 30.68 -9.07
C GLY K 251 59.45 30.66 -9.58
N LEU K 252 59.27 30.41 -10.87
CA LEU K 252 57.92 30.37 -11.42
C LEU K 252 57.17 29.17 -10.88
N LEU K 253 57.81 28.03 -10.81
CA LEU K 253 57.09 26.82 -10.43
C LEU K 253 57.01 26.62 -8.93
N PHE K 254 58.13 26.78 -8.21
CA PHE K 254 58.26 26.42 -6.78
C PHE K 254 58.13 27.62 -5.82
N GLY K 255 58.31 28.85 -6.27
CA GLY K 255 58.17 30.04 -5.42
C GLY K 255 59.45 30.58 -4.78
N ALA K 256 59.20 31.54 -3.86
CA ALA K 256 60.21 32.36 -3.18
C ALA K 256 60.89 31.63 -2.04
N ASP K 257 60.15 30.83 -1.29
CA ASP K 257 60.72 30.01 -0.20
C ASP K 257 61.82 29.13 -0.74
N ALA K 258 61.53 28.35 -1.77
CA ALA K 258 62.54 27.50 -2.39
C ALA K 258 63.66 28.34 -2.98
N THR K 259 63.34 29.46 -3.58
CA THR K 259 64.37 30.27 -4.23
C THR K 259 65.34 30.87 -3.22
N LEU K 260 64.85 31.20 -2.03
CA LEU K 260 65.69 31.84 -1.00
C LEU K 260 66.44 30.79 -0.23
N LEU K 261 65.79 29.70 0.13
CA LEU K 261 66.48 28.61 0.84
C LEU K 261 67.44 27.86 -0.08
N GLN K 262 67.38 28.06 -1.39
CA GLN K 262 68.19 27.33 -2.36
C GLN K 262 67.94 25.83 -2.16
N SER K 263 66.69 25.48 -2.06
CA SER K 263 66.22 24.15 -1.64
C SER K 263 66.04 23.27 -2.85
N PRO K 264 66.56 22.04 -2.87
CA PRO K 264 66.14 21.11 -3.90
C PRO K 264 64.66 20.79 -3.75
N VAL K 265 64.08 20.35 -4.82
CA VAL K 265 62.67 19.98 -4.87
C VAL K 265 62.54 18.58 -5.42
N VAL K 266 61.46 17.91 -5.05
CA VAL K 266 61.21 16.55 -5.48
C VAL K 266 59.89 16.49 -6.17
N LEU K 267 59.94 16.03 -7.44
CA LEU K 267 58.76 15.84 -8.29
C LEU K 267 58.44 14.36 -8.33
N CYS K 268 57.26 13.99 -7.86
CA CYS K 268 56.76 12.62 -7.89
C CYS K 268 55.63 12.63 -8.93
N GLY K 269 55.81 11.88 -10.02
CA GLY K 269 54.71 11.56 -10.94
C GLY K 269 54.11 10.22 -10.63
N LEU K 270 52.78 10.17 -10.47
CA LEU K 270 52.06 8.99 -9.97
C LEU K 270 51.18 8.36 -11.06
N PRO K 271 50.77 7.09 -10.90
CA PRO K 271 49.91 6.47 -11.90
C PRO K 271 48.56 7.12 -12.17
N ASP K 272 48.03 7.91 -11.23
CA ASP K 272 46.85 8.75 -11.50
C ASP K 272 47.16 9.70 -12.65
N GLY K 273 48.42 10.12 -12.75
CA GLY K 273 48.87 11.14 -13.68
C GLY K 273 49.15 12.47 -13.03
N GLN K 274 48.98 12.59 -11.72
CA GLN K 274 49.32 13.84 -11.05
C GLN K 274 50.83 13.89 -10.81
N LEU K 275 51.32 15.10 -10.82
CA LEU K 275 52.74 15.42 -10.84
C LEU K 275 52.93 16.44 -9.71
N CYS K 276 53.43 15.98 -8.58
CA CYS K 276 53.39 16.72 -7.30
C CYS K 276 54.81 17.14 -6.99
N CYS K 277 54.95 18.34 -6.41
CA CYS K 277 56.26 18.88 -5.99
C CYS K 277 56.30 18.95 -4.46
N VAL K 278 57.48 18.68 -3.93
CA VAL K 278 57.78 18.72 -2.49
C VAL K 278 59.08 19.46 -2.32
N ILE K 279 59.11 20.46 -1.47
CA ILE K 279 60.38 21.11 -1.12
C ILE K 279 61.02 20.36 0.03
N LEU K 280 62.32 20.10 -0.02
CA LEU K 280 62.90 19.21 1.01
C LEU K 280 63.11 19.91 2.35
N LYS K 281 63.70 21.10 2.31
CA LYS K 281 63.97 21.84 3.54
C LYS K 281 62.71 21.89 4.36
N ALA K 282 61.57 22.07 3.73
CA ALA K 282 60.28 22.11 4.44
C ALA K 282 59.91 20.77 5.07
N LEU K 283 60.52 19.70 4.63
CA LEU K 283 60.15 18.34 5.06
C LEU K 283 61.12 17.87 6.13
N VAL K 284 60.89 18.46 7.31
CA VAL K 284 61.58 18.03 8.53
C VAL K 284 60.50 17.89 9.53
N THR K 285 60.40 16.71 10.13
CA THR K 285 59.24 16.32 10.94
C THR K 285 59.72 15.40 12.05
N SER K 286 58.81 15.15 12.99
CA SER K 286 59.05 14.28 14.15
C SER K 286 57.71 13.85 14.71
N ARG K 287 57.74 13.08 15.78
CA ARG K 287 56.51 12.63 16.43
C ARG K 287 55.83 13.79 17.15
N SER K 288 56.56 14.86 17.50
CA SER K 288 56.00 16.08 18.09
C SER K 288 55.61 17.13 17.04
N ALA K 289 55.98 16.93 15.78
CA ALA K 289 55.85 17.89 14.68
C ALA K 289 55.51 17.12 13.41
N PRO K 290 54.26 16.65 13.24
CA PRO K 290 53.93 15.84 12.08
C PRO K 290 53.79 16.73 10.85
N GLY K 291 54.16 16.18 9.68
CA GLY K 291 54.13 16.90 8.41
C GLY K 291 52.69 17.16 7.99
N ASP K 292 52.37 18.37 7.57
CA ASP K 292 51.03 18.71 7.06
C ASP K 292 51.05 18.53 5.56
N PRO K 293 50.26 17.59 4.97
CA PRO K 293 50.36 17.37 3.53
C PRO K 293 49.89 18.56 2.69
N ASN K 294 48.73 19.13 2.99
CA ASN K 294 48.11 20.20 2.18
C ASN K 294 49.02 21.42 2.13
N ALA K 295 49.86 21.61 3.14
CA ALA K 295 50.89 22.67 3.12
C ALA K 295 52.11 22.23 2.32
N LEU K 296 52.56 21.03 2.53
CA LEU K 296 53.91 20.61 2.19
C LEU K 296 54.01 19.97 0.80
N VAL K 297 52.98 19.28 0.34
CA VAL K 297 52.97 18.66 -1.00
C VAL K 297 52.00 19.42 -1.86
N LYS K 298 52.44 19.79 -3.05
CA LYS K 298 51.66 20.64 -3.97
C LYS K 298 51.75 20.04 -5.35
N ILE K 299 50.82 20.46 -6.19
CA ILE K 299 50.44 19.68 -7.39
C ILE K 299 50.56 20.59 -8.60
N LEU K 300 51.57 20.35 -9.43
CA LEU K 300 51.80 21.14 -10.65
C LEU K 300 50.68 20.97 -11.66
N HIS K 301 50.49 19.76 -12.11
CA HIS K 301 49.68 19.46 -13.28
C HIS K 301 49.10 18.07 -13.15
N HIS K 302 47.90 17.89 -13.67
CA HIS K 302 47.19 16.61 -13.64
C HIS K 302 47.09 16.17 -15.08
N LEU K 303 48.08 15.41 -15.54
CA LEU K 303 47.92 14.52 -16.69
C LEU K 303 46.81 13.54 -16.38
N GLU K 304 46.01 13.17 -17.36
CA GLU K 304 44.90 12.27 -17.08
C GLU K 304 45.44 10.86 -16.86
N GLU K 305 46.62 10.57 -17.40
CA GLU K 305 47.13 9.20 -17.62
C GLU K 305 48.45 9.03 -16.91
N PRO K 306 48.96 7.79 -16.73
CA PRO K 306 50.16 7.54 -15.93
C PRO K 306 51.40 8.21 -16.43
N VAL K 307 52.45 8.22 -15.61
CA VAL K 307 53.64 9.04 -15.90
C VAL K 307 54.79 8.09 -16.11
N ILE K 308 55.64 8.39 -17.05
CA ILE K 308 56.68 7.49 -17.55
C ILE K 308 58.04 8.11 -17.24
N PHE K 309 58.11 9.44 -17.39
CA PHE K 309 59.34 10.20 -17.53
C PHE K 309 59.08 11.58 -16.97
N ILE K 310 60.05 12.11 -16.24
CA ILE K 310 60.12 13.57 -16.02
C ILE K 310 61.54 13.94 -16.33
N GLY K 311 61.70 15.12 -16.90
CA GLY K 311 63.02 15.59 -17.28
C GLY K 311 63.06 17.08 -17.44
N ALA K 312 64.20 17.53 -17.92
CA ALA K 312 64.40 18.94 -18.20
C ALA K 312 65.43 19.10 -19.30
N LEU K 313 65.24 20.15 -20.08
CA LEU K 313 66.01 20.36 -21.30
C LEU K 313 66.56 21.78 -21.34
N LYS K 314 67.74 21.90 -21.93
CA LYS K 314 68.30 23.20 -22.31
C LYS K 314 67.88 23.45 -23.74
N THR K 315 66.63 23.86 -23.90
CA THR K 315 66.22 24.56 -25.14
C THR K 315 66.97 25.90 -25.20
N GLU K 316 67.04 26.52 -26.37
CA GLU K 316 67.91 27.69 -26.61
C GLU K 316 69.36 27.36 -26.23
N PRO K 317 69.97 26.23 -26.69
CA PRO K 317 71.36 25.89 -26.36
C PRO K 317 72.34 26.73 -27.21
N GLN K 318 72.24 28.05 -27.08
CA GLN K 318 72.68 29.00 -28.11
C GLN K 318 73.76 29.92 -27.53
N GLU K 330 78.98 19.42 -18.03
CA GLU K 330 77.90 18.49 -17.61
C GLU K 330 76.72 19.25 -17.00
N ASP K 331 77.00 20.20 -16.10
CA ASP K 331 75.97 20.94 -15.35
C ASP K 331 75.29 21.97 -16.27
N VAL K 332 74.21 21.55 -16.92
CA VAL K 332 73.43 22.41 -17.84
C VAL K 332 72.28 23.00 -17.06
N HIS K 333 72.04 24.29 -17.23
CA HIS K 333 70.98 25.01 -16.51
C HIS K 333 69.74 25.00 -17.39
N CYS K 334 68.91 24.00 -17.19
CA CYS K 334 67.73 23.72 -18.01
C CYS K 334 66.73 24.86 -17.96
N ASP K 335 65.86 24.92 -18.93
CA ASP K 335 64.88 25.98 -19.17
C ASP K 335 63.50 25.39 -19.33
N CYS K 336 63.38 24.08 -19.55
CA CYS K 336 62.13 23.41 -19.89
C CYS K 336 61.96 22.27 -18.90
N LEU K 337 60.72 21.95 -18.59
CA LEU K 337 60.35 20.81 -17.76
C LEU K 337 59.45 19.90 -18.57
N VAL K 338 59.86 18.66 -18.75
CA VAL K 338 59.18 17.69 -19.62
C VAL K 338 58.57 16.58 -18.79
N ALA K 339 57.37 16.17 -19.14
CA ALA K 339 56.74 14.95 -18.62
C ALA K 339 56.09 14.17 -19.76
N PHE K 340 55.75 12.94 -19.47
CA PHE K 340 55.32 12.00 -20.51
C PHE K 340 54.35 10.99 -19.93
N GLY K 341 53.27 10.81 -20.66
CA GLY K 341 52.26 9.81 -20.33
C GLY K 341 52.52 8.51 -21.04
N HIS K 342 51.88 7.48 -20.53
CA HIS K 342 51.90 6.15 -21.18
C HIS K 342 51.35 6.29 -22.59
N HIS K 343 50.18 6.93 -22.72
CA HIS K 343 49.45 7.03 -23.98
C HIS K 343 49.97 8.13 -24.90
N GLY K 344 50.90 8.96 -24.48
CA GLY K 344 51.55 9.93 -25.34
C GLY K 344 51.23 11.39 -25.02
N ARG K 345 50.57 11.70 -23.89
CA ARG K 345 50.48 13.11 -23.48
C ARG K 345 51.85 13.54 -23.02
N MET K 346 52.57 14.25 -23.86
CA MET K 346 53.71 15.05 -23.42
C MET K 346 53.25 16.36 -22.78
N LEU K 347 54.04 16.87 -21.85
CA LEU K 347 53.81 18.18 -21.22
C LEU K 347 55.15 18.90 -21.07
N ALA K 348 55.16 20.17 -21.43
CA ALA K 348 56.38 21.01 -21.41
C ALA K 348 56.03 22.31 -20.74
N ILE K 349 56.90 22.84 -19.88
CA ILE K 349 56.66 24.13 -19.18
C ILE K 349 57.90 25.00 -19.40
N LYS K 350 57.69 26.29 -19.65
CA LYS K 350 58.79 27.24 -19.93
C LYS K 350 58.46 28.59 -19.28
N ALA K 351 59.46 29.45 -19.11
CA ALA K 351 59.26 30.83 -18.61
C ALA K 351 58.98 31.80 -19.77
N SER K 352 57.99 32.70 -19.63
CA SER K 352 57.59 33.66 -20.68
C SER K 352 58.01 35.08 -20.34
N TRP K 353 57.54 35.62 -19.21
CA TRP K 353 57.53 37.07 -18.91
C TRP K 353 56.98 37.87 -20.09
N ASP K 354 55.68 37.68 -20.36
CA ASP K 354 55.05 38.21 -21.56
C ASP K 354 53.73 38.93 -21.25
N GLU K 355 53.50 40.03 -21.98
CA GLU K 355 52.18 40.55 -22.41
C GLU K 355 51.49 41.42 -21.34
N SER K 356 51.96 41.41 -20.10
CA SER K 356 51.43 42.31 -19.05
C SER K 356 52.55 42.83 -18.14
N GLY K 357 53.81 42.69 -18.54
CA GLY K 357 54.94 42.83 -17.63
C GLY K 357 54.85 41.90 -16.43
N LYS K 358 54.68 40.59 -16.66
CA LYS K 358 54.66 39.60 -15.56
C LYS K 358 55.16 38.24 -16.04
N LEU K 359 55.88 37.54 -15.17
CA LEU K 359 56.31 36.14 -15.39
C LEU K 359 55.08 35.24 -15.45
N VAL K 360 54.98 34.50 -16.55
CA VAL K 360 53.85 33.56 -16.76
C VAL K 360 54.50 32.26 -17.22
N PRO K 361 53.85 31.11 -16.98
CA PRO K 361 54.30 29.87 -17.60
C PRO K 361 53.64 29.60 -18.96
N GLU K 362 54.46 29.14 -19.90
CA GLU K 362 53.98 28.56 -21.16
C GLU K 362 53.90 27.04 -20.96
N LEU K 363 52.68 26.54 -20.78
CA LEU K 363 52.37 25.09 -20.88
C LEU K 363 52.12 24.71 -22.32
N ARG K 364 52.47 23.48 -22.65
CA ARG K 364 51.94 22.81 -23.85
C ARG K 364 51.72 21.36 -23.47
N GLU K 365 50.47 20.91 -23.47
CA GLU K 365 50.15 19.48 -23.43
C GLU K 365 50.08 18.99 -24.86
N TYR K 366 51.18 18.51 -25.40
CA TYR K 366 51.16 17.84 -26.70
C TYR K 366 50.45 16.49 -26.59
N CYS K 367 50.30 15.83 -27.73
CA CYS K 367 49.70 14.50 -27.81
C CYS K 367 50.40 13.77 -28.94
N LEU K 368 51.45 13.06 -28.57
CA LEU K 368 52.23 12.25 -29.51
C LEU K 368 51.51 10.95 -29.73
N PRO K 369 51.87 10.23 -30.80
CA PRO K 369 51.35 8.90 -31.00
C PRO K 369 52.02 7.88 -30.08
N GLY K 370 51.28 6.80 -29.92
CA GLY K 370 51.79 5.51 -29.47
C GLY K 370 51.56 5.41 -27.99
N PRO K 371 51.53 4.19 -27.44
CA PRO K 371 51.88 3.98 -26.03
C PRO K 371 53.39 4.17 -25.91
N VAL K 372 53.79 5.19 -25.18
CA VAL K 372 55.23 5.42 -24.95
C VAL K 372 55.71 4.41 -23.91
N LEU K 373 56.88 3.94 -24.09
CA LEU K 373 57.40 2.88 -23.26
C LEU K 373 58.54 3.36 -22.40
N CYS K 374 59.34 4.25 -22.93
CA CYS K 374 60.54 4.75 -22.27
C CYS K 374 60.79 6.13 -22.87
N ALA K 375 61.61 6.93 -22.22
CA ALA K 375 62.09 8.20 -22.76
C ALA K 375 63.40 8.59 -22.13
N ALA K 376 64.00 9.57 -22.70
CA ALA K 376 65.27 10.08 -22.24
C ALA K 376 65.36 11.54 -22.69
N CYS K 377 66.52 12.14 -22.57
CA CYS K 377 66.73 13.55 -22.86
C CYS K 377 68.14 13.62 -23.39
N GLY K 378 68.32 14.20 -24.57
CA GLY K 378 69.64 14.37 -25.15
C GLY K 378 69.96 15.82 -25.43
N GLY K 379 71.17 16.03 -25.92
CA GLY K 379 71.73 17.38 -26.07
C GLY K 379 70.80 18.25 -26.88
N GLY K 380 70.21 19.25 -26.22
CA GLY K 380 69.71 20.41 -26.94
C GLY K 380 68.28 20.20 -27.30
N GLY K 381 67.48 19.97 -26.28
CA GLY K 381 66.04 20.04 -26.46
C GLY K 381 65.46 18.83 -27.16
N ARG K 382 66.27 17.80 -27.39
CA ARG K 382 65.85 16.55 -28.01
C ARG K 382 65.44 15.58 -26.91
N VAL K 383 64.39 14.82 -27.21
CA VAL K 383 63.81 13.83 -26.29
C VAL K 383 63.61 12.57 -27.09
N TYR K 384 64.47 11.58 -26.84
CA TYR K 384 64.39 10.28 -27.51
C TYR K 384 63.36 9.50 -26.76
N HIS K 385 62.27 9.13 -27.40
CA HIS K 385 61.31 8.17 -26.81
C HIS K 385 61.09 6.95 -27.66
N SER K 386 60.34 6.00 -27.09
CA SER K 386 60.09 4.72 -27.77
C SER K 386 58.65 4.27 -27.71
N THR K 387 58.26 3.59 -28.75
CA THR K 387 56.91 3.08 -28.96
C THR K 387 57.02 1.59 -29.16
N PRO K 388 55.88 0.89 -29.28
CA PRO K 388 55.95 -0.50 -29.70
C PRO K 388 56.33 -0.66 -31.17
N SER K 389 56.35 0.43 -31.90
CA SER K 389 56.67 0.39 -33.31
C SER K 389 58.15 0.68 -33.48
N ASP K 390 58.58 1.82 -33.00
CA ASP K 390 59.91 2.35 -33.33
C ASP K 390 60.41 3.29 -32.24
N LEU K 391 61.72 3.44 -32.22
CA LEU K 391 62.41 4.50 -31.44
C LEU K 391 62.34 5.83 -32.20
N CYS K 392 61.63 6.80 -31.64
CA CYS K 392 61.40 8.11 -32.23
C CYS K 392 62.09 9.17 -31.43
N VAL K 393 62.00 10.41 -31.88
CA VAL K 393 62.68 11.56 -31.29
C VAL K 393 61.85 12.80 -31.51
N VAL K 394 61.94 13.74 -30.60
CA VAL K 394 61.15 14.97 -30.57
C VAL K 394 62.14 16.06 -30.25
N ASP K 395 61.91 17.25 -30.80
CA ASP K 395 62.75 18.41 -30.54
C ASP K 395 61.85 19.54 -30.09
N LEU K 396 62.24 20.19 -29.00
CA LEU K 396 61.52 21.35 -28.45
C LEU K 396 62.23 22.65 -28.78
N SER K 397 63.50 22.58 -29.17
CA SER K 397 64.29 23.78 -29.53
C SER K 397 63.64 24.54 -30.69
N ARG K 398 63.60 25.88 -30.56
CA ARG K 398 63.13 26.81 -31.62
C ARG K 398 64.31 27.60 -32.19
N GLN K 407 55.69 33.31 -30.51
CA GLN K 407 55.44 32.80 -29.14
C GLN K 407 56.65 31.97 -28.68
N PRO K 408 56.65 31.42 -27.45
CA PRO K 408 57.67 30.44 -27.02
C PRO K 408 57.62 29.10 -27.76
N GLU K 409 58.26 28.10 -27.16
CA GLU K 409 58.82 26.88 -27.78
C GLU K 409 58.22 26.39 -29.10
N GLU K 410 57.00 25.84 -29.13
CA GLU K 410 56.50 25.11 -30.34
C GLU K 410 54.98 24.96 -30.33
N GLY K 411 54.34 25.10 -31.51
CA GLY K 411 52.90 24.85 -31.67
C GLY K 411 52.62 23.35 -31.69
N PRO K 412 53.01 22.64 -32.77
CA PRO K 412 52.88 21.18 -32.81
C PRO K 412 54.19 20.46 -32.55
N GLY K 413 54.12 19.20 -32.14
CA GLY K 413 55.29 18.33 -32.05
C GLY K 413 55.29 17.35 -33.22
N GLY K 414 56.26 17.47 -34.12
CA GLY K 414 56.52 16.48 -35.20
C GLY K 414 57.75 15.64 -34.90
N LEU K 415 57.68 14.32 -35.09
CA LEU K 415 58.60 13.36 -34.41
C LEU K 415 59.14 12.31 -35.37
N PRO K 416 60.35 12.47 -35.91
CA PRO K 416 60.87 11.53 -36.87
C PRO K 416 61.35 10.30 -36.15
N PRO K 417 61.02 9.10 -36.64
CA PRO K 417 61.72 7.91 -36.24
C PRO K 417 63.17 7.89 -36.68
N MET K 418 63.92 7.07 -35.98
CA MET K 418 65.35 6.91 -36.19
C MET K 418 65.65 5.52 -36.74
N LEU K 419 64.60 4.74 -37.05
CA LEU K 419 64.78 3.49 -37.81
C LEU K 419 65.59 2.52 -36.95
N CYS K 420 65.18 2.37 -35.70
CA CYS K 420 65.65 1.36 -34.75
C CYS K 420 64.38 0.80 -34.15
N PRO K 421 64.39 -0.39 -33.55
CA PRO K 421 63.14 -1.07 -33.21
C PRO K 421 62.55 -0.48 -31.92
N ALA K 422 61.55 -1.08 -31.33
CA ALA K 422 61.02 -0.66 -30.02
C ALA K 422 62.06 -1.09 -28.98
N SER K 423 63.00 -0.21 -28.74
CA SER K 423 63.80 -0.14 -27.51
C SER K 423 62.97 0.54 -26.45
N LEU K 424 62.58 -0.21 -25.44
CA LEU K 424 62.37 0.39 -24.12
C LEU K 424 63.68 0.42 -23.33
N ASN K 425 63.69 1.13 -22.21
CA ASN K 425 64.89 1.30 -21.41
C ASN K 425 66.00 1.95 -22.21
N ILE K 426 65.86 3.24 -22.43
CA ILE K 426 66.89 4.03 -23.14
C ILE K 426 67.63 4.95 -22.20
N CYS K 427 68.93 5.02 -22.37
CA CYS K 427 69.79 5.98 -21.70
C CYS K 427 70.58 6.77 -22.72
N SER K 428 70.89 8.02 -22.42
CA SER K 428 71.60 8.92 -23.34
C SER K 428 72.76 9.61 -22.64
N VAL K 429 73.99 9.23 -23.02
CA VAL K 429 75.22 9.94 -22.61
C VAL K 429 75.65 10.85 -23.77
N VAL K 430 76.25 12.00 -23.43
CA VAL K 430 76.72 13.00 -24.43
C VAL K 430 78.23 12.90 -24.54
N SER K 431 78.76 13.23 -25.72
CA SER K 431 80.19 13.13 -26.05
C SER K 431 80.85 14.52 -25.94
N THR K 443 75.61 11.44 -31.63
CA THR K 443 75.36 11.26 -30.17
C THR K 443 75.08 9.81 -29.87
N LYS K 444 75.55 9.33 -28.71
CA LYS K 444 75.74 7.89 -28.48
C LYS K 444 74.87 7.46 -27.33
N LEU K 445 73.72 6.87 -27.65
CA LEU K 445 72.79 6.35 -26.63
C LEU K 445 72.78 4.84 -26.53
N LEU K 446 72.26 4.37 -25.40
CA LEU K 446 72.22 2.94 -25.04
C LEU K 446 70.80 2.56 -24.80
N ALA K 447 70.50 1.32 -25.14
CA ALA K 447 69.12 0.86 -25.00
C ALA K 447 69.06 -0.63 -24.81
N LEU K 448 67.90 -1.04 -24.34
CA LEU K 448 67.53 -2.45 -24.26
C LEU K 448 66.31 -2.65 -25.20
N SER K 449 66.53 -3.42 -26.26
CA SER K 449 65.51 -3.78 -27.23
C SER K 449 64.41 -4.52 -26.56
N ALA K 450 63.21 -4.36 -26.97
CA ALA K 450 62.14 -5.13 -26.32
C ALA K 450 62.22 -6.59 -26.65
N LYS K 451 63.02 -7.04 -27.62
CA LYS K 451 63.39 -8.46 -27.63
C LYS K 451 64.25 -8.75 -26.40
N GLY K 452 65.53 -8.53 -26.46
CA GLY K 452 66.25 -8.49 -25.20
C GLY K 452 67.64 -8.01 -25.34
N ARG K 453 67.91 -7.27 -26.37
CA ARG K 453 69.29 -7.02 -26.74
C ARG K 453 69.73 -5.70 -26.11
N LEU K 454 71.01 -5.66 -25.70
CA LEU K 454 71.67 -4.42 -25.28
C LEU K 454 72.35 -3.82 -26.49
N MET K 455 72.10 -2.56 -26.78
CA MET K 455 72.72 -1.97 -27.96
C MET K 455 73.00 -0.48 -27.86
N THR K 456 73.99 -0.07 -28.63
CA THR K 456 74.65 1.25 -28.53
C THR K 456 74.38 2.01 -29.82
N CYS K 457 73.28 2.71 -29.86
CA CYS K 457 72.92 3.49 -31.06
C CYS K 457 73.76 4.76 -31.13
N SER K 458 74.47 4.93 -32.25
CA SER K 458 75.42 6.03 -32.46
C SER K 458 74.92 6.89 -33.61
N LEU K 459 74.11 7.87 -33.29
CA LEU K 459 73.59 8.83 -34.28
C LEU K 459 74.74 9.76 -34.72
N ASP K 460 74.49 10.56 -35.74
CA ASP K 460 75.47 11.55 -36.23
C ASP K 460 74.74 12.81 -36.73
N MET K 471 83.15 8.56 -57.12
CA MET K 471 82.20 7.64 -57.78
C MET K 471 82.85 6.28 -58.03
N THR K 472 82.05 5.32 -58.47
CA THR K 472 82.46 3.93 -58.76
C THR K 472 81.84 3.49 -60.07
N THR K 473 82.52 2.59 -60.77
CA THR K 473 82.16 2.13 -62.13
C THR K 473 81.38 0.82 -62.03
N GLU K 474 80.12 0.84 -62.47
CA GLU K 474 79.16 -0.30 -62.53
C GLU K 474 78.61 -0.66 -61.14
N SER K 475 79.26 -0.26 -60.05
CA SER K 475 78.61 -0.30 -58.73
C SER K 475 77.53 0.77 -58.67
N ALA K 476 77.71 1.90 -59.37
CA ALA K 476 76.64 2.88 -59.56
C ALA K 476 75.45 2.23 -60.28
N GLY K 477 75.70 1.39 -61.27
CA GLY K 477 74.62 0.66 -61.94
C GLY K 477 73.89 -0.28 -60.99
N GLN K 478 74.65 -1.04 -60.20
CA GLN K 478 74.06 -1.91 -59.16
C GLN K 478 73.26 -1.05 -58.18
N LYS K 479 73.74 0.16 -57.89
CA LYS K 479 73.05 1.09 -56.95
C LYS K 479 71.69 1.48 -57.54
N ILE K 480 71.68 1.89 -58.80
CA ILE K 480 70.42 2.20 -59.51
C ILE K 480 69.47 1.01 -59.43
N LYS K 481 69.99 -0.20 -59.65
CA LYS K 481 69.16 -1.41 -59.59
C LYS K 481 68.54 -1.58 -58.20
N GLU K 482 69.36 -1.42 -57.16
CA GLU K 482 68.90 -1.57 -55.78
C GLU K 482 67.83 -0.54 -55.47
N LEU K 483 68.03 0.70 -55.90
CA LEU K 483 67.07 1.76 -55.63
C LEU K 483 65.73 1.46 -56.30
N LEU K 484 65.77 1.01 -57.55
CA LEU K 484 64.51 0.70 -58.26
C LEU K 484 63.81 -0.47 -57.59
N SER K 485 64.57 -1.47 -57.14
CA SER K 485 63.98 -2.63 -56.44
C SER K 485 63.31 -2.17 -55.15
N GLY K 486 63.94 -1.23 -54.45
CA GLY K 486 63.38 -0.68 -53.22
C GLY K 486 62.07 0.03 -53.47
N ILE K 487 62.04 0.87 -54.48
CA ILE K 487 60.82 1.66 -54.75
C ILE K 487 59.71 0.73 -55.22
N GLY K 488 60.06 -0.27 -56.03
CA GLY K 488 59.09 -1.26 -56.49
C GLY K 488 58.56 -2.10 -55.35
N ASN K 489 59.39 -2.35 -54.35
CA ASN K 489 58.97 -3.12 -53.16
C ASN K 489 57.98 -2.30 -52.34
N ILE K 490 58.23 -1.02 -52.16
CA ILE K 490 57.38 -0.23 -51.26
C ILE K 490 56.08 0.12 -51.95
N SER K 491 56.12 0.40 -53.25
CA SER K 491 54.92 0.84 -54.00
C SER K 491 53.83 -0.22 -53.94
N GLU K 492 54.21 -1.50 -53.94
CA GLU K 492 53.23 -2.59 -53.91
C GLU K 492 52.55 -2.69 -52.56
N ARG K 493 53.04 -2.01 -51.55
CA ARG K 493 52.37 -1.90 -50.24
C ARG K 493 51.53 -0.64 -50.17
N VAL K 494 52.06 0.42 -50.74
CA VAL K 494 51.35 1.71 -50.76
C VAL K 494 50.03 1.54 -51.52
N SER K 495 50.08 0.80 -52.62
CA SER K 495 48.87 0.43 -53.40
C SER K 495 47.82 -0.20 -52.49
N PHE K 496 48.20 -1.26 -51.81
CA PHE K 496 47.29 -2.00 -50.93
C PHE K 496 46.64 -1.06 -49.92
N LEU K 497 47.44 -0.19 -49.33
CA LEU K 497 46.89 0.72 -48.31
C LEU K 497 45.97 1.75 -48.95
N LYS K 498 46.24 2.19 -50.18
CA LYS K 498 45.29 3.08 -50.88
C LYS K 498 43.93 2.40 -51.04
N LYS K 499 43.94 1.12 -51.41
CA LYS K 499 42.69 0.38 -51.59
C LYS K 499 41.96 0.22 -50.27
N ALA K 500 42.67 -0.07 -49.20
CA ALA K 500 42.07 -0.08 -47.86
C ALA K 500 41.40 1.26 -47.58
N VAL K 501 42.03 2.34 -47.99
CA VAL K 501 41.50 3.68 -47.69
C VAL K 501 40.22 3.87 -48.47
N ASP K 502 40.19 3.38 -49.71
CA ASP K 502 38.97 3.46 -50.56
C ASP K 502 37.81 2.77 -49.85
N GLN K 503 38.08 1.61 -49.25
CA GLN K 503 37.01 0.86 -48.60
C GLN K 503 36.54 1.58 -47.34
N ARG K 504 37.44 2.17 -46.58
CA ARG K 504 37.02 2.90 -45.37
C ARG K 504 36.18 4.12 -45.77
N ASN K 505 36.53 4.76 -46.89
CA ASN K 505 35.72 5.86 -47.44
C ASN K 505 34.31 5.37 -47.78
N LYS K 506 34.23 4.21 -48.42
CA LYS K 506 32.94 3.61 -48.80
C LYS K 506 32.10 3.36 -47.55
N ALA K 507 32.71 2.84 -46.50
CA ALA K 507 32.06 2.68 -45.19
C ALA K 507 31.50 4.00 -44.69
N LEU K 508 32.31 5.04 -44.76
CA LEU K 508 31.90 6.36 -44.26
C LEU K 508 30.72 6.87 -45.06
N THR K 509 30.72 6.69 -46.38
CA THR K 509 29.62 7.17 -47.25
C THR K 509 28.31 6.48 -46.85
N SER K 510 28.37 5.16 -46.72
CA SER K 510 27.19 4.37 -46.34
C SER K 510 26.65 4.86 -45.00
N LEU K 511 27.54 5.01 -44.01
CA LEU K 511 27.14 5.50 -42.68
C LEU K 511 26.49 6.89 -42.78
N ASN K 512 27.02 7.75 -43.64
CA ASN K 512 26.46 9.11 -43.78
C ASN K 512 25.02 9.01 -44.29
N GLU K 513 24.80 8.17 -45.29
CA GLU K 513 23.44 7.96 -45.83
C GLU K 513 22.53 7.45 -44.72
N ALA K 514 23.04 6.56 -43.88
CA ALA K 514 22.28 6.02 -42.74
C ALA K 514 21.85 7.14 -41.79
N MET K 515 22.80 8.00 -41.40
CA MET K 515 22.48 9.06 -40.42
C MET K 515 21.46 10.03 -41.01
N ASN K 516 21.55 10.30 -42.30
CA ASN K 516 20.58 11.19 -42.96
C ASN K 516 19.18 10.58 -42.97
N VAL K 517 19.07 9.29 -43.32
CA VAL K 517 17.76 8.57 -43.28
C VAL K 517 17.23 8.63 -41.86
N SER K 518 18.09 8.35 -40.90
CA SER K 518 17.70 8.28 -39.50
C SER K 518 17.12 9.63 -39.04
N CYS K 519 17.81 10.72 -39.39
CA CYS K 519 17.37 12.06 -38.96
C CYS K 519 16.03 12.39 -39.60
N ALA K 520 15.87 12.05 -40.89
CA ALA K 520 14.59 12.26 -41.59
C ALA K 520 13.46 11.44 -40.96
N LEU K 521 13.78 10.22 -40.54
CA LEU K 521 12.77 9.30 -39.99
C LEU K 521 12.39 9.69 -38.58
N LEU K 522 13.31 10.28 -37.84
CA LEU K 522 13.02 10.68 -36.46
C LEU K 522 12.32 12.03 -36.44
N SER K 523 12.53 12.84 -37.49
CA SER K 523 12.00 14.22 -37.59
C SER K 523 10.47 14.22 -37.75
N SER K 524 9.84 15.38 -37.49
CA SER K 524 8.41 15.67 -37.83
C SER K 524 8.37 16.56 -39.09
N GLY K 525 7.60 16.15 -40.09
CA GLY K 525 7.42 16.86 -41.37
C GLY K 525 5.98 17.01 -41.76
N THR K 526 5.05 16.38 -41.03
CA THR K 526 3.61 16.40 -41.31
C THR K 526 3.24 15.53 -42.50
N GLY K 527 4.22 14.86 -43.11
CA GLY K 527 3.97 13.82 -44.09
C GLY K 527 5.09 12.79 -44.01
N PRO K 528 4.81 11.49 -43.77
CA PRO K 528 5.91 10.51 -43.63
C PRO K 528 6.57 10.20 -44.98
N ARG K 529 7.42 11.13 -45.41
CA ARG K 529 7.98 11.11 -46.77
C ARG K 529 9.00 10.00 -46.91
N PRO K 530 10.10 9.98 -46.13
CA PRO K 530 11.34 9.35 -46.60
C PRO K 530 11.19 7.88 -46.88
N ILE K 531 10.68 7.17 -45.89
CA ILE K 531 10.39 5.74 -45.97
C ILE K 531 9.05 5.56 -45.29
N SER K 532 8.16 4.87 -45.97
CA SER K 532 6.82 4.58 -45.44
C SER K 532 6.61 3.09 -45.51
N CYS K 533 5.66 2.62 -44.70
CA CYS K 533 5.20 1.23 -44.72
C CYS K 533 3.72 1.26 -44.47
N THR K 534 2.93 0.95 -45.47
CA THR K 534 1.49 0.75 -45.29
C THR K 534 1.24 -0.74 -45.10
N THR K 535 0.16 -1.05 -44.38
CA THR K 535 -0.41 -2.39 -44.38
C THR K 535 -1.85 -2.31 -44.90
N SER K 536 -2.33 -3.43 -45.42
CA SER K 536 -3.65 -3.57 -46.02
C SER K 536 -4.08 -5.03 -46.01
N THR K 537 -5.28 -5.28 -45.53
CA THR K 537 -5.81 -6.61 -45.25
C THR K 537 -6.49 -7.14 -46.47
N THR K 538 -6.34 -8.43 -46.69
CA THR K 538 -6.93 -9.09 -47.86
C THR K 538 -7.30 -10.50 -47.45
N TRP K 539 -8.50 -10.92 -47.77
CA TRP K 539 -8.93 -12.30 -47.48
C TRP K 539 -8.57 -13.17 -48.66
N SER K 540 -7.94 -14.29 -48.41
CA SER K 540 -7.52 -15.23 -49.48
C SER K 540 -8.08 -16.62 -49.16
N ARG K 541 -7.60 -17.64 -49.86
CA ARG K 541 -8.18 -18.99 -49.81
C ARG K 541 -7.08 -20.07 -49.85
N LEU K 542 -7.08 -20.94 -48.87
CA LEU K 542 -6.08 -21.99 -48.69
C LEU K 542 -6.85 -23.26 -48.40
N GLN K 543 -7.17 -23.98 -49.45
CA GLN K 543 -7.57 -25.38 -49.41
C GLN K 543 -9.05 -25.40 -49.12
N THR K 544 -9.56 -24.80 -48.08
CA THR K 544 -11.01 -24.71 -47.86
C THR K 544 -11.39 -23.46 -47.10
N GLN K 545 -10.48 -22.97 -46.28
CA GLN K 545 -10.83 -21.94 -45.31
C GLN K 545 -10.22 -20.67 -45.82
N ASP K 546 -10.97 -19.59 -45.66
CA ASP K 546 -10.50 -18.27 -46.04
C ASP K 546 -9.56 -17.81 -44.97
N VAL K 547 -8.49 -17.17 -45.38
CA VAL K 547 -7.41 -16.66 -44.52
C VAL K 547 -7.42 -15.15 -44.64
N LEU K 548 -6.87 -14.49 -43.63
CA LEU K 548 -6.76 -13.04 -43.62
C LEU K 548 -5.29 -12.72 -43.66
N MET K 549 -4.83 -12.08 -44.71
CA MET K 549 -3.42 -11.77 -44.89
C MET K 549 -3.29 -10.27 -44.79
N ALA K 550 -2.10 -9.82 -44.45
CA ALA K 550 -1.72 -8.41 -44.46
C ALA K 550 -0.58 -8.17 -45.41
N THR K 551 -0.82 -7.34 -46.44
CA THR K 551 0.29 -6.91 -47.34
C THR K 551 0.88 -5.67 -46.68
N CYS K 552 2.19 -5.68 -46.46
CA CYS K 552 2.98 -4.57 -45.96
C CYS K 552 3.89 -4.09 -47.07
N VAL K 553 3.53 -2.98 -47.67
CA VAL K 553 4.24 -2.38 -48.82
C VAL K 553 5.20 -1.35 -48.25
N LEU K 554 6.49 -1.49 -48.52
CA LEU K 554 7.47 -0.48 -48.13
C LEU K 554 7.80 0.41 -49.35
N GLU K 555 7.80 1.73 -49.19
CA GLU K 555 8.00 2.68 -50.30
C GLU K 555 9.07 3.68 -49.93
N ASN K 556 10.03 3.87 -50.83
CA ASN K 556 11.00 4.97 -50.73
C ASN K 556 10.59 6.09 -51.68
N SER K 557 10.29 7.24 -51.10
CA SER K 557 9.96 8.44 -51.88
C SER K 557 11.23 9.26 -52.08
N SER K 558 11.96 9.52 -51.00
CA SER K 558 13.19 10.34 -51.01
C SER K 558 14.32 9.71 -51.81
N SER K 559 15.40 10.47 -52.01
CA SER K 559 16.58 10.06 -52.80
C SER K 559 17.36 8.93 -52.13
N PHE K 560 17.39 8.94 -50.80
CA PHE K 560 18.28 8.09 -49.97
C PHE K 560 18.09 6.64 -50.33
N SER K 561 19.17 5.96 -50.72
CA SER K 561 19.16 4.52 -51.01
C SER K 561 19.45 3.72 -49.74
N LEU K 562 18.56 2.79 -49.39
CA LEU K 562 18.83 1.83 -48.29
C LEU K 562 19.70 0.72 -48.86
N ASP K 563 20.99 0.97 -48.86
CA ASP K 563 21.97 -0.04 -49.29
C ASP K 563 22.12 -1.06 -48.18
N GLN K 564 23.05 -1.98 -48.35
CA GLN K 564 23.21 -3.11 -47.43
C GLN K 564 23.49 -2.63 -46.02
N GLY K 565 22.82 -3.26 -45.06
CA GLY K 565 22.88 -2.91 -43.64
C GLY K 565 21.54 -2.67 -43.01
N TRP K 566 20.48 -2.52 -43.80
CA TRP K 566 19.15 -2.28 -43.25
C TRP K 566 18.32 -3.53 -43.35
N THR K 567 17.40 -3.66 -42.39
CA THR K 567 16.46 -4.78 -42.32
C THR K 567 15.14 -4.38 -41.71
N LEU K 568 14.08 -4.83 -42.36
CA LEU K 568 12.71 -4.65 -41.87
C LEU K 568 12.50 -5.61 -40.74
N CYS K 569 11.73 -5.18 -39.77
CA CYS K 569 11.34 -5.98 -38.65
C CYS K 569 9.89 -5.76 -38.52
N ILE K 570 9.03 -6.66 -38.93
CA ILE K 570 7.58 -6.62 -38.65
C ILE K 570 7.25 -7.48 -37.46
N GLN K 571 6.32 -7.04 -36.63
CA GLN K 571 5.86 -7.82 -35.50
C GLN K 571 4.37 -7.70 -35.30
N VAL K 572 3.70 -8.84 -35.35
CA VAL K 572 2.25 -8.96 -35.21
C VAL K 572 1.91 -9.44 -33.81
N LEU K 573 1.33 -8.59 -33.01
CA LEU K 573 1.05 -8.84 -31.60
C LEU K 573 -0.40 -9.09 -31.60
N THR K 574 -0.72 -10.23 -31.07
CA THR K 574 -2.08 -10.75 -30.97
C THR K 574 -2.79 -9.88 -29.92
N SER K 575 -3.93 -10.36 -29.47
CA SER K 575 -4.62 -9.76 -28.31
C SER K 575 -3.62 -9.44 -27.17
N SER K 576 -3.97 -8.44 -26.34
CA SER K 576 -3.09 -7.86 -25.30
C SER K 576 -3.64 -8.23 -23.91
N CYS K 577 -3.29 -7.48 -22.85
CA CYS K 577 -3.81 -7.64 -21.47
C CYS K 577 -3.43 -9.01 -20.89
N ALA K 578 -2.17 -9.12 -20.43
CA ALA K 578 -1.54 -10.33 -19.85
C ALA K 578 -2.50 -11.01 -18.88
N LEU K 579 -2.59 -12.33 -18.99
CA LEU K 579 -3.68 -13.13 -18.42
C LEU K 579 -3.17 -13.90 -17.21
N ASP K 580 -4.03 -14.75 -16.65
CA ASP K 580 -3.67 -15.77 -15.65
C ASP K 580 -2.67 -16.75 -16.25
N LEU K 581 -2.94 -17.19 -17.48
CA LEU K 581 -2.15 -18.21 -18.18
C LEU K 581 -1.50 -17.56 -19.40
N ASP K 582 -0.24 -17.20 -19.24
CA ASP K 582 0.71 -17.05 -20.36
C ASP K 582 0.23 -17.96 -21.51
N SER K 583 -0.05 -17.35 -22.67
CA SER K 583 -0.49 -18.05 -23.90
C SER K 583 0.64 -18.81 -24.61
N ALA K 584 0.29 -19.57 -25.63
CA ALA K 584 1.26 -20.31 -26.46
C ALA K 584 1.93 -19.40 -27.52
N CYS K 585 1.38 -18.23 -27.84
CA CYS K 585 2.03 -17.30 -28.77
C CYS K 585 1.51 -15.92 -28.44
N SER K 586 2.39 -15.19 -27.79
CA SER K 586 2.16 -13.81 -27.42
C SER K 586 2.44 -12.89 -28.60
N ALA K 587 3.20 -13.31 -29.59
CA ALA K 587 3.58 -12.51 -30.74
C ALA K 587 4.31 -13.35 -31.73
N ILE K 588 4.13 -13.06 -32.99
CA ILE K 588 5.00 -13.56 -34.05
C ILE K 588 5.76 -12.42 -34.63
N THR K 589 7.01 -12.61 -34.99
CA THR K 589 7.87 -11.60 -35.57
C THR K 589 8.58 -12.04 -36.82
N TYR K 590 8.56 -11.21 -37.84
CA TYR K 590 9.23 -11.45 -39.10
C TYR K 590 10.34 -10.46 -39.30
N THR K 591 11.45 -10.87 -39.85
CA THR K 591 12.48 -9.95 -40.30
C THR K 591 12.87 -10.25 -41.71
N ILE K 592 13.00 -9.24 -42.53
CA ILE K 592 13.51 -9.38 -43.89
C ILE K 592 14.59 -8.37 -44.14
N PRO K 593 15.69 -8.76 -44.79
CA PRO K 593 16.66 -7.80 -45.26
C PRO K 593 16.19 -6.99 -46.45
N VAL K 594 16.45 -5.70 -46.39
CA VAL K 594 16.25 -4.76 -47.49
C VAL K 594 17.58 -4.57 -48.25
N ASP K 595 17.55 -4.76 -49.56
CA ASP K 595 18.78 -4.73 -50.35
C ASP K 595 18.52 -3.94 -51.61
N GLN K 596 19.23 -2.83 -51.77
CA GLN K 596 19.22 -2.07 -53.02
C GLN K 596 17.82 -1.54 -53.27
N LEU K 597 17.21 -0.99 -52.24
CA LEU K 597 15.87 -0.45 -52.36
C LEU K 597 15.87 0.75 -53.31
N GLY K 598 16.60 1.79 -52.93
CA GLY K 598 16.73 2.94 -53.80
C GLY K 598 15.51 3.83 -53.72
N PRO K 599 15.51 4.89 -54.53
CA PRO K 599 14.40 5.85 -54.55
C PRO K 599 13.35 5.52 -55.59
N GLY K 600 12.08 5.64 -55.17
CA GLY K 600 10.90 5.28 -55.95
C GLY K 600 10.52 3.83 -55.87
N ALA K 601 11.45 2.95 -55.52
CA ALA K 601 11.18 1.51 -55.47
C ALA K 601 10.24 1.19 -54.32
N ARG K 602 9.87 -0.07 -54.28
CA ARG K 602 8.76 -0.56 -53.46
C ARG K 602 8.97 -2.05 -53.25
N ARG K 603 8.90 -2.51 -52.01
CA ARG K 603 8.86 -3.93 -51.64
C ARG K 603 7.53 -4.31 -51.01
N GLU K 604 7.19 -5.58 -51.06
CA GLU K 604 5.85 -6.06 -50.68
C GLU K 604 6.03 -7.36 -49.91
N VAL K 605 5.37 -7.46 -48.79
CA VAL K 605 5.37 -8.70 -47.98
C VAL K 605 3.97 -9.02 -47.52
N THR K 606 3.52 -10.26 -47.75
CA THR K 606 2.21 -10.72 -47.19
C THR K 606 2.44 -11.66 -46.02
N LEU K 607 1.69 -11.45 -44.96
CA LEU K 607 1.78 -12.19 -43.74
C LEU K 607 0.41 -12.71 -43.37
N PRO K 608 0.33 -13.96 -42.90
CA PRO K 608 -0.90 -14.40 -42.25
C PRO K 608 -1.12 -13.83 -40.88
N LEU K 609 -2.37 -13.55 -40.63
CA LEU K 609 -2.89 -13.14 -39.33
C LEU K 609 -3.96 -14.11 -38.84
N GLY K 610 -4.36 -15.07 -39.65
CA GLY K 610 -5.69 -15.63 -39.59
C GLY K 610 -5.61 -17.04 -39.07
N PRO K 611 -6.77 -17.58 -38.71
CA PRO K 611 -6.86 -18.74 -37.82
C PRO K 611 -6.22 -19.99 -38.44
N GLY K 612 -5.12 -20.45 -37.82
CA GLY K 612 -4.47 -21.73 -38.13
C GLY K 612 -4.93 -22.82 -37.16
N GLU K 613 -5.20 -22.41 -35.92
CA GLU K 613 -5.73 -23.29 -34.85
C GLU K 613 -7.14 -22.82 -34.49
N ASN K 614 -8.05 -23.77 -34.36
CA ASN K 614 -9.38 -23.58 -33.74
C ASN K 614 -10.36 -22.78 -34.58
N GLY K 615 -9.94 -22.17 -35.69
CA GLY K 615 -10.85 -21.33 -36.44
C GLY K 615 -11.18 -20.03 -35.72
N GLY K 616 -10.30 -19.57 -34.83
CA GLY K 616 -10.57 -18.41 -33.95
C GLY K 616 -9.53 -17.31 -34.08
N LEU K 617 -9.95 -16.13 -34.51
CA LEU K 617 -9.09 -14.94 -34.67
C LEU K 617 -9.54 -13.93 -33.64
N ASP K 618 -8.61 -13.46 -32.82
CA ASP K 618 -8.94 -12.44 -31.82
C ASP K 618 -8.38 -11.11 -32.26
N LEU K 619 -9.21 -10.11 -32.11
CA LEU K 619 -9.02 -8.77 -32.58
C LEU K 619 -9.08 -7.86 -31.36
N PRO K 620 -8.54 -6.62 -31.46
CA PRO K 620 -7.63 -6.09 -32.46
C PRO K 620 -6.25 -6.71 -32.45
N VAL K 621 -5.69 -6.84 -33.63
CA VAL K 621 -4.33 -7.31 -33.82
C VAL K 621 -3.52 -6.19 -34.47
N THR K 622 -2.35 -5.95 -33.90
CA THR K 622 -1.56 -4.80 -34.31
C THR K 622 -0.30 -5.24 -34.97
N VAL K 623 -0.10 -4.76 -36.18
CA VAL K 623 1.08 -5.06 -36.96
C VAL K 623 1.93 -3.82 -37.09
N SER K 624 3.17 -3.93 -36.65
CA SER K 624 4.11 -2.85 -36.41
C SER K 624 5.38 -3.12 -37.16
N CYS K 625 5.79 -2.23 -38.06
CA CYS K 625 7.10 -2.34 -38.75
C CYS K 625 8.14 -1.39 -38.18
N THR K 626 9.40 -1.82 -38.25
CA THR K 626 10.58 -1.02 -37.86
C THR K 626 11.72 -1.33 -38.74
N LEU K 627 12.75 -0.52 -38.67
CA LEU K 627 13.97 -0.73 -39.47
C LEU K 627 15.16 -0.80 -38.58
N PHE K 628 16.06 -1.70 -38.84
CA PHE K 628 17.22 -1.85 -37.99
C PHE K 628 18.43 -1.64 -38.89
N TYR K 629 19.37 -0.83 -38.43
CA TYR K 629 20.65 -0.60 -39.09
C TYR K 629 21.74 -1.26 -38.29
N SER K 630 22.58 -2.01 -38.94
CA SER K 630 23.71 -2.70 -38.29
C SER K 630 24.97 -2.05 -38.72
N LEU K 631 25.80 -1.74 -37.75
CA LEU K 631 27.08 -1.04 -38.00
C LEU K 631 28.07 -2.01 -38.64
N ARG K 632 28.11 -3.27 -38.17
CA ARG K 632 29.08 -4.32 -38.58
C ARG K 632 29.00 -4.65 -40.06
N GLU K 633 27.79 -4.78 -40.60
CA GLU K 633 27.56 -5.55 -41.84
C GLU K 633 28.32 -4.94 -43.02
N VAL K 634 28.54 -3.62 -43.02
CA VAL K 634 29.25 -2.94 -44.11
C VAL K 634 30.76 -3.26 -44.01
N VAL K 635 31.23 -3.74 -42.86
CA VAL K 635 32.63 -4.14 -42.63
C VAL K 635 32.67 -5.61 -42.21
N GLU K 659 27.80 -3.02 -23.58
CA GLU K 659 27.49 -2.36 -24.87
C GLU K 659 27.13 -3.40 -25.93
N GLN K 660 26.04 -3.14 -26.66
CA GLN K 660 25.67 -3.87 -27.88
C GLN K 660 25.20 -2.82 -28.90
N GLU K 661 25.47 -3.10 -30.18
CA GLU K 661 25.57 -2.07 -31.20
C GLU K 661 24.61 -2.38 -32.35
N GLY K 662 23.58 -1.54 -32.45
CA GLY K 662 22.74 -1.35 -33.63
C GLY K 662 21.81 -0.21 -33.34
N VAL K 663 21.05 0.24 -34.31
CA VAL K 663 19.87 1.08 -33.98
C VAL K 663 18.58 0.65 -34.67
N CYS K 664 17.48 0.78 -33.96
CA CYS K 664 16.14 0.63 -34.54
C CYS K 664 15.47 1.97 -34.77
N LEU K 665 14.61 2.01 -35.76
CA LEU K 665 13.87 3.20 -36.07
C LEU K 665 12.42 2.80 -36.28
N PRO K 666 11.49 3.63 -35.85
CA PRO K 666 10.11 3.25 -35.74
C PRO K 666 9.29 3.80 -36.93
N LEU K 667 9.24 3.06 -38.04
CA LEU K 667 8.16 3.19 -39.05
C LEU K 667 6.80 2.92 -38.45
N SER K 668 5.80 2.68 -39.29
CA SER K 668 4.39 2.64 -38.89
C SER K 668 3.95 1.46 -38.05
N ARG K 669 2.67 1.54 -37.73
CA ARG K 669 1.91 0.72 -36.78
C ARG K 669 0.42 0.70 -37.11
N HIS K 670 -0.05 -0.36 -37.70
CA HIS K 670 -1.46 -0.50 -38.12
C HIS K 670 -2.21 -1.41 -37.16
N THR K 671 -3.39 -1.05 -36.70
CA THR K 671 -4.24 -2.02 -35.96
C THR K 671 -5.33 -2.54 -36.86
N VAL K 672 -5.38 -3.86 -36.96
CA VAL K 672 -6.49 -4.50 -37.68
C VAL K 672 -7.65 -4.74 -36.71
N ASP K 673 -8.80 -4.16 -37.05
CA ASP K 673 -10.04 -4.38 -36.31
C ASP K 673 -11.08 -4.99 -37.21
N MET K 674 -12.22 -5.30 -36.66
CA MET K 674 -13.29 -6.04 -37.33
C MET K 674 -13.70 -5.43 -38.65
N LEU K 675 -13.77 -4.11 -38.70
CA LEU K 675 -14.28 -3.44 -39.88
C LEU K 675 -13.42 -3.64 -41.11
N GLN K 676 -12.13 -3.86 -40.93
CA GLN K 676 -11.26 -4.20 -42.04
C GLN K 676 -11.35 -5.70 -42.33
N CYS K 677 -11.95 -6.49 -41.48
CA CYS K 677 -11.95 -7.95 -41.61
C CYS K 677 -13.29 -8.46 -42.02
N LEU K 678 -14.29 -7.60 -42.21
CA LEU K 678 -15.63 -8.03 -42.68
C LEU K 678 -15.60 -8.24 -44.16
N ARG K 679 -16.48 -9.11 -44.65
CA ARG K 679 -16.53 -9.48 -46.07
C ARG K 679 -17.99 -9.62 -46.44
N PHE K 680 -18.41 -8.87 -47.44
CA PHE K 680 -19.83 -8.70 -47.79
C PHE K 680 -20.10 -9.54 -49.03
N PRO K 681 -20.53 -10.80 -48.89
CA PRO K 681 -20.36 -11.76 -49.98
C PRO K 681 -21.45 -11.59 -51.03
N GLY K 682 -22.67 -11.24 -50.63
CA GLY K 682 -23.79 -11.12 -51.57
C GLY K 682 -23.73 -9.82 -52.33
N LEU K 683 -23.08 -8.82 -51.75
CA LEU K 683 -22.81 -7.53 -52.43
C LEU K 683 -21.94 -7.72 -53.68
N ALA K 684 -21.00 -8.66 -53.66
CA ALA K 684 -20.09 -8.97 -54.78
C ALA K 684 -20.84 -9.13 -56.11
N THR K 697 -13.84 -24.34 -37.09
CA THR K 697 -15.18 -24.94 -36.96
C THR K 697 -15.25 -25.86 -35.74
N ARG K 698 -15.91 -25.41 -34.67
CA ARG K 698 -16.32 -26.27 -33.54
C ARG K 698 -15.11 -27.02 -32.99
N ASP K 699 -14.32 -26.30 -32.18
CA ASP K 699 -12.93 -26.59 -31.76
C ASP K 699 -12.65 -28.09 -31.63
N PRO K 700 -11.60 -28.67 -32.26
CA PRO K 700 -11.38 -30.12 -32.24
C PRO K 700 -11.14 -30.69 -30.87
N VAL K 701 -10.39 -30.00 -30.03
CA VAL K 701 -10.17 -30.47 -28.66
C VAL K 701 -11.49 -30.42 -27.89
N ALA K 702 -12.31 -29.41 -28.09
CA ALA K 702 -13.61 -29.43 -27.41
C ALA K 702 -14.46 -30.64 -27.79
N THR K 703 -14.50 -30.92 -29.09
CA THR K 703 -15.24 -32.08 -29.58
C THR K 703 -14.65 -33.37 -29.04
N PHE K 704 -13.32 -33.45 -28.98
CA PHE K 704 -12.63 -34.61 -28.41
C PHE K 704 -13.13 -34.87 -26.99
N LEU K 705 -13.26 -33.81 -26.24
CA LEU K 705 -13.56 -34.01 -24.82
C LEU K 705 -15.01 -34.41 -24.63
N GLU K 706 -15.92 -33.78 -25.38
CA GLU K 706 -17.34 -34.18 -25.40
C GLU K 706 -17.45 -35.67 -25.70
N THR K 707 -16.80 -36.12 -26.76
CA THR K 707 -16.94 -37.51 -27.18
C THR K 707 -16.37 -38.47 -26.15
N CYS K 708 -15.13 -38.29 -25.72
CA CYS K 708 -14.54 -39.15 -24.67
C CYS K 708 -15.41 -39.22 -23.40
N ARG K 709 -16.12 -38.14 -23.04
CA ARG K 709 -16.90 -38.08 -21.80
C ARG K 709 -18.31 -38.65 -21.97
N GLU K 710 -18.86 -38.63 -23.18
CA GLU K 710 -20.26 -39.06 -23.46
C GLU K 710 -20.61 -40.40 -22.78
N LEU K 726 -32.60 -18.18 -30.11
CA LEU K 726 -32.01 -17.14 -29.24
C LEU K 726 -32.10 -15.78 -29.92
N PRO K 727 -31.98 -14.65 -29.18
CA PRO K 727 -32.21 -13.33 -29.77
C PRO K 727 -30.96 -12.84 -30.48
N PRO K 728 -31.08 -11.81 -31.36
CA PRO K 728 -29.90 -11.17 -31.93
C PRO K 728 -29.37 -10.07 -31.00
N SER K 729 -28.08 -10.18 -30.67
CA SER K 729 -27.36 -9.17 -29.88
C SER K 729 -27.11 -7.90 -30.69
N VAL K 730 -27.17 -6.75 -30.06
CA VAL K 730 -27.32 -5.44 -30.71
C VAL K 730 -26.44 -4.48 -29.96
N ALA K 731 -25.88 -3.54 -30.70
CA ALA K 731 -25.03 -2.45 -30.23
C ALA K 731 -25.38 -1.26 -31.04
N SER K 732 -25.22 -0.08 -30.48
CA SER K 732 -25.56 1.15 -31.23
C SER K 732 -24.71 2.26 -30.66
N ILE K 733 -24.67 3.35 -31.44
CA ILE K 733 -24.04 4.62 -31.09
C ILE K 733 -24.91 5.71 -31.64
N LYS K 734 -24.77 6.90 -31.10
CA LYS K 734 -25.37 8.07 -31.69
C LYS K 734 -24.28 9.12 -31.78
N VAL K 735 -24.31 9.91 -32.84
CA VAL K 735 -23.22 10.85 -33.18
C VAL K 735 -23.86 12.11 -33.72
N SER K 736 -23.31 13.24 -33.30
CA SER K 736 -23.75 14.57 -33.70
C SER K 736 -23.54 14.76 -35.20
N ALA K 737 -24.62 15.07 -35.91
CA ALA K 737 -24.57 15.29 -37.37
C ALA K 737 -23.53 16.36 -37.72
N GLU K 738 -23.38 17.37 -36.88
CA GLU K 738 -22.43 18.44 -37.20
C GLU K 738 -21.01 17.94 -37.04
N LEU K 739 -20.76 17.14 -36.02
CA LEU K 739 -19.44 16.50 -35.90
C LEU K 739 -19.13 15.69 -37.15
N LEU K 740 -20.11 14.95 -37.63
CA LEU K 740 -19.86 14.05 -38.77
C LEU K 740 -19.70 14.85 -40.05
N ARG K 741 -20.41 15.97 -40.19
CA ARG K 741 -20.26 16.78 -41.40
C ARG K 741 -18.88 17.43 -41.43
N ALA K 742 -18.43 17.93 -40.29
CA ALA K 742 -17.10 18.50 -40.21
C ALA K 742 -16.05 17.45 -40.56
N ALA K 743 -16.07 16.30 -39.89
CA ALA K 743 -15.04 15.28 -40.11
C ALA K 743 -15.19 14.59 -41.46
N LEU K 744 -16.36 14.71 -42.08
CA LEU K 744 -16.53 14.34 -43.50
C LEU K 744 -16.51 15.63 -44.32
N LYS K 745 -16.90 15.55 -45.58
CA LYS K 745 -16.87 16.70 -46.51
C LYS K 745 -15.44 17.19 -46.77
N ASP K 746 -14.44 16.40 -46.39
CA ASP K 746 -13.05 16.62 -46.77
C ASP K 746 -12.60 15.53 -47.73
N GLY K 747 -13.28 14.38 -47.70
CA GLY K 747 -12.93 13.24 -48.54
C GLY K 747 -14.11 12.62 -49.26
N HIS K 748 -15.33 13.04 -48.95
CA HIS K 748 -16.55 12.44 -49.51
C HIS K 748 -17.38 13.52 -50.22
N SER K 749 -18.15 13.08 -51.21
CA SER K 749 -18.62 13.93 -52.31
C SER K 749 -19.97 14.58 -51.98
N GLY K 750 -20.61 14.16 -50.90
CA GLY K 750 -21.86 14.83 -50.49
C GLY K 750 -23.00 13.97 -49.96
N VAL K 751 -24.09 13.94 -50.71
CA VAL K 751 -25.47 14.14 -50.20
C VAL K 751 -25.75 13.40 -48.90
N PRO K 752 -25.67 12.06 -48.84
CA PRO K 752 -26.24 11.36 -47.69
C PRO K 752 -25.23 11.11 -46.57
N LEU K 753 -25.63 11.53 -45.37
CA LEU K 753 -24.72 11.33 -44.22
C LEU K 753 -24.52 9.87 -43.90
N CYS K 754 -25.59 9.09 -43.96
CA CYS K 754 -25.52 7.72 -43.48
C CYS K 754 -24.62 6.89 -44.41
N CYS K 755 -24.79 7.05 -45.69
CA CYS K 755 -23.91 6.37 -46.66
C CYS K 755 -22.48 6.89 -46.50
N ALA K 756 -22.33 8.17 -46.24
CA ALA K 756 -20.99 8.74 -46.05
C ALA K 756 -20.31 8.12 -44.85
N THR K 757 -21.03 8.10 -43.72
CA THR K 757 -20.56 7.50 -42.46
C THR K 757 -20.17 6.03 -42.65
N LEU K 758 -20.96 5.32 -43.43
CA LEU K 758 -20.64 3.91 -43.70
C LEU K 758 -19.37 3.81 -44.51
N GLN K 759 -19.29 4.58 -45.59
CA GLN K 759 -18.07 4.67 -46.41
C GLN K 759 -16.88 4.97 -45.50
N TRP K 760 -17.09 5.82 -44.50
CA TRP K 760 -16.00 6.33 -43.67
C TRP K 760 -15.51 5.26 -42.68
N LEU K 761 -16.40 4.42 -42.15
CA LEU K 761 -15.97 3.31 -41.26
C LEU K 761 -15.36 2.19 -42.07
N LEU K 762 -15.97 1.85 -43.15
CA LEU K 762 -15.42 0.85 -44.08
C LEU K 762 -14.22 1.33 -44.92
N ALA K 763 -13.75 2.55 -44.73
CA ALA K 763 -12.69 3.14 -45.55
C ALA K 763 -11.48 2.23 -45.69
N GLU K 764 -11.18 1.41 -44.71
CA GLU K 764 -10.03 0.51 -44.78
C GLU K 764 -10.39 -0.89 -45.28
N ASN K 765 -11.67 -1.14 -45.52
CA ASN K 765 -12.13 -2.36 -46.18
C ASN K 765 -11.98 -2.29 -47.69
N ALA K 766 -11.69 -3.45 -48.31
CA ALA K 766 -11.45 -3.54 -49.76
C ALA K 766 -12.70 -3.10 -50.54
N ALA K 767 -13.85 -3.57 -50.11
CA ALA K 767 -15.10 -3.33 -50.87
C ALA K 767 -15.70 -1.94 -50.66
N VAL K 768 -14.99 -0.99 -50.06
CA VAL K 768 -15.55 0.36 -49.82
C VAL K 768 -15.82 1.05 -51.16
N ASP K 769 -15.03 0.74 -52.19
CA ASP K 769 -15.27 1.34 -53.51
C ASP K 769 -16.55 0.80 -54.11
N VAL K 770 -16.84 -0.47 -53.91
CA VAL K 770 -18.12 -1.05 -54.37
C VAL K 770 -19.25 -0.39 -53.60
N VAL K 771 -19.09 -0.22 -52.28
CA VAL K 771 -20.15 0.40 -51.46
C VAL K 771 -20.28 1.87 -51.80
N ARG K 772 -19.21 2.50 -52.30
CA ARG K 772 -19.31 3.88 -52.81
C ARG K 772 -20.12 3.90 -54.10
N ALA K 773 -19.83 2.94 -54.99
CA ALA K 773 -20.45 2.81 -56.30
C ALA K 773 -21.96 2.70 -56.14
N ARG K 774 -22.40 1.74 -55.33
CA ARG K 774 -23.82 1.58 -54.98
C ARG K 774 -23.97 2.13 -53.57
N ALA K 775 -24.56 3.32 -53.43
CA ALA K 775 -24.80 3.91 -52.11
C ALA K 775 -25.87 3.08 -51.42
N LEU K 776 -25.52 2.48 -50.29
CA LEU K 776 -26.34 1.46 -49.61
C LEU K 776 -26.84 1.97 -48.26
N SER K 777 -25.91 2.33 -47.37
CA SER K 777 -26.19 2.75 -45.99
C SER K 777 -26.56 1.58 -45.08
N SER K 778 -26.63 0.36 -45.58
CA SER K 778 -26.99 -0.77 -44.72
C SER K 778 -26.67 -2.09 -45.38
N ILE K 779 -25.78 -2.88 -44.77
CA ILE K 779 -25.22 -4.05 -45.44
C ILE K 779 -25.04 -5.24 -44.50
N GLN K 780 -24.60 -6.36 -45.05
CA GLN K 780 -24.77 -7.71 -44.50
C GLN K 780 -23.42 -8.39 -44.68
N GLY K 781 -22.56 -8.10 -43.78
CA GLY K 781 -21.29 -8.79 -43.74
C GLY K 781 -21.30 -10.13 -43.04
N VAL K 782 -20.11 -10.66 -42.98
CA VAL K 782 -19.78 -11.94 -42.38
C VAL K 782 -18.48 -11.68 -41.69
N ALA K 783 -18.45 -11.96 -40.42
CA ALA K 783 -17.22 -11.83 -39.62
C ALA K 783 -16.30 -13.03 -39.80
N PRO K 784 -15.10 -13.05 -39.23
CA PRO K 784 -14.19 -14.18 -39.46
C PRO K 784 -14.56 -15.51 -38.81
N ASP K 785 -15.41 -15.47 -37.76
CA ASP K 785 -15.99 -16.71 -37.19
C ASP K 785 -17.22 -17.18 -37.98
N GLY K 786 -17.73 -16.39 -38.92
CA GLY K 786 -18.83 -16.78 -39.79
C GLY K 786 -20.09 -16.08 -39.43
N ALA K 787 -20.18 -15.50 -38.25
CA ALA K 787 -21.39 -14.75 -37.89
C ALA K 787 -21.75 -13.70 -38.93
N ASN K 788 -23.05 -13.51 -39.10
CA ASN K 788 -23.60 -12.42 -39.92
C ASN K 788 -23.68 -11.16 -39.07
N VAL K 789 -23.05 -10.06 -39.51
CA VAL K 789 -23.09 -8.80 -38.74
C VAL K 789 -23.55 -7.66 -39.64
N HIS K 790 -24.84 -7.53 -39.71
CA HIS K 790 -25.62 -6.48 -40.39
C HIS K 790 -25.46 -5.09 -39.79
N LEU K 791 -24.96 -4.10 -40.54
CA LEU K 791 -24.73 -2.78 -39.95
C LEU K 791 -25.48 -1.68 -40.66
N ILE K 792 -26.41 -1.09 -39.94
CA ILE K 792 -27.30 -0.04 -40.41
C ILE K 792 -26.66 1.27 -40.08
N VAL K 793 -27.08 2.33 -40.77
CA VAL K 793 -26.70 3.70 -40.39
C VAL K 793 -27.90 4.58 -40.62
N ARG K 794 -28.35 5.28 -39.60
CA ARG K 794 -29.74 5.75 -39.53
C ARG K 794 -29.80 7.14 -38.89
N GLU K 795 -30.27 8.13 -39.63
CA GLU K 795 -30.45 9.48 -39.05
C GLU K 795 -31.60 9.48 -38.05
N VAL K 796 -31.40 10.19 -36.94
CA VAL K 796 -32.32 10.21 -35.79
C VAL K 796 -32.35 11.62 -35.23
N ALA K 797 -33.45 11.99 -34.59
CA ALA K 797 -33.65 13.32 -33.97
C ALA K 797 -34.16 13.11 -32.55
N MET K 798 -33.35 13.48 -31.56
CA MET K 798 -33.57 13.09 -30.16
C MET K 798 -33.84 14.32 -29.30
N THR K 799 -35.11 14.69 -29.16
CA THR K 799 -35.53 16.01 -28.62
C THR K 799 -35.00 16.27 -27.21
N ASP K 800 -34.95 15.26 -26.35
CA ASP K 800 -34.67 15.47 -24.92
C ASP K 800 -33.23 15.08 -24.55
N LEU K 801 -32.28 15.16 -25.47
CA LEU K 801 -30.84 15.27 -25.12
C LEU K 801 -30.54 16.74 -24.88
N CYS K 802 -30.90 17.58 -25.84
CA CYS K 802 -30.57 19.02 -25.88
C CYS K 802 -31.81 19.84 -25.57
N PRO K 803 -31.63 21.10 -25.14
CA PRO K 803 -32.76 21.94 -24.72
C PRO K 803 -33.54 22.64 -25.83
N ALA K 804 -32.86 23.03 -26.91
CA ALA K 804 -33.50 23.70 -28.05
C ALA K 804 -33.93 22.67 -29.11
N GLY K 805 -32.96 21.99 -29.73
CA GLY K 805 -33.20 21.02 -30.81
C GLY K 805 -31.99 20.11 -31.01
N PRO K 806 -32.20 18.81 -31.27
CA PRO K 806 -31.20 17.79 -30.89
C PRO K 806 -29.84 17.88 -31.57
N ILE K 807 -29.68 17.33 -32.75
CA ILE K 807 -28.97 17.99 -33.87
C ILE K 807 -29.40 17.43 -35.23
N GLN K 808 -30.31 16.45 -35.23
CA GLN K 808 -30.48 15.46 -36.30
C GLN K 808 -29.26 14.54 -36.37
N ALA K 809 -28.93 13.89 -35.25
CA ALA K 809 -27.81 12.96 -35.04
C ALA K 809 -27.88 11.75 -35.95
N VAL K 810 -26.81 10.95 -35.93
CA VAL K 810 -26.70 9.71 -36.72
C VAL K 810 -26.64 8.57 -35.76
N GLU K 811 -27.06 7.36 -36.17
CA GLU K 811 -26.80 6.15 -35.35
C GLU K 811 -26.25 5.02 -36.21
N ILE K 812 -25.06 4.57 -35.83
CA ILE K 812 -24.53 3.27 -36.20
C ILE K 812 -25.17 2.23 -35.29
N GLN K 813 -25.32 1.05 -35.80
CA GLN K 813 -26.02 -0.08 -35.22
C GLN K 813 -25.32 -1.33 -35.78
N VAL K 814 -25.28 -2.35 -35.00
CA VAL K 814 -24.58 -3.59 -35.33
C VAL K 814 -25.40 -4.71 -34.70
N GLU K 815 -26.02 -5.50 -35.52
CA GLU K 815 -26.71 -6.71 -35.10
C GLU K 815 -25.74 -7.87 -35.32
N SER K 816 -25.91 -8.93 -34.59
CA SER K 816 -25.38 -10.25 -34.96
C SER K 816 -25.72 -11.26 -33.87
N SER K 817 -25.70 -12.53 -34.28
CA SER K 817 -25.78 -13.69 -33.39
C SER K 817 -24.81 -13.58 -32.24
N SER K 818 -23.55 -13.35 -32.58
CA SER K 818 -22.43 -13.49 -31.62
C SER K 818 -22.26 -12.16 -30.86
N LEU K 819 -22.46 -12.21 -29.56
CA LEU K 819 -22.04 -11.13 -28.67
C LEU K 819 -20.54 -10.88 -28.78
N ALA K 820 -19.73 -11.89 -29.08
CA ALA K 820 -18.30 -11.63 -29.20
C ALA K 820 -18.05 -10.69 -30.38
N ASP K 821 -18.68 -10.96 -31.51
CA ASP K 821 -18.46 -10.09 -32.66
C ASP K 821 -19.09 -8.76 -32.43
N ILE K 822 -20.09 -8.65 -31.58
CA ILE K 822 -20.52 -7.29 -31.23
C ILE K 822 -19.50 -6.55 -30.42
N CYS K 823 -18.90 -7.19 -29.49
CA CYS K 823 -17.81 -6.57 -28.71
C CYS K 823 -16.70 -6.01 -29.64
N ARG K 824 -16.24 -6.84 -30.55
CA ARG K 824 -15.30 -6.44 -31.60
C ARG K 824 -15.79 -5.30 -32.50
N ALA K 825 -16.96 -5.38 -33.04
CA ALA K 825 -17.47 -4.25 -33.83
C ALA K 825 -17.62 -2.94 -33.03
N HIS K 826 -18.07 -3.00 -31.80
CA HIS K 826 -18.16 -1.80 -31.02
C HIS K 826 -16.77 -1.30 -30.82
N HIS K 827 -15.82 -2.18 -30.50
CA HIS K 827 -14.46 -1.71 -30.23
C HIS K 827 -14.09 -0.84 -31.38
N ALA K 828 -14.29 -1.35 -32.57
CA ALA K 828 -13.88 -0.70 -33.80
C ALA K 828 -14.44 0.67 -33.99
N VAL K 829 -15.73 0.72 -34.07
CA VAL K 829 -16.46 1.99 -34.25
C VAL K 829 -16.15 3.06 -33.13
N VAL K 830 -15.93 2.64 -31.92
CA VAL K 830 -15.60 3.56 -30.84
C VAL K 830 -14.18 4.00 -31.01
N GLY K 831 -13.30 3.15 -31.51
CA GLY K 831 -11.93 3.57 -31.86
C GLY K 831 -11.99 4.77 -32.78
N ARG K 832 -12.84 4.65 -33.78
CA ARG K 832 -12.90 5.65 -34.82
C ARG K 832 -13.41 6.94 -34.24
N MET K 833 -14.48 6.88 -33.47
CA MET K 833 -15.10 8.11 -32.92
C MET K 833 -14.21 8.79 -31.92
N GLN K 834 -13.48 8.02 -31.16
CA GLN K 834 -12.50 8.59 -30.24
C GLN K 834 -11.49 9.44 -31.02
N THR K 835 -10.94 8.88 -32.10
CA THR K 835 -9.94 9.58 -32.92
C THR K 835 -10.54 10.83 -33.53
N MET K 836 -11.72 10.72 -34.15
CA MET K 836 -12.27 11.90 -34.84
C MET K 836 -12.68 13.02 -33.87
N VAL K 837 -13.09 12.71 -32.65
CA VAL K 837 -13.44 13.78 -31.70
C VAL K 837 -12.16 14.44 -31.19
N THR K 838 -11.08 13.71 -31.02
CA THR K 838 -9.80 14.37 -30.71
C THR K 838 -9.39 15.28 -31.88
N GLU K 839 -9.46 14.76 -33.11
CA GLU K 839 -9.08 15.54 -34.29
C GLU K 839 -9.99 16.74 -34.51
N GLN K 840 -11.23 16.72 -34.01
CA GLN K 840 -12.17 17.83 -34.17
C GLN K 840 -12.48 18.55 -32.85
N ALA K 841 -11.61 18.37 -31.84
CA ALA K 841 -11.45 19.37 -30.77
C ALA K 841 -10.69 20.59 -31.27
N THR K 842 -10.02 20.48 -32.42
CA THR K 842 -9.25 21.58 -33.04
C THR K 842 -10.21 22.65 -33.59
N GLN K 843 -11.04 22.26 -34.56
CA GLN K 843 -12.08 23.15 -35.13
C GLN K 843 -13.04 23.63 -34.05
N GLY K 844 -13.26 22.83 -33.01
CA GLY K 844 -14.02 23.24 -31.82
C GLY K 844 -15.46 23.51 -32.14
N SER K 845 -16.15 22.55 -32.75
CA SER K 845 -17.62 22.54 -32.80
C SER K 845 -18.12 22.47 -31.35
N SER K 846 -18.77 23.52 -30.88
CA SER K 846 -18.81 23.82 -29.43
C SER K 846 -19.77 22.89 -28.67
N ALA K 847 -20.51 22.01 -29.36
CA ALA K 847 -21.16 20.83 -28.75
C ALA K 847 -22.19 21.29 -27.72
N PRO K 848 -23.47 21.47 -28.08
CA PRO K 848 -24.36 22.30 -27.27
C PRO K 848 -24.63 21.74 -25.87
N ASP K 849 -25.36 22.53 -25.09
CA ASP K 849 -25.44 22.36 -23.62
C ASP K 849 -26.68 21.53 -23.34
N LEU K 850 -26.48 20.40 -22.65
CA LEU K 850 -27.50 19.34 -22.47
C LEU K 850 -28.40 19.64 -21.27
N ARG K 851 -29.57 19.00 -21.27
CA ARG K 851 -30.55 19.11 -20.17
C ARG K 851 -30.10 18.31 -18.96
N VAL K 852 -30.90 18.33 -17.90
CA VAL K 852 -30.49 17.79 -16.58
C VAL K 852 -31.35 16.61 -16.18
N GLN K 853 -32.64 16.67 -16.49
CA GLN K 853 -33.55 15.55 -16.21
C GLN K 853 -33.00 14.30 -16.89
N TYR K 854 -32.54 14.47 -18.12
CA TYR K 854 -31.87 13.43 -18.89
C TYR K 854 -30.73 12.83 -18.08
N LEU K 855 -29.80 13.70 -17.68
CA LEU K 855 -28.61 13.22 -16.96
C LEU K 855 -28.93 12.46 -15.68
N ARG K 856 -29.87 12.95 -14.89
CA ARG K 856 -30.19 12.24 -13.63
C ARG K 856 -30.90 10.91 -13.93
N GLN K 857 -31.72 10.88 -14.99
CA GLN K 857 -32.36 9.62 -15.43
C GLN K 857 -31.30 8.57 -15.73
N ILE K 858 -30.28 8.98 -16.47
CA ILE K 858 -29.15 8.10 -16.79
C ILE K 858 -28.47 7.71 -15.48
N HIS K 859 -28.31 8.67 -14.58
CA HIS K 859 -27.46 8.50 -13.40
C HIS K 859 -28.01 7.40 -12.48
N ALA K 860 -29.32 7.33 -12.32
CA ALA K 860 -29.91 6.33 -11.41
C ALA K 860 -29.81 4.95 -12.04
N ASN K 861 -30.10 4.88 -13.34
CA ASN K 861 -29.93 3.65 -14.13
C ASN K 861 -28.52 3.09 -14.01
N HIS K 862 -27.54 3.96 -13.90
CA HIS K 862 -26.13 3.56 -13.73
C HIS K 862 -25.84 3.18 -12.28
N GLU K 863 -26.33 3.92 -11.31
CA GLU K 863 -25.96 3.67 -9.90
C GLU K 863 -26.79 2.56 -9.24
N THR K 864 -27.68 1.90 -9.97
CA THR K 864 -28.21 0.58 -9.55
C THR K 864 -27.27 -0.51 -10.03
N LEU K 865 -26.89 -0.42 -11.29
CA LEU K 865 -26.03 -1.43 -11.89
C LEU K 865 -24.69 -1.39 -11.19
N LEU K 866 -24.26 -0.22 -10.73
CA LEU K 866 -22.95 -0.14 -10.07
C LEU K 866 -22.95 -0.97 -8.77
N ARG K 867 -23.96 -0.79 -7.96
CA ARG K 867 -23.99 -1.49 -6.66
C ARG K 867 -24.22 -2.98 -6.87
N GLU K 868 -24.96 -3.35 -7.89
CA GLU K 868 -25.12 -4.76 -8.25
C GLU K 868 -23.77 -5.40 -8.51
N VAL K 869 -23.01 -4.78 -9.38
CA VAL K 869 -21.67 -5.28 -9.71
C VAL K 869 -20.81 -5.29 -8.47
N GLN K 870 -20.89 -4.27 -7.62
CA GLN K 870 -20.01 -4.24 -6.44
C GLN K 870 -20.34 -5.40 -5.48
N THR K 871 -21.61 -5.69 -5.22
CA THR K 871 -21.94 -6.81 -4.31
C THR K 871 -21.55 -8.15 -4.93
N LEU K 872 -21.62 -8.22 -6.24
CA LEU K 872 -21.16 -9.42 -6.95
C LEU K 872 -19.70 -9.62 -6.71
N ARG K 873 -18.94 -8.55 -6.75
CA ARG K 873 -17.50 -8.66 -6.49
C ARG K 873 -17.21 -9.06 -5.04
N ASP K 874 -17.95 -8.53 -4.07
CA ASP K 874 -17.79 -8.97 -2.67
C ASP K 874 -18.07 -10.48 -2.56
N ARG K 875 -19.14 -10.97 -3.18
CA ARG K 875 -19.48 -12.40 -3.13
C ARG K 875 -18.34 -13.23 -3.71
N LEU K 876 -17.74 -12.75 -4.79
CA LEU K 876 -16.62 -13.48 -5.40
C LEU K 876 -15.46 -13.49 -4.44
N CYS K 877 -15.22 -12.38 -3.74
CA CYS K 877 -14.07 -12.26 -2.82
C CYS K 877 -14.16 -13.28 -1.68
N THR K 878 -15.34 -13.41 -1.10
CA THR K 878 -15.59 -14.31 0.04
C THR K 878 -16.08 -15.69 -0.37
N GLU K 879 -16.14 -15.99 -1.67
CA GLU K 879 -16.52 -17.33 -2.15
C GLU K 879 -17.92 -17.71 -1.66
N ASP K 880 -18.81 -16.73 -1.60
CA ASP K 880 -20.16 -16.98 -1.08
C ASP K 880 -20.97 -17.70 -2.14
N GLU K 881 -21.17 -17.07 -3.29
CA GLU K 881 -21.99 -17.68 -4.36
C GLU K 881 -21.15 -18.73 -5.08
N ALA K 882 -20.22 -18.26 -5.91
CA ALA K 882 -19.33 -19.06 -6.76
C ALA K 882 -18.55 -18.07 -7.59
N SER K 883 -17.59 -18.55 -8.39
CA SER K 883 -16.99 -17.79 -9.50
C SER K 883 -17.12 -18.56 -10.81
N SER K 884 -17.97 -19.58 -10.87
CA SER K 884 -18.03 -20.49 -12.02
C SER K 884 -18.90 -19.91 -13.12
N CYS K 885 -20.19 -19.74 -12.85
CA CYS K 885 -21.11 -19.33 -13.93
C CYS K 885 -22.49 -19.00 -13.41
N ALA K 886 -23.26 -18.37 -14.28
CA ALA K 886 -24.44 -17.52 -14.00
C ALA K 886 -24.01 -16.15 -13.53
N THR K 887 -22.81 -16.00 -12.94
CA THR K 887 -22.20 -14.68 -12.76
C THR K 887 -21.80 -14.17 -14.13
N ALA K 888 -21.14 -15.03 -14.92
CA ALA K 888 -20.75 -14.67 -16.28
C ALA K 888 -21.98 -14.25 -17.05
N GLN K 889 -23.04 -15.01 -16.97
CA GLN K 889 -24.25 -14.67 -17.73
C GLN K 889 -24.89 -13.42 -17.17
N ARG K 890 -24.64 -13.09 -15.88
CA ARG K 890 -25.14 -11.83 -15.29
C ARG K 890 -24.35 -10.62 -15.80
N LEU K 891 -23.03 -10.69 -15.68
CA LEU K 891 -22.20 -9.59 -16.11
C LEU K 891 -22.38 -9.34 -17.60
N LEU K 892 -22.51 -10.39 -18.41
CA LEU K 892 -22.80 -10.19 -19.84
C LEU K 892 -24.26 -9.82 -20.11
N GLN K 893 -25.04 -9.44 -19.11
CA GLN K 893 -26.32 -8.76 -19.35
C GLN K 893 -26.21 -7.31 -18.89
N VAL K 894 -25.39 -7.09 -17.85
CA VAL K 894 -25.03 -5.70 -17.47
C VAL K 894 -24.22 -5.06 -18.58
N TYR K 895 -23.37 -5.80 -19.24
CA TYR K 895 -22.67 -5.33 -20.46
C TYR K 895 -23.66 -4.93 -21.57
N ARG K 896 -24.48 -5.86 -21.96
CA ARG K 896 -25.46 -5.66 -22.97
C ARG K 896 -26.36 -4.48 -22.67
N GLN K 897 -26.59 -4.23 -21.38
CA GLN K 897 -27.45 -3.10 -20.98
C GLN K 897 -26.85 -1.80 -21.47
N LEU K 898 -25.54 -1.71 -21.42
CA LEU K 898 -24.85 -0.44 -21.65
C LEU K 898 -24.47 -0.29 -23.11
N ARG K 899 -24.17 -1.37 -23.80
CA ARG K 899 -23.69 -1.28 -25.20
C ARG K 899 -24.75 -0.85 -26.19
N HIS K 900 -26.00 -0.70 -25.80
CA HIS K 900 -26.98 -0.34 -26.81
C HIS K 900 -26.80 1.10 -27.26
N PRO K 901 -27.17 2.13 -26.49
CA PRO K 901 -26.79 3.49 -26.92
C PRO K 901 -25.55 3.95 -26.18
N SER K 902 -24.46 3.23 -26.31
CA SER K 902 -23.19 3.60 -25.68
C SER K 902 -22.66 4.88 -26.33
N LEU K 903 -22.42 5.89 -25.53
CA LEU K 903 -21.74 7.10 -25.99
C LEU K 903 -22.50 7.77 -27.13
N ILE K 904 -23.66 8.30 -26.82
CA ILE K 904 -24.12 9.43 -27.64
C ILE K 904 -23.14 10.60 -27.52
N LEU K 905 -22.75 11.18 -28.66
CA LEU K 905 -21.52 11.99 -28.80
C LEU K 905 -21.86 13.40 -29.27
N LEU K 906 -21.59 14.38 -28.39
CA LEU K 906 -21.98 15.78 -28.57
C LEU K 906 -20.81 16.64 -28.14
N ALA L 30 -68.07 -91.32 -23.49
CA ALA L 30 -67.44 -90.31 -22.59
C ALA L 30 -66.16 -89.70 -23.18
N PRO L 31 -65.12 -90.50 -23.54
CA PRO L 31 -63.84 -89.91 -23.93
C PRO L 31 -63.95 -89.36 -25.35
N ARG L 32 -63.64 -88.07 -25.50
CA ARG L 32 -63.66 -87.40 -26.81
C ARG L 32 -62.58 -87.92 -27.75
N VAL L 33 -61.57 -88.62 -27.21
CA VAL L 33 -60.48 -89.20 -28.01
C VAL L 33 -60.28 -90.65 -27.57
N ARG L 34 -59.99 -91.52 -28.54
CA ARG L 34 -59.68 -92.94 -28.29
C ARG L 34 -58.42 -93.30 -29.04
N TYR L 35 -57.44 -93.84 -28.34
CA TYR L 35 -56.21 -94.39 -28.95
C TYR L 35 -56.46 -95.88 -29.16
N LEU L 36 -56.50 -96.32 -30.41
CA LEU L 36 -56.76 -97.73 -30.73
C LEU L 36 -55.55 -98.39 -31.40
N ALA L 37 -54.41 -97.71 -31.46
CA ALA L 37 -53.17 -98.31 -31.96
C ALA L 37 -52.00 -97.38 -31.66
N GLY L 38 -50.80 -97.93 -31.78
CA GLY L 38 -49.56 -97.20 -31.52
C GLY L 38 -48.44 -97.75 -32.36
N PHE L 39 -47.71 -96.90 -33.06
CA PHE L 39 -46.74 -97.31 -34.09
C PHE L 39 -45.35 -96.82 -33.73
N CYS L 40 -44.37 -97.50 -34.30
CA CYS L 40 -42.95 -97.15 -34.14
C CYS L 40 -42.69 -95.82 -34.82
N CYS L 41 -41.88 -95.00 -34.19
CA CYS L 41 -41.52 -93.66 -34.70
C CYS L 41 -40.11 -93.32 -34.25
N PRO L 42 -39.39 -92.45 -35.00
CA PRO L 42 -38.05 -92.04 -34.60
C PRO L 42 -38.15 -90.83 -33.67
N LEU L 43 -36.99 -90.35 -33.25
CA LEU L 43 -36.88 -89.22 -32.32
C LEU L 43 -37.40 -87.96 -33.02
N GLY L 44 -37.69 -86.94 -32.22
CA GLY L 44 -38.52 -85.83 -32.69
C GLY L 44 -39.92 -86.36 -32.92
N GLY L 45 -40.23 -86.72 -34.15
CA GLY L 45 -41.48 -87.42 -34.48
C GLY L 45 -41.44 -87.95 -35.88
N LEU L 46 -42.62 -88.22 -36.44
CA LEU L 46 -42.74 -88.62 -37.85
C LEU L 46 -42.56 -87.41 -38.74
N ALA L 47 -42.00 -87.63 -39.93
CA ALA L 47 -41.88 -86.59 -40.96
C ALA L 47 -43.25 -86.37 -41.60
N ALA L 48 -43.64 -85.11 -41.75
CA ALA L 48 -44.98 -84.74 -42.25
C ALA L 48 -45.11 -85.03 -43.73
N GLY L 49 -46.35 -84.91 -44.22
CA GLY L 49 -46.67 -85.03 -45.65
C GLY L 49 -46.94 -86.47 -46.06
N LYS L 50 -45.98 -87.36 -45.81
CA LYS L 50 -45.96 -88.72 -46.41
C LYS L 50 -46.95 -89.69 -45.77
N PRO L 51 -47.12 -89.70 -44.43
CA PRO L 51 -48.16 -90.56 -43.85
C PRO L 51 -49.54 -90.24 -44.39
N ARG L 52 -50.33 -91.28 -44.62
CA ARG L 52 -51.66 -91.19 -45.22
C ARG L 52 -52.65 -92.07 -44.44
N VAL L 53 -53.90 -91.63 -44.42
CA VAL L 53 -54.99 -92.26 -43.64
C VAL L 53 -56.26 -92.15 -44.47
N LEU L 54 -56.96 -93.26 -44.64
CA LEU L 54 -58.16 -93.34 -45.49
C LEU L 54 -59.20 -94.24 -44.82
N CYS L 55 -60.39 -93.70 -44.59
CA CYS L 55 -61.52 -94.44 -44.02
C CYS L 55 -62.45 -94.86 -45.16
N HIS L 56 -62.61 -96.16 -45.36
CA HIS L 56 -63.34 -96.71 -46.53
C HIS L 56 -64.84 -96.70 -46.27
N GLU L 57 -65.34 -97.61 -45.43
CA GLU L 57 -66.70 -97.55 -44.85
C GLU L 57 -66.59 -97.59 -43.33
N ALA L 58 -65.97 -98.63 -42.78
CA ALA L 58 -65.66 -98.78 -41.34
C ALA L 58 -64.16 -98.93 -41.12
N GLU L 59 -63.51 -99.80 -41.86
CA GLU L 59 -62.06 -100.02 -41.76
C GLU L 59 -61.29 -98.74 -42.07
N VAL L 60 -60.02 -98.72 -41.67
CA VAL L 60 -59.12 -97.56 -41.87
C VAL L 60 -57.80 -98.07 -42.39
N PHE L 61 -57.36 -97.53 -43.52
CA PHE L 61 -56.09 -97.86 -44.16
C PHE L 61 -55.09 -96.78 -43.79
N LEU L 62 -53.88 -97.19 -43.43
CA LEU L 62 -52.89 -96.27 -42.87
C LEU L 62 -51.49 -96.61 -43.37
N SER L 63 -50.69 -95.56 -43.55
CA SER L 63 -49.24 -95.65 -43.77
C SER L 63 -48.56 -94.51 -43.03
N THR L 64 -47.35 -94.77 -42.56
CA THR L 64 -46.60 -93.84 -41.68
C THR L 64 -45.32 -93.35 -42.35
N GLY L 65 -45.23 -93.43 -43.68
CA GLY L 65 -43.98 -93.11 -44.37
C GLY L 65 -42.89 -94.13 -44.09
N SER L 66 -43.28 -95.37 -43.76
CA SER L 66 -42.37 -96.51 -43.59
C SER L 66 -42.82 -97.62 -44.54
N GLU L 67 -42.24 -98.81 -44.37
CA GLU L 67 -42.40 -99.92 -45.34
C GLU L 67 -43.69 -100.70 -45.12
N LEU L 68 -44.60 -100.23 -44.27
CA LEU L 68 -45.82 -100.99 -43.91
C LEU L 68 -47.06 -100.19 -44.28
N VAL L 69 -48.13 -100.92 -44.55
CA VAL L 69 -49.49 -100.37 -44.66
C VAL L 69 -50.41 -101.24 -43.81
N TYR L 70 -51.17 -100.61 -42.93
CA TYR L 70 -52.02 -101.32 -41.96
C TYR L 70 -53.48 -101.11 -42.31
N VAL L 71 -54.29 -102.10 -41.95
CA VAL L 71 -55.76 -102.01 -42.00
C VAL L 71 -56.27 -102.22 -40.58
N TYR L 72 -57.11 -101.32 -40.10
CA TYR L 72 -57.69 -101.39 -38.75
C TYR L 72 -59.21 -101.43 -38.87
N ASP L 73 -59.82 -102.49 -38.34
CA ASP L 73 -61.26 -102.74 -38.48
C ASP L 73 -62.02 -102.10 -37.33
N GLN L 74 -62.36 -100.81 -37.43
CA GLN L 74 -63.10 -100.06 -36.40
C GLN L 74 -64.38 -100.79 -36.00
N GLU L 75 -64.67 -100.76 -34.69
CA GLU L 75 -65.40 -101.77 -33.88
C GLU L 75 -64.42 -102.86 -33.38
N GLY L 76 -63.22 -102.96 -33.97
CA GLY L 76 -62.11 -103.75 -33.46
C GLY L 76 -60.83 -102.95 -33.49
N GLY L 77 -60.27 -102.63 -32.33
CA GLY L 77 -58.99 -101.93 -32.24
C GLY L 77 -57.84 -102.74 -32.82
N LEU L 78 -58.03 -104.04 -33.03
CA LEU L 78 -57.06 -104.90 -33.72
C LEU L 78 -56.96 -104.52 -35.20
N LEU L 79 -55.79 -104.78 -35.79
CA LEU L 79 -55.59 -104.66 -37.24
C LEU L 79 -56.19 -105.88 -37.94
N THR L 80 -56.61 -105.68 -39.19
CA THR L 80 -57.06 -106.77 -40.07
C THR L 80 -55.86 -107.41 -40.74
N ALA L 81 -55.03 -106.60 -41.41
CA ALA L 81 -53.87 -107.10 -42.14
C ALA L 81 -52.83 -105.99 -42.28
N ALA L 82 -51.56 -106.39 -42.35
CA ALA L 82 -50.43 -105.51 -42.64
C ALA L 82 -49.78 -105.95 -43.94
N PHE L 83 -49.31 -105.00 -44.72
CA PHE L 83 -48.67 -105.24 -46.03
C PHE L 83 -47.29 -104.60 -46.02
N ARG L 84 -46.25 -105.40 -46.20
CA ARG L 84 -44.89 -104.89 -46.42
C ARG L 84 -44.74 -104.52 -47.89
N PHE L 85 -44.57 -103.24 -48.16
CA PHE L 85 -44.06 -102.71 -49.45
C PHE L 85 -42.57 -102.46 -49.30
N PRO L 86 -41.71 -102.74 -50.29
CA PRO L 86 -40.35 -102.20 -50.25
C PRO L 86 -40.36 -100.72 -50.59
N ASP L 87 -39.32 -100.00 -50.16
CA ASP L 87 -39.01 -98.64 -50.65
C ASP L 87 -40.15 -97.68 -50.26
N GLN L 88 -40.10 -97.21 -49.00
CA GLN L 88 -41.22 -96.68 -48.19
C GLN L 88 -42.33 -95.97 -48.97
N VAL L 89 -43.57 -96.24 -48.59
CA VAL L 89 -44.79 -95.69 -49.23
C VAL L 89 -44.83 -94.17 -49.05
N TRP L 90 -45.30 -93.47 -50.07
CA TRP L 90 -45.50 -92.00 -50.09
C TRP L 90 -46.95 -91.58 -50.25
N HIS L 91 -47.80 -92.41 -50.88
CA HIS L 91 -49.20 -92.01 -51.13
C HIS L 91 -50.07 -93.23 -51.38
N LEU L 92 -51.34 -93.11 -50.98
CA LEU L 92 -52.35 -94.17 -51.11
C LEU L 92 -53.61 -93.60 -51.75
N GLU L 93 -54.36 -94.48 -52.41
CA GLU L 93 -55.70 -94.17 -52.93
C GLU L 93 -56.52 -95.45 -52.89
N LEU L 94 -57.83 -95.31 -52.92
CA LEU L 94 -58.75 -96.45 -52.78
C LEU L 94 -59.86 -96.37 -53.83
N LEU L 95 -60.37 -97.55 -54.19
CA LEU L 95 -61.61 -97.70 -54.98
C LEU L 95 -62.52 -98.65 -54.24
N ALA L 96 -63.65 -98.14 -53.75
CA ALA L 96 -64.64 -98.96 -53.04
C ALA L 96 -65.42 -99.86 -53.99
N PRO L 97 -65.91 -99.41 -55.17
CA PRO L 97 -66.61 -100.32 -56.08
C PRO L 97 -65.73 -101.47 -56.58
N ARG L 98 -64.46 -101.18 -56.88
CA ARG L 98 -63.49 -102.19 -57.36
C ARG L 98 -62.81 -102.93 -56.20
N ARG L 99 -62.88 -102.40 -54.97
CA ARG L 99 -62.23 -102.98 -53.77
C ARG L 99 -60.72 -103.08 -54.02
N LEU L 100 -60.13 -101.97 -54.44
CA LEU L 100 -58.70 -101.91 -54.81
C LEU L 100 -58.00 -100.80 -54.03
N LEU L 101 -56.73 -101.06 -53.71
CA LEU L 101 -55.85 -100.12 -53.01
C LEU L 101 -54.66 -99.83 -53.92
N TYR L 102 -54.55 -98.59 -54.35
CA TYR L 102 -53.40 -98.10 -55.13
C TYR L 102 -52.40 -97.51 -54.15
N ALA L 103 -51.14 -97.90 -54.29
CA ALA L 103 -50.07 -97.47 -53.38
C ALA L 103 -48.86 -97.06 -54.20
N LEU L 104 -48.19 -96.00 -53.78
CA LEU L 104 -47.02 -95.44 -54.48
C LEU L 104 -45.79 -95.67 -53.62
N CYS L 105 -44.80 -96.38 -54.15
CA CYS L 105 -43.50 -96.52 -53.48
C CYS L 105 -42.57 -95.38 -53.92
N ALA L 106 -41.38 -95.32 -53.33
CA ALA L 106 -40.50 -94.16 -53.45
C ALA L 106 -39.74 -94.17 -54.78
N ARG L 107 -38.85 -95.14 -54.98
CA ARG L 107 -38.06 -95.32 -56.22
C ARG L 107 -38.60 -96.44 -57.08
N ARG L 108 -39.43 -97.34 -56.52
CA ARG L 108 -40.26 -98.28 -57.29
C ARG L 108 -41.54 -97.56 -57.71
N GLY L 109 -42.44 -98.30 -58.36
CA GLY L 109 -43.61 -97.70 -59.02
C GLY L 109 -44.87 -97.75 -58.18
N LEU L 110 -45.99 -97.96 -58.87
CA LEU L 110 -47.31 -98.08 -58.25
C LEU L 110 -47.67 -99.55 -58.15
N TYR L 111 -48.15 -99.97 -56.98
CA TYR L 111 -48.77 -101.29 -56.76
C TYR L 111 -50.28 -101.09 -56.64
N CYS L 112 -51.02 -102.09 -57.09
CA CYS L 112 -52.50 -102.11 -57.00
C CYS L 112 -52.92 -103.44 -56.41
N LEU L 113 -53.24 -103.44 -55.11
CA LEU L 113 -53.62 -104.65 -54.38
C LEU L 113 -55.14 -104.76 -54.35
N SER L 114 -55.63 -105.99 -54.40
CA SER L 114 -57.05 -106.29 -54.15
C SER L 114 -57.27 -106.36 -52.65
N LEU L 115 -58.41 -105.88 -52.18
CA LEU L 115 -58.75 -105.97 -50.75
C LEU L 115 -59.37 -107.31 -50.39
N ASP L 116 -59.69 -108.17 -51.38
CA ASP L 116 -60.10 -109.56 -51.12
C ASP L 116 -58.88 -110.35 -50.68
N HIS L 117 -57.80 -110.27 -51.47
CA HIS L 117 -56.41 -110.62 -51.09
C HIS L 117 -56.33 -112.06 -50.54
N PRO L 118 -56.22 -113.10 -51.40
CA PRO L 118 -56.36 -114.49 -50.95
C PRO L 118 -55.35 -114.93 -49.88
N SER L 138 -48.76 -115.34 -40.22
CA SER L 138 -48.72 -114.01 -39.58
C SER L 138 -49.66 -113.04 -40.30
N PRO L 139 -50.14 -111.97 -39.63
CA PRO L 139 -50.98 -110.98 -40.32
C PRO L 139 -50.19 -110.02 -41.21
N VAL L 140 -48.86 -110.10 -41.21
CA VAL L 140 -47.99 -109.33 -42.14
C VAL L 140 -47.83 -110.13 -43.42
N ILE L 141 -47.90 -109.44 -44.56
CA ILE L 141 -47.83 -110.06 -45.91
C ILE L 141 -46.86 -109.23 -46.73
N PRO L 142 -45.77 -109.80 -47.29
CA PRO L 142 -44.99 -109.06 -48.29
C PRO L 142 -45.72 -109.00 -49.64
N VAL L 143 -45.74 -107.81 -50.24
CA VAL L 143 -46.31 -107.61 -51.59
C VAL L 143 -45.30 -108.12 -52.61
N ASP L 144 -45.76 -108.92 -53.57
CA ASP L 144 -44.90 -109.44 -54.65
C ASP L 144 -44.92 -108.47 -55.82
N PRO L 145 -43.95 -108.55 -56.75
CA PRO L 145 -43.93 -107.63 -57.89
C PRO L 145 -45.09 -107.78 -58.89
N ASP L 146 -45.90 -108.86 -58.79
CA ASP L 146 -46.99 -109.12 -59.77
C ASP L 146 -48.03 -108.00 -59.75
N ALA L 147 -48.36 -107.47 -58.56
CA ALA L 147 -49.36 -106.39 -58.41
C ALA L 147 -48.81 -105.03 -58.85
N CYS L 148 -47.52 -104.92 -59.19
CA CYS L 148 -46.93 -103.66 -59.68
C CYS L 148 -47.52 -103.30 -61.04
N ILE L 149 -47.74 -102.01 -61.27
CA ILE L 149 -48.21 -101.46 -62.56
C ILE L 149 -47.46 -100.15 -62.81
N LEU L 150 -47.26 -99.81 -64.09
CA LEU L 150 -46.45 -98.67 -64.58
C LEU L 150 -45.23 -98.43 -63.69
N PRO L 151 -44.26 -99.37 -63.59
CA PRO L 151 -43.02 -99.09 -62.87
C PRO L 151 -42.15 -98.07 -63.61
N ASP L 152 -42.57 -96.79 -63.56
CA ASP L 152 -41.76 -95.67 -64.10
C ASP L 152 -40.49 -95.52 -63.29
N ALA L 153 -40.53 -95.91 -62.00
CA ALA L 153 -39.37 -96.00 -61.09
C ALA L 153 -38.78 -94.63 -60.74
N ALA L 154 -39.47 -93.53 -61.07
CA ALA L 154 -39.09 -92.17 -60.64
C ALA L 154 -40.30 -91.26 -60.39
N LEU L 155 -41.53 -91.79 -60.37
CA LEU L 155 -42.72 -90.95 -60.14
C LEU L 155 -42.84 -90.63 -58.65
N CYS L 156 -43.41 -89.46 -58.34
CA CYS L 156 -43.57 -88.94 -56.97
C CYS L 156 -45.04 -88.95 -56.55
N ALA L 157 -45.93 -88.44 -57.40
CA ALA L 157 -47.36 -88.35 -57.09
C ALA L 157 -48.19 -89.21 -58.04
N PHE L 158 -49.46 -89.35 -57.68
CA PHE L 158 -50.49 -89.94 -58.55
C PHE L 158 -51.86 -89.62 -57.96
N THR L 159 -52.85 -89.45 -58.83
CA THR L 159 -54.26 -89.28 -58.41
C THR L 159 -55.15 -90.11 -59.32
N LEU L 160 -56.38 -90.30 -58.86
CA LEU L 160 -57.28 -91.37 -59.34
C LEU L 160 -58.67 -90.80 -59.56
N LEU L 161 -59.23 -91.10 -60.74
CA LEU L 161 -60.61 -90.75 -61.10
C LEU L 161 -61.41 -92.04 -61.29
N ASP L 162 -62.68 -91.90 -61.68
CA ASP L 162 -63.60 -93.04 -61.85
C ASP L 162 -63.10 -94.00 -62.94
N SER L 163 -62.48 -93.46 -64.00
CA SER L 163 -62.02 -94.25 -65.17
C SER L 163 -60.64 -93.87 -65.69
N VAL L 164 -59.97 -92.86 -65.11
CA VAL L 164 -58.70 -92.33 -65.64
C VAL L 164 -57.72 -92.19 -64.47
N LEU L 165 -56.44 -92.35 -64.78
CA LEU L 165 -55.34 -92.21 -63.81
C LEU L 165 -54.42 -91.09 -64.26
N VAL L 166 -53.88 -90.34 -63.31
CA VAL L 166 -52.89 -89.28 -63.55
C VAL L 166 -51.68 -89.56 -62.67
N THR L 167 -50.49 -89.40 -63.22
CA THR L 167 -49.24 -89.43 -62.42
C THR L 167 -48.33 -88.29 -62.87
N LEU L 168 -47.28 -88.08 -62.10
CA LEU L 168 -46.39 -86.91 -62.25
C LEU L 168 -44.95 -87.37 -61.99
N VAL L 169 -44.13 -87.31 -63.04
CA VAL L 169 -42.82 -88.00 -63.07
C VAL L 169 -41.71 -86.96 -63.14
N GLN L 170 -40.60 -87.27 -62.50
CA GLN L 170 -39.42 -86.41 -62.41
C GLN L 170 -38.33 -86.94 -63.35
N GLY L 171 -37.51 -86.04 -63.86
CA GLY L 171 -36.33 -86.40 -64.65
C GLY L 171 -35.25 -85.34 -64.50
N PRO L 172 -34.66 -84.85 -65.61
CA PRO L 172 -34.13 -83.49 -65.62
C PRO L 172 -35.22 -82.44 -65.42
N ALA L 173 -34.80 -81.17 -65.32
CA ALA L 173 -35.49 -80.05 -64.63
C ALA L 173 -37.02 -80.15 -64.74
N ARG L 174 -37.58 -80.08 -65.95
CA ARG L 174 -39.04 -79.96 -66.08
C ARG L 174 -39.72 -81.29 -65.74
N TRP L 175 -40.71 -81.22 -64.85
CA TRP L 175 -41.55 -82.37 -64.45
C TRP L 175 -42.56 -82.61 -65.55
N LYS L 176 -43.09 -83.83 -65.64
CA LYS L 176 -44.04 -84.19 -66.71
C LYS L 176 -45.22 -84.96 -66.14
N MET L 177 -46.42 -84.52 -66.48
CA MET L 177 -47.68 -85.19 -66.11
C MET L 177 -48.07 -86.15 -67.23
N GLN L 178 -48.32 -87.41 -66.87
CA GLN L 178 -48.79 -88.43 -67.82
C GLN L 178 -50.15 -88.98 -67.38
N LEU L 179 -50.92 -89.41 -68.37
CA LEU L 179 -52.35 -89.73 -68.23
C LEU L 179 -52.57 -91.14 -68.77
N PHE L 180 -53.27 -91.98 -68.00
CA PHE L 180 -53.47 -93.40 -68.32
C PHE L 180 -54.95 -93.73 -68.27
N GLU L 181 -55.35 -94.67 -69.12
CA GLU L 181 -56.74 -95.15 -69.22
C GLU L 181 -56.89 -96.37 -68.30
N GLN L 182 -57.88 -96.34 -67.41
CA GLN L 182 -58.13 -97.42 -66.44
C GLN L 182 -59.08 -98.45 -67.05
N PRO L 183 -58.81 -99.77 -66.97
CA PRO L 183 -59.79 -100.77 -67.44
C PRO L 183 -60.97 -100.90 -66.47
N CYS L 184 -62.12 -100.33 -66.83
CA CYS L 184 -63.35 -100.40 -66.01
C CYS L 184 -63.89 -101.82 -65.91
N PRO L 185 -63.86 -102.69 -66.95
CA PRO L 185 -64.26 -104.08 -66.75
C PRO L 185 -63.29 -104.84 -65.85
N GLY L 186 -63.83 -105.74 -65.06
CA GLY L 186 -63.01 -106.59 -64.19
C GLY L 186 -62.05 -107.46 -64.99
N GLU L 187 -60.77 -107.15 -64.90
CA GLU L 187 -59.75 -107.89 -65.65
C GLU L 187 -58.48 -107.97 -64.80
N ASP L 188 -57.37 -108.38 -65.42
CA ASP L 188 -56.04 -108.25 -64.79
C ASP L 188 -55.75 -106.77 -64.57
N PRO L 189 -55.35 -106.32 -63.36
CA PRO L 189 -55.09 -104.90 -63.13
C PRO L 189 -53.87 -104.43 -63.95
N ARG L 190 -54.14 -103.60 -64.96
CA ARG L 190 -53.11 -103.11 -65.90
C ARG L 190 -53.26 -101.61 -66.07
N PRO L 191 -52.18 -100.89 -66.44
CA PRO L 191 -52.25 -99.44 -66.57
C PRO L 191 -52.82 -98.97 -67.90
N GLY L 192 -52.73 -99.79 -68.96
CA GLY L 192 -53.18 -99.41 -70.30
C GLY L 192 -52.16 -98.52 -70.99
N GLY L 193 -52.51 -98.04 -72.18
CA GLY L 193 -51.69 -97.11 -72.94
C GLY L 193 -51.92 -95.70 -72.45
N GLN L 194 -50.84 -94.91 -72.37
CA GLN L 194 -50.91 -93.52 -71.85
C GLN L 194 -51.60 -92.64 -72.91
N ILE L 195 -52.62 -91.89 -72.47
CA ILE L 195 -53.44 -91.06 -73.39
C ILE L 195 -52.60 -89.89 -73.90
N GLY L 196 -52.02 -89.12 -72.99
CA GLY L 196 -51.24 -87.93 -73.35
C GLY L 196 -50.14 -87.67 -72.35
N GLU L 197 -49.36 -86.63 -72.65
CA GLU L 197 -48.26 -86.18 -71.79
C GLU L 197 -48.13 -84.67 -71.90
N VAL L 198 -47.82 -84.03 -70.78
CA VAL L 198 -47.65 -82.57 -70.68
C VAL L 198 -46.37 -82.31 -69.88
N GLU L 199 -45.81 -81.12 -70.03
CA GLU L 199 -44.58 -80.71 -69.33
C GLU L 199 -44.89 -79.47 -68.48
N LEU L 200 -44.31 -79.42 -67.29
CA LEU L 200 -44.45 -78.29 -66.37
C LEU L 200 -43.26 -77.35 -66.56
N SER L 201 -43.29 -76.61 -67.67
CA SER L 201 -42.21 -75.68 -68.04
C SER L 201 -42.08 -74.53 -67.05
N SER L 202 -43.14 -74.23 -66.28
CA SER L 202 -43.10 -73.19 -65.23
C SER L 202 -42.12 -73.58 -64.12
N TYR L 203 -41.98 -74.87 -63.85
CA TYR L 203 -41.24 -75.38 -62.68
C TYR L 203 -39.93 -76.02 -63.13
N THR L 204 -38.84 -75.57 -62.53
CA THR L 204 -37.48 -76.14 -62.70
C THR L 204 -36.84 -76.27 -61.32
N PRO L 205 -36.71 -77.48 -60.75
CA PRO L 205 -36.13 -77.61 -59.41
C PRO L 205 -34.61 -77.57 -59.46
N PRO L 206 -33.94 -76.75 -58.62
CA PRO L 206 -32.48 -76.84 -58.53
C PRO L 206 -32.00 -78.02 -57.68
N ALA L 207 -32.74 -78.38 -56.63
CA ALA L 207 -32.35 -79.43 -55.68
C ALA L 207 -32.23 -80.79 -56.38
N PRO L 216 -38.26 -86.49 -52.34
CA PRO L 216 -37.63 -85.28 -51.80
C PRO L 216 -38.19 -84.87 -50.44
N HIS L 217 -37.77 -83.70 -49.95
CA HIS L 217 -38.27 -83.11 -48.70
C HIS L 217 -39.79 -82.91 -48.80
N PHE L 218 -40.21 -82.11 -49.76
CA PHE L 218 -41.64 -81.91 -50.10
C PHE L 218 -41.93 -82.65 -51.40
N LEU L 219 -43.08 -83.28 -51.47
CA LEU L 219 -43.60 -83.91 -52.69
C LEU L 219 -44.77 -83.08 -53.19
N PRO L 220 -45.13 -83.19 -54.47
CA PRO L 220 -46.29 -82.46 -54.97
C PRO L 220 -47.58 -83.17 -54.57
N VAL L 221 -48.68 -82.46 -54.81
CA VAL L 221 -50.03 -82.90 -54.43
C VAL L 221 -50.94 -82.76 -55.65
N LEU L 222 -51.69 -83.82 -55.94
CA LEU L 222 -52.61 -83.85 -57.09
C LEU L 222 -54.03 -83.90 -56.56
N CYS L 223 -54.81 -82.88 -56.89
CA CYS L 223 -56.25 -82.82 -56.60
C CYS L 223 -57.03 -82.88 -57.91
N SER L 224 -58.22 -83.46 -57.84
CA SER L 224 -59.13 -83.60 -58.99
C SER L 224 -60.43 -82.84 -58.71
N VAL L 225 -60.84 -82.03 -59.68
CA VAL L 225 -62.02 -81.15 -59.54
C VAL L 225 -62.96 -81.47 -60.70
N SER L 226 -64.15 -81.98 -60.39
CA SER L 226 -65.22 -82.18 -61.37
C SER L 226 -66.13 -80.97 -61.37
N PRO L 227 -66.84 -80.70 -62.48
CA PRO L 227 -67.92 -79.71 -62.47
C PRO L 227 -69.24 -80.34 -62.04
N SER L 228 -70.13 -79.52 -61.50
CA SER L 228 -71.46 -79.97 -61.02
C SER L 228 -72.28 -80.46 -62.22
N GLY L 229 -72.77 -81.70 -62.14
CA GLY L 229 -73.56 -82.35 -63.20
C GLY L 229 -72.89 -83.60 -63.75
N SER L 230 -71.56 -83.61 -63.83
CA SER L 230 -70.76 -84.74 -64.37
C SER L 230 -70.99 -86.00 -63.53
N GLY L 242 -63.16 -87.09 -56.52
CA GLY L 242 -62.86 -85.68 -56.83
C GLY L 242 -63.89 -84.73 -56.24
N PHE L 243 -63.51 -83.46 -56.09
CA PHE L 243 -64.37 -82.40 -55.52
C PHE L 243 -65.27 -81.81 -56.60
N THR L 244 -66.58 -81.84 -56.37
CA THR L 244 -67.59 -81.32 -57.32
C THR L 244 -67.79 -79.83 -57.04
N LEU L 245 -67.29 -78.98 -57.92
CA LEU L 245 -67.37 -77.52 -57.76
C LEU L 245 -68.65 -76.98 -58.41
N GLU L 246 -69.06 -75.79 -57.97
CA GLU L 246 -70.18 -75.05 -58.56
C GLU L 246 -69.76 -74.51 -59.93
N ASP L 247 -70.74 -74.44 -60.85
CA ASP L 247 -70.51 -74.07 -62.25
C ASP L 247 -69.98 -72.63 -62.37
N ALA L 248 -70.41 -71.74 -61.47
CA ALA L 248 -70.00 -70.32 -61.47
C ALA L 248 -68.49 -70.22 -61.31
N LEU L 249 -67.97 -70.68 -60.18
CA LEU L 249 -66.53 -70.58 -59.91
C LEU L 249 -65.74 -71.50 -60.85
N PHE L 250 -66.34 -72.61 -61.27
CA PHE L 250 -65.71 -73.51 -62.26
C PHE L 250 -65.40 -72.74 -63.54
N GLY L 251 -66.40 -72.07 -64.11
CA GLY L 251 -66.19 -71.24 -65.30
C GLY L 251 -65.27 -70.08 -65.03
N LEU L 252 -65.42 -69.45 -63.87
CA LEU L 252 -64.61 -68.26 -63.49
C LEU L 252 -63.12 -68.62 -63.49
N LEU L 253 -62.79 -69.85 -63.12
CA LEU L 253 -61.38 -70.27 -63.02
C LEU L 253 -60.88 -70.83 -64.35
N PHE L 254 -61.68 -71.69 -65.01
CA PHE L 254 -61.22 -72.53 -66.13
C PHE L 254 -61.69 -72.03 -67.49
N GLY L 255 -62.29 -70.84 -67.56
CA GLY L 255 -62.84 -70.32 -68.81
C GLY L 255 -64.08 -71.09 -69.24
N ALA L 256 -64.47 -70.88 -70.50
CA ALA L 256 -65.67 -71.51 -71.09
C ALA L 256 -65.37 -72.90 -71.63
N ASP L 257 -64.11 -73.20 -71.94
CA ASP L 257 -63.72 -74.50 -72.53
C ASP L 257 -64.12 -75.63 -71.59
N ALA L 258 -63.69 -75.55 -70.34
CA ALA L 258 -63.94 -76.63 -69.37
C ALA L 258 -65.44 -76.71 -69.05
N THR L 259 -66.07 -75.57 -68.78
CA THR L 259 -67.50 -75.56 -68.40
C THR L 259 -68.37 -76.08 -69.54
N LEU L 260 -67.95 -75.88 -70.78
CA LEU L 260 -68.69 -76.38 -71.96
C LEU L 260 -68.45 -77.89 -72.12
N LEU L 261 -67.18 -78.31 -72.02
CA LEU L 261 -66.85 -79.74 -72.21
C LEU L 261 -67.41 -80.60 -71.07
N GLN L 262 -67.74 -80.01 -69.91
CA GLN L 262 -68.01 -80.74 -68.66
C GLN L 262 -66.77 -81.56 -68.31
N SER L 263 -65.60 -80.92 -68.46
CA SER L 263 -64.28 -81.56 -68.37
C SER L 263 -63.86 -81.60 -66.90
N PRO L 264 -63.33 -82.72 -66.38
CA PRO L 264 -62.67 -82.67 -65.08
C PRO L 264 -61.29 -82.02 -65.20
N VAL L 265 -60.92 -81.26 -64.17
CA VAL L 265 -59.66 -80.50 -64.10
C VAL L 265 -58.77 -81.17 -63.05
N VAL L 266 -57.46 -81.05 -63.26
CA VAL L 266 -56.44 -81.61 -62.35
C VAL L 266 -55.55 -80.47 -61.90
N LEU L 267 -55.48 -80.26 -60.58
CA LEU L 267 -54.55 -79.31 -59.97
C LEU L 267 -53.33 -80.08 -59.47
N CYS L 268 -52.14 -79.59 -59.80
CA CYS L 268 -50.87 -80.11 -59.29
C CYS L 268 -50.17 -78.98 -58.54
N GLY L 269 -50.19 -79.03 -57.22
CA GLY L 269 -49.39 -78.14 -56.37
C GLY L 269 -47.99 -78.71 -56.19
N LEU L 270 -46.97 -77.90 -56.47
CA LEU L 270 -45.60 -78.38 -56.61
C LEU L 270 -44.72 -77.79 -55.51
N PRO L 271 -43.57 -78.43 -55.20
CA PRO L 271 -42.70 -77.93 -54.13
C PRO L 271 -42.23 -76.48 -54.21
N ASP L 272 -42.06 -75.94 -55.42
CA ASP L 272 -41.67 -74.52 -55.60
C ASP L 272 -42.73 -73.63 -54.95
N GLY L 273 -44.00 -74.03 -55.06
CA GLY L 273 -45.13 -73.36 -54.42
C GLY L 273 -46.26 -73.02 -55.36
N GLN L 274 -46.28 -73.57 -56.57
CA GLN L 274 -47.28 -73.18 -57.58
C GLN L 274 -48.27 -74.31 -57.81
N LEU L 275 -49.54 -73.94 -57.93
CA LEU L 275 -50.63 -74.87 -58.24
C LEU L 275 -51.06 -74.61 -59.67
N CYS L 276 -50.96 -75.63 -60.51
CA CYS L 276 -51.19 -75.53 -61.95
C CYS L 276 -52.38 -76.39 -62.34
N CYS L 277 -53.34 -75.79 -63.03
CA CYS L 277 -54.55 -76.48 -63.53
C CYS L 277 -54.31 -76.98 -64.95
N VAL L 278 -54.76 -78.19 -65.23
CA VAL L 278 -54.82 -78.73 -66.60
C VAL L 278 -56.19 -79.38 -66.80
N ILE L 279 -56.76 -79.20 -67.99
CA ILE L 279 -58.08 -79.78 -68.33
C ILE L 279 -57.85 -81.15 -68.96
N LEU L 280 -58.51 -82.16 -68.42
CA LEU L 280 -58.28 -83.56 -68.85
C LEU L 280 -58.86 -83.84 -70.23
N LYS L 281 -60.02 -83.26 -70.55
CA LYS L 281 -60.60 -83.35 -71.92
C LYS L 281 -59.62 -82.79 -72.95
N ALA L 282 -58.91 -81.71 -72.61
CA ALA L 282 -57.90 -81.09 -73.50
C ALA L 282 -56.62 -81.92 -73.52
N LEU L 283 -56.29 -82.61 -72.42
CA LEU L 283 -55.13 -83.52 -72.37
C LEU L 283 -55.49 -84.82 -73.09
N VAL L 284 -55.48 -84.76 -74.42
CA VAL L 284 -55.56 -85.93 -75.32
C VAL L 284 -54.57 -85.67 -76.46
N THR L 285 -53.36 -86.22 -76.35
CA THR L 285 -52.22 -85.92 -77.24
C THR L 285 -51.72 -87.23 -77.87
N LEU L 296 -50.76 -75.22 -72.65
CA LEU L 296 -51.78 -76.20 -72.23
C LEU L 296 -52.00 -76.10 -70.72
N VAL L 297 -50.93 -76.21 -69.95
CA VAL L 297 -50.97 -76.14 -68.47
C VAL L 297 -51.07 -74.66 -68.06
N LYS L 298 -51.97 -74.37 -67.12
CA LYS L 298 -52.27 -73.00 -66.67
C LYS L 298 -51.66 -72.77 -65.29
N ILE L 299 -51.26 -71.53 -65.03
CA ILE L 299 -50.64 -71.10 -63.76
C ILE L 299 -51.63 -70.17 -63.07
N LEU L 300 -51.90 -70.41 -61.78
CA LEU L 300 -53.02 -69.72 -61.10
C LEU L 300 -52.52 -68.62 -60.18
N HIS L 301 -51.77 -68.98 -59.15
CA HIS L 301 -51.35 -68.01 -58.11
C HIS L 301 -49.86 -68.06 -57.78
N HIS L 302 -49.25 -69.23 -57.67
CA HIS L 302 -47.85 -69.37 -57.22
C HIS L 302 -47.70 -68.79 -55.81
N LEU L 303 -48.18 -69.51 -54.81
CA LEU L 303 -47.68 -69.34 -53.43
C LEU L 303 -46.15 -69.45 -53.47
N GLU L 304 -45.44 -68.64 -52.69
CA GLU L 304 -43.96 -68.64 -52.74
C GLU L 304 -43.39 -69.86 -52.02
N GLU L 305 -44.13 -70.40 -51.06
CA GLU L 305 -43.71 -71.54 -50.22
C GLU L 305 -44.38 -72.82 -50.69
N PRO L 306 -43.86 -74.02 -50.32
CA PRO L 306 -44.35 -75.27 -50.89
C PRO L 306 -45.82 -75.53 -50.62
N VAL L 307 -46.40 -76.45 -51.38
CA VAL L 307 -47.83 -76.81 -51.30
C VAL L 307 -47.96 -78.09 -50.48
N ILE L 308 -49.03 -78.18 -49.69
CA ILE L 308 -49.25 -79.24 -48.69
C ILE L 308 -50.61 -79.91 -48.94
N PHE L 309 -51.66 -79.11 -49.01
CA PHE L 309 -53.02 -79.60 -49.20
C PHE L 309 -53.72 -78.76 -50.24
N ILE L 310 -54.47 -79.41 -51.11
CA ILE L 310 -55.44 -78.75 -52.02
C ILE L 310 -56.78 -79.44 -51.81
N GLY L 311 -57.85 -78.65 -51.75
CA GLY L 311 -59.19 -79.21 -51.61
C GLY L 311 -60.24 -78.21 -51.97
N ALA L 312 -61.38 -78.29 -51.29
CA ALA L 312 -62.56 -77.47 -51.59
C ALA L 312 -63.50 -77.50 -50.39
N LEU L 313 -64.34 -76.48 -50.28
CA LEU L 313 -65.34 -76.37 -49.21
C LEU L 313 -66.68 -75.98 -49.79
N LYS L 314 -67.71 -76.08 -48.95
CA LYS L 314 -69.06 -75.58 -49.23
C LYS L 314 -69.35 -74.46 -48.24
N THR L 315 -69.00 -73.24 -48.63
CA THR L 315 -69.27 -72.05 -47.80
C THR L 315 -70.75 -71.72 -47.87
N GLU L 316 -71.21 -70.95 -46.89
CA GLU L 316 -72.64 -70.59 -46.73
C GLU L 316 -73.50 -71.86 -46.68
N PRO L 317 -73.26 -72.81 -45.74
CA PRO L 317 -74.05 -74.06 -45.72
C PRO L 317 -75.42 -73.89 -45.05
N GLN L 318 -76.27 -73.07 -45.66
CA GLN L 318 -77.66 -72.79 -45.17
C GLN L 318 -78.65 -73.51 -46.09
N PRO L 328 -78.35 -87.53 -45.66
CA PRO L 328 -77.16 -86.80 -46.06
C PRO L 328 -76.51 -87.36 -47.33
N ASP L 329 -75.81 -86.49 -48.06
CA ASP L 329 -75.13 -86.83 -49.33
C ASP L 329 -73.62 -86.63 -49.15
N GLU L 330 -72.83 -87.35 -49.94
CA GLU L 330 -71.35 -87.30 -49.88
C GLU L 330 -70.85 -86.10 -50.71
N ASP L 331 -71.17 -86.09 -52.01
CA ASP L 331 -70.69 -85.07 -52.95
C ASP L 331 -71.56 -83.82 -52.81
N VAL L 332 -70.98 -82.77 -52.24
CA VAL L 332 -71.64 -81.44 -52.08
C VAL L 332 -71.06 -80.50 -53.13
N HIS L 333 -71.91 -79.64 -53.68
CA HIS L 333 -71.51 -78.66 -54.71
C HIS L 333 -70.70 -77.56 -54.03
N CYS L 334 -69.37 -77.66 -54.13
CA CYS L 334 -68.44 -76.81 -53.35
C CYS L 334 -68.39 -75.40 -53.93
N ASP L 335 -68.59 -74.40 -53.07
CA ASP L 335 -68.68 -72.99 -53.46
C ASP L 335 -67.28 -72.37 -53.59
N CYS L 336 -66.34 -72.83 -52.77
CA CYS L 336 -65.01 -72.22 -52.62
C CYS L 336 -63.93 -73.11 -53.24
N LEU L 337 -62.69 -72.66 -53.12
CA LEU L 337 -61.50 -73.48 -53.42
C LEU L 337 -60.40 -73.04 -52.46
N VAL L 338 -59.71 -74.00 -51.86
CA VAL L 338 -58.67 -73.74 -50.84
C VAL L 338 -57.41 -74.51 -51.22
N ALA L 339 -56.27 -73.91 -50.90
CA ALA L 339 -54.98 -74.60 -50.85
C ALA L 339 -54.23 -74.09 -49.63
N PHE L 340 -53.16 -74.78 -49.28
CA PHE L 340 -52.36 -74.47 -48.08
C PHE L 340 -50.89 -74.50 -48.44
N GLY L 341 -50.11 -73.80 -47.62
CA GLY L 341 -48.66 -73.84 -47.69
C GLY L 341 -48.08 -74.68 -46.59
N HIS L 342 -46.77 -74.63 -46.44
CA HIS L 342 -46.05 -75.28 -45.34
C HIS L 342 -45.76 -74.26 -44.25
N HIS L 343 -45.08 -73.17 -44.60
CA HIS L 343 -44.74 -72.08 -43.64
C HIS L 343 -45.99 -71.32 -43.17
N GLY L 344 -47.15 -71.53 -43.78
CA GLY L 344 -48.43 -71.05 -43.24
C GLY L 344 -49.27 -70.22 -44.18
N ARG L 345 -48.96 -70.17 -45.47
CA ARG L 345 -49.72 -69.33 -46.41
C ARG L 345 -50.94 -70.12 -46.86
N MET L 346 -52.11 -69.57 -46.61
CA MET L 346 -53.38 -70.15 -47.05
C MET L 346 -53.95 -69.32 -48.20
N LEU L 347 -54.60 -69.99 -49.13
CA LEU L 347 -55.25 -69.35 -50.28
C LEU L 347 -56.72 -69.74 -50.29
N ALA L 348 -57.56 -68.80 -50.70
CA ALA L 348 -59.01 -69.00 -50.82
C ALA L 348 -59.52 -68.27 -52.05
N ILE L 349 -60.48 -68.88 -52.74
CA ILE L 349 -61.07 -68.32 -53.98
C ILE L 349 -62.59 -68.41 -53.86
N LYS L 350 -63.29 -67.44 -54.45
CA LYS L 350 -64.75 -67.44 -54.42
C LYS L 350 -65.29 -66.69 -55.65
N ALA L 351 -66.51 -67.02 -56.03
CA ALA L 351 -67.27 -66.28 -57.06
C ALA L 351 -67.94 -65.09 -56.38
N SER L 352 -67.76 -63.90 -56.95
CA SER L 352 -68.16 -62.61 -56.33
C SER L 352 -69.38 -62.02 -57.03
N TRP L 353 -69.30 -61.81 -58.34
CA TRP L 353 -70.34 -61.16 -59.16
C TRP L 353 -70.85 -59.86 -58.51
N ASP L 354 -69.95 -59.14 -57.86
CA ASP L 354 -70.30 -57.93 -57.09
C ASP L 354 -69.57 -56.72 -57.65
N GLU L 355 -70.20 -55.55 -57.51
CA GLU L 355 -69.59 -54.21 -57.71
C GLU L 355 -69.52 -53.81 -59.19
N SER L 356 -69.66 -54.76 -60.13
CA SER L 356 -69.66 -54.47 -61.58
C SER L 356 -70.78 -55.16 -62.36
N GLY L 357 -71.48 -56.15 -61.77
CA GLY L 357 -72.47 -56.96 -62.49
C GLY L 357 -71.86 -58.02 -63.38
N LYS L 358 -70.57 -58.32 -63.24
CA LYS L 358 -69.88 -59.41 -63.96
C LYS L 358 -69.12 -60.26 -62.94
N LEU L 359 -68.87 -61.51 -63.29
CA LEU L 359 -68.20 -62.47 -62.39
C LEU L 359 -66.73 -62.09 -62.25
N VAL L 360 -66.29 -61.90 -61.02
CA VAL L 360 -64.89 -61.53 -60.69
C VAL L 360 -64.40 -62.55 -59.67
N PRO L 361 -63.17 -63.09 -59.79
CA PRO L 361 -62.67 -64.02 -58.78
C PRO L 361 -62.21 -63.27 -57.54
N GLU L 362 -62.85 -63.54 -56.41
CA GLU L 362 -62.45 -62.98 -55.12
C GLU L 362 -61.40 -63.90 -54.53
N LEU L 363 -60.14 -63.48 -54.54
CA LEU L 363 -59.03 -64.21 -53.91
C LEU L 363 -58.72 -63.57 -52.56
N ARG L 364 -58.41 -64.41 -51.59
CA ARG L 364 -57.71 -64.01 -50.36
C ARG L 364 -56.27 -64.51 -50.44
N GLU L 365 -55.50 -64.16 -49.43
CA GLU L 365 -54.28 -64.90 -49.08
C GLU L 365 -53.92 -64.58 -47.63
N TYR L 366 -54.10 -65.56 -46.75
CA TYR L 366 -53.83 -65.42 -45.32
C TYR L 366 -52.43 -65.94 -45.02
N CYS L 367 -51.89 -65.52 -43.88
CA CYS L 367 -50.60 -66.00 -43.35
C CYS L 367 -50.85 -66.52 -41.94
N LEU L 368 -51.29 -67.76 -41.87
CA LEU L 368 -51.73 -68.39 -40.61
C LEU L 368 -50.51 -68.99 -39.91
N PRO L 369 -50.53 -69.06 -38.58
CA PRO L 369 -49.31 -69.27 -37.83
C PRO L 369 -48.80 -70.70 -37.97
N GLY L 370 -47.52 -70.85 -37.66
CA GLY L 370 -46.87 -72.14 -37.44
C GLY L 370 -46.66 -72.89 -38.75
N PRO L 371 -45.61 -73.72 -38.85
CA PRO L 371 -45.46 -74.59 -40.02
C PRO L 371 -46.55 -75.66 -40.09
N VAL L 372 -47.51 -75.45 -40.99
CA VAL L 372 -48.60 -76.42 -41.23
C VAL L 372 -47.99 -77.74 -41.68
N LEU L 373 -48.36 -78.84 -41.02
CA LEU L 373 -47.89 -80.19 -41.37
C LEU L 373 -48.95 -80.97 -42.12
N CYS L 374 -50.23 -80.68 -41.90
CA CYS L 374 -51.31 -81.39 -42.60
C CYS L 374 -52.59 -80.58 -42.44
N ALA L 375 -53.55 -80.86 -43.31
CA ALA L 375 -54.93 -80.38 -43.13
C ALA L 375 -55.92 -81.20 -43.92
N ALA L 376 -57.19 -80.96 -43.63
CA ALA L 376 -58.32 -81.59 -44.33
C ALA L 376 -59.56 -80.72 -44.13
N CYS L 377 -60.65 -81.13 -44.78
CA CYS L 377 -61.90 -80.35 -44.86
C CYS L 377 -62.99 -81.06 -44.06
N GLY L 378 -63.88 -80.26 -43.47
CA GLY L 378 -65.06 -80.76 -42.75
C GLY L 378 -66.33 -80.15 -43.29
N GLY L 379 -67.43 -80.91 -43.22
CA GLY L 379 -68.73 -80.50 -43.76
C GLY L 379 -69.25 -79.22 -43.14
N GLY L 380 -69.50 -78.20 -43.98
CA GLY L 380 -70.08 -76.92 -43.56
C GLY L 380 -69.04 -75.82 -43.47
N GLY L 381 -68.17 -75.71 -44.47
CA GLY L 381 -67.20 -74.61 -44.59
C GLY L 381 -66.23 -74.56 -43.43
N ARG L 382 -65.63 -75.70 -43.10
CA ARG L 382 -64.64 -75.81 -42.01
C ARG L 382 -63.41 -76.54 -42.51
N VAL L 383 -62.25 -76.16 -41.98
CA VAL L 383 -60.96 -76.80 -42.33
C VAL L 383 -60.21 -77.05 -41.04
N TYR L 384 -59.74 -78.29 -40.86
CA TYR L 384 -58.91 -78.68 -39.72
C TYR L 384 -57.47 -78.74 -40.21
N HIS L 385 -56.60 -77.93 -39.62
CA HIS L 385 -55.17 -77.93 -39.94
C HIS L 385 -54.35 -78.15 -38.68
N SER L 386 -53.08 -78.49 -38.84
CA SER L 386 -52.23 -78.93 -37.73
C SER L 386 -50.85 -78.28 -37.79
N THR L 387 -50.42 -77.77 -36.66
CA THR L 387 -49.10 -77.20 -36.41
C THR L 387 -48.43 -77.99 -35.30
N PRO L 388 -47.08 -78.03 -35.21
CA PRO L 388 -46.42 -78.83 -34.17
C PRO L 388 -46.74 -78.50 -32.72
N SER L 389 -47.45 -77.40 -32.44
CA SER L 389 -47.96 -77.12 -31.08
C SER L 389 -49.33 -77.79 -30.90
N ASP L 390 -50.27 -77.46 -31.78
CA ASP L 390 -51.70 -77.75 -31.57
C ASP L 390 -52.34 -78.16 -32.90
N LEU L 391 -53.53 -78.75 -32.78
CA LEU L 391 -54.43 -79.01 -33.92
C LEU L 391 -55.53 -77.95 -33.92
N CYS L 392 -55.49 -77.06 -34.91
CA CYS L 392 -56.40 -75.91 -34.99
C CYS L 392 -57.40 -76.08 -36.11
N VAL L 393 -58.39 -75.21 -36.10
CA VAL L 393 -59.55 -75.28 -37.02
C VAL L 393 -59.82 -73.87 -37.54
N VAL L 394 -60.44 -73.80 -38.70
CA VAL L 394 -60.72 -72.53 -39.41
C VAL L 394 -62.13 -72.62 -39.99
N ASP L 395 -62.92 -71.57 -39.76
CA ASP L 395 -64.31 -71.48 -40.24
C ASP L 395 -64.38 -70.47 -41.39
N LEU L 396 -64.68 -70.95 -42.60
CA LEU L 396 -64.90 -70.08 -43.77
C LEU L 396 -66.37 -69.67 -43.91
N SER L 397 -67.27 -70.34 -43.18
CA SER L 397 -68.71 -70.05 -43.25
C SER L 397 -68.99 -68.69 -42.60
N ARG L 398 -69.66 -67.79 -43.33
CA ARG L 398 -70.00 -66.43 -42.88
C ARG L 398 -71.52 -66.31 -42.72
N PRO L 408 -66.23 -60.49 -48.90
CA PRO L 408 -67.39 -61.36 -48.83
C PRO L 408 -67.27 -62.48 -47.80
N GLU L 409 -66.23 -63.32 -47.92
CA GLU L 409 -66.09 -64.57 -47.12
C GLU L 409 -65.61 -64.26 -45.70
N GLU L 410 -64.38 -63.76 -45.57
CA GLU L 410 -63.71 -63.54 -44.28
C GLU L 410 -62.52 -62.61 -44.50
N GLY L 411 -62.42 -61.52 -43.75
CA GLY L 411 -61.28 -60.60 -43.83
C GLY L 411 -60.06 -61.16 -43.10
N PRO L 412 -60.11 -61.23 -41.75
CA PRO L 412 -59.00 -61.80 -40.97
C PRO L 412 -59.16 -63.29 -40.64
N GLY L 413 -58.03 -63.99 -40.48
CA GLY L 413 -58.02 -65.43 -40.19
C GLY L 413 -58.05 -65.72 -38.69
N GLY L 414 -59.24 -65.98 -38.15
CA GLY L 414 -59.44 -66.39 -36.77
C GLY L 414 -59.47 -67.91 -36.65
N LEU L 415 -58.75 -68.45 -35.67
CA LEU L 415 -58.53 -69.91 -35.54
C LEU L 415 -58.35 -70.30 -34.07
N PRO L 416 -59.20 -71.19 -33.51
CA PRO L 416 -58.91 -71.77 -32.20
C PRO L 416 -58.17 -73.10 -32.30
N PRO L 417 -57.40 -73.51 -31.28
CA PRO L 417 -57.05 -74.92 -31.12
C PRO L 417 -58.26 -75.77 -30.74
N MET L 418 -58.09 -77.08 -30.92
CA MET L 418 -59.01 -78.10 -30.42
C MET L 418 -58.42 -78.82 -29.20
N LEU L 419 -57.28 -78.34 -28.66
CA LEU L 419 -56.60 -78.92 -27.49
C LEU L 419 -56.27 -80.40 -27.71
N CYS L 420 -56.08 -80.82 -28.95
CA CYS L 420 -55.43 -82.09 -29.30
C CYS L 420 -53.99 -81.77 -29.68
N PRO L 421 -53.07 -82.74 -29.68
CA PRO L 421 -51.66 -82.44 -29.88
C PRO L 421 -51.35 -82.31 -31.38
N ALA L 422 -50.07 -82.22 -31.71
CA ALA L 422 -49.60 -82.13 -33.10
C ALA L 422 -49.92 -83.45 -33.80
N SER L 423 -51.04 -83.48 -34.52
CA SER L 423 -51.41 -84.58 -35.41
C SER L 423 -50.95 -84.26 -36.82
N LEU L 424 -50.14 -85.14 -37.39
CA LEU L 424 -49.89 -85.16 -38.83
C LEU L 424 -50.83 -86.17 -39.47
N ASN L 425 -51.13 -85.94 -40.75
CA ASN L 425 -52.00 -86.83 -41.54
C ASN L 425 -53.35 -86.98 -40.84
N ILE L 426 -54.11 -85.91 -40.83
CA ILE L 426 -55.52 -85.93 -40.40
C ILE L 426 -56.38 -86.45 -41.55
N CYS L 427 -57.54 -86.99 -41.22
CA CYS L 427 -58.59 -87.36 -42.18
C CYS L 427 -59.91 -87.37 -41.43
N SER L 428 -61.01 -87.11 -42.14
CA SER L 428 -62.34 -86.95 -41.53
C SER L 428 -63.32 -87.95 -42.13
N VAL L 429 -64.15 -88.54 -41.27
CA VAL L 429 -65.38 -89.27 -41.69
C VAL L 429 -66.56 -88.48 -41.15
N VAL L 430 -67.48 -88.10 -42.02
CA VAL L 430 -68.62 -87.24 -41.64
C VAL L 430 -69.78 -88.18 -41.30
N SER L 431 -70.22 -88.16 -40.04
CA SER L 431 -71.24 -89.10 -39.55
C SER L 431 -72.63 -88.68 -40.02
N LEU L 432 -73.11 -87.53 -39.54
CA LEU L 432 -74.45 -86.97 -39.88
C LEU L 432 -75.53 -88.00 -39.57
N SER L 433 -75.53 -88.53 -38.35
CA SER L 433 -76.46 -89.59 -37.91
C SER L 433 -77.85 -89.01 -37.70
N GLY L 441 -74.84 -86.44 -30.74
CA GLY L 441 -73.86 -86.86 -31.73
C GLY L 441 -73.08 -85.71 -32.32
N GLY L 442 -72.12 -86.02 -33.19
CA GLY L 442 -71.29 -85.00 -33.82
C GLY L 442 -70.37 -85.60 -34.86
N THR L 443 -69.45 -84.77 -35.36
CA THR L 443 -68.49 -85.19 -36.40
C THR L 443 -67.31 -85.91 -35.74
N LYS L 444 -66.81 -86.94 -36.40
CA LYS L 444 -65.79 -87.85 -35.86
C LYS L 444 -64.67 -87.97 -36.88
N LEU L 445 -63.49 -87.50 -36.53
CA LEU L 445 -62.31 -87.53 -37.42
C LEU L 445 -61.33 -88.60 -36.96
N LEU L 446 -60.42 -88.96 -37.85
CA LEU L 446 -59.30 -89.88 -37.55
C LEU L 446 -58.01 -89.12 -37.76
N ALA L 447 -57.16 -89.14 -36.74
CA ALA L 447 -55.86 -88.48 -36.79
C ALA L 447 -54.77 -89.51 -36.50
N LEU L 448 -53.55 -89.14 -36.86
CA LEU L 448 -52.35 -89.88 -36.49
C LEU L 448 -51.43 -88.91 -35.76
N SER L 449 -51.30 -89.09 -34.45
CA SER L 449 -50.49 -88.21 -33.60
C SER L 449 -49.02 -88.39 -33.96
N ALA L 450 -48.23 -87.31 -33.81
CA ALA L 450 -46.80 -87.30 -34.15
C ALA L 450 -46.03 -88.33 -33.31
N LYS L 451 -46.54 -88.72 -32.15
CA LYS L 451 -45.89 -89.74 -31.32
C LYS L 451 -46.13 -91.15 -31.89
N GLY L 452 -47.08 -91.31 -32.81
CA GLY L 452 -47.30 -92.54 -33.57
C GLY L 452 -48.50 -93.30 -33.06
N ARG L 453 -49.59 -92.60 -32.75
CA ARG L 453 -50.82 -93.18 -32.21
C ARG L 453 -51.98 -92.78 -33.11
N LEU L 454 -52.50 -93.74 -33.86
CA LEU L 454 -53.82 -93.58 -34.50
C LEU L 454 -54.82 -93.26 -33.40
N MET L 455 -55.61 -92.22 -33.60
CA MET L 455 -56.69 -91.90 -32.65
C MET L 455 -57.90 -91.37 -33.37
N THR L 456 -59.03 -91.45 -32.67
CA THR L 456 -60.37 -91.17 -33.22
C THR L 456 -60.98 -90.10 -32.34
N CYS L 457 -61.25 -88.93 -32.90
CA CYS L 457 -61.64 -87.74 -32.15
C CYS L 457 -63.08 -87.37 -32.50
N SER L 458 -63.98 -87.49 -31.54
CA SER L 458 -65.40 -87.10 -31.66
C SER L 458 -65.56 -85.69 -31.12
N LEU L 459 -66.02 -84.77 -31.96
CA LEU L 459 -66.18 -83.35 -31.60
C LEU L 459 -67.65 -83.07 -31.25
N ASP L 460 -67.86 -82.10 -30.37
CA ASP L 460 -69.19 -81.71 -29.89
C ASP L 460 -69.29 -80.17 -29.89
N GLU L 474 -54.92 -66.36 -9.36
CA GLU L 474 -53.54 -66.43 -8.83
C GLU L 474 -52.62 -67.02 -9.90
N SER L 475 -52.77 -68.32 -10.15
CA SER L 475 -51.96 -69.04 -11.16
C SER L 475 -52.20 -68.43 -12.54
N ALA L 476 -53.46 -68.28 -12.94
CA ALA L 476 -53.80 -67.57 -14.18
C ALA L 476 -53.37 -66.10 -14.08
N GLY L 477 -53.38 -65.52 -12.88
CA GLY L 477 -52.95 -64.14 -12.68
C GLY L 477 -51.50 -63.91 -13.07
N GLN L 478 -50.62 -64.88 -12.81
CA GLN L 478 -49.21 -64.80 -13.22
C GLN L 478 -49.02 -65.29 -14.67
N LYS L 479 -49.82 -66.26 -15.09
CA LYS L 479 -49.78 -66.74 -16.48
C LYS L 479 -50.07 -65.60 -17.46
N ILE L 480 -51.05 -64.75 -17.13
CA ILE L 480 -51.37 -63.55 -17.95
C ILE L 480 -50.11 -62.69 -18.05
N LYS L 481 -49.42 -62.48 -16.94
CA LYS L 481 -48.28 -61.54 -16.90
C LYS L 481 -47.11 -62.07 -17.73
N GLU L 482 -46.85 -63.38 -17.70
CA GLU L 482 -45.69 -63.92 -18.44
C GLU L 482 -45.91 -63.83 -19.95
N LEU L 483 -47.11 -64.18 -20.42
CA LEU L 483 -47.47 -63.98 -21.84
C LEU L 483 -47.43 -62.50 -22.19
N LEU L 484 -47.83 -61.62 -21.27
CA LEU L 484 -47.75 -60.15 -21.51
C LEU L 484 -46.30 -59.73 -21.73
N SER L 485 -45.39 -60.28 -20.94
CA SER L 485 -43.94 -60.03 -21.09
C SER L 485 -43.47 -60.50 -22.47
N GLY L 486 -43.90 -61.69 -22.88
CA GLY L 486 -43.57 -62.22 -24.22
C GLY L 486 -44.05 -61.29 -25.32
N ILE L 487 -45.29 -60.80 -25.20
CA ILE L 487 -45.85 -59.84 -26.17
C ILE L 487 -44.97 -58.60 -26.22
N GLY L 488 -44.59 -58.07 -25.04
CA GLY L 488 -43.71 -56.91 -24.98
C GLY L 488 -42.43 -57.11 -25.77
N ASN L 489 -41.78 -58.26 -25.54
CA ASN L 489 -40.49 -58.56 -26.19
C ASN L 489 -40.66 -58.62 -27.71
N ILE L 490 -41.60 -59.44 -28.17
CA ILE L 490 -41.75 -59.67 -29.63
C ILE L 490 -42.17 -58.37 -30.31
N SER L 491 -43.06 -57.59 -29.69
CA SER L 491 -43.54 -56.33 -30.29
C SER L 491 -42.41 -55.30 -30.33
N GLU L 492 -41.53 -55.31 -29.33
CA GLU L 492 -40.32 -54.47 -29.36
C GLU L 492 -39.46 -54.83 -30.58
N ARG L 493 -39.22 -56.12 -30.79
CA ARG L 493 -38.44 -56.57 -31.97
C ARG L 493 -39.14 -56.16 -33.26
N VAL L 494 -40.47 -56.19 -33.27
CA VAL L 494 -41.27 -55.78 -34.46
C VAL L 494 -40.97 -54.30 -34.77
N SER L 495 -41.01 -53.45 -33.74
CA SER L 495 -40.71 -52.02 -33.93
C SER L 495 -39.28 -51.83 -34.45
N PHE L 496 -38.35 -52.57 -33.87
CA PHE L 496 -36.92 -52.53 -34.29
C PHE L 496 -36.80 -52.85 -35.78
N LEU L 497 -37.46 -53.91 -36.24
CA LEU L 497 -37.40 -54.29 -37.66
C LEU L 497 -38.08 -53.23 -38.52
N LYS L 498 -39.14 -52.60 -38.01
CA LYS L 498 -39.79 -51.51 -38.77
C LYS L 498 -38.79 -50.39 -39.04
N LYS L 499 -38.01 -50.04 -38.03
CA LYS L 499 -37.05 -48.93 -38.17
C LYS L 499 -35.91 -49.33 -39.10
N ALA L 500 -35.43 -50.57 -39.02
CA ALA L 500 -34.42 -51.07 -39.98
C ALA L 500 -34.96 -51.00 -41.41
N VAL L 501 -36.22 -51.38 -41.61
CA VAL L 501 -36.89 -51.29 -42.93
C VAL L 501 -36.85 -49.84 -43.43
N ASP L 502 -37.22 -48.89 -42.56
CA ASP L 502 -37.25 -47.48 -42.97
C ASP L 502 -35.85 -47.01 -43.37
N GLN L 503 -34.83 -47.43 -42.63
CA GLN L 503 -33.46 -47.04 -42.94
C GLN L 503 -33.03 -47.61 -44.30
N ARG L 504 -33.34 -48.86 -44.56
CA ARG L 504 -32.95 -49.46 -45.86
C ARG L 504 -33.70 -48.79 -47.00
N ASN L 505 -34.94 -48.41 -46.77
CA ASN L 505 -35.71 -47.67 -47.80
C ASN L 505 -35.04 -46.32 -48.09
N LYS L 506 -34.53 -45.66 -47.06
CA LYS L 506 -33.81 -44.39 -47.22
C LYS L 506 -32.55 -44.60 -48.07
N ALA L 507 -31.77 -45.62 -47.72
CA ALA L 507 -30.59 -46.00 -48.51
C ALA L 507 -30.97 -46.23 -49.96
N LEU L 508 -32.12 -46.83 -50.20
CA LEU L 508 -32.56 -47.16 -51.56
C LEU L 508 -32.89 -45.90 -52.34
N THR L 509 -33.57 -44.93 -51.74
CA THR L 509 -33.80 -43.64 -52.42
C THR L 509 -32.48 -42.96 -52.78
N SER L 510 -31.57 -42.90 -51.82
CA SER L 510 -30.27 -42.24 -52.04
C SER L 510 -29.52 -42.96 -53.15
N LEU L 511 -29.58 -44.28 -53.14
CA LEU L 511 -28.93 -45.06 -54.22
C LEU L 511 -29.56 -44.74 -55.56
N ASN L 512 -30.87 -44.52 -55.61
CA ASN L 512 -31.52 -44.19 -56.89
C ASN L 512 -30.95 -42.87 -57.42
N GLU L 513 -30.76 -41.90 -56.54
CA GLU L 513 -30.17 -40.61 -56.97
C GLU L 513 -28.78 -40.88 -57.53
N ALA L 514 -28.02 -41.74 -56.88
CA ALA L 514 -26.69 -42.12 -57.38
C ALA L 514 -26.76 -42.78 -58.75
N MET L 515 -27.77 -43.62 -58.97
CA MET L 515 -27.88 -44.33 -60.25
C MET L 515 -28.16 -43.34 -61.36
N ASN L 516 -29.11 -42.44 -61.11
CA ASN L 516 -29.47 -41.43 -62.10
C ASN L 516 -28.26 -40.55 -62.43
N VAL L 517 -27.52 -40.17 -61.39
CA VAL L 517 -26.34 -39.31 -61.56
C VAL L 517 -25.27 -40.02 -62.38
N SER L 518 -24.98 -41.27 -62.02
CA SER L 518 -23.96 -42.06 -62.72
C SER L 518 -24.32 -42.23 -64.19
N CYS L 519 -25.59 -42.50 -64.48
CA CYS L 519 -26.07 -42.62 -65.88
C CYS L 519 -25.90 -41.28 -66.59
N ALA L 520 -26.22 -40.18 -65.89
CA ALA L 520 -26.09 -38.83 -66.46
C ALA L 520 -24.63 -38.55 -66.86
N LEU L 521 -23.71 -38.73 -65.92
CA LEU L 521 -22.28 -38.47 -66.18
C LEU L 521 -21.78 -39.35 -67.31
N LEU L 522 -21.88 -40.66 -67.15
CA LEU L 522 -21.22 -41.61 -68.08
C LEU L 522 -21.85 -41.56 -69.47
N SER L 523 -23.18 -41.67 -69.54
CA SER L 523 -23.93 -41.63 -70.82
C SER L 523 -24.17 -40.19 -71.23
N SER L 524 -24.98 -39.99 -72.27
CA SER L 524 -25.25 -38.66 -72.85
C SER L 524 -23.92 -38.05 -73.30
N GLY L 525 -23.29 -38.62 -74.31
CA GLY L 525 -21.98 -38.16 -74.80
C GLY L 525 -22.08 -36.82 -75.50
N THR L 526 -22.43 -35.78 -74.74
CA THR L 526 -22.69 -34.40 -75.21
C THR L 526 -21.63 -33.48 -74.60
N GLY L 527 -21.78 -32.17 -74.85
CA GLY L 527 -20.93 -31.15 -74.24
C GLY L 527 -21.22 -30.99 -72.74
N PRO L 528 -22.43 -30.49 -72.38
CA PRO L 528 -22.74 -30.19 -70.99
C PRO L 528 -23.17 -31.44 -70.20
N ARG L 529 -22.32 -31.86 -69.27
CA ARG L 529 -22.68 -32.83 -68.23
C ARG L 529 -23.40 -32.11 -67.10
N PRO L 530 -24.15 -32.82 -66.24
CA PRO L 530 -24.79 -32.17 -65.10
C PRO L 530 -23.79 -31.69 -64.05
N ILE L 531 -22.81 -32.53 -63.72
CA ILE L 531 -21.76 -32.19 -62.74
C ILE L 531 -20.50 -31.85 -63.55
N SER L 532 -19.70 -30.92 -63.06
CA SER L 532 -18.41 -30.58 -63.67
C SER L 532 -17.43 -30.11 -62.62
N CYS L 533 -16.16 -30.02 -63.00
CA CYS L 533 -15.10 -29.50 -62.11
C CYS L 533 -14.10 -28.77 -62.98
N THR L 534 -14.28 -27.47 -63.13
CA THR L 534 -13.35 -26.66 -63.94
C THR L 534 -12.19 -26.24 -63.06
N THR L 535 -10.98 -26.44 -63.56
CA THR L 535 -9.75 -26.08 -62.83
C THR L 535 -9.09 -24.92 -63.56
N SER L 536 -8.85 -23.84 -62.83
CA SER L 536 -8.01 -22.74 -63.29
C SER L 536 -6.62 -22.81 -62.67
N THR L 537 -5.80 -21.83 -62.99
CA THR L 537 -4.56 -21.53 -62.24
C THR L 537 -4.47 -20.05 -62.00
N THR L 538 -3.76 -19.72 -60.97
CA THR L 538 -3.65 -18.35 -60.48
C THR L 538 -2.28 -18.20 -59.82
N TRP L 539 -1.84 -16.97 -59.73
CA TRP L 539 -0.61 -16.61 -59.01
C TRP L 539 -0.99 -15.77 -57.80
N SER L 540 -0.61 -16.25 -56.63
CA SER L 540 -0.82 -15.54 -55.36
C SER L 540 0.52 -15.38 -54.67
N ARG L 541 0.58 -14.39 -53.78
CA ARG L 541 1.80 -14.08 -53.03
C ARG L 541 1.69 -14.60 -51.60
N LEU L 542 2.65 -15.41 -51.21
CA LEU L 542 2.87 -15.77 -49.80
C LEU L 542 4.20 -15.18 -49.41
N GLN L 543 4.60 -15.37 -48.18
CA GLN L 543 5.52 -14.54 -47.43
C GLN L 543 6.22 -13.53 -48.34
N THR L 544 7.07 -13.98 -49.21
CA THR L 544 7.65 -13.12 -50.26
C THR L 544 7.45 -13.73 -51.64
N GLN L 545 7.45 -15.07 -51.72
CA GLN L 545 7.35 -15.82 -52.96
C GLN L 545 6.04 -15.52 -53.68
N ASP L 546 6.05 -15.79 -54.97
CA ASP L 546 4.83 -16.04 -55.74
C ASP L 546 4.68 -17.53 -55.84
N VAL L 547 3.46 -18.00 -55.67
CA VAL L 547 3.15 -19.44 -55.80
C VAL L 547 1.93 -19.61 -56.68
N LEU L 548 1.89 -20.73 -57.36
CA LEU L 548 0.76 -21.10 -58.21
C LEU L 548 -0.31 -21.81 -57.39
N MET L 549 -1.54 -21.55 -57.73
CA MET L 549 -2.69 -22.12 -57.04
C MET L 549 -3.61 -22.68 -58.10
N ALA L 550 -4.34 -23.72 -57.75
CA ALA L 550 -5.36 -24.31 -58.60
C ALA L 550 -6.67 -24.22 -57.85
N THR L 551 -7.52 -23.27 -58.23
CA THR L 551 -8.96 -23.34 -57.93
C THR L 551 -9.48 -24.49 -58.79
N CYS L 552 -9.97 -25.51 -58.10
CA CYS L 552 -10.84 -26.54 -58.68
C CYS L 552 -12.26 -26.21 -58.22
N VAL L 553 -13.14 -25.89 -59.17
CA VAL L 553 -14.51 -25.42 -58.88
C VAL L 553 -15.47 -26.49 -59.34
N LEU L 554 -16.09 -27.15 -58.36
CA LEU L 554 -17.11 -28.18 -58.62
C LEU L 554 -18.48 -27.52 -58.76
N GLU L 555 -19.23 -27.91 -59.79
CA GLU L 555 -20.53 -27.33 -60.12
C GLU L 555 -21.56 -28.44 -60.26
N ASN L 556 -22.76 -28.20 -59.75
CA ASN L 556 -23.90 -29.13 -59.84
C ASN L 556 -25.02 -28.39 -60.55
N SER L 557 -25.06 -28.50 -61.88
CA SER L 557 -26.04 -27.80 -62.71
C SER L 557 -27.39 -28.53 -62.80
N SER L 558 -27.50 -29.74 -62.24
CA SER L 558 -28.71 -30.59 -62.31
C SER L 558 -29.51 -30.50 -61.01
N SER L 559 -30.55 -31.32 -60.90
CA SER L 559 -31.49 -31.35 -59.77
C SER L 559 -31.14 -32.45 -58.77
N PHE L 560 -30.15 -33.28 -59.06
CA PHE L 560 -30.04 -34.59 -58.41
C PHE L 560 -29.59 -34.48 -56.96
N SER L 561 -28.89 -33.41 -56.57
CA SER L 561 -28.63 -33.07 -55.16
C SER L 561 -27.88 -34.19 -54.42
N LEU L 562 -26.56 -34.24 -54.59
CA LEU L 562 -25.69 -35.34 -54.10
C LEU L 562 -25.84 -35.50 -52.60
N ASP L 563 -26.54 -36.54 -52.19
CA ASP L 563 -27.15 -36.60 -50.85
C ASP L 563 -26.06 -36.69 -49.77
N GLN L 564 -25.26 -37.74 -49.83
CA GLN L 564 -24.33 -38.09 -48.75
C GLN L 564 -23.63 -39.37 -49.17
N GLY L 565 -22.45 -39.64 -48.63
CA GLY L 565 -21.66 -40.76 -49.14
C GLY L 565 -21.09 -40.49 -50.53
N TRP L 566 -21.05 -39.23 -50.97
CA TRP L 566 -20.25 -38.78 -52.12
C TRP L 566 -19.03 -38.11 -51.55
N THR L 567 -17.87 -38.36 -52.13
CA THR L 567 -16.68 -37.56 -51.82
C THR L 567 -15.91 -37.21 -53.07
N LEU L 568 -15.03 -36.22 -52.95
CA LEU L 568 -14.33 -35.57 -54.08
C LEU L 568 -12.84 -35.80 -53.94
N CYS L 569 -12.25 -36.51 -54.85
CA CYS L 569 -10.86 -36.98 -54.75
C CYS L 569 -10.12 -36.31 -55.89
N ILE L 570 -9.39 -35.28 -55.54
CA ILE L 570 -8.45 -34.55 -56.42
C ILE L 570 -7.08 -35.16 -56.28
N GLN L 571 -6.36 -35.27 -57.34
CA GLN L 571 -5.03 -35.83 -57.33
C GLN L 571 -4.22 -35.05 -58.32
N VAL L 572 -3.06 -34.65 -57.88
CA VAL L 572 -2.18 -33.67 -58.53
C VAL L 572 -0.91 -34.39 -58.82
N LEU L 573 -0.75 -34.74 -60.07
CA LEU L 573 0.34 -35.57 -60.57
C LEU L 573 1.36 -34.67 -61.22
N THR L 574 2.56 -34.78 -60.70
CA THR L 574 3.74 -34.03 -61.17
C THR L 574 4.11 -34.52 -62.57
N SER L 575 5.25 -34.04 -63.06
CA SER L 575 5.88 -34.52 -64.29
C SER L 575 5.89 -36.06 -64.35
N SER L 576 5.43 -36.62 -65.47
CA SER L 576 5.16 -38.06 -65.55
C SER L 576 6.23 -38.80 -66.34
N CYS L 577 7.10 -39.52 -65.65
CA CYS L 577 8.09 -40.37 -66.30
C CYS L 577 8.63 -41.36 -65.25
N ALA L 578 9.20 -42.46 -65.73
CA ALA L 578 9.69 -43.58 -64.89
C ALA L 578 11.17 -43.36 -64.57
N LEU L 579 11.47 -42.34 -63.77
CA LEU L 579 12.84 -42.05 -63.35
C LEU L 579 13.31 -43.14 -62.39
N ASP L 580 14.61 -43.46 -62.46
CA ASP L 580 15.16 -44.69 -61.86
C ASP L 580 15.00 -44.67 -60.34
N LEU L 581 15.54 -43.65 -59.66
CA LEU L 581 15.63 -43.64 -58.18
C LEU L 581 14.23 -43.65 -57.55
N ASP L 582 13.61 -42.48 -57.51
CA ASP L 582 12.19 -42.22 -57.25
C ASP L 582 12.16 -40.73 -56.98
N SER L 583 10.99 -40.16 -56.76
CA SER L 583 10.89 -38.78 -56.27
C SER L 583 10.24 -38.80 -54.90
N ALA L 584 10.59 -37.81 -54.09
CA ALA L 584 10.10 -37.70 -52.71
C ALA L 584 8.58 -37.57 -52.65
N CYS L 585 7.96 -37.06 -53.71
CA CYS L 585 6.48 -36.90 -53.77
C CYS L 585 6.07 -37.17 -55.22
N SER L 586 5.83 -38.44 -55.51
CA SER L 586 5.29 -38.82 -56.83
C SER L 586 4.01 -38.03 -57.15
N ALA L 587 3.16 -37.85 -56.13
CA ALA L 587 1.84 -37.23 -56.33
C ALA L 587 1.32 -36.77 -54.99
N ILE L 588 0.29 -35.99 -55.03
CA ILE L 588 -0.40 -35.55 -53.84
C ILE L 588 -1.83 -35.79 -54.10
N THR L 589 -2.58 -36.04 -53.05
CA THR L 589 -4.01 -36.33 -53.13
C THR L 589 -4.67 -35.55 -52.07
N TYR L 590 -5.81 -35.03 -52.35
CA TYR L 590 -6.66 -34.41 -51.36
C TYR L 590 -8.04 -35.07 -51.47
N THR L 591 -8.73 -35.25 -50.35
CA THR L 591 -10.15 -35.61 -50.39
C THR L 591 -11.00 -34.68 -49.57
N ILE L 592 -12.25 -34.59 -49.98
CA ILE L 592 -13.24 -33.75 -49.30
C ILE L 592 -14.55 -34.47 -49.35
N PRO L 593 -15.20 -34.71 -48.23
CA PRO L 593 -16.57 -35.18 -48.33
C PRO L 593 -17.42 -34.04 -48.86
N VAL L 594 -18.15 -34.33 -49.93
CA VAL L 594 -19.24 -33.44 -50.37
C VAL L 594 -20.49 -33.76 -49.54
N ASP L 595 -21.11 -32.75 -48.95
CA ASP L 595 -22.17 -32.96 -47.94
C ASP L 595 -23.56 -32.90 -48.56
N GLN L 596 -23.98 -31.75 -49.10
CA GLN L 596 -25.34 -31.61 -49.65
C GLN L 596 -25.29 -31.31 -51.14
N LEU L 597 -24.70 -30.18 -51.49
CA LEU L 597 -24.51 -29.75 -52.87
C LEU L 597 -25.78 -29.87 -53.71
N GLY L 598 -26.79 -29.08 -53.38
CA GLY L 598 -28.05 -29.16 -54.10
C GLY L 598 -27.91 -28.61 -55.51
N PRO L 599 -29.04 -28.40 -56.20
CA PRO L 599 -29.01 -27.81 -57.54
C PRO L 599 -28.38 -26.42 -57.59
N GLY L 600 -27.66 -26.15 -58.67
CA GLY L 600 -27.09 -24.84 -58.98
C GLY L 600 -25.94 -24.46 -58.07
N ALA L 601 -25.62 -25.25 -57.03
CA ALA L 601 -24.58 -24.87 -56.07
C ALA L 601 -23.21 -25.22 -56.63
N ARG L 602 -22.19 -24.82 -55.88
CA ARG L 602 -20.79 -25.00 -56.29
C ARG L 602 -19.87 -24.72 -55.13
N ARG L 603 -18.83 -25.51 -54.98
CA ARG L 603 -17.75 -25.17 -54.01
C ARG L 603 -16.38 -25.25 -54.66
N GLU L 604 -15.42 -24.68 -53.96
CA GLU L 604 -14.17 -24.17 -54.54
C GLU L 604 -13.03 -24.56 -53.61
N VAL L 605 -11.91 -24.99 -54.17
CA VAL L 605 -10.79 -25.58 -53.39
C VAL L 605 -9.48 -25.10 -53.99
N THR L 606 -8.71 -24.33 -53.24
CA THR L 606 -7.42 -23.81 -53.73
C THR L 606 -6.36 -24.67 -53.11
N LEU L 607 -5.70 -25.43 -53.95
CA LEU L 607 -4.64 -26.34 -53.58
C LEU L 607 -3.43 -26.05 -54.40
N PRO L 608 -2.28 -25.81 -53.79
CA PRO L 608 -1.14 -25.33 -54.53
C PRO L 608 -0.36 -26.39 -55.29
N LEU L 609 0.39 -25.90 -56.28
CA LEU L 609 1.25 -26.72 -57.15
C LEU L 609 2.69 -26.25 -56.99
N GLY L 610 2.88 -25.25 -56.13
CA GLY L 610 3.88 -24.18 -56.27
C GLY L 610 5.30 -24.68 -56.22
N PRO L 611 6.27 -23.75 -56.42
CA PRO L 611 7.68 -24.11 -56.52
C PRO L 611 8.15 -25.00 -55.37
N GLY L 612 8.69 -26.17 -55.71
CA GLY L 612 9.30 -27.10 -54.76
C GLY L 612 10.75 -26.72 -54.47
N GLU L 613 10.94 -25.79 -53.54
CA GLU L 613 12.19 -25.52 -52.79
C GLU L 613 13.26 -24.79 -53.61
N ASN L 614 13.20 -24.76 -54.94
CA ASN L 614 14.11 -23.92 -55.77
C ASN L 614 13.53 -23.72 -57.17
N GLY L 615 12.49 -22.90 -57.30
CA GLY L 615 11.68 -22.85 -58.54
C GLY L 615 11.27 -24.22 -59.02
N GLY L 616 11.17 -25.20 -58.11
CA GLY L 616 11.19 -26.63 -58.44
C GLY L 616 9.85 -27.07 -58.95
N LEU L 617 9.54 -26.69 -60.19
CA LEU L 617 8.22 -26.89 -60.77
C LEU L 617 8.38 -27.33 -62.23
N ASP L 618 8.35 -28.64 -62.43
CA ASP L 618 8.32 -29.22 -63.79
C ASP L 618 6.89 -29.16 -64.26
N LEU L 619 6.68 -28.91 -65.55
CA LEU L 619 5.40 -28.35 -65.99
C LEU L 619 4.96 -28.89 -67.32
N PRO L 620 4.69 -30.16 -67.40
CA PRO L 620 3.30 -30.56 -67.51
C PRO L 620 2.98 -30.95 -66.07
N VAL L 621 1.84 -30.51 -65.54
CA VAL L 621 1.36 -31.02 -64.25
C VAL L 621 -0.12 -31.15 -64.37
N THR L 622 -0.66 -32.29 -64.05
CA THR L 622 -2.09 -32.57 -64.33
C THR L 622 -2.83 -32.70 -63.02
N VAL L 623 -3.94 -32.02 -62.90
CA VAL L 623 -4.85 -32.29 -61.77
C VAL L 623 -6.01 -33.11 -62.33
N SER L 624 -6.46 -34.09 -61.58
CA SER L 624 -7.57 -34.93 -61.97
C SER L 624 -8.52 -34.98 -60.82
N CYS L 625 -9.79 -34.80 -61.11
CA CYS L 625 -10.89 -35.00 -60.15
C CYS L 625 -11.78 -36.22 -60.39
N THR L 626 -12.21 -36.81 -59.28
CA THR L 626 -13.17 -37.89 -59.32
C THR L 626 -14.17 -37.70 -58.21
N LEU L 627 -15.26 -38.39 -58.39
CA LEU L 627 -16.28 -38.59 -57.36
C LEU L 627 -16.16 -40.03 -56.90
N PHE L 628 -16.59 -40.25 -55.69
CA PHE L 628 -16.63 -41.61 -55.18
C PHE L 628 -17.87 -41.76 -54.35
N TYR L 629 -18.65 -42.82 -54.62
CA TYR L 629 -19.87 -43.16 -53.86
C TYR L 629 -19.65 -44.48 -53.13
N SER L 630 -19.97 -44.51 -51.84
CA SER L 630 -19.93 -45.72 -51.01
C SER L 630 -21.25 -45.85 -50.27
N LEU L 631 -21.85 -47.04 -50.34
CA LEU L 631 -23.10 -47.31 -49.62
C LEU L 631 -22.81 -47.67 -48.18
N ARG L 632 -21.70 -48.37 -47.93
CA ARG L 632 -21.21 -48.78 -46.60
C ARG L 632 -21.27 -47.62 -45.61
N GLU L 633 -21.23 -46.38 -46.09
CA GLU L 633 -21.42 -45.18 -45.25
C GLU L 633 -22.85 -45.11 -44.73
N VAL L 634 -23.82 -45.01 -45.64
CA VAL L 634 -25.23 -44.80 -45.24
C VAL L 634 -25.72 -46.11 -44.63
N VAL L 635 -25.92 -47.13 -45.48
CA VAL L 635 -26.24 -48.51 -45.06
C VAL L 635 -25.73 -49.46 -46.16
N GLY L 636 -25.19 -50.60 -45.75
CA GLY L 636 -24.70 -51.63 -46.67
C GLY L 636 -25.77 -52.68 -46.99
N GLY L 637 -25.67 -53.85 -46.35
CA GLY L 637 -26.66 -54.93 -46.50
C GLY L 637 -26.63 -55.92 -45.34
N GLN L 660 -19.46 -54.85 -51.89
CA GLN L 660 -20.13 -53.77 -51.10
C GLN L 660 -19.19 -52.57 -50.90
N GLU L 661 -18.25 -52.32 -51.81
CA GLU L 661 -17.05 -51.51 -51.51
C GLU L 661 -17.30 -50.07 -51.91
N GLY L 662 -17.49 -49.81 -53.19
CA GLY L 662 -17.66 -48.44 -53.67
C GLY L 662 -17.46 -48.29 -55.16
N VAL L 663 -17.81 -47.12 -55.66
CA VAL L 663 -17.82 -46.79 -57.10
C VAL L 663 -17.12 -45.46 -57.32
N CYS L 664 -16.25 -45.43 -58.31
CA CYS L 664 -15.43 -44.24 -58.65
C CYS L 664 -15.75 -43.74 -60.05
N LEU L 665 -16.30 -42.53 -60.15
CA LEU L 665 -16.68 -41.86 -61.41
C LEU L 665 -15.71 -40.76 -61.77
N PRO L 666 -15.25 -40.65 -63.01
CA PRO L 666 -14.19 -39.72 -63.32
C PRO L 666 -14.84 -38.40 -63.68
N LEU L 667 -14.03 -37.36 -63.72
CA LEU L 667 -14.55 -35.98 -63.89
C LEU L 667 -13.33 -35.06 -64.03
N SER L 668 -13.16 -34.31 -65.11
CA SER L 668 -12.09 -33.28 -65.12
C SER L 668 -10.68 -33.86 -64.89
N ARG L 669 -10.00 -34.25 -65.94
CA ARG L 669 -8.52 -34.37 -65.94
C ARG L 669 -7.97 -33.17 -66.67
N HIS L 670 -7.57 -32.15 -65.94
CA HIS L 670 -6.96 -30.91 -66.47
C HIS L 670 -5.45 -30.97 -66.41
N THR L 671 -4.76 -30.35 -67.35
CA THR L 671 -3.30 -30.26 -67.32
C THR L 671 -2.87 -28.81 -67.47
N VAL L 672 -1.67 -28.55 -67.00
CA VAL L 672 -1.11 -27.20 -66.85
C VAL L 672 0.27 -27.20 -67.47
N ASP L 673 0.47 -26.24 -68.40
CA ASP L 673 1.27 -26.42 -69.61
C ASP L 673 2.58 -25.64 -69.58
N MET L 674 2.64 -24.52 -68.87
CA MET L 674 3.64 -23.42 -69.02
C MET L 674 3.12 -22.22 -69.79
N LEU L 675 2.16 -22.36 -70.68
CA LEU L 675 1.50 -21.16 -71.20
C LEU L 675 0.43 -20.59 -70.26
N GLN L 676 0.01 -21.35 -69.27
CA GLN L 676 -0.84 -20.82 -68.19
C GLN L 676 0.06 -20.29 -67.09
N CYS L 677 1.25 -20.88 -66.92
CA CYS L 677 2.14 -20.50 -65.82
C CYS L 677 2.96 -19.26 -66.15
N LEU L 678 3.04 -18.82 -67.42
CA LEU L 678 3.73 -17.54 -67.69
C LEU L 678 2.99 -16.42 -67.02
N ARG L 679 3.74 -15.41 -66.59
CA ARG L 679 3.19 -14.17 -66.07
C ARG L 679 3.93 -13.04 -66.75
N PHE L 680 3.16 -12.04 -67.17
CA PHE L 680 3.57 -10.91 -68.03
C PHE L 680 3.61 -9.62 -67.24
N PRO L 681 4.72 -9.29 -66.55
CA PRO L 681 4.67 -8.20 -65.58
C PRO L 681 4.63 -6.83 -66.27
N GLY L 682 5.29 -6.69 -67.41
CA GLY L 682 5.37 -5.41 -68.12
C GLY L 682 4.05 -5.01 -68.73
N LEU L 683 3.40 -5.95 -69.41
CA LEU L 683 2.10 -5.71 -70.09
C LEU L 683 0.93 -5.79 -69.10
N ALA L 684 1.18 -6.03 -67.81
CA ALA L 684 0.12 -6.36 -66.83
C ALA L 684 -0.90 -5.21 -66.75
N PRO L 685 -2.13 -5.47 -66.25
CA PRO L 685 -3.12 -4.39 -66.09
C PRO L 685 -2.64 -3.22 -65.24
N PRO L 686 -2.20 -3.42 -63.98
CA PRO L 686 -2.06 -2.30 -63.05
C PRO L 686 -0.98 -1.27 -63.40
N HIS L 687 0.10 -1.70 -64.06
CA HIS L 687 1.30 -0.85 -64.32
C HIS L 687 1.87 -0.31 -63.01
N THR L 688 1.89 -1.16 -61.98
CA THR L 688 2.32 -0.79 -60.62
C THR L 688 3.72 -1.35 -60.37
N ARG L 689 4.49 -0.65 -59.54
CA ARG L 689 5.89 -1.00 -59.23
C ARG L 689 5.91 -2.28 -58.41
N ALA L 690 6.13 -3.44 -59.09
CA ALA L 690 6.37 -4.75 -58.46
C ALA L 690 7.87 -5.07 -58.54
N PRO L 691 8.51 -5.62 -57.47
CA PRO L 691 9.89 -6.09 -57.61
C PRO L 691 9.97 -7.31 -58.53
N SER L 692 11.10 -7.41 -59.24
CA SER L 692 11.37 -8.53 -60.17
C SER L 692 11.79 -9.76 -59.37
N PRO L 693 11.32 -10.98 -59.71
CA PRO L 693 11.51 -12.14 -58.84
C PRO L 693 12.96 -12.61 -58.73
N LEU L 694 13.63 -12.84 -59.86
CA LEU L 694 15.04 -13.32 -59.94
C LEU L 694 15.21 -14.57 -59.08
N GLY L 695 14.75 -15.72 -59.59
CA GLY L 695 14.78 -17.00 -58.90
C GLY L 695 16.17 -17.37 -58.39
N PRO L 696 16.26 -18.37 -57.49
CA PRO L 696 17.43 -18.52 -56.61
C PRO L 696 18.69 -18.81 -57.43
N THR L 697 19.80 -18.20 -57.03
CA THR L 697 21.10 -18.34 -57.71
C THR L 697 21.67 -19.74 -57.51
N ARG L 698 21.15 -20.48 -56.53
CA ARG L 698 21.59 -21.85 -56.20
C ARG L 698 20.48 -22.53 -55.40
N ASP L 699 20.41 -23.85 -55.46
CA ASP L 699 19.67 -24.70 -54.51
C ASP L 699 20.38 -24.59 -53.16
N PRO L 700 19.68 -24.61 -51.99
CA PRO L 700 20.34 -24.43 -50.71
C PRO L 700 21.21 -25.61 -50.27
N VAL L 701 20.82 -26.82 -50.64
CA VAL L 701 21.72 -27.97 -50.38
C VAL L 701 22.95 -27.90 -51.26
N ALA L 702 22.80 -27.41 -52.49
CA ALA L 702 23.96 -27.17 -53.35
C ALA L 702 24.86 -26.09 -52.74
N THR L 703 24.29 -25.02 -52.22
CA THR L 703 25.11 -24.01 -51.53
C THR L 703 25.89 -24.67 -50.39
N PHE L 704 25.20 -25.47 -49.59
CA PHE L 704 25.82 -26.17 -48.47
C PHE L 704 27.04 -26.93 -48.96
N LEU L 705 26.90 -27.63 -50.09
CA LEU L 705 27.98 -28.51 -50.53
C LEU L 705 29.17 -27.71 -51.05
N GLU L 706 28.91 -26.69 -51.85
CA GLU L 706 29.99 -25.80 -52.33
C GLU L 706 30.71 -25.12 -51.17
N THR L 707 29.98 -24.54 -50.23
CA THR L 707 30.64 -23.86 -49.11
C THR L 707 31.45 -24.85 -48.27
N CYS L 708 30.85 -25.95 -47.86
CA CYS L 708 31.55 -26.92 -47.01
C CYS L 708 32.78 -27.53 -47.71
N ARG L 709 32.83 -27.52 -49.05
CA ARG L 709 33.97 -28.01 -49.84
C ARG L 709 34.66 -26.83 -50.54
N GLU L 710 35.61 -26.18 -49.85
CA GLU L 710 36.38 -25.06 -50.45
C GLU L 710 37.75 -24.92 -49.77
N LEU L 726 26.69 -15.60 -73.43
CA LEU L 726 26.20 -16.91 -73.91
C LEU L 726 24.94 -16.66 -74.77
N PRO L 727 24.73 -17.38 -75.90
CA PRO L 727 23.63 -17.04 -76.80
C PRO L 727 22.26 -17.31 -76.16
N PRO L 728 21.17 -16.78 -76.73
CA PRO L 728 19.83 -17.14 -76.28
C PRO L 728 19.36 -18.39 -77.01
N SER L 729 18.90 -19.40 -76.26
CA SER L 729 18.36 -20.63 -76.84
C SER L 729 17.00 -20.33 -77.47
N VAL L 730 16.75 -20.92 -78.64
CA VAL L 730 15.57 -20.62 -79.47
C VAL L 730 14.95 -21.93 -79.90
N ALA L 731 13.65 -21.91 -80.10
CA ALA L 731 12.91 -23.01 -80.72
C ALA L 731 11.73 -22.39 -81.46
N SER L 732 11.31 -23.07 -82.51
CA SER L 732 10.22 -22.51 -83.34
C SER L 732 9.47 -23.62 -84.04
N ILE L 733 8.31 -23.24 -84.58
CA ILE L 733 7.43 -24.09 -85.39
C ILE L 733 6.88 -23.24 -86.52
N LYS L 734 6.51 -23.87 -87.63
CA LYS L 734 5.71 -23.22 -88.69
C LYS L 734 4.42 -24.00 -88.88
N VAL L 735 3.41 -23.33 -89.42
CA VAL L 735 2.12 -23.98 -89.70
C VAL L 735 1.36 -23.15 -90.74
N SER L 736 0.55 -23.82 -91.53
CA SER L 736 -0.19 -23.21 -92.65
C SER L 736 -1.18 -22.17 -92.14
N ALA L 737 -1.26 -21.05 -92.85
CA ALA L 737 -2.24 -19.97 -92.58
C ALA L 737 -3.66 -20.48 -92.77
N GLU L 738 -3.87 -21.34 -93.77
CA GLU L 738 -5.21 -21.90 -94.03
C GLU L 738 -5.68 -22.73 -92.83
N LEU L 739 -4.81 -23.62 -92.34
CA LEU L 739 -5.13 -24.42 -91.14
C LEU L 739 -5.48 -23.51 -89.97
N LEU L 740 -4.63 -22.52 -89.69
CA LEU L 740 -4.84 -21.69 -88.49
C LEU L 740 -6.09 -20.85 -88.67
N ARG L 741 -6.39 -20.41 -89.89
CA ARG L 741 -7.62 -19.64 -90.13
C ARG L 741 -8.85 -20.50 -89.89
N ALA L 742 -8.90 -21.67 -90.53
CA ALA L 742 -10.07 -22.55 -90.42
C ALA L 742 -10.25 -23.05 -88.99
N ALA L 743 -9.17 -23.14 -88.21
CA ALA L 743 -9.25 -23.55 -86.80
C ALA L 743 -9.65 -22.37 -85.92
N LEU L 744 -9.22 -21.17 -86.27
CA LEU L 744 -9.54 -19.97 -85.47
C LEU L 744 -10.86 -19.35 -85.93
N LYS L 745 -11.58 -20.00 -86.85
CA LYS L 745 -12.88 -19.47 -87.27
C LYS L 745 -13.83 -19.39 -86.08
N ASP L 746 -14.93 -18.66 -86.27
CA ASP L 746 -15.51 -17.81 -85.21
C ASP L 746 -14.50 -16.72 -84.88
N GLY L 747 -14.05 -15.98 -85.89
CA GLY L 747 -13.05 -14.95 -85.69
C GLY L 747 -13.53 -13.94 -84.68
N HIS L 748 -13.00 -14.00 -83.47
CA HIS L 748 -13.60 -13.27 -82.34
C HIS L 748 -13.43 -11.77 -82.55
N SER L 749 -12.19 -11.34 -82.77
CA SER L 749 -11.85 -9.97 -83.19
C SER L 749 -10.37 -9.91 -83.55
N GLY L 750 -9.91 -8.74 -83.96
CA GLY L 750 -8.48 -8.51 -84.11
C GLY L 750 -7.97 -8.88 -85.49
N VAL L 751 -6.65 -8.80 -85.63
CA VAL L 751 -5.94 -9.04 -86.90
C VAL L 751 -6.26 -10.47 -87.33
N PRO L 752 -6.37 -10.77 -88.64
CA PRO L 752 -6.66 -12.14 -89.07
C PRO L 752 -5.69 -13.19 -88.54
N LEU L 753 -4.41 -12.82 -88.44
CA LEU L 753 -3.38 -13.77 -88.01
C LEU L 753 -2.37 -13.07 -87.10
N CYS L 754 -1.65 -13.92 -86.38
CA CYS L 754 -0.59 -13.61 -85.39
C CYS L 754 -1.20 -13.11 -84.08
N CYS L 755 -2.26 -12.31 -84.12
CA CYS L 755 -2.86 -11.80 -82.88
C CYS L 755 -3.89 -12.78 -82.35
N ALA L 756 -4.81 -13.20 -83.21
CA ALA L 756 -5.77 -14.26 -82.84
C ALA L 756 -5.01 -15.54 -82.51
N THR L 757 -3.94 -15.81 -83.24
CA THR L 757 -3.06 -16.95 -82.95
C THR L 757 -2.52 -16.86 -81.53
N LEU L 758 -2.02 -15.71 -81.14
CA LEU L 758 -1.50 -15.55 -79.77
C LEU L 758 -2.64 -15.64 -78.76
N GLN L 759 -3.83 -15.12 -79.07
CA GLN L 759 -4.98 -15.23 -78.15
C GLN L 759 -5.28 -16.70 -77.90
N TRP L 760 -5.26 -17.50 -78.96
CA TRP L 760 -5.57 -18.94 -78.88
C TRP L 760 -4.47 -19.65 -78.10
N LEU L 761 -3.21 -19.29 -78.33
CA LEU L 761 -2.10 -19.89 -77.56
C LEU L 761 -2.23 -19.61 -76.07
N LEU L 762 -2.75 -18.46 -75.70
CA LEU L 762 -2.87 -18.05 -74.28
C LEU L 762 -4.33 -18.04 -73.81
N ALA L 763 -5.21 -18.83 -74.41
CA ALA L 763 -6.66 -18.73 -74.13
C ALA L 763 -6.95 -19.17 -72.70
N GLU L 764 -6.06 -19.96 -72.11
CA GLU L 764 -6.23 -20.45 -70.73
C GLU L 764 -5.56 -19.54 -69.72
N ASN L 765 -4.55 -18.79 -70.13
CA ASN L 765 -3.87 -17.81 -69.26
C ASN L 765 -4.86 -16.75 -68.78
N ALA L 766 -4.64 -16.21 -67.58
CA ALA L 766 -5.59 -15.27 -66.96
C ALA L 766 -5.52 -13.91 -67.66
N ALA L 767 -4.33 -13.55 -68.15
CA ALA L 767 -4.08 -12.25 -68.80
C ALA L 767 -4.23 -12.38 -70.31
N VAL L 768 -5.37 -12.88 -70.77
CA VAL L 768 -5.68 -12.97 -72.21
C VAL L 768 -6.53 -11.79 -72.63
N ASP L 769 -7.37 -11.26 -71.73
CA ASP L 769 -8.21 -10.08 -72.05
C ASP L 769 -7.34 -8.86 -72.36
N VAL L 770 -6.23 -8.72 -71.65
CA VAL L 770 -5.28 -7.62 -71.87
C VAL L 770 -4.76 -7.69 -73.30
N VAL L 771 -4.35 -8.86 -73.73
CA VAL L 771 -3.81 -9.01 -75.08
C VAL L 771 -4.95 -8.90 -76.10
N ARG L 772 -6.17 -9.27 -75.72
CA ARG L 772 -7.34 -9.09 -76.61
C ARG L 772 -7.54 -7.61 -76.92
N ALA L 773 -7.48 -6.77 -75.89
CA ALA L 773 -7.57 -5.32 -76.06
C ALA L 773 -6.40 -4.81 -76.90
N ARG L 774 -5.18 -4.97 -76.38
CA ARG L 774 -3.99 -4.30 -76.96
C ARG L 774 -3.63 -4.84 -78.33
N ALA L 775 -4.01 -6.08 -78.67
CA ALA L 775 -3.77 -6.72 -79.97
C ALA L 775 -2.26 -6.77 -80.26
N LEU L 776 -1.52 -7.44 -79.38
CA LEU L 776 -0.05 -7.52 -79.45
C LEU L 776 0.34 -8.90 -79.96
N SER L 777 1.08 -8.96 -81.08
CA SER L 777 1.55 -10.21 -81.71
C SER L 777 2.82 -10.75 -81.07
N SER L 778 3.23 -10.25 -79.91
CA SER L 778 4.49 -10.68 -79.29
C SER L 778 4.52 -10.23 -77.84
N ILE L 779 5.19 -11.00 -77.00
CA ILE L 779 5.27 -10.70 -75.57
C ILE L 779 6.51 -11.31 -74.96
N GLN L 780 6.89 -10.77 -73.82
CA GLN L 780 8.06 -11.17 -73.04
C GLN L 780 7.55 -11.45 -71.63
N GLY L 781 7.19 -12.71 -71.40
CA GLY L 781 6.80 -13.16 -70.06
C GLY L 781 7.99 -13.66 -69.31
N VAL L 782 7.75 -14.08 -68.07
CA VAL L 782 8.86 -14.60 -67.26
C VAL L 782 8.82 -16.12 -67.29
N ALA L 783 8.23 -16.76 -66.32
CA ALA L 783 8.38 -18.21 -66.09
C ALA L 783 7.92 -18.49 -64.68
N PRO L 784 7.78 -19.76 -64.30
CA PRO L 784 7.79 -20.11 -62.89
C PRO L 784 9.17 -20.09 -62.22
N ASP L 785 10.25 -20.35 -62.95
CA ASP L 785 11.61 -20.42 -62.37
C ASP L 785 12.39 -19.11 -62.56
N GLY L 786 11.71 -17.98 -62.79
CA GLY L 786 12.34 -16.67 -62.73
C GLY L 786 12.98 -16.25 -64.04
N ALA L 787 13.52 -17.21 -64.81
CA ALA L 787 14.05 -16.97 -66.16
C ALA L 787 13.06 -16.19 -67.02
N ASN L 788 13.56 -15.53 -68.04
CA ASN L 788 12.74 -14.77 -68.99
C ASN L 788 12.44 -15.68 -70.17
N VAL L 789 11.35 -15.41 -70.87
CA VAL L 789 11.00 -16.12 -72.11
C VAL L 789 10.21 -15.16 -72.98
N HIS L 790 10.64 -15.01 -74.23
CA HIS L 790 10.03 -14.10 -75.20
C HIS L 790 9.45 -14.96 -76.30
N LEU L 791 8.17 -14.79 -76.60
CA LEU L 791 7.50 -15.63 -77.60
C LEU L 791 6.87 -14.77 -78.68
N ILE L 792 7.33 -14.97 -79.91
CA ILE L 792 6.91 -14.21 -81.09
C ILE L 792 6.01 -15.09 -81.90
N VAL L 793 5.10 -14.48 -82.63
CA VAL L 793 4.40 -15.13 -83.74
C VAL L 793 4.41 -14.14 -84.90
N ARG L 794 4.69 -14.62 -86.09
CA ARG L 794 4.75 -13.75 -87.27
C ARG L 794 4.41 -14.57 -88.50
N GLU L 795 4.41 -13.93 -89.65
CA GLU L 795 4.17 -14.58 -90.95
C GLU L 795 5.48 -14.71 -91.70
N VAL L 796 5.71 -15.88 -92.30
CA VAL L 796 6.93 -16.16 -93.08
C VAL L 796 6.50 -17.00 -94.27
N ALA L 797 6.50 -16.41 -95.46
CA ALA L 797 6.17 -17.11 -96.71
C ALA L 797 7.44 -17.78 -97.25
N MET L 798 7.31 -19.03 -97.70
CA MET L 798 8.44 -19.81 -98.22
C MET L 798 7.97 -20.54 -99.48
N THR L 799 8.58 -20.20 -100.62
CA THR L 799 8.24 -20.81 -101.93
C THR L 799 8.96 -22.13 -102.13
N ASP L 800 10.17 -22.29 -101.58
CA ASP L 800 10.99 -23.51 -101.76
C ASP L 800 10.46 -24.70 -100.95
N LEU L 801 9.42 -24.52 -100.13
CA LEU L 801 8.81 -25.63 -99.34
C LEU L 801 7.58 -26.17 -100.08
N CYS L 802 6.70 -25.29 -100.53
CA CYS L 802 5.48 -25.64 -101.29
C CYS L 802 5.81 -25.70 -102.78
N PRO L 803 5.05 -26.47 -103.60
CA PRO L 803 5.33 -26.52 -105.03
C PRO L 803 4.92 -25.27 -105.79
N ALA L 804 3.73 -24.73 -105.49
CA ALA L 804 3.12 -23.59 -106.21
C ALA L 804 2.92 -22.40 -105.26
N GLY L 805 2.22 -22.60 -104.13
CA GLY L 805 1.77 -21.53 -103.25
C GLY L 805 2.62 -21.38 -102.00
N PRO L 806 3.39 -20.27 -101.85
CA PRO L 806 3.94 -19.91 -100.54
C PRO L 806 2.86 -19.34 -99.63
N ILE L 807 2.23 -20.20 -98.84
CA ILE L 807 0.96 -19.92 -98.14
C ILE L 807 1.05 -18.75 -97.15
N GLN L 808 2.24 -18.24 -96.86
CA GLN L 808 2.48 -17.23 -95.82
C GLN L 808 2.20 -17.88 -94.45
N ALA L 809 2.81 -19.05 -94.24
CA ALA L 809 2.68 -19.85 -93.03
C ALA L 809 3.05 -19.03 -91.80
N VAL L 810 2.27 -19.17 -90.74
CA VAL L 810 2.55 -18.47 -89.47
C VAL L 810 3.61 -19.27 -88.72
N GLU L 811 4.71 -18.61 -88.39
CA GLU L 811 5.73 -19.23 -87.52
C GLU L 811 5.54 -18.73 -86.10
N ILE L 812 5.94 -19.57 -85.17
CA ILE L 812 5.89 -19.31 -83.72
C ILE L 812 7.30 -19.54 -83.19
N GLN L 813 7.85 -18.56 -82.50
CA GLN L 813 9.18 -18.65 -81.86
C GLN L 813 9.05 -18.65 -80.35
N VAL L 814 10.06 -19.15 -79.68
CA VAL L 814 10.24 -18.94 -78.23
C VAL L 814 11.74 -18.83 -78.01
N GLU L 815 12.14 -17.84 -77.24
CA GLU L 815 13.57 -17.52 -77.04
C GLU L 815 13.79 -17.32 -75.56
N SER L 816 14.89 -17.84 -75.04
CA SER L 816 15.21 -17.64 -73.61
C SER L 816 16.63 -18.02 -73.32
N SER L 817 17.13 -17.51 -72.19
CA SER L 817 18.43 -17.89 -71.60
C SER L 817 18.42 -19.36 -71.24
N SER L 818 17.31 -19.84 -70.68
CA SER L 818 17.18 -21.21 -70.14
C SER L 818 16.67 -22.14 -71.23
N LEU L 819 17.43 -23.21 -71.51
CA LEU L 819 17.02 -24.26 -72.45
C LEU L 819 15.78 -24.95 -71.90
N ALA L 820 15.69 -25.09 -70.57
CA ALA L 820 14.58 -25.80 -69.95
C ALA L 820 13.24 -25.11 -70.24
N ASP L 821 13.18 -23.79 -70.14
CA ASP L 821 11.91 -23.09 -70.42
C ASP L 821 11.49 -23.21 -71.90
N ILE L 822 12.45 -23.38 -72.78
CA ILE L 822 12.13 -23.64 -74.19
C ILE L 822 11.63 -25.07 -74.35
N CYS L 823 12.24 -26.01 -73.68
CA CYS L 823 11.71 -27.38 -73.66
C CYS L 823 10.24 -27.36 -73.27
N ARG L 824 9.94 -26.61 -72.20
CA ARG L 824 8.57 -26.57 -71.67
C ARG L 824 7.63 -25.88 -72.65
N ALA L 825 7.98 -24.70 -73.18
CA ALA L 825 7.06 -23.97 -74.07
C ALA L 825 6.93 -24.62 -75.45
N HIS L 826 7.96 -25.30 -75.91
CA HIS L 826 7.82 -26.18 -77.08
C HIS L 826 6.83 -27.31 -76.81
N HIS L 827 7.01 -28.02 -75.69
CA HIS L 827 6.08 -29.05 -75.22
C HIS L 827 4.66 -28.50 -75.32
N ALA L 828 4.44 -27.30 -74.80
CA ALA L 828 3.07 -26.78 -74.67
C ALA L 828 2.48 -26.44 -76.05
N VAL L 829 3.27 -25.74 -76.86
CA VAL L 829 2.78 -25.32 -78.18
C VAL L 829 2.51 -26.55 -79.02
N VAL L 830 3.42 -27.51 -79.02
CA VAL L 830 3.25 -28.70 -79.86
C VAL L 830 1.97 -29.43 -79.45
N GLY L 831 1.72 -29.52 -78.14
CA GLY L 831 0.53 -30.20 -77.65
C GLY L 831 -0.72 -29.52 -78.18
N ARG L 832 -0.72 -28.20 -78.11
CA ARG L 832 -1.91 -27.45 -78.56
C ARG L 832 -2.11 -27.54 -80.08
N MET L 833 -1.02 -27.66 -80.82
CA MET L 833 -1.11 -27.75 -82.28
C MET L 833 -1.51 -29.17 -82.68
N GLN L 834 -1.06 -30.19 -81.95
CA GLN L 834 -1.60 -31.57 -82.11
C GLN L 834 -3.12 -31.51 -82.01
N THR L 835 -3.60 -30.90 -80.93
CA THR L 835 -5.05 -30.80 -80.70
C THR L 835 -5.74 -30.17 -81.91
N MET L 836 -5.24 -29.01 -82.34
CA MET L 836 -5.89 -28.26 -83.44
C MET L 836 -5.89 -29.09 -84.71
N VAL L 837 -4.75 -29.65 -85.08
CA VAL L 837 -4.62 -30.34 -86.38
C VAL L 837 -5.49 -31.60 -86.39
N THR L 838 -5.53 -32.34 -85.28
CA THR L 838 -6.30 -33.60 -85.24
C THR L 838 -7.80 -33.30 -85.10
N GLU L 839 -8.18 -32.13 -84.60
CA GLU L 839 -9.59 -31.74 -84.57
C GLU L 839 -10.03 -31.25 -85.95
N GLN L 840 -9.13 -30.58 -86.68
CA GLN L 840 -9.46 -30.04 -88.01
C GLN L 840 -9.39 -31.13 -89.07
N ALA L 841 -8.51 -32.12 -88.92
CA ALA L 841 -8.48 -33.30 -89.81
C ALA L 841 -9.77 -34.09 -89.62
N THR L 842 -10.18 -34.79 -90.70
CA THR L 842 -11.52 -35.38 -90.93
C THR L 842 -12.51 -34.33 -91.48
N GLN L 843 -12.13 -33.06 -91.50
CA GLN L 843 -12.90 -31.97 -92.16
C GLN L 843 -12.03 -31.29 -93.22
N GLY L 844 -10.78 -31.00 -92.90
CA GLY L 844 -9.90 -30.20 -93.75
C GLY L 844 -9.30 -31.01 -94.88
N SER L 845 -8.85 -30.29 -95.90
CA SER L 845 -8.14 -30.83 -97.07
C SER L 845 -6.64 -30.87 -96.80
N SER L 846 -5.83 -31.07 -97.84
CA SER L 846 -4.36 -31.18 -97.71
C SER L 846 -3.67 -30.53 -98.90
N ALA L 847 -2.62 -29.73 -98.62
CA ALA L 847 -1.82 -29.07 -99.66
C ALA L 847 -0.89 -30.12 -100.29
N PRO L 848 -0.47 -29.94 -101.56
CA PRO L 848 0.57 -30.78 -102.13
C PRO L 848 1.94 -30.22 -101.72
N ASP L 849 2.95 -31.08 -101.74
CA ASP L 849 4.33 -30.71 -101.40
C ASP L 849 5.18 -30.73 -102.67
N LEU L 850 6.46 -30.39 -102.55
CA LEU L 850 7.42 -30.47 -103.66
C LEU L 850 7.88 -31.91 -103.89
N ARG L 851 8.04 -32.70 -102.82
CA ARG L 851 8.59 -34.07 -102.84
C ARG L 851 10.11 -34.06 -102.99
N VAL L 852 10.72 -32.90 -103.29
CA VAL L 852 12.09 -32.89 -103.84
C VAL L 852 12.93 -31.76 -103.23
N GLN L 853 14.23 -32.05 -103.10
CA GLN L 853 15.35 -31.16 -102.75
C GLN L 853 15.44 -30.84 -101.25
N TYR L 854 14.31 -30.63 -100.59
CA TYR L 854 14.35 -30.05 -99.24
C TYR L 854 13.86 -31.05 -98.19
N LEU L 855 12.89 -31.87 -98.55
CA LEU L 855 12.64 -33.12 -97.80
C LEU L 855 13.90 -33.98 -97.83
N ARG L 856 14.65 -33.94 -98.93
CA ARG L 856 15.90 -34.70 -99.06
C ARG L 856 17.05 -34.04 -98.30
N GLN L 857 17.18 -32.71 -98.36
CA GLN L 857 18.14 -31.99 -97.48
C GLN L 857 17.87 -32.34 -96.02
N ILE L 858 16.60 -32.35 -95.63
CA ILE L 858 16.18 -32.66 -94.25
C ILE L 858 16.55 -34.11 -93.94
N HIS L 859 16.32 -35.04 -94.88
CA HIS L 859 16.74 -36.44 -94.70
C HIS L 859 18.23 -36.52 -94.41
N ALA L 860 19.04 -35.79 -95.19
CA ALA L 860 20.51 -35.90 -95.09
C ALA L 860 20.98 -35.35 -93.74
N ASN L 861 20.53 -34.16 -93.38
CA ASN L 861 20.98 -33.51 -92.13
C ASN L 861 20.40 -34.21 -90.91
N HIS L 862 19.34 -35.00 -91.07
CA HIS L 862 18.83 -35.86 -89.97
C HIS L 862 19.64 -37.14 -89.89
N GLU L 863 20.02 -37.71 -91.03
CA GLU L 863 20.76 -38.99 -91.05
C GLU L 863 22.14 -38.83 -90.43
N THR L 864 22.84 -37.74 -90.74
CA THR L 864 24.16 -37.48 -90.13
C THR L 864 24.04 -37.44 -88.60
N LEU L 865 23.03 -36.72 -88.08
CA LEU L 865 22.82 -36.62 -86.62
C LEU L 865 22.43 -37.98 -86.06
N LEU L 866 21.65 -38.76 -86.81
CA LEU L 866 21.21 -40.09 -86.37
C LEU L 866 22.43 -40.98 -86.13
N ARG L 867 23.29 -41.07 -87.14
CA ARG L 867 24.50 -41.92 -87.05
C ARG L 867 25.39 -41.41 -85.91
N GLU L 868 25.47 -40.09 -85.75
CA GLU L 868 26.28 -39.51 -84.67
C GLU L 868 25.72 -39.90 -83.31
N VAL L 869 24.40 -39.85 -83.15
CA VAL L 869 23.77 -40.19 -81.86
C VAL L 869 23.95 -41.69 -81.58
N GLN L 870 23.88 -42.52 -82.62
CA GLN L 870 24.12 -43.97 -82.45
C GLN L 870 25.56 -44.20 -81.97
N THR L 871 26.52 -43.53 -82.60
CA THR L 871 27.94 -43.59 -82.15
C THR L 871 28.04 -43.17 -80.69
N LEU L 872 27.30 -42.12 -80.32
CA LEU L 872 27.36 -41.58 -78.95
C LEU L 872 26.78 -42.59 -77.95
N ARG L 873 25.70 -43.26 -78.32
CA ARG L 873 25.13 -44.34 -77.48
C ARG L 873 26.14 -45.46 -77.30
N ASP L 874 26.81 -45.87 -78.38
CA ASP L 874 27.80 -46.96 -78.31
C ASP L 874 28.95 -46.54 -77.40
N ARG L 875 29.38 -45.28 -77.49
CA ARG L 875 30.44 -44.76 -76.60
C ARG L 875 29.98 -44.81 -75.15
N LEU L 876 28.76 -44.39 -74.88
CA LEU L 876 28.24 -44.39 -73.49
C LEU L 876 28.10 -45.83 -72.98
N CYS L 877 27.83 -46.78 -73.86
CA CYS L 877 27.79 -48.20 -73.44
C CYS L 877 29.20 -48.70 -73.13
N THR L 878 30.19 -48.29 -73.94
CA THR L 878 31.58 -48.75 -73.76
C THR L 878 32.17 -48.22 -72.44
N GLU L 879 31.96 -46.94 -72.14
CA GLU L 879 32.37 -46.32 -70.86
C GLU L 879 33.89 -46.33 -70.72
N ASP L 880 34.60 -45.69 -71.65
CA ASP L 880 36.08 -45.64 -71.63
C ASP L 880 36.55 -44.59 -70.62
N GLU L 881 36.27 -43.31 -70.86
CA GLU L 881 36.80 -42.19 -70.07
C GLU L 881 36.02 -40.91 -70.40
N ALA L 882 36.06 -39.94 -69.50
CA ALA L 882 35.20 -38.74 -69.51
C ALA L 882 33.75 -39.21 -69.59
N SER L 883 33.31 -39.98 -68.58
CA SER L 883 32.15 -40.88 -68.64
C SER L 883 30.93 -40.27 -69.34
N SER L 884 30.39 -39.19 -68.81
CA SER L 884 29.29 -38.48 -69.50
C SER L 884 29.28 -37.02 -69.08
N CYS L 885 30.00 -36.17 -69.82
CA CYS L 885 29.87 -34.70 -69.76
C CYS L 885 29.72 -34.13 -71.18
N ALA L 886 30.71 -34.36 -72.04
CA ALA L 886 30.67 -33.87 -73.43
C ALA L 886 29.54 -34.54 -74.20
N THR L 887 29.16 -35.75 -73.80
CA THR L 887 28.05 -36.48 -74.41
C THR L 887 26.76 -35.68 -74.25
N ALA L 888 26.48 -35.23 -73.03
CA ALA L 888 25.30 -34.40 -72.75
C ALA L 888 25.43 -33.05 -73.45
N GLN L 889 26.64 -32.48 -73.39
CA GLN L 889 26.85 -31.13 -73.96
C GLN L 889 26.63 -31.15 -75.47
N ARG L 890 26.87 -32.28 -76.12
CA ARG L 890 26.66 -32.44 -77.57
C ARG L 890 25.21 -32.80 -77.86
N LEU L 891 24.59 -33.62 -77.01
CA LEU L 891 23.20 -34.04 -77.24
C LEU L 891 22.26 -32.85 -77.19
N LEU L 892 22.48 -31.93 -76.26
CA LEU L 892 21.64 -30.72 -76.20
C LEU L 892 21.89 -29.82 -77.41
N GLN L 893 23.09 -29.82 -77.96
CA GLN L 893 23.34 -29.09 -79.22
C GLN L 893 22.55 -29.71 -80.36
N VAL L 894 22.50 -31.04 -80.40
CA VAL L 894 21.66 -31.75 -81.40
C VAL L 894 20.20 -31.32 -81.24
N TYR L 895 19.74 -31.26 -79.99
CA TYR L 895 18.36 -30.89 -79.67
C TYR L 895 18.08 -29.47 -80.18
N ARG L 896 18.98 -28.53 -79.86
CA ARG L 896 18.82 -27.13 -80.32
C ARG L 896 18.79 -27.08 -81.84
N GLN L 897 19.61 -27.90 -82.49
CA GLN L 897 19.70 -27.92 -83.97
C GLN L 897 18.38 -28.42 -84.55
N LEU L 898 17.75 -29.35 -83.86
CA LEU L 898 16.49 -29.95 -84.33
C LEU L 898 15.33 -28.97 -84.15
N ARG L 899 15.31 -28.21 -83.06
CA ARG L 899 14.06 -27.56 -82.63
C ARG L 899 13.74 -26.35 -83.51
N HIS L 900 14.74 -25.67 -84.05
CA HIS L 900 14.52 -24.30 -84.59
C HIS L 900 13.56 -24.32 -85.79
N PRO L 901 13.77 -25.12 -86.83
CA PRO L 901 12.64 -25.57 -87.65
C PRO L 901 12.14 -26.90 -87.12
N SER L 902 10.83 -27.00 -86.90
CA SER L 902 10.22 -28.24 -86.39
C SER L 902 8.79 -28.31 -86.87
N LEU L 903 8.45 -29.38 -87.58
CA LEU L 903 7.06 -29.74 -87.88
C LEU L 903 6.39 -28.64 -88.71
N ILE L 904 6.93 -28.44 -89.89
CA ILE L 904 6.24 -27.56 -90.84
C ILE L 904 4.99 -28.29 -91.35
N LEU L 905 3.82 -27.88 -90.85
CA LEU L 905 2.54 -28.57 -91.11
C LEU L 905 1.91 -27.96 -92.37
N LEU L 906 1.83 -28.76 -93.43
CA LEU L 906 1.38 -28.30 -94.76
C LEU L 906 0.70 -29.45 -95.51
N ARG M 19 77.14 40.80 -0.76
CA ARG M 19 78.00 39.69 -1.29
C ARG M 19 79.04 39.29 -0.26
N ARG M 20 79.72 40.28 0.30
CA ARG M 20 80.79 40.05 1.29
C ARG M 20 80.29 40.34 2.70
N ALA M 21 79.65 41.49 2.91
CA ALA M 21 79.20 41.90 4.25
C ALA M 21 78.12 40.94 4.76
N TRP M 22 77.34 40.36 3.85
CA TRP M 22 76.35 39.33 4.18
C TRP M 22 77.03 38.13 4.85
N ALA M 23 78.01 37.54 4.19
CA ALA M 23 78.79 36.43 4.76
C ALA M 23 79.50 36.88 6.04
N GLU M 24 79.92 38.14 6.11
CA GLU M 24 80.58 38.66 7.32
C GLU M 24 79.60 38.66 8.49
N LEU M 25 78.34 39.00 8.24
CA LEU M 25 77.30 38.92 9.28
C LEU M 25 77.13 37.46 9.72
N LEU M 26 77.08 36.55 8.75
CA LEU M 26 76.55 35.21 9.02
C LEU M 26 77.64 34.21 9.43
N ALA M 27 78.92 34.56 9.31
CA ALA M 27 79.98 33.54 9.45
C ALA M 27 80.13 33.11 10.91
N GLY M 28 80.22 34.08 11.81
CA GLY M 28 80.58 33.77 13.21
C GLY M 28 79.38 33.37 14.08
N ARG M 29 78.25 33.00 13.47
CA ARG M 29 76.97 32.85 14.19
C ARG M 29 76.77 31.41 14.65
N VAL M 30 77.08 30.49 13.76
CA VAL M 30 76.77 29.05 13.93
C VAL M 30 77.72 28.45 14.96
N LYS M 31 77.23 27.44 15.69
CA LYS M 31 77.91 26.78 16.83
C LYS M 31 77.75 25.27 16.63
N ARG M 32 78.33 24.80 15.54
CA ARG M 32 77.77 23.83 14.55
C ARG M 32 76.77 22.85 15.17
N GLU M 33 77.15 22.09 16.21
CA GLU M 33 76.19 21.23 16.95
C GLU M 33 76.35 21.46 18.44
N LYS M 34 77.53 21.15 19.00
CA LYS M 34 77.82 21.21 20.45
C LYS M 34 76.76 20.41 21.22
N TYR M 35 76.72 19.09 20.95
CA TYR M 35 75.67 18.20 21.50
C TYR M 35 76.00 17.85 22.96
N ASN M 36 77.15 17.20 23.19
CA ASN M 36 77.78 16.98 24.51
C ASN M 36 76.77 16.46 25.55
N PRO M 37 76.41 15.16 25.51
CA PRO M 37 75.49 14.59 26.49
C PRO M 37 75.79 14.90 27.97
N GLU M 38 77.04 15.19 28.31
CA GLU M 38 77.38 15.67 29.67
C GLU M 38 76.85 17.09 29.90
N ARG M 39 76.93 17.95 28.89
CA ARG M 39 76.39 19.32 28.95
C ARG M 39 74.87 19.28 29.11
N ALA M 40 74.22 18.26 28.53
CA ALA M 40 72.75 18.15 28.57
C ALA M 40 72.25 18.12 30.02
N GLN M 41 72.93 17.44 30.92
CA GLN M 41 72.43 17.30 32.31
C GLN M 41 72.63 18.61 33.06
N LYS M 42 73.69 19.36 32.75
CA LYS M 42 73.88 20.70 33.34
C LYS M 42 72.74 21.61 32.91
N LEU M 43 72.38 21.56 31.62
CA LEU M 43 71.22 22.30 31.10
C LEU M 43 69.95 21.91 31.83
N LYS M 44 69.72 20.61 32.00
CA LYS M 44 68.54 20.11 32.72
C LYS M 44 68.50 20.66 34.14
N GLU M 45 69.64 20.63 34.83
CA GLU M 45 69.74 21.16 36.21
C GLU M 45 69.41 22.65 36.23
N SER M 46 69.86 23.38 35.20
CA SER M 46 69.59 24.84 35.12
C SER M 46 68.10 25.11 34.93
N ALA M 47 67.43 24.30 34.12
CA ALA M 47 65.97 24.43 33.92
C ALA M 47 65.25 24.19 35.23
N VAL M 48 65.63 23.12 35.93
CA VAL M 48 65.03 22.80 37.24
C VAL M 48 65.26 23.96 38.20
N ARG M 49 66.47 24.51 38.21
CA ARG M 49 66.80 25.63 39.11
C ARG M 49 65.89 26.82 38.83
N LEU M 50 65.66 27.12 37.55
CA LEU M 50 64.79 28.27 37.17
C LEU M 50 63.38 28.03 37.68
N LEU M 51 62.82 26.87 37.37
CA LEU M 51 61.41 26.61 37.72
C LEU M 51 61.24 26.59 39.24
N ARG M 52 62.16 25.96 39.96
CA ARG M 52 62.09 25.91 41.42
C ARG M 52 62.31 27.30 42.01
N SER M 53 63.11 28.14 41.35
CA SER M 53 63.32 29.52 41.81
C SER M 53 62.00 30.32 41.76
N HIS M 54 61.17 30.07 40.75
CA HIS M 54 59.82 30.70 40.65
C HIS M 54 58.78 29.95 41.47
N GLN M 55 59.08 28.74 41.94
CA GLN M 55 58.19 27.98 42.84
C GLN M 55 57.89 28.76 44.12
N ASP M 56 56.73 28.47 44.70
CA ASP M 56 56.27 29.03 45.99
C ASP M 56 55.43 27.93 46.66
N LEU M 57 55.91 27.42 47.78
CA LEU M 57 55.30 26.23 48.41
C LEU M 57 54.07 26.61 49.23
N ASN M 58 54.05 27.80 49.81
CA ASN M 58 52.91 28.20 50.66
C ASN M 58 51.66 28.35 49.80
N ALA M 59 51.77 29.11 48.70
CA ALA M 59 50.65 29.27 47.76
C ALA M 59 50.32 27.93 47.10
N LEU M 60 51.34 27.08 46.90
CA LEU M 60 51.13 25.72 46.37
C LEU M 60 50.17 24.95 47.28
N LEU M 61 50.39 25.03 48.59
CA LEU M 61 49.49 24.35 49.55
C LEU M 61 48.14 25.04 49.58
N LEU M 62 48.11 26.36 49.37
CA LEU M 62 46.83 27.09 49.31
C LEU M 62 45.98 26.62 48.13
N GLU M 63 46.61 26.21 47.02
CA GLU M 63 45.89 25.74 45.83
C GLU M 63 44.99 24.54 46.18
N SER M 91 50.00 15.86 44.88
CA SER M 91 49.81 15.32 46.24
C SER M 91 51.10 14.65 46.73
N SER M 92 51.36 13.44 46.25
CA SER M 92 52.67 12.79 46.44
C SER M 92 53.78 13.66 45.84
N PHE M 93 53.47 14.34 44.74
CA PHE M 93 54.36 15.37 44.17
C PHE M 93 54.69 16.43 45.23
N ILE M 94 53.69 16.82 46.01
CA ILE M 94 53.89 17.89 47.02
C ILE M 94 54.75 17.33 48.14
N GLY M 95 54.52 16.08 48.54
CA GLY M 95 55.39 15.43 49.53
C GLY M 95 56.83 15.41 49.04
N SER M 96 57.03 15.11 47.77
CA SER M 96 58.38 15.11 47.16
C SER M 96 58.95 16.53 47.15
N ALA M 97 58.12 17.55 46.94
CA ALA M 97 58.58 18.95 46.98
C ALA M 97 59.11 19.30 48.36
N LEU M 98 58.36 18.93 49.39
CA LEU M 98 58.81 19.19 50.77
C LEU M 98 60.07 18.38 51.08
N GLN M 99 60.17 17.18 50.54
CA GLN M 99 61.40 16.38 50.65
C GLN M 99 62.58 17.10 50.00
N ASP M 100 62.33 17.76 48.87
CA ASP M 100 63.38 18.53 48.17
C ASP M 100 63.84 19.68 49.06
N GLN M 101 62.89 20.42 49.62
CA GLN M 101 63.22 21.53 50.55
C GLN M 101 64.02 20.99 51.74
N ALA M 102 63.63 19.84 52.27
CA ALA M 102 64.31 19.25 53.43
C ALA M 102 65.73 18.85 53.07
N SER M 103 65.93 18.28 51.88
CA SER M 103 67.27 17.91 51.40
C SER M 103 68.13 19.16 51.25
N ARG M 104 67.55 20.29 50.82
CA ARG M 104 68.28 21.57 50.74
C ARG M 104 68.71 22.03 52.13
N LEU M 105 67.76 22.09 53.06
CA LEU M 105 67.97 22.76 54.35
C LEU M 105 68.66 21.85 55.37
N GLY M 106 68.81 20.55 55.09
CA GLY M 106 69.40 19.61 56.05
C GLY M 106 68.55 19.48 57.29
N VAL M 107 67.24 19.40 57.12
CA VAL M 107 66.24 19.36 58.21
C VAL M 107 65.43 18.07 58.05
N PRO M 108 64.96 17.42 59.14
CA PRO M 108 63.97 16.36 58.99
C PRO M 108 62.63 16.93 58.51
N VAL M 109 62.05 16.26 57.50
CA VAL M 109 60.88 16.71 56.71
C VAL M 109 59.74 17.20 57.61
N GLY M 110 59.50 16.50 58.72
CA GLY M 110 58.39 16.79 59.64
C GLY M 110 58.37 18.23 60.11
N ILE M 111 59.54 18.76 60.45
CA ILE M 111 59.66 20.15 60.96
C ILE M 111 59.13 21.10 59.88
N LEU M 112 59.67 20.99 58.68
CA LEU M 112 59.35 21.94 57.60
C LEU M 112 57.90 21.75 57.17
N SER M 113 57.45 20.50 57.12
CA SER M 113 56.04 20.20 56.76
C SER M 113 55.10 20.89 57.75
N ALA M 114 55.36 20.73 59.04
CA ALA M 114 54.50 21.30 60.07
C ALA M 114 54.56 22.83 60.03
N GLY M 115 55.75 23.39 59.81
CA GLY M 115 55.92 24.85 59.73
C GLY M 115 55.12 25.42 58.57
N MET M 116 55.25 24.83 57.40
CA MET M 116 54.51 25.28 56.22
C MET M 116 53.01 25.13 56.45
N VAL M 117 52.61 24.01 57.06
CA VAL M 117 51.18 23.75 57.35
C VAL M 117 50.64 24.84 58.26
N ALA M 118 51.35 25.14 59.34
CA ALA M 118 50.89 26.12 60.33
C ALA M 118 50.82 27.51 59.70
N SER M 119 51.87 27.89 58.97
CA SER M 119 51.91 29.21 58.29
C SER M 119 50.74 29.31 57.30
N SER M 120 50.44 28.21 56.60
CA SER M 120 49.32 28.20 55.64
C SER M 120 48.00 28.34 56.38
N VAL M 121 47.87 27.71 57.55
CA VAL M 121 46.64 27.86 58.35
C VAL M 121 46.47 29.32 58.74
N GLY M 122 47.56 29.96 59.17
CA GLY M 122 47.50 31.37 59.54
C GLY M 122 47.11 32.24 58.36
N GLN M 123 47.62 31.89 57.18
CA GLN M 123 47.28 32.61 55.93
C GLN M 123 45.79 32.44 55.65
N ILE M 124 45.26 31.24 55.88
CA ILE M 124 43.83 30.96 55.65
C ILE M 124 43.01 31.87 56.55
N CYS M 125 43.25 31.78 57.85
CA CYS M 125 42.54 32.58 58.87
C CYS M 125 43.07 34.02 58.89
N VAL M 139 33.78 29.05 55.15
CA VAL M 139 33.06 28.33 54.07
C VAL M 139 34.09 27.86 53.03
N GLU M 140 34.51 28.75 52.13
CA GLU M 140 35.71 28.51 51.31
C GLU M 140 36.92 28.32 52.24
N GLN M 141 36.95 29.05 53.35
CA GLN M 141 37.90 28.82 54.44
C GLN M 141 37.85 27.34 54.84
N ARG M 142 36.65 26.85 55.07
CA ARG M 142 36.42 25.45 55.50
C ARG M 142 36.92 24.48 54.44
N LYS M 143 36.66 24.78 53.17
CA LYS M 143 37.04 23.86 52.07
C LYS M 143 38.55 23.81 51.92
N LYS M 144 39.21 24.97 51.87
CA LYS M 144 40.68 25.02 51.81
C LYS M 144 41.27 24.27 52.99
N LEU M 145 40.71 24.49 54.18
CA LEU M 145 41.22 23.84 55.39
C LEU M 145 41.05 22.33 55.29
N SER M 146 39.90 21.88 54.78
CA SER M 146 39.61 20.44 54.67
C SER M 146 40.60 19.80 53.70
N SER M 147 40.89 20.47 52.60
CA SER M 147 41.84 19.94 51.60
C SER M 147 43.24 19.88 52.20
N LEU M 148 43.65 20.96 52.86
CA LEU M 148 44.94 21.03 53.57
C LEU M 148 45.03 19.88 54.58
N LEU M 149 43.91 19.59 55.25
CA LEU M 149 43.90 18.58 56.31
C LEU M 149 43.97 17.18 55.71
N GLU M 150 43.35 16.97 54.56
CA GLU M 150 43.48 15.68 53.85
C GLU M 150 44.94 15.46 53.47
N PHE M 151 45.58 16.50 52.95
CA PHE M 151 47.01 16.40 52.60
C PHE M 151 47.84 16.12 53.85
N ALA M 152 47.51 16.79 54.95
CA ALA M 152 48.26 16.60 56.20
C ALA M 152 48.03 15.19 56.75
N GLN M 153 46.83 14.65 56.55
CA GLN M 153 46.52 13.26 56.91
C GLN M 153 47.42 12.32 56.12
N TYR M 154 47.59 12.60 54.83
CA TYR M 154 48.53 11.82 54.00
C TYR M 154 49.94 11.94 54.57
N LEU M 155 50.34 13.15 54.96
CA LEU M 155 51.70 13.38 55.50
C LEU M 155 51.91 12.54 56.76
N LEU M 156 50.90 12.52 57.63
CA LEU M 156 50.98 11.74 58.88
C LEU M 156 50.99 10.25 58.56
N ALA M 157 50.23 9.83 57.55
CA ALA M 157 50.24 8.43 57.10
C ALA M 157 51.65 8.02 56.64
N HIS M 158 52.38 8.94 56.02
CA HIS M 158 53.77 8.72 55.55
C HIS M 158 54.82 9.14 56.58
N SER M 159 54.43 9.57 57.78
CA SER M 159 55.35 9.86 58.90
C SER M 159 56.26 11.04 58.58
N MET M 160 55.73 12.04 57.88
CA MET M 160 56.49 13.21 57.40
C MET M 160 55.97 14.46 58.10
N PHE M 161 55.78 14.37 59.42
CA PHE M 161 55.06 15.40 60.19
C PHE M 161 55.45 15.34 61.67
N SER M 162 56.05 16.42 62.17
CA SER M 162 56.45 16.57 63.59
C SER M 162 55.35 17.34 64.32
N ARG M 163 54.53 16.61 65.09
CA ARG M 163 53.35 17.18 65.76
C ARG M 163 53.76 18.11 66.88
N LEU M 164 54.88 17.82 67.54
CA LEU M 164 55.36 18.67 68.65
C LEU M 164 55.73 20.05 68.13
N SER M 165 56.59 20.09 67.11
CA SER M 165 56.97 21.36 66.46
C SER M 165 55.75 22.02 65.83
N PHE M 166 54.77 21.23 65.38
CA PHE M 166 53.53 21.79 64.84
C PHE M 166 52.80 22.58 65.91
N CYS M 167 52.65 21.99 67.09
CA CYS M 167 52.03 22.67 68.24
C CYS M 167 52.84 23.91 68.63
N GLN M 168 54.16 23.79 68.61
CA GLN M 168 55.06 24.89 68.96
C GLN M 168 54.81 26.08 68.03
N GLU M 169 54.81 25.83 66.72
CA GLU M 169 54.59 26.91 65.74
C GLU M 169 53.17 27.45 65.83
N LEU M 170 52.21 26.57 66.12
CA LEU M 170 50.81 27.01 66.31
C LEU M 170 50.74 28.02 67.44
N TRP M 171 51.41 27.74 68.56
CA TRP M 171 51.41 28.68 69.69
C TRP M 171 52.34 29.86 69.43
N LYS M 172 53.26 29.76 68.46
CA LYS M 172 54.01 30.94 68.00
C LYS M 172 53.07 31.90 67.27
N ILE M 173 52.09 31.37 66.54
CA ILE M 173 51.10 32.23 65.85
C ILE M 173 50.08 32.72 66.87
N GLN M 174 49.22 31.81 67.35
CA GLN M 174 48.31 32.01 68.50
C GLN M 174 47.22 33.07 68.27
N SER M 175 47.23 33.80 67.15
CA SER M 175 46.42 35.03 66.99
C SER M 175 45.40 34.85 65.88
N SER M 176 45.87 34.49 64.69
CA SER M 176 44.99 34.15 63.56
C SER M 176 44.15 32.92 63.87
N LEU M 177 44.59 32.05 64.79
CA LEU M 177 43.92 30.77 65.09
C LEU M 177 42.50 31.02 65.60
N LEU M 178 41.53 30.57 64.81
CA LEU M 178 40.12 30.48 65.23
C LEU M 178 39.92 29.17 66.00
N LEU M 179 38.75 29.06 66.62
CA LEU M 179 38.41 27.86 67.40
C LEU M 179 37.98 26.74 66.46
N GLU M 180 37.30 27.08 65.37
CA GLU M 180 36.79 26.06 64.43
C GLU M 180 37.95 25.28 63.83
N ALA M 181 39.02 25.99 63.47
CA ALA M 181 40.19 25.36 62.82
C ALA M 181 40.83 24.35 63.77
N VAL M 182 41.02 24.73 65.02
CA VAL M 182 41.63 23.81 66.00
C VAL M 182 40.69 22.64 66.29
N TRP M 183 39.37 22.87 66.29
CA TRP M 183 38.44 21.74 66.46
C TRP M 183 38.57 20.77 65.28
N HIS M 184 38.74 21.29 64.06
CA HIS M 184 38.93 20.43 62.88
C HIS M 184 40.24 19.65 63.00
N LEU M 185 41.28 20.31 63.50
CA LEU M 185 42.57 19.62 63.77
C LEU M 185 42.33 18.46 64.72
N HIS M 186 41.51 18.68 65.74
CA HIS M 186 41.20 17.63 66.73
C HIS M 186 40.44 16.48 66.07
N VAL M 187 39.39 16.81 65.30
CA VAL M 187 38.44 15.79 64.82
C VAL M 187 39.09 14.96 63.71
N GLN M 188 39.99 15.57 62.93
CA GLN M 188 40.70 14.86 61.84
C GLN M 188 41.97 14.16 62.36
N GLY M 189 42.10 13.92 63.66
CA GLY M 189 43.21 13.15 64.24
C GLY M 189 44.57 13.78 64.01
N ILE M 190 44.62 15.09 63.73
CA ILE M 190 45.89 15.77 63.39
C ILE M 190 46.65 15.97 64.69
N VAL M 191 46.07 16.76 65.58
CA VAL M 191 46.62 17.02 66.93
C VAL M 191 45.46 16.97 67.90
N SER M 192 45.66 16.29 69.03
CA SER M 192 44.65 16.23 70.09
C SER M 192 44.56 17.59 70.76
N LEU M 193 43.32 18.00 71.06
CA LEU M 193 43.04 19.23 71.84
C LEU M 193 43.82 19.19 73.16
N GLN M 194 43.97 18.01 73.75
CA GLN M 194 44.82 17.81 74.95
C GLN M 194 46.27 18.20 74.65
N GLU M 195 46.83 17.69 73.55
CA GLU M 195 48.27 17.89 73.25
C GLU M 195 48.55 19.36 72.96
N LEU M 196 47.65 20.05 72.26
CA LEU M 196 47.86 21.47 71.93
C LEU M 196 47.96 22.26 73.23
N LEU M 197 46.95 22.13 74.08
CA LEU M 197 46.90 22.94 75.31
C LEU M 197 48.01 22.53 76.26
N GLU M 198 48.45 21.27 76.20
CA GLU M 198 49.62 20.78 76.98
C GLU M 198 50.91 20.95 76.16
N SER M 199 51.13 22.13 75.58
CA SER M 199 52.43 22.47 74.95
C SER M 199 52.79 23.96 75.07
N HIS M 200 52.01 24.77 75.76
CA HIS M 200 52.17 26.24 75.76
C HIS M 200 52.95 26.67 77.00
N PRO M 201 53.85 27.68 76.91
CA PRO M 201 54.51 28.19 78.11
C PRO M 201 53.55 28.79 79.15
N ASP M 202 52.83 29.84 78.77
CA ASP M 202 51.99 30.63 79.70
C ASP M 202 50.61 29.98 79.79
N MET M 203 50.45 29.08 80.75
CA MET M 203 49.18 28.35 80.98
C MET M 203 48.06 29.34 81.33
N HIS M 204 48.38 30.40 82.07
CA HIS M 204 47.41 31.46 82.41
C HIS M 204 46.91 32.14 81.14
N ALA M 205 47.83 32.44 80.22
CA ALA M 205 47.47 33.09 78.95
C ALA M 205 46.56 32.17 78.13
N VAL M 206 46.85 30.88 78.11
CA VAL M 206 46.01 29.92 77.36
C VAL M 206 44.62 29.90 77.99
N GLY M 207 44.56 29.88 79.32
CA GLY M 207 43.27 29.90 80.01
C GLY M 207 42.46 31.13 79.66
N SER M 208 43.12 32.29 79.63
CA SER M 208 42.45 33.57 79.31
C SER M 208 41.96 33.53 77.86
N TRP M 209 42.79 33.03 76.96
CA TRP M 209 42.42 32.95 75.53
C TRP M 209 41.21 32.04 75.35
N LEU M 210 41.20 30.91 76.03
CA LEU M 210 40.07 29.96 75.93
C LEU M 210 38.82 30.60 76.51
N PHE M 211 38.96 31.31 77.63
CA PHE M 211 37.85 32.08 78.21
C PHE M 211 37.25 32.98 77.14
N ARG M 212 38.09 33.79 76.50
CA ARG M 212 37.63 34.75 75.48
C ARG M 212 36.91 34.00 74.36
N ASN M 213 37.54 32.95 73.86
CA ASN M 213 37.05 32.24 72.67
C ASN M 213 35.70 31.59 72.97
N LEU M 214 35.55 30.99 74.15
CA LEU M 214 34.31 30.29 74.50
C LEU M 214 33.20 31.30 74.81
N CYS M 215 33.55 32.41 75.46
CA CYS M 215 32.58 33.48 75.70
C CYS M 215 32.06 34.02 74.38
N CYS M 216 32.94 34.13 73.38
CA CYS M 216 32.53 34.55 72.02
C CYS M 216 31.72 33.44 71.35
N LEU M 217 32.06 32.18 71.62
CA LEU M 217 31.38 31.03 70.99
C LEU M 217 29.93 30.96 71.42
N CYS M 218 29.68 31.10 72.71
CA CYS M 218 28.31 31.02 73.23
C CYS M 218 27.44 32.12 72.64
N GLU M 219 28.02 33.27 72.32
CA GLU M 219 27.30 34.35 71.59
C GLU M 219 27.10 33.97 70.13
N GLN M 220 28.14 33.38 69.51
CA GLN M 220 28.07 32.88 68.12
C GLN M 220 26.95 31.86 67.95
N MET M 221 26.61 31.10 69.01
CA MET M 221 25.54 30.09 68.97
C MET M 221 24.18 30.70 68.63
N GLU M 222 24.00 32.01 68.83
CA GLU M 222 22.72 32.71 68.58
C GLU M 222 22.83 33.66 67.39
N ALA M 223 23.74 33.37 66.45
CA ALA M 223 23.78 34.04 65.13
C ALA M 223 22.70 33.46 64.24
N SER M 224 22.71 32.14 64.07
CA SER M 224 21.69 31.39 63.30
C SER M 224 21.83 29.90 63.64
N CYS M 225 20.79 29.13 63.33
CA CYS M 225 20.71 27.70 63.72
C CYS M 225 21.78 26.86 63.02
N GLN M 226 22.10 27.11 61.74
CA GLN M 226 23.03 26.25 60.97
C GLN M 226 24.46 26.39 61.52
N HIS M 227 24.86 27.61 61.89
CA HIS M 227 26.12 27.84 62.64
C HIS M 227 26.01 27.17 64.02
N ALA M 228 24.83 27.24 64.63
CA ALA M 228 24.60 26.82 66.02
C ALA M 228 24.79 25.31 66.19
N ASP M 229 24.52 24.51 65.15
CA ASP M 229 24.73 23.05 65.22
C ASP M 229 26.21 22.75 65.35
N VAL M 230 27.02 23.37 64.51
CA VAL M 230 28.48 23.14 64.53
C VAL M 230 29.05 23.67 65.85
N ALA M 231 28.58 24.83 66.28
CA ALA M 231 29.00 25.45 67.55
C ALA M 231 28.70 24.49 68.71
N ARG M 232 27.50 23.96 68.74
CA ARG M 232 27.07 23.04 69.81
C ARG M 232 27.95 21.79 69.79
N ALA M 233 28.27 21.30 68.59
CA ALA M 233 29.09 20.08 68.46
C ALA M 233 30.49 20.31 69.05
N MET M 234 31.15 21.38 68.61
CA MET M 234 32.53 21.62 69.07
C MET M 234 32.54 21.97 70.56
N LEU M 235 31.52 22.69 71.02
CA LEU M 235 31.35 23.00 72.45
C LEU M 235 31.27 21.71 73.25
N SER M 236 30.48 20.76 72.77
CA SER M 236 30.32 19.45 73.43
C SER M 236 31.66 18.72 73.47
N ASP M 237 32.40 18.73 72.37
CA ASP M 237 33.72 18.05 72.33
C ASP M 237 34.67 18.69 73.33
N PHE M 238 34.69 20.02 73.36
CA PHE M 238 35.58 20.78 74.27
C PHE M 238 35.28 20.41 75.72
N VAL M 239 34.02 20.57 76.11
CA VAL M 239 33.60 20.34 77.51
C VAL M 239 33.84 18.89 77.90
N GLN M 240 33.60 17.95 76.98
CA GLN M 240 33.81 16.53 77.27
C GLN M 240 35.29 16.28 77.53
N MET M 241 36.17 16.89 76.74
CA MET M 241 37.62 16.78 76.97
C MET M 241 37.96 17.32 78.36
N PHE M 242 37.41 18.48 78.70
CA PHE M 242 37.73 19.16 79.97
C PHE M 242 37.29 18.29 81.14
N VAL M 243 36.04 17.87 81.12
CA VAL M 243 35.47 17.02 82.19
C VAL M 243 36.30 15.74 82.31
N LEU M 244 36.64 15.12 81.18
CA LEU M 244 37.37 13.84 81.19
C LEU M 244 38.76 14.03 81.82
N ARG M 245 39.42 15.15 81.51
CA ARG M 245 40.73 15.43 82.13
C ARG M 245 40.56 15.65 83.63
N GLY M 246 39.51 16.37 84.05
CA GLY M 246 39.25 16.66 85.47
C GLY M 246 38.61 15.50 86.22
N VAL M 265 44.88 23.46 84.95
CA VAL M 265 44.62 24.14 83.65
C VAL M 265 43.12 24.13 83.38
N THR M 266 42.62 22.96 83.00
CA THR M 266 41.21 22.70 82.72
C THR M 266 40.34 23.18 83.87
N VAL M 267 40.74 22.83 85.08
CA VAL M 267 40.02 23.23 86.31
C VAL M 267 39.96 24.75 86.38
N ASP M 268 41.04 25.42 85.99
CA ASP M 268 41.11 26.89 86.05
C ASP M 268 40.15 27.48 85.02
N VAL M 269 40.12 26.89 83.83
CA VAL M 269 39.19 27.33 82.75
C VAL M 269 37.77 27.27 83.28
N LEU M 270 37.38 26.12 83.80
CA LEU M 270 36.00 25.89 84.22
C LEU M 270 35.65 26.76 85.41
N GLN M 271 36.58 26.92 86.34
CA GLN M 271 36.38 27.83 87.49
C GLN M 271 36.15 29.25 86.99
N ARG M 272 36.92 29.69 86.01
CA ARG M 272 36.79 31.07 85.50
C ARG M 272 35.43 31.25 84.84
N MET M 273 35.01 30.28 84.03
CA MET M 273 33.70 30.36 83.37
C MET M 273 32.59 30.41 84.41
N LEU M 274 32.66 29.51 85.39
CA LEU M 274 31.71 29.47 86.51
C LEU M 274 31.66 30.82 87.21
N ILE M 275 32.82 31.37 87.52
CA ILE M 275 32.90 32.59 88.35
C ILE M 275 32.33 33.77 87.57
N PHE M 276 32.63 33.84 86.28
CA PHE M 276 32.04 34.88 85.42
C PHE M 276 30.52 34.78 85.46
N ALA M 277 29.99 33.57 85.32
CA ALA M 277 28.53 33.36 85.29
C ALA M 277 27.94 33.76 86.64
N LEU M 278 28.61 33.38 87.73
CA LEU M 278 28.08 33.64 89.08
C LEU M 278 28.10 35.14 89.38
N ASP M 279 29.16 35.82 88.97
CA ASP M 279 29.23 37.29 89.15
C ASP M 279 28.15 37.97 88.31
N ALA M 280 27.90 37.47 87.10
CA ALA M 280 26.82 38.00 86.25
C ALA M 280 25.48 37.84 86.95
N LEU M 281 25.26 36.69 87.57
CA LEU M 281 23.96 36.41 88.23
C LEU M 281 23.83 37.26 89.49
N ALA M 282 24.84 37.23 90.36
CA ALA M 282 24.84 37.93 91.65
C ALA M 282 24.83 39.45 91.44
N ALA M 283 25.37 39.94 90.32
CA ALA M 283 25.42 41.38 90.00
C ALA M 283 24.21 41.77 89.17
N GLY M 284 23.01 41.39 89.61
CA GLY M 284 21.74 41.96 89.13
C GLY M 284 21.31 41.45 87.76
N VAL M 285 22.21 41.54 86.77
CA VAL M 285 21.88 41.53 85.32
C VAL M 285 21.10 40.26 84.96
N GLN M 286 19.81 40.47 84.67
CA GLN M 286 18.91 39.45 84.08
C GLN M 286 18.32 39.96 82.76
N GLU M 287 18.18 41.28 82.60
CA GLU M 287 17.64 41.93 81.38
C GLU M 287 18.49 41.63 80.16
N GLU M 288 19.77 41.29 80.35
CA GLU M 288 20.78 41.18 79.29
C GLU M 288 20.33 40.18 78.23
N SER M 289 21.00 40.24 77.09
CA SER M 289 20.86 39.27 75.99
C SER M 289 22.19 38.57 75.77
N SER M 290 23.30 39.31 75.76
CA SER M 290 24.65 38.78 75.47
C SER M 290 25.09 37.83 76.57
N THR M 291 25.31 38.35 77.78
CA THR M 291 25.77 37.53 78.93
C THR M 291 24.66 36.60 79.40
N HIS M 292 23.40 37.04 79.28
CA HIS M 292 22.22 36.17 79.51
C HIS M 292 22.34 34.89 78.68
N LYS M 293 22.57 35.04 77.38
CA LYS M 293 22.68 33.90 76.46
C LYS M 293 23.97 33.10 76.69
N ILE M 294 25.05 33.77 77.11
CA ILE M 294 26.32 33.07 77.43
C ILE M 294 26.10 32.12 78.60
N VAL M 295 25.48 32.62 79.66
CA VAL M 295 25.20 31.82 80.87
C VAL M 295 24.19 30.72 80.50
N ARG M 296 23.18 31.05 79.71
CA ARG M 296 22.20 30.05 79.24
C ARG M 296 22.92 28.89 78.56
N CYS M 297 23.81 29.20 77.64
CA CYS M 297 24.56 28.17 76.89
C CYS M 297 25.42 27.36 77.84
N TRP M 298 26.09 28.01 78.78
CA TRP M 298 27.03 27.27 79.65
C TRP M 298 26.27 26.33 80.57
N PHE M 299 25.15 26.77 81.12
CA PHE M 299 24.32 25.88 81.95
C PHE M 299 23.64 24.81 81.09
N GLY M 300 23.26 25.16 79.85
CA GLY M 300 22.65 24.20 78.94
C GLY M 300 23.58 23.04 78.65
N VAL M 301 24.88 23.33 78.53
CA VAL M 301 25.88 22.27 78.31
C VAL M 301 26.22 21.60 79.64
N PHE M 302 26.18 22.36 80.73
CA PHE M 302 26.35 21.82 82.08
C PHE M 302 25.36 20.68 82.34
N SER M 303 24.13 20.84 81.86
CA SER M 303 23.08 19.80 81.91
C SER M 303 23.52 18.60 81.08
N GLY M 304 24.06 17.57 81.74
CA GLY M 304 24.67 16.42 81.07
C GLY M 304 23.69 15.30 80.78
N HIS M 305 23.09 15.34 79.59
CA HIS M 305 22.39 14.18 78.99
C HIS M 305 23.19 13.64 77.79
N THR M 306 23.94 14.51 77.11
CA THR M 306 24.97 14.10 76.13
C THR M 306 26.24 13.72 76.89
N LEU M 307 26.59 14.51 77.91
CA LEU M 307 27.85 14.30 78.65
C LEU M 307 27.74 13.05 79.52
N GLY M 308 26.63 12.90 80.26
CA GLY M 308 26.40 11.71 81.08
C GLY M 308 26.35 10.44 80.25
N SER M 309 25.97 10.53 78.98
CA SER M 309 25.92 9.38 78.06
C SER M 309 27.31 9.07 77.52
N VAL M 310 28.03 10.09 77.06
CA VAL M 310 29.35 9.89 76.45
C VAL M 310 30.35 9.44 77.52
N ILE M 311 30.28 10.05 78.70
CA ILE M 311 31.33 9.93 79.75
C ILE M 311 30.75 9.11 80.90
N SER M 312 31.55 8.18 81.42
CA SER M 312 31.25 7.48 82.67
C SER M 312 31.24 8.49 83.82
N THR M 313 30.40 8.26 84.81
CA THR M 313 30.08 9.27 85.84
C THR M 313 31.01 9.10 87.06
N ASP M 314 32.23 8.60 86.82
CA ASP M 314 33.23 8.37 87.88
C ASP M 314 33.89 9.70 88.26
N PRO M 315 34.44 10.50 87.31
CA PRO M 315 34.87 11.87 87.62
C PRO M 315 33.80 12.94 87.40
N LEU M 316 32.66 12.58 86.82
CA LEU M 316 31.58 13.55 86.53
C LEU M 316 30.98 14.07 87.84
N LYS M 317 30.63 13.15 88.75
CA LYS M 317 30.13 13.54 90.07
C LYS M 317 31.19 14.31 90.84
N ARG M 318 32.47 13.96 90.66
CA ARG M 318 33.56 14.69 91.32
C ARG M 318 33.54 16.15 90.87
N PHE M 319 33.44 16.35 89.55
CA PHE M 319 33.42 17.71 88.98
C PHE M 319 32.19 18.47 89.49
N PHE M 320 31.04 17.80 89.61
CA PHE M 320 29.82 18.48 90.06
C PHE M 320 29.90 18.82 91.55
N SER M 321 30.49 17.96 92.36
CA SER M 321 30.71 18.26 93.78
C SER M 321 31.64 19.46 93.91
N HIS M 322 32.69 19.50 93.08
CA HIS M 322 33.61 20.65 93.04
C HIS M 322 32.83 21.91 92.66
N THR M 323 31.92 21.78 91.69
CA THR M 323 31.10 22.92 91.25
C THR M 323 30.29 23.45 92.41
N LEU M 324 29.62 22.56 93.14
CA LEU M 324 28.75 23.00 94.24
C LEU M 324 29.58 23.66 95.34
N THR M 325 30.71 23.06 95.69
CA THR M 325 31.63 23.62 96.69
C THR M 325 32.04 25.03 96.26
N GLN M 326 32.46 25.17 95.01
CA GLN M 326 32.92 26.47 94.50
C GLN M 326 31.78 27.49 94.52
N ILE M 327 30.57 27.05 94.18
CA ILE M 327 29.40 27.96 94.17
C ILE M 327 29.20 28.51 95.57
N LEU M 328 29.06 27.61 96.54
CA LEU M 328 28.72 28.02 97.92
C LEU M 328 29.86 28.84 98.53
N THR M 329 31.11 28.40 98.34
CA THR M 329 32.28 29.02 98.98
C THR M 329 32.58 30.39 98.37
N HIS M 330 32.44 30.53 97.05
CA HIS M 330 33.00 31.69 96.33
C HIS M 330 32.29 32.98 96.73
N SER M 331 33.08 34.03 96.97
CA SER M 331 32.61 35.39 97.30
C SER M 331 31.72 35.36 98.55
N PRO M 332 32.24 34.95 99.73
CA PRO M 332 31.40 34.92 100.94
C PRO M 332 31.19 36.32 101.53
N VAL M 333 30.52 37.16 100.75
CA VAL M 333 29.97 38.47 101.19
C VAL M 333 28.52 38.18 101.59
N LEU M 334 27.93 39.06 102.39
CA LEU M 334 26.62 38.82 103.04
C LEU M 334 26.73 37.54 103.85
N LYS M 335 27.85 37.39 104.56
CA LYS M 335 28.04 36.37 105.59
C LYS M 335 27.31 36.77 106.88
N ALA M 336 26.74 37.97 106.94
CA ALA M 336 26.01 38.48 108.11
C ALA M 336 24.92 37.49 108.52
N SER M 337 24.97 37.03 109.78
CA SER M 337 23.86 36.28 110.40
C SER M 337 22.57 37.09 110.30
N ASP M 338 22.68 38.42 110.40
CA ASP M 338 21.56 39.35 110.15
C ASP M 338 21.28 39.35 108.64
N ALA M 339 20.67 38.26 108.19
CA ALA M 339 20.28 38.04 106.79
C ALA M 339 18.95 37.30 106.76
N VAL M 340 18.03 37.71 107.63
CA VAL M 340 16.86 36.89 108.01
C VAL M 340 15.66 37.29 107.15
N GLN M 341 15.43 38.57 106.92
CA GLN M 341 14.45 39.03 105.90
C GLN M 341 14.96 38.74 104.50
N MET M 342 16.27 38.55 104.32
CA MET M 342 16.83 38.15 103.02
C MET M 342 16.29 36.77 102.58
N GLN M 343 15.79 35.95 103.50
CA GLN M 343 15.19 34.65 103.19
C GLN M 343 14.00 34.78 102.25
N ARG M 344 13.09 35.72 102.54
CA ARG M 344 11.88 35.94 101.71
C ARG M 344 12.27 36.33 100.29
N GLU M 345 13.36 37.08 100.10
CA GLU M 345 13.88 37.47 98.77
C GLU M 345 14.75 36.39 98.13
N TRP M 346 15.27 35.44 98.92
CA TRP M 346 15.90 34.20 98.41
C TRP M 346 14.89 33.07 98.28
N SER M 347 13.59 33.36 98.36
CA SER M 347 12.53 32.34 98.17
C SER M 347 12.69 31.70 96.78
N PHE M 348 12.30 30.44 96.68
CA PHE M 348 12.63 29.55 95.55
C PHE M 348 12.27 30.17 94.20
N ALA M 349 11.01 30.58 94.01
CA ALA M 349 10.58 31.28 92.78
C ALA M 349 11.34 32.59 92.59
N ARG M 350 11.62 33.32 93.67
CA ARG M 350 12.36 34.59 93.60
C ARG M 350 13.82 34.35 93.23
N THR M 351 14.35 33.17 93.54
CA THR M 351 15.65 32.74 92.98
C THR M 351 15.52 32.70 91.46
N HIS M 352 16.61 32.98 90.76
CA HIS M 352 16.58 33.13 89.30
C HIS M 352 16.33 31.78 88.65
N PRO M 353 15.53 31.72 87.56
CA PRO M 353 15.21 30.44 86.93
C PRO M 353 16.44 29.66 86.46
N LEU M 354 17.50 30.39 86.08
CA LEU M 354 18.77 29.75 85.68
C LEU M 354 19.36 29.00 86.87
N LEU M 355 19.32 29.60 88.07
CA LEU M 355 19.85 28.94 89.28
C LEU M 355 19.01 27.73 89.64
N THR M 356 17.68 27.87 89.59
CA THR M 356 16.77 26.76 89.94
C THR M 356 16.98 25.61 88.95
N SER M 357 17.17 25.93 87.68
CA SER M 357 17.39 24.91 86.63
C SER M 357 18.73 24.21 86.88
N LEU M 358 19.76 24.98 87.21
CA LEU M 358 21.07 24.40 87.52
C LEU M 358 20.95 23.46 88.71
N TYR M 359 20.17 23.84 89.71
CA TYR M 359 20.03 23.02 90.92
C TYR M 359 19.19 21.78 90.63
N ARG M 360 18.20 21.89 89.76
CA ARG M 360 17.48 20.70 89.25
C ARG M 360 18.47 19.76 88.58
N ARG M 361 19.35 20.30 87.75
CA ARG M 361 20.36 19.49 87.06
C ARG M 361 21.27 18.81 88.10
N LEU M 362 21.71 19.57 89.10
CA LEU M 362 22.59 19.01 90.14
C LEU M 362 21.87 17.92 90.92
N PHE M 363 20.58 18.11 91.19
CA PHE M 363 19.74 17.08 91.86
C PHE M 363 19.65 15.81 91.03
N VAL M 364 19.44 15.95 89.73
CA VAL M 364 19.23 14.77 88.86
C VAL M 364 20.55 14.01 88.70
N MET M 365 21.64 14.74 88.50
CA MET M 365 22.96 14.11 88.27
C MET M 365 23.59 13.64 89.59
N LEU M 366 22.97 13.88 90.75
CA LEU M 366 23.45 13.42 92.08
C LEU M 366 22.30 12.73 92.82
N SER M 367 22.54 12.34 94.08
CA SER M 367 21.57 11.58 94.90
C SER M 367 21.34 12.31 96.23
N ALA M 368 20.07 12.35 96.66
CA ALA M 368 19.55 13.29 97.69
C ALA M 368 20.33 13.23 98.99
N GLU M 369 20.38 12.05 99.61
CA GLU M 369 21.03 11.92 100.93
C GLU M 369 22.52 12.21 100.81
N GLU M 370 23.14 11.87 99.68
CA GLU M 370 24.56 12.21 99.45
C GLU M 370 24.72 13.72 99.44
N LEU M 371 23.82 14.44 98.78
CA LEU M 371 23.91 15.92 98.71
C LEU M 371 23.71 16.53 100.08
N VAL M 372 22.79 15.98 100.86
CA VAL M 372 22.50 16.55 102.19
C VAL M 372 23.67 16.29 103.13
N GLY M 373 24.27 15.09 103.04
CA GLY M 373 25.51 14.81 103.76
C GLY M 373 26.62 15.77 103.32
N HIS M 374 26.68 16.03 102.02
CA HIS M 374 27.65 17.00 101.46
C HIS M 374 27.41 18.38 102.09
N LEU M 375 26.16 18.78 102.24
CA LEU M 375 25.83 20.08 102.85
C LEU M 375 26.29 20.14 104.30
N GLN M 376 25.90 19.13 105.07
CA GLN M 376 26.29 19.03 106.50
C GLN M 376 27.81 19.16 106.62
N GLU M 377 28.52 18.39 105.80
CA GLU M 377 30.00 18.39 105.79
C GLU M 377 30.49 19.80 105.49
N VAL M 378 30.01 20.41 104.41
CA VAL M 378 30.51 21.72 103.94
C VAL M 378 30.25 22.78 105.00
N LEU M 379 29.09 22.71 105.64
CA LEU M 379 28.68 23.76 106.59
C LEU M 379 29.51 23.66 107.87
N GLU M 380 29.68 22.44 108.39
CA GLU M 380 30.58 22.25 109.54
C GLU M 380 32.03 22.58 109.15
N THR M 381 32.36 22.47 107.86
CA THR M 381 33.73 22.69 107.37
C THR M 381 34.08 24.18 107.33
N GLN M 382 33.37 24.94 106.49
CA GLN M 382 33.90 26.19 105.92
C GLN M 382 32.78 27.22 105.78
N GLU M 383 33.19 28.45 105.50
CA GLU M 383 32.30 29.62 105.30
C GLU M 383 31.43 29.42 104.06
N VAL M 384 30.53 30.38 103.81
CA VAL M 384 29.34 30.20 102.95
C VAL M 384 29.00 31.54 102.30
N HIS M 385 28.45 31.47 101.09
CA HIS M 385 27.59 32.52 100.52
C HIS M 385 26.14 32.04 100.71
N TRP M 386 25.45 32.66 101.65
CA TRP M 386 24.18 32.10 102.18
C TRP M 386 23.07 32.10 101.13
N GLN M 387 23.14 33.01 100.15
CA GLN M 387 22.14 33.07 99.07
C GLN M 387 21.98 31.69 98.43
N ARG M 388 23.09 31.16 97.93
CA ARG M 388 23.08 29.90 97.17
C ARG M 388 22.66 28.76 98.09
N VAL M 389 23.11 28.78 99.33
CA VAL M 389 22.79 27.69 100.29
C VAL M 389 21.30 27.63 100.51
N LEU M 390 20.70 28.76 100.86
CA LEU M 390 19.28 28.73 101.26
C LEU M 390 18.39 28.51 100.04
N SER M 391 18.77 29.04 98.89
CA SER M 391 18.03 28.73 97.66
C SER M 391 18.15 27.25 97.34
N PHE M 392 19.34 26.68 97.54
CA PHE M 392 19.60 25.25 97.31
C PHE M 392 18.73 24.40 98.24
N VAL M 393 18.48 24.88 99.45
CA VAL M 393 17.71 24.12 100.44
C VAL M 393 16.22 24.23 100.16
N SER M 394 15.75 25.39 99.71
CA SER M 394 14.36 25.47 99.21
C SER M 394 14.18 24.50 98.03
N ALA M 395 15.20 24.40 97.18
CA ALA M 395 15.16 23.47 96.04
C ALA M 395 15.15 22.03 96.53
N LEU M 396 16.02 21.69 97.48
CA LEU M 396 16.01 20.37 98.15
C LEU M 396 14.59 20.02 98.58
N VAL M 397 13.98 20.92 99.34
CA VAL M 397 12.67 20.67 99.98
C VAL M 397 11.62 20.48 98.90
N VAL M 398 11.66 21.27 97.83
CA VAL M 398 10.58 21.24 96.83
C VAL M 398 10.77 20.00 95.93
N CYS M 399 11.93 19.87 95.30
CA CYS M 399 12.12 18.90 94.21
C CYS M 399 12.16 17.47 94.76
N PHE M 400 13.08 17.18 95.68
CA PHE M 400 13.35 15.79 96.10
C PHE M 400 12.16 15.16 96.80
N PRO M 401 12.06 13.82 96.75
CA PRO M 401 10.91 13.12 97.32
C PRO M 401 11.10 13.07 98.84
N GLU M 402 10.39 13.95 99.55
CA GLU M 402 10.11 13.85 101.00
C GLU M 402 11.42 13.75 101.78
N ALA M 403 12.38 14.61 101.47
CA ALA M 403 13.65 14.72 102.21
C ALA M 403 13.55 15.74 103.36
N GLN M 404 12.35 16.23 103.68
CA GLN M 404 12.13 17.15 104.83
C GLN M 404 12.57 16.46 106.13
N GLN M 405 12.30 15.16 106.26
CA GLN M 405 12.73 14.37 107.45
C GLN M 405 14.25 14.19 107.47
N LEU M 406 14.85 14.04 106.29
CA LEU M 406 16.32 13.90 106.13
C LEU M 406 17.00 15.21 106.51
N LEU M 407 16.34 16.34 106.25
CA LEU M 407 16.81 17.66 106.72
C LEU M 407 16.70 17.75 108.23
N GLU M 408 15.52 17.47 108.75
CA GLU M 408 15.22 17.61 110.20
C GLU M 408 16.19 16.77 111.03
N ASP M 409 16.63 15.63 110.50
CA ASP M 409 17.56 14.72 111.21
C ASP M 409 18.84 15.48 111.57
N TRP M 410 19.61 15.89 110.57
CA TRP M 410 20.90 16.57 110.85
C TRP M 410 20.64 17.96 111.42
N VAL M 411 19.45 18.54 111.22
CA VAL M 411 19.06 19.78 111.92
C VAL M 411 19.16 19.54 113.43
N ALA M 412 18.42 18.56 113.92
CA ALA M 412 18.37 18.27 115.36
C ALA M 412 19.76 17.81 115.85
N ARG M 413 20.53 17.11 115.00
CA ARG M 413 21.88 16.68 115.39
C ARG M 413 22.77 17.89 115.62
N LEU M 414 22.84 18.78 114.64
CA LEU M 414 23.66 19.99 114.76
C LEU M 414 23.17 20.84 115.93
N MET M 415 21.86 20.84 116.18
CA MET M 415 21.30 21.54 117.34
C MET M 415 21.91 20.98 118.62
N ALA M 416 21.84 19.67 118.82
CA ALA M 416 22.38 19.01 120.01
C ALA M 416 23.87 19.32 120.16
N GLN M 417 24.62 19.25 119.06
CA GLN M 417 26.08 19.53 119.09
C GLN M 417 26.33 20.97 119.52
N ALA M 418 25.61 21.92 118.93
CA ALA M 418 25.79 23.35 119.23
C ALA M 418 25.40 23.65 120.68
N PHE M 419 24.38 22.97 121.19
CA PHE M 419 23.91 23.20 122.56
C PHE M 419 24.88 22.61 123.57
N GLU M 420 25.51 21.48 123.23
CA GLU M 420 26.58 20.92 124.08
C GLU M 420 27.78 21.87 124.10
N SER M 421 28.11 22.43 122.94
CA SER M 421 29.31 23.31 122.80
C SER M 421 29.04 24.74 123.28
N CYS M 422 27.77 25.13 123.48
CA CYS M 422 27.35 26.54 123.71
C CYS M 422 27.85 27.44 122.57
N GLN M 423 27.78 26.91 121.34
CA GLN M 423 28.15 27.61 120.10
C GLN M 423 26.86 28.12 119.48
N LEU M 424 26.79 29.43 119.22
CA LEU M 424 25.56 30.06 118.70
C LEU M 424 25.55 30.05 117.17
N ASP M 425 26.70 29.89 116.52
CA ASP M 425 26.80 30.07 115.05
C ASP M 425 26.04 28.96 114.32
N SER M 426 26.36 27.72 114.63
CA SER M 426 25.66 26.57 114.02
C SER M 426 24.18 26.57 114.44
N MET M 427 23.88 27.09 115.62
CA MET M 427 22.47 27.26 116.04
C MET M 427 21.77 28.24 115.09
N VAL M 428 22.41 29.36 114.78
CA VAL M 428 21.86 30.34 113.82
C VAL M 428 21.64 29.64 112.49
N THR M 429 22.61 28.83 112.08
CA THR M 429 22.55 28.09 110.81
C THR M 429 21.29 27.22 110.78
N ALA M 430 21.07 26.44 111.84
CA ALA M 430 19.92 25.53 111.91
C ALA M 430 18.61 26.34 111.90
N PHE M 431 18.58 27.43 112.65
CA PHE M 431 17.41 28.35 112.65
C PHE M 431 17.07 28.78 111.24
N LEU M 432 18.07 29.28 110.51
CA LEU M 432 17.84 29.78 109.14
C LEU M 432 17.38 28.64 108.24
N VAL M 433 17.98 27.47 108.40
CA VAL M 433 17.63 26.28 107.58
C VAL M 433 16.14 25.99 107.76
N VAL M 434 15.69 25.95 109.01
CA VAL M 434 14.29 25.61 109.30
C VAL M 434 13.36 26.71 108.78
N ARG M 435 13.76 27.96 108.96
CA ARG M 435 12.91 29.09 108.53
C ARG M 435 12.75 29.10 107.01
N GLN M 436 13.79 28.68 106.29
CA GLN M 436 13.74 28.64 104.82
C GLN M 436 12.94 27.42 104.38
N ALA M 437 13.17 26.27 104.99
CA ALA M 437 12.41 25.05 104.66
C ALA M 437 10.92 25.24 104.95
N ALA M 438 10.58 26.09 105.92
CA ALA M 438 9.19 26.35 106.33
C ALA M 438 8.34 26.81 105.14
N LEU M 439 8.94 27.50 104.19
CA LEU M 439 8.20 28.10 103.05
C LEU M 439 8.09 27.08 101.92
N LEU M 446 3.11 26.00 109.33
CA LEU M 446 3.39 26.18 110.78
C LEU M 446 4.44 25.18 111.30
N SER M 447 5.28 24.61 110.42
CA SER M 447 6.33 23.65 110.81
C SER M 447 7.38 24.31 111.70
N TYR M 448 7.54 25.63 111.63
CA TYR M 448 8.42 26.35 112.56
C TYR M 448 7.87 26.26 113.99
N ALA M 449 6.58 26.54 114.16
CA ALA M 449 5.89 26.36 115.45
C ALA M 449 6.02 24.91 115.90
N ASP M 450 5.93 23.97 114.97
CA ASP M 450 6.01 22.54 115.28
C ASP M 450 7.40 22.20 115.81
N TRP M 451 8.45 22.64 115.11
CA TRP M 451 9.84 22.40 115.54
C TRP M 451 10.10 23.07 116.90
N PHE M 452 9.51 24.23 117.11
CA PHE M 452 9.69 25.01 118.35
C PHE M 452 9.09 24.26 119.54
N LYS M 453 7.81 23.90 119.43
CA LYS M 453 7.12 23.15 120.50
C LYS M 453 7.69 21.75 120.64
N ALA M 454 8.31 21.20 119.60
CA ALA M 454 8.96 19.88 119.67
C ALA M 454 10.32 19.99 120.37
N SER M 455 11.02 21.11 120.20
CA SER M 455 12.21 21.41 121.04
C SER M 455 11.77 21.53 122.50
N PHE M 456 10.60 22.10 122.75
CA PHE M 456 10.05 22.17 124.12
C PHE M 456 9.85 20.80 124.77
N GLY M 457 9.73 19.73 123.99
CA GLY M 457 9.84 18.36 124.50
C GLY M 457 11.27 17.85 124.48
N SER M 458 11.96 17.94 125.62
CA SER M 458 13.25 17.25 125.90
C SER M 458 14.46 17.90 125.21
N THR M 459 14.31 19.10 124.60
CA THR M 459 15.41 19.83 123.96
C THR M 459 15.59 21.20 124.64
N ARG M 460 14.51 21.98 124.71
CA ARG M 460 14.55 23.40 125.15
C ARG M 460 14.57 23.50 126.68
N GLY M 461 14.11 22.48 127.41
CA GLY M 461 14.26 22.45 128.87
C GLY M 461 15.72 22.37 129.28
N TYR M 462 16.49 21.48 128.63
CA TYR M 462 17.89 21.14 128.97
C TYR M 462 18.71 20.99 127.68
N HIS M 463 18.71 22.03 126.84
CA HIS M 463 19.57 22.12 125.63
C HIS M 463 21.00 21.68 125.95
N GLY M 464 21.66 22.40 126.87
CA GLY M 464 22.90 21.99 127.50
C GLY M 464 22.67 21.52 128.91
N CYS M 465 23.70 20.96 129.54
CA CYS M 465 23.65 20.50 130.95
C CYS M 465 23.38 21.69 131.88
N SER M 466 24.13 22.77 131.72
CA SER M 466 23.90 24.04 132.43
C SER M 466 22.68 24.74 131.82
N LYS M 467 21.85 25.34 132.68
CA LYS M 467 20.69 26.13 132.24
C LYS M 467 21.09 27.54 131.79
N LYS M 468 22.39 27.87 131.78
CA LYS M 468 22.89 29.08 131.11
C LYS M 468 22.73 28.95 129.60
N ALA M 469 22.62 27.72 129.08
CA ALA M 469 22.23 27.47 127.69
C ALA M 469 20.94 28.22 127.36
N LEU M 470 19.98 28.22 128.29
CA LEU M 470 18.72 28.96 128.13
C LEU M 470 19.01 30.45 128.01
N VAL M 471 19.88 30.96 128.86
CA VAL M 471 20.27 32.40 128.84
C VAL M 471 20.91 32.73 127.49
N PHE M 472 21.63 31.78 126.90
CA PHE M 472 22.29 32.00 125.60
C PHE M 472 21.28 31.95 124.46
N LEU M 473 20.27 31.10 124.56
CA LEU M 473 19.10 31.19 123.65
C LEU M 473 18.53 32.60 123.69
N PHE M 474 18.39 33.12 124.90
CA PHE M 474 17.72 34.42 125.11
C PHE M 474 18.62 35.55 124.59
N THR M 475 19.93 35.41 124.75
CA THR M 475 20.90 36.37 124.17
C THR M 475 20.81 36.31 122.64
N PHE M 476 20.72 35.12 122.08
CA PHE M 476 20.60 34.96 120.62
C PHE M 476 19.30 35.61 120.14
N LEU M 477 18.21 35.38 120.85
CA LEU M 477 16.92 36.00 120.47
C LEU M 477 16.98 37.51 120.67
N SER M 478 17.77 37.99 121.63
CA SER M 478 18.00 39.43 121.80
C SER M 478 18.84 39.98 120.66
N GLU M 479 19.65 39.15 120.01
CA GLU M 479 20.40 39.52 118.80
C GLU M 479 19.63 39.15 117.52
N LEU M 480 18.40 38.67 117.63
CA LEU M 480 17.56 38.31 116.46
C LEU M 480 16.38 39.27 116.35
N VAL M 481 15.60 39.39 117.42
CA VAL M 481 14.30 40.11 117.38
C VAL M 481 14.49 41.60 117.17
N PRO M 482 15.59 42.29 117.56
CA PRO M 482 15.77 43.67 117.10
C PRO M 482 16.25 43.74 115.65
N PHE M 483 16.93 42.70 115.16
CA PHE M 483 17.69 42.73 113.90
C PHE M 483 16.97 41.90 112.85
N GLU M 484 16.02 42.56 112.17
CA GLU M 484 15.42 42.15 110.88
C GLU M 484 14.32 41.10 111.05
N SER M 485 14.32 40.36 112.18
CA SER M 485 13.14 39.95 112.97
C SER M 485 11.83 39.91 112.18
N PRO M 486 11.60 38.91 111.32
CA PRO M 486 10.32 38.83 110.60
C PRO M 486 9.10 38.69 111.52
N ARG M 487 7.96 39.13 111.00
CA ARG M 487 6.71 39.35 111.75
C ARG M 487 6.24 38.09 112.45
N TYR M 488 5.92 37.04 111.69
CA TYR M 488 5.30 35.81 112.22
C TYR M 488 6.29 35.06 113.12
N LEU M 489 7.59 35.20 112.85
CA LEU M 489 8.60 34.54 113.70
C LEU M 489 8.74 35.26 115.04
N GLN M 490 8.45 36.56 115.12
CA GLN M 490 8.30 37.22 116.44
C GLN M 490 7.20 36.51 117.24
N VAL M 491 6.02 36.34 116.65
CA VAL M 491 4.85 35.76 117.34
C VAL M 491 5.16 34.30 117.73
N HIS M 492 5.89 33.59 116.89
CA HIS M 492 6.27 32.19 117.19
C HIS M 492 7.33 32.14 118.28
N ILE M 493 8.18 33.17 118.38
CA ILE M 493 9.09 33.33 119.53
C ILE M 493 8.26 33.58 120.79
N LEU M 494 7.12 34.27 120.66
CA LEU M 494 6.31 34.67 121.82
C LEU M 494 5.55 33.48 122.39
N HIS M 495 4.76 32.81 121.55
CA HIS M 495 3.55 32.09 122.01
C HIS M 495 3.89 31.00 123.01
N PRO M 496 4.85 30.08 122.76
CA PRO M 496 5.64 29.48 123.84
C PRO M 496 6.88 30.30 124.20
N PRO M 497 7.48 30.10 125.40
CA PRO M 497 8.59 30.95 125.82
C PRO M 497 9.88 30.73 125.01
N TYR M 503 16.33 29.74 135.65
CA TYR M 503 15.30 29.85 136.70
C TYR M 503 14.00 30.42 136.11
N ARG M 504 12.94 30.40 136.92
CA ARG M 504 11.65 31.00 136.54
C ARG M 504 11.83 32.51 136.42
N SER M 505 12.65 33.09 137.31
CA SER M 505 13.04 34.51 137.24
C SER M 505 13.60 34.85 135.86
N LEU M 506 14.50 34.03 135.36
CA LEU M 506 15.18 34.31 134.07
C LEU M 506 14.24 34.01 132.90
N LEU M 507 13.36 33.01 133.02
CA LEU M 507 12.31 32.79 132.01
C LEU M 507 11.46 34.05 131.88
N THR M 508 11.02 34.60 133.02
CA THR M 508 10.19 35.82 133.03
C THR M 508 10.99 37.03 132.51
N ASP M 509 12.28 37.12 132.86
CA ASP M 509 13.14 38.20 132.33
C ASP M 509 13.18 38.14 130.81
N TYR M 510 13.39 36.94 130.27
CA TYR M 510 13.42 36.75 128.81
C TYR M 510 12.09 37.13 128.19
N ILE M 511 10.98 36.76 128.82
CA ILE M 511 9.64 37.07 128.26
C ILE M 511 9.44 38.59 128.26
N SER M 512 9.85 39.25 129.34
CA SER M 512 9.77 40.72 129.44
C SER M 512 10.59 41.37 128.32
N LEU M 513 11.83 40.91 128.15
CA LEU M 513 12.71 41.45 127.10
C LEU M 513 12.13 41.15 125.71
N ALA M 514 11.48 40.00 125.55
CA ALA M 514 10.79 39.66 124.29
C ALA M 514 9.73 40.70 123.98
N LYS M 515 8.96 41.10 125.00
CA LYS M 515 7.91 42.11 124.79
C LYS M 515 8.51 43.50 124.59
N THR M 516 9.69 43.76 125.16
CA THR M 516 10.41 45.01 124.87
C THR M 516 10.79 45.07 123.39
N ARG M 517 11.34 43.99 122.87
CA ARG M 517 11.71 43.92 121.45
C ARG M 517 10.44 44.00 120.59
N LEU M 518 9.32 43.44 121.07
CA LEU M 518 8.02 43.59 120.38
C LEU M 518 7.65 45.06 120.26
N ALA M 519 7.78 45.80 121.36
CA ALA M 519 7.50 47.25 121.36
C ALA M 519 8.38 47.94 120.33
N ASP M 520 9.68 47.60 120.31
CA ASP M 520 10.63 48.15 119.33
C ASP M 520 10.14 47.90 117.90
N LEU M 521 9.70 46.67 117.61
CA LEU M 521 9.31 46.30 116.24
C LEU M 521 7.98 46.95 115.86
N LYS M 522 7.01 46.95 116.78
CA LYS M 522 5.71 47.60 116.54
C LYS M 522 5.91 49.09 116.27
N VAL M 523 6.88 49.71 116.95
CA VAL M 523 7.29 51.09 116.60
C VAL M 523 7.82 51.10 115.17
N SER M 524 8.79 50.24 114.88
CA SER M 524 9.44 50.18 113.56
C SER M 524 8.61 49.34 112.58
N GLU M 542 -25.25 40.62 119.60
CA GLU M 542 -26.03 39.42 119.97
C GLU M 542 -27.48 39.47 119.47
N PRO M 543 -28.30 40.51 119.81
CA PRO M 543 -29.73 40.44 119.53
C PRO M 543 -30.09 40.61 118.05
N HIS M 544 -29.10 40.68 117.16
CA HIS M 544 -29.31 40.75 115.71
C HIS M 544 -29.35 39.35 115.08
N SER M 545 -28.77 38.35 115.73
CA SER M 545 -28.90 36.94 115.31
C SER M 545 -30.00 36.24 116.11
N GLN M 546 -30.03 36.49 117.42
CA GLN M 546 -31.09 35.96 118.30
C GLN M 546 -32.45 36.38 117.77
N ALA M 547 -32.59 37.65 117.38
CA ALA M 547 -33.87 38.15 116.85
C ALA M 547 -34.21 37.49 115.52
N LEU M 548 -33.21 37.13 114.72
CA LEU M 548 -33.49 36.43 113.45
C LEU M 548 -34.02 35.03 113.73
N GLN M 549 -33.41 34.32 114.67
CA GLN M 549 -33.93 33.00 115.09
C GLN M 549 -35.36 33.14 115.61
N ASP M 550 -35.61 34.15 116.42
CA ASP M 550 -36.94 34.37 117.01
C ASP M 550 -37.99 34.65 115.94
N VAL M 551 -37.68 35.52 114.99
CA VAL M 551 -38.67 35.85 113.94
C VAL M 551 -38.87 34.64 113.03
N GLU M 552 -37.82 33.85 112.78
CA GLU M 552 -37.96 32.61 112.00
C GLU M 552 -38.99 31.70 112.66
N LYS M 553 -38.81 31.46 113.96
CA LYS M 553 -39.74 30.61 114.71
C LYS M 553 -41.14 31.18 114.67
N ALA M 554 -41.28 32.49 114.85
CA ALA M 554 -42.59 33.15 114.83
C ALA M 554 -43.27 32.96 113.48
N ILE M 555 -42.49 32.96 112.41
CA ILE M 555 -43.08 32.82 111.07
C ILE M 555 -43.52 31.38 110.82
N MET M 556 -42.71 30.41 111.23
CA MET M 556 -43.10 29.00 111.05
C MET M 556 -44.35 28.68 111.89
N VAL M 557 -44.35 29.13 113.13
CA VAL M 557 -45.53 28.99 114.02
C VAL M 557 -46.73 29.71 113.41
N PHE M 558 -46.49 30.82 112.73
CA PHE M 558 -47.59 31.54 112.05
C PHE M 558 -48.11 30.74 110.87
N GLU M 559 -47.25 29.99 110.21
CA GLU M 559 -47.68 29.11 109.11
C GLU M 559 -48.60 28.00 109.64
N HIS M 560 -48.15 27.30 110.67
CA HIS M 560 -48.97 26.24 111.31
C HIS M 560 -50.29 26.83 111.79
N THR M 561 -50.20 27.83 112.67
CA THR M 561 -51.36 28.61 113.17
C THR M 561 -51.80 29.55 112.04
N GLY M 562 -52.65 30.50 112.37
CA GLY M 562 -52.65 31.81 111.74
C GLY M 562 -52.60 32.89 112.80
N ASN M 563 -52.59 34.13 112.34
CA ASN M 563 -52.90 35.30 113.19
C ASN M 563 -51.94 35.36 114.38
N ILE M 564 -50.68 35.66 114.08
CA ILE M 564 -49.74 36.43 114.94
C ILE M 564 -49.56 35.71 116.28
N PRO M 565 -48.50 34.90 116.45
CA PRO M 565 -48.22 34.27 117.75
C PRO M 565 -48.20 35.27 118.89
N VAL M 566 -48.54 34.77 120.08
CA VAL M 566 -48.98 35.65 121.18
C VAL M 566 -47.81 35.99 122.08
N THR M 567 -46.78 35.15 122.12
CA THR M 567 -45.54 35.51 122.80
C THR M 567 -45.03 36.85 122.28
N VAL M 568 -45.14 37.02 120.96
CA VAL M 568 -44.69 38.25 120.28
C VAL M 568 -45.55 39.42 120.72
N MET M 569 -46.87 39.26 120.77
CA MET M 569 -47.75 40.37 121.14
C MET M 569 -47.70 40.66 122.63
N GLU M 570 -47.09 39.78 123.42
CA GLU M 570 -46.75 40.09 124.82
C GLU M 570 -45.45 40.87 124.87
N ALA M 571 -44.44 40.36 124.16
CA ALA M 571 -43.11 41.01 124.11
C ALA M 571 -43.25 42.43 123.59
N SER M 572 -44.19 42.67 122.69
CA SER M 572 -44.45 44.01 122.16
C SER M 572 -44.78 44.97 123.30
N ILE M 573 -45.89 44.70 123.97
CA ILE M 573 -46.46 45.68 124.90
C ILE M 573 -45.63 45.73 126.19
N PHE M 574 -44.93 44.66 126.53
CA PHE M 574 -44.28 44.53 127.85
C PHE M 574 -42.75 44.64 127.77
N ARG M 575 -42.14 44.38 126.61
CA ARG M 575 -40.69 44.54 126.38
C ARG M 575 -40.45 45.32 125.08
N ARG M 576 -40.67 46.62 125.12
CA ARG M 576 -40.54 47.47 123.93
C ARG M 576 -39.11 47.58 123.39
N PRO M 577 -38.05 47.66 124.25
CA PRO M 577 -36.68 47.54 123.74
C PRO M 577 -36.40 46.29 122.89
N TYR M 578 -36.67 45.12 123.45
CA TYR M 578 -36.50 43.87 122.70
C TYR M 578 -37.46 43.85 121.51
N TYR M 579 -38.63 44.48 121.64
CA TYR M 579 -39.56 44.50 120.50
C TYR M 579 -38.95 45.25 119.33
N VAL M 580 -38.27 46.37 119.59
CA VAL M 580 -37.66 47.14 118.48
C VAL M 580 -36.39 46.45 117.98
N SER M 581 -35.63 45.80 118.87
CA SER M 581 -34.46 44.99 118.44
C SER M 581 -34.89 43.72 117.68
N HIS M 582 -36.15 43.28 117.81
CA HIS M 582 -36.71 42.12 117.09
C HIS M 582 -37.39 42.56 115.81
N PHE M 583 -38.05 43.71 115.86
CA PHE M 583 -38.86 44.24 114.76
C PHE M 583 -38.00 44.81 113.65
N LEU M 584 -36.70 45.01 113.90
CA LEU M 584 -35.75 45.40 112.84
C LEU M 584 -35.46 44.22 111.90
N PRO M 585 -35.08 43.01 112.37
CA PRO M 585 -34.90 41.86 111.47
C PRO M 585 -36.13 41.32 110.73
N ALA M 586 -37.34 41.47 111.29
CA ALA M 586 -38.58 41.15 110.55
C ALA M 586 -38.77 42.08 109.35
N LEU M 587 -38.23 43.30 109.43
CA LEU M 587 -38.24 44.29 108.33
C LEU M 587 -36.93 44.29 107.56
N LEU M 588 -35.87 43.64 108.03
CA LEU M 588 -34.67 43.43 107.19
C LEU M 588 -35.00 42.30 106.23
N THR M 589 -35.86 42.63 105.27
CA THR M 589 -36.14 41.86 104.06
C THR M 589 -35.95 42.82 102.89
N PRO M 590 -34.83 43.59 102.79
CA PRO M 590 -34.68 44.52 101.68
C PRO M 590 -34.34 43.70 100.44
N ARG M 591 -35.34 42.95 99.96
CA ARG M 591 -35.17 41.89 98.96
C ARG M 591 -36.34 41.98 98.00
N VAL M 592 -36.10 41.58 96.76
CA VAL M 592 -37.15 41.54 95.71
C VAL M 592 -38.35 40.76 96.27
N LEU M 593 -39.51 41.40 96.26
CA LEU M 593 -40.75 40.73 96.65
C LEU M 593 -41.13 39.75 95.54
N PRO M 594 -41.57 38.51 95.87
CA PRO M 594 -42.21 37.67 94.87
C PRO M 594 -43.55 38.26 94.43
N LYS M 595 -44.00 37.86 93.25
CA LYS M 595 -45.27 38.34 92.65
C LYS M 595 -46.46 37.95 93.52
N VAL M 596 -46.47 36.71 94.01
CA VAL M 596 -47.51 36.18 94.93
C VAL M 596 -46.92 36.21 96.34
N PRO M 597 -47.66 36.65 97.38
CA PRO M 597 -47.05 36.84 98.68
C PRO M 597 -46.95 35.52 99.45
N ASP M 598 -46.22 35.58 100.56
CA ASP M 598 -45.83 34.39 101.35
C ASP M 598 -45.85 34.75 102.85
N SER M 599 -45.30 33.86 103.67
CA SER M 599 -45.34 33.89 105.15
C SER M 599 -44.90 35.24 105.71
N ARG M 600 -43.70 35.70 105.36
CA ARG M 600 -43.16 36.98 105.85
C ARG M 600 -44.11 38.13 105.53
N VAL M 601 -44.54 38.18 104.28
CA VAL M 601 -45.41 39.28 103.80
C VAL M 601 -46.72 39.25 104.58
N ALA M 602 -47.29 38.06 104.77
CA ALA M 602 -48.57 37.93 105.47
C ALA M 602 -48.42 38.25 106.95
N PHE M 603 -47.31 37.81 107.55
CA PHE M 603 -46.95 38.15 108.93
C PHE M 603 -46.98 39.67 109.11
N ILE M 604 -46.34 40.38 108.19
CA ILE M 604 -46.22 41.85 108.29
C ILE M 604 -47.59 42.49 108.05
N GLU M 605 -48.35 42.00 107.08
CA GLU M 605 -49.71 42.49 106.82
C GLU M 605 -50.57 42.35 108.07
N SER M 606 -50.51 41.19 108.71
CA SER M 606 -51.33 40.90 109.91
C SER M 606 -50.90 41.82 111.05
N LEU M 607 -49.60 42.12 111.16
CA LEU M 607 -49.14 43.05 112.20
C LEU M 607 -49.70 44.45 111.96
N LYS M 608 -49.57 44.97 110.74
CA LYS M 608 -50.03 46.35 110.47
C LYS M 608 -51.54 46.43 110.57
N ARG M 609 -52.26 45.33 110.35
CA ARG M 609 -53.71 45.30 110.65
C ARG M 609 -53.95 45.18 112.15
N ALA M 610 -53.02 44.61 112.89
CA ALA M 610 -53.01 44.63 114.37
C ALA M 610 -52.58 46.00 114.91
N ASP M 611 -52.35 46.99 114.03
CA ASP M 611 -52.18 48.42 114.36
C ASP M 611 -50.80 48.69 114.96
N LYS M 612 -49.90 47.72 114.87
CA LYS M 612 -48.48 47.89 115.22
C LYS M 612 -47.78 48.31 113.96
N ILE M 613 -46.44 48.26 113.95
CA ILE M 613 -45.64 48.81 112.84
C ILE M 613 -45.89 50.32 112.83
N PRO M 614 -45.25 51.12 113.72
CA PRO M 614 -45.25 52.57 113.57
C PRO M 614 -44.77 52.94 112.17
N PRO M 615 -45.43 53.89 111.49
CA PRO M 615 -45.33 53.97 110.03
C PRO M 615 -43.95 54.36 109.51
N SER M 616 -43.07 54.89 110.38
CA SER M 616 -41.68 55.22 110.02
C SER M 616 -40.98 53.99 109.45
N LEU M 617 -41.02 52.90 110.21
CA LEU M 617 -40.31 51.66 109.82
C LEU M 617 -40.98 51.03 108.62
N TYR M 618 -42.29 51.17 108.46
CA TYR M 618 -42.98 50.64 107.28
C TYR M 618 -42.58 51.42 106.03
N SER M 619 -42.50 52.75 106.12
CA SER M 619 -42.03 53.59 105.00
C SER M 619 -40.60 53.20 104.63
N THR M 620 -39.75 53.00 105.63
CA THR M 620 -38.36 52.58 105.39
C THR M 620 -38.33 51.20 104.73
N TYR M 621 -39.20 50.30 105.17
CA TYR M 621 -39.31 48.94 104.58
C TYR M 621 -39.66 49.05 103.10
N CYS M 622 -40.71 49.81 102.79
CA CYS M 622 -41.16 50.05 101.40
C CYS M 622 -40.01 50.62 100.57
N GLN M 623 -39.30 51.62 101.10
CA GLN M 623 -38.19 52.26 100.37
C GLN M 623 -37.09 51.25 100.05
N ALA M 624 -36.59 50.54 101.07
CA ALA M 624 -35.47 49.61 100.90
C ALA M 624 -35.87 48.47 99.97
N CYS M 625 -37.10 47.98 100.09
CA CYS M 625 -37.58 46.89 99.22
C CYS M 625 -37.73 47.38 97.78
N SER M 626 -38.10 48.65 97.60
CA SER M 626 -38.18 49.24 96.24
C SER M 626 -36.79 49.34 95.63
N ALA M 627 -35.78 49.73 96.43
CA ALA M 627 -34.35 49.76 96.06
C ALA M 627 -34.13 50.74 94.91
N GLU M 648 -0.64 41.44 83.69
CA GLU M 648 0.81 41.13 83.84
C GLU M 648 1.02 39.92 84.76
N PRO M 649 0.70 40.01 86.06
CA PRO M 649 0.93 38.87 86.95
C PRO M 649 0.00 37.70 86.62
N LEU M 650 -1.22 38.00 86.15
CA LEU M 650 -2.16 36.94 85.76
C LEU M 650 -1.66 36.20 84.52
N GLY M 651 -1.15 36.94 83.53
CA GLY M 651 -0.50 36.31 82.37
C GLY M 651 0.70 35.48 82.79
N GLN M 652 1.42 35.95 83.80
CA GLN M 652 2.59 35.20 84.34
C GLN M 652 2.14 33.86 84.92
N LEU M 653 1.10 33.90 85.76
CA LEU M 653 0.44 32.68 86.28
C LEU M 653 0.01 31.77 85.14
N THR M 654 -0.67 32.32 84.14
CA THR M 654 -1.23 31.50 83.05
C THR M 654 -0.10 30.79 82.31
N ALA M 655 1.03 31.47 82.11
CA ALA M 655 2.23 30.84 81.52
C ALA M 655 2.69 29.69 82.41
N ALA M 656 2.67 29.90 83.73
CA ALA M 656 3.06 28.84 84.69
C ALA M 656 2.16 27.62 84.55
N LEU M 657 0.84 27.83 84.51
CA LEU M 657 -0.12 26.72 84.42
C LEU M 657 -0.01 26.03 83.05
N GLY M 658 0.29 26.80 82.01
CA GLY M 658 0.54 26.21 80.69
C GLY M 658 1.74 25.29 80.73
N GLU M 659 2.80 25.71 81.43
CA GLU M 659 3.99 24.86 81.56
C GLU M 659 3.64 23.62 82.38
N LEU M 660 2.71 23.73 83.32
CA LEU M 660 2.26 22.53 84.08
C LEU M 660 1.55 21.56 83.14
N ARG M 661 0.66 22.07 82.29
CA ARG M 661 0.03 21.23 81.24
C ARG M 661 1.10 20.58 80.38
N ALA M 662 2.15 21.31 80.03
CA ALA M 662 3.27 20.76 79.26
C ALA M 662 3.89 19.57 80.00
N SER M 663 4.18 19.75 81.29
CA SER M 663 4.83 18.69 82.08
C SER M 663 3.87 17.54 82.39
N MET M 664 2.56 17.71 82.14
CA MET M 664 1.60 16.60 82.25
C MET M 664 1.83 15.52 81.17
N THR M 665 2.77 15.70 80.23
CA THR M 665 3.16 14.68 79.24
C THR M 665 3.44 13.33 79.91
N ASP M 666 4.22 13.35 80.99
CA ASP M 666 4.55 12.16 81.82
C ASP M 666 4.55 12.59 83.28
N PRO M 667 3.39 12.51 83.99
CA PRO M 667 3.32 13.04 85.36
C PRO M 667 4.03 12.22 86.44
N SER M 668 4.65 11.09 86.10
CA SER M 668 5.49 10.30 87.02
C SER M 668 6.79 11.03 87.38
N GLN M 669 7.14 12.11 86.68
CA GLN M 669 8.21 13.04 87.12
C GLN M 669 7.74 13.74 88.40
N ARG M 670 8.67 13.98 89.32
CA ARG M 670 8.41 14.75 90.55
C ARG M 670 9.24 16.04 90.53
N ASP M 671 10.48 15.94 90.05
CA ASP M 671 11.43 17.07 89.96
C ASP M 671 10.77 18.25 89.26
N VAL M 672 10.20 18.00 88.09
CA VAL M 672 9.62 19.10 87.29
C VAL M 672 8.38 19.63 87.99
N ILE M 673 7.52 18.74 88.46
CA ILE M 673 6.15 19.14 88.85
C ILE M 673 6.23 19.89 90.17
N SER M 674 7.04 19.45 91.11
CA SER M 674 7.20 20.16 92.39
C SER M 674 7.73 21.57 92.12
N ALA M 675 8.68 21.69 91.20
CA ALA M 675 9.26 22.99 90.84
C ALA M 675 8.19 23.92 90.28
N GLN M 676 7.39 23.42 89.34
CA GLN M 676 6.33 24.24 88.73
C GLN M 676 5.29 24.64 89.76
N VAL M 677 4.97 23.72 90.66
CA VAL M 677 3.95 24.00 91.69
C VAL M 677 4.47 25.09 92.63
N ALA M 678 5.75 25.04 92.99
CA ALA M 678 6.35 26.09 93.82
C ALA M 678 6.30 27.44 93.10
N VAL M 679 6.61 27.44 91.80
CA VAL M 679 6.49 28.66 90.98
C VAL M 679 5.07 29.21 91.06
N ILE M 680 4.07 28.35 90.87
CA ILE M 680 2.65 28.78 90.83
C ILE M 680 2.27 29.32 92.20
N SER M 681 2.73 28.66 93.26
CA SER M 681 2.41 29.08 94.63
C SER M 681 2.99 30.47 94.89
N GLU M 682 4.22 30.72 94.47
CA GLU M 682 4.86 32.02 94.73
C GLU M 682 4.19 33.13 93.92
N ARG M 683 3.84 32.85 92.67
CA ARG M 683 3.16 33.87 91.85
C ARG M 683 1.76 34.12 92.40
N LEU M 684 1.14 33.07 92.95
CA LEU M 684 -0.18 33.20 93.59
C LEU M 684 -0.06 34.09 94.83
N ARG M 685 0.97 33.88 95.63
CA ARG M 685 1.26 34.73 96.80
C ARG M 685 1.54 36.17 96.33
N ALA M 686 2.13 36.32 95.15
CA ALA M 686 2.44 37.66 94.61
C ALA M 686 1.14 38.40 94.29
N VAL M 687 0.20 37.74 93.60
CA VAL M 687 -1.10 38.38 93.28
C VAL M 687 -1.93 38.58 94.55
N LEU M 688 -1.89 37.63 95.51
CA LEU M 688 -2.47 37.83 96.86
C LEU M 688 -1.49 38.70 97.68
N GLY M 689 -1.53 40.00 97.40
CA GLY M 689 -0.53 40.99 97.82
C GLY M 689 -0.07 40.83 99.25
N HIS M 690 1.23 40.57 99.44
CA HIS M 690 1.89 40.61 100.76
C HIS M 690 3.40 40.83 100.57
N PRO M 709 -13.66 39.28 103.85
CA PRO M 709 -13.63 39.70 102.45
C PRO M 709 -14.77 39.09 101.63
N ARG M 710 -15.66 39.95 101.13
CA ARG M 710 -16.84 39.56 100.31
C ARG M 710 -16.78 40.27 98.96
N LEU M 711 -17.35 39.62 97.94
CA LEU M 711 -17.60 40.21 96.62
C LEU M 711 -16.28 40.70 96.00
N GLU M 712 -15.27 39.80 95.95
CA GLU M 712 -13.89 40.13 95.52
C GLU M 712 -13.62 39.50 94.15
N PRO M 713 -13.63 40.27 93.04
CA PRO M 713 -13.36 39.68 91.73
C PRO M 713 -11.95 39.12 91.51
N ARG M 714 -10.92 39.68 92.14
CA ARG M 714 -9.55 39.22 91.83
C ARG M 714 -9.35 37.79 92.36
N GLU M 715 -9.81 37.51 93.58
CA GLU M 715 -9.70 36.16 94.13
C GLU M 715 -10.58 35.21 93.33
N HIS M 716 -11.72 35.69 92.86
CA HIS M 716 -12.63 34.89 92.01
C HIS M 716 -11.89 34.44 90.74
N MET M 717 -11.21 35.38 90.09
CA MET M 717 -10.44 35.08 88.88
C MET M 717 -9.35 34.06 89.20
N ALA M 718 -8.64 34.26 90.32
CA ALA M 718 -7.52 33.38 90.70
C ALA M 718 -8.01 31.95 90.93
N VAL M 719 -9.09 31.79 91.70
CA VAL M 719 -9.59 30.44 92.04
C VAL M 719 -10.18 29.78 90.81
N ASP M 720 -10.86 30.52 89.96
CA ASP M 720 -11.32 29.97 88.67
C ASP M 720 -10.13 29.44 87.88
N LEU M 721 -9.07 30.24 87.79
CA LEU M 721 -7.86 29.82 87.03
C LEU M 721 -7.23 28.57 87.64
N LEU M 722 -7.32 28.42 88.96
CA LEU M 722 -6.75 27.24 89.63
C LEU M 722 -7.61 26.00 89.38
N LEU M 723 -8.92 26.11 89.56
CA LEU M 723 -9.82 24.95 89.43
C LEU M 723 -9.86 24.48 87.98
N THR M 724 -9.82 25.42 87.04
CA THR M 724 -9.74 25.08 85.60
C THR M 724 -8.47 24.28 85.34
N SER M 725 -7.33 24.72 85.87
CA SER M 725 -6.07 23.96 85.68
C SER M 725 -6.22 22.56 86.24
N PHE M 726 -6.77 22.41 87.44
CA PHE M 726 -6.89 21.08 88.06
C PHE M 726 -7.79 20.18 87.22
N CYS M 727 -8.97 20.67 86.82
CA CYS M 727 -9.92 19.88 86.00
C CYS M 727 -9.28 19.50 84.66
N GLN M 728 -8.63 20.45 83.99
CA GLN M 728 -7.96 20.17 82.68
C GLN M 728 -6.86 19.14 82.85
N ASN M 729 -5.99 19.32 83.83
CA ASN M 729 -4.88 18.37 84.04
C ASN M 729 -5.44 16.97 84.31
N LEU M 730 -6.55 16.91 85.05
CA LEU M 730 -7.14 15.60 85.36
C LEU M 730 -7.76 14.98 84.11
N MET M 731 -8.44 15.78 83.28
CA MET M 731 -8.92 15.33 81.96
C MET M 731 -7.77 14.70 81.20
N ALA M 732 -6.66 15.43 81.12
CA ALA M 732 -5.54 15.05 80.26
C ALA M 732 -4.86 13.80 80.78
N ALA M 733 -4.78 13.62 82.10
CA ALA M 733 -4.11 12.45 82.68
C ALA M 733 -5.04 11.24 82.70
N SER M 734 -6.35 11.45 82.85
CA SER M 734 -7.33 10.34 82.85
C SER M 734 -7.50 9.79 81.43
N SER M 735 -7.52 10.68 80.44
CA SER M 735 -7.51 10.28 79.02
C SER M 735 -6.31 9.38 78.71
N VAL M 736 -5.20 9.56 79.43
CA VAL M 736 -3.93 8.85 79.15
C VAL M 736 -3.88 7.53 79.93
N ALA M 737 -3.81 7.62 81.25
CA ALA M 737 -3.39 6.50 82.11
C ALA M 737 -4.06 6.62 83.49
N PRO M 738 -4.03 5.58 84.35
CA PRO M 738 -4.94 5.52 85.48
C PRO M 738 -4.44 6.38 86.63
N PRO M 739 -5.32 6.74 87.59
CA PRO M 739 -4.93 7.61 88.69
C PRO M 739 -3.99 6.98 89.71
N GLU M 740 -3.85 5.64 89.70
CA GLU M 740 -2.84 4.97 90.53
C GLU M 740 -1.44 5.40 90.11
N ARG M 741 -1.15 5.33 88.80
CA ARG M 741 0.20 5.58 88.26
C ARG M 741 0.32 7.01 87.72
N GLN M 742 -0.73 7.83 87.82
CA GLN M 742 -0.64 9.27 87.52
C GLN M 742 0.46 9.96 88.32
N GLY M 743 0.66 9.56 89.57
CA GLY M 743 1.67 10.17 90.44
C GLY M 743 1.05 11.28 91.26
N PRO M 744 1.78 11.78 92.29
CA PRO M 744 1.17 12.63 93.31
C PRO M 744 1.13 14.10 92.89
N TRP M 745 0.79 14.37 91.64
CA TRP M 745 0.78 15.74 91.12
C TRP M 745 -0.35 16.54 91.75
N ALA M 746 -1.50 15.90 92.01
CA ALA M 746 -2.63 16.58 92.66
C ALA M 746 -2.34 16.82 94.15
N ALA M 747 -1.71 15.85 94.80
CA ALA M 747 -1.25 16.00 96.18
C ALA M 747 -0.30 17.18 96.31
N LEU M 748 0.54 17.40 95.30
CA LEU M 748 1.49 18.52 95.30
C LEU M 748 0.74 19.82 94.98
N PHE M 749 -0.20 19.75 94.06
CA PHE M 749 -1.00 20.92 93.66
C PHE M 749 -1.73 21.52 94.87
N VAL M 750 -2.47 20.70 95.61
CA VAL M 750 -3.42 21.23 96.63
C VAL M 750 -2.69 21.96 97.77
N ARG M 751 -1.38 21.77 97.94
CA ARG M 751 -0.62 22.58 98.89
C ARG M 751 -0.63 24.06 98.49
N THR M 752 -0.87 24.37 97.22
CA THR M 752 -0.99 25.76 96.75
C THR M 752 -2.35 26.36 97.06
N MET M 753 -3.37 25.52 97.24
CA MET M 753 -4.72 25.95 97.64
C MET M 753 -4.83 26.01 99.16
N CYS M 754 -3.97 25.26 99.87
CA CYS M 754 -3.72 25.44 101.31
C CYS M 754 -3.12 26.85 101.58
N GLY M 755 -3.41 27.39 102.76
CA GLY M 755 -3.05 28.75 103.14
C GLY M 755 -4.23 29.71 102.96
N ARG M 756 -3.93 30.97 102.65
CA ARG M 756 -4.94 32.05 102.64
C ARG M 756 -5.81 32.05 101.38
N VAL M 757 -5.56 31.13 100.44
CA VAL M 757 -6.42 30.96 99.24
C VAL M 757 -7.60 30.06 99.60
N LEU M 758 -7.44 29.24 100.63
CA LEU M 758 -8.38 28.16 100.97
C LEU M 758 -9.79 28.68 101.20
N PRO M 759 -10.01 29.76 101.96
CA PRO M 759 -11.36 30.32 102.07
C PRO M 759 -12.02 30.70 100.74
N ALA M 760 -11.28 31.29 99.81
CA ALA M 760 -11.84 31.60 98.48
C ALA M 760 -12.14 30.33 97.72
N VAL M 761 -11.25 29.35 97.81
CA VAL M 761 -11.46 28.02 97.17
C VAL M 761 -12.77 27.42 97.68
N LEU M 762 -12.93 27.37 99.00
CA LEU M 762 -14.11 26.72 99.58
C LEU M 762 -15.36 27.52 99.25
N THR M 763 -15.30 28.84 99.26
CA THR M 763 -16.48 29.65 98.91
C THR M 763 -16.84 29.45 97.45
N ARG M 764 -15.85 29.23 96.59
CA ARG M 764 -16.14 28.96 95.18
C ARG M 764 -16.80 27.58 95.06
N LEU M 765 -16.29 26.58 95.77
CA LEU M 765 -16.92 25.25 95.80
C LEU M 765 -18.35 25.36 96.33
N CYS M 766 -18.59 26.20 97.32
CA CYS M 766 -19.94 26.39 97.87
C CYS M 766 -20.88 26.93 96.79
N GLN M 767 -20.47 28.01 96.14
CA GLN M 767 -21.30 28.62 95.07
C GLN M 767 -21.50 27.62 93.94
N LEU M 768 -20.54 26.73 93.71
CA LEU M 768 -20.63 25.74 92.64
C LEU M 768 -21.63 24.64 92.99
N LEU M 769 -21.32 23.86 94.02
CA LEU M 769 -22.09 22.65 94.34
C LEU M 769 -23.48 23.01 94.80
N ARG M 770 -23.60 23.95 95.74
CA ARG M 770 -24.88 24.28 96.34
C ARG M 770 -25.86 24.80 95.28
N HIS M 771 -25.43 25.72 94.41
CA HIS M 771 -26.31 26.41 93.43
C HIS M 771 -26.15 25.89 92.01
N GLN M 772 -24.91 25.67 91.57
CA GLN M 772 -24.60 25.36 90.15
C GLN M 772 -24.30 23.87 89.94
N GLY M 773 -24.73 23.01 90.85
CA GLY M 773 -24.55 21.56 90.74
C GLY M 773 -25.02 20.97 89.41
N PRO M 774 -26.30 21.14 89.03
CA PRO M 774 -26.79 20.59 87.76
C PRO M 774 -26.22 21.23 86.49
N SER M 775 -25.82 22.50 86.53
CA SER M 775 -25.24 23.21 85.37
C SER M 775 -23.85 22.68 84.97
N LEU M 776 -23.15 21.94 85.86
CA LEU M 776 -21.82 21.38 85.57
C LEU M 776 -21.91 20.20 84.61
N SER M 777 -20.76 19.78 84.11
CA SER M 777 -20.58 18.60 83.24
C SER M 777 -19.65 17.58 83.90
N ALA M 778 -19.45 16.44 83.23
CA ALA M 778 -18.63 15.31 83.71
C ALA M 778 -17.21 15.71 84.11
N PRO M 779 -16.44 16.46 83.29
CA PRO M 779 -15.05 16.70 83.67
C PRO M 779 -14.92 17.67 84.84
N HIS M 780 -15.73 18.71 84.85
CA HIS M 780 -15.85 19.63 86.00
C HIS M 780 -16.14 18.82 87.26
N VAL M 781 -17.14 17.95 87.18
CA VAL M 781 -17.58 17.21 88.37
C VAL M 781 -16.47 16.28 88.85
N LEU M 782 -15.84 15.54 87.95
CA LEU M 782 -14.82 14.57 88.38
C LEU M 782 -13.60 15.30 88.95
N GLY M 783 -13.27 16.47 88.40
CA GLY M 783 -12.19 17.31 88.95
C GLY M 783 -12.52 17.77 90.35
N LEU M 784 -13.68 18.38 90.52
CA LEU M 784 -14.09 18.87 91.84
C LEU M 784 -14.13 17.72 92.85
N ALA M 785 -14.50 16.53 92.41
CA ALA M 785 -14.64 15.37 93.31
C ALA M 785 -13.27 14.88 93.75
N ALA M 786 -12.34 14.72 92.82
CA ALA M 786 -10.95 14.37 93.19
C ALA M 786 -10.32 15.47 94.07
N LEU M 787 -10.73 16.73 93.87
CA LEU M 787 -10.27 17.82 94.74
C LEU M 787 -10.80 17.63 96.16
N ALA M 788 -12.11 17.42 96.29
CA ALA M 788 -12.72 17.17 97.60
C ALA M 788 -12.09 15.95 98.28
N VAL M 789 -11.67 14.97 97.51
CA VAL M 789 -10.94 13.81 98.06
C VAL M 789 -9.57 14.26 98.58
N HIS M 790 -8.84 15.05 97.82
CA HIS M 790 -7.46 15.38 98.17
C HIS M 790 -7.42 16.39 99.32
N LEU M 791 -8.49 17.14 99.53
CA LEU M 791 -8.60 18.01 100.72
C LEU M 791 -8.83 17.15 101.96
N GLY M 792 -9.75 16.19 101.87
CA GLY M 792 -10.01 15.29 103.00
C GLY M 792 -8.86 14.35 103.27
N GLU M 793 -7.95 14.16 102.31
CA GLU M 793 -6.74 13.38 102.56
C GLU M 793 -5.75 14.18 103.45
N SER M 794 -5.93 15.51 103.54
CA SER M 794 -4.95 16.43 104.16
C SER M 794 -5.60 17.34 105.20
N ARG M 795 -6.82 17.03 105.67
CA ARG M 795 -7.50 17.87 106.71
C ARG M 795 -6.73 17.86 108.03
N SER M 796 -5.83 16.90 108.24
CA SER M 796 -4.92 16.84 109.40
C SER M 796 -4.23 18.20 109.64
N ALA M 797 -3.64 18.77 108.59
CA ALA M 797 -2.95 20.07 108.65
C ALA M 797 -3.94 21.23 108.49
N LEU M 798 -5.00 21.05 107.69
CA LEU M 798 -5.95 22.13 107.39
C LEU M 798 -6.76 22.50 108.62
N PRO M 799 -7.37 23.71 108.64
CA PRO M 799 -8.16 24.11 109.79
C PRO M 799 -9.51 23.39 109.86
N GLU M 800 -10.26 23.74 110.89
CA GLU M 800 -11.70 23.41 110.99
C GLU M 800 -12.49 24.42 110.18
N VAL M 801 -13.77 24.12 109.99
CA VAL M 801 -14.72 24.95 109.23
C VAL M 801 -16.09 24.88 109.89
N ASP M 802 -16.80 26.01 109.89
CA ASP M 802 -18.24 26.10 110.21
C ASP M 802 -18.93 26.81 109.05
N VAL M 803 -20.25 26.67 108.97
CA VAL M 803 -21.05 27.21 107.85
C VAL M 803 -22.12 28.14 108.42
N GLY M 804 -23.09 27.57 109.13
CA GLY M 804 -24.18 28.33 109.75
C GLY M 804 -23.85 28.76 111.18
N PRO M 805 -23.67 27.79 112.11
CA PRO M 805 -23.46 28.12 113.52
C PRO M 805 -21.97 28.30 113.88
N PRO M 813 -15.24 20.51 110.31
CA PRO M 813 -14.06 20.07 109.56
C PRO M 813 -14.30 19.99 108.04
N VAL M 814 -13.26 19.66 107.29
CA VAL M 814 -13.25 19.81 105.81
C VAL M 814 -14.10 18.71 105.16
N PRO M 815 -13.92 17.40 105.47
CA PRO M 815 -14.82 16.37 104.95
C PRO M 815 -16.31 16.66 105.13
N ALA M 816 -16.71 17.08 106.33
CA ALA M 816 -18.13 17.30 106.66
C ALA M 816 -18.71 18.47 105.86
N LEU M 817 -17.86 19.32 105.27
CA LEU M 817 -18.35 20.45 104.48
C LEU M 817 -19.24 19.97 103.34
N PHE M 818 -18.85 18.90 102.67
CA PHE M 818 -19.55 18.42 101.45
C PHE M 818 -20.88 17.76 101.82
N ASP M 819 -20.91 17.05 102.94
CA ASP M 819 -22.18 16.55 103.50
C ASP M 819 -23.11 17.72 103.75
N SER M 820 -22.63 18.75 104.43
CA SER M 820 -23.45 19.93 104.77
C SER M 820 -23.86 20.68 103.51
N LEU M 821 -23.05 20.60 102.45
CA LEU M 821 -23.34 21.30 101.20
C LEU M 821 -24.45 20.62 100.43
N LEU M 822 -24.21 19.36 100.06
CA LEU M 822 -25.06 18.64 99.09
C LEU M 822 -26.49 18.50 99.61
N THR M 823 -27.39 19.24 98.99
CA THR M 823 -28.83 19.18 99.28
C THR M 823 -29.44 18.20 98.28
N CYS M 824 -30.47 17.48 98.71
CA CYS M 824 -31.09 16.41 97.90
C CYS M 824 -32.59 16.65 97.80
N ARG M 825 -33.03 17.91 97.81
CA ARG M 825 -34.47 18.23 97.89
C ARG M 825 -35.13 18.22 96.49
N THR M 826 -34.39 18.48 95.42
CA THR M 826 -34.90 18.48 94.02
C THR M 826 -34.38 17.23 93.32
N ARG M 827 -34.90 16.93 92.13
CA ARG M 827 -34.39 15.81 91.33
C ARG M 827 -33.07 16.15 90.67
N ASP M 828 -32.91 17.40 90.25
CA ASP M 828 -31.64 17.85 89.66
C ASP M 828 -30.50 17.64 90.67
N SER M 829 -30.75 18.05 91.91
CA SER M 829 -29.75 17.89 92.99
C SER M 829 -29.59 16.43 93.39
N LEU M 830 -30.66 15.65 93.32
CA LEU M 830 -30.56 14.19 93.57
C LEU M 830 -29.58 13.56 92.60
N PHE M 831 -29.80 13.78 91.31
CA PHE M 831 -28.93 13.19 90.27
C PHE M 831 -27.52 13.75 90.41
N PHE M 832 -27.39 15.04 90.67
CA PHE M 832 -26.06 15.64 90.80
C PHE M 832 -25.32 15.04 91.99
N CYS M 833 -26.03 14.82 93.10
CA CYS M 833 -25.40 14.26 94.30
C CYS M 833 -25.00 12.82 94.02
N LEU M 834 -25.77 12.12 93.22
CA LEU M 834 -25.38 10.76 92.80
C LEU M 834 -24.11 10.83 91.96
N LYS M 835 -24.04 11.76 91.03
CA LYS M 835 -22.83 11.96 90.19
C LYS M 835 -21.60 12.24 91.05
N PHE M 836 -21.73 13.20 91.96
CA PHE M 836 -20.62 13.60 92.82
C PHE M 836 -20.17 12.43 93.68
N CYS M 837 -21.11 11.76 94.34
CA CYS M 837 -20.77 10.64 95.24
C CYS M 837 -20.06 9.55 94.43
N THR M 838 -20.61 9.22 93.27
CA THR M 838 -20.05 8.20 92.39
C THR M 838 -18.61 8.54 92.03
N ALA M 839 -18.40 9.77 91.57
CA ALA M 839 -17.09 10.25 91.10
C ALA M 839 -16.07 10.22 92.24
N ALA M 840 -16.45 10.80 93.36
CA ALA M 840 -15.55 10.89 94.52
C ALA M 840 -15.16 9.49 95.00
N ILE M 841 -16.14 8.61 95.10
CA ILE M 841 -15.89 7.29 95.70
C ILE M 841 -15.03 6.48 94.74
N SER M 842 -15.33 6.54 93.45
CA SER M 842 -14.56 5.79 92.46
C SER M 842 -13.10 6.28 92.44
N TYR M 843 -12.89 7.59 92.50
CA TYR M 843 -11.52 8.13 92.53
C TYR M 843 -10.82 7.65 93.80
N SER M 844 -11.49 7.72 94.94
CA SER M 844 -10.86 7.35 96.22
C SER M 844 -10.49 5.87 96.21
N LEU M 845 -11.33 5.04 95.60
CA LEU M 845 -11.06 3.59 95.53
C LEU M 845 -9.87 3.32 94.62
N CYS M 846 -9.86 3.93 93.44
CA CYS M 846 -8.72 3.79 92.50
C CYS M 846 -7.43 4.33 93.12
N LYS M 847 -7.50 5.37 93.93
CA LYS M 847 -6.33 5.97 94.60
C LYS M 847 -5.79 5.01 95.67
N PHE M 848 -6.61 4.68 96.67
CA PHE M 848 -6.20 3.84 97.81
C PHE M 848 -6.15 2.35 97.44
N SER M 849 -6.45 1.96 96.20
CA SER M 849 -6.22 0.57 95.72
C SER M 849 -4.72 0.25 95.67
N SER M 850 -3.86 1.27 95.55
CA SER M 850 -2.40 1.11 95.70
C SER M 850 -2.07 0.56 97.11
N GLN M 851 -2.81 1.01 98.12
CA GLN M 851 -2.62 0.62 99.53
C GLN M 851 -3.60 -0.48 99.93
N SER M 852 -3.14 -1.44 100.73
CA SER M 852 -4.03 -2.39 101.42
C SER M 852 -4.86 -1.69 102.51
N ARG M 853 -4.45 -0.49 102.94
CA ARG M 853 -5.17 0.29 103.98
C ARG M 853 -6.56 0.68 103.47
N ASP M 854 -7.58 0.36 104.27
CA ASP M 854 -9.00 0.76 104.04
C ASP M 854 -9.23 2.12 104.70
N THR M 855 -8.72 3.17 104.05
CA THR M 855 -8.74 4.57 104.55
C THR M 855 -9.93 5.35 103.98
N LEU M 856 -10.85 4.72 103.24
CA LEU M 856 -11.86 5.45 102.45
C LEU M 856 -12.87 6.14 103.36
N CYS M 857 -13.28 5.48 104.44
CA CYS M 857 -14.24 6.05 105.43
C CYS M 857 -13.69 7.31 106.10
N SER M 858 -12.36 7.51 106.09
CA SER M 858 -11.66 8.60 106.79
C SER M 858 -11.22 9.71 105.82
N CYS M 859 -10.77 9.36 104.62
CA CYS M 859 -10.38 10.36 103.59
C CYS M 859 -11.61 11.14 103.13
N LEU M 860 -12.71 10.43 102.92
CA LEU M 860 -14.02 10.99 102.54
C LEU M 860 -14.99 10.82 103.71
N SER M 861 -15.99 11.68 103.76
CA SER M 861 -16.99 11.65 104.85
C SER M 861 -17.88 10.42 104.73
N PRO M 862 -18.53 9.96 105.81
CA PRO M 862 -19.54 8.92 105.70
C PRO M 862 -20.86 9.42 105.14
N GLY M 863 -21.28 10.65 105.50
CA GLY M 863 -22.51 11.27 105.01
C GLY M 863 -22.67 11.20 103.50
N LEU M 864 -21.59 11.32 102.75
CA LEU M 864 -21.63 11.11 101.30
C LEU M 864 -22.02 9.67 100.98
N ILE M 865 -21.34 8.72 101.61
CA ILE M 865 -21.59 7.29 101.32
C ILE M 865 -23.04 6.93 101.66
N LYS M 866 -23.57 7.49 102.73
CA LYS M 866 -24.96 7.22 103.11
C LYS M 866 -25.91 7.88 102.13
N LYS M 867 -25.58 9.07 101.63
CA LYS M 867 -26.41 9.66 100.57
C LYS M 867 -26.38 8.80 99.32
N PHE M 868 -25.23 8.23 99.01
CA PHE M 868 -25.09 7.34 97.84
C PHE M 868 -25.98 6.11 97.98
N GLN M 869 -25.83 5.37 99.09
CA GLN M 869 -26.66 4.20 99.36
C GLN M 869 -28.13 4.57 99.27
N PHE M 870 -28.51 5.66 99.92
CA PHE M 870 -29.91 6.11 99.93
C PHE M 870 -30.39 6.34 98.51
N LEU M 871 -29.57 6.99 97.71
CA LEU M 871 -29.99 7.33 96.34
C LEU M 871 -30.09 6.11 95.45
N MET M 872 -29.24 5.12 95.65
CA MET M 872 -29.29 3.93 94.78
C MET M 872 -30.46 3.02 95.14
N PHE M 873 -30.70 2.81 96.43
CA PHE M 873 -31.95 2.18 96.86
C PHE M 873 -33.14 2.94 96.29
N ARG M 874 -33.03 4.25 96.23
CA ARG M 874 -34.20 5.09 95.91
C ARG M 874 -34.50 5.08 94.41
N LEU M 875 -33.47 5.07 93.59
CA LEU M 875 -33.64 5.27 92.12
C LEU M 875 -33.53 3.96 91.35
N PHE M 876 -32.63 3.07 91.75
CA PHE M 876 -32.34 1.80 91.07
C PHE M 876 -32.98 0.65 91.83
N SER M 877 -34.23 0.34 91.49
CA SER M 877 -34.96 -0.85 91.97
C SER M 877 -34.05 -2.09 91.99
N GLU M 878 -33.22 -2.27 90.95
CA GLU M 878 -32.25 -3.39 90.85
C GLU M 878 -31.29 -3.39 92.04
N ALA M 879 -30.99 -2.22 92.59
CA ALA M 879 -30.00 -2.07 93.68
C ALA M 879 -30.48 -2.74 94.97
N ARG M 880 -31.80 -2.87 95.13
CA ARG M 880 -32.43 -3.39 96.36
C ARG M 880 -32.30 -4.91 96.42
N GLN M 881 -32.71 -5.58 95.36
CA GLN M 881 -32.53 -7.04 95.17
C GLN M 881 -31.03 -7.35 95.09
N PRO M 882 -30.39 -8.02 96.08
CA PRO M 882 -28.96 -8.35 95.97
C PRO M 882 -28.67 -9.66 95.23
N HIS M 897 -11.04 1.84 88.37
CA HIS M 897 -11.53 2.18 87.01
C HIS M 897 -11.92 3.66 86.95
N LEU M 898 -11.52 4.35 85.86
CA LEU M 898 -12.03 5.69 85.52
C LEU M 898 -12.43 5.75 84.04
N PRO M 899 -13.52 5.09 83.62
CA PRO M 899 -14.27 5.55 82.45
C PRO M 899 -15.15 6.74 82.83
N SER M 900 -15.32 7.67 81.89
CA SER M 900 -16.35 8.73 81.94
C SER M 900 -17.62 8.24 81.24
N ALA M 901 -18.06 7.02 81.59
CA ALA M 901 -19.22 6.36 80.97
C ALA M 901 -20.50 7.00 81.51
N ASP M 902 -21.66 6.45 81.14
CA ASP M 902 -22.93 6.92 81.70
C ASP M 902 -22.98 6.57 83.19
N TRP M 903 -23.67 7.43 83.93
CA TRP M 903 -23.64 7.42 85.39
C TRP M 903 -24.32 6.19 85.96
N GLN M 904 -25.38 5.73 85.30
CA GLN M 904 -26.11 4.54 85.73
C GLN M 904 -25.14 3.35 85.77
N ARG M 905 -24.49 3.08 84.64
CA ARG M 905 -23.56 1.95 84.53
C ARG M 905 -22.38 2.15 85.49
N ALA M 906 -21.93 3.39 85.66
CA ALA M 906 -20.81 3.68 86.55
C ALA M 906 -21.18 3.30 87.99
N ALA M 907 -22.32 3.77 88.46
CA ALA M 907 -22.79 3.51 89.84
C ALA M 907 -23.00 2.01 90.04
N LEU M 908 -23.57 1.33 89.05
CA LEU M 908 -23.91 -0.10 89.25
C LEU M 908 -22.64 -0.94 89.20
N SER M 909 -21.68 -0.56 88.37
CA SER M 909 -20.35 -1.20 88.41
C SER M 909 -19.71 -0.97 89.78
N LEU M 910 -19.97 0.20 90.38
CA LEU M 910 -19.42 0.51 91.72
C LEU M 910 -20.04 -0.43 92.76
N TRP M 911 -21.36 -0.54 92.76
CA TRP M 911 -22.06 -1.57 93.56
C TRP M 911 -21.40 -2.94 93.45
N THR M 912 -21.39 -3.50 92.24
CA THR M 912 -20.84 -4.83 91.96
C THR M 912 -19.40 -4.93 92.44
N HIS M 913 -18.64 -3.82 92.36
CA HIS M 913 -17.24 -3.75 92.83
C HIS M 913 -17.15 -4.26 94.26
N ARG M 914 -16.12 -5.05 94.56
CA ARG M 914 -16.02 -5.79 95.83
C ARG M 914 -15.64 -4.83 96.96
N THR M 915 -14.64 -3.98 96.72
CA THR M 915 -14.04 -3.17 97.80
C THR M 915 -15.09 -2.25 98.42
N PHE M 916 -16.07 -1.82 97.63
CA PHE M 916 -17.20 -1.05 98.19
C PHE M 916 -18.02 -1.93 99.15
N ARG M 917 -18.20 -3.20 98.79
CA ARG M 917 -18.90 -4.16 99.67
C ARG M 917 -18.15 -4.33 100.99
N GLU M 918 -16.84 -4.56 100.92
CA GLU M 918 -16.05 -4.71 102.16
C GLU M 918 -16.03 -3.40 102.94
N VAL M 919 -16.10 -2.26 102.26
CA VAL M 919 -16.19 -0.94 102.93
C VAL M 919 -17.48 -0.87 103.75
N LEU M 920 -18.60 -1.31 103.18
CA LEU M 920 -19.90 -1.22 103.86
C LEU M 920 -20.01 -2.15 105.07
N LYS M 921 -19.09 -3.11 105.23
CA LYS M 921 -19.06 -4.00 106.41
C LYS M 921 -18.69 -3.24 107.68
N GLU M 922 -18.00 -2.10 107.57
CA GLU M 922 -17.68 -1.22 108.71
C GLU M 922 -18.89 -0.29 108.91
N GLU M 923 -19.55 -0.44 110.05
CA GLU M 923 -20.94 0.02 110.25
C GLU M 923 -20.95 1.31 111.05
N ASP M 924 -20.08 2.25 110.65
CA ASP M 924 -20.36 3.69 110.77
C ASP M 924 -21.06 4.18 109.50
N VAL M 925 -21.36 3.27 108.56
CA VAL M 925 -21.64 3.58 107.14
C VAL M 925 -22.90 2.87 106.64
N HIS M 926 -23.51 1.99 107.42
CA HIS M 926 -24.51 1.03 106.90
C HIS M 926 -25.89 1.68 106.68
N LEU M 927 -26.04 2.99 106.85
CA LEU M 927 -27.32 3.69 106.67
C LEU M 927 -28.35 3.11 107.66
N THR M 928 -28.26 3.54 108.90
CA THR M 928 -29.28 3.25 109.92
C THR M 928 -30.62 3.87 109.50
N TYR M 929 -31.68 3.41 110.12
CA TYR M 929 -33.04 3.83 109.80
C TYR M 929 -33.26 5.33 110.07
N GLN M 930 -32.65 5.86 111.13
CA GLN M 930 -32.84 7.30 111.43
C GLN M 930 -32.12 8.14 110.37
N ASP M 931 -30.99 7.67 109.86
CA ASP M 931 -30.31 8.37 108.75
C ASP M 931 -31.20 8.36 107.53
N TRP M 932 -31.77 7.21 107.23
CA TRP M 932 -32.73 7.06 106.14
C TRP M 932 -33.84 8.11 106.24
N LEU M 933 -34.37 8.31 107.44
CA LEU M 933 -35.47 9.27 107.62
C LEU M 933 -34.98 10.70 107.49
N HIS M 934 -33.81 11.00 108.05
CA HIS M 934 -33.27 12.38 107.97
C HIS M 934 -33.07 12.77 106.52
N LEU M 935 -32.73 11.82 105.66
CA LEU M 935 -32.51 12.10 104.24
C LEU M 935 -33.84 12.15 103.51
N GLU M 936 -34.76 11.23 103.86
CA GLU M 936 -36.02 11.07 103.11
C GLU M 936 -36.98 12.20 103.42
N LEU M 937 -36.82 12.89 104.54
CA LEU M 937 -37.76 13.96 104.91
C LEU M 937 -37.45 15.23 104.14
N GLU M 938 -36.18 15.47 103.83
CA GLU M 938 -35.78 16.68 103.08
C GLU M 938 -36.49 16.72 101.73
N ILE M 939 -36.56 15.56 101.07
CA ILE M 939 -37.00 15.43 99.66
C ILE M 939 -38.45 15.86 99.55
N GLN M 940 -38.70 16.98 98.90
CA GLN M 940 -40.08 17.41 98.68
C GLN M 940 -40.78 16.44 97.73
N PRO M 941 -42.12 16.35 97.77
CA PRO M 941 -42.84 15.64 96.73
C PRO M 941 -43.10 16.53 95.51
N GLU M 942 -42.83 17.84 95.61
CA GLU M 942 -43.10 18.82 94.55
C GLU M 942 -42.22 18.53 93.34
N ALA M 943 -40.90 18.50 93.55
CA ALA M 943 -39.91 18.09 92.55
C ALA M 943 -39.22 16.86 93.09
N ASP M 944 -39.32 15.75 92.36
CA ASP M 944 -38.84 14.46 92.85
C ASP M 944 -38.66 13.51 91.67
N ALA M 945 -37.62 12.68 91.70
CA ALA M 945 -37.37 11.70 90.63
C ALA M 945 -38.53 10.72 90.53
N LEU M 946 -38.81 10.05 91.64
CA LEU M 946 -39.90 9.06 91.77
C LEU M 946 -41.23 9.80 91.68
N SER M 947 -42.16 9.25 90.89
CA SER M 947 -43.45 9.92 90.62
C SER M 947 -44.33 9.93 91.87
N ASP M 948 -44.95 8.80 92.19
CA ASP M 948 -45.61 8.61 93.49
C ASP M 948 -45.58 7.13 93.88
N THR M 949 -45.92 6.27 92.93
CA THR M 949 -45.92 4.81 93.09
C THR M 949 -44.55 4.29 93.50
N GLU M 950 -43.49 4.73 92.82
CA GLU M 950 -42.14 4.25 93.12
C GLU M 950 -41.73 4.75 94.52
N ARG M 951 -42.22 5.92 94.91
CA ARG M 951 -42.02 6.43 96.27
C ARG M 951 -42.66 5.48 97.29
N GLN M 952 -43.91 5.12 97.06
CA GLN M 952 -44.64 4.22 97.98
C GLN M 952 -43.90 2.88 98.08
N ASP M 953 -43.51 2.33 96.94
CA ASP M 953 -42.83 1.01 96.91
C ASP M 953 -41.49 1.12 97.62
N PHE M 954 -40.84 2.27 97.49
CA PHE M 954 -39.55 2.48 98.16
C PHE M 954 -39.74 2.53 99.67
N HIS M 955 -40.75 3.23 100.13
CA HIS M 955 -41.06 3.29 101.57
C HIS M 955 -41.38 1.89 102.10
N GLN M 956 -42.18 1.14 101.37
CA GLN M 956 -42.46 -0.26 101.75
C GLN M 956 -41.17 -1.05 101.89
N TRP M 957 -40.34 -1.05 100.84
CA TRP M 957 -39.11 -1.84 100.86
C TRP M 957 -38.25 -1.41 102.04
N ALA M 958 -38.21 -0.11 102.30
CA ALA M 958 -37.27 0.45 103.27
C ALA M 958 -37.68 0.03 104.66
N ILE M 959 -38.93 0.29 104.99
CA ILE M 959 -39.45 -0.02 106.33
C ILE M 959 -39.39 -1.53 106.60
N HIS M 960 -39.65 -2.35 105.58
CA HIS M 960 -39.61 -3.83 105.69
C HIS M 960 -38.25 -4.44 105.28
N GLU M 961 -37.22 -3.61 105.05
CA GLU M 961 -35.78 -3.99 105.17
C GLU M 961 -35.21 -3.58 106.54
N HIS M 962 -35.72 -2.51 107.16
CA HIS M 962 -35.22 -2.00 108.44
C HIS M 962 -35.94 -2.66 109.63
N PHE M 963 -37.13 -3.20 109.43
CA PHE M 963 -37.79 -4.04 110.44
C PHE M 963 -37.01 -5.28 110.82
N LEU M 964 -36.20 -5.79 109.92
CA LEU M 964 -35.64 -7.13 110.10
C LEU M 964 -34.38 -7.11 110.96
N PRO M 965 -33.32 -6.35 110.64
CA PRO M 965 -32.02 -6.60 111.23
C PRO M 965 -31.92 -6.14 112.69
N GLU M 966 -30.81 -6.53 113.29
CA GLU M 966 -30.57 -6.40 114.73
C GLU M 966 -30.28 -4.94 115.02
N SER M 967 -30.85 -4.41 116.10
CA SER M 967 -30.58 -3.04 116.57
C SER M 967 -29.10 -2.87 116.95
N SER M 968 -28.38 -3.98 117.20
CA SER M 968 -26.91 -3.96 117.40
C SER M 968 -26.21 -3.65 116.07
N ALA M 969 -26.47 -4.48 115.05
CA ALA M 969 -25.80 -4.38 113.74
C ALA M 969 -26.14 -3.04 113.12
N SER M 970 -27.39 -2.88 112.70
CA SER M 970 -27.94 -1.62 112.15
C SER M 970 -28.75 -0.95 113.24
N GLY M 971 -29.19 0.28 112.98
CA GLY M 971 -30.24 0.92 113.78
C GLY M 971 -31.61 0.34 113.46
N GLY M 972 -31.68 -0.59 112.51
CA GLY M 972 -32.88 -1.33 112.13
C GLY M 972 -33.71 -1.82 113.30
N CYS M 973 -35.00 -1.51 113.23
CA CYS M 973 -35.98 -1.81 114.29
C CYS M 973 -36.27 -3.30 114.30
N ASP M 974 -35.64 -4.09 115.16
CA ASP M 974 -36.05 -5.51 115.37
C ASP M 974 -37.57 -5.57 115.48
N GLY M 975 -38.18 -6.63 114.94
CA GLY M 975 -39.53 -6.62 114.34
C GLY M 975 -40.62 -5.74 114.93
N ASP M 976 -40.46 -5.21 116.15
CA ASP M 976 -41.32 -4.18 116.76
C ASP M 976 -41.74 -3.13 115.72
N LEU M 977 -43.03 -2.88 115.65
CA LEU M 977 -43.58 -1.61 115.12
C LEU M 977 -43.39 -0.48 116.14
N GLN M 978 -43.23 -0.80 117.43
CA GLN M 978 -43.02 0.22 118.47
C GLN M 978 -41.79 1.05 118.14
N ALA M 979 -40.65 0.41 117.97
CA ALA M 979 -39.38 1.11 117.74
C ALA M 979 -39.45 1.91 116.43
N ALA M 980 -40.19 1.40 115.44
CA ALA M 980 -40.31 2.09 114.16
C ALA M 980 -41.13 3.38 114.31
N CYS M 981 -42.30 3.31 114.92
CA CYS M 981 -43.11 4.52 115.17
C CYS M 981 -42.33 5.50 116.05
N THR M 982 -41.59 4.98 117.04
CA THR M 982 -40.78 5.81 117.95
C THR M 982 -39.76 6.62 117.16
N ILE M 983 -38.88 5.91 116.46
CA ILE M 983 -37.81 6.53 115.67
C ILE M 983 -38.41 7.50 114.67
N LEU M 984 -39.52 7.13 114.04
CA LEU M 984 -40.12 7.95 113.00
C LEU M 984 -40.66 9.26 113.60
N VAL M 985 -41.29 9.21 114.76
CA VAL M 985 -41.79 10.44 115.39
C VAL M 985 -40.63 11.31 115.83
N ASN M 986 -39.64 10.72 116.47
CA ASN M 986 -38.43 11.46 116.91
C ASN M 986 -37.78 12.16 115.72
N ALA M 987 -37.51 11.42 114.66
CA ALA M 987 -36.81 11.97 113.49
C ALA M 987 -37.75 12.73 112.56
N LEU M 988 -39.01 12.90 112.92
CA LEU M 988 -39.84 13.93 112.27
C LEU M 988 -39.75 15.22 113.07
N MET M 989 -39.79 15.15 114.40
CA MET M 989 -39.63 16.38 115.21
C MET M 989 -38.24 16.96 114.96
N ASP M 990 -37.20 16.16 115.12
CA ASP M 990 -35.79 16.58 114.93
C ASP M 990 -35.58 17.32 113.62
N PHE M 991 -36.40 17.03 112.61
CA PHE M 991 -36.29 17.70 111.31
C PHE M 991 -37.11 18.98 111.31
N HIS M 992 -38.37 18.92 111.72
CA HIS M 992 -39.25 20.10 111.66
C HIS M 992 -38.74 21.20 112.58
N GLN M 993 -38.29 20.81 113.77
CA GLN M 993 -37.73 21.72 114.78
C GLN M 993 -36.21 21.71 114.63
N SER M 994 -35.72 22.40 113.60
CA SER M 994 -34.29 22.40 113.22
C SER M 994 -34.03 23.44 112.13
N SER M 995 -32.79 23.45 111.64
CA SER M 995 -32.36 24.31 110.54
C SER M 995 -33.01 23.87 109.21
N ARG M 996 -33.26 22.57 109.06
CA ARG M 996 -33.44 21.98 107.73
C ARG M 996 -34.84 22.18 107.18
N SER M 997 -35.80 22.63 107.97
CA SER M 997 -37.15 22.97 107.47
C SER M 997 -37.20 24.38 106.88
N TYR M 998 -36.12 25.15 106.98
CA TYR M 998 -36.11 26.57 106.55
C TYR M 998 -35.94 26.67 105.04
N ASP M 999 -36.74 27.54 104.43
CA ASP M 999 -36.87 27.66 102.96
C ASP M 999 -36.29 29.00 102.51
N HIS M 1000 -34.98 29.03 102.28
CA HIS M 1000 -34.36 30.21 101.64
C HIS M 1000 -34.74 30.20 100.15
N SER M 1001 -34.32 31.23 99.42
CA SER M 1001 -34.60 31.30 97.96
C SER M 1001 -33.39 31.76 97.15
N GLU M 1002 -32.29 32.19 97.78
CA GLU M 1002 -31.16 32.81 97.05
C GLU M 1002 -29.99 32.94 98.03
N ASN M 1003 -28.88 33.55 97.59
CA ASN M 1003 -27.81 34.09 98.47
C ASN M 1003 -28.33 35.37 99.15
N SER M 1004 -29.30 35.19 100.04
CA SER M 1004 -29.95 36.26 100.84
C SER M 1004 -29.96 35.90 102.33
N ASP M 1005 -30.14 34.61 102.66
CA ASP M 1005 -30.19 34.04 104.02
C ASP M 1005 -31.53 34.37 104.68
N LEU M 1006 -32.51 34.92 103.96
CA LEU M 1006 -33.88 35.07 104.47
C LEU M 1006 -34.52 33.69 104.51
N VAL M 1007 -35.38 33.48 105.50
CA VAL M 1007 -35.88 32.12 105.80
C VAL M 1007 -37.25 31.92 105.18
N PHE M 1008 -38.06 32.97 105.00
CA PHE M 1008 -39.13 33.01 103.99
C PHE M 1008 -40.07 31.81 104.13
N GLY M 1009 -40.75 31.75 105.25
CA GLY M 1009 -41.64 30.61 105.54
C GLY M 1009 -40.85 29.35 105.83
N GLY M 1010 -41.45 28.20 105.52
CA GLY M 1010 -40.86 26.91 105.83
C GLY M 1010 -41.45 25.83 104.96
N ARG M 1011 -40.63 24.85 104.60
CA ARG M 1011 -41.02 23.78 103.68
C ARG M 1011 -41.54 22.57 104.46
N THR M 1012 -42.48 21.86 103.85
CA THR M 1012 -43.20 20.72 104.47
C THR M 1012 -42.25 19.53 104.54
N GLY M 1013 -41.65 19.16 103.39
CA GLY M 1013 -40.77 18.01 103.28
C GLY M 1013 -41.51 16.75 102.85
N ASN M 1014 -42.27 16.12 103.75
CA ASN M 1014 -42.91 14.81 103.46
C ASN M 1014 -44.13 14.58 104.34
N GLU M 1015 -45.31 14.47 103.70
CA GLU M 1015 -46.56 14.07 104.36
C GLU M 1015 -46.80 12.58 104.20
N ASP M 1016 -45.93 11.87 103.46
CA ASP M 1016 -46.11 10.43 103.17
C ASP M 1016 -45.71 9.64 104.40
N ILE M 1017 -44.62 10.03 105.04
CA ILE M 1017 -44.13 9.29 106.22
C ILE M 1017 -45.15 9.32 107.37
N ILE M 1018 -45.95 10.36 107.48
CA ILE M 1018 -47.03 10.32 108.48
C ILE M 1018 -48.05 9.26 108.10
N SER M 1019 -48.29 9.05 106.81
CA SER M 1019 -49.21 7.99 106.35
C SER M 1019 -48.58 6.61 106.44
N ARG M 1020 -47.26 6.52 106.63
CA ARG M 1020 -46.59 5.25 106.97
C ARG M 1020 -46.51 5.03 108.47
N LEU M 1021 -46.75 6.06 109.25
CA LEU M 1021 -46.91 5.91 110.71
C LEU M 1021 -48.34 5.50 111.02
N GLN M 1022 -49.30 6.06 110.29
CA GLN M 1022 -50.73 5.73 110.45
C GLN M 1022 -50.94 4.23 110.38
N GLU M 1023 -50.29 3.57 109.43
CA GLU M 1023 -50.47 2.13 109.21
C GLU M 1023 -50.00 1.35 110.43
N MET M 1024 -48.78 1.65 110.86
CA MET M 1024 -48.18 0.92 112.01
C MET M 1024 -49.00 1.13 113.27
N VAL M 1025 -49.49 2.35 113.47
CA VAL M 1025 -50.34 2.64 114.64
C VAL M 1025 -51.62 1.81 114.58
N ALA M 1026 -52.30 1.79 113.43
CA ALA M 1026 -53.54 1.03 113.29
C ALA M 1026 -53.29 -0.44 113.60
N ASP M 1027 -52.16 -0.98 113.13
CA ASP M 1027 -51.86 -2.40 113.34
C ASP M 1027 -51.63 -2.69 114.83
N LEU M 1028 -50.77 -1.91 115.47
CA LEU M 1028 -50.52 -2.10 116.91
C LEU M 1028 -51.80 -1.92 117.72
N GLU M 1029 -52.69 -1.07 117.26
CA GLU M 1029 -53.95 -0.77 117.97
C GLU M 1029 -54.87 -2.00 117.93
N LEU M 1030 -55.08 -2.55 116.73
CA LEU M 1030 -55.84 -3.80 116.57
C LEU M 1030 -55.21 -4.90 117.42
N GLN M 1031 -53.89 -4.96 117.46
CA GLN M 1031 -53.18 -5.96 118.28
C GLN M 1031 -53.54 -5.79 119.76
N GLN M 1032 -53.58 -4.54 120.23
CA GLN M 1032 -53.80 -4.27 121.66
C GLN M 1032 -55.25 -4.60 122.04
N ASP M 1033 -56.18 -4.39 121.12
CA ASP M 1033 -57.62 -4.62 121.40
C ASP M 1033 -57.90 -6.12 121.43
N SER M 1043 -55.50 -1.89 128.37
CA SER M 1043 -55.32 -1.23 129.69
C SER M 1043 -54.07 -0.36 129.69
N GLN M 1044 -52.95 -0.92 129.21
CA GLN M 1044 -51.63 -0.28 129.28
C GLN M 1044 -51.61 1.02 128.48
N GLU M 1045 -50.55 1.78 128.66
CA GLU M 1045 -50.41 3.11 128.07
C GLU M 1045 -49.81 3.02 126.68
N HIS M 1046 -49.96 4.10 125.92
CA HIS M 1046 -49.34 4.28 124.58
C HIS M 1046 -47.96 4.91 124.74
N PHE M 1047 -47.17 4.80 123.67
CA PHE M 1047 -45.78 5.27 123.67
C PHE M 1047 -45.70 6.73 123.24
N LEU M 1048 -46.68 7.22 122.48
CA LEU M 1048 -46.64 8.60 121.98
C LEU M 1048 -46.47 9.59 123.12
N PHE M 1049 -47.33 9.45 124.13
CA PHE M 1049 -47.34 10.45 125.20
C PHE M 1049 -46.08 10.39 126.03
N GLU M 1050 -45.45 9.21 126.13
CA GLU M 1050 -44.14 9.11 126.80
C GLU M 1050 -43.08 9.84 125.97
N ILE M 1051 -43.08 9.65 124.66
CA ILE M 1051 -42.18 10.39 123.75
C ILE M 1051 -42.38 11.89 123.94
N PHE M 1052 -43.63 12.33 123.93
CA PHE M 1052 -43.97 13.76 124.05
C PHE M 1052 -43.45 14.31 125.36
N ARG M 1053 -43.65 13.57 126.44
CA ARG M 1053 -43.12 13.95 127.76
C ARG M 1053 -41.60 14.12 127.68
N ARG M 1054 -40.91 13.14 127.07
CA ARG M 1054 -39.44 13.20 127.00
C ARG M 1054 -38.98 14.42 126.21
N ARG M 1055 -39.62 14.71 125.08
CA ARG M 1055 -39.21 15.86 124.25
C ARG M 1055 -39.45 17.18 124.97
N LEU M 1056 -40.65 17.37 125.52
CA LEU M 1056 -40.97 18.63 126.21
C LEU M 1056 -40.13 18.79 127.47
N GLN M 1057 -39.67 17.69 128.05
CA GLN M 1057 -38.82 17.73 129.26
C GLN M 1057 -37.40 18.11 128.86
N ALA M 1058 -36.88 17.52 127.78
CA ALA M 1058 -35.54 17.85 127.28
C ALA M 1058 -35.47 19.31 126.83
N LEU M 1059 -36.57 19.90 126.39
CA LEU M 1059 -36.60 21.34 126.06
C LEU M 1059 -36.32 22.17 127.31
N THR M 1060 -35.94 23.42 127.06
CA THR M 1060 -35.62 24.38 128.13
C THR M 1060 -36.94 24.87 128.73
N SER M 1061 -36.91 25.21 130.03
CA SER M 1061 -38.08 25.61 130.81
C SER M 1061 -38.21 27.14 130.91
N GLY M 1062 -37.53 27.90 130.05
CA GLY M 1062 -37.48 29.36 130.14
C GLY M 1062 -38.82 30.01 129.84
N TRP M 1063 -38.84 31.33 130.04
CA TRP M 1063 -39.92 32.24 129.63
C TRP M 1063 -39.54 33.03 128.37
N SER M 1064 -38.34 32.77 127.84
CA SER M 1064 -37.78 33.48 126.67
C SER M 1064 -38.66 33.26 125.44
N VAL M 1065 -38.62 34.22 124.53
CA VAL M 1065 -39.41 34.17 123.27
C VAL M 1065 -39.01 32.93 122.47
N ALA M 1066 -37.72 32.61 122.43
CA ALA M 1066 -37.23 31.47 121.62
C ALA M 1066 -37.81 30.17 122.16
N ALA M 1067 -37.66 29.89 123.45
CA ALA M 1067 -38.16 28.64 124.04
C ALA M 1067 -39.68 28.57 123.95
N SER M 1068 -40.35 29.70 124.16
CA SER M 1068 -41.83 29.76 124.04
C SER M 1068 -42.27 29.34 122.64
N LEU M 1069 -41.75 30.02 121.63
CA LEU M 1069 -42.14 29.72 120.24
C LEU M 1069 -41.68 28.34 119.81
N GLN M 1070 -40.59 27.84 120.37
CA GLN M 1070 -40.14 26.47 120.09
C GLN M 1070 -41.12 25.44 120.63
N ARG M 1071 -41.50 25.59 121.90
CA ARG M 1071 -42.47 24.69 122.53
C ARG M 1071 -43.80 24.75 121.77
N GLN M 1072 -44.22 25.95 121.40
CA GLN M 1072 -45.49 26.11 120.67
C GLN M 1072 -45.42 25.42 119.33
N ARG M 1073 -44.29 25.50 118.63
CA ARG M 1073 -44.14 24.79 117.35
C ARG M 1073 -44.22 23.28 117.57
N GLU M 1074 -43.56 22.79 118.61
CA GLU M 1074 -43.58 21.34 118.91
C GLU M 1074 -45.01 20.86 119.15
N LEU M 1075 -45.78 21.58 119.94
CA LEU M 1075 -47.15 21.15 120.21
C LEU M 1075 -48.05 21.31 119.00
N LEU M 1076 -47.84 22.31 118.18
CA LEU M 1076 -48.65 22.41 116.97
C LEU M 1076 -48.36 21.26 116.01
N MET M 1077 -47.17 20.65 116.09
CA MET M 1077 -46.88 19.47 115.26
C MET M 1077 -47.45 18.20 115.91
N TYR M 1078 -47.47 18.13 117.24
CA TYR M 1078 -48.13 17.03 117.96
C TYR M 1078 -49.62 16.95 117.64
N LYS M 1079 -50.28 18.09 117.63
CA LYS M 1079 -51.66 18.19 117.17
C LYS M 1079 -51.81 17.57 115.78
N ARG M 1080 -50.91 17.87 114.84
CA ARG M 1080 -51.01 17.34 113.47
C ARG M 1080 -50.95 15.82 113.49
N ILE M 1081 -49.97 15.28 114.19
CA ILE M 1081 -49.83 13.80 114.32
C ILE M 1081 -51.11 13.18 114.88
N LEU M 1082 -51.57 13.64 116.03
CA LEU M 1082 -52.72 13.02 116.68
C LEU M 1082 -53.96 13.14 115.82
N LEU M 1083 -54.15 14.28 115.14
CA LEU M 1083 -55.36 14.44 114.31
C LEU M 1083 -55.32 13.51 113.12
N ARG M 1084 -54.13 13.09 112.67
CA ARG M 1084 -54.06 12.09 111.58
C ARG M 1084 -54.32 10.68 112.10
N LEU M 1085 -53.68 10.31 113.21
CA LEU M 1085 -53.80 8.96 113.79
C LEU M 1085 -55.25 8.65 114.14
N PRO M 1086 -55.58 7.36 114.38
CA PRO M 1086 -56.93 7.00 114.79
C PRO M 1086 -57.32 7.60 116.15
N SER M 1087 -58.63 7.80 116.33
CA SER M 1087 -59.21 8.54 117.45
C SER M 1087 -59.13 7.77 118.76
N SER M 1088 -58.60 6.55 118.76
CA SER M 1088 -58.58 5.66 119.94
C SER M 1088 -57.18 5.55 120.54
N VAL M 1089 -56.18 6.26 120.01
CA VAL M 1089 -54.91 6.47 120.74
C VAL M 1089 -55.15 7.36 121.96
N LEU M 1090 -56.18 8.21 121.91
CA LEU M 1090 -56.54 9.12 123.02
C LEU M 1090 -57.20 8.33 124.15
N CYS M 1091 -58.30 7.65 123.85
CA CYS M 1091 -59.23 7.05 124.82
C CYS M 1091 -58.85 5.61 125.18
N GLY M 1092 -58.27 4.86 124.23
CA GLY M 1092 -58.28 3.41 124.27
C GLY M 1092 -59.45 2.90 123.47
N SER M 1093 -59.81 1.64 123.68
CA SER M 1093 -60.92 0.97 123.00
C SER M 1093 -61.62 0.04 123.98
N SER M 1094 -62.94 0.14 124.06
CA SER M 1094 -63.79 -0.76 124.88
C SER M 1094 -63.36 -0.72 126.34
N PHE M 1095 -63.68 0.37 127.05
CA PHE M 1095 -63.52 0.42 128.52
C PHE M 1095 -64.39 -0.68 129.12
N GLN M 1096 -63.77 -1.68 129.72
CA GLN M 1096 -64.45 -2.96 130.02
C GLN M 1096 -65.39 -2.77 131.21
N ALA M 1097 -64.84 -2.43 132.37
CA ALA M 1097 -65.56 -2.33 133.64
C ALA M 1097 -65.19 -1.05 134.37
N GLU M 1098 -65.93 -0.75 135.43
CA GLU M 1098 -65.80 0.53 136.17
C GLU M 1098 -64.52 0.55 137.02
N GLN M 1099 -63.97 -0.62 137.37
CA GLN M 1099 -62.71 -0.68 138.17
C GLN M 1099 -61.51 -0.40 137.27
N PRO M 1100 -61.26 -1.15 136.16
CA PRO M 1100 -60.16 -0.81 135.25
C PRO M 1100 -60.57 0.27 134.24
N ILE M 1101 -61.00 1.41 134.76
CA ILE M 1101 -61.60 2.52 133.98
C ILE M 1101 -60.59 3.65 133.89
N THR M 1102 -60.74 4.51 132.88
CA THR M 1102 -59.98 5.76 132.73
C THR M 1102 -58.49 5.44 132.56
N ALA M 1103 -58.16 4.72 131.49
CA ALA M 1103 -56.77 4.42 131.11
C ALA M 1103 -56.47 5.09 129.77
N ARG M 1104 -55.33 5.79 129.69
CA ARG M 1104 -54.85 6.59 128.53
C ARG M 1104 -55.59 7.91 128.38
N CYS M 1105 -56.81 8.02 128.89
CA CYS M 1105 -57.47 9.34 128.99
C CYS M 1105 -56.71 10.21 129.98
N GLU M 1106 -56.12 9.61 131.01
CA GLU M 1106 -55.34 10.37 132.00
C GLU M 1106 -54.10 10.95 131.34
N GLN M 1107 -53.42 10.18 130.51
CA GLN M 1107 -52.29 10.69 129.72
C GLN M 1107 -52.71 11.86 128.83
N PHE M 1108 -53.81 11.69 128.12
CA PHE M 1108 -54.31 12.76 127.25
C PHE M 1108 -54.65 13.99 128.09
N PHE M 1109 -55.22 13.82 129.27
CA PHE M 1109 -55.63 14.98 130.10
C PHE M 1109 -54.40 15.69 130.63
N HIS M 1110 -53.36 14.95 131.02
CA HIS M 1110 -52.10 15.57 131.44
C HIS M 1110 -51.52 16.38 130.30
N LEU M 1111 -51.45 15.78 129.10
CA LEU M 1111 -50.90 16.50 127.93
C LEU M 1111 -51.76 17.71 127.59
N VAL M 1112 -53.06 17.66 127.84
CA VAL M 1112 -53.90 18.86 127.63
C VAL M 1112 -53.50 19.93 128.64
N ASN M 1113 -53.72 19.63 129.92
CA ASN M 1113 -53.63 20.63 130.99
C ASN M 1113 -52.24 21.26 131.04
N SER M 1114 -51.20 20.43 131.06
CA SER M 1114 -49.83 20.96 131.17
C SER M 1114 -49.46 21.83 129.97
N GLU M 1115 -49.86 21.43 128.76
CA GLU M 1115 -49.30 21.98 127.51
C GLU M 1115 -50.32 22.66 126.61
N MET M 1116 -51.30 21.91 126.09
CA MET M 1116 -52.22 22.42 125.05
C MET M 1116 -53.12 23.55 125.55
N ARG M 1117 -53.31 23.62 126.85
CA ARG M 1117 -53.99 24.76 127.48
C ARG M 1117 -53.21 26.05 127.18
N ASN M 1118 -51.88 26.01 127.25
CA ASN M 1118 -51.04 27.23 127.08
C ASN M 1118 -51.14 27.72 125.64
N PHE M 1119 -50.82 26.84 124.68
CA PHE M 1119 -50.52 27.21 123.28
C PHE M 1119 -51.70 26.96 122.32
N CYS M 1120 -52.15 25.72 122.21
CA CYS M 1120 -53.24 25.32 121.29
C CYS M 1120 -54.60 25.90 121.67
N SER M 1121 -54.81 26.27 122.93
CA SER M 1121 -56.04 26.91 123.41
C SER M 1121 -56.30 28.22 122.65
N HIS M 1122 -57.54 28.67 122.74
CA HIS M 1122 -57.94 30.04 122.36
C HIS M 1122 -59.34 30.35 122.88
N GLY M 1123 -59.47 31.44 123.64
CA GLY M 1123 -60.76 31.87 124.17
C GLY M 1123 -61.18 31.03 125.36
N GLY M 1124 -60.21 30.61 126.18
CA GLY M 1124 -60.46 29.70 127.32
C GLY M 1124 -60.95 28.33 126.91
N ALA M 1125 -60.77 27.96 125.64
CA ALA M 1125 -61.34 26.74 125.05
C ALA M 1125 -60.37 26.14 124.04
N LEU M 1126 -60.24 24.83 124.09
CA LEU M 1126 -59.35 24.04 123.22
C LEU M 1126 -59.79 24.21 121.77
N THR M 1127 -59.10 23.59 120.83
CA THR M 1127 -59.38 23.77 119.40
C THR M 1127 -60.55 22.89 118.94
N GLN M 1128 -61.13 23.21 117.79
CA GLN M 1128 -62.17 22.40 117.13
C GLN M 1128 -61.69 20.98 116.91
N ASP M 1129 -60.48 20.85 116.36
CA ASP M 1129 -60.01 19.57 115.80
C ASP M 1129 -59.85 18.51 116.88
N ILE M 1130 -59.14 18.84 117.95
CA ILE M 1130 -58.84 17.82 118.99
C ILE M 1130 -60.14 17.52 119.73
N THR M 1131 -61.02 18.50 119.89
CA THR M 1131 -62.29 18.27 120.58
C THR M 1131 -63.09 17.22 119.81
N ALA M 1132 -63.27 17.44 118.50
CA ALA M 1132 -64.01 16.49 117.66
C ALA M 1132 -63.33 15.11 117.67
N HIS M 1133 -62.01 15.11 117.53
CA HIS M 1133 -61.23 13.86 117.43
C HIS M 1133 -61.19 13.13 118.77
N PHE M 1134 -61.53 13.79 119.87
CA PHE M 1134 -61.64 13.12 121.18
C PHE M 1134 -63.06 12.57 121.36
N PHE M 1135 -64.07 13.35 121.02
CA PHE M 1135 -65.46 12.90 121.18
C PHE M 1135 -65.75 11.71 120.29
N ARG M 1136 -65.22 11.73 119.08
CA ARG M 1136 -65.35 10.60 118.15
C ARG M 1136 -64.84 9.31 118.80
N GLY M 1137 -63.58 9.32 119.24
CA GLY M 1137 -62.96 8.16 119.90
C GLY M 1137 -63.68 7.74 121.15
N LEU M 1138 -64.20 8.69 121.92
CA LEU M 1138 -64.95 8.37 123.15
C LEU M 1138 -66.24 7.62 122.80
N LEU M 1139 -67.03 8.16 121.88
CA LEU M 1139 -68.26 7.50 121.42
C LEU M 1139 -67.97 6.10 120.91
N ASN M 1140 -66.94 5.96 120.09
CA ASN M 1140 -66.59 4.64 119.53
C ASN M 1140 -66.28 3.64 120.65
N ALA M 1141 -65.36 4.01 121.53
CA ALA M 1141 -64.85 3.06 122.54
C ALA M 1141 -65.88 2.82 123.65
N CYS M 1142 -66.90 3.68 123.77
CA CYS M 1142 -67.98 3.47 124.76
C CYS M 1142 -69.11 2.64 124.15
N LEU M 1143 -69.46 2.90 122.89
CA LEU M 1143 -70.46 2.10 122.18
C LEU M 1143 -69.98 0.66 122.03
N ARG M 1144 -68.69 0.48 121.79
CA ARG M 1144 -68.12 -0.87 121.63
C ARG M 1144 -68.32 -1.69 122.90
N SER M 1145 -68.24 -1.05 124.07
CA SER M 1145 -68.44 -1.71 125.37
C SER M 1145 -69.94 -1.78 125.70
N ARG M 1146 -70.22 -2.27 126.90
CA ARG M 1146 -71.59 -2.46 127.41
C ARG M 1146 -71.93 -1.31 128.35
N ASP M 1147 -73.22 -0.96 128.43
CA ASP M 1147 -73.73 0.19 129.20
C ASP M 1147 -72.98 1.45 128.74
N PRO M 1148 -73.18 1.89 127.48
CA PRO M 1148 -72.42 3.03 126.96
C PRO M 1148 -72.73 4.36 127.67
N SER M 1149 -74.02 4.68 127.83
CA SER M 1149 -74.44 5.99 128.37
C SER M 1149 -73.89 6.20 129.79
N LEU M 1150 -73.92 5.16 130.60
CA LEU M 1150 -73.54 5.27 132.02
C LEU M 1150 -72.03 5.53 132.11
N MET M 1151 -71.25 4.84 131.29
CA MET M 1151 -69.78 5.00 131.29
C MET M 1151 -69.37 6.33 130.68
N VAL M 1152 -70.10 6.79 129.65
CA VAL M 1152 -69.90 8.14 129.08
C VAL M 1152 -70.09 9.18 130.18
N ASP M 1153 -71.20 9.07 130.91
CA ASP M 1153 -71.47 10.03 132.00
C ASP M 1153 -70.41 9.92 133.08
N PHE M 1154 -69.91 8.71 133.34
CA PHE M 1154 -68.81 8.50 134.30
C PHE M 1154 -67.59 9.32 133.89
N ILE M 1155 -67.20 9.19 132.63
CA ILE M 1155 -65.97 9.86 132.12
C ILE M 1155 -66.16 11.38 132.14
N LEU M 1156 -67.28 11.87 131.58
CA LEU M 1156 -67.51 13.33 131.55
C LEU M 1156 -67.84 13.88 132.94
N ALA M 1157 -68.04 13.03 133.96
CA ALA M 1157 -68.12 13.50 135.35
C ALA M 1157 -66.71 13.59 135.95
N LYS M 1158 -65.84 12.67 135.59
CA LYS M 1158 -64.42 12.76 135.99
C LYS M 1158 -63.77 13.98 135.34
N CYS M 1159 -64.22 14.37 134.16
CA CYS M 1159 -63.57 15.46 133.41
C CYS M 1159 -63.71 16.79 134.14
N GLN M 1160 -64.82 17.02 134.85
CA GLN M 1160 -65.01 18.25 135.63
C GLN M 1160 -63.90 18.42 136.66
N THR M 1161 -63.39 17.30 137.18
CA THR M 1161 -62.31 17.30 138.19
C THR M 1161 -60.93 17.28 137.52
N LYS M 1162 -60.78 16.62 136.38
CA LYS M 1162 -59.45 16.32 135.80
C LYS M 1162 -59.09 17.27 134.66
N CYS M 1163 -59.97 17.43 133.67
CA CYS M 1163 -59.75 18.32 132.51
C CYS M 1163 -61.04 19.04 132.14
N PRO M 1164 -61.35 20.20 132.76
CA PRO M 1164 -62.55 20.94 132.39
C PRO M 1164 -62.46 21.66 131.05
N LEU M 1165 -61.26 21.77 130.51
CA LEU M 1165 -61.07 22.41 129.20
C LEU M 1165 -61.79 21.62 128.10
N ILE M 1166 -61.86 20.30 128.25
CA ILE M 1166 -62.63 19.46 127.29
C ILE M 1166 -64.09 19.86 127.33
N LEU M 1167 -64.64 20.04 128.52
CA LEU M 1167 -66.07 20.36 128.65
C LEU M 1167 -66.32 21.76 128.11
N THR M 1168 -65.37 22.66 128.34
CA THR M 1168 -65.49 24.03 127.82
C THR M 1168 -65.45 23.99 126.29
N SER M 1169 -64.50 23.26 125.73
CA SER M 1169 -64.38 23.11 124.26
C SER M 1169 -65.65 22.48 123.69
N ALA M 1170 -66.24 21.54 124.41
CA ALA M 1170 -67.52 20.94 124.03
C ALA M 1170 -68.58 22.02 123.95
N LEU M 1171 -68.64 22.89 124.96
CA LEU M 1171 -69.63 23.97 124.96
C LEU M 1171 -69.39 24.92 123.78
N VAL M 1172 -68.15 25.08 123.37
CA VAL M 1172 -67.84 25.96 122.23
C VAL M 1172 -68.37 25.33 120.95
N TRP M 1173 -67.96 24.08 120.68
CA TRP M 1173 -68.12 23.40 119.38
C TRP M 1173 -69.33 22.47 119.36
N TRP M 1174 -70.25 22.62 120.31
CA TRP M 1174 -71.49 21.82 120.34
C TRP M 1174 -72.30 21.96 119.05
N PRO M 1175 -72.41 23.14 118.41
CA PRO M 1175 -73.09 23.22 117.12
C PRO M 1175 -72.55 22.28 116.03
N SER M 1176 -71.25 21.97 116.04
CA SER M 1176 -70.61 21.18 114.97
C SER M 1176 -70.61 19.69 115.32
N LEU M 1177 -70.54 19.35 116.61
CA LEU M 1177 -70.41 17.93 117.01
C LEU M 1177 -71.78 17.26 117.15
N GLU M 1178 -72.73 17.95 117.79
CA GLU M 1178 -74.08 17.43 118.08
C GLU M 1178 -74.68 16.67 116.90
N PRO M 1179 -74.67 17.19 115.65
CA PRO M 1179 -75.12 16.39 114.51
C PRO M 1179 -74.42 15.05 114.41
N VAL M 1180 -73.09 15.09 114.52
CA VAL M 1180 -72.25 13.90 114.28
C VAL M 1180 -72.42 12.90 115.42
N LEU M 1181 -72.41 13.40 116.66
CA LEU M 1181 -72.61 12.52 117.83
C LEU M 1181 -74.00 11.89 117.76
N LEU M 1182 -75.01 12.68 117.40
CA LEU M 1182 -76.39 12.15 117.30
C LEU M 1182 -76.45 11.07 116.22
N CYS M 1183 -75.79 11.29 115.08
CA CYS M 1183 -75.79 10.30 114.00
C CYS M 1183 -75.13 9.00 114.48
N ARG M 1184 -73.91 9.10 114.99
CA ARG M 1184 -73.16 7.90 115.42
C ARG M 1184 -73.82 7.22 116.62
N TRP M 1185 -74.69 7.93 117.34
CA TRP M 1185 -75.41 7.37 118.49
C TRP M 1185 -76.66 6.63 118.01
N ARG M 1186 -77.51 7.31 117.25
CA ARG M 1186 -78.75 6.72 116.73
C ARG M 1186 -78.45 5.50 115.87
N ARG M 1187 -77.37 5.56 115.08
CA ARG M 1187 -77.01 4.47 114.16
C ARG M 1187 -76.85 3.14 114.91
N HIS M 1188 -76.26 3.18 116.11
CA HIS M 1188 -75.85 1.96 116.83
C HIS M 1188 -76.83 1.60 117.93
N CYS M 1189 -77.32 2.60 118.67
CA CYS M 1189 -78.24 2.40 119.81
C CYS M 1189 -79.32 3.47 119.80
N GLN M 1190 -80.58 3.03 119.87
CA GLN M 1190 -81.76 3.92 119.78
C GLN M 1190 -82.10 4.52 121.15
N SER M 1191 -81.26 4.31 122.16
CA SER M 1191 -81.37 5.00 123.46
C SER M 1191 -81.09 6.49 123.24
N PRO M 1192 -81.52 7.39 124.15
CA PRO M 1192 -81.23 8.81 123.99
C PRO M 1192 -79.81 9.16 124.46
N LEU M 1193 -79.44 10.43 124.31
CA LEU M 1193 -78.09 10.90 124.68
C LEU M 1193 -77.93 10.82 126.20
N PRO M 1194 -76.73 10.51 126.71
CA PRO M 1194 -76.51 10.52 128.16
C PRO M 1194 -76.63 11.92 128.77
N ARG M 1195 -76.71 11.95 130.10
CA ARG M 1195 -77.16 13.13 130.84
C ARG M 1195 -76.11 14.25 130.79
N GLU M 1196 -74.83 13.91 130.66
CA GLU M 1196 -73.78 14.95 130.61
C GLU M 1196 -73.91 15.76 129.32
N LEU M 1197 -74.16 15.11 128.20
CA LEU M 1197 -74.35 15.84 126.94
C LEU M 1197 -75.68 16.58 126.96
N GLN M 1198 -76.70 16.01 127.61
CA GLN M 1198 -77.94 16.75 127.88
C GLN M 1198 -77.63 18.01 128.70
N LYS M 1199 -76.68 17.94 129.64
CA LYS M 1199 -76.30 19.10 130.47
C LYS M 1199 -75.60 20.15 129.64
N LEU M 1200 -74.74 19.74 128.70
CA LEU M 1200 -74.07 20.72 127.83
C LEU M 1200 -75.11 21.46 127.00
N GLN M 1201 -76.08 20.73 126.44
CA GLN M 1201 -77.15 21.38 125.67
C GLN M 1201 -77.98 22.27 126.60
N GLU M 1202 -78.19 21.84 127.84
CA GLU M 1202 -78.96 22.63 128.82
C GLU M 1202 -78.25 23.95 129.11
N GLY M 1203 -76.93 23.92 129.23
CA GLY M 1203 -76.14 25.14 129.46
C GLY M 1203 -76.23 26.08 128.27
N ARG M 1204 -76.15 25.55 127.06
CA ARG M 1204 -76.34 26.36 125.84
C ARG M 1204 -77.73 27.02 125.88
N GLN M 1205 -78.75 26.24 126.22
CA GLN M 1205 -80.14 26.75 126.25
C GLN M 1205 -80.26 27.86 127.30
N PHE M 1206 -79.71 27.62 128.48
CA PHE M 1206 -79.74 28.61 129.59
C PHE M 1206 -79.07 29.90 129.15
N ALA M 1207 -77.93 29.79 128.47
CA ALA M 1207 -77.23 30.96 127.93
C ALA M 1207 -78.14 31.74 126.98
N SER M 1208 -78.75 31.04 126.04
CA SER M 1208 -79.61 31.68 125.02
C SER M 1208 -80.82 32.36 125.68
N ASP M 1209 -81.37 31.75 126.72
CA ASP M 1209 -82.58 32.28 127.39
C ASP M 1209 -82.20 33.49 128.25
N PHE M 1210 -81.06 33.41 128.94
CA PHE M 1210 -80.51 34.56 129.69
C PHE M 1210 -80.33 35.74 128.75
N LEU M 1211 -79.67 35.52 127.61
CA LEU M 1211 -79.47 36.56 126.57
C LEU M 1211 -80.72 36.68 125.72
N SER M 1212 -81.81 37.11 126.34
CA SER M 1212 -83.11 37.26 125.70
C SER M 1212 -84.05 37.98 126.67
N PRO M 1213 -85.19 38.51 126.20
CA PRO M 1213 -86.24 38.95 127.12
C PRO M 1213 -86.70 37.77 127.98
N GLU M 1214 -86.70 37.97 129.30
CA GLU M 1214 -86.84 36.86 130.27
C GLU M 1214 -88.26 36.30 130.21
N ALA M 1215 -88.44 35.23 129.42
CA ALA M 1215 -89.64 34.38 129.47
C ALA M 1215 -89.55 33.39 130.63
N ALA M 1216 -88.32 32.96 130.96
CA ALA M 1216 -88.04 32.07 132.11
C ALA M 1216 -86.65 32.35 132.67
N SER M 1217 -86.47 32.03 133.96
CA SER M 1217 -85.24 32.34 134.73
C SER M 1217 -84.73 31.07 135.42
N PRO M 1218 -84.21 30.08 134.68
CA PRO M 1218 -83.72 28.85 135.30
C PRO M 1218 -82.29 29.01 135.83
N ALA M 1219 -81.91 28.08 136.71
CA ALA M 1219 -80.59 28.05 137.38
C ALA M 1219 -79.95 26.69 137.12
N PRO M 1220 -78.98 26.55 136.20
CA PRO M 1220 -78.32 25.26 135.99
C PRO M 1220 -77.36 24.89 137.12
N ASN M 1221 -77.10 23.59 137.24
CA ASN M 1221 -76.42 23.00 138.41
C ASN M 1221 -74.92 23.29 138.43
N PRO M 1222 -74.15 22.94 137.37
CA PRO M 1222 -72.70 23.20 137.39
C PRO M 1222 -72.41 24.68 137.13
N ASP M 1223 -72.08 25.42 138.19
CA ASP M 1223 -72.03 26.89 138.18
C ASP M 1223 -70.99 27.40 137.19
N TRP M 1224 -69.78 26.88 137.29
CA TRP M 1224 -68.64 27.36 136.48
C TRP M 1224 -68.83 26.99 135.01
N LEU M 1225 -69.36 25.81 134.75
CA LEU M 1225 -69.61 25.37 133.36
C LEU M 1225 -70.68 26.26 132.71
N SER M 1226 -71.78 26.49 133.41
CA SER M 1226 -72.85 27.38 132.92
C SER M 1226 -72.29 28.80 132.72
N ALA M 1227 -71.41 29.25 133.61
CA ALA M 1227 -70.82 30.59 133.52
C ALA M 1227 -69.92 30.67 132.29
N ALA M 1228 -69.15 29.63 132.01
CA ALA M 1228 -68.30 29.57 130.81
C ALA M 1228 -69.17 29.71 129.56
N ALA M 1229 -70.24 28.93 129.49
CA ALA M 1229 -71.17 28.98 128.35
C ALA M 1229 -71.74 30.39 128.21
N LEU M 1230 -72.10 31.00 129.34
CA LEU M 1230 -72.66 32.36 129.32
C LEU M 1230 -71.61 33.35 128.82
N HIS M 1231 -70.33 33.13 129.12
CA HIS M 1231 -69.25 33.98 128.61
C HIS M 1231 -69.14 33.84 127.10
N PHE M 1232 -69.16 32.61 126.61
CA PHE M 1232 -69.08 32.36 125.15
C PHE M 1232 -70.23 33.03 124.42
N ALA M 1233 -71.40 33.09 125.06
CA ALA M 1233 -72.57 33.72 124.42
C ALA M 1233 -72.48 35.24 124.57
N ILE M 1234 -71.93 35.74 125.67
CA ILE M 1234 -71.69 37.19 125.88
C ILE M 1234 -70.69 37.68 124.83
N GLN M 1235 -69.75 36.82 124.42
CA GLN M 1235 -68.68 37.16 123.48
C GLN M 1235 -69.22 37.65 122.13
N GLN M 1236 -70.49 37.41 121.81
CA GLN M 1236 -71.06 37.65 120.46
C GLN M 1236 -72.27 38.57 120.56
N VAL M 1237 -72.10 39.71 121.22
CA VAL M 1237 -73.16 40.71 121.44
C VAL M 1237 -72.60 42.11 121.18
N ARG M 1238 -73.46 43.00 120.69
CA ARG M 1238 -73.11 44.40 120.41
C ARG M 1238 -73.02 45.18 121.72
N GLU M 1239 -72.28 46.29 121.67
CA GLU M 1239 -71.98 47.11 122.87
C GLU M 1239 -73.26 47.71 123.47
N GLU M 1240 -74.21 48.06 122.62
CA GLU M 1240 -75.38 48.86 123.05
C GLU M 1240 -76.29 48.05 123.98
N ASN M 1241 -76.43 46.74 123.71
CA ASN M 1241 -77.41 45.88 124.40
C ASN M 1241 -76.82 45.27 125.66
N ILE M 1242 -75.52 45.34 125.86
CA ILE M 1242 -74.84 44.63 126.98
C ILE M 1242 -75.38 45.16 128.31
N ARG M 1243 -75.50 46.47 128.45
CA ARG M 1243 -75.98 47.08 129.71
C ARG M 1243 -77.38 46.59 130.03
N LYS M 1244 -78.27 46.63 129.04
CA LYS M 1244 -79.67 46.22 129.24
C LYS M 1244 -79.72 44.74 129.58
N GLN M 1245 -78.93 43.92 128.90
CA GLN M 1245 -78.96 42.46 129.09
C GLN M 1245 -78.47 42.09 130.49
N LEU M 1246 -77.27 42.55 130.85
CA LEU M 1246 -76.66 42.21 132.15
C LEU M 1246 -77.26 43.06 133.30
N LYS M 1247 -78.19 43.97 133.01
CA LYS M 1247 -79.04 44.56 134.07
C LYS M 1247 -80.02 43.53 134.64
N LYS M 1248 -80.25 42.42 133.92
CA LYS M 1248 -81.08 41.29 134.39
C LYS M 1248 -80.24 40.28 135.17
N LEU M 1249 -78.99 40.61 135.53
CA LEU M 1249 -78.06 39.72 136.25
C LEU M 1249 -78.00 40.06 137.74
N ASP M 1250 -78.86 40.94 138.25
CA ASP M 1250 -78.93 41.27 139.68
C ASP M 1250 -79.85 40.29 140.45
N CYS M 1251 -80.13 39.11 139.90
CA CYS M 1251 -80.97 38.07 140.54
C CYS M 1251 -80.31 36.71 140.36
N GLU M 1252 -78.99 36.65 140.56
CA GLU M 1252 -78.18 35.45 140.32
C GLU M 1252 -77.22 35.25 141.49
N ARG M 1253 -76.44 34.16 141.42
CA ARG M 1253 -75.73 33.60 142.57
C ARG M 1253 -74.23 33.87 142.48
N GLU M 1254 -73.56 33.60 143.59
CA GLU M 1254 -72.25 34.21 143.91
C GLU M 1254 -71.17 33.59 143.05
N GLU M 1255 -70.97 32.27 143.16
CA GLU M 1255 -69.89 31.58 142.44
C GLU M 1255 -70.12 31.66 140.94
N LEU M 1256 -71.38 31.63 140.51
CA LEU M 1256 -71.73 31.89 139.10
C LEU M 1256 -71.11 33.20 138.64
N LEU M 1257 -71.41 34.26 139.37
CA LEU M 1257 -70.94 35.61 138.96
C LEU M 1257 -69.42 35.69 139.05
N VAL M 1258 -68.82 35.01 140.01
CA VAL M 1258 -67.36 35.02 140.20
C VAL M 1258 -66.68 34.39 138.98
N PHE M 1259 -67.07 33.16 138.66
CA PHE M 1259 -66.52 32.46 137.49
C PHE M 1259 -66.77 33.27 136.22
N LEU M 1260 -67.94 33.87 136.10
CA LEU M 1260 -68.26 34.69 134.91
C LEU M 1260 -67.30 35.88 134.83
N PHE M 1261 -67.02 36.52 135.96
CA PHE M 1261 -66.09 37.65 136.00
C PHE M 1261 -64.70 37.19 135.56
N PHE M 1262 -64.26 36.05 136.06
CA PHE M 1262 -62.95 35.49 135.68
C PHE M 1262 -62.89 35.29 134.17
N PHE M 1263 -63.94 34.74 133.60
CA PHE M 1263 -63.91 34.42 132.16
C PHE M 1263 -63.95 35.69 131.32
N SER M 1264 -64.72 36.70 131.75
CA SER M 1264 -64.78 37.98 131.01
C SER M 1264 -63.43 38.69 131.11
N LEU M 1265 -62.79 38.61 132.27
CA LEU M 1265 -61.43 39.13 132.48
C LEU M 1265 -60.47 38.43 131.53
N MET M 1266 -60.56 37.12 131.45
CA MET M 1266 -59.75 36.32 130.51
C MET M 1266 -60.00 36.79 129.07
N GLY M 1267 -61.24 37.15 128.74
CA GLY M 1267 -61.58 37.65 127.41
C GLY M 1267 -60.91 38.99 127.13
N LEU M 1268 -60.96 39.89 128.11
CA LEU M 1268 -60.24 41.18 128.01
C LEU M 1268 -58.77 40.95 127.75
N LEU M 1269 -58.15 40.09 128.54
CA LEU M 1269 -56.70 39.88 128.46
C LEU M 1269 -56.33 39.06 127.24
N SER M 1270 -57.27 38.36 126.62
CA SER M 1270 -57.03 37.64 125.36
C SER M 1270 -57.21 38.60 124.19
N SER M 1271 -58.06 39.62 124.35
CA SER M 1271 -58.28 40.63 123.29
C SER M 1271 -57.14 41.66 123.26
N HIS M 1272 -56.64 42.02 124.43
CA HIS M 1272 -55.52 42.98 124.54
C HIS M 1272 -54.23 42.37 123.98
N LEU M 1273 -54.12 41.04 123.99
CA LEU M 1273 -52.90 40.29 123.62
C LEU M 1273 -53.02 39.58 122.28
N THR M 1274 -54.21 39.11 121.92
CA THR M 1274 -54.48 38.55 120.58
C THR M 1274 -54.41 39.65 119.55
N SER M 1275 -54.25 39.26 118.28
CA SER M 1275 -54.47 40.13 117.11
C SER M 1275 -55.70 41.00 117.36
N ASN M 1276 -55.52 42.32 117.27
CA ASN M 1276 -56.62 43.28 117.42
C ASN M 1276 -57.52 43.31 116.17
N SER M 1277 -57.28 42.42 115.19
CA SER M 1277 -58.19 42.12 114.07
C SER M 1277 -59.62 41.87 114.56
N THR M 1278 -59.78 41.03 115.58
CA THR M 1278 -61.10 40.72 116.18
C THR M 1278 -61.77 42.01 116.70
N THR M 1279 -61.00 42.90 117.33
CA THR M 1279 -61.42 44.26 117.77
C THR M 1279 -62.61 44.16 118.72
N ASP M 1280 -62.42 43.49 119.86
CA ASP M 1280 -63.41 43.44 120.95
C ASP M 1280 -62.83 44.02 122.24
N LEU M 1281 -61.69 44.73 122.16
CA LEU M 1281 -61.00 45.26 123.36
C LEU M 1281 -61.86 46.26 124.12
N PRO M 1282 -62.59 47.19 123.48
CA PRO M 1282 -63.48 48.07 124.24
C PRO M 1282 -64.64 47.30 124.86
N LYS M 1283 -65.09 46.26 124.17
CA LYS M 1283 -66.28 45.50 124.59
C LYS M 1283 -65.96 44.69 125.84
N ALA M 1284 -64.78 44.10 125.91
CA ALA M 1284 -64.37 43.33 127.08
C ALA M 1284 -64.28 44.25 128.30
N PHE M 1285 -63.77 45.46 128.10
CA PHE M 1285 -63.68 46.45 129.19
C PHE M 1285 -65.08 46.84 129.65
N HIS M 1286 -65.97 47.11 128.70
CA HIS M 1286 -67.37 47.46 129.03
C HIS M 1286 -68.04 46.31 129.79
N VAL M 1287 -67.79 45.08 129.36
CA VAL M 1287 -68.37 43.89 130.01
C VAL M 1287 -67.87 43.81 131.45
N CYS M 1288 -66.56 43.76 131.65
CA CYS M 1288 -65.96 43.66 132.99
C CYS M 1288 -66.41 44.83 133.87
N ALA M 1289 -66.61 46.01 133.28
CA ALA M 1289 -67.11 47.18 134.02
C ALA M 1289 -68.52 46.92 134.55
N ALA M 1290 -69.40 46.38 133.71
CA ALA M 1290 -70.77 46.05 134.13
C ALA M 1290 -70.74 44.97 135.21
N ILE M 1291 -69.90 43.96 135.02
CA ILE M 1291 -69.75 42.84 135.98
C ILE M 1291 -69.36 43.43 137.33
N LEU M 1292 -68.42 44.37 137.34
CA LEU M 1292 -67.88 44.89 138.61
C LEU M 1292 -68.82 45.91 139.23
N GLU M 1293 -69.58 46.63 138.42
CA GLU M 1293 -70.69 47.46 138.96
C GLU M 1293 -71.68 46.57 139.70
N CYS M 1294 -72.03 45.42 139.13
CA CYS M 1294 -72.94 44.48 139.79
C CYS M 1294 -72.32 43.90 141.05
N LEU M 1295 -71.05 43.49 140.99
CA LEU M 1295 -70.33 42.98 142.18
C LEU M 1295 -70.22 44.07 143.24
N GLU M 1296 -70.15 45.33 142.84
CA GLU M 1296 -70.10 46.45 143.81
C GLU M 1296 -71.47 46.63 144.46
N LYS M 1297 -72.54 46.49 143.68
CA LYS M 1297 -73.91 46.55 144.22
C LYS M 1297 -74.10 45.47 145.27
N ARG M 1298 -73.83 44.21 144.89
CA ARG M 1298 -73.90 43.04 145.79
C ARG M 1298 -72.47 42.55 146.01
N LYS M 1299 -71.94 42.81 147.21
CA LYS M 1299 -70.51 42.66 147.51
C LYS M 1299 -70.12 41.18 147.47
N ILE M 1300 -69.06 40.86 146.72
CA ILE M 1300 -68.47 39.51 146.65
C ILE M 1300 -66.95 39.65 146.64
N SER M 1301 -66.27 38.67 147.24
CA SER M 1301 -64.80 38.58 147.21
C SER M 1301 -64.37 38.04 145.85
N TRP M 1302 -64.12 38.95 144.90
CA TRP M 1302 -63.40 38.61 143.67
C TRP M 1302 -61.90 38.44 143.92
N LEU M 1303 -61.41 38.75 145.12
CA LEU M 1303 -59.96 38.83 145.40
C LEU M 1303 -59.36 37.43 145.38
N ALA M 1304 -60.18 36.40 145.60
CA ALA M 1304 -59.71 35.00 145.49
C ALA M 1304 -59.31 34.68 144.05
N LEU M 1305 -59.87 35.38 143.05
CA LEU M 1305 -59.48 35.20 141.63
C LEU M 1305 -58.01 35.57 141.40
N PHE M 1306 -57.45 36.42 142.26
CA PHE M 1306 -56.03 36.79 142.20
C PHE M 1306 -55.22 36.00 143.22
N GLN M 1307 -55.81 35.71 144.39
CA GLN M 1307 -55.15 34.90 145.43
C GLN M 1307 -55.28 33.41 145.10
N LEU M 1308 -54.81 33.01 143.92
CA LEU M 1308 -55.06 31.65 143.38
C LEU M 1308 -53.85 30.77 143.58
N THR M 1309 -54.06 29.68 144.30
CA THR M 1309 -53.11 28.57 144.44
C THR M 1309 -53.60 27.44 143.53
N GLU M 1310 -52.78 26.41 143.37
CA GLU M 1310 -53.16 25.21 142.60
C GLU M 1310 -54.24 24.41 143.35
N SER M 1311 -54.16 24.37 144.68
CA SER M 1311 -54.92 23.43 145.54
C SER M 1311 -56.08 24.11 146.26
N ASP M 1312 -56.40 25.36 145.92
CA ASP M 1312 -57.64 26.01 146.41
C ASP M 1312 -58.80 25.38 145.64
N LEU M 1313 -59.41 24.35 146.23
CA LEU M 1313 -60.35 23.46 145.52
C LEU M 1313 -61.65 24.17 145.13
N ARG M 1314 -61.96 25.31 145.74
CA ARG M 1314 -63.14 26.10 145.34
C ARG M 1314 -62.95 26.67 143.94
N LEU M 1315 -61.83 27.37 143.71
CA LEU M 1315 -61.52 28.06 142.45
C LEU M 1315 -60.21 27.59 141.81
N GLY M 1316 -59.14 27.53 142.60
CA GLY M 1316 -57.79 27.32 142.09
C GLY M 1316 -57.57 26.01 141.37
N ARG M 1317 -58.40 25.00 141.63
CA ARG M 1317 -58.23 23.67 141.02
C ARG M 1317 -58.70 23.68 139.57
N LEU M 1318 -59.81 24.37 139.28
CA LEU M 1318 -60.44 24.36 137.94
C LEU M 1318 -59.84 25.46 137.07
N LEU M 1319 -59.82 26.70 137.58
CA LEU M 1319 -59.52 27.86 136.74
C LEU M 1319 -58.06 27.87 136.32
N LEU M 1320 -57.19 27.36 137.17
CA LEU M 1320 -55.75 27.29 136.85
C LEU M 1320 -55.49 26.25 135.76
N ARG M 1321 -56.39 25.28 135.59
CA ARG M 1321 -56.33 24.28 134.50
C ARG M 1321 -57.27 24.61 133.35
N VAL M 1322 -58.04 25.69 133.44
CA VAL M 1322 -58.77 26.23 132.28
C VAL M 1322 -57.88 27.25 131.59
N ALA M 1323 -57.54 28.34 132.28
CA ALA M 1323 -56.87 29.50 131.67
C ALA M 1323 -55.37 29.25 131.57
N PRO M 1324 -54.73 29.69 130.48
CA PRO M 1324 -53.30 29.43 130.29
C PRO M 1324 -52.41 30.19 131.26
N ASP M 1325 -51.12 29.86 131.20
CA ASP M 1325 -50.09 30.52 132.03
C ASP M 1325 -49.90 31.95 131.54
N GLN M 1326 -49.86 32.15 130.23
CA GLN M 1326 -49.52 33.47 129.65
C GLN M 1326 -50.65 34.47 129.88
N HIS M 1327 -51.82 34.02 130.37
CA HIS M 1327 -52.93 34.90 130.72
C HIS M 1327 -53.19 34.90 132.23
N THR M 1328 -52.60 33.97 132.98
CA THR M 1328 -52.61 34.04 134.45
C THR M 1328 -51.53 35.00 134.92
N ARG M 1329 -50.38 34.98 134.26
CA ARG M 1329 -49.24 35.86 134.55
C ARG M 1329 -49.67 37.32 134.57
N LEU M 1330 -50.56 37.70 133.64
CA LEU M 1330 -50.83 39.12 133.33
C LEU M 1330 -52.12 39.62 133.99
N LEU M 1331 -52.71 38.85 134.90
CA LEU M 1331 -53.76 39.32 135.83
C LEU M 1331 -53.50 40.73 136.35
N PRO M 1332 -52.27 41.06 136.81
CA PRO M 1332 -51.98 42.41 137.27
C PRO M 1332 -52.39 43.56 136.36
N PHE M 1333 -52.08 43.42 135.08
CA PHE M 1333 -52.46 44.40 134.05
C PHE M 1333 -53.95 44.68 134.18
N ALA M 1334 -54.74 43.62 134.25
CA ALA M 1334 -56.20 43.73 134.31
C ALA M 1334 -56.62 44.36 135.63
N PHE M 1335 -56.02 43.90 136.73
CA PHE M 1335 -56.43 44.37 138.07
C PHE M 1335 -56.27 45.89 138.14
N TYR M 1336 -55.12 46.41 137.74
CA TYR M 1336 -54.91 47.86 137.87
C TYR M 1336 -55.74 48.61 136.84
N SER M 1337 -55.79 48.13 135.60
CA SER M 1337 -56.55 48.84 134.53
C SER M 1337 -58.04 48.91 134.86
N LEU M 1338 -58.55 48.03 135.74
CA LEU M 1338 -59.99 48.02 136.08
C LEU M 1338 -60.24 48.67 137.44
N LEU M 1339 -59.57 48.19 138.49
CA LEU M 1339 -59.84 48.66 139.87
C LEU M 1339 -59.19 50.03 140.12
N SER M 1340 -58.35 50.54 139.22
CA SER M 1340 -57.99 51.97 139.25
C SER M 1340 -59.23 52.80 138.94
N TYR M 1341 -60.07 52.30 138.03
CA TYR M 1341 -61.28 53.01 137.63
C TYR M 1341 -62.38 52.81 138.66
N PHE M 1342 -62.77 51.56 138.90
CA PHE M 1342 -64.04 51.21 139.55
C PHE M 1342 -63.80 50.43 140.83
N HIS M 1343 -64.19 51.02 141.96
CA HIS M 1343 -64.15 50.41 143.29
C HIS M 1343 -64.94 51.29 144.25
N GLU M 1344 -65.74 50.67 145.11
CA GLU M 1344 -66.56 51.38 146.11
C GLU M 1344 -65.87 51.33 147.46
N ASP M 1345 -65.89 52.45 148.17
CA ASP M 1345 -64.96 52.71 149.29
C ASP M 1345 -65.57 52.25 150.62
N ALA M 1346 -64.70 51.81 151.52
CA ALA M 1346 -64.98 51.64 152.96
C ALA M 1346 -65.81 50.38 153.26
N ALA M 1347 -66.33 49.68 152.24
CA ALA M 1347 -67.08 48.43 152.39
C ALA M 1347 -66.38 47.28 151.66
N ILE M 1348 -65.88 47.54 150.45
CA ILE M 1348 -65.07 46.56 149.69
C ILE M 1348 -63.60 46.68 150.12
N ARG M 1349 -63.20 47.85 150.63
CA ARG M 1349 -61.83 48.07 151.12
C ARG M 1349 -61.67 47.33 152.45
N GLU M 1350 -61.30 46.05 152.36
CA GLU M 1350 -61.22 45.13 153.50
C GLU M 1350 -59.89 44.37 153.44
N GLU M 1351 -59.79 43.29 154.21
CA GLU M 1351 -58.53 42.73 154.76
C GLU M 1351 -57.49 42.47 153.67
N ALA M 1352 -57.79 41.59 152.73
CA ALA M 1352 -56.79 41.11 151.76
C ALA M 1352 -56.52 42.12 150.64
N PHE M 1353 -57.29 43.20 150.55
CA PHE M 1353 -57.20 44.16 149.44
C PHE M 1353 -55.78 44.71 149.30
N LEU M 1354 -55.18 45.09 150.44
CA LEU M 1354 -53.86 45.75 150.43
C LEU M 1354 -52.76 44.74 150.12
N HIS M 1355 -52.81 43.58 150.76
CA HIS M 1355 -51.91 42.46 150.43
C HIS M 1355 -51.93 42.22 148.92
N VAL M 1356 -53.14 42.12 148.37
CA VAL M 1356 -53.31 41.78 146.95
C VAL M 1356 -52.76 42.90 146.08
N ALA M 1357 -53.17 44.13 146.32
CA ALA M 1357 -52.77 45.28 145.49
C ALA M 1357 -51.26 45.48 145.54
N VAL M 1358 -50.67 45.24 146.71
CA VAL M 1358 -49.22 45.44 146.87
C VAL M 1358 -48.48 44.34 146.11
N ASP M 1359 -48.89 43.09 146.28
CA ASP M 1359 -48.33 41.95 145.53
C ASP M 1359 -48.41 42.25 144.04
N MET M 1360 -49.52 42.85 143.63
CA MET M 1360 -49.78 43.10 142.21
C MET M 1360 -48.88 44.22 141.69
N TYR M 1361 -48.68 45.28 142.49
CA TYR M 1361 -47.74 46.35 142.13
C TYR M 1361 -46.35 45.74 141.89
N LEU M 1362 -45.91 44.90 142.83
CA LEU M 1362 -44.59 44.24 142.72
C LEU M 1362 -44.54 43.42 141.44
N LYS M 1363 -45.57 42.62 141.17
CA LYS M 1363 -45.57 41.69 140.03
C LYS M 1363 -45.54 42.46 138.71
N LEU M 1364 -46.36 43.50 138.60
CA LEU M 1364 -46.44 44.31 137.37
C LEU M 1364 -45.11 45.03 137.13
N VAL M 1365 -44.48 45.52 138.20
CA VAL M 1365 -43.17 46.18 138.09
C VAL M 1365 -42.13 45.17 137.59
N GLN M 1366 -42.10 43.97 138.19
CA GLN M 1366 -41.19 42.90 137.74
C GLN M 1366 -41.45 42.59 136.27
N LEU M 1367 -42.72 42.60 135.85
CA LEU M 1367 -43.09 42.24 134.48
C LEU M 1367 -42.49 43.24 133.50
N PHE M 1368 -42.81 44.51 133.68
CA PHE M 1368 -42.33 45.55 132.74
C PHE M 1368 -40.81 45.65 132.79
N VAL M 1369 -40.23 45.67 133.99
CA VAL M 1369 -38.77 45.73 134.18
C VAL M 1369 -38.18 44.37 133.76
N ASN M 1391 -49.62 54.94 128.75
CA ASN M 1391 -50.56 53.97 129.33
C ASN M 1391 -49.97 53.23 130.52
N PRO M 1392 -48.88 52.43 130.34
CA PRO M 1392 -48.45 51.54 131.41
C PRO M 1392 -47.85 52.28 132.60
N VAL M 1393 -47.05 53.31 132.35
CA VAL M 1393 -46.47 54.12 133.43
C VAL M 1393 -47.58 54.92 134.09
N GLU M 1394 -48.63 55.28 133.35
CA GLU M 1394 -49.80 55.94 133.95
C GLU M 1394 -50.51 54.96 134.90
N LEU M 1395 -50.61 53.69 134.50
CA LEU M 1395 -51.19 52.66 135.38
C LEU M 1395 -50.34 52.53 136.64
N ILE M 1396 -49.03 52.50 136.49
CA ILE M 1396 -48.12 52.32 137.64
C ILE M 1396 -48.24 53.53 138.57
N THR M 1397 -48.30 54.73 138.01
CA THR M 1397 -48.44 55.96 138.82
C THR M 1397 -49.77 55.96 139.55
N LYS M 1398 -50.84 55.59 138.87
CA LYS M 1398 -52.18 55.48 139.49
C LYS M 1398 -52.12 54.48 140.64
N ALA M 1399 -51.46 53.35 140.42
CA ALA M 1399 -51.28 52.32 141.45
C ALA M 1399 -50.57 52.91 142.66
N ARG M 1400 -49.49 53.65 142.42
CA ARG M 1400 -48.69 54.24 143.49
C ARG M 1400 -49.54 55.19 144.32
N LEU M 1401 -50.18 56.15 143.66
CA LEU M 1401 -51.01 57.15 144.35
C LEU M 1401 -52.15 56.45 145.09
N PHE M 1402 -52.73 55.43 144.48
CA PHE M 1402 -53.83 54.65 145.09
C PHE M 1402 -53.35 54.04 146.41
N LEU M 1403 -52.25 53.29 146.37
CA LEU M 1403 -51.69 52.63 147.57
C LEU M 1403 -51.40 53.68 148.66
N LEU M 1404 -50.80 54.80 148.27
CA LEU M 1404 -50.39 55.82 149.24
C LEU M 1404 -51.62 56.53 149.82
N GLN M 1405 -52.74 56.51 149.10
CA GLN M 1405 -54.02 57.00 149.66
C GLN M 1405 -54.60 55.98 150.64
N LEU M 1406 -54.54 54.69 150.32
CA LEU M 1406 -55.14 53.66 151.20
C LEU M 1406 -54.41 53.63 152.55
N ILE M 1407 -53.08 53.62 152.50
CA ILE M 1407 -52.22 53.29 153.67
C ILE M 1407 -52.57 54.13 154.91
N PRO M 1408 -52.78 55.47 154.83
CA PRO M 1408 -53.18 56.21 156.04
C PRO M 1408 -54.52 55.80 156.65
N ARG M 1409 -55.43 55.20 155.86
CA ARG M 1409 -56.79 54.85 156.32
C ARG M 1409 -56.84 53.45 156.93
N CYS M 1410 -55.89 52.58 156.58
CA CYS M 1410 -55.96 51.12 156.83
C CYS M 1410 -55.99 50.84 158.33
N PRO M 1411 -56.89 49.95 158.83
CA PRO M 1411 -56.79 49.48 160.22
C PRO M 1411 -55.70 48.42 160.40
N LYS M 1412 -55.54 47.96 161.64
CA LYS M 1412 -54.36 47.20 162.09
C LYS M 1412 -54.32 45.81 161.48
N LYS M 1413 -55.49 45.18 161.32
CA LYS M 1413 -55.58 43.74 160.95
C LYS M 1413 -54.99 43.46 159.57
N SER M 1414 -55.13 44.40 158.62
CA SER M 1414 -54.77 44.17 157.20
C SER M 1414 -53.31 44.57 156.95
N PHE M 1415 -52.42 44.04 157.78
CA PHE M 1415 -50.96 44.25 157.67
C PHE M 1415 -50.15 42.97 157.88
N SER M 1416 -50.71 41.96 158.57
CA SER M 1416 -49.98 40.85 159.22
C SER M 1416 -48.85 40.31 158.34
N HIS M 1417 -49.19 39.87 157.13
CA HIS M 1417 -48.24 39.24 156.20
C HIS M 1417 -47.76 40.22 155.12
N VAL M 1418 -48.14 41.48 155.21
CA VAL M 1418 -47.65 42.50 154.25
C VAL M 1418 -46.14 42.65 154.45
N ALA M 1419 -45.67 42.64 155.69
CA ALA M 1419 -44.23 42.70 155.98
C ALA M 1419 -43.53 41.47 155.43
N GLU M 1420 -44.17 40.31 155.51
CA GLU M 1420 -43.61 39.06 154.94
C GLU M 1420 -43.47 39.23 153.43
N LEU M 1421 -44.52 39.69 152.77
CA LEU M 1421 -44.48 39.93 151.31
C LEU M 1421 -43.37 40.90 150.95
N LEU M 1422 -43.26 42.00 151.69
CA LEU M 1422 -42.22 43.01 151.42
C LEU M 1422 -40.84 42.41 151.65
N ALA M 1423 -40.69 41.55 152.65
CA ALA M 1423 -39.42 40.84 152.87
C ALA M 1423 -39.11 39.94 151.67
N ASP M 1424 -40.13 39.34 151.08
CA ASP M 1424 -39.92 38.44 149.93
C ASP M 1424 -39.49 39.26 148.71
N ARG M 1425 -40.24 40.32 148.37
CA ARG M 1425 -40.08 41.04 147.10
C ARG M 1425 -40.18 42.57 147.22
N GLY M 1426 -40.32 43.11 148.43
CA GLY M 1426 -40.61 44.53 148.61
C GLY M 1426 -39.42 45.41 148.27
N ASP M 1427 -39.58 46.71 148.50
CA ASP M 1427 -38.51 47.73 148.37
C ASP M 1427 -38.03 47.87 146.92
N CYS M 1428 -38.84 47.48 145.93
CA CYS M 1428 -38.67 47.94 144.54
C CYS M 1428 -39.19 49.38 144.43
N ASP M 1429 -40.28 49.67 145.16
CA ASP M 1429 -40.74 51.04 145.46
C ASP M 1429 -40.55 51.25 146.96
N PRO M 1430 -39.48 51.92 147.42
CA PRO M 1430 -39.13 51.91 148.83
C PRO M 1430 -40.03 52.77 149.71
N GLU M 1431 -40.59 53.85 149.16
CA GLU M 1431 -41.44 54.77 149.94
C GLU M 1431 -42.72 54.05 150.37
N VAL M 1432 -43.21 53.15 149.53
CA VAL M 1432 -44.43 52.38 149.85
C VAL M 1432 -44.13 51.46 151.03
N SER M 1433 -43.02 50.75 150.98
CA SER M 1433 -42.58 49.87 152.10
C SER M 1433 -42.40 50.71 153.37
N ALA M 1434 -41.85 51.91 153.22
CA ALA M 1434 -41.61 52.82 154.37
C ALA M 1434 -42.94 53.17 155.03
N ALA M 1435 -43.91 53.61 154.23
CA ALA M 1435 -45.23 54.01 154.77
C ALA M 1435 -45.92 52.80 155.40
N LEU M 1436 -45.83 51.64 154.75
CA LEU M 1436 -46.48 50.41 155.27
C LEU M 1436 -45.84 50.02 156.61
N GLN M 1437 -44.53 50.09 156.71
CA GLN M 1437 -43.83 49.70 157.97
C GLN M 1437 -44.12 50.73 159.05
N SER M 1438 -44.25 52.01 158.70
CA SER M 1438 -44.63 53.05 159.67
C SER M 1438 -46.02 52.74 160.24
N ARG M 1439 -46.97 52.44 159.36
CA ARG M 1439 -48.35 52.14 159.82
C ARG M 1439 -48.40 50.79 160.53
N GLN M 1440 -47.49 49.86 160.24
CA GLN M 1440 -47.43 48.60 160.99
C GLN M 1440 -46.90 48.86 162.40
N GLN M 1441 -45.89 49.70 162.55
CA GLN M 1441 -45.41 50.12 163.87
C GLN M 1441 -46.54 50.84 164.61
N ALA M 1442 -47.34 51.64 163.90
CA ALA M 1442 -48.56 52.24 164.47
C ALA M 1442 -49.54 51.15 164.90
N ALA M 1443 -49.59 50.04 164.17
CA ALA M 1443 -50.43 48.88 164.54
C ALA M 1443 -49.80 48.11 165.68
N UNK N 1 -26.33 32.17 101.06
CA UNK N 1 -27.06 31.17 101.88
C UNK N 1 -26.08 30.43 102.78
N UNK N 2 -25.18 29.66 102.16
CA UNK N 2 -24.13 28.88 102.85
C UNK N 2 -22.81 29.65 102.86
N UNK N 3 -22.77 30.75 103.61
CA UNK N 3 -21.55 31.53 103.78
C UNK N 3 -20.67 30.87 104.85
N UNK N 4 -19.46 30.47 104.47
CA UNK N 4 -18.58 29.69 105.36
C UNK N 4 -17.88 30.60 106.36
N UNK N 5 -17.20 29.97 107.31
CA UNK N 5 -16.35 30.63 108.31
C UNK N 5 -15.31 29.61 108.74
N UNK N 6 -14.09 29.72 108.20
CA UNK N 6 -13.01 28.82 108.60
C UNK N 6 -12.58 29.16 110.03
N UNK N 7 -11.70 28.36 110.60
CA UNK N 7 -11.17 28.55 111.95
C UNK N 7 -9.65 28.34 111.92
N UNK N 8 -9.02 28.36 113.11
CA UNK N 8 -7.63 27.96 113.36
C UNK N 8 -6.65 28.54 112.33
N UNK N 9 -6.92 29.75 111.84
CA UNK N 9 -6.16 30.41 110.75
C UNK N 9 -6.25 29.59 109.46
N GLU N 10 -17.91 28.49 75.52
CA GLU N 10 -16.70 28.62 74.70
C GLU N 10 -15.83 27.37 74.82
N PRO N 11 -16.16 26.28 74.09
CA PRO N 11 -15.29 25.11 74.04
C PRO N 11 -13.88 25.43 73.51
N THR N 12 -12.91 25.40 74.41
CA THR N 12 -11.50 25.66 74.08
C THR N 12 -10.75 24.33 74.01
N GLU N 13 -9.53 24.38 73.49
CA GLU N 13 -8.72 23.18 73.22
C GLU N 13 -7.51 23.21 74.16
N VAL N 14 -6.94 22.03 74.37
CA VAL N 14 -5.89 21.83 75.38
C VAL N 14 -4.69 21.19 74.68
N PHE N 15 -3.50 21.59 75.12
CA PHE N 15 -2.20 21.21 74.49
C PHE N 15 -1.47 20.17 75.34
N THR N 16 -2.18 19.29 76.04
CA THR N 16 -1.58 18.31 76.97
C THR N 16 -0.92 17.18 76.15
N VAL N 17 -0.65 16.04 76.80
CA VAL N 17 0.39 15.03 76.45
C VAL N 17 0.48 14.85 74.93
N GLY N 18 -0.66 14.56 74.29
CA GLY N 18 -0.86 14.73 72.86
C GLY N 18 -1.87 15.85 72.64
N PRO N 19 -1.66 16.79 71.69
CA PRO N 19 -2.64 17.88 71.50
C PRO N 19 -3.97 17.33 71.00
N LYS N 20 -4.73 16.73 71.91
CA LYS N 20 -5.94 15.93 71.60
C LYS N 20 -7.19 16.81 71.69
N THR N 21 -7.00 18.15 71.75
CA THR N 21 -8.07 19.15 71.65
C THR N 21 -9.22 18.82 72.60
N PHE N 22 -8.91 18.67 73.88
CA PHE N 22 -9.92 18.39 74.91
C PHE N 22 -10.85 19.60 75.00
N SER N 23 -12.07 19.46 74.51
CA SER N 23 -13.08 20.51 74.63
C SER N 23 -13.35 20.80 76.11
N TRP N 24 -13.71 22.04 76.42
CA TRP N 24 -13.94 22.46 77.81
C TRP N 24 -14.74 23.76 77.80
N THR N 25 -15.86 23.77 78.49
CA THR N 25 -16.80 24.91 78.54
C THR N 25 -16.69 25.58 79.90
N PRO N 26 -16.96 26.90 80.05
CA PRO N 26 -16.91 27.53 81.37
C PRO N 26 -18.25 27.51 82.08
N PHE N 27 -18.21 27.77 83.39
CA PHE N 27 -19.39 27.80 84.27
C PHE N 27 -19.65 29.24 84.71
N PRO N 28 -20.78 29.87 84.34
CA PRO N 28 -20.92 31.31 84.51
C PRO N 28 -21.49 31.65 85.87
N PRO N 29 -20.80 32.48 86.69
CA PRO N 29 -21.46 33.10 87.84
C PRO N 29 -21.93 34.53 87.58
N ASP N 30 -22.89 34.97 88.39
CA ASP N 30 -23.14 36.41 88.64
C ASP N 30 -22.33 36.81 89.88
N LEU N 31 -22.61 38.00 90.42
CA LEU N 31 -22.00 38.50 91.66
C LEU N 31 -23.04 38.44 92.78
N TRP N 32 -22.68 37.78 93.88
CA TRP N 32 -23.56 37.57 95.05
C TRP N 32 -23.04 38.41 96.24
N UNK N 33 -20.44 35.57 100.37
CA UNK N 33 -19.10 35.19 99.86
C UNK N 33 -18.00 35.56 100.86
N UNK N 34 -18.20 35.26 102.14
CA UNK N 34 -17.30 35.68 103.24
C UNK N 34 -16.26 34.61 103.53
N UNK N 35 -15.20 35.04 104.22
CA UNK N 35 -14.07 34.20 104.63
C UNK N 35 -13.68 34.57 106.06
N UNK N 36 -14.67 34.84 106.91
CA UNK N 36 -14.44 35.35 108.28
C UNK N 36 -13.73 34.26 109.09
N UNK N 37 -12.43 34.43 109.30
CA UNK N 37 -11.60 33.47 110.05
C UNK N 37 -11.53 33.86 111.52
N UNK N 38 -10.99 32.95 112.34
CA UNK N 38 -10.90 33.10 113.80
C UNK N 38 -9.51 33.53 114.25
N UNK N 39 -8.45 33.12 113.55
CA UNK N 39 -7.07 33.49 113.90
C UNK N 39 -6.14 33.33 112.69
#